data_1JD2
#
_entry.id   1JD2
#
_cell.length_a   135.200
_cell.length_b   301.300
_cell.length_c   144.800
_cell.angle_alpha   90.00
_cell.angle_beta   112.60
_cell.angle_gamma   90.00
#
_symmetry.space_group_name_H-M   'P 1 21 1'
#
loop_
_entity.id
_entity.type
_entity.pdbx_description
1 polymer 'PROTEASOME COMPONENT Y7'
2 polymer 'PROTEASOME COMPONENT Y13'
3 polymer 'PROTEASOME COMPONENT PRE6'
4 polymer 'PROTEASOME COMPONENT PUP2'
5 polymer 'PROTEASOME COMPONENT PRE5'
6 polymer 'PROTEASOME COMPONENT C1'
7 polymer 'PROTEASOME COMPONENT C7-ALPHA'
8 polymer 'PROTEASOME COMPONENT PUP1'
9 polymer 'PROTEASOME COMPONENT PUP3'
10 polymer 'PROTEASOME COMPONENT C11'
11 polymer 'PROTEASOME COMPONENT PRE2'
12 polymer 'PROTEASOME COMPONENT C5'
13 polymer 'PROTEASOME COMPONENT PRE4'
14 polymer 'PROTEASOME COMPONENT PRE3'
15 polymer 'TMC-95A inhibitor'
16 non-polymer 'MAGNESIUM ION'
17 water water
#
loop_
_entity_poly.entity_id
_entity_poly.type
_entity_poly.pdbx_seq_one_letter_code
_entity_poly.pdbx_strand_id
1 'polypeptide(L)'
;MTDRYSFSLTTFSPSGKLGQIDYALTAVKQGVTSLGIKATNGVVIATEKKSSSPLAMSETLSKVSLLTPDIGAVYSGMGP
DYRVLVDKSRKVAHTSYKRIYGEYPPTKLLVSEVAKIMQEATQSGGVRPFGVSLLIAGHDEFNGFSLYQVDPSGSYFPWK
ATAIGKGSVAAKTFLEKRWNDELELEDAIHIALLTLKESVEGEFNGDTIELAIIGDENPDLLGYTGIPTDKGPRFRKLTS
QEINDRLEAL
;
A,V
2 'polypeptide(L)'
;GSRRYDSRTTIFSPEGRLYQVEYALESISHAGTAIGIMASDGIVLAAERKVTSTLLEQDTSTEKLYKLNDKIAVAVAGLT
ADAEILINTARIHAQNYLKTYNEDIPVEILVRRLSDIKQGYTQHGGLRPFGVSFIYAGYDDRYGYQLYTSNPSGNYTGWK
AISVGANTSAAQTLLQMDYKDDMKVDDAIELALKTLSKTTDSSALTYDRLEFATIRKGANDGEVYQKIFKPQEIKDILVK
TGIT
;
B,W
3 'polypeptide(L)'
;GYDRALSIFSPDGHIFQVEYALEAVKRGTCAVGVKGKNCVVLGCERRSTLKLQDTRITPSKVSKIDSHVVLSFSGLNADS
RILIEKARVEAQSHRLTLEDPVTVEYLTRYVAGVQQRYTQSGGVRPFGVSTLIAGFDPRDDEPKLYQTEPSGIYSSWSAQ
TIGRNSKTVREFLEKNYDRKEPPATVEECVKLTVRSLLEVVQTGAKNIEITVVKPDSDIVALSSEEINQYVTQIEQEKQE
Q
;
C,X
4 'polypeptide(L)'
;DRGVSTFSPEGRLFQVEYSLEAIKLGSTAIGIATKEGVVLGVEKRATSPLLESDSIEKIVEIDRHIGCAMSGLTADARSM
IEHARTAAVTHNLYYDEDINVESLTQSVCDLALRFGEGASGEERLMSRPFGVALLIAGHDADDGYQLFHAEPSGTFYRYN
AKAIGSGSEGAQAELLNEWHSSLTLKEAELLVLKILKQVMEEKLDENNAQLSCITKQDGFKIYDNEKTAELIKELKEKEA
AE
;
D,Y
5 'polypeptide(L)'
;FRNNYDGDTVTFSPTGRLFQVEYALEAIKQGSVTVGLRSNTHAVLVALKRNADELSSYQKKIIKCDEHMGLSLAGLAPDA
RVLSNYLRQQCNYSSLVFNRKLAVERAGHLLCDKAQKNTQSYGGRPYGVGLLIIGYDKSGAHLLEFQPSGNVTELYGTAI
GARSQGAKTYLERTLDTFIKIDGNPDELIKAGVEAISQSLRDESLTVDNLSIAIVGKDTPFTIYDGEAVAKYI
;
E,Z
6 'polypeptide(L)'
;GTGYDLSNSVFSPDGRNFQVEYAVKAVENGTTSIGIKCNDGVVFAVEKLITSKLLVPQKNVKIQVVDRHIGCVYSGLIPD
GRHLVNRGREEAASFKKLYKTPIPIPAFADRLGQYVQAHTLYNSVRPFGVSTIFGGVDKNGAHLYMLEPSGSYWGYKGAA
TGKGRQSAKAELEKLVDHHPEGLSAREAVKQAAKIIYLAHEDNKEKDFELEISWCSLSETNGLHKFVKGDLLQEAIDFAQ
KEIN
;
F,1
7 'polypeptide(L)'
;AGYDRHITIFSPEGRLYQVEYAFKATNQTNINSLAVRGKDCTVVISQKKVPDKLLDPTTVSYIFCISRTIGMVVNGPIPD
ARNAALRAKAEAAEFRYKYGYDMPCDVLAKRMANLSQIYTQRAYMRPLGVILTFVSVDEELGPSIYKTDPAGYYVGYKAT
ATGPKQQEITTNLENHFKKSKIDHINEESWEKVVEFAITHMIDALGTEFSKNDLEVGVATKDKFFTLSAENIEERLVAIA
EQD
;
G,2
8 'polypeptide(L)'
;TTIVGVKFNNGVVIAADTRSTQGPIVADKNCAKLHRISPKIWCAGAGTAADTEAVTQLIGSNIELHSLYTSREPRVVSAL
QMLKQHLFKYQGHIGAYLIVAGVDPTGSHLFSIHAHGSTDVGYYLSLGSGSLAAMAVLESHWKQDLTKEEAIKLASDAIQ
AGIWNDLGSGSNVDVCVMEIGKDAEYLRNYLTPNVREEKQKSYKFPRGTTAVLKESIVNICD
;
H,O
9 'polypeptide(L)'
;SDPSSINGGIVVAMTGKDCVAIACDLRLGSQSLGVSNKFEKIFHYGHVFLGITGLATDVTTLNEMFRYKTNLYKLKEERA
IEPETFTQLVSSSLYERRFGPYFVGPVVAGINSKSGKPFIAGFDLIGCIDEAKDFIVSGTASDQLFGMCESLYEPNLEPE
DLFETISQALLNAADRDALSGWGAVVYIIKKDEVVKRYLKMRQD
;
I,P
10 'polypeptide(L)'
;MDIILGIRVQDSVILASSKAVTRGISVLKDSDDKTRQLSPHTLMSFAGEAGDTVQFAEYIQANIQLYSIREDYELSPQAV
SSFVRQELAKSIRSRRPYQVNVLIGGYDKKKNKPELYQIDYLGTKVELPYGAHGYSGFYTFSLLDHHYRPDMTTEEGLDL
LKLCVQELEKRMPMDFKGVIVKIVDKDGIRQVDDFQAQ
;
J,Q
11 'polypeptide(L)'
;TTTLAFRFQGGIIVAVDSRATAGNWVASQTVKKVIEINPFLLGTMAGGAADCQFWETWLGSQCRLHELREKERISVAAAS
KILSNLVYQYKGAGLSMGTMICGYTRKEGPTIYYVDSDGTRLKGDIFCVGSGQTFAYGVLDSNYKWDLSVEDALYLGKRS
ILAAAHRDAYSGGSVNLYHVTEDGWIYHGNHDVGELFWKVKEEEGSFNNVIG
;
K,R
12 'polypeptide(L)'
;QFNPYGDNGGTILGIAGEDFAVLAGDTRNITDYSINSRYEPKVFDCGDNIVMSANGFAADGDALVKRFKNSVKWYHFDHN
DKKLSINSAARNIQHLLYGKRFFPYYVHTIIAGLDEDGKGAVYSFDPVGSYEREQCRAGGAAASLIMPFLDNQVNFKNQY
EPGTNGKVKKPLKYLSVEEVIKLVRDSFTSATERHIQVGDGLEILIVTKDGVRKEFYELKRD
;
L,S
13 'polypeptide(L)'
;TQQPIVTGTSVISMKYDNGVIIAADNLGSYGSLLRFNGVERLIPVGDNTVVGISGDISDMQHIERLLKDLVTENAYDNPL
ADAEEALEPSYIFEYLATVMYQRRSKMNPLWNAIIVAGVQSNGDQFLRYVNLLGVTYSSPTLATGFGAHMANPLLRKVVD
RESDIPKTTVQVAEEAIVNAMRVLYYRDARSSRNFSLAIIDKNTGLTFKKNLQVENMKWDFAKDIKGYGTQKI
;
M,T
14 'polypeptide(L)'
;TSIMAVTFKDGVILGADSRTTTGAYIANRVTDKLTRVHDKIWCCRSGSAADTQAIADIVQYHLELYTSQYGTPSTETAAS
VFKELCYENKDNLTAGIIVAGYDDKNKGEVYTIPLGGSVHKLPYAIAGSGSTFIYGYCDKNFRENMSKEETVDFIKHSLS
QAIKWDGSSGGVIRMVVLTAAGVERLIFYPDEYEQL
;
N,U
15 'polypeptide(L)' (1QQ)YN(R4K)(AKK) 8,9
#
loop_
_chem_comp.id
_chem_comp.type
_chem_comp.name
_chem_comp.formula
1QQ non-polymer '(3S)-3-methyl-2-oxopentanoic acid' 'C6 H10 O3'
AKK non-polymer (1Z)-prop-1-en-1-amine 'C3 H7 N'
MG non-polymer 'MAGNESIUM ION' 'Mg 2'
#
# COMPACT_ATOMS: atom_id res chain seq x y z
N MET A 1 12.35 32.17 -43.66
CA MET A 1 12.84 30.77 -43.88
C MET A 1 11.59 29.92 -44.11
N THR A 2 11.79 28.62 -44.29
CA THR A 2 10.71 27.65 -44.49
C THR A 2 10.07 27.66 -45.87
N ASP A 3 9.73 26.46 -46.33
CA ASP A 3 9.12 26.23 -47.63
C ASP A 3 7.77 26.90 -47.72
N ARG A 4 7.71 28.06 -48.36
CA ARG A 4 6.44 28.75 -48.52
C ARG A 4 5.83 28.44 -49.87
N TYR A 5 6.52 27.63 -50.66
CA TYR A 5 6.05 27.25 -51.98
C TYR A 5 5.04 26.14 -51.82
N SER A 6 3.91 26.49 -51.23
CA SER A 6 2.86 25.53 -50.98
C SER A 6 1.81 25.41 -52.07
N PHE A 7 2.04 26.02 -53.23
CA PHE A 7 1.10 25.95 -54.35
C PHE A 7 1.70 25.10 -55.43
N SER A 8 0.89 24.66 -56.41
CA SER A 8 1.37 23.83 -57.50
C SER A 8 2.29 24.55 -58.51
N LEU A 9 3.18 23.81 -59.13
CA LEU A 9 4.04 24.34 -60.18
C LEU A 9 3.65 23.65 -61.49
N THR A 10 2.57 22.88 -61.45
CA THR A 10 2.05 22.20 -62.62
C THR A 10 0.57 22.50 -62.72
N THR A 11 0.24 23.57 -63.44
CA THR A 11 -1.15 23.98 -63.60
C THR A 11 -1.58 23.57 -64.99
N PHE A 12 -2.83 23.82 -65.35
CA PHE A 12 -3.27 23.43 -66.69
C PHE A 12 -3.24 24.62 -67.66
N SER A 13 -2.63 24.44 -68.83
CA SER A 13 -2.60 25.49 -69.82
C SER A 13 -3.99 25.45 -70.50
N PRO A 14 -4.46 26.57 -71.09
CA PRO A 14 -5.77 26.56 -71.74
C PRO A 14 -6.03 25.45 -72.75
N SER A 15 -4.98 24.89 -73.33
CA SER A 15 -5.12 23.81 -74.30
C SER A 15 -5.38 22.48 -73.59
N GLY A 16 -5.38 22.53 -72.27
CA GLY A 16 -5.59 21.33 -71.48
C GLY A 16 -4.32 20.52 -71.35
N LYS A 17 -3.18 21.18 -71.56
CA LYS A 17 -1.92 20.50 -71.47
C LYS A 17 -1.26 20.82 -70.16
N LEU A 18 -0.65 19.80 -69.56
CA LEU A 18 0.06 19.98 -68.31
C LEU A 18 1.47 20.31 -68.69
N GLY A 19 1.77 21.60 -68.62
CA GLY A 19 3.08 22.10 -68.98
C GLY A 19 4.24 21.25 -68.53
N GLN A 20 4.49 21.26 -67.24
CA GLN A 20 5.60 20.53 -66.68
C GLN A 20 5.67 19.07 -66.99
N ILE A 21 4.55 18.44 -67.33
CA ILE A 21 4.60 17.04 -67.66
C ILE A 21 5.19 16.88 -69.07
N ASP A 22 4.60 17.57 -70.03
CA ASP A 22 5.10 17.47 -71.39
C ASP A 22 6.56 17.85 -71.38
N TYR A 23 6.89 18.94 -70.69
CA TYR A 23 8.26 19.36 -70.64
C TYR A 23 9.14 18.25 -70.06
N ALA A 24 8.67 17.59 -69.01
CA ALA A 24 9.46 16.52 -68.43
C ALA A 24 9.69 15.40 -69.44
N LEU A 25 8.63 15.01 -70.15
CA LEU A 25 8.72 13.98 -71.18
C LEU A 25 9.80 14.36 -72.20
N THR A 26 9.91 15.64 -72.52
CA THR A 26 10.94 16.10 -73.43
C THR A 26 12.32 15.73 -72.85
N ALA A 27 12.59 16.13 -71.61
CA ALA A 27 13.88 15.84 -70.97
C ALA A 27 14.21 14.36 -71.09
N VAL A 28 13.18 13.54 -71.01
CA VAL A 28 13.36 12.11 -71.14
C VAL A 28 13.86 11.81 -72.55
N LYS A 29 13.16 12.34 -73.56
CA LYS A 29 13.56 12.17 -74.95
C LYS A 29 15.05 12.41 -75.15
N GLN A 30 15.56 13.49 -74.57
CA GLN A 30 16.97 13.86 -74.70
C GLN A 30 17.92 12.91 -73.99
N GLY A 31 17.37 12.09 -73.10
CA GLY A 31 18.19 11.16 -72.35
C GLY A 31 18.51 9.92 -73.13
N VAL A 32 19.59 9.26 -72.71
CA VAL A 32 20.05 8.05 -73.37
C VAL A 32 18.96 7.03 -73.45
N THR A 33 19.05 6.16 -74.43
CA THR A 33 18.06 5.11 -74.65
C THR A 33 18.15 4.02 -73.61
N SER A 34 17.06 3.27 -73.44
CA SER A 34 16.98 2.11 -72.54
C SER A 34 15.75 1.32 -72.99
N LEU A 35 15.75 0.01 -72.81
CA LEU A 35 14.59 -0.77 -73.27
C LEU A 35 14.39 -2.04 -72.46
N GLY A 36 13.39 -2.83 -72.85
CA GLY A 36 13.11 -4.07 -72.16
C GLY A 36 12.26 -5.00 -72.99
N ILE A 37 12.41 -6.31 -72.78
CA ILE A 37 11.66 -7.29 -73.56
C ILE A 37 11.21 -8.45 -72.68
N LYS A 38 9.98 -8.89 -72.89
CA LYS A 38 9.44 -9.97 -72.10
C LYS A 38 9.46 -11.26 -72.88
N ALA A 39 9.84 -12.35 -72.22
CA ALA A 39 9.88 -13.66 -72.87
C ALA A 39 8.93 -14.59 -72.11
N THR A 40 8.86 -15.86 -72.48
CA THR A 40 7.96 -16.76 -71.77
C THR A 40 8.47 -17.10 -70.38
N ASN A 41 9.75 -17.48 -70.28
CA ASN A 41 10.37 -17.85 -69.02
C ASN A 41 11.44 -16.87 -68.51
N GLY A 42 11.16 -15.58 -68.61
CA GLY A 42 12.11 -14.56 -68.16
C GLY A 42 11.86 -13.23 -68.85
N VAL A 43 12.53 -12.18 -68.42
CA VAL A 43 12.40 -10.84 -69.00
C VAL A 43 13.77 -10.20 -68.97
N VAL A 44 13.95 -9.12 -69.72
CA VAL A 44 15.24 -8.46 -69.75
C VAL A 44 15.17 -6.95 -69.87
N ILE A 45 16.12 -6.26 -69.27
CA ILE A 45 16.18 -4.81 -69.33
C ILE A 45 17.59 -4.39 -69.63
N ALA A 46 17.76 -3.28 -70.35
CA ALA A 46 19.09 -2.80 -70.75
C ALA A 46 19.19 -1.33 -71.10
N THR A 47 20.43 -0.84 -71.12
CA THR A 47 20.70 0.54 -71.48
C THR A 47 22.16 0.74 -71.86
N GLU A 48 22.54 1.98 -72.15
CA GLU A 48 23.90 2.29 -72.54
C GLU A 48 24.54 3.06 -71.40
N LYS A 49 25.84 2.85 -71.19
CA LYS A 49 26.56 3.57 -70.16
C LYS A 49 27.23 4.80 -70.78
N LYS A 50 26.48 5.89 -70.86
CA LYS A 50 26.99 7.13 -71.45
C LYS A 50 28.06 7.77 -70.56
N SER A 51 29.21 7.13 -70.55
CA SER A 51 30.33 7.61 -69.78
C SER A 51 30.53 9.05 -70.21
N SER A 52 30.22 9.98 -69.32
CA SER A 52 30.38 11.37 -69.67
C SER A 52 31.85 11.74 -69.83
N SER A 53 32.73 10.74 -69.71
CA SER A 53 34.17 10.90 -69.86
C SER A 53 34.86 9.53 -69.83
N PRO A 54 36.04 9.39 -70.48
CA PRO A 54 36.68 8.07 -70.45
C PRO A 54 37.50 7.93 -69.18
N LEU A 55 37.39 8.90 -68.28
CA LEU A 55 38.11 8.82 -67.02
C LEU A 55 37.31 8.32 -65.83
N ALA A 56 36.01 8.23 -65.99
CA ALA A 56 35.16 7.74 -64.92
C ALA A 56 35.21 6.24 -64.99
N MET A 57 34.73 5.58 -63.94
CA MET A 57 34.73 4.12 -63.88
C MET A 57 33.27 3.68 -64.04
N SER A 58 32.96 3.06 -65.16
CA SER A 58 31.61 2.63 -65.47
C SER A 58 30.81 1.85 -64.41
N GLU A 59 31.39 0.79 -63.85
CA GLU A 59 30.66 -0.02 -62.87
C GLU A 59 30.03 0.76 -61.73
N THR A 60 30.75 1.74 -61.18
CA THR A 60 30.20 2.49 -60.05
C THR A 60 28.94 3.28 -60.41
N LEU A 61 28.47 3.11 -61.63
CA LEU A 61 27.29 3.81 -62.04
C LEU A 61 26.28 2.75 -62.49
N SER A 62 25.61 2.13 -61.54
CA SER A 62 24.61 1.14 -61.93
C SER A 62 23.39 1.91 -62.40
N LYS A 63 23.08 1.80 -63.68
CA LYS A 63 21.90 2.44 -64.23
C LYS A 63 20.76 1.43 -64.08
N VAL A 64 21.12 0.18 -63.87
CA VAL A 64 20.11 -0.85 -63.66
C VAL A 64 20.06 -1.13 -62.16
N SER A 65 18.89 -1.03 -61.53
CA SER A 65 18.78 -1.30 -60.10
C SER A 65 17.86 -2.45 -59.74
N LEU A 66 18.15 -3.07 -58.60
CA LEU A 66 17.36 -4.18 -58.07
C LEU A 66 16.46 -3.50 -57.05
N LEU A 67 15.17 -3.80 -57.05
CA LEU A 67 14.26 -3.18 -56.10
C LEU A 67 13.90 -4.21 -55.04
N THR A 68 13.67 -5.44 -55.48
CA THR A 68 13.36 -6.53 -54.57
C THR A 68 13.98 -7.70 -55.28
N PRO A 69 14.35 -8.76 -54.57
CA PRO A 69 14.96 -9.88 -55.28
C PRO A 69 14.22 -10.43 -56.51
N ASP A 70 13.05 -9.93 -56.84
CA ASP A 70 12.37 -10.44 -58.01
C ASP A 70 11.95 -9.29 -58.95
N ILE A 71 12.53 -8.12 -58.78
CA ILE A 71 12.17 -6.96 -59.59
C ILE A 71 13.35 -6.03 -59.77
N GLY A 72 13.51 -5.49 -60.99
CA GLY A 72 14.60 -4.59 -61.28
C GLY A 72 14.06 -3.44 -62.09
N ALA A 73 14.82 -2.36 -62.18
CA ALA A 73 14.36 -1.22 -62.93
C ALA A 73 15.46 -0.47 -63.61
N VAL A 74 15.08 0.29 -64.63
CA VAL A 74 16.01 1.08 -65.39
C VAL A 74 15.24 2.30 -65.90
N TYR A 75 15.98 3.29 -66.42
CA TYR A 75 15.38 4.53 -66.91
C TYR A 75 15.96 5.14 -68.18
N SER A 76 15.56 6.39 -68.39
CA SER A 76 16.03 7.20 -69.49
C SER A 76 15.59 8.53 -69.03
N GLY A 77 16.54 9.43 -68.88
CA GLY A 77 16.18 10.75 -68.42
C GLY A 77 17.26 11.32 -67.55
N MET A 78 16.87 11.91 -66.44
CA MET A 78 17.84 12.49 -65.55
C MET A 78 18.21 11.50 -64.44
N GLY A 79 19.38 10.90 -64.56
CA GLY A 79 19.87 9.93 -63.58
C GLY A 79 19.57 10.24 -62.12
N PRO A 80 19.92 11.42 -61.63
CA PRO A 80 19.61 11.68 -60.23
C PRO A 80 18.16 11.36 -59.87
N ASP A 81 17.21 11.97 -60.57
CA ASP A 81 15.81 11.72 -60.28
C ASP A 81 15.48 10.24 -60.23
N TYR A 82 16.24 9.41 -60.92
CA TYR A 82 16.01 7.98 -60.92
C TYR A 82 16.49 7.41 -59.63
N ARG A 83 17.71 7.78 -59.29
CA ARG A 83 18.30 7.31 -58.07
C ARG A 83 17.36 7.47 -56.88
N VAL A 84 16.98 8.70 -56.54
CA VAL A 84 16.12 8.89 -55.39
C VAL A 84 14.84 8.18 -55.57
N LEU A 85 14.51 7.84 -56.79
CA LEU A 85 13.28 7.14 -56.99
C LEU A 85 13.45 5.70 -56.59
N VAL A 86 14.64 5.19 -56.78
CA VAL A 86 14.97 3.80 -56.43
C VAL A 86 14.94 3.65 -54.91
N ASP A 87 15.60 4.54 -54.19
CA ASP A 87 15.59 4.51 -52.75
C ASP A 87 14.12 4.39 -52.31
N LYS A 88 13.37 5.44 -52.59
CA LYS A 88 11.99 5.47 -52.21
C LYS A 88 11.29 4.21 -52.59
N SER A 89 11.60 3.68 -53.75
CA SER A 89 10.95 2.46 -54.19
C SER A 89 11.35 1.22 -53.42
N ARG A 90 12.61 1.15 -53.05
CA ARG A 90 13.06 0.01 -52.32
C ARG A 90 12.49 0.08 -50.93
N LYS A 91 12.46 1.29 -50.38
CA LYS A 91 11.93 1.48 -49.05
C LYS A 91 10.47 1.17 -49.02
N VAL A 92 9.67 1.88 -49.78
CA VAL A 92 8.25 1.61 -49.73
C VAL A 92 7.93 0.14 -49.96
N ALA A 93 8.85 -0.58 -50.58
CA ALA A 93 8.63 -2.00 -50.85
C ALA A 93 8.50 -2.77 -49.57
N HIS A 94 9.05 -2.20 -48.52
CA HIS A 94 9.05 -2.79 -47.20
C HIS A 94 7.93 -2.20 -46.37
N THR A 95 8.04 -0.91 -46.09
CA THR A 95 7.07 -0.26 -45.26
C THR A 95 5.63 -0.55 -45.59
N SER A 96 5.33 -0.82 -46.86
CA SER A 96 3.97 -1.09 -47.27
C SER A 96 3.66 -2.49 -47.74
N TYR A 97 4.55 -3.44 -47.46
CA TYR A 97 4.30 -4.80 -47.91
C TYR A 97 5.04 -5.92 -47.21
N LYS A 98 6.36 -6.00 -47.34
CA LYS A 98 7.05 -7.07 -46.64
C LYS A 98 6.92 -6.92 -45.12
N ARG A 99 6.90 -5.68 -44.64
CA ARG A 99 6.77 -5.44 -43.21
C ARG A 99 5.38 -5.69 -42.70
N ILE A 100 4.49 -6.10 -43.59
CA ILE A 100 3.14 -6.36 -43.20
C ILE A 100 2.68 -7.71 -43.64
N TYR A 101 3.18 -8.20 -44.77
CA TYR A 101 2.81 -9.52 -45.25
C TYR A 101 3.99 -10.52 -45.25
N GLY A 102 5.17 -10.09 -44.83
CA GLY A 102 6.28 -11.01 -44.80
C GLY A 102 6.74 -11.56 -46.14
N GLU A 103 6.29 -10.97 -47.24
CA GLU A 103 6.70 -11.37 -48.57
C GLU A 103 6.72 -10.13 -49.42
N TYR A 104 7.60 -10.12 -50.41
CA TYR A 104 7.77 -8.99 -51.30
C TYR A 104 6.56 -8.67 -52.14
N PRO A 105 6.38 -7.40 -52.53
CA PRO A 105 5.25 -6.94 -53.35
C PRO A 105 5.26 -7.44 -54.76
N PRO A 106 4.08 -7.73 -55.33
CA PRO A 106 4.03 -8.21 -56.71
C PRO A 106 4.31 -6.97 -57.56
N THR A 107 4.73 -7.18 -58.80
CA THR A 107 5.07 -6.06 -59.66
C THR A 107 4.03 -4.94 -59.88
N LYS A 108 2.80 -5.29 -60.28
CA LYS A 108 1.79 -4.27 -60.52
C LYS A 108 1.73 -3.30 -59.38
N LEU A 109 1.64 -3.86 -58.18
CA LEU A 109 1.55 -3.07 -56.99
C LEU A 109 2.74 -2.17 -56.75
N LEU A 110 3.95 -2.73 -56.77
CA LEU A 110 5.13 -1.92 -56.52
C LEU A 110 5.17 -0.79 -57.52
N VAL A 111 4.92 -1.16 -58.76
CA VAL A 111 4.90 -0.20 -59.83
C VAL A 111 3.90 0.84 -59.47
N SER A 112 2.71 0.38 -59.07
CA SER A 112 1.66 1.28 -58.69
C SER A 112 2.15 2.19 -57.61
N GLU A 113 2.80 1.66 -56.58
CA GLU A 113 3.29 2.53 -55.51
C GLU A 113 4.26 3.58 -56.04
N VAL A 114 5.11 3.20 -56.98
CA VAL A 114 6.07 4.14 -57.58
C VAL A 114 5.32 5.25 -58.31
N ALA A 115 4.37 4.84 -59.15
CA ALA A 115 3.56 5.78 -59.91
C ALA A 115 3.02 6.79 -58.93
N LYS A 116 2.45 6.32 -57.82
CA LYS A 116 1.91 7.22 -56.82
C LYS A 116 2.95 8.25 -56.43
N ILE A 117 4.19 7.81 -56.25
CA ILE A 117 5.26 8.74 -55.87
C ILE A 117 5.49 9.79 -56.91
N MET A 118 5.52 9.39 -58.17
CA MET A 118 5.74 10.34 -59.26
C MET A 118 4.57 11.30 -59.43
N GLN A 119 3.36 10.78 -59.41
CA GLN A 119 2.19 11.59 -59.57
C GLN A 119 2.16 12.66 -58.51
N GLU A 120 2.37 12.30 -57.27
CA GLU A 120 2.31 13.32 -56.25
C GLU A 120 3.23 14.47 -56.59
N ALA A 121 4.28 14.21 -57.36
CA ALA A 121 5.20 15.28 -57.73
C ALA A 121 4.62 16.13 -58.84
N THR A 122 3.55 15.63 -59.44
CA THR A 122 2.81 16.27 -60.53
C THR A 122 1.67 17.11 -59.96
N GLN A 123 1.57 17.22 -58.63
CA GLN A 123 0.49 17.97 -57.99
C GLN A 123 0.85 18.66 -56.68
N SER A 124 1.56 17.97 -55.80
CA SER A 124 2.00 18.52 -54.52
C SER A 124 2.58 19.90 -54.72
N GLY A 125 2.47 20.74 -53.73
CA GLY A 125 2.98 22.08 -53.88
C GLY A 125 4.47 22.14 -53.87
N GLY A 126 5.05 23.10 -54.57
CA GLY A 126 6.48 23.25 -54.56
C GLY A 126 7.43 22.31 -55.27
N VAL A 127 6.96 21.35 -56.06
CA VAL A 127 7.88 20.49 -56.78
C VAL A 127 7.64 20.53 -58.30
N ARG A 128 8.56 19.94 -59.07
CA ARG A 128 8.51 19.86 -60.53
C ARG A 128 8.49 18.37 -60.78
N PRO A 129 7.76 17.89 -61.78
CA PRO A 129 7.77 16.45 -61.96
C PRO A 129 9.14 15.87 -62.12
N PHE A 130 9.23 14.56 -62.02
CA PHE A 130 10.48 13.86 -62.21
C PHE A 130 10.82 13.84 -63.69
N GLY A 131 12.09 13.99 -64.01
CA GLY A 131 12.48 13.96 -65.40
C GLY A 131 12.92 12.58 -65.78
N VAL A 132 12.09 11.56 -65.62
CA VAL A 132 12.49 10.22 -65.98
C VAL A 132 11.36 9.31 -66.36
N SER A 133 11.65 8.27 -67.10
CA SER A 133 10.62 7.32 -67.43
C SER A 133 11.30 6.07 -67.02
N LEU A 134 10.55 5.10 -66.53
CA LEU A 134 11.17 3.90 -66.06
C LEU A 134 10.45 2.70 -66.57
N LEU A 135 11.18 1.64 -66.70
CA LEU A 135 10.59 0.39 -67.12
C LEU A 135 11.01 -0.46 -65.93
N ILE A 136 10.05 -1.16 -65.33
CA ILE A 136 10.30 -2.01 -64.18
C ILE A 136 9.95 -3.39 -64.66
N ALA A 137 10.74 -4.37 -64.25
CA ALA A 137 10.52 -5.74 -64.66
C ALA A 137 10.55 -6.64 -63.47
N GLY A 138 9.65 -7.60 -63.40
CA GLY A 138 9.65 -8.46 -62.24
C GLY A 138 8.79 -9.70 -62.37
N HIS A 139 8.58 -10.39 -61.24
CA HIS A 139 7.79 -11.60 -61.23
C HIS A 139 7.12 -11.92 -59.89
N ASP A 140 6.02 -12.66 -59.93
CA ASP A 140 5.36 -13.05 -58.70
C ASP A 140 4.47 -14.26 -58.90
N GLU A 141 4.65 -15.22 -58.01
CA GLU A 141 3.92 -16.48 -57.98
C GLU A 141 2.56 -16.49 -58.67
N PHE A 142 1.81 -15.40 -58.54
CA PHE A 142 0.49 -15.39 -59.13
C PHE A 142 0.24 -14.73 -60.46
N ASN A 143 1.11 -13.79 -60.83
CA ASN A 143 0.95 -13.08 -62.09
C ASN A 143 1.97 -13.53 -63.10
N GLY A 144 2.99 -14.19 -62.63
CA GLY A 144 4.01 -14.65 -63.56
C GLY A 144 4.98 -13.54 -63.84
N PHE A 145 5.38 -13.39 -65.10
CA PHE A 145 6.35 -12.35 -65.47
C PHE A 145 5.67 -11.09 -66.01
N SER A 146 6.24 -9.94 -65.68
CA SER A 146 5.66 -8.68 -66.15
C SER A 146 6.68 -7.58 -66.37
N LEU A 147 6.29 -6.61 -67.19
CA LEU A 147 7.11 -5.47 -67.54
C LEU A 147 6.19 -4.25 -67.62
N TYR A 148 6.66 -3.14 -67.09
CA TYR A 148 5.86 -1.95 -67.05
C TYR A 148 6.73 -0.73 -67.32
N GLN A 149 6.10 0.34 -67.79
CA GLN A 149 6.74 1.62 -68.08
C GLN A 149 6.01 2.67 -67.25
N VAL A 150 6.75 3.58 -66.63
CA VAL A 150 6.14 4.60 -65.80
C VAL A 150 6.62 5.96 -66.26
N ASP A 151 5.69 6.81 -66.70
CA ASP A 151 6.03 8.15 -67.18
C ASP A 151 5.92 9.16 -66.08
N PRO A 152 6.47 10.35 -66.29
CA PRO A 152 6.39 11.38 -65.26
C PRO A 152 4.98 11.80 -64.95
N SER A 153 4.07 11.63 -65.88
CA SER A 153 2.70 12.00 -65.60
C SER A 153 2.26 11.14 -64.45
N GLY A 154 2.85 9.96 -64.35
CA GLY A 154 2.49 9.00 -63.33
C GLY A 154 1.85 7.78 -63.96
N SER A 155 1.36 7.91 -65.20
CA SER A 155 0.72 6.82 -65.90
C SER A 155 1.72 5.67 -65.99
N TYR A 156 1.22 4.46 -66.03
CA TYR A 156 2.10 3.31 -66.14
C TYR A 156 1.38 2.30 -67.03
N PHE A 157 2.11 1.58 -67.85
CA PHE A 157 1.47 0.62 -68.73
C PHE A 157 2.27 -0.65 -68.82
N PRO A 158 1.63 -1.76 -69.17
CA PRO A 158 2.30 -3.05 -69.28
C PRO A 158 2.60 -3.26 -70.75
N TRP A 159 3.86 -3.57 -71.06
CA TRP A 159 4.30 -3.77 -72.43
C TRP A 159 4.86 -5.16 -72.69
N LYS A 160 4.64 -5.67 -73.90
CA LYS A 160 5.20 -6.97 -74.26
C LYS A 160 6.65 -6.62 -74.45
N ALA A 161 6.89 -5.36 -74.77
CA ALA A 161 8.24 -4.84 -74.93
C ALA A 161 8.11 -3.41 -75.38
N THR A 162 9.18 -2.64 -75.25
CA THR A 162 9.14 -1.26 -75.66
C THR A 162 10.50 -0.73 -75.37
N ALA A 163 10.69 0.55 -75.61
CA ALA A 163 11.96 1.17 -75.35
C ALA A 163 11.62 2.60 -75.16
N ILE A 164 12.57 3.39 -74.67
CA ILE A 164 12.35 4.80 -74.42
C ILE A 164 13.64 5.58 -74.54
N GLY A 165 13.53 6.90 -74.56
CA GLY A 165 14.71 7.73 -74.67
C GLY A 165 14.93 7.96 -76.14
N LYS A 166 16.09 8.57 -76.48
CA LYS A 166 16.49 8.89 -77.84
C LYS A 166 15.80 8.14 -79.02
N GLY A 167 16.34 7.00 -79.41
CA GLY A 167 15.74 6.33 -80.55
C GLY A 167 14.49 5.52 -80.32
N SER A 168 13.73 5.82 -79.29
CA SER A 168 12.54 5.04 -78.99
C SER A 168 11.70 4.64 -80.19
N VAL A 169 11.25 5.61 -80.99
CA VAL A 169 10.40 5.30 -82.13
C VAL A 169 11.09 4.33 -83.03
N ALA A 170 12.35 4.59 -83.30
CA ALA A 170 13.16 3.75 -84.17
C ALA A 170 13.13 2.33 -83.65
N ALA A 171 13.62 2.16 -82.42
CA ALA A 171 13.67 0.88 -81.74
C ALA A 171 12.31 0.20 -81.66
N LYS A 172 11.33 0.89 -81.10
CA LYS A 172 9.98 0.36 -80.97
C LYS A 172 9.62 -0.32 -82.28
N THR A 173 9.95 0.36 -83.38
CA THR A 173 9.69 -0.19 -84.69
C THR A 173 10.48 -1.49 -84.86
N PHE A 174 11.77 -1.47 -84.57
CA PHE A 174 12.57 -2.70 -84.72
C PHE A 174 11.93 -3.85 -83.95
N LEU A 175 11.45 -3.55 -82.76
CA LEU A 175 10.85 -4.59 -81.94
C LEU A 175 9.53 -5.13 -82.54
N GLU A 176 8.57 -4.25 -82.85
CA GLU A 176 7.29 -4.67 -83.41
C GLU A 176 7.47 -5.73 -84.48
N LYS A 177 8.64 -5.74 -85.11
CA LYS A 177 8.97 -6.72 -86.16
C LYS A 177 9.54 -8.01 -85.57
N ARG A 178 10.56 -7.92 -84.74
CA ARG A 178 11.18 -9.13 -84.18
C ARG A 178 10.50 -9.91 -83.03
N TRP A 179 9.56 -9.29 -82.30
CA TRP A 179 8.88 -9.95 -81.17
C TRP A 179 7.72 -10.88 -81.48
N ASN A 180 7.53 -11.88 -80.63
CA ASN A 180 6.43 -12.84 -80.77
C ASN A 180 6.20 -13.54 -79.42
N ASP A 181 5.14 -14.33 -79.29
CA ASP A 181 4.89 -14.99 -78.00
C ASP A 181 5.36 -16.42 -77.74
N GLU A 182 6.51 -16.80 -78.30
CA GLU A 182 7.03 -18.16 -78.10
C GLU A 182 8.53 -18.18 -77.84
N LEU A 183 9.07 -17.07 -77.34
CA LEU A 183 10.50 -16.93 -77.10
C LEU A 183 11.10 -17.38 -75.77
N GLU A 184 12.23 -18.08 -75.85
CA GLU A 184 12.96 -18.54 -74.68
C GLU A 184 13.88 -17.34 -74.36
N LEU A 185 14.18 -17.16 -73.09
CA LEU A 185 15.03 -16.06 -72.65
C LEU A 185 16.23 -15.73 -73.55
N GLU A 186 17.13 -16.69 -73.82
CA GLU A 186 18.31 -16.44 -74.66
C GLU A 186 17.98 -15.67 -75.94
N ASP A 187 16.89 -16.05 -76.59
CA ASP A 187 16.50 -15.41 -77.82
C ASP A 187 16.22 -13.94 -77.61
N ALA A 188 15.59 -13.58 -76.51
CA ALA A 188 15.28 -12.18 -76.25
C ALA A 188 16.54 -11.37 -75.95
N ILE A 189 17.52 -11.98 -75.31
CA ILE A 189 18.72 -11.24 -75.02
C ILE A 189 19.32 -10.83 -76.36
N HIS A 190 19.20 -11.71 -77.34
CA HIS A 190 19.70 -11.47 -78.69
C HIS A 190 19.09 -10.14 -79.15
N ILE A 191 17.78 -10.17 -79.38
CA ILE A 191 17.07 -9.00 -79.85
C ILE A 191 17.46 -7.72 -79.16
N ALA A 192 17.48 -7.78 -77.84
CA ALA A 192 17.83 -6.64 -77.04
C ALA A 192 19.20 -6.14 -77.47
N LEU A 193 20.13 -7.05 -77.64
CA LEU A 193 21.46 -6.63 -78.06
C LEU A 193 21.47 -5.89 -79.40
N LEU A 194 20.72 -6.41 -80.38
CA LEU A 194 20.65 -5.79 -81.71
C LEU A 194 20.05 -4.41 -81.62
N THR A 195 18.84 -4.36 -81.07
CA THR A 195 18.09 -3.12 -80.90
C THR A 195 18.94 -2.07 -80.22
N LEU A 196 19.81 -2.51 -79.34
CA LEU A 196 20.64 -1.56 -78.66
C LEU A 196 21.74 -1.10 -79.57
N LYS A 197 22.28 -2.02 -80.37
CA LYS A 197 23.37 -1.71 -81.29
C LYS A 197 22.99 -0.48 -82.11
N GLU A 198 21.80 -0.49 -82.70
CA GLU A 198 21.36 0.62 -83.54
C GLU A 198 21.39 2.03 -82.93
N SER A 199 21.14 2.13 -81.63
CA SER A 199 21.16 3.43 -80.97
C SER A 199 22.57 3.82 -80.56
N VAL A 200 23.36 2.81 -80.22
CA VAL A 200 24.72 3.04 -79.78
C VAL A 200 25.65 3.65 -80.82
N GLU A 201 26.13 4.83 -80.48
CA GLU A 201 27.02 5.60 -81.32
C GLU A 201 28.39 4.94 -81.53
N GLY A 202 29.19 4.90 -80.46
CA GLY A 202 30.56 4.38 -80.55
C GLY A 202 30.93 2.94 -80.23
N GLU A 203 31.90 2.77 -79.32
CA GLU A 203 32.36 1.43 -78.95
C GLU A 203 31.19 0.73 -78.29
N PHE A 204 30.96 -0.51 -78.67
CA PHE A 204 29.84 -1.28 -78.19
C PHE A 204 30.26 -2.63 -77.61
N ASN A 205 30.44 -2.67 -76.30
CA ASN A 205 30.86 -3.91 -75.69
C ASN A 205 30.36 -3.97 -74.26
N GLY A 206 30.71 -5.08 -73.62
CA GLY A 206 30.31 -5.33 -72.25
C GLY A 206 30.75 -4.31 -71.22
N ASP A 207 31.66 -3.42 -71.59
CA ASP A 207 32.13 -2.40 -70.66
C ASP A 207 31.38 -1.09 -70.89
N THR A 208 30.50 -1.09 -71.88
CA THR A 208 29.74 0.10 -72.23
C THR A 208 28.25 -0.16 -72.21
N ILE A 209 27.88 -1.38 -71.87
CA ILE A 209 26.49 -1.82 -71.83
C ILE A 209 26.15 -2.34 -70.44
N GLU A 210 24.87 -2.39 -70.09
CA GLU A 210 24.42 -2.86 -68.79
C GLU A 210 23.10 -3.59 -69.00
N LEU A 211 23.10 -4.87 -68.69
CA LEU A 211 21.90 -5.67 -68.87
C LEU A 211 21.55 -6.39 -67.60
N ALA A 212 20.32 -6.86 -67.52
CA ALA A 212 19.87 -7.57 -66.35
C ALA A 212 18.66 -8.35 -66.75
N ILE A 213 18.40 -9.44 -66.08
CA ILE A 213 17.25 -10.26 -66.42
C ILE A 213 16.43 -10.60 -65.21
N ILE A 214 15.33 -11.30 -65.43
CA ILE A 214 14.43 -11.72 -64.37
C ILE A 214 14.03 -13.13 -64.79
N GLY A 215 14.59 -14.16 -64.15
CA GLY A 215 14.25 -15.52 -64.54
C GLY A 215 14.27 -16.62 -63.47
N ASP A 216 14.95 -17.72 -63.78
CA ASP A 216 15.05 -18.86 -62.88
C ASP A 216 15.54 -18.43 -61.49
N GLU A 217 15.18 -19.16 -60.44
CA GLU A 217 15.64 -18.82 -59.09
C GLU A 217 17.16 -19.06 -59.00
N ASN A 218 17.89 -18.17 -58.32
CA ASN A 218 19.35 -18.28 -58.13
C ASN A 218 19.91 -18.64 -56.75
N PRO A 219 19.84 -19.91 -56.36
CA PRO A 219 20.37 -20.24 -55.05
C PRO A 219 21.81 -19.75 -54.84
N ASP A 220 22.67 -19.89 -55.85
CA ASP A 220 24.07 -19.47 -55.70
C ASP A 220 24.25 -18.00 -55.34
N LEU A 221 23.16 -17.25 -55.39
CA LEU A 221 23.20 -15.84 -55.08
C LEU A 221 22.44 -15.53 -53.80
N LEU A 222 21.83 -16.56 -53.22
CA LEU A 222 21.03 -16.41 -52.00
C LEU A 222 21.87 -15.96 -50.83
N GLY A 223 22.90 -16.73 -50.52
CA GLY A 223 23.79 -16.40 -49.42
C GLY A 223 23.69 -17.36 -48.24
N TYR A 224 22.68 -18.20 -48.24
CA TYR A 224 22.50 -19.14 -47.15
C TYR A 224 21.67 -20.31 -47.62
N THR A 225 21.71 -21.41 -46.89
CA THR A 225 20.92 -22.58 -47.28
C THR A 225 20.15 -23.09 -46.07
N GLY A 226 19.00 -23.70 -46.28
CA GLY A 226 18.23 -24.21 -45.16
C GLY A 226 16.78 -24.00 -45.48
N ILE A 227 16.37 -22.75 -45.46
CA ILE A 227 14.98 -22.46 -45.74
C ILE A 227 14.67 -22.90 -47.16
N PRO A 228 13.68 -23.78 -47.34
CA PRO A 228 13.37 -24.22 -48.70
C PRO A 228 12.30 -23.39 -49.40
N THR A 229 11.44 -22.73 -48.63
CA THR A 229 10.40 -21.94 -49.26
C THR A 229 11.02 -20.82 -50.10
N ASP A 230 12.07 -20.20 -49.59
CA ASP A 230 12.75 -19.14 -50.30
C ASP A 230 13.86 -19.79 -51.09
N LYS A 231 13.63 -20.01 -52.38
CA LYS A 231 14.59 -20.67 -53.26
C LYS A 231 15.66 -19.80 -53.90
N GLY A 232 15.63 -18.50 -53.65
CA GLY A 232 16.64 -17.63 -54.23
C GLY A 232 16.06 -16.56 -55.12
N PRO A 233 16.78 -15.43 -55.32
CA PRO A 233 16.35 -14.30 -56.15
C PRO A 233 16.35 -14.63 -57.64
N ARG A 234 15.47 -13.98 -58.38
CA ARG A 234 15.35 -14.20 -59.82
C ARG A 234 16.02 -13.10 -60.64
N PHE A 235 16.50 -12.05 -59.98
CA PHE A 235 17.14 -10.95 -60.67
C PHE A 235 18.65 -11.03 -60.67
N ARG A 236 19.22 -11.07 -61.86
CA ARG A 236 20.67 -11.14 -62.02
C ARG A 236 21.18 -10.11 -63.00
N LYS A 237 22.22 -9.37 -62.62
CA LYS A 237 22.83 -8.39 -63.48
C LYS A 237 23.97 -9.17 -64.11
N LEU A 238 24.17 -8.97 -65.40
CA LEU A 238 25.22 -9.70 -66.11
C LEU A 238 26.57 -9.03 -66.01
N THR A 239 27.60 -9.85 -65.84
CA THR A 239 28.95 -9.31 -65.71
C THR A 239 29.46 -8.99 -67.06
N SER A 240 30.47 -8.14 -67.08
CA SER A 240 31.09 -7.73 -68.33
C SER A 240 31.40 -8.95 -69.20
N GLN A 241 31.96 -9.99 -68.61
CA GLN A 241 32.29 -11.22 -69.36
C GLN A 241 31.03 -11.94 -69.82
N GLU A 242 29.98 -11.93 -69.02
CA GLU A 242 28.74 -12.62 -69.42
C GLU A 242 28.08 -12.00 -70.66
N ILE A 243 28.50 -10.78 -71.01
CA ILE A 243 27.96 -10.08 -72.17
C ILE A 243 28.67 -10.41 -73.49
N ASN A 244 29.97 -10.18 -73.58
CA ASN A 244 30.76 -10.45 -74.78
C ASN A 244 30.52 -11.83 -75.37
N ASP A 245 30.52 -12.87 -74.53
CA ASP A 245 30.30 -14.27 -74.94
C ASP A 245 29.03 -14.43 -75.80
N ARG A 246 28.12 -13.48 -75.72
CA ARG A 246 26.92 -13.56 -76.52
C ARG A 246 27.05 -12.73 -77.79
N LEU A 247 27.72 -11.59 -77.68
CA LEU A 247 27.91 -10.69 -78.83
C LEU A 247 28.55 -11.42 -80.00
N GLU A 248 29.53 -12.26 -79.68
CA GLU A 248 30.24 -13.03 -80.69
C GLU A 248 29.37 -14.10 -81.40
N ALA A 249 28.05 -14.03 -81.18
CA ALA A 249 27.11 -14.94 -81.82
C ALA A 249 26.06 -14.12 -82.56
N LEU A 250 26.53 -13.01 -83.15
CA LEU A 250 25.70 -12.07 -83.90
C LEU A 250 25.05 -12.73 -85.13
N GLY B 1 10.22 37.64 -53.16
CA GLY B 1 9.00 37.01 -52.57
C GLY B 1 8.60 35.80 -53.39
N SER B 2 7.54 35.10 -53.00
CA SER B 2 7.07 33.89 -53.70
C SER B 2 5.79 34.05 -54.54
N ARG B 3 4.96 35.02 -54.17
CA ARG B 3 3.72 35.32 -54.90
C ARG B 3 4.03 35.36 -56.38
N ARG B 4 5.21 35.88 -56.69
CA ARG B 4 5.68 36.03 -58.04
C ARG B 4 5.42 34.78 -58.86
N TYR B 5 5.63 33.61 -58.28
CA TYR B 5 5.47 32.38 -59.02
C TYR B 5 4.14 31.65 -58.82
N ASP B 6 3.23 32.28 -58.07
CA ASP B 6 1.94 31.66 -57.76
C ASP B 6 0.89 31.82 -58.85
N SER B 7 0.48 30.70 -59.42
CA SER B 7 -0.50 30.69 -60.48
C SER B 7 -1.94 30.77 -60.01
N ARG B 8 -2.16 31.24 -58.79
CA ARG B 8 -3.49 31.41 -58.19
C ARG B 8 -4.52 30.48 -58.83
N THR B 9 -4.52 29.22 -58.45
CA THR B 9 -5.40 28.25 -59.08
C THR B 9 -6.86 28.26 -58.72
N THR B 10 -7.22 28.86 -57.60
CA THR B 10 -8.61 28.87 -57.20
C THR B 10 -9.31 30.20 -57.34
N ILE B 11 -8.86 31.06 -58.24
CA ILE B 11 -9.52 32.34 -58.39
C ILE B 11 -10.68 32.27 -59.37
N PHE B 12 -11.42 33.35 -59.46
CA PHE B 12 -12.57 33.41 -60.34
C PHE B 12 -12.26 34.31 -61.53
N SER B 13 -12.79 33.95 -62.70
CA SER B 13 -12.60 34.74 -63.91
C SER B 13 -13.58 35.89 -63.81
N PRO B 14 -13.29 37.03 -64.42
CA PRO B 14 -14.24 38.13 -64.34
C PRO B 14 -15.63 37.73 -64.77
N GLU B 15 -15.72 36.56 -65.41
CA GLU B 15 -16.99 36.05 -65.88
C GLU B 15 -17.66 35.04 -64.95
N GLY B 16 -17.07 34.81 -63.78
CA GLY B 16 -17.64 33.86 -62.81
C GLY B 16 -17.40 32.37 -63.04
N ARG B 17 -16.35 32.03 -63.77
CA ARG B 17 -16.06 30.62 -64.01
C ARG B 17 -14.71 30.38 -63.35
N LEU B 18 -14.39 29.12 -63.09
CA LEU B 18 -13.13 28.76 -62.44
C LEU B 18 -12.12 28.35 -63.51
N TYR B 19 -11.19 29.25 -63.82
CA TYR B 19 -10.18 29.00 -64.85
C TYR B 19 -9.77 27.55 -64.93
N GLN B 20 -9.04 27.09 -63.92
CA GLN B 20 -8.52 25.74 -63.88
C GLN B 20 -9.50 24.62 -64.08
N VAL B 21 -10.72 24.75 -63.57
CA VAL B 21 -11.68 23.68 -63.78
C VAL B 21 -11.98 23.66 -65.27
N GLU B 22 -12.25 24.85 -65.81
CA GLU B 22 -12.56 24.96 -67.21
C GLU B 22 -11.42 24.39 -68.02
N TYR B 23 -10.21 24.86 -67.77
CA TYR B 23 -9.08 24.36 -68.52
C TYR B 23 -8.90 22.84 -68.35
N ALA B 24 -9.37 22.27 -67.26
CA ALA B 24 -9.22 20.84 -67.04
C ALA B 24 -10.15 19.99 -67.90
N LEU B 25 -11.40 20.40 -68.00
CA LEU B 25 -12.35 19.67 -68.81
C LEU B 25 -11.82 19.57 -70.23
N GLU B 26 -11.05 20.58 -70.63
CA GLU B 26 -10.47 20.59 -71.97
C GLU B 26 -9.50 19.44 -72.05
N SER B 27 -8.63 19.35 -71.06
CA SER B 27 -7.64 18.27 -71.02
C SER B 27 -8.37 16.98 -71.21
N ILE B 28 -9.48 16.88 -70.52
CA ILE B 28 -10.31 15.70 -70.54
C ILE B 28 -10.91 15.39 -71.88
N SER B 29 -11.41 16.39 -72.56
CA SER B 29 -12.01 16.12 -73.85
C SER B 29 -11.06 15.44 -74.79
N HIS B 30 -9.75 15.49 -74.54
CA HIS B 30 -8.79 14.85 -75.43
C HIS B 30 -8.57 13.39 -75.06
N ALA B 31 -9.16 12.95 -73.97
CA ALA B 31 -8.96 11.58 -73.52
C ALA B 31 -9.93 10.65 -74.16
N GLY B 32 -9.53 9.38 -74.26
CA GLY B 32 -10.39 8.38 -74.87
C GLY B 32 -11.81 8.49 -74.35
N THR B 33 -12.79 8.10 -75.16
CA THR B 33 -14.20 8.20 -74.78
C THR B 33 -14.68 7.05 -73.92
N ALA B 34 -15.46 7.36 -72.90
CA ALA B 34 -15.99 6.31 -72.04
C ALA B 34 -17.49 6.50 -71.97
N ILE B 35 -18.22 5.40 -71.83
CA ILE B 35 -19.65 5.52 -71.79
C ILE B 35 -20.29 4.56 -70.84
N GLY B 36 -21.43 4.98 -70.30
CA GLY B 36 -22.21 4.18 -69.38
C GLY B 36 -23.68 4.29 -69.74
N ILE B 37 -24.39 3.17 -69.71
CA ILE B 37 -25.81 3.10 -70.09
C ILE B 37 -26.60 2.29 -69.07
N MET B 38 -27.67 2.85 -68.53
CA MET B 38 -28.44 2.15 -67.49
C MET B 38 -29.65 1.34 -67.97
N ALA B 39 -29.65 0.04 -67.70
CA ALA B 39 -30.75 -0.83 -68.12
C ALA B 39 -31.77 -1.15 -67.03
N SER B 40 -32.79 -1.91 -67.41
CA SER B 40 -33.82 -2.29 -66.45
C SER B 40 -33.31 -3.49 -65.68
N ASP B 41 -32.17 -4.01 -66.11
CA ASP B 41 -31.61 -5.17 -65.46
C ASP B 41 -30.10 -5.26 -65.48
N GLY B 42 -29.43 -4.12 -65.47
CA GLY B 42 -27.97 -4.10 -65.48
C GLY B 42 -27.42 -2.73 -65.83
N ILE B 43 -26.10 -2.62 -65.96
CA ILE B 43 -25.46 -1.36 -66.31
C ILE B 43 -24.23 -1.67 -67.11
N VAL B 44 -23.94 -0.87 -68.11
CA VAL B 44 -22.79 -1.11 -68.96
C VAL B 44 -21.82 0.04 -68.96
N LEU B 45 -20.53 -0.31 -68.91
CA LEU B 45 -19.47 0.67 -68.95
C LEU B 45 -18.56 0.26 -70.09
N ALA B 46 -18.18 1.21 -70.94
CA ALA B 46 -17.33 0.88 -72.06
C ALA B 46 -16.38 2.03 -72.30
N ALA B 47 -15.20 1.73 -72.83
CA ALA B 47 -14.24 2.79 -73.09
C ALA B 47 -13.17 2.50 -74.17
N GLU B 48 -12.70 3.58 -74.78
CA GLU B 48 -11.71 3.57 -75.85
C GLU B 48 -10.35 3.99 -75.27
N ARG B 49 -9.29 3.28 -75.65
CA ARG B 49 -7.96 3.60 -75.15
C ARG B 49 -7.18 4.67 -75.90
N LYS B 50 -6.53 5.55 -75.15
CA LYS B 50 -5.74 6.63 -75.72
C LYS B 50 -4.32 6.09 -75.86
N VAL B 51 -3.52 6.72 -76.71
CA VAL B 51 -2.12 6.35 -76.96
C VAL B 51 -1.85 4.83 -76.84
N THR B 52 -2.01 4.14 -77.97
CA THR B 52 -1.82 2.70 -77.99
C THR B 52 -0.69 2.30 -78.93
N SER B 53 -0.63 1.02 -79.23
CA SER B 53 0.39 0.49 -80.13
C SER B 53 0.19 -1.01 -80.26
N THR B 54 0.89 -1.63 -81.21
CA THR B 54 0.79 -3.05 -81.48
C THR B 54 1.40 -3.89 -80.39
N LEU B 55 2.28 -3.26 -79.62
CA LEU B 55 3.02 -3.93 -78.54
C LEU B 55 2.54 -3.80 -77.10
N LEU B 56 1.52 -3.00 -76.85
CA LEU B 56 0.99 -2.85 -75.51
C LEU B 56 0.49 -4.24 -75.09
N GLU B 57 0.20 -4.41 -73.80
CA GLU B 57 -0.30 -5.67 -73.24
C GLU B 57 -1.72 -5.46 -72.70
N GLN B 58 -2.71 -6.06 -73.36
CA GLN B 58 -4.10 -5.89 -72.92
C GLN B 58 -4.45 -6.87 -71.81
N ASP B 59 -4.05 -8.12 -71.96
CA ASP B 59 -4.32 -9.16 -70.96
C ASP B 59 -4.27 -8.62 -69.53
N THR B 60 -3.09 -8.22 -69.08
CA THR B 60 -2.91 -7.71 -67.73
C THR B 60 -3.12 -6.21 -67.60
N SER B 61 -4.00 -5.65 -68.41
CA SER B 61 -4.21 -4.21 -68.32
C SER B 61 -5.55 -3.82 -67.74
N THR B 62 -5.60 -2.58 -67.29
CA THR B 62 -6.77 -1.98 -66.66
C THR B 62 -6.45 -0.47 -66.63
N GLU B 63 -6.75 0.25 -67.70
CA GLU B 63 -6.43 1.68 -67.73
C GLU B 63 -7.61 2.64 -67.69
N LYS B 64 -8.82 2.12 -67.80
CA LYS B 64 -10.00 2.99 -67.76
C LYS B 64 -11.16 2.46 -66.90
N LEU B 65 -11.10 1.18 -66.53
CA LEU B 65 -12.14 0.60 -65.71
C LEU B 65 -11.55 0.07 -64.42
N TYR B 66 -12.17 0.38 -63.31
CA TYR B 66 -11.66 -0.06 -62.03
C TYR B 66 -12.80 -0.49 -61.13
N LYS B 67 -12.52 -1.43 -60.25
CA LYS B 67 -13.52 -1.92 -59.33
C LYS B 67 -13.33 -1.12 -58.04
N LEU B 68 -14.41 -0.60 -57.48
CA LEU B 68 -14.34 0.15 -56.21
C LEU B 68 -14.93 -0.68 -55.07
N ASN B 69 -15.77 -1.64 -55.44
CA ASN B 69 -16.48 -2.46 -54.48
C ASN B 69 -16.92 -3.66 -55.25
N ASP B 70 -17.49 -4.66 -54.60
CA ASP B 70 -17.99 -5.82 -55.31
C ASP B 70 -19.28 -5.41 -55.97
N LYS B 71 -19.72 -4.18 -55.67
CA LYS B 71 -20.98 -3.64 -56.20
C LYS B 71 -20.84 -2.33 -56.97
N ILE B 72 -19.67 -1.71 -56.95
CA ILE B 72 -19.46 -0.44 -57.62
C ILE B 72 -18.22 -0.48 -58.48
N ALA B 73 -18.28 0.18 -59.64
CA ALA B 73 -17.15 0.28 -60.56
C ALA B 73 -17.20 1.66 -61.17
N VAL B 74 -16.10 2.09 -61.77
CA VAL B 74 -16.05 3.38 -62.43
C VAL B 74 -15.26 3.36 -63.73
N ALA B 75 -15.59 4.29 -64.62
CA ALA B 75 -14.88 4.42 -65.89
C ALA B 75 -14.19 5.76 -65.81
N VAL B 76 -12.96 5.84 -66.28
CA VAL B 76 -12.21 7.07 -66.15
C VAL B 76 -11.86 7.77 -67.45
N ALA B 77 -11.84 9.09 -67.39
CA ALA B 77 -11.46 9.86 -68.55
C ALA B 77 -10.61 11.00 -68.07
N GLY B 78 -9.32 10.93 -68.32
CA GLY B 78 -8.44 11.99 -67.88
C GLY B 78 -7.12 11.37 -67.53
N LEU B 79 -6.33 12.02 -66.70
CA LEU B 79 -5.03 11.48 -66.33
C LEU B 79 -5.24 10.26 -65.50
N THR B 80 -4.75 9.12 -65.94
CA THR B 80 -4.92 7.89 -65.17
C THR B 80 -4.34 8.01 -63.79
N ALA B 81 -3.12 8.50 -63.70
CA ALA B 81 -2.46 8.64 -62.42
C ALA B 81 -3.34 9.35 -61.41
N ASP B 82 -3.97 10.45 -61.81
CA ASP B 82 -4.85 11.21 -60.92
C ASP B 82 -5.98 10.29 -60.50
N ALA B 83 -6.57 9.65 -61.50
CA ALA B 83 -7.64 8.74 -61.27
C ALA B 83 -7.33 7.76 -60.16
N GLU B 84 -6.15 7.17 -60.19
CA GLU B 84 -5.83 6.20 -59.18
C GLU B 84 -5.89 6.78 -57.79
N ILE B 85 -5.32 7.96 -57.59
CA ILE B 85 -5.33 8.55 -56.27
C ILE B 85 -6.71 8.63 -55.72
N LEU B 86 -7.64 9.15 -56.51
CA LEU B 86 -9.01 9.27 -56.04
C LEU B 86 -9.61 7.91 -55.83
N ILE B 87 -9.32 6.98 -56.72
CA ILE B 87 -9.86 5.66 -56.54
C ILE B 87 -9.42 5.06 -55.22
N ASN B 88 -8.14 5.13 -54.89
CA ASN B 88 -7.75 4.50 -53.64
C ASN B 88 -8.49 5.08 -52.47
N THR B 89 -8.59 6.41 -52.39
CA THR B 89 -9.30 6.96 -51.26
C THR B 89 -10.72 6.49 -51.37
N ALA B 90 -11.24 6.43 -52.57
CA ALA B 90 -12.61 5.97 -52.75
C ALA B 90 -12.82 4.57 -52.22
N ARG B 91 -11.91 3.66 -52.53
CA ARG B 91 -12.02 2.29 -52.06
C ARG B 91 -12.02 2.26 -50.54
N ILE B 92 -11.13 3.03 -49.95
CA ILE B 92 -11.05 3.08 -48.51
C ILE B 92 -12.38 3.52 -47.90
N HIS B 93 -12.92 4.65 -48.32
CA HIS B 93 -14.19 5.12 -47.74
C HIS B 93 -15.31 4.10 -47.76
N ALA B 94 -15.28 3.20 -48.72
CA ALA B 94 -16.32 2.20 -48.82
C ALA B 94 -16.19 1.26 -47.64
N GLN B 95 -15.00 0.76 -47.43
CA GLN B 95 -14.76 -0.12 -46.32
C GLN B 95 -15.01 0.59 -45.00
N ASN B 96 -14.60 1.86 -44.86
CA ASN B 96 -14.85 2.57 -43.60
C ASN B 96 -16.32 2.60 -43.30
N TYR B 97 -17.14 2.61 -44.34
CA TYR B 97 -18.58 2.64 -44.16
C TYR B 97 -19.00 1.27 -43.70
N LEU B 98 -18.56 0.26 -44.43
CA LEU B 98 -18.91 -1.12 -44.07
C LEU B 98 -18.56 -1.40 -42.62
N LYS B 99 -17.33 -1.13 -42.21
CA LYS B 99 -16.91 -1.36 -40.84
C LYS B 99 -17.81 -0.61 -39.89
N THR B 100 -18.19 0.59 -40.28
CA THR B 100 -19.05 1.38 -39.43
C THR B 100 -20.50 0.97 -39.38
N TYR B 101 -21.07 0.48 -40.47
CA TYR B 101 -22.47 0.15 -40.43
C TYR B 101 -22.83 -1.27 -40.85
N ASN B 102 -21.85 -2.12 -41.04
CA ASN B 102 -22.11 -3.50 -41.45
C ASN B 102 -23.08 -3.60 -42.59
N GLU B 103 -22.93 -2.72 -43.56
CA GLU B 103 -23.78 -2.70 -44.73
C GLU B 103 -22.94 -2.10 -45.84
N ASP B 104 -23.18 -2.54 -47.07
CA ASP B 104 -22.43 -2.02 -48.20
C ASP B 104 -22.88 -0.58 -48.40
N ILE B 105 -22.02 0.25 -48.99
CA ILE B 105 -22.30 1.68 -49.17
C ILE B 105 -23.22 2.08 -50.32
N PRO B 106 -24.18 2.96 -50.06
CA PRO B 106 -25.11 3.42 -51.08
C PRO B 106 -24.28 4.20 -52.05
N VAL B 107 -24.50 3.94 -53.33
CA VAL B 107 -23.75 4.58 -54.38
C VAL B 107 -23.63 6.06 -54.24
N GLU B 108 -24.76 6.73 -54.03
CA GLU B 108 -24.71 8.16 -53.92
C GLU B 108 -23.81 8.63 -52.84
N ILE B 109 -23.72 7.89 -51.75
CA ILE B 109 -22.87 8.34 -50.68
C ILE B 109 -21.43 8.33 -51.06
N LEU B 110 -21.02 7.28 -51.73
CA LEU B 110 -19.64 7.20 -52.14
C LEU B 110 -19.33 8.34 -53.06
N VAL B 111 -20.13 8.46 -54.11
CA VAL B 111 -20.00 9.52 -55.11
C VAL B 111 -19.92 10.91 -54.49
N ARG B 112 -20.83 11.23 -53.60
CA ARG B 112 -20.81 12.54 -52.99
C ARG B 112 -19.49 12.75 -52.30
N ARG B 113 -18.96 11.71 -51.68
CA ARG B 113 -17.70 11.89 -51.01
C ARG B 113 -16.68 12.28 -52.01
N LEU B 114 -16.45 11.43 -53.01
CA LEU B 114 -15.44 11.75 -54.00
C LEU B 114 -15.60 13.16 -54.52
N SER B 115 -16.80 13.50 -54.97
CA SER B 115 -17.05 14.82 -55.51
C SER B 115 -16.59 15.87 -54.53
N ASP B 116 -16.96 15.71 -53.26
CA ASP B 116 -16.57 16.70 -52.29
C ASP B 116 -15.07 16.87 -52.13
N ILE B 117 -14.31 15.80 -52.35
CA ILE B 117 -12.85 15.93 -52.26
C ILE B 117 -12.44 16.82 -53.40
N LYS B 118 -12.98 16.53 -54.59
CA LYS B 118 -12.70 17.32 -55.79
C LYS B 118 -12.99 18.79 -55.57
N GLN B 119 -14.23 19.10 -55.18
CA GLN B 119 -14.61 20.49 -54.94
C GLN B 119 -13.62 21.10 -53.98
N GLY B 120 -13.04 20.28 -53.13
CA GLY B 120 -12.11 20.83 -52.18
C GLY B 120 -11.04 21.59 -52.88
N TYR B 121 -10.36 20.85 -53.73
CA TYR B 121 -9.27 21.38 -54.52
C TYR B 121 -9.72 22.59 -55.33
N THR B 122 -11.03 22.78 -55.44
CA THR B 122 -11.63 23.88 -56.17
C THR B 122 -11.75 25.14 -55.34
N GLN B 123 -11.88 25.03 -54.01
CA GLN B 123 -12.07 26.23 -53.20
C GLN B 123 -10.96 26.65 -52.25
N HIS B 124 -10.04 25.75 -51.98
CA HIS B 124 -8.97 26.12 -51.11
C HIS B 124 -7.91 25.11 -51.29
N GLY B 125 -6.69 25.51 -51.04
CA GLY B 125 -5.61 24.57 -51.18
C GLY B 125 -4.52 25.11 -52.07
N GLY B 126 -4.88 25.82 -53.12
CA GLY B 126 -3.85 26.32 -53.99
C GLY B 126 -3.17 25.24 -54.82
N LEU B 127 -3.89 24.19 -55.17
CA LEU B 127 -3.29 23.13 -55.96
C LEU B 127 -4.10 22.90 -57.23
N ARG B 128 -3.52 22.19 -58.18
CA ARG B 128 -4.21 21.93 -59.43
C ARG B 128 -5.27 20.93 -59.18
N PRO B 129 -6.34 21.00 -59.93
CA PRO B 129 -7.36 20.02 -59.68
C PRO B 129 -6.98 18.74 -60.33
N PHE B 130 -7.87 17.77 -60.22
CA PHE B 130 -7.64 16.45 -60.76
C PHE B 130 -8.15 16.43 -62.13
N GLY B 131 -7.29 16.18 -63.09
CA GLY B 131 -7.77 16.15 -64.45
C GLY B 131 -8.52 14.86 -64.65
N VAL B 132 -9.69 14.72 -64.04
CA VAL B 132 -10.42 13.48 -64.20
C VAL B 132 -11.92 13.60 -64.21
N SER B 133 -12.56 12.79 -65.02
CA SER B 133 -13.99 12.78 -65.03
C SER B 133 -14.32 11.35 -64.82
N PHE B 134 -15.36 11.14 -64.04
CA PHE B 134 -15.79 9.81 -63.68
C PHE B 134 -17.23 9.51 -64.02
N ILE B 135 -17.48 8.27 -64.37
CA ILE B 135 -18.83 7.82 -64.59
C ILE B 135 -18.84 6.67 -63.62
N TYR B 136 -19.77 6.63 -62.67
CA TYR B 136 -19.85 5.52 -61.72
C TYR B 136 -21.06 4.68 -61.98
N ALA B 137 -20.92 3.39 -61.79
CA ALA B 137 -22.01 2.47 -62.02
C ALA B 137 -22.09 1.52 -60.86
N GLY B 138 -23.23 1.45 -60.18
CA GLY B 138 -23.34 0.55 -59.04
C GLY B 138 -24.76 0.19 -58.61
N TYR B 139 -24.88 -0.71 -57.62
CA TYR B 139 -26.16 -1.19 -57.11
C TYR B 139 -26.33 -1.10 -55.60
N ASP B 140 -27.57 -1.03 -55.16
CA ASP B 140 -27.85 -1.01 -53.75
C ASP B 140 -29.33 -1.19 -53.54
N ASP B 141 -29.74 -1.31 -52.29
CA ASP B 141 -31.13 -1.52 -51.96
C ASP B 141 -32.07 -0.32 -51.97
N ARG B 142 -31.57 0.90 -51.93
CA ARG B 142 -32.48 2.05 -51.88
C ARG B 142 -32.99 2.54 -53.19
N TYR B 143 -32.08 2.60 -54.15
CA TYR B 143 -32.38 3.09 -55.48
C TYR B 143 -32.07 2.11 -56.60
N GLY B 144 -31.51 0.96 -56.27
CA GLY B 144 -31.19 -0.01 -57.30
C GLY B 144 -30.02 0.41 -58.15
N TYR B 145 -30.12 0.17 -59.45
CA TYR B 145 -29.06 0.51 -60.40
C TYR B 145 -28.98 2.00 -60.54
N GLN B 146 -27.78 2.53 -60.52
CA GLN B 146 -27.59 3.97 -60.63
C GLN B 146 -26.34 4.21 -61.42
N LEU B 147 -26.27 5.38 -62.03
CA LEU B 147 -25.13 5.75 -62.84
C LEU B 147 -24.94 7.19 -62.51
N TYR B 148 -23.71 7.61 -62.31
CA TYR B 148 -23.47 8.99 -61.97
C TYR B 148 -22.29 9.48 -62.73
N THR B 149 -22.02 10.75 -62.55
CA THR B 149 -20.90 11.35 -63.19
C THR B 149 -20.36 12.51 -62.38
N SER B 150 -19.05 12.61 -62.30
CA SER B 150 -18.45 13.70 -61.58
C SER B 150 -17.33 14.18 -62.44
N ASN B 151 -17.11 15.48 -62.42
CA ASN B 151 -16.07 16.12 -63.22
C ASN B 151 -15.26 17.00 -62.29
N PRO B 152 -14.09 17.49 -62.73
CA PRO B 152 -13.22 18.35 -61.92
C PRO B 152 -13.84 19.41 -61.02
N SER B 153 -14.99 19.95 -61.42
CA SER B 153 -15.64 21.00 -60.63
C SER B 153 -16.16 20.41 -59.36
N GLY B 154 -16.47 19.14 -59.41
CA GLY B 154 -16.98 18.44 -58.27
C GLY B 154 -18.44 18.13 -58.44
N ASN B 155 -19.06 18.74 -59.42
CA ASN B 155 -20.46 18.48 -59.59
C ASN B 155 -20.61 17.03 -59.94
N TYR B 156 -21.76 16.51 -59.60
CA TYR B 156 -22.07 15.14 -59.93
C TYR B 156 -23.54 15.21 -60.22
N THR B 157 -23.98 14.41 -61.16
CA THR B 157 -25.36 14.41 -61.56
C THR B 157 -25.64 12.99 -61.96
N GLY B 158 -26.92 12.62 -62.03
CA GLY B 158 -27.28 11.26 -62.38
C GLY B 158 -27.81 11.09 -63.78
N TRP B 159 -27.48 9.99 -64.44
CA TRP B 159 -27.93 9.81 -65.80
C TRP B 159 -28.42 8.41 -66.09
N LYS B 160 -29.25 8.29 -67.12
CA LYS B 160 -29.78 7.00 -67.54
C LYS B 160 -28.78 6.48 -68.57
N ALA B 161 -27.97 7.40 -69.10
CA ALA B 161 -26.91 7.14 -70.06
C ALA B 161 -26.12 8.41 -70.18
N ILE B 162 -24.81 8.30 -70.18
CA ILE B 162 -23.96 9.48 -70.28
C ILE B 162 -22.64 9.01 -70.80
N SER B 163 -21.78 9.96 -71.14
CA SER B 163 -20.45 9.68 -71.65
C SER B 163 -19.51 10.79 -71.22
N VAL B 164 -18.22 10.53 -71.31
CA VAL B 164 -17.29 11.57 -70.93
C VAL B 164 -16.02 11.43 -71.74
N GLY B 165 -15.30 12.53 -71.80
CA GLY B 165 -14.06 12.58 -72.53
C GLY B 165 -14.25 13.19 -73.91
N ALA B 166 -13.62 12.58 -74.90
CA ALA B 166 -13.71 13.05 -76.26
C ALA B 166 -15.08 12.84 -76.86
N ASN B 167 -15.49 13.80 -77.66
CA ASN B 167 -16.74 13.71 -78.40
C ASN B 167 -18.00 13.52 -77.58
N THR B 168 -18.16 14.30 -76.52
CA THR B 168 -19.35 14.21 -75.70
C THR B 168 -20.63 14.53 -76.48
N SER B 169 -20.84 15.79 -76.89
CA SER B 169 -22.06 16.19 -77.62
C SER B 169 -22.34 15.25 -78.77
N ALA B 170 -21.28 14.80 -79.42
CA ALA B 170 -21.42 13.88 -80.52
C ALA B 170 -22.16 12.63 -80.03
N ALA B 171 -21.54 11.91 -79.11
CA ALA B 171 -22.14 10.69 -78.57
C ALA B 171 -23.47 10.91 -77.85
N GLN B 172 -23.52 11.92 -77.01
CA GLN B 172 -24.74 12.22 -76.28
C GLN B 172 -25.92 12.33 -77.23
N THR B 173 -25.73 12.99 -78.36
CA THR B 173 -26.84 13.09 -79.30
C THR B 173 -27.26 11.68 -79.78
N LEU B 174 -26.26 10.87 -80.11
CA LEU B 174 -26.49 9.52 -80.58
C LEU B 174 -27.28 8.75 -79.59
N LEU B 175 -26.99 8.99 -78.32
CA LEU B 175 -27.66 8.32 -77.24
C LEU B 175 -29.08 8.83 -77.11
N GLN B 176 -29.24 10.14 -77.04
CA GLN B 176 -30.56 10.74 -76.91
C GLN B 176 -31.42 10.23 -78.05
N MET B 177 -30.77 9.63 -79.04
CA MET B 177 -31.44 9.09 -80.18
C MET B 177 -31.94 7.67 -80.03
N ASP B 178 -31.03 6.69 -80.01
CA ASP B 178 -31.44 5.29 -79.92
C ASP B 178 -31.80 4.68 -78.54
N TYR B 179 -31.69 5.46 -77.48
CA TYR B 179 -32.02 4.96 -76.14
C TYR B 179 -33.52 4.99 -75.84
N LYS B 180 -34.00 4.01 -75.08
CA LYS B 180 -35.41 3.95 -74.71
C LYS B 180 -35.60 3.34 -73.31
N ASP B 181 -36.42 4.02 -72.50
CA ASP B 181 -36.73 3.67 -71.11
C ASP B 181 -36.73 2.22 -70.64
N ASP B 182 -37.37 1.33 -71.39
CA ASP B 182 -37.46 -0.06 -70.98
C ASP B 182 -36.46 -1.01 -71.60
N MET B 183 -35.27 -0.50 -71.94
CA MET B 183 -34.23 -1.33 -72.56
C MET B 183 -33.81 -2.55 -71.75
N LYS B 184 -32.93 -3.35 -72.35
CA LYS B 184 -32.43 -4.56 -71.72
C LYS B 184 -30.91 -4.59 -71.93
N VAL B 185 -30.19 -5.22 -70.99
CA VAL B 185 -28.73 -5.33 -71.03
C VAL B 185 -28.09 -5.70 -72.37
N ASP B 186 -28.32 -6.91 -72.83
CA ASP B 186 -27.76 -7.38 -74.09
C ASP B 186 -27.91 -6.31 -75.16
N ASP B 187 -29.03 -5.61 -75.14
CA ASP B 187 -29.28 -4.55 -76.10
C ASP B 187 -28.37 -3.35 -75.83
N ALA B 188 -28.27 -2.94 -74.56
CA ALA B 188 -27.42 -1.79 -74.15
C ALA B 188 -26.06 -1.91 -74.78
N ILE B 189 -25.45 -3.05 -74.55
CA ILE B 189 -24.17 -3.33 -75.13
C ILE B 189 -24.10 -2.81 -76.57
N GLU B 190 -24.95 -3.32 -77.45
CA GLU B 190 -24.95 -2.92 -78.85
C GLU B 190 -24.82 -1.42 -78.99
N LEU B 191 -25.72 -0.71 -78.34
CA LEU B 191 -25.72 0.73 -78.45
C LEU B 191 -24.38 1.34 -78.11
N ALA B 192 -23.84 0.98 -76.96
CA ALA B 192 -22.56 1.54 -76.54
C ALA B 192 -21.58 1.43 -77.68
N LEU B 193 -21.42 0.22 -78.19
CA LEU B 193 -20.52 0.00 -79.29
C LEU B 193 -20.79 0.89 -80.49
N LYS B 194 -22.03 0.87 -80.99
CA LYS B 194 -22.40 1.69 -82.14
C LYS B 194 -21.89 3.11 -81.95
N THR B 195 -22.17 3.65 -80.77
CA THR B 195 -21.78 5.02 -80.46
C THR B 195 -20.30 5.25 -80.60
N LEU B 196 -19.52 4.48 -79.85
CA LEU B 196 -18.09 4.62 -79.91
C LEU B 196 -17.62 4.54 -81.34
N SER B 197 -18.14 3.54 -82.06
CA SER B 197 -17.78 3.32 -83.46
C SER B 197 -18.08 4.53 -84.32
N LYS B 198 -19.01 5.37 -83.88
CA LYS B 198 -19.34 6.58 -84.62
C LYS B 198 -18.63 7.80 -84.06
N THR B 199 -17.97 7.62 -82.92
CA THR B 199 -17.23 8.70 -82.27
C THR B 199 -15.72 8.51 -82.26
N THR B 200 -15.25 7.35 -82.66
CA THR B 200 -13.83 7.06 -82.69
C THR B 200 -13.07 8.03 -83.58
N ASP B 201 -11.93 8.48 -83.09
CA ASP B 201 -11.11 9.38 -83.86
C ASP B 201 -10.15 8.56 -84.70
N SER B 202 -10.15 7.26 -84.48
CA SER B 202 -9.26 6.39 -85.22
C SER B 202 -9.97 5.46 -86.19
N SER B 203 -9.17 4.87 -87.07
CA SER B 203 -9.60 3.96 -88.11
C SER B 203 -10.90 3.23 -87.85
N ALA B 204 -10.79 2.01 -87.35
CA ALA B 204 -11.95 1.20 -87.09
C ALA B 204 -11.82 0.70 -85.65
N LEU B 205 -12.96 0.33 -85.10
CA LEU B 205 -13.05 -0.16 -83.74
C LEU B 205 -12.60 -1.60 -83.59
N THR B 206 -11.42 -1.80 -83.04
CA THR B 206 -10.93 -3.15 -82.84
C THR B 206 -10.88 -3.42 -81.36
N TYR B 207 -10.90 -4.69 -80.96
CA TYR B 207 -10.87 -5.08 -79.55
C TYR B 207 -9.71 -4.50 -78.76
N ASP B 208 -8.50 -4.61 -79.30
CA ASP B 208 -7.34 -4.08 -78.60
C ASP B 208 -7.52 -2.62 -78.17
N ARG B 209 -8.46 -1.91 -78.76
CA ARG B 209 -8.67 -0.51 -78.40
C ARG B 209 -9.72 -0.30 -77.34
N LEU B 210 -10.27 -1.37 -76.80
CA LEU B 210 -11.34 -1.22 -75.82
C LEU B 210 -11.16 -1.83 -74.44
N GLU B 211 -12.07 -1.43 -73.56
CA GLU B 211 -12.17 -1.93 -72.21
C GLU B 211 -13.69 -1.99 -72.08
N PHE B 212 -14.20 -3.06 -71.49
CA PHE B 212 -15.64 -3.23 -71.36
C PHE B 212 -16.05 -3.98 -70.10
N ALA B 213 -17.11 -3.51 -69.43
CA ALA B 213 -17.61 -4.15 -68.19
C ALA B 213 -19.11 -3.99 -67.95
N THR B 214 -19.69 -4.96 -67.24
CA THR B 214 -21.12 -4.97 -66.93
C THR B 214 -21.42 -5.43 -65.52
N ILE B 215 -22.56 -5.01 -64.99
CA ILE B 215 -23.00 -5.38 -63.66
C ILE B 215 -24.39 -6.01 -63.80
N ARG B 216 -24.56 -7.25 -63.37
CA ARG B 216 -25.86 -7.92 -63.46
C ARG B 216 -26.25 -8.66 -62.19
N LYS B 217 -27.56 -8.75 -61.95
CA LYS B 217 -28.10 -9.45 -60.79
C LYS B 217 -28.79 -10.69 -61.35
N GLY B 218 -28.00 -11.59 -61.95
CA GLY B 218 -28.55 -12.81 -62.53
C GLY B 218 -29.64 -13.47 -61.69
N ALA B 219 -30.84 -13.61 -62.25
CA ALA B 219 -31.98 -14.22 -61.55
C ALA B 219 -31.69 -15.55 -60.85
N ASN B 220 -30.63 -16.22 -61.28
CA ASN B 220 -30.20 -17.50 -60.73
C ASN B 220 -29.08 -17.31 -59.70
N ASP B 221 -29.35 -16.52 -58.65
CA ASP B 221 -28.37 -16.24 -57.61
C ASP B 221 -29.00 -15.33 -56.54
N GLY B 222 -28.27 -14.30 -56.14
CA GLY B 222 -28.75 -13.37 -55.14
C GLY B 222 -27.76 -12.22 -55.03
N GLU B 223 -26.47 -12.56 -55.03
CA GLU B 223 -25.40 -11.57 -54.96
C GLU B 223 -25.25 -10.98 -56.38
N VAL B 224 -25.08 -9.65 -56.46
CA VAL B 224 -24.90 -8.94 -57.73
C VAL B 224 -23.49 -9.18 -58.26
N TYR B 225 -23.39 -9.66 -59.50
CA TYR B 225 -22.09 -9.98 -60.10
C TYR B 225 -21.51 -8.90 -60.99
N GLN B 226 -20.30 -8.46 -60.67
CA GLN B 226 -19.58 -7.50 -61.48
C GLN B 226 -18.67 -8.35 -62.34
N LYS B 227 -18.55 -8.01 -63.62
CA LYS B 227 -17.70 -8.79 -64.50
C LYS B 227 -16.89 -7.93 -65.45
N ILE B 228 -15.58 -7.88 -65.25
CA ILE B 228 -14.74 -7.09 -66.13
C ILE B 228 -14.46 -8.01 -67.30
N PHE B 229 -14.84 -7.57 -68.49
CA PHE B 229 -14.65 -8.36 -69.70
C PHE B 229 -13.22 -8.64 -70.05
N LYS B 230 -12.92 -9.93 -70.09
CA LYS B 230 -11.60 -10.40 -70.44
C LYS B 230 -11.46 -10.12 -71.92
N PRO B 231 -10.24 -9.79 -72.40
CA PRO B 231 -9.98 -9.50 -73.81
C PRO B 231 -10.77 -10.29 -74.84
N GLN B 232 -10.57 -11.60 -74.92
CA GLN B 232 -11.29 -12.40 -75.92
C GLN B 232 -12.80 -12.21 -75.82
N GLU B 233 -13.27 -11.95 -74.62
CA GLU B 233 -14.69 -11.73 -74.38
C GLU B 233 -15.17 -10.47 -75.10
N ILE B 234 -14.25 -9.53 -75.32
CA ILE B 234 -14.59 -8.29 -76.01
C ILE B 234 -14.71 -8.58 -77.51
N LYS B 235 -13.70 -9.22 -78.08
CA LYS B 235 -13.70 -9.56 -79.51
C LYS B 235 -15.02 -10.27 -79.83
N ASP B 236 -15.33 -11.31 -79.06
CA ASP B 236 -16.54 -12.09 -79.26
C ASP B 236 -17.79 -11.23 -79.40
N ILE B 237 -18.07 -10.41 -78.38
CA ILE B 237 -19.24 -9.54 -78.40
C ILE B 237 -19.25 -8.62 -79.64
N LEU B 238 -18.07 -8.23 -80.11
CA LEU B 238 -17.96 -7.34 -81.26
C LEU B 238 -18.55 -7.91 -82.58
N VAL B 239 -18.28 -9.18 -82.87
CA VAL B 239 -18.80 -9.80 -84.10
C VAL B 239 -20.33 -9.76 -84.15
N LYS B 240 -20.96 -10.28 -83.12
CA LYS B 240 -22.42 -10.35 -83.02
C LYS B 240 -23.13 -9.11 -83.50
N THR B 241 -22.78 -7.97 -82.90
CA THR B 241 -23.39 -6.69 -83.23
C THR B 241 -23.24 -6.27 -84.68
N GLY B 242 -22.22 -6.82 -85.32
CA GLY B 242 -22.00 -6.52 -86.72
C GLY B 242 -20.94 -5.48 -87.00
N ILE B 243 -19.85 -5.51 -86.24
CA ILE B 243 -18.77 -4.58 -86.51
C ILE B 243 -17.68 -5.36 -87.24
N THR B 244 -17.59 -6.64 -86.91
CA THR B 244 -16.61 -7.56 -87.50
C THR B 244 -15.22 -6.99 -87.20
N GLY C 1 -0.52 25.39 -45.17
CA GLY C 1 0.51 26.42 -45.46
C GLY C 1 0.06 27.44 -46.48
N TYR C 2 -0.73 27.01 -47.44
CA TYR C 2 -1.21 27.91 -48.47
C TYR C 2 -2.15 28.92 -47.86
N ASP C 3 -1.77 30.19 -47.87
CA ASP C 3 -2.62 31.24 -47.31
C ASP C 3 -2.58 32.57 -48.04
N ARG C 4 -2.36 32.57 -49.34
CA ARG C 4 -2.28 33.82 -50.10
C ARG C 4 -3.64 34.49 -49.96
N ALA C 5 -3.65 35.80 -49.86
CA ALA C 5 -4.91 36.54 -49.75
C ALA C 5 -5.50 36.70 -51.14
N LEU C 6 -6.57 35.96 -51.41
CA LEU C 6 -7.20 36.03 -52.71
C LEU C 6 -8.28 37.09 -52.78
N SER C 7 -8.99 37.31 -51.70
CA SER C 7 -9.99 38.34 -51.75
C SER C 7 -9.37 39.54 -51.12
N ILE C 8 -8.89 40.45 -51.96
CA ILE C 8 -8.27 41.68 -51.50
C ILE C 8 -9.03 42.84 -52.07
N PHE C 9 -8.62 44.04 -51.72
CA PHE C 9 -9.29 45.22 -52.21
C PHE C 9 -8.56 45.77 -53.40
N SER C 10 -9.28 46.38 -54.34
CA SER C 10 -8.65 46.98 -55.51
C SER C 10 -8.83 48.51 -55.41
N PRO C 11 -8.10 49.28 -56.23
CA PRO C 11 -8.21 50.73 -56.19
C PRO C 11 -9.56 51.37 -55.98
N ASP C 12 -10.62 50.82 -56.56
CA ASP C 12 -11.91 51.48 -56.40
C ASP C 12 -12.79 51.02 -55.26
N GLY C 13 -12.25 50.17 -54.41
CA GLY C 13 -13.02 49.69 -53.26
C GLY C 13 -13.94 48.50 -53.40
N HIS C 14 -13.72 47.67 -54.39
CA HIS C 14 -14.56 46.50 -54.57
C HIS C 14 -13.66 45.32 -54.32
N ILE C 15 -14.24 44.16 -54.08
CA ILE C 15 -13.43 42.98 -53.85
C ILE C 15 -13.80 42.13 -55.03
N PHE C 16 -12.85 42.03 -55.96
CA PHE C 16 -13.08 41.31 -57.19
C PHE C 16 -13.64 39.91 -57.01
N GLN C 17 -12.87 39.04 -56.39
CA GLN C 17 -13.30 37.68 -56.15
C GLN C 17 -14.72 37.52 -55.64
N VAL C 18 -15.20 38.47 -54.85
CA VAL C 18 -16.56 38.41 -54.33
C VAL C 18 -17.47 38.79 -55.47
N GLU C 19 -17.25 39.97 -56.02
CA GLU C 19 -18.07 40.47 -57.11
C GLU C 19 -18.17 39.43 -58.20
N TYR C 20 -17.07 38.72 -58.46
CA TYR C 20 -17.05 37.68 -59.47
C TYR C 20 -17.91 36.49 -59.12
N ALA C 21 -17.91 36.11 -57.85
CA ALA C 21 -18.70 34.99 -57.43
C ALA C 21 -20.14 35.29 -57.80
N LEU C 22 -20.53 36.55 -57.65
CA LEU C 22 -21.87 36.97 -57.99
C LEU C 22 -22.18 36.56 -59.40
N GLU C 23 -21.21 36.77 -60.29
CA GLU C 23 -21.41 36.44 -61.67
C GLU C 23 -21.62 34.96 -61.87
N ALA C 24 -21.05 34.17 -60.99
CA ALA C 24 -21.24 32.75 -61.09
C ALA C 24 -22.69 32.42 -60.78
N VAL C 25 -23.27 33.19 -59.87
CA VAL C 25 -24.63 32.97 -59.50
C VAL C 25 -25.48 33.21 -60.72
N LYS C 26 -25.28 34.39 -61.33
CA LYS C 26 -26.02 34.80 -62.52
C LYS C 26 -26.06 33.72 -63.61
N ARG C 27 -25.09 32.80 -63.62
CA ARG C 27 -25.09 31.75 -64.63
C ARG C 27 -25.86 30.47 -64.22
N GLY C 28 -26.10 30.33 -62.93
CA GLY C 28 -26.78 29.16 -62.45
C GLY C 28 -28.24 29.32 -62.68
N THR C 29 -28.96 28.21 -62.72
CA THR C 29 -30.39 28.24 -62.94
C THR C 29 -31.01 29.18 -61.95
N CYS C 30 -32.16 29.71 -62.30
CA CYS C 30 -32.87 30.62 -61.41
C CYS C 30 -33.46 29.80 -60.29
N ALA C 31 -34.00 30.49 -59.30
CA ALA C 31 -34.62 29.87 -58.15
C ALA C 31 -35.43 30.98 -57.54
N VAL C 32 -36.57 30.64 -56.96
CA VAL C 32 -37.41 31.68 -56.41
C VAL C 32 -38.14 31.19 -55.21
N GLY C 33 -38.60 32.14 -54.42
CA GLY C 33 -39.36 31.81 -53.25
C GLY C 33 -40.19 33.03 -52.94
N VAL C 34 -41.42 32.79 -52.48
CA VAL C 34 -42.36 33.85 -52.12
C VAL C 34 -43.21 33.30 -50.98
N LYS C 35 -43.54 34.16 -50.03
CA LYS C 35 -44.31 33.71 -48.87
C LYS C 35 -45.77 34.15 -48.77
N GLY C 36 -46.65 33.22 -48.37
CA GLY C 36 -48.06 33.51 -48.20
C GLY C 36 -48.44 33.96 -46.79
N LYS C 37 -49.61 33.54 -46.32
CA LYS C 37 -50.08 33.89 -44.97
C LYS C 37 -49.91 32.71 -44.02
N ASN C 38 -49.86 31.49 -44.58
CA ASN C 38 -49.70 30.31 -43.78
C ASN C 38 -48.90 29.24 -44.53
N CYS C 39 -47.84 29.67 -45.21
CA CYS C 39 -46.98 28.76 -45.95
C CYS C 39 -45.98 29.53 -46.77
N VAL C 40 -44.97 28.84 -47.31
CA VAL C 40 -43.93 29.44 -48.16
C VAL C 40 -43.57 28.46 -49.27
N VAL C 41 -43.19 28.97 -50.44
CA VAL C 41 -42.85 28.13 -51.59
C VAL C 41 -41.54 28.48 -52.29
N LEU C 42 -40.87 27.45 -52.83
CA LEU C 42 -39.62 27.64 -53.55
C LEU C 42 -39.70 26.94 -54.89
N GLY C 43 -39.23 27.64 -55.93
CA GLY C 43 -39.23 27.09 -57.27
C GLY C 43 -37.88 27.21 -57.93
N CYS C 44 -37.64 26.35 -58.92
CA CYS C 44 -36.36 26.37 -59.62
C CYS C 44 -36.47 25.86 -61.05
N GLU C 45 -35.57 26.31 -61.92
CA GLU C 45 -35.54 25.86 -63.31
C GLU C 45 -34.42 24.82 -63.45
N ARG C 46 -34.64 23.82 -64.29
CA ARG C 46 -33.66 22.76 -64.49
C ARG C 46 -32.75 23.01 -65.70
N ARG C 47 -31.45 23.01 -65.45
CA ARG C 47 -30.42 23.22 -66.49
C ARG C 47 -30.74 22.31 -67.67
N SER C 48 -30.93 22.88 -68.86
CA SER C 48 -31.22 22.09 -70.07
C SER C 48 -30.09 22.08 -71.12
N THR C 49 -28.86 22.34 -70.69
CA THR C 49 -27.70 22.32 -71.60
C THR C 49 -27.44 20.86 -72.05
N LEU C 50 -27.59 19.91 -71.12
CA LEU C 50 -27.43 18.46 -71.38
C LEU C 50 -28.69 17.82 -70.80
N LYS C 51 -29.41 17.01 -71.58
CA LYS C 51 -30.62 16.38 -71.06
C LYS C 51 -30.62 14.88 -71.37
N LEU C 52 -31.15 14.11 -70.42
CA LEU C 52 -31.29 12.64 -70.43
C LEU C 52 -31.00 12.13 -69.01
N GLN C 53 -31.26 13.01 -68.04
CA GLN C 53 -31.05 12.76 -66.62
C GLN C 53 -32.02 11.77 -65.97
N ASP C 54 -31.73 11.43 -64.72
CA ASP C 54 -32.54 10.55 -63.90
C ASP C 54 -32.96 11.35 -62.69
N THR C 55 -34.18 11.86 -62.75
CA THR C 55 -34.74 12.67 -61.67
C THR C 55 -34.72 12.05 -60.26
N ARG C 56 -34.92 10.73 -60.17
CA ARG C 56 -34.98 10.04 -58.89
C ARG C 56 -33.89 10.36 -57.92
N ILE C 57 -32.69 10.36 -58.45
CA ILE C 57 -31.53 10.58 -57.62
C ILE C 57 -30.89 11.95 -57.59
N THR C 58 -30.53 12.47 -58.77
CA THR C 58 -29.88 13.77 -58.92
C THR C 58 -30.18 14.76 -57.81
N PRO C 59 -29.14 15.41 -57.25
CA PRO C 59 -29.34 16.37 -56.18
C PRO C 59 -30.47 17.33 -56.50
N SER C 60 -31.59 17.12 -55.83
CA SER C 60 -32.75 17.98 -56.03
C SER C 60 -32.30 19.38 -55.64
N LYS C 61 -32.81 20.37 -56.35
CA LYS C 61 -32.43 21.73 -56.11
C LYS C 61 -32.81 22.19 -54.70
N VAL C 62 -33.81 21.55 -54.10
CA VAL C 62 -34.23 21.94 -52.75
C VAL C 62 -33.87 20.90 -51.70
N SER C 63 -33.00 21.31 -50.77
CA SER C 63 -32.56 20.43 -49.71
C SER C 63 -33.11 20.79 -48.34
N LYS C 64 -33.38 19.78 -47.53
CA LYS C 64 -33.93 19.95 -46.21
C LYS C 64 -32.79 20.20 -45.22
N ILE C 65 -32.81 21.30 -44.49
CA ILE C 65 -31.78 21.57 -43.49
C ILE C 65 -32.17 20.91 -42.17
N ASP C 66 -33.47 20.75 -41.95
CA ASP C 66 -34.00 20.10 -40.74
C ASP C 66 -35.48 19.88 -41.05
N SER C 67 -36.13 18.90 -40.42
CA SER C 67 -37.54 18.64 -40.66
C SER C 67 -38.44 19.85 -40.90
N HIS C 68 -37.95 21.04 -40.54
CA HIS C 68 -38.72 22.25 -40.69
C HIS C 68 -38.04 23.39 -41.45
N VAL C 69 -36.94 23.17 -42.13
CA VAL C 69 -36.28 24.29 -42.81
C VAL C 69 -35.59 23.82 -44.05
N VAL C 70 -35.76 24.54 -45.14
CA VAL C 70 -35.14 24.15 -46.40
C VAL C 70 -34.27 25.26 -46.93
N LEU C 71 -33.42 24.89 -47.87
CA LEU C 71 -32.50 25.81 -48.53
C LEU C 71 -32.35 25.47 -50.01
N SER C 72 -32.42 26.52 -50.83
CA SER C 72 -32.25 26.42 -52.29
C SER C 72 -31.25 27.49 -52.66
N PHE C 73 -30.62 27.33 -53.81
CA PHE C 73 -29.57 28.23 -54.27
C PHE C 73 -29.52 28.33 -55.78
N SER C 74 -28.61 29.16 -56.26
CA SER C 74 -28.35 29.35 -57.67
C SER C 74 -26.86 29.55 -57.69
N GLY C 75 -26.14 28.66 -58.34
CA GLY C 75 -24.71 28.82 -58.36
C GLY C 75 -24.02 27.53 -58.69
N LEU C 76 -22.76 27.43 -58.30
CA LEU C 76 -22.00 26.23 -58.55
C LEU C 76 -22.60 25.16 -57.69
N ASN C 77 -23.27 24.21 -58.31
CA ASN C 77 -23.90 23.14 -57.57
C ASN C 77 -22.97 22.64 -56.49
N ALA C 78 -21.74 22.35 -56.86
CA ALA C 78 -20.78 21.86 -55.89
C ALA C 78 -20.72 22.71 -54.62
N ASP C 79 -20.39 23.98 -54.73
CA ASP C 79 -20.29 24.82 -53.54
C ASP C 79 -21.48 24.68 -52.62
N SER C 80 -22.66 24.49 -53.18
CA SER C 80 -23.84 24.39 -52.34
C SER C 80 -23.75 23.28 -51.32
N ARG C 81 -23.30 22.11 -51.74
CA ARG C 81 -23.21 20.97 -50.85
C ARG C 81 -22.46 21.25 -49.59
N ILE C 82 -21.35 21.95 -49.69
CA ILE C 82 -20.58 22.26 -48.52
C ILE C 82 -21.44 23.10 -47.61
N LEU C 83 -22.06 24.13 -48.14
CA LEU C 83 -22.90 25.00 -47.34
C LEU C 83 -24.01 24.28 -46.69
N ILE C 84 -24.59 23.35 -47.41
CA ILE C 84 -25.67 22.62 -46.84
C ILE C 84 -25.21 21.78 -45.68
N GLU C 85 -24.20 20.95 -45.88
CA GLU C 85 -23.70 20.12 -44.80
C GLU C 85 -23.34 20.95 -43.57
N LYS C 86 -22.49 21.95 -43.72
CA LYS C 86 -22.10 22.75 -42.58
C LYS C 86 -23.33 23.22 -41.86
N ALA C 87 -24.38 23.48 -42.62
CA ALA C 87 -25.63 23.95 -42.05
C ALA C 87 -26.38 22.84 -41.35
N ARG C 88 -26.52 21.69 -42.00
CA ARG C 88 -27.20 20.58 -41.37
C ARG C 88 -26.58 20.24 -40.03
N VAL C 89 -25.26 20.30 -39.93
CA VAL C 89 -24.58 20.00 -38.69
C VAL C 89 -24.96 20.96 -37.60
N GLU C 90 -24.86 22.24 -37.87
CA GLU C 90 -25.22 23.20 -36.88
C GLU C 90 -26.67 23.04 -36.54
N ALA C 91 -27.45 22.40 -37.40
CA ALA C 91 -28.85 22.19 -37.09
C ALA C 91 -28.97 21.26 -35.89
N GLN C 92 -28.15 20.20 -35.84
CA GLN C 92 -28.18 19.27 -34.73
C GLN C 92 -27.40 19.80 -33.57
N SER C 93 -26.23 20.38 -33.82
CA SER C 93 -25.41 20.93 -32.76
C SER C 93 -26.15 21.97 -31.98
N HIS C 94 -27.28 22.42 -32.50
CA HIS C 94 -28.07 23.42 -31.81
C HIS C 94 -29.18 22.70 -31.05
N ARG C 95 -29.78 21.69 -31.65
CA ARG C 95 -30.82 20.96 -30.95
C ARG C 95 -30.18 20.39 -29.70
N LEU C 96 -29.02 19.81 -29.88
CA LEU C 96 -28.29 19.18 -28.81
C LEU C 96 -27.90 20.09 -27.67
N THR C 97 -27.66 21.37 -27.92
CA THR C 97 -27.25 22.24 -26.84
C THR C 97 -28.27 23.24 -26.36
N LEU C 98 -29.37 23.39 -27.07
CA LEU C 98 -30.37 24.35 -26.66
C LEU C 98 -31.69 23.64 -26.47
N GLU C 99 -31.79 22.41 -26.93
CA GLU C 99 -33.01 21.62 -26.83
C GLU C 99 -34.17 22.37 -27.46
N ASP C 100 -34.02 22.69 -28.74
CA ASP C 100 -35.02 23.39 -29.52
C ASP C 100 -34.45 23.65 -30.89
N PRO C 101 -35.12 23.21 -31.95
CA PRO C 101 -34.63 23.42 -33.31
C PRO C 101 -34.36 24.89 -33.65
N VAL C 102 -33.46 25.11 -34.60
CA VAL C 102 -33.06 26.45 -35.03
C VAL C 102 -34.16 27.25 -35.64
N THR C 103 -34.10 28.56 -35.44
CA THR C 103 -35.05 29.48 -36.06
C THR C 103 -34.43 29.70 -37.42
N VAL C 104 -35.23 30.19 -38.36
CA VAL C 104 -34.68 30.40 -39.69
C VAL C 104 -33.65 31.53 -39.74
N GLU C 105 -33.86 32.57 -38.96
CA GLU C 105 -32.91 33.67 -38.92
C GLU C 105 -31.56 33.17 -38.45
N TYR C 106 -31.56 32.31 -37.44
CA TYR C 106 -30.33 31.77 -36.90
C TYR C 106 -29.65 30.95 -37.95
N LEU C 107 -30.32 29.92 -38.45
CA LEU C 107 -29.76 29.03 -39.47
C LEU C 107 -29.12 29.89 -40.52
N THR C 108 -29.87 30.90 -40.93
CA THR C 108 -29.41 31.82 -41.93
C THR C 108 -28.16 32.52 -41.47
N ARG C 109 -28.27 33.24 -40.37
CA ARG C 109 -27.12 33.94 -39.85
C ARG C 109 -25.92 33.03 -39.76
N TYR C 110 -26.14 31.72 -39.65
CA TYR C 110 -25.04 30.80 -39.58
C TYR C 110 -24.48 30.66 -40.96
N VAL C 111 -25.26 30.09 -41.87
CA VAL C 111 -24.81 29.89 -43.26
C VAL C 111 -24.13 31.11 -43.83
N ALA C 112 -24.71 32.27 -43.62
CA ALA C 112 -24.13 33.50 -44.13
C ALA C 112 -22.78 33.77 -43.53
N GLY C 113 -22.72 33.78 -42.21
CA GLY C 113 -21.45 34.02 -41.54
C GLY C 113 -20.40 33.10 -42.11
N VAL C 114 -20.79 31.87 -42.40
CA VAL C 114 -19.86 30.93 -42.97
C VAL C 114 -19.36 31.57 -44.23
N GLN C 115 -20.27 32.06 -45.07
CA GLN C 115 -19.87 32.70 -46.32
C GLN C 115 -18.97 33.89 -46.11
N GLN C 116 -19.32 34.77 -45.19
CA GLN C 116 -18.47 35.93 -44.95
C GLN C 116 -17.05 35.53 -44.61
N ARG C 117 -16.90 34.51 -43.77
CA ARG C 117 -15.57 34.04 -43.36
C ARG C 117 -14.74 33.76 -44.60
N TYR C 118 -15.28 33.00 -45.55
CA TYR C 118 -14.55 32.70 -46.77
C TYR C 118 -14.18 33.91 -47.61
N THR C 119 -14.64 35.11 -47.26
CA THR C 119 -14.29 36.28 -48.04
C THR C 119 -13.21 37.08 -47.39
N GLN C 120 -12.65 36.58 -46.30
CA GLN C 120 -11.56 37.29 -45.68
C GLN C 120 -10.65 36.38 -44.89
N SER C 121 -10.44 35.20 -45.46
CA SER C 121 -9.59 34.18 -44.90
C SER C 121 -8.63 33.83 -46.04
N GLY C 122 -7.43 33.39 -45.69
CA GLY C 122 -6.43 33.07 -46.70
C GLY C 122 -6.61 31.79 -47.49
N GLY C 123 -6.04 31.75 -48.68
CA GLY C 123 -6.12 30.54 -49.48
C GLY C 123 -7.47 29.94 -49.76
N VAL C 124 -8.54 30.73 -49.71
CA VAL C 124 -9.87 30.21 -50.01
C VAL C 124 -10.69 31.22 -50.81
N ARG C 125 -11.28 30.75 -51.90
CA ARG C 125 -12.10 31.63 -52.71
C ARG C 125 -13.50 31.62 -52.13
N PRO C 126 -14.22 32.72 -52.28
CA PRO C 126 -15.57 32.86 -51.78
C PRO C 126 -16.47 31.80 -52.40
N PHE C 127 -17.63 31.63 -51.80
CA PHE C 127 -18.54 30.66 -52.30
C PHE C 127 -19.27 31.26 -53.47
N GLY C 128 -19.43 30.48 -54.53
CA GLY C 128 -20.16 31.00 -55.66
C GLY C 128 -21.61 30.58 -55.52
N VAL C 129 -22.25 30.98 -54.43
CA VAL C 129 -23.62 30.61 -54.17
C VAL C 129 -24.37 31.73 -53.46
N SER C 130 -25.67 31.71 -53.62
CA SER C 130 -26.55 32.64 -52.95
C SER C 130 -27.69 31.73 -52.62
N THR C 131 -28.33 31.97 -51.49
CA THR C 131 -29.38 31.07 -51.10
C THR C 131 -30.65 31.70 -50.69
N LEU C 132 -31.65 30.84 -50.71
CA LEU C 132 -32.99 31.15 -50.31
C LEU C 132 -33.19 30.08 -49.27
N ILE C 133 -33.44 30.53 -48.05
CA ILE C 133 -33.68 29.64 -46.94
C ILE C 133 -35.08 29.98 -46.44
N ALA C 134 -35.89 28.99 -46.11
CA ALA C 134 -37.23 29.27 -45.65
C ALA C 134 -37.69 28.17 -44.74
N GLY C 135 -38.63 28.50 -43.88
CA GLY C 135 -39.14 27.54 -42.92
C GLY C 135 -39.95 28.23 -41.85
N PHE C 136 -40.17 27.55 -40.74
CA PHE C 136 -40.97 28.10 -39.66
C PHE C 136 -40.33 27.95 -38.30
N ASP C 137 -40.23 29.05 -37.56
CA ASP C 137 -39.71 29.02 -36.21
C ASP C 137 -40.52 27.95 -35.46
N PRO C 138 -39.93 27.29 -34.43
CA PRO C 138 -40.74 26.26 -33.75
C PRO C 138 -41.94 26.79 -32.94
N ARG C 139 -43.07 26.11 -33.08
CA ARG C 139 -44.32 26.46 -32.40
C ARG C 139 -44.89 27.83 -32.80
N ASP C 140 -44.39 28.39 -33.89
CA ASP C 140 -44.84 29.69 -34.39
C ASP C 140 -45.39 29.53 -35.80
N ASP C 141 -46.41 30.31 -36.12
CA ASP C 141 -47.06 30.25 -37.43
C ASP C 141 -46.58 31.26 -38.50
N GLU C 142 -46.04 32.39 -38.08
CA GLU C 142 -45.55 33.42 -39.01
C GLU C 142 -44.43 32.74 -39.83
N PRO C 143 -44.52 32.77 -41.17
CA PRO C 143 -43.57 32.19 -42.13
C PRO C 143 -42.33 33.04 -42.37
N LYS C 144 -41.22 32.40 -42.69
CA LYS C 144 -39.97 33.13 -42.92
C LYS C 144 -39.26 32.71 -44.21
N LEU C 145 -38.54 33.67 -44.79
CA LEU C 145 -37.79 33.50 -46.03
C LEU C 145 -36.65 34.52 -46.02
N TYR C 146 -35.42 34.06 -46.24
CA TYR C 146 -34.24 34.94 -46.22
C TYR C 146 -33.33 34.59 -47.39
N GLN C 147 -32.38 35.46 -47.68
CA GLN C 147 -31.45 35.22 -48.77
C GLN C 147 -30.09 35.58 -48.26
N THR C 148 -29.08 34.89 -48.78
CA THR C 148 -27.72 35.18 -48.40
C THR C 148 -26.98 35.26 -49.70
N GLU C 149 -26.12 36.27 -49.82
CA GLU C 149 -25.34 36.42 -51.02
C GLU C 149 -23.88 36.21 -50.65
N PRO C 150 -23.04 35.74 -51.59
CA PRO C 150 -21.63 35.53 -51.30
C PRO C 150 -20.95 36.53 -50.39
N SER C 151 -21.33 37.79 -50.45
CA SER C 151 -20.64 38.77 -49.60
C SER C 151 -20.77 38.43 -48.13
N GLY C 152 -21.74 37.61 -47.80
CA GLY C 152 -21.98 37.27 -46.41
C GLY C 152 -23.18 38.07 -45.93
N ILE C 153 -23.61 39.03 -46.75
CA ILE C 153 -24.75 39.84 -46.42
C ILE C 153 -25.98 38.93 -46.45
N TYR C 154 -26.99 39.25 -45.65
CA TYR C 154 -28.21 38.46 -45.62
C TYR C 154 -29.33 39.32 -45.15
N SER C 155 -30.55 38.96 -45.52
CA SER C 155 -31.72 39.69 -45.13
C SER C 155 -32.94 38.88 -45.51
N SER C 156 -34.13 39.33 -45.12
CA SER C 156 -35.39 38.60 -45.39
C SER C 156 -36.25 39.26 -46.45
N TRP C 157 -37.02 38.46 -47.17
CA TRP C 157 -37.85 38.97 -48.27
C TRP C 157 -39.29 38.43 -48.28
N SER C 158 -40.21 39.22 -48.84
CA SER C 158 -41.58 38.76 -48.95
C SER C 158 -41.65 37.78 -50.10
N ALA C 159 -40.73 37.98 -51.05
CA ALA C 159 -40.56 37.14 -52.24
C ALA C 159 -39.24 37.56 -52.83
N GLN C 160 -38.56 36.65 -53.50
CA GLN C 160 -37.29 36.99 -54.07
C GLN C 160 -36.81 35.87 -54.92
N THR C 161 -35.81 36.15 -55.75
CA THR C 161 -35.23 35.19 -56.66
C THR C 161 -33.76 35.48 -56.87
N ILE C 162 -33.05 34.52 -57.46
CA ILE C 162 -31.62 34.64 -57.74
C ILE C 162 -31.39 33.72 -58.91
N GLY C 163 -30.34 33.96 -59.69
CA GLY C 163 -30.06 33.12 -60.83
C GLY C 163 -30.21 33.85 -62.16
N ARG C 164 -29.85 33.20 -63.26
CA ARG C 164 -29.95 33.83 -64.57
C ARG C 164 -31.34 34.40 -64.79
N ASN C 165 -31.41 35.61 -65.32
CA ASN C 165 -32.67 36.28 -65.60
C ASN C 165 -33.44 36.68 -64.35
N SER C 166 -32.79 36.61 -63.20
CA SER C 166 -33.45 36.98 -61.97
C SER C 166 -33.90 38.42 -62.07
N LYS C 167 -33.01 39.30 -62.54
CA LYS C 167 -33.31 40.73 -62.66
C LYS C 167 -34.69 40.91 -63.24
N THR C 168 -34.97 40.09 -64.24
CA THR C 168 -36.23 40.10 -64.93
C THR C 168 -37.38 39.76 -64.02
N VAL C 169 -37.45 38.50 -63.61
CA VAL C 169 -38.54 38.05 -62.74
C VAL C 169 -38.64 38.81 -61.43
N ARG C 170 -37.54 39.33 -60.94
CA ARG C 170 -37.59 40.12 -59.73
C ARG C 170 -38.59 41.23 -60.07
N GLU C 171 -38.47 41.80 -61.25
CA GLU C 171 -39.39 42.85 -61.67
C GLU C 171 -40.82 42.35 -61.67
N PHE C 172 -41.04 41.15 -62.20
CA PHE C 172 -42.40 40.58 -62.24
C PHE C 172 -43.13 40.61 -60.90
N LEU C 173 -42.42 40.30 -59.84
CA LEU C 173 -43.06 40.28 -58.55
C LEU C 173 -43.27 41.70 -58.03
N GLU C 174 -42.29 42.58 -58.28
CA GLU C 174 -42.37 43.96 -57.82
C GLU C 174 -43.71 44.65 -58.10
N LYS C 175 -44.51 44.11 -59.02
CA LYS C 175 -45.80 44.69 -59.31
C LYS C 175 -46.97 43.70 -59.22
N ASN C 176 -46.66 42.46 -58.85
CA ASN C 176 -47.70 41.44 -58.70
C ASN C 176 -47.94 41.01 -57.25
N TYR C 177 -47.00 41.30 -56.36
CA TYR C 177 -47.12 40.90 -54.96
C TYR C 177 -47.51 42.09 -54.08
N ASP C 178 -48.67 41.98 -53.45
CA ASP C 178 -49.14 43.05 -52.59
C ASP C 178 -49.09 42.54 -51.15
N ARG C 179 -48.36 43.25 -50.28
CA ARG C 179 -48.23 42.89 -48.86
C ARG C 179 -49.52 43.14 -48.08
N LYS C 180 -50.57 43.55 -48.79
CA LYS C 180 -51.86 43.81 -48.16
C LYS C 180 -52.70 42.54 -48.19
N GLU C 181 -52.62 41.79 -49.29
CA GLU C 181 -53.37 40.53 -49.45
C GLU C 181 -52.46 39.46 -50.05
N PRO C 182 -51.44 39.00 -49.28
CA PRO C 182 -50.50 37.96 -49.72
C PRO C 182 -51.24 36.63 -49.89
N PRO C 183 -50.89 35.84 -50.91
CA PRO C 183 -51.48 34.54 -51.26
C PRO C 183 -52.13 33.77 -50.11
N ALA C 184 -53.33 34.17 -49.75
CA ALA C 184 -54.06 33.54 -48.65
C ALA C 184 -54.43 32.07 -48.81
N THR C 185 -53.75 31.35 -49.68
CA THR C 185 -54.07 29.96 -49.88
C THR C 185 -52.85 29.27 -50.45
N VAL C 186 -52.72 27.98 -50.18
CA VAL C 186 -51.63 27.18 -50.71
C VAL C 186 -51.77 27.32 -52.24
N GLU C 187 -52.90 26.82 -52.76
CA GLU C 187 -53.21 26.83 -54.18
C GLU C 187 -52.88 28.15 -54.87
N GLU C 188 -53.42 29.26 -54.36
CA GLU C 188 -53.16 30.54 -54.99
C GLU C 188 -51.71 30.99 -54.86
N CYS C 189 -51.03 30.54 -53.81
CA CYS C 189 -49.64 30.93 -53.66
C CYS C 189 -48.82 30.24 -54.71
N VAL C 190 -49.09 28.95 -54.90
CA VAL C 190 -48.38 28.18 -55.90
C VAL C 190 -48.47 28.82 -57.28
N LYS C 191 -49.68 29.12 -57.71
CA LYS C 191 -49.92 29.77 -59.00
C LYS C 191 -48.94 30.95 -59.17
N LEU C 192 -49.03 31.93 -58.27
CA LEU C 192 -48.17 33.11 -58.36
C LEU C 192 -46.71 32.80 -58.62
N THR C 193 -46.18 31.78 -57.99
CA THR C 193 -44.80 31.44 -58.21
C THR C 193 -44.53 30.99 -59.62
N VAL C 194 -45.34 30.07 -60.11
CA VAL C 194 -45.12 29.56 -61.45
C VAL C 194 -45.21 30.68 -62.49
N ARG C 195 -46.14 31.61 -62.29
CA ARG C 195 -46.32 32.73 -63.22
C ARG C 195 -44.95 33.30 -63.51
N SER C 196 -44.24 33.67 -62.46
CA SER C 196 -42.92 34.22 -62.67
C SER C 196 -42.05 33.25 -63.46
N LEU C 197 -41.86 32.03 -62.96
CA LEU C 197 -41.03 31.10 -63.69
C LEU C 197 -41.33 31.00 -65.17
N LEU C 198 -42.60 31.06 -65.54
CA LEU C 198 -42.93 30.98 -66.95
C LEU C 198 -42.29 32.13 -67.69
N GLU C 199 -42.24 33.29 -67.04
CA GLU C 199 -41.63 34.46 -67.65
C GLU C 199 -40.18 34.24 -68.06
N VAL C 200 -39.55 33.15 -67.64
CA VAL C 200 -38.16 32.91 -68.00
C VAL C 200 -37.83 31.55 -68.57
N VAL C 201 -38.44 30.52 -68.01
CA VAL C 201 -38.19 29.14 -68.43
C VAL C 201 -38.34 28.89 -69.92
N GLN C 202 -39.38 29.50 -70.50
CA GLN C 202 -39.73 29.33 -71.92
C GLN C 202 -40.42 27.96 -72.04
N THR C 203 -41.73 28.00 -71.83
CA THR C 203 -42.64 26.85 -71.87
C THR C 203 -42.03 25.46 -71.73
N GLY C 204 -42.11 24.93 -70.51
CA GLY C 204 -41.56 23.61 -70.26
C GLY C 204 -41.99 23.10 -68.91
N ALA C 205 -42.82 22.06 -68.91
CA ALA C 205 -43.30 21.47 -67.67
C ALA C 205 -42.11 20.94 -66.87
N LYS C 206 -41.53 19.84 -67.35
CA LYS C 206 -40.39 19.21 -66.70
C LYS C 206 -39.30 20.18 -66.26
N ASN C 207 -39.20 21.30 -66.96
CA ASN C 207 -38.19 22.31 -66.67
C ASN C 207 -38.31 22.97 -65.28
N ILE C 208 -39.47 22.81 -64.63
CA ILE C 208 -39.71 23.42 -63.30
C ILE C 208 -39.88 22.44 -62.14
N GLU C 209 -39.35 22.82 -60.98
CA GLU C 209 -39.52 22.01 -59.79
C GLU C 209 -39.88 22.96 -58.64
N ILE C 210 -40.93 22.60 -57.91
CA ILE C 210 -41.49 23.36 -56.78
C ILE C 210 -41.49 22.59 -55.48
N THR C 211 -41.41 23.31 -54.37
CA THR C 211 -41.44 22.68 -53.06
C THR C 211 -42.34 23.49 -52.15
N VAL C 212 -43.13 22.82 -51.32
CA VAL C 212 -44.04 23.53 -50.45
C VAL C 212 -43.77 23.20 -49.01
N VAL C 213 -43.83 24.21 -48.15
CA VAL C 213 -43.58 24.02 -46.74
C VAL C 213 -44.64 24.66 -45.86
N LYS C 214 -45.22 23.86 -44.96
CA LYS C 214 -46.28 24.24 -43.99
C LYS C 214 -45.77 24.10 -42.54
N PRO C 215 -46.46 24.73 -41.55
CA PRO C 215 -46.05 24.64 -40.15
C PRO C 215 -45.88 23.23 -39.61
N ASP C 216 -45.06 23.14 -38.56
CA ASP C 216 -44.76 21.91 -37.87
C ASP C 216 -44.27 20.79 -38.78
N SER C 217 -43.10 21.02 -39.37
CA SER C 217 -42.40 20.09 -40.25
C SER C 217 -43.18 19.38 -41.37
N ASP C 218 -44.05 20.10 -42.05
CA ASP C 218 -44.79 19.48 -43.13
C ASP C 218 -44.19 19.94 -44.44
N ILE C 219 -43.40 19.10 -45.08
CA ILE C 219 -42.78 19.49 -46.32
C ILE C 219 -43.03 18.49 -47.40
N VAL C 220 -43.39 19.00 -48.57
CA VAL C 220 -43.66 18.14 -49.70
C VAL C 220 -43.21 18.75 -51.01
N ALA C 221 -42.64 17.89 -51.84
CA ALA C 221 -42.15 18.25 -53.14
C ALA C 221 -43.20 17.71 -54.11
N LEU C 222 -43.92 18.62 -54.76
CA LEU C 222 -44.96 18.26 -55.71
C LEU C 222 -44.42 17.48 -56.90
N SER C 223 -45.18 16.52 -57.38
CA SER C 223 -44.76 15.70 -58.50
C SER C 223 -44.82 16.47 -59.82
N SER C 224 -44.06 16.03 -60.82
CA SER C 224 -43.99 16.67 -62.14
C SER C 224 -45.37 16.99 -62.70
N GLU C 225 -46.29 16.07 -62.49
CA GLU C 225 -47.65 16.20 -62.97
C GLU C 225 -48.46 17.29 -62.25
N GLU C 226 -48.47 17.27 -60.92
CA GLU C 226 -49.21 18.25 -60.11
C GLU C 226 -48.91 19.67 -60.57
N ILE C 227 -47.68 19.86 -61.02
CA ILE C 227 -47.26 21.16 -61.50
C ILE C 227 -47.86 21.46 -62.86
N ASN C 228 -47.76 20.50 -63.78
CA ASN C 228 -48.29 20.68 -65.14
C ASN C 228 -49.74 21.16 -65.10
N GLN C 229 -50.51 20.63 -64.15
CA GLN C 229 -51.92 21.01 -63.99
C GLN C 229 -51.99 22.53 -63.84
N TYR C 230 -51.07 23.06 -63.04
CA TYR C 230 -51.01 24.50 -62.82
C TYR C 230 -50.72 25.24 -64.11
N VAL C 231 -49.67 24.81 -64.81
CA VAL C 231 -49.27 25.43 -66.08
C VAL C 231 -50.50 25.67 -66.96
N THR C 232 -51.33 24.65 -67.10
CA THR C 232 -52.54 24.72 -67.91
C THR C 232 -53.49 25.82 -67.47
N GLN C 233 -53.94 25.74 -66.22
CA GLN C 233 -54.85 26.74 -65.69
C GLN C 233 -54.27 28.12 -65.96
N ILE C 234 -52.94 28.20 -65.96
CA ILE C 234 -52.25 29.47 -66.19
C ILE C 234 -52.37 30.03 -67.60
N GLU C 235 -52.04 29.23 -68.63
CA GLU C 235 -52.15 29.73 -69.99
C GLU C 235 -53.58 30.21 -70.31
N GLN C 236 -54.53 29.83 -69.46
CA GLN C 236 -55.93 30.26 -69.61
C GLN C 236 -56.11 31.74 -69.24
N GLU C 237 -55.71 32.15 -68.04
CA GLU C 237 -55.84 33.56 -67.64
C GLU C 237 -54.84 34.46 -68.42
N LYS C 238 -54.52 34.02 -69.63
CA LYS C 238 -53.61 34.69 -70.54
C LYS C 238 -54.36 34.65 -71.87
N GLN C 239 -54.91 33.47 -72.19
CA GLN C 239 -55.67 33.29 -73.42
C GLN C 239 -57.12 33.82 -73.34
N GLU C 240 -57.78 33.63 -72.20
CA GLU C 240 -59.17 34.10 -72.01
C GLU C 240 -59.35 35.60 -72.21
N GLN C 241 -58.25 36.31 -72.44
CA GLN C 241 -58.28 37.73 -72.65
C GLN C 241 -57.82 38.01 -74.08
N ASP D 1 2.57 39.74 -58.37
CA ASP D 1 1.65 40.91 -58.22
C ASP D 1 2.36 41.80 -57.22
N ARG D 2 1.59 42.45 -56.35
CA ARG D 2 2.15 43.36 -55.35
C ARG D 2 1.38 43.06 -54.05
N GLY D 3 2.14 42.91 -52.96
CA GLY D 3 1.62 42.57 -51.64
C GLY D 3 0.48 43.31 -50.95
N VAL D 4 -0.04 42.71 -49.88
CA VAL D 4 -1.15 43.28 -49.12
C VAL D 4 -0.80 44.21 -47.98
N SER D 5 0.34 44.01 -47.33
CA SER D 5 0.73 44.89 -46.24
C SER D 5 1.81 45.82 -46.76
N THR D 6 1.68 46.22 -48.02
CA THR D 6 2.64 47.10 -48.69
C THR D 6 2.35 48.59 -48.47
N PHE D 7 3.39 49.39 -48.43
CA PHE D 7 3.22 50.81 -48.25
C PHE D 7 3.32 51.53 -49.58
N SER D 8 2.52 52.58 -49.77
CA SER D 8 2.56 53.34 -51.00
C SER D 8 3.75 54.30 -50.87
N PRO D 9 4.15 54.95 -51.98
CA PRO D 9 5.28 55.86 -51.81
C PRO D 9 4.88 57.05 -50.97
N GLU D 10 3.57 57.27 -50.84
CA GLU D 10 3.06 58.37 -50.06
C GLU D 10 3.17 58.06 -48.57
N GLY D 11 3.47 56.80 -48.25
CA GLY D 11 3.57 56.41 -46.85
C GLY D 11 2.27 55.92 -46.24
N ARG D 12 1.34 55.47 -47.07
CA ARG D 12 0.05 54.99 -46.60
C ARG D 12 -0.04 53.50 -46.97
N LEU D 13 -0.92 52.76 -46.30
CA LEU D 13 -1.06 51.34 -46.58
C LEU D 13 -2.15 51.22 -47.62
N PHE D 14 -1.83 50.57 -48.73
CA PHE D 14 -2.81 50.41 -49.78
C PHE D 14 -4.18 49.87 -49.32
N GLN D 15 -4.26 48.58 -49.08
CA GLN D 15 -5.50 47.95 -48.64
C GLN D 15 -6.34 48.77 -47.65
N VAL D 16 -5.71 49.52 -46.76
CA VAL D 16 -6.47 50.33 -45.81
C VAL D 16 -7.16 51.41 -46.59
N GLU D 17 -6.36 52.25 -47.24
CA GLU D 17 -6.90 53.35 -48.01
C GLU D 17 -7.97 52.84 -48.93
N TYR D 18 -7.64 51.83 -49.72
CA TYR D 18 -8.61 51.26 -50.65
C TYR D 18 -9.89 50.91 -49.91
N SER D 19 -9.73 50.30 -48.75
CA SER D 19 -10.86 49.92 -47.94
C SER D 19 -11.70 51.15 -47.63
N LEU D 20 -11.05 52.22 -47.21
CA LEU D 20 -11.74 53.45 -46.91
C LEU D 20 -12.69 53.82 -48.03
N GLU D 21 -12.27 53.58 -49.28
CA GLU D 21 -13.12 53.91 -50.41
C GLU D 21 -14.40 53.09 -50.42
N ALA D 22 -14.28 51.79 -50.28
CA ALA D 22 -15.45 50.91 -50.28
C ALA D 22 -16.50 51.38 -49.29
N ILE D 23 -16.03 52.00 -48.22
CA ILE D 23 -16.91 52.55 -47.21
C ILE D 23 -17.72 53.70 -47.75
N LYS D 24 -17.07 54.59 -48.50
CA LYS D 24 -17.77 55.72 -49.07
C LYS D 24 -18.99 55.29 -49.90
N LEU D 25 -19.06 54.03 -50.31
CA LEU D 25 -20.19 53.55 -51.09
C LEU D 25 -21.33 53.11 -50.21
N GLY D 26 -21.06 52.95 -48.94
CA GLY D 26 -22.06 52.48 -48.01
C GLY D 26 -23.11 53.42 -47.51
N SER D 27 -24.16 52.85 -46.94
CA SER D 27 -25.26 53.61 -46.39
C SER D 27 -24.74 54.57 -45.36
N THR D 28 -25.34 55.75 -45.29
CA THR D 28 -24.91 56.75 -44.35
C THR D 28 -25.28 56.36 -42.93
N ALA D 29 -24.48 56.84 -41.99
CA ALA D 29 -24.69 56.59 -40.59
C ALA D 29 -24.31 57.86 -39.86
N ILE D 30 -25.10 58.20 -38.85
CA ILE D 30 -24.86 59.41 -38.12
C ILE D 30 -25.03 59.25 -36.62
N GLY D 31 -24.17 59.93 -35.87
CA GLY D 31 -24.23 59.86 -34.42
C GLY D 31 -23.74 61.14 -33.80
N ILE D 32 -24.42 61.60 -32.75
CA ILE D 32 -24.12 62.86 -32.03
C ILE D 32 -24.05 62.66 -30.50
N ALA D 33 -23.06 63.28 -29.85
CA ALA D 33 -22.85 63.14 -28.42
C ALA D 33 -23.23 64.35 -27.59
N THR D 34 -24.22 64.19 -26.72
CA THR D 34 -24.68 65.29 -25.90
C THR D 34 -24.35 65.11 -24.41
N LYS D 35 -25.13 65.77 -23.56
CA LYS D 35 -24.97 65.68 -22.11
C LYS D 35 -26.28 65.12 -21.57
N GLU D 36 -27.02 64.46 -22.45
CA GLU D 36 -28.28 63.81 -22.11
C GLU D 36 -28.39 62.52 -22.89
N GLY D 37 -27.37 62.19 -23.65
CA GLY D 37 -27.39 60.97 -24.43
C GLY D 37 -26.57 61.03 -25.70
N VAL D 38 -26.58 59.94 -26.43
CA VAL D 38 -25.88 59.88 -27.68
C VAL D 38 -26.86 59.19 -28.60
N VAL D 39 -26.95 59.69 -29.83
CA VAL D 39 -27.89 59.17 -30.81
C VAL D 39 -27.21 58.58 -32.03
N LEU D 40 -27.85 57.56 -32.60
CA LEU D 40 -27.34 56.86 -33.76
C LEU D 40 -28.48 56.67 -34.75
N GLY D 41 -28.22 56.97 -36.02
CA GLY D 41 -29.25 56.81 -37.02
C GLY D 41 -28.57 56.27 -38.23
N VAL D 42 -29.31 55.54 -39.05
CA VAL D 42 -28.75 54.96 -40.25
C VAL D 42 -29.78 54.87 -41.38
N GLU D 43 -29.30 54.86 -42.62
CA GLU D 43 -30.14 54.73 -43.81
C GLU D 43 -30.22 53.24 -44.07
N LYS D 44 -31.42 52.70 -44.26
CA LYS D 44 -31.53 51.28 -44.53
C LYS D 44 -31.05 50.97 -45.95
N ARG D 45 -31.56 51.72 -46.92
CA ARG D 45 -31.20 51.56 -48.33
C ARG D 45 -31.52 50.18 -48.86
N ALA D 46 -32.80 49.86 -48.88
CA ALA D 46 -33.23 48.58 -49.40
C ALA D 46 -32.93 48.59 -50.90
N THR D 47 -32.33 47.52 -51.42
CA THR D 47 -31.99 47.44 -52.84
C THR D 47 -33.21 47.15 -53.70
N SER D 48 -34.36 47.12 -53.07
CA SER D 48 -35.62 46.85 -53.74
C SER D 48 -36.73 47.07 -52.72
N PRO D 49 -37.99 47.08 -53.17
CA PRO D 49 -39.14 47.27 -52.27
C PRO D 49 -39.77 46.01 -51.73
N LEU D 50 -39.16 44.87 -51.99
CA LEU D 50 -39.66 43.60 -51.48
C LEU D 50 -38.98 43.19 -50.18
N LEU D 51 -37.78 43.70 -50.00
CA LEU D 51 -36.99 43.46 -48.82
C LEU D 51 -37.79 43.95 -47.60
N GLU D 52 -37.57 43.32 -46.45
CA GLU D 52 -38.28 43.72 -45.23
C GLU D 52 -37.39 44.58 -44.36
N SER D 53 -37.59 45.89 -44.49
CA SER D 53 -36.85 46.89 -43.75
C SER D 53 -36.47 46.58 -42.30
N ASP D 54 -37.40 46.07 -41.50
CA ASP D 54 -37.06 45.79 -40.11
C ASP D 54 -36.01 44.72 -39.89
N SER D 55 -35.71 43.97 -40.95
CA SER D 55 -34.70 42.94 -40.85
C SER D 55 -33.32 43.47 -41.26
N ILE D 56 -33.15 44.79 -41.23
CA ILE D 56 -31.88 45.39 -41.58
C ILE D 56 -31.22 45.84 -40.30
N GLU D 57 -30.18 45.12 -39.88
CA GLU D 57 -29.46 45.41 -38.66
C GLU D 57 -28.23 46.26 -38.89
N LYS D 58 -28.38 47.55 -38.81
CA LYS D 58 -27.22 48.38 -39.01
C LYS D 58 -26.85 49.10 -37.73
N ILE D 59 -27.62 48.82 -36.68
CA ILE D 59 -27.39 49.38 -35.35
C ILE D 59 -27.49 48.19 -34.43
N VAL D 60 -26.52 48.03 -33.53
CA VAL D 60 -26.54 46.88 -32.63
C VAL D 60 -26.12 47.21 -31.22
N GLU D 61 -26.67 46.48 -30.27
CA GLU D 61 -26.32 46.66 -28.88
C GLU D 61 -25.04 45.92 -28.63
N ILE D 62 -24.13 46.57 -27.95
CA ILE D 62 -22.91 45.92 -27.59
C ILE D 62 -23.05 45.59 -26.13
N ASP D 63 -23.86 46.37 -25.40
CA ASP D 63 -24.13 46.11 -23.99
C ASP D 63 -25.17 47.11 -23.55
N ARG D 64 -25.76 46.89 -22.39
CA ARG D 64 -26.77 47.79 -21.91
C ARG D 64 -26.26 49.20 -21.97
N HIS D 65 -24.96 49.39 -21.86
CA HIS D 65 -24.45 50.75 -21.87
C HIS D 65 -23.65 51.11 -23.12
N ILE D 66 -23.77 50.30 -24.16
CA ILE D 66 -23.03 50.55 -25.40
C ILE D 66 -23.76 49.96 -26.60
N GLY D 67 -23.87 50.76 -27.65
CA GLY D 67 -24.52 50.30 -28.86
C GLY D 67 -23.65 50.87 -29.94
N CYS D 68 -23.73 50.34 -31.15
CA CYS D 68 -22.89 50.86 -32.21
C CYS D 68 -23.59 50.80 -33.57
N ALA D 69 -23.00 51.48 -34.54
CA ALA D 69 -23.53 51.56 -35.89
C ALA D 69 -22.47 51.29 -36.94
N MET D 70 -22.91 50.66 -38.01
CA MET D 70 -22.01 50.27 -39.07
C MET D 70 -22.30 50.88 -40.42
N SER D 71 -21.24 51.04 -41.21
CA SER D 71 -21.39 51.60 -42.53
C SER D 71 -20.37 51.00 -43.48
N GLY D 72 -20.83 50.44 -44.59
CA GLY D 72 -19.93 49.84 -45.55
C GLY D 72 -20.35 48.42 -45.85
N LEU D 73 -19.37 47.53 -45.96
CA LEU D 73 -19.62 46.12 -46.19
C LEU D 73 -20.05 45.59 -44.83
N THR D 74 -21.35 45.63 -44.57
CA THR D 74 -21.85 45.21 -43.28
C THR D 74 -21.56 43.78 -42.82
N ALA D 75 -21.53 42.80 -43.71
CA ALA D 75 -21.27 41.44 -43.25
C ALA D 75 -19.99 41.38 -42.41
N ASP D 76 -18.98 42.14 -42.82
CA ASP D 76 -17.70 42.17 -42.14
C ASP D 76 -17.77 42.43 -40.65
N ALA D 77 -18.75 43.22 -40.24
CA ALA D 77 -18.85 43.54 -38.85
C ALA D 77 -19.31 42.42 -37.95
N ARG D 78 -19.94 41.38 -38.47
CA ARG D 78 -20.42 40.35 -37.56
C ARG D 78 -19.38 39.89 -36.55
N SER D 79 -18.20 39.51 -37.03
CA SER D 79 -17.17 39.04 -36.14
C SER D 79 -16.81 40.14 -35.17
N MET D 80 -16.79 41.37 -35.65
CA MET D 80 -16.47 42.53 -34.82
C MET D 80 -17.48 42.73 -33.71
N ILE D 81 -18.74 42.47 -34.01
CA ILE D 81 -19.75 42.61 -33.01
C ILE D 81 -19.46 41.56 -31.96
N GLU D 82 -19.20 40.34 -32.41
CA GLU D 82 -18.88 39.23 -31.55
C GLU D 82 -17.77 39.59 -30.59
N HIS D 83 -16.65 40.01 -31.13
CA HIS D 83 -15.54 40.38 -30.28
C HIS D 83 -15.90 41.59 -29.46
N ALA D 84 -16.80 42.42 -29.97
CA ALA D 84 -17.17 43.60 -29.23
C ALA D 84 -17.83 43.17 -27.96
N ARG D 85 -18.90 42.40 -28.11
CA ARG D 85 -19.68 41.89 -27.00
C ARG D 85 -18.86 41.00 -26.06
N THR D 86 -18.21 39.99 -26.59
CA THR D 86 -17.41 39.11 -25.77
C THR D 86 -16.43 39.86 -24.88
N ALA D 87 -15.86 40.95 -25.36
CA ALA D 87 -14.92 41.71 -24.54
C ALA D 87 -15.58 42.43 -23.40
N ALA D 88 -16.81 42.83 -23.62
CA ALA D 88 -17.53 43.54 -22.59
C ALA D 88 -17.90 42.57 -21.51
N VAL D 89 -18.68 41.56 -21.85
CA VAL D 89 -19.10 40.59 -20.88
C VAL D 89 -17.90 40.08 -20.16
N THR D 90 -16.91 39.64 -20.91
CA THR D 90 -15.71 39.15 -20.31
C THR D 90 -15.21 40.18 -19.30
N HIS D 91 -15.15 41.43 -19.69
CA HIS D 91 -14.67 42.43 -18.75
C HIS D 91 -15.52 42.55 -17.52
N ASN D 92 -16.82 42.34 -17.65
CA ASN D 92 -17.71 42.46 -16.52
C ASN D 92 -17.49 41.27 -15.60
N LEU D 93 -17.13 40.14 -16.19
CA LEU D 93 -16.87 38.96 -15.39
C LEU D 93 -15.60 39.16 -14.60
N TYR D 94 -14.48 39.33 -15.29
CA TYR D 94 -13.21 39.49 -14.59
C TYR D 94 -13.19 40.64 -13.59
N TYR D 95 -14.07 41.64 -13.72
CA TYR D 95 -14.03 42.77 -12.78
C TYR D 95 -15.30 43.35 -12.12
N ASP D 96 -16.48 42.79 -12.36
CA ASP D 96 -17.71 43.28 -11.73
C ASP D 96 -17.99 44.77 -11.91
N GLU D 97 -17.97 45.21 -13.16
CA GLU D 97 -18.25 46.60 -13.51
C GLU D 97 -18.49 46.67 -15.01
N ASP D 98 -18.93 47.83 -15.46
CA ASP D 98 -19.19 48.10 -16.86
C ASP D 98 -17.83 48.49 -17.49
N ILE D 99 -17.56 48.04 -18.71
CA ILE D 99 -16.31 48.36 -19.39
C ILE D 99 -16.33 49.78 -19.89
N ASN D 100 -15.22 50.50 -19.69
CA ASN D 100 -15.10 51.87 -20.15
C ASN D 100 -15.34 51.86 -21.64
N VAL D 101 -15.89 52.93 -22.18
CA VAL D 101 -16.17 53.00 -23.61
C VAL D 101 -14.90 53.04 -24.46
N GLU D 102 -13.91 53.82 -24.03
CA GLU D 102 -12.69 53.88 -24.80
C GLU D 102 -12.22 52.45 -24.91
N SER D 103 -12.09 51.80 -23.76
CA SER D 103 -11.63 50.44 -23.66
C SER D 103 -12.30 49.49 -24.61
N LEU D 104 -13.62 49.47 -24.59
CA LEU D 104 -14.32 48.61 -25.50
C LEU D 104 -13.83 48.94 -26.87
N THR D 105 -13.76 50.23 -27.16
CA THR D 105 -13.32 50.66 -28.47
C THR D 105 -11.92 50.17 -28.80
N GLN D 106 -10.95 50.66 -28.04
CA GLN D 106 -9.56 50.30 -28.18
C GLN D 106 -9.41 48.81 -28.49
N SER D 107 -10.15 47.99 -27.77
CA SER D 107 -10.11 46.55 -27.95
C SER D 107 -10.44 46.16 -29.36
N VAL D 108 -11.55 46.69 -29.87
CA VAL D 108 -12.01 46.39 -31.23
C VAL D 108 -10.97 46.76 -32.27
N CYS D 109 -10.46 47.98 -32.18
CA CYS D 109 -9.43 48.43 -33.11
C CYS D 109 -8.21 47.54 -33.06
N ASP D 110 -7.89 47.00 -31.90
CA ASP D 110 -6.73 46.12 -31.78
C ASP D 110 -6.89 45.00 -32.77
N LEU D 111 -8.13 44.57 -32.95
CA LEU D 111 -8.44 43.49 -33.85
C LEU D 111 -8.18 43.91 -35.27
N ALA D 112 -8.49 45.16 -35.58
CA ALA D 112 -8.32 45.71 -36.92
C ALA D 112 -7.09 45.31 -37.73
N LEU D 113 -5.95 45.96 -37.53
CA LEU D 113 -4.77 45.64 -38.32
C LEU D 113 -4.21 44.21 -38.25
N ARG D 114 -4.94 43.27 -37.66
CA ARG D 114 -4.44 41.90 -37.60
C ARG D 114 -4.66 41.20 -38.93
N PHE D 115 -4.20 41.76 -40.04
CA PHE D 115 -4.39 41.15 -41.34
C PHE D 115 -3.08 40.95 -42.10
N GLY D 116 -3.02 39.93 -42.93
CA GLY D 116 -1.79 39.67 -43.69
C GLY D 116 -1.52 38.30 -44.30
N GLU D 117 -0.23 38.03 -44.58
CA GLU D 117 0.22 36.75 -45.16
C GLU D 117 1.48 36.19 -44.48
N GLY D 118 1.54 36.25 -43.15
CA GLY D 118 2.70 35.79 -42.40
C GLY D 118 3.62 36.91 -41.88
N ALA D 119 3.03 38.02 -41.47
CA ALA D 119 3.74 39.21 -40.96
C ALA D 119 4.46 39.01 -39.61
N SER D 120 5.79 38.83 -39.66
CA SER D 120 6.59 38.62 -38.46
C SER D 120 6.47 39.71 -37.38
N GLY D 121 5.85 39.35 -36.27
CA GLY D 121 5.66 40.27 -35.15
C GLY D 121 4.90 39.50 -34.08
N GLU D 122 3.82 38.86 -34.51
CA GLU D 122 2.92 38.01 -33.70
C GLU D 122 2.07 37.24 -34.73
N GLU D 123 1.02 36.53 -34.30
CA GLU D 123 0.18 35.79 -35.27
C GLU D 123 -1.12 36.52 -35.61
N ARG D 124 -1.20 37.04 -36.83
CA ARG D 124 -2.37 37.77 -37.33
C ARG D 124 -2.83 37.18 -38.68
N LEU D 125 -3.89 36.36 -38.62
CA LEU D 125 -4.45 35.69 -39.79
C LEU D 125 -5.84 36.17 -40.20
N MET D 126 -5.88 37.08 -41.16
CA MET D 126 -7.11 37.64 -41.70
C MET D 126 -6.64 38.18 -43.02
N SER D 127 -7.20 37.70 -44.12
CA SER D 127 -6.72 38.08 -45.44
C SER D 127 -6.93 39.47 -45.94
N ARG D 128 -7.68 40.29 -45.23
CA ARG D 128 -7.90 41.66 -45.72
C ARG D 128 -8.51 42.48 -44.61
N PRO D 129 -8.27 43.80 -44.62
CA PRO D 129 -8.86 44.62 -43.56
C PRO D 129 -10.37 44.53 -43.66
N PHE D 130 -11.05 45.13 -42.69
CA PHE D 130 -12.49 45.12 -42.67
C PHE D 130 -13.00 46.17 -43.62
N GLY D 131 -14.05 45.85 -44.36
CA GLY D 131 -14.62 46.83 -45.26
C GLY D 131 -15.80 47.52 -44.61
N VAL D 132 -15.58 48.07 -43.42
CA VAL D 132 -16.62 48.74 -42.67
C VAL D 132 -16.04 49.59 -41.56
N ALA D 133 -16.79 50.60 -41.14
CA ALA D 133 -16.38 51.48 -40.07
C ALA D 133 -17.56 51.49 -39.16
N LEU D 134 -17.28 51.69 -37.89
CA LEU D 134 -18.32 51.66 -36.92
C LEU D 134 -18.28 52.92 -36.17
N LEU D 135 -19.45 53.29 -35.70
CA LEU D 135 -19.60 54.45 -34.87
C LEU D 135 -19.94 53.73 -33.61
N ILE D 136 -19.26 54.07 -32.53
CA ILE D 136 -19.53 53.42 -31.28
C ILE D 136 -19.86 54.50 -30.31
N ALA D 137 -20.89 54.29 -29.50
CA ALA D 137 -21.24 55.30 -28.53
C ALA D 137 -21.82 54.67 -27.30
N GLY D 138 -21.56 55.30 -26.16
CA GLY D 138 -22.04 54.81 -24.90
C GLY D 138 -21.74 55.75 -23.75
N HIS D 139 -21.76 55.22 -22.54
CA HIS D 139 -21.53 56.03 -21.34
C HIS D 139 -20.83 55.28 -20.22
N ASP D 140 -20.12 56.03 -19.39
CA ASP D 140 -19.45 55.45 -18.24
C ASP D 140 -19.13 56.52 -17.20
N ALA D 141 -18.94 56.12 -15.96
CA ALA D 141 -18.69 57.04 -14.85
C ALA D 141 -17.57 58.07 -14.98
N ASP D 142 -16.47 57.73 -15.64
CA ASP D 142 -15.34 58.66 -15.72
C ASP D 142 -15.32 59.75 -16.78
N ASP D 143 -15.72 59.39 -18.00
CA ASP D 143 -15.76 60.32 -19.12
C ASP D 143 -17.17 60.49 -19.71
N GLY D 144 -18.17 60.23 -18.89
CA GLY D 144 -19.54 60.38 -19.33
C GLY D 144 -19.84 59.90 -20.72
N TYR D 145 -20.75 60.60 -21.35
CA TYR D 145 -21.21 60.27 -22.67
C TYR D 145 -20.14 60.43 -23.71
N GLN D 146 -19.93 59.37 -24.50
CA GLN D 146 -18.91 59.39 -25.53
C GLN D 146 -19.31 58.76 -26.85
N LEU D 147 -18.62 59.22 -27.89
CA LEU D 147 -18.83 58.78 -29.25
C LEU D 147 -17.49 58.62 -29.91
N PHE D 148 -17.28 57.46 -30.55
CA PHE D 148 -16.03 57.15 -31.21
C PHE D 148 -16.26 56.64 -32.62
N HIS D 149 -15.31 56.86 -33.51
CA HIS D 149 -15.40 56.41 -34.90
C HIS D 149 -14.31 55.36 -35.07
N ALA D 150 -14.67 54.20 -35.58
CA ALA D 150 -13.71 53.13 -35.78
C ALA D 150 -13.43 52.77 -37.25
N GLU D 151 -12.23 53.11 -37.73
CA GLU D 151 -11.78 52.86 -39.10
C GLU D 151 -10.87 51.65 -39.15
N PRO D 152 -10.87 50.92 -40.28
CA PRO D 152 -10.05 49.72 -40.48
C PRO D 152 -8.58 49.99 -40.31
N SER D 153 -8.18 51.25 -40.34
CA SER D 153 -6.79 51.59 -40.15
C SER D 153 -6.35 51.15 -38.76
N GLY D 154 -7.31 51.03 -37.86
CA GLY D 154 -7.00 50.64 -36.52
C GLY D 154 -7.07 51.87 -35.64
N THR D 155 -6.97 53.05 -36.23
CA THR D 155 -7.06 54.26 -35.46
C THR D 155 -8.53 54.51 -35.17
N PHE D 156 -8.80 55.26 -34.11
CA PHE D 156 -10.14 55.60 -33.72
C PHE D 156 -10.09 56.97 -33.07
N TYR D 157 -11.14 57.74 -33.31
CA TYR D 157 -11.19 59.09 -32.80
C TYR D 157 -12.45 59.33 -32.02
N ARG D 158 -12.42 60.29 -31.10
CA ARG D 158 -13.61 60.64 -30.35
C ARG D 158 -14.08 61.88 -31.10
N TYR D 159 -15.37 61.99 -31.35
CA TYR D 159 -15.95 63.12 -32.06
C TYR D 159 -17.17 63.60 -31.25
N ASN D 160 -17.54 64.87 -31.39
CA ASN D 160 -18.73 65.36 -30.70
C ASN D 160 -19.95 65.04 -31.59
N ALA D 161 -19.69 64.60 -32.82
CA ALA D 161 -20.74 64.22 -33.78
C ALA D 161 -20.02 63.71 -35.01
N LYS D 162 -20.60 62.76 -35.74
CA LYS D 162 -19.92 62.28 -36.93
C LYS D 162 -20.79 61.56 -37.90
N ALA D 163 -20.41 61.67 -39.17
CA ALA D 163 -21.12 61.07 -40.27
C ALA D 163 -20.15 60.25 -41.07
N ILE D 164 -20.64 59.11 -41.56
CA ILE D 164 -19.85 58.18 -42.35
C ILE D 164 -20.74 57.47 -43.35
N GLY D 165 -20.20 57.16 -44.51
CA GLY D 165 -20.97 56.52 -45.58
C GLY D 165 -21.10 57.47 -46.76
N SER D 166 -21.89 57.07 -47.75
CA SER D 166 -22.09 57.85 -48.96
C SER D 166 -22.16 59.35 -48.74
N GLY D 167 -23.17 59.81 -48.03
CA GLY D 167 -23.31 61.22 -47.85
C GLY D 167 -22.44 61.88 -46.83
N SER D 168 -21.32 61.30 -46.47
CA SER D 168 -20.49 61.90 -45.43
C SER D 168 -19.95 63.31 -45.67
N GLU D 169 -19.04 63.49 -46.64
CA GLU D 169 -18.43 64.82 -46.93
C GLU D 169 -19.42 65.98 -46.78
N GLY D 170 -20.61 65.79 -47.35
CA GLY D 170 -21.64 66.80 -47.27
C GLY D 170 -22.06 66.88 -45.82
N ALA D 171 -22.71 65.82 -45.37
CA ALA D 171 -23.23 65.72 -44.01
C ALA D 171 -22.29 66.29 -42.96
N GLN D 172 -21.03 65.93 -43.04
CA GLN D 172 -20.06 66.42 -42.08
C GLN D 172 -20.10 67.94 -42.02
N ALA D 173 -20.04 68.57 -43.18
CA ALA D 173 -20.05 70.02 -43.26
C ALA D 173 -21.28 70.61 -42.51
N GLU D 174 -22.46 70.05 -42.75
CA GLU D 174 -23.65 70.57 -42.09
C GLU D 174 -23.51 70.43 -40.56
N LEU D 175 -23.03 69.29 -40.09
CA LEU D 175 -22.84 69.07 -38.66
C LEU D 175 -21.96 70.13 -38.08
N LEU D 176 -20.83 70.38 -38.72
CA LEU D 176 -19.90 71.40 -38.28
C LEU D 176 -20.64 72.68 -37.92
N ASN D 177 -21.61 73.05 -38.76
CA ASN D 177 -22.37 74.27 -38.54
C ASN D 177 -23.47 74.20 -37.47
N GLU D 178 -24.11 73.04 -37.32
CA GLU D 178 -25.22 72.90 -36.35
C GLU D 178 -24.92 72.41 -34.93
N TRP D 179 -23.73 71.89 -34.63
CA TRP D 179 -23.41 71.38 -33.28
C TRP D 179 -23.04 72.40 -32.24
N HIS D 180 -23.47 72.14 -31.01
CA HIS D 180 -23.14 73.00 -29.88
C HIS D 180 -23.18 72.23 -28.56
N SER D 181 -22.26 72.58 -27.67
CA SER D 181 -22.14 71.94 -26.38
C SER D 181 -23.29 72.29 -25.44
N SER D 182 -24.53 72.08 -25.87
CA SER D 182 -25.67 72.39 -25.03
C SER D 182 -26.94 71.88 -25.66
N LEU D 183 -26.80 70.96 -26.59
CA LEU D 183 -27.96 70.42 -27.30
C LEU D 183 -28.77 69.50 -26.41
N THR D 184 -30.01 69.25 -26.80
CA THR D 184 -30.88 68.37 -26.04
C THR D 184 -31.12 67.10 -26.86
N LEU D 185 -31.50 66.02 -26.19
CA LEU D 185 -31.75 64.76 -26.88
C LEU D 185 -32.67 64.96 -28.07
N LYS D 186 -33.92 65.33 -27.82
CA LYS D 186 -34.88 65.53 -28.91
C LYS D 186 -34.30 66.39 -30.03
N GLU D 187 -33.50 67.38 -29.69
CA GLU D 187 -32.90 68.22 -30.71
C GLU D 187 -31.99 67.39 -31.61
N ALA D 188 -31.08 66.64 -30.99
CA ALA D 188 -30.14 65.80 -31.74
C ALA D 188 -30.85 64.82 -32.63
N GLU D 189 -31.84 64.13 -32.07
CA GLU D 189 -32.64 63.17 -32.81
C GLU D 189 -33.10 63.86 -34.08
N LEU D 190 -33.59 65.08 -33.92
CA LEU D 190 -34.04 65.88 -35.04
C LEU D 190 -32.93 66.03 -36.07
N LEU D 191 -31.83 66.68 -35.68
CA LEU D 191 -30.72 66.88 -36.61
C LEU D 191 -30.34 65.62 -37.35
N VAL D 192 -30.17 64.54 -36.61
CA VAL D 192 -29.82 63.28 -37.23
C VAL D 192 -30.80 62.98 -38.33
N LEU D 193 -32.06 63.15 -38.03
CA LEU D 193 -33.08 62.91 -39.01
C LEU D 193 -33.03 63.89 -40.20
N LYS D 194 -32.80 65.16 -39.91
CA LYS D 194 -32.74 66.18 -40.93
C LYS D 194 -31.66 65.82 -41.93
N ILE D 195 -30.44 65.70 -41.43
CA ILE D 195 -29.31 65.39 -42.29
C ILE D 195 -29.51 64.15 -43.16
N LEU D 196 -30.01 63.08 -42.57
CA LEU D 196 -30.23 61.89 -43.37
C LEU D 196 -31.10 62.23 -44.57
N LYS D 197 -32.15 63.02 -44.32
CA LYS D 197 -33.08 63.47 -45.37
C LYS D 197 -32.32 64.14 -46.50
N GLN D 198 -31.41 65.04 -46.14
CA GLN D 198 -30.61 65.77 -47.10
C GLN D 198 -29.73 64.89 -47.98
N VAL D 199 -29.14 63.84 -47.42
CA VAL D 199 -28.23 63.01 -48.19
C VAL D 199 -28.81 61.75 -48.79
N MET D 200 -30.05 61.45 -48.46
CA MET D 200 -30.67 60.24 -48.98
C MET D 200 -31.27 60.31 -50.37
N GLU D 201 -30.94 59.33 -51.20
CA GLU D 201 -31.49 59.29 -52.55
C GLU D 201 -32.98 59.07 -52.42
N GLU D 202 -33.40 58.06 -51.66
CA GLU D 202 -34.84 57.84 -51.50
C GLU D 202 -35.40 58.86 -50.50
N LYS D 203 -36.71 59.07 -50.54
CA LYS D 203 -37.36 60.01 -49.61
C LYS D 203 -37.51 59.32 -48.27
N LEU D 204 -36.87 59.88 -47.28
CA LEU D 204 -36.90 59.33 -45.93
C LEU D 204 -38.30 59.13 -45.40
N ASP D 205 -38.56 57.94 -44.88
CA ASP D 205 -39.86 57.65 -44.29
C ASP D 205 -39.52 56.81 -43.06
N GLU D 206 -40.51 56.32 -42.33
CA GLU D 206 -40.17 55.55 -41.16
C GLU D 206 -39.80 54.09 -41.43
N ASN D 207 -39.68 53.70 -42.70
CA ASN D 207 -39.32 52.32 -43.02
C ASN D 207 -38.03 52.22 -43.79
N ASN D 208 -37.28 53.29 -43.89
CA ASN D 208 -36.03 53.21 -44.62
C ASN D 208 -34.93 53.91 -43.85
N ALA D 209 -35.20 54.16 -42.57
CA ALA D 209 -34.24 54.78 -41.67
C ALA D 209 -34.50 54.23 -40.26
N GLN D 210 -33.46 54.22 -39.44
CA GLN D 210 -33.57 53.74 -38.07
C GLN D 210 -32.70 54.57 -37.16
N LEU D 211 -33.24 54.85 -35.99
CA LEU D 211 -32.62 55.67 -34.97
C LEU D 211 -32.37 54.88 -33.68
N SER D 212 -31.58 55.45 -32.78
CA SER D 212 -31.28 54.81 -31.52
C SER D 212 -30.49 55.74 -30.63
N CYS D 213 -30.50 55.47 -29.33
CA CYS D 213 -29.76 56.30 -28.37
C CYS D 213 -29.42 55.46 -27.17
N ILE D 214 -28.51 55.97 -26.34
CA ILE D 214 -28.13 55.28 -25.12
C ILE D 214 -28.18 56.30 -24.00
N THR D 215 -28.84 55.95 -22.91
CA THR D 215 -28.99 56.86 -21.77
C THR D 215 -28.66 56.22 -20.41
N LYS D 216 -27.90 56.93 -19.58
CA LYS D 216 -27.52 56.44 -18.26
C LYS D 216 -28.72 55.71 -17.65
N GLN D 217 -29.86 56.35 -17.64
CA GLN D 217 -31.05 55.75 -17.07
C GLN D 217 -31.57 54.46 -17.70
N ASP D 218 -31.83 54.45 -19.00
CA ASP D 218 -32.39 53.24 -19.58
C ASP D 218 -31.53 52.45 -20.55
N GLY D 219 -30.25 52.80 -20.59
CA GLY D 219 -29.32 52.12 -21.45
C GLY D 219 -29.54 52.30 -22.94
N PHE D 220 -28.94 51.41 -23.74
CA PHE D 220 -29.06 51.44 -25.18
C PHE D 220 -30.38 50.88 -25.64
N LYS D 221 -31.19 51.73 -26.24
CA LYS D 221 -32.50 51.35 -26.76
C LYS D 221 -32.59 51.70 -28.24
N ILE D 222 -33.09 50.77 -29.04
CA ILE D 222 -33.28 50.98 -30.46
C ILE D 222 -34.73 51.38 -30.54
N TYR D 223 -35.03 52.42 -31.32
CA TYR D 223 -36.39 52.95 -31.44
C TYR D 223 -37.37 52.17 -32.33
N ASP D 224 -38.49 51.76 -31.73
CA ASP D 224 -39.50 51.04 -32.47
C ASP D 224 -40.02 51.98 -33.52
N ASN D 225 -40.27 51.47 -34.72
CA ASN D 225 -40.79 52.29 -35.84
C ASN D 225 -41.81 53.36 -35.42
N GLU D 226 -42.89 52.94 -34.75
CA GLU D 226 -43.93 53.84 -34.29
C GLU D 226 -43.32 55.07 -33.66
N LYS D 227 -42.37 54.89 -32.77
CA LYS D 227 -41.74 56.04 -32.12
C LYS D 227 -41.08 56.97 -33.15
N THR D 228 -40.34 56.40 -34.09
CA THR D 228 -39.65 57.20 -35.12
C THR D 228 -40.63 57.99 -35.98
N ALA D 229 -41.66 57.32 -36.50
CA ALA D 229 -42.65 57.98 -37.33
C ALA D 229 -43.08 59.28 -36.66
N GLU D 230 -43.35 59.21 -35.36
CA GLU D 230 -43.75 60.39 -34.60
C GLU D 230 -42.73 61.52 -34.76
N LEU D 231 -41.46 61.20 -34.90
CA LEU D 231 -40.45 62.23 -35.05
C LEU D 231 -40.40 62.80 -36.46
N ILE D 232 -40.53 61.91 -37.45
CA ILE D 232 -40.50 62.31 -38.85
C ILE D 232 -41.53 63.40 -39.05
N LYS D 233 -42.75 63.15 -38.57
CA LYS D 233 -43.82 64.12 -38.66
C LYS D 233 -43.40 65.44 -38.03
N GLU D 234 -42.81 65.38 -36.85
CA GLU D 234 -42.35 66.58 -36.17
C GLU D 234 -41.32 67.40 -36.97
N LEU D 235 -40.64 66.78 -37.92
CA LEU D 235 -39.67 67.50 -38.71
C LEU D 235 -40.27 68.31 -39.88
N LYS D 236 -41.11 67.66 -40.69
CA LYS D 236 -41.76 68.31 -41.83
C LYS D 236 -42.23 69.66 -41.37
N GLU D 237 -42.83 69.65 -40.19
CA GLU D 237 -43.34 70.85 -39.57
C GLU D 237 -42.23 71.82 -39.15
N LYS D 238 -41.20 71.32 -38.51
CA LYS D 238 -40.13 72.22 -38.11
C LYS D 238 -39.33 72.85 -39.25
N GLU D 239 -39.30 72.22 -40.41
CA GLU D 239 -38.56 72.80 -41.52
C GLU D 239 -39.45 73.83 -42.21
N ALA D 240 -40.73 73.49 -42.30
CA ALA D 240 -41.71 74.37 -42.91
C ALA D 240 -42.07 75.55 -42.02
N ALA D 241 -41.08 76.39 -41.72
CA ALA D 241 -41.32 77.57 -40.89
C ALA D 241 -40.53 78.75 -41.45
N GLU D 242 -39.21 78.65 -41.34
CA GLU D 242 -38.27 79.67 -41.83
C GLU D 242 -36.87 79.10 -41.62
N PHE E 1 11.80 50.04 -62.99
CA PHE E 1 12.65 50.50 -61.86
C PHE E 1 11.93 50.25 -60.51
N ARG E 2 11.38 51.28 -59.88
CA ARG E 2 10.72 51.11 -58.59
C ARG E 2 9.68 50.02 -58.43
N ASN E 3 8.64 49.95 -59.25
CA ASN E 3 7.67 48.87 -59.04
C ASN E 3 8.29 47.49 -59.32
N ASN E 4 9.61 47.48 -59.49
CA ASN E 4 10.35 46.26 -59.70
C ASN E 4 11.24 46.07 -58.49
N TYR E 5 11.41 47.12 -57.70
CA TYR E 5 12.23 47.03 -56.48
C TYR E 5 11.57 47.51 -55.17
N ASP E 6 10.35 48.03 -55.21
CA ASP E 6 9.73 48.49 -53.98
C ASP E 6 8.54 47.62 -53.58
N GLY E 7 8.50 46.40 -54.09
CA GLY E 7 7.37 45.53 -53.78
C GLY E 7 7.34 44.98 -52.36
N ASP E 8 8.50 44.67 -51.80
CA ASP E 8 8.58 44.08 -50.46
C ASP E 8 9.87 44.52 -49.77
N THR E 9 9.91 44.39 -48.44
CA THR E 9 11.07 44.78 -47.66
C THR E 9 12.22 43.81 -47.72
N VAL E 10 12.01 42.74 -48.44
CA VAL E 10 13.01 41.71 -48.60
C VAL E 10 13.73 41.86 -49.96
N THR E 11 13.49 42.96 -50.67
CA THR E 11 14.13 43.16 -51.95
C THR E 11 15.00 44.40 -51.85
N PHE E 12 16.27 44.26 -52.18
CA PHE E 12 17.19 45.39 -52.10
C PHE E 12 17.17 46.09 -53.43
N SER E 13 17.41 47.39 -53.47
CA SER E 13 17.43 48.07 -54.75
C SER E 13 18.81 47.82 -55.31
N PRO E 14 19.08 48.29 -56.54
CA PRO E 14 20.45 48.03 -57.04
C PRO E 14 21.46 49.02 -56.48
N THR E 15 20.98 50.11 -55.90
CA THR E 15 21.86 51.10 -55.30
C THR E 15 22.14 50.64 -53.88
N GLY E 16 21.25 49.77 -53.39
CA GLY E 16 21.37 49.22 -52.06
C GLY E 16 20.44 49.83 -51.04
N ARG E 17 19.32 50.39 -51.49
CA ARG E 17 18.36 51.00 -50.57
C ARG E 17 17.33 49.98 -50.20
N LEU E 18 16.42 50.36 -49.32
CA LEU E 18 15.37 49.48 -48.89
C LEU E 18 14.13 50.30 -48.99
N PHE E 19 13.50 50.26 -50.16
CA PHE E 19 12.33 51.08 -50.41
C PHE E 19 11.18 51.05 -49.41
N GLN E 20 10.72 49.88 -49.01
CA GLN E 20 9.62 49.80 -48.04
C GLN E 20 9.93 50.55 -46.74
N VAL E 21 11.12 50.34 -46.21
CA VAL E 21 11.54 50.99 -44.99
C VAL E 21 11.49 52.47 -45.28
N GLU E 22 12.10 52.86 -46.39
CA GLU E 22 12.10 54.25 -46.80
C GLU E 22 10.69 54.83 -46.97
N TYR E 23 9.76 54.03 -47.48
CA TYR E 23 8.40 54.52 -47.63
C TYR E 23 7.84 54.68 -46.25
N ALA E 24 8.21 53.76 -45.39
CA ALA E 24 7.75 53.80 -44.02
C ALA E 24 8.15 55.13 -43.39
N LEU E 25 9.44 55.42 -43.35
CA LEU E 25 9.89 56.69 -42.75
C LEU E 25 9.06 57.88 -43.22
N GLU E 26 8.50 57.81 -44.42
CA GLU E 26 7.72 58.96 -44.91
C GLU E 26 6.43 59.17 -44.12
N ALA E 27 5.82 58.09 -43.65
CA ALA E 27 4.58 58.22 -42.87
C ALA E 27 4.86 59.07 -41.65
N ILE E 28 6.08 58.97 -41.15
CA ILE E 28 6.50 59.73 -39.99
C ILE E 28 6.49 61.19 -40.39
N LYS E 29 7.07 61.43 -41.57
CA LYS E 29 7.16 62.78 -42.10
C LYS E 29 5.79 63.43 -42.33
N GLN E 30 4.73 62.63 -42.49
CA GLN E 30 3.39 63.21 -42.67
C GLN E 30 2.66 63.24 -41.34
N GLY E 31 3.24 62.61 -40.34
CA GLY E 31 2.63 62.58 -39.03
C GLY E 31 2.79 63.91 -38.33
N SER E 32 2.03 64.11 -37.26
CA SER E 32 2.11 65.35 -36.52
C SER E 32 3.50 65.48 -35.93
N VAL E 33 3.75 66.54 -35.19
CA VAL E 33 5.09 66.73 -34.65
C VAL E 33 5.14 66.66 -33.14
N THR E 34 6.32 66.33 -32.64
CA THR E 34 6.58 66.22 -31.21
C THR E 34 8.06 66.41 -31.00
N VAL E 35 8.46 66.77 -29.78
CA VAL E 35 9.85 67.06 -29.49
C VAL E 35 10.28 66.50 -28.12
N GLY E 36 11.57 66.22 -28.00
CA GLY E 36 12.13 65.72 -26.78
C GLY E 36 13.42 66.46 -26.53
N LEU E 37 13.85 66.53 -25.29
CA LEU E 37 15.07 67.20 -24.92
C LEU E 37 15.29 66.88 -23.45
N ARG E 38 16.54 66.84 -23.03
CA ARG E 38 16.85 66.51 -21.64
C ARG E 38 17.92 67.38 -21.00
N SER E 39 17.76 67.65 -19.70
CA SER E 39 18.75 68.41 -18.95
C SER E 39 19.59 67.31 -18.28
N ASN E 40 20.21 67.59 -17.13
CA ASN E 40 20.98 66.57 -16.44
C ASN E 40 20.14 65.97 -15.31
N THR E 41 18.93 66.51 -15.13
CA THR E 41 18.04 66.06 -14.08
C THR E 41 16.61 65.70 -14.52
N HIS E 42 16.12 66.23 -15.64
CA HIS E 42 14.77 65.92 -16.11
C HIS E 42 14.76 65.72 -17.61
N ALA E 43 13.66 65.17 -18.14
CA ALA E 43 13.46 64.94 -19.58
C ALA E 43 12.01 65.25 -19.95
N VAL E 44 11.80 65.96 -21.06
CA VAL E 44 10.44 66.30 -21.42
C VAL E 44 9.94 65.83 -22.74
N LEU E 45 8.63 65.71 -22.82
CA LEU E 45 8.01 65.32 -24.05
C LEU E 45 6.88 66.27 -24.31
N VAL E 46 6.97 66.96 -25.44
CA VAL E 46 5.94 67.90 -25.85
C VAL E 46 5.46 67.37 -27.17
N ALA E 47 4.16 67.20 -27.33
CA ALA E 47 3.67 66.66 -28.59
C ALA E 47 2.42 67.36 -29.06
N LEU E 48 2.45 67.76 -30.32
CA LEU E 48 1.32 68.45 -30.94
C LEU E 48 0.33 67.42 -31.41
N LYS E 49 -0.93 67.54 -30.99
CA LYS E 49 -1.93 66.57 -31.41
C LYS E 49 -2.74 66.98 -32.65
N ARG E 50 -2.90 66.08 -33.61
CA ARG E 50 -3.65 66.39 -34.83
C ARG E 50 -5.08 65.94 -34.75
N ASN E 51 -5.96 66.74 -35.34
CA ASN E 51 -7.39 66.43 -35.41
C ASN E 51 -7.75 66.24 -36.88
N ALA E 52 -8.87 65.58 -37.16
CA ALA E 52 -9.31 65.38 -38.55
C ALA E 52 -10.26 66.50 -38.98
N ASP E 53 -10.88 67.09 -37.96
CA ASP E 53 -11.84 68.18 -38.08
C ASP E 53 -11.83 68.96 -36.76
N GLU E 54 -12.62 70.03 -36.71
CA GLU E 54 -12.69 70.85 -35.51
C GLU E 54 -13.76 70.29 -34.57
N LEU E 55 -14.10 69.03 -34.82
CA LEU E 55 -15.11 68.33 -34.03
C LEU E 55 -14.64 67.01 -33.37
N SER E 56 -13.33 66.77 -33.34
CA SER E 56 -12.84 65.54 -32.75
C SER E 56 -11.84 65.74 -31.62
N SER E 57 -11.44 64.61 -31.04
CA SER E 57 -10.48 64.57 -29.97
C SER E 57 -9.18 64.72 -30.71
N TYR E 58 -8.12 65.14 -30.02
CA TYR E 58 -6.81 65.26 -30.65
C TYR E 58 -5.99 64.03 -30.25
N GLN E 59 -5.97 63.03 -31.13
CA GLN E 59 -5.28 61.77 -30.91
C GLN E 59 -4.05 61.82 -30.00
N LYS E 60 -4.15 61.13 -28.87
CA LYS E 60 -3.11 61.06 -27.87
C LYS E 60 -1.81 60.53 -28.47
N LYS E 61 -0.73 61.28 -28.25
CA LYS E 61 0.57 60.90 -28.78
C LYS E 61 1.63 60.49 -27.75
N ILE E 62 1.26 60.37 -26.48
CA ILE E 62 2.20 60.00 -25.42
C ILE E 62 1.72 58.79 -24.62
N ILE E 63 2.65 57.87 -24.35
CA ILE E 63 2.31 56.65 -23.62
C ILE E 63 3.26 56.36 -22.47
N LYS E 64 2.71 56.10 -21.29
CA LYS E 64 3.50 55.78 -20.12
C LYS E 64 3.86 54.33 -20.29
N CYS E 65 5.14 54.02 -20.19
CA CYS E 65 5.58 52.64 -20.34
C CYS E 65 5.84 51.97 -18.99
N ASP E 66 6.15 52.78 -18.00
CA ASP E 66 6.45 52.29 -16.66
C ASP E 66 6.54 53.58 -15.83
N GLU E 67 6.62 53.45 -14.51
CA GLU E 67 6.71 54.63 -13.68
C GLU E 67 7.95 55.46 -14.02
N HIS E 68 8.91 54.86 -14.73
CA HIS E 68 10.14 55.56 -15.05
C HIS E 68 10.57 55.80 -16.51
N MET E 69 9.72 55.47 -17.48
CA MET E 69 10.10 55.62 -18.89
C MET E 69 8.85 55.76 -19.70
N GLY E 70 8.95 56.52 -20.80
CA GLY E 70 7.79 56.76 -21.66
C GLY E 70 8.14 57.30 -23.03
N LEU E 71 7.15 57.40 -23.92
CA LEU E 71 7.46 57.87 -25.28
C LEU E 71 6.41 58.69 -25.98
N SER E 72 6.78 59.18 -27.15
CA SER E 72 5.90 59.97 -27.99
C SER E 72 5.94 59.28 -29.32
N LEU E 73 4.78 59.21 -29.94
CA LEU E 73 4.61 58.55 -31.21
C LEU E 73 4.42 59.50 -32.39
N ALA E 74 4.92 59.12 -33.56
CA ALA E 74 4.75 59.96 -34.72
C ALA E 74 4.41 59.17 -35.97
N GLY E 75 3.16 59.19 -36.37
CA GLY E 75 2.79 58.45 -37.55
C GLY E 75 1.64 57.50 -37.30
N LEU E 76 1.80 56.27 -37.75
CA LEU E 76 0.76 55.27 -37.59
C LEU E 76 0.54 54.96 -36.12
N ALA E 77 -0.62 55.35 -35.61
CA ALA E 77 -0.97 55.09 -34.22
C ALA E 77 -0.97 53.62 -33.80
N PRO E 78 -1.58 52.72 -34.60
CA PRO E 78 -1.58 51.32 -34.18
C PRO E 78 -0.20 50.84 -33.85
N ASP E 79 0.73 51.03 -34.77
CA ASP E 79 2.09 50.57 -34.56
C ASP E 79 2.72 51.09 -33.28
N ALA E 80 2.27 52.24 -32.83
CA ALA E 80 2.79 52.80 -31.60
C ALA E 80 2.29 51.97 -30.45
N ARG E 81 1.00 51.66 -30.45
CA ARG E 81 0.45 50.88 -29.38
C ARG E 81 1.26 49.61 -29.33
N VAL E 82 1.32 48.91 -30.46
CA VAL E 82 2.07 47.67 -30.52
C VAL E 82 3.46 47.76 -29.94
N LEU E 83 4.25 48.72 -30.37
CA LEU E 83 5.59 48.87 -29.86
C LEU E 83 5.70 49.37 -28.44
N SER E 84 4.74 50.16 -27.95
CA SER E 84 4.83 50.59 -26.55
C SER E 84 4.48 49.38 -25.67
N ASN E 85 3.51 48.57 -26.11
CA ASN E 85 3.12 47.37 -25.38
C ASN E 85 4.42 46.59 -25.12
N TYR E 86 5.11 46.16 -26.17
CA TYR E 86 6.36 45.41 -26.02
C TYR E 86 7.24 46.03 -24.97
N LEU E 87 7.39 47.34 -25.01
CA LEU E 87 8.24 47.99 -24.04
C LEU E 87 7.65 47.83 -22.65
N ARG E 88 6.34 47.98 -22.54
CA ARG E 88 5.71 47.84 -21.25
C ARG E 88 6.07 46.43 -20.74
N GLN E 89 5.94 45.44 -21.61
CA GLN E 89 6.28 44.08 -21.22
C GLN E 89 7.74 43.99 -20.84
N GLN E 90 8.66 44.31 -21.74
CA GLN E 90 10.07 44.21 -21.39
C GLN E 90 10.44 45.04 -20.16
N CYS E 91 9.55 45.95 -19.76
CA CYS E 91 9.79 46.75 -18.57
C CYS E 91 9.35 45.98 -17.33
N ASN E 92 8.19 45.35 -17.46
CA ASN E 92 7.57 44.56 -16.42
C ASN E 92 8.48 43.42 -16.06
N TYR E 93 8.93 42.70 -17.08
CA TYR E 93 9.81 41.58 -16.89
C TYR E 93 10.98 41.96 -16.02
N SER E 94 11.64 43.08 -16.29
CA SER E 94 12.79 43.48 -15.47
C SER E 94 12.44 43.68 -14.01
N SER E 95 11.39 44.44 -13.72
CA SER E 95 11.00 44.63 -12.36
C SER E 95 10.69 43.31 -11.71
N LEU E 96 9.74 42.56 -12.28
CA LEU E 96 9.36 41.29 -11.70
C LEU E 96 10.53 40.39 -11.44
N VAL E 97 11.17 39.94 -12.50
CA VAL E 97 12.26 39.03 -12.43
C VAL E 97 13.53 39.51 -11.79
N PHE E 98 13.92 40.75 -12.03
CA PHE E 98 15.17 41.25 -11.46
C PHE E 98 15.05 42.41 -10.50
N ASN E 99 13.83 42.78 -10.15
CA ASN E 99 13.57 43.90 -9.24
C ASN E 99 14.46 45.07 -9.63
N ARG E 100 14.64 45.25 -10.94
CA ARG E 100 15.49 46.28 -11.55
C ARG E 100 14.78 47.15 -12.54
N LYS E 101 14.95 48.45 -12.44
CA LYS E 101 14.32 49.34 -13.39
C LYS E 101 15.15 49.34 -14.65
N LEU E 102 14.51 48.95 -15.74
CA LEU E 102 15.11 48.84 -17.06
C LEU E 102 15.81 50.07 -17.54
N ALA E 103 16.92 49.84 -18.20
CA ALA E 103 17.78 50.90 -18.71
C ALA E 103 17.35 51.39 -20.08
N VAL E 104 17.13 52.68 -20.19
CA VAL E 104 16.70 53.28 -21.46
C VAL E 104 17.53 52.83 -22.65
N GLU E 105 18.83 52.83 -22.48
CA GLU E 105 19.76 52.44 -23.52
C GLU E 105 19.45 51.02 -23.98
N ARG E 106 18.93 50.21 -23.07
CA ARG E 106 18.59 48.85 -23.42
C ARG E 106 17.23 48.87 -24.08
N ALA E 107 16.34 49.75 -23.60
CA ALA E 107 15.00 49.90 -24.17
C ALA E 107 15.18 50.09 -25.69
N GLY E 108 16.12 50.96 -26.04
CA GLY E 108 16.38 51.20 -27.43
C GLY E 108 16.83 49.91 -28.07
N HIS E 109 17.89 49.32 -27.53
CA HIS E 109 18.44 48.07 -28.06
C HIS E 109 17.37 47.06 -28.37
N LEU E 110 16.27 47.12 -27.62
CA LEU E 110 15.17 46.20 -27.81
C LEU E 110 14.26 46.62 -28.94
N LEU E 111 13.88 47.89 -28.94
CA LEU E 111 13.02 48.40 -29.99
C LEU E 111 13.71 48.17 -31.32
N CYS E 112 14.97 48.57 -31.37
CA CYS E 112 15.74 48.40 -32.58
C CYS E 112 15.59 46.96 -33.06
N ASP E 113 16.14 46.03 -32.30
CA ASP E 113 16.07 44.64 -32.65
C ASP E 113 14.64 44.24 -32.99
N LYS E 114 13.64 44.81 -32.35
CA LYS E 114 12.28 44.42 -32.69
C LYS E 114 11.93 44.82 -34.09
N ALA E 115 12.07 46.12 -34.40
CA ALA E 115 11.77 46.65 -35.74
C ALA E 115 12.52 45.92 -36.82
N GLN E 116 13.78 45.63 -36.57
CA GLN E 116 14.63 44.93 -37.50
C GLN E 116 14.02 43.64 -38.01
N LYS E 117 13.64 42.72 -37.14
CA LYS E 117 13.06 41.47 -37.59
C LYS E 117 11.97 41.73 -38.63
N ASN E 118 11.40 42.94 -38.59
CA ASN E 118 10.35 43.35 -39.51
C ASN E 118 10.81 44.06 -40.77
N THR E 119 12.07 43.90 -41.13
CA THR E 119 12.62 44.53 -42.32
C THR E 119 13.54 43.56 -43.04
N GLN E 120 13.45 42.29 -42.69
CA GLN E 120 14.28 41.28 -43.31
C GLN E 120 13.44 40.06 -43.62
N SER E 121 12.14 40.16 -43.34
CA SER E 121 11.28 39.01 -43.60
C SER E 121 10.13 39.24 -44.55
N TYR E 122 9.92 38.25 -45.40
CA TYR E 122 8.86 38.23 -46.38
C TYR E 122 7.52 38.38 -45.67
N GLY E 123 6.57 39.00 -46.34
CA GLY E 123 5.26 39.18 -45.74
C GLY E 123 5.16 40.26 -44.68
N GLY E 124 6.25 40.53 -43.98
CA GLY E 124 6.23 41.55 -42.95
C GLY E 124 5.91 42.93 -43.50
N ARG E 125 6.12 43.95 -42.69
CA ARG E 125 5.91 45.31 -43.11
C ARG E 125 6.46 46.11 -41.98
N PRO E 126 7.45 46.94 -42.26
CA PRO E 126 8.08 47.77 -41.24
C PRO E 126 7.07 48.49 -40.41
N TYR E 127 7.49 48.89 -39.24
CA TYR E 127 6.58 49.60 -38.40
C TYR E 127 6.55 50.95 -39.01
N GLY E 128 5.39 51.58 -39.00
CA GLY E 128 5.28 52.89 -39.60
C GLY E 128 4.98 53.98 -38.61
N VAL E 129 5.93 54.25 -37.75
CA VAL E 129 5.78 55.30 -36.76
C VAL E 129 7.16 55.55 -36.19
N GLY E 130 7.43 56.79 -35.82
CA GLY E 130 8.73 57.15 -35.25
C GLY E 130 8.46 57.35 -33.77
N LEU E 131 9.50 57.27 -32.95
CA LEU E 131 9.27 57.37 -31.52
C LEU E 131 10.37 58.04 -30.78
N LEU E 132 9.98 58.83 -29.78
CA LEU E 132 10.94 59.52 -28.93
C LEU E 132 10.64 58.97 -27.54
N ILE E 133 11.68 58.46 -26.88
CA ILE E 133 11.53 57.85 -25.57
C ILE E 133 12.38 58.56 -24.55
N ILE E 134 11.83 58.73 -23.35
CA ILE E 134 12.55 59.38 -22.27
C ILE E 134 12.45 58.53 -21.01
N GLY E 135 13.41 58.71 -20.10
CA GLY E 135 13.39 57.95 -18.86
C GLY E 135 14.50 58.35 -17.93
N TYR E 136 14.28 58.19 -16.63
CA TYR E 136 15.29 58.53 -15.63
C TYR E 136 15.72 57.21 -15.05
N ASP E 137 17.00 56.92 -15.10
CA ASP E 137 17.47 55.65 -14.58
C ASP E 137 18.62 55.78 -13.62
N LYS E 138 19.35 54.67 -13.47
CA LYS E 138 20.47 54.69 -12.58
C LYS E 138 21.59 55.57 -13.08
N SER E 139 21.83 55.60 -14.40
CA SER E 139 22.90 56.44 -14.94
C SER E 139 22.46 57.84 -15.33
N GLY E 140 21.26 58.22 -14.90
CA GLY E 140 20.74 59.55 -15.18
C GLY E 140 19.52 59.70 -16.09
N ALA E 141 19.44 60.86 -16.73
CA ALA E 141 18.34 61.18 -17.63
C ALA E 141 18.67 60.72 -19.04
N HIS E 142 17.66 60.54 -19.88
CA HIS E 142 17.89 60.09 -21.24
C HIS E 142 16.79 60.44 -22.19
N LEU E 143 17.13 60.28 -23.47
CA LEU E 143 16.24 60.53 -24.58
C LEU E 143 16.74 59.77 -25.80
N LEU E 144 15.85 59.03 -26.44
CA LEU E 144 16.19 58.23 -27.59
C LEU E 144 15.29 58.52 -28.78
N GLU E 145 15.83 58.36 -29.98
CA GLU E 145 15.06 58.54 -31.20
C GLU E 145 15.03 57.20 -31.87
N PHE E 146 13.82 56.78 -32.21
CA PHE E 146 13.61 55.50 -32.85
C PHE E 146 13.06 55.72 -34.26
N GLN E 147 13.74 55.17 -35.26
CA GLN E 147 13.29 55.27 -36.65
C GLN E 147 13.01 53.83 -37.13
N PRO E 148 11.80 53.56 -37.68
CA PRO E 148 11.43 52.23 -38.18
C PRO E 148 12.49 51.43 -38.90
N SER E 149 13.47 52.12 -39.47
CA SER E 149 14.54 51.42 -40.17
C SER E 149 15.18 50.42 -39.23
N GLY E 150 15.21 50.81 -37.95
CA GLY E 150 15.83 50.03 -36.89
C GLY E 150 16.90 50.85 -36.20
N ASN E 151 17.05 52.10 -36.63
CA ASN E 151 18.03 52.99 -36.06
C ASN E 151 17.47 53.72 -34.86
N VAL E 152 18.22 53.62 -33.76
CA VAL E 152 17.88 54.29 -32.52
C VAL E 152 19.08 55.05 -32.01
N THR E 153 18.86 56.34 -31.85
CA THR E 153 19.92 57.21 -31.44
C THR E 153 19.58 57.93 -30.16
N GLU E 154 20.57 57.98 -29.27
CA GLU E 154 20.42 58.68 -28.00
C GLU E 154 20.93 60.07 -28.27
N LEU E 155 20.07 61.04 -28.01
CA LEU E 155 20.36 62.44 -28.25
C LEU E 155 20.17 63.25 -26.98
N TYR E 156 20.45 64.55 -27.09
CA TYR E 156 20.26 65.48 -25.99
C TYR E 156 18.85 66.03 -26.14
N GLY E 157 18.37 66.07 -27.39
CA GLY E 157 17.03 66.56 -27.70
C GLY E 157 16.78 66.39 -29.20
N THR E 158 15.54 66.52 -29.64
CA THR E 158 15.22 66.37 -31.07
C THR E 158 13.70 66.41 -31.27
N ALA E 159 13.27 66.25 -32.52
CA ALA E 159 11.86 66.26 -32.82
C ALA E 159 11.61 65.55 -34.12
N ILE E 160 10.40 65.07 -34.30
CA ILE E 160 10.09 64.35 -35.51
C ILE E 160 8.69 64.63 -35.98
N GLY E 161 8.48 64.40 -37.27
CA GLY E 161 7.20 64.63 -37.88
C GLY E 161 7.35 65.75 -38.87
N ALA E 162 6.22 66.22 -39.37
CA ALA E 162 6.19 67.28 -40.36
C ALA E 162 6.82 68.57 -39.88
N ARG E 163 7.71 69.12 -40.71
CA ARG E 163 8.38 70.39 -40.43
C ARG E 163 9.37 70.28 -39.29
N SER E 164 9.60 69.05 -38.86
CA SER E 164 10.52 68.77 -37.77
C SER E 164 11.83 69.59 -37.90
N GLN E 165 12.46 69.54 -39.08
CA GLN E 165 13.74 70.24 -39.33
C GLN E 165 13.82 71.62 -38.70
N GLY E 166 12.67 72.26 -38.47
CA GLY E 166 12.65 73.57 -37.87
C GLY E 166 13.20 73.56 -36.47
N ALA E 167 12.43 72.95 -35.58
CA ALA E 167 12.80 72.83 -34.17
C ALA E 167 14.17 72.19 -34.05
N LYS E 168 14.43 71.19 -34.88
CA LYS E 168 15.70 70.50 -34.83
C LYS E 168 16.87 71.53 -34.86
N THR E 169 16.67 72.65 -35.55
CA THR E 169 17.73 73.65 -35.57
C THR E 169 17.68 74.47 -34.29
N TYR E 170 16.48 74.82 -33.85
CA TYR E 170 16.33 75.59 -32.61
C TYR E 170 17.12 74.91 -31.52
N LEU E 171 16.85 73.64 -31.29
CA LEU E 171 17.57 72.89 -30.26
C LEU E 171 19.05 72.95 -30.57
N GLU E 172 19.40 72.61 -31.81
CA GLU E 172 20.80 72.61 -32.25
C GLU E 172 21.49 73.88 -31.75
N ARG E 173 20.72 74.95 -31.60
CA ARG E 173 21.22 76.23 -31.12
C ARG E 173 21.15 76.33 -29.59
N THR E 174 19.96 76.06 -29.04
CA THR E 174 19.66 76.14 -27.61
C THR E 174 20.32 75.10 -26.68
N LEU E 175 21.09 74.19 -27.25
CA LEU E 175 21.75 73.16 -26.46
C LEU E 175 22.46 73.71 -25.21
N ASP E 176 23.52 74.49 -25.42
CA ASP E 176 24.30 75.08 -24.33
C ASP E 176 23.44 75.66 -23.22
N THR E 177 22.26 76.17 -23.60
CA THR E 177 21.32 76.77 -22.67
C THR E 177 20.61 75.79 -21.76
N PHE E 178 19.93 74.79 -22.34
CA PHE E 178 19.17 73.84 -21.51
C PHE E 178 19.89 72.68 -20.80
N ILE E 179 21.05 72.27 -21.31
CA ILE E 179 21.84 71.20 -20.72
C ILE E 179 22.27 71.60 -19.28
N LYS E 180 21.82 72.77 -18.86
CA LYS E 180 22.12 73.30 -17.53
C LYS E 180 20.84 73.59 -16.73
N ILE E 181 19.69 73.09 -17.19
CA ILE E 181 18.44 73.29 -16.49
C ILE E 181 18.20 72.13 -15.52
N ASP E 182 18.92 72.16 -14.42
CA ASP E 182 18.77 71.12 -13.43
C ASP E 182 17.99 71.67 -12.26
N GLY E 183 17.14 70.84 -11.68
CA GLY E 183 16.39 71.29 -10.53
C GLY E 183 15.17 72.12 -10.83
N ASN E 184 15.13 72.73 -12.02
CA ASN E 184 13.96 73.51 -12.36
C ASN E 184 13.17 72.78 -13.41
N PRO E 185 12.04 72.22 -13.00
CA PRO E 185 11.17 71.48 -13.92
C PRO E 185 10.46 72.42 -14.88
N ASP E 186 9.58 73.28 -14.36
CA ASP E 186 8.83 74.21 -15.19
C ASP E 186 9.64 74.81 -16.34
N GLU E 187 10.87 75.21 -16.08
CA GLU E 187 11.72 75.79 -17.11
C GLU E 187 11.85 74.86 -18.30
N LEU E 188 12.30 73.63 -18.05
CA LEU E 188 12.48 72.67 -19.12
C LEU E 188 11.24 72.56 -20.01
N ILE E 189 10.06 72.48 -19.40
CA ILE E 189 8.83 72.39 -20.18
C ILE E 189 8.62 73.60 -21.07
N LYS E 190 8.79 74.80 -20.53
CA LYS E 190 8.63 76.01 -21.35
C LYS E 190 9.59 75.88 -22.54
N ALA E 191 10.83 75.53 -22.26
CA ALA E 191 11.83 75.36 -23.31
C ALA E 191 11.36 74.39 -24.39
N GLY E 192 10.73 73.30 -23.98
CA GLY E 192 10.21 72.33 -24.94
C GLY E 192 9.26 72.99 -25.93
N VAL E 193 8.26 73.69 -25.42
CA VAL E 193 7.29 74.37 -26.26
C VAL E 193 7.94 75.35 -27.26
N GLU E 194 8.87 76.18 -26.80
CA GLU E 194 9.56 77.14 -27.66
C GLU E 194 9.95 76.39 -28.91
N ALA E 195 10.79 75.39 -28.74
CA ALA E 195 11.23 74.57 -29.86
C ALA E 195 10.06 74.04 -30.67
N ILE E 196 8.99 73.63 -30.01
CA ILE E 196 7.88 73.12 -30.76
C ILE E 196 7.31 74.18 -31.69
N SER E 197 7.18 75.41 -31.19
CA SER E 197 6.64 76.50 -31.99
C SER E 197 7.43 76.90 -33.25
N GLN E 198 8.68 76.46 -33.36
CA GLN E 198 9.47 76.80 -34.54
C GLN E 198 9.29 75.77 -35.67
N SER E 199 8.17 75.05 -35.59
CA SER E 199 7.80 74.06 -36.60
C SER E 199 6.28 74.07 -36.75
N LEU E 200 5.68 75.22 -36.43
CA LEU E 200 4.24 75.45 -36.54
C LEU E 200 4.01 76.16 -37.89
N ARG E 201 2.77 76.44 -38.26
CA ARG E 201 2.49 77.08 -39.55
C ARG E 201 0.98 77.30 -39.67
N ASP E 202 0.25 76.20 -39.49
CA ASP E 202 -1.21 76.17 -39.59
C ASP E 202 -1.95 77.14 -38.66
N GLU E 203 -1.73 77.02 -37.35
CA GLU E 203 -2.40 77.86 -36.35
C GLU E 203 -1.45 78.03 -35.16
N SER E 204 -1.97 78.53 -34.05
CA SER E 204 -1.16 78.71 -32.85
C SER E 204 -1.66 77.60 -31.95
N LEU E 205 -0.79 77.07 -31.08
CA LEU E 205 -1.13 75.97 -30.15
C LEU E 205 -2.15 76.25 -29.05
N THR E 206 -3.04 75.30 -28.80
CA THR E 206 -4.05 75.49 -27.78
C THR E 206 -4.14 74.42 -26.69
N VAL E 207 -5.03 74.68 -25.74
CA VAL E 207 -5.23 73.79 -24.61
C VAL E 207 -5.74 72.40 -24.99
N ASP E 208 -6.33 72.25 -26.18
CA ASP E 208 -6.82 70.94 -26.60
C ASP E 208 -5.76 70.27 -27.47
N ASN E 209 -4.91 71.11 -28.05
CA ASN E 209 -3.82 70.71 -28.95
C ASN E 209 -2.66 69.99 -28.28
N LEU E 210 -2.16 70.62 -27.23
CA LEU E 210 -1.02 70.14 -26.50
C LEU E 210 -1.20 68.91 -25.61
N SER E 211 -0.06 68.30 -25.27
CA SER E 211 0.03 67.12 -24.43
C SER E 211 1.49 67.13 -23.98
N ILE E 212 1.75 66.87 -22.70
CA ILE E 212 3.11 66.83 -22.23
C ILE E 212 3.32 65.78 -21.17
N ALA E 213 4.54 65.25 -21.14
CA ALA E 213 4.92 64.24 -20.18
C ALA E 213 6.29 64.58 -19.63
N ILE E 214 6.50 64.29 -18.35
CA ILE E 214 7.77 64.58 -17.69
C ILE E 214 8.20 63.50 -16.69
N VAL E 215 9.51 63.32 -16.55
CA VAL E 215 10.09 62.32 -15.65
C VAL E 215 11.40 62.87 -15.05
N GLY E 216 11.93 62.22 -14.01
CA GLY E 216 13.20 62.64 -13.42
C GLY E 216 13.33 62.50 -11.91
N LYS E 217 14.56 62.61 -11.41
CA LYS E 217 14.91 62.51 -9.98
C LYS E 217 13.79 62.26 -8.98
N ASP E 218 12.94 63.24 -8.74
CA ASP E 218 11.86 63.02 -7.78
C ASP E 218 10.52 63.25 -8.44
N THR E 219 10.40 62.78 -9.67
CA THR E 219 9.19 62.96 -10.43
C THR E 219 8.85 61.76 -11.31
N PRO E 220 7.79 61.02 -10.94
CA PRO E 220 7.39 59.86 -11.73
C PRO E 220 6.80 60.31 -13.08
N PHE E 221 7.24 59.68 -14.16
CA PHE E 221 6.75 59.99 -15.49
C PHE E 221 5.25 60.20 -15.39
N THR E 222 4.76 61.35 -15.84
CA THR E 222 3.34 61.66 -15.76
C THR E 222 2.77 62.39 -17.00
N ILE E 223 1.53 62.04 -17.37
CA ILE E 223 0.86 62.63 -18.53
C ILE E 223 -0.08 63.80 -18.26
N TYR E 224 0.45 64.99 -18.51
CA TYR E 224 -0.29 66.21 -18.32
C TYR E 224 -1.04 66.50 -19.60
N ASP E 225 -2.37 66.48 -19.52
CA ASP E 225 -3.19 66.75 -20.68
C ASP E 225 -4.14 67.91 -20.47
N GLY E 226 -4.40 68.60 -21.58
CA GLY E 226 -5.33 69.71 -21.63
C GLY E 226 -5.37 70.71 -20.49
N GLU E 227 -6.46 70.64 -19.72
CA GLU E 227 -6.67 71.54 -18.60
C GLU E 227 -5.37 72.00 -17.92
N ALA E 228 -4.55 71.05 -17.50
CA ALA E 228 -3.32 71.33 -16.79
C ALA E 228 -2.22 72.12 -17.48
N VAL E 229 -2.17 72.12 -18.80
CA VAL E 229 -1.08 72.83 -19.50
C VAL E 229 -1.28 74.31 -19.78
N ALA E 230 -2.47 74.80 -19.47
CA ALA E 230 -2.79 76.20 -19.71
C ALA E 230 -1.64 77.12 -19.35
N LYS E 231 -1.07 76.91 -18.17
CA LYS E 231 0.01 77.76 -17.71
C LYS E 231 1.29 77.76 -18.55
N TYR E 232 1.26 77.25 -19.78
CA TYR E 232 2.48 77.22 -20.60
C TYR E 232 2.50 77.96 -21.96
N ILE E 233 1.43 78.68 -22.35
CA ILE E 233 1.38 79.40 -23.66
C ILE E 233 2.07 80.78 -23.74
N GLY F 1 15.69 36.71 -70.98
CA GLY F 1 14.92 37.77 -70.25
C GLY F 1 15.78 38.33 -69.14
N THR F 2 15.16 39.00 -68.17
CA THR F 2 15.89 39.56 -67.05
C THR F 2 15.16 39.16 -65.77
N GLY F 3 15.08 40.06 -64.79
CA GLY F 3 14.41 39.72 -63.56
C GLY F 3 15.31 38.92 -62.63
N TYR F 4 16.48 38.53 -63.12
CA TYR F 4 17.40 37.76 -62.32
C TYR F 4 17.87 38.48 -61.08
N ASP F 5 17.38 39.68 -60.82
CA ASP F 5 17.84 40.40 -59.64
C ASP F 5 16.74 40.84 -58.69
N LEU F 6 15.57 40.25 -58.81
CA LEU F 6 14.46 40.64 -57.95
C LEU F 6 14.26 39.66 -56.81
N SER F 7 14.88 38.49 -56.94
CA SER F 7 14.77 37.44 -55.94
C SER F 7 16.12 36.88 -55.51
N ASN F 8 16.32 36.93 -54.20
CA ASN F 8 17.54 36.50 -53.52
C ASN F 8 18.28 35.29 -54.01
N SER F 9 17.71 34.12 -53.80
CA SER F 9 18.47 32.95 -54.19
C SER F 9 18.70 32.74 -55.66
N VAL F 10 18.17 33.59 -56.53
CA VAL F 10 18.35 33.28 -57.94
C VAL F 10 19.73 33.54 -58.50
N PHE F 11 20.18 32.61 -59.33
CA PHE F 11 21.49 32.69 -59.99
C PHE F 11 21.37 33.38 -61.33
N SER F 12 22.20 34.39 -61.58
CA SER F 12 22.15 35.09 -62.86
C SER F 12 22.64 34.09 -63.90
N PRO F 13 22.63 34.44 -65.19
CA PRO F 13 23.13 33.35 -66.04
C PRO F 13 24.63 33.22 -65.97
N ASP F 14 25.27 34.12 -65.21
CA ASP F 14 26.73 34.12 -65.05
C ASP F 14 27.16 33.67 -63.65
N GLY F 15 26.29 32.91 -62.98
CA GLY F 15 26.57 32.38 -61.66
C GLY F 15 26.65 33.32 -60.48
N ARG F 16 26.26 34.56 -60.63
CA ARG F 16 26.34 35.46 -59.50
C ARG F 16 24.97 35.54 -58.85
N ASN F 17 24.91 36.09 -57.64
CA ASN F 17 23.64 36.29 -56.95
C ASN F 17 23.52 37.78 -56.80
N PHE F 18 22.69 38.37 -57.63
CA PHE F 18 22.54 39.81 -57.62
C PHE F 18 22.14 40.41 -56.28
N GLN F 19 21.08 39.90 -55.68
CA GLN F 19 20.64 40.46 -54.41
C GLN F 19 21.74 40.61 -53.36
N VAL F 20 22.71 39.71 -53.40
CA VAL F 20 23.82 39.76 -52.47
C VAL F 20 24.67 41.00 -52.80
N GLU F 21 24.97 41.14 -54.08
CA GLU F 21 25.79 42.23 -54.55
C GLU F 21 25.16 43.57 -54.20
N TYR F 22 23.88 43.74 -54.44
CA TYR F 22 23.22 45.00 -54.11
C TYR F 22 23.42 45.26 -52.63
N ALA F 23 23.40 44.18 -51.87
CA ALA F 23 23.57 44.31 -50.44
C ALA F 23 24.88 45.02 -50.19
N VAL F 24 25.94 44.53 -50.82
CA VAL F 24 27.25 45.12 -50.67
C VAL F 24 27.16 46.61 -50.86
N LYS F 25 26.36 47.03 -51.83
CA LYS F 25 26.24 48.45 -52.05
C LYS F 25 25.75 49.17 -50.80
N ALA F 26 24.76 48.63 -50.11
CA ALA F 26 24.22 49.27 -48.90
C ALA F 26 25.31 49.44 -47.86
N VAL F 27 26.29 48.55 -47.90
CA VAL F 27 27.42 48.59 -46.99
C VAL F 27 28.30 49.78 -47.37
N GLU F 28 28.78 49.74 -48.61
CA GLU F 28 29.62 50.78 -49.14
C GLU F 28 29.06 52.16 -48.80
N ASN F 29 27.76 52.35 -48.91
CA ASN F 29 27.17 53.66 -48.56
C ASN F 29 27.21 53.90 -47.05
N GLY F 30 28.03 53.12 -46.36
CA GLY F 30 28.08 53.25 -44.92
C GLY F 30 29.43 53.58 -44.35
N THR F 31 29.38 53.96 -43.08
CA THR F 31 30.55 54.33 -42.28
C THR F 31 31.67 53.29 -42.32
N THR F 32 32.88 53.70 -41.98
CA THR F 32 33.99 52.78 -41.99
C THR F 32 34.32 52.19 -40.64
N SER F 33 35.07 51.09 -40.69
CA SER F 33 35.46 50.39 -39.50
C SER F 33 36.53 49.38 -39.90
N ILE F 34 37.45 49.08 -38.98
CA ILE F 34 38.56 48.16 -39.26
C ILE F 34 39.01 47.36 -38.05
N GLY F 35 39.98 46.48 -38.31
CA GLY F 35 40.57 45.66 -37.28
C GLY F 35 42.02 45.39 -37.63
N ILE F 36 42.87 45.19 -36.61
CA ILE F 36 44.28 44.92 -36.83
C ILE F 36 44.74 43.84 -35.90
N LYS F 37 45.30 42.78 -36.44
CA LYS F 37 45.81 41.69 -35.64
C LYS F 37 47.23 42.05 -35.19
N CYS F 38 47.58 41.70 -33.96
CA CYS F 38 48.93 41.98 -33.45
C CYS F 38 49.65 40.75 -32.89
N ASN F 39 50.73 40.96 -32.15
CA ASN F 39 51.50 39.85 -31.63
C ASN F 39 50.81 39.02 -30.57
N ASP F 40 49.75 39.54 -29.97
CA ASP F 40 49.04 38.81 -28.94
C ASP F 40 47.65 39.36 -28.68
N GLY F 41 46.96 39.72 -29.75
CA GLY F 41 45.62 40.26 -29.60
C GLY F 41 45.12 40.92 -30.87
N VAL F 42 44.02 41.66 -30.77
CA VAL F 42 43.45 42.35 -31.91
C VAL F 42 42.85 43.66 -31.44
N VAL F 43 42.76 44.60 -32.35
CA VAL F 43 42.19 45.89 -32.05
C VAL F 43 41.16 46.19 -33.09
N PHE F 44 40.08 46.79 -32.65
CA PHE F 44 39.00 47.14 -33.55
C PHE F 44 38.76 48.64 -33.35
N ALA F 45 38.27 49.31 -34.40
CA ALA F 45 37.99 50.74 -34.36
C ALA F 45 36.95 51.06 -35.43
N VAL F 46 36.19 52.15 -35.22
CA VAL F 46 35.17 52.58 -36.18
C VAL F 46 34.79 54.05 -36.09
N GLU F 47 34.30 54.55 -37.21
CA GLU F 47 33.88 55.93 -37.35
C GLU F 47 32.45 56.17 -36.90
N LYS F 48 32.20 57.25 -36.19
CA LYS F 48 30.82 57.51 -35.80
C LYS F 48 30.37 58.84 -36.38
N LEU F 49 29.47 58.82 -37.34
CA LEU F 49 29.02 60.08 -37.92
C LEU F 49 28.17 60.90 -37.00
N ILE F 50 28.70 62.07 -36.64
CA ILE F 50 28.01 62.99 -35.78
C ILE F 50 27.01 63.73 -36.64
N THR F 51 25.93 63.04 -37.00
CA THR F 51 24.87 63.60 -37.82
C THR F 51 24.61 65.07 -37.43
N SER F 52 24.75 65.37 -36.14
CA SER F 52 24.53 66.71 -35.61
C SER F 52 25.12 66.86 -34.20
N LYS F 53 25.11 68.08 -33.68
CA LYS F 53 25.64 68.37 -32.34
C LYS F 53 24.77 67.89 -31.18
N LEU F 54 23.63 67.29 -31.50
CA LEU F 54 22.71 66.79 -30.48
C LEU F 54 22.96 65.34 -30.06
N LEU F 55 23.88 64.68 -30.74
CA LEU F 55 24.22 63.31 -30.39
C LEU F 55 24.99 63.45 -29.10
N VAL F 56 24.76 62.55 -28.15
CA VAL F 56 25.51 62.66 -26.90
C VAL F 56 26.87 61.99 -27.05
N PRO F 57 27.93 62.75 -26.75
CA PRO F 57 29.30 62.28 -26.84
C PRO F 57 29.58 61.00 -26.05
N GLN F 58 30.26 60.09 -26.72
CA GLN F 58 30.65 58.81 -26.16
C GLN F 58 29.49 57.92 -25.75
N LYS F 59 28.28 58.17 -26.24
CA LYS F 59 27.16 57.35 -25.83
C LYS F 59 26.54 56.31 -26.77
N ASN F 60 26.37 56.64 -28.04
CA ASN F 60 25.78 55.66 -28.96
C ASN F 60 26.75 54.59 -29.41
N VAL F 61 27.19 53.76 -28.48
CA VAL F 61 28.16 52.73 -28.80
C VAL F 61 27.73 51.86 -29.96
N LYS F 62 28.71 51.47 -30.75
CA LYS F 62 28.41 50.66 -31.92
C LYS F 62 29.16 49.36 -31.96
N ILE F 63 30.34 49.33 -31.34
CA ILE F 63 31.13 48.11 -31.32
C ILE F 63 30.47 47.21 -30.31
N GLN F 64 30.63 45.90 -30.46
CA GLN F 64 30.00 44.98 -29.53
C GLN F 64 30.90 43.85 -29.15
N VAL F 65 30.53 43.20 -28.05
CA VAL F 65 31.30 42.07 -27.55
C VAL F 65 30.40 40.85 -27.49
N VAL F 66 31.04 39.70 -27.56
CA VAL F 66 30.33 38.46 -27.51
C VAL F 66 31.04 37.68 -26.44
N ASP F 67 30.29 37.00 -25.61
CA ASP F 67 30.89 36.23 -24.54
C ASP F 67 31.70 37.29 -23.79
N ARG F 68 32.96 37.00 -23.53
CA ARG F 68 33.80 37.93 -22.81
C ARG F 68 35.14 38.12 -23.53
N HIS F 69 35.32 37.38 -24.61
CA HIS F 69 36.57 37.45 -25.34
C HIS F 69 36.42 37.73 -26.81
N ILE F 70 35.31 38.30 -27.26
CA ILE F 70 35.14 38.54 -28.67
C ILE F 70 34.58 39.91 -28.94
N GLY F 71 35.21 40.62 -29.86
CA GLY F 71 34.73 41.94 -30.20
C GLY F 71 34.21 41.92 -31.61
N CYS F 72 33.20 42.73 -31.88
CA CYS F 72 32.60 42.79 -33.18
C CYS F 72 32.22 44.20 -33.57
N VAL F 73 32.55 44.53 -34.82
CA VAL F 73 32.22 45.82 -35.39
C VAL F 73 31.87 45.53 -36.83
N TYR F 74 30.90 46.25 -37.36
CA TYR F 74 30.45 46.00 -38.70
C TYR F 74 30.05 47.30 -39.33
N SER F 75 30.07 47.37 -40.67
CA SER F 75 29.72 48.58 -41.40
C SER F 75 28.48 48.41 -42.26
N GLY F 76 27.66 49.46 -42.29
CA GLY F 76 26.47 49.40 -43.12
C GLY F 76 25.19 49.69 -42.39
N LEU F 77 24.28 48.73 -42.51
CA LEU F 77 22.99 48.81 -41.88
C LEU F 77 23.15 48.37 -40.44
N ILE F 78 23.30 49.36 -39.57
CA ILE F 78 23.46 49.11 -38.16
C ILE F 78 22.62 47.97 -37.63
N PRO F 79 21.30 48.14 -37.58
CA PRO F 79 20.47 47.06 -37.04
C PRO F 79 20.90 45.65 -37.45
N ASP F 80 21.14 45.42 -38.72
CA ASP F 80 21.52 44.08 -39.14
C ASP F 80 22.71 43.56 -38.38
N GLY F 81 23.60 44.47 -38.04
CA GLY F 81 24.77 44.07 -37.29
C GLY F 81 24.29 43.60 -35.95
N ARG F 82 23.39 44.35 -35.32
CA ARG F 82 22.87 43.96 -34.03
C ARG F 82 22.32 42.54 -34.09
N HIS F 83 21.42 42.31 -35.04
CA HIS F 83 20.84 40.99 -35.19
C HIS F 83 21.94 39.95 -35.27
N LEU F 84 22.91 40.14 -36.13
CA LEU F 84 23.99 39.17 -36.28
C LEU F 84 24.73 38.90 -34.99
N VAL F 85 24.95 39.95 -34.20
CA VAL F 85 25.62 39.81 -32.92
C VAL F 85 24.77 38.96 -32.01
N ASN F 86 23.47 39.24 -31.95
CA ASN F 86 22.57 38.45 -31.13
C ASN F 86 22.79 36.98 -31.39
N ARG F 87 22.63 36.55 -32.64
CA ARG F 87 22.82 35.15 -32.95
C ARG F 87 24.19 34.73 -32.51
N GLY F 88 25.18 35.57 -32.78
CA GLY F 88 26.52 35.24 -32.37
C GLY F 88 26.54 34.89 -30.90
N ARG F 89 25.95 35.75 -30.08
CA ARG F 89 25.89 35.53 -28.66
C ARG F 89 25.21 34.23 -28.30
N GLU F 90 24.01 33.99 -28.83
CA GLU F 90 23.29 32.76 -28.54
C GLU F 90 24.15 31.57 -28.91
N GLU F 91 24.76 31.65 -30.09
CA GLU F 91 25.60 30.58 -30.61
C GLU F 91 26.85 30.32 -29.76
N ALA F 92 27.36 31.38 -29.15
CA ALA F 92 28.54 31.27 -28.31
C ALA F 92 28.18 30.59 -27.00
N ALA F 93 27.04 30.99 -26.43
CA ALA F 93 26.54 30.42 -25.18
C ALA F 93 26.33 28.93 -25.39
N SER F 94 25.60 28.57 -26.43
CA SER F 94 25.36 27.17 -26.72
C SER F 94 26.66 26.38 -26.79
N PHE F 95 27.77 27.06 -27.08
CA PHE F 95 29.05 26.37 -27.17
C PHE F 95 29.63 26.15 -25.79
N LYS F 96 29.68 27.21 -24.99
CA LYS F 96 30.21 27.14 -23.64
C LYS F 96 29.45 26.13 -22.79
N LYS F 97 28.12 26.22 -22.82
CA LYS F 97 27.27 25.31 -22.07
C LYS F 97 27.65 23.86 -22.29
N LEU F 98 27.77 23.46 -23.53
CA LEU F 98 28.09 22.09 -23.82
C LEU F 98 29.55 21.68 -23.81
N TYR F 99 30.48 22.62 -23.83
CA TYR F 99 31.90 22.26 -23.84
C TYR F 99 32.79 22.96 -22.81
N LYS F 100 32.15 23.78 -21.96
CA LYS F 100 32.79 24.54 -20.88
C LYS F 100 33.70 25.69 -21.29
N THR F 101 34.63 25.42 -22.20
CA THR F 101 35.58 26.42 -22.68
C THR F 101 34.95 27.51 -23.53
N PRO F 102 35.33 28.78 -23.29
CA PRO F 102 34.73 29.86 -24.09
C PRO F 102 35.13 29.57 -25.52
N ILE F 103 34.16 29.61 -26.43
CA ILE F 103 34.35 29.30 -27.86
C ILE F 103 35.52 29.91 -28.60
N PRO F 104 36.28 29.07 -29.32
CA PRO F 104 37.45 29.42 -30.12
C PRO F 104 37.02 30.29 -31.25
N ILE F 105 37.87 31.23 -31.63
CA ILE F 105 37.53 32.15 -32.67
C ILE F 105 37.17 31.50 -33.99
N PRO F 106 38.05 30.67 -34.56
CA PRO F 106 37.72 30.01 -35.84
C PRO F 106 36.32 29.41 -35.81
N ALA F 107 35.96 28.85 -34.66
CA ALA F 107 34.67 28.25 -34.45
C ALA F 107 33.61 29.32 -34.59
N PHE F 108 33.73 30.33 -33.75
CA PHE F 108 32.77 31.42 -33.77
C PHE F 108 32.53 31.98 -35.13
N ALA F 109 33.61 32.17 -35.87
CA ALA F 109 33.54 32.71 -37.20
C ALA F 109 32.64 31.83 -38.00
N ASP F 110 33.10 30.62 -38.26
CA ASP F 110 32.33 29.73 -39.08
C ASP F 110 30.90 29.74 -38.66
N ARG F 111 30.67 29.90 -37.36
CA ARG F 111 29.30 29.96 -36.88
C ARG F 111 28.57 31.17 -37.46
N LEU F 112 29.19 32.34 -37.42
CA LEU F 112 28.56 33.52 -38.02
C LEU F 112 28.38 33.32 -39.51
N GLY F 113 29.34 32.62 -40.10
CA GLY F 113 29.29 32.34 -41.51
C GLY F 113 28.03 31.61 -41.88
N GLN F 114 27.97 30.32 -41.55
CA GLN F 114 26.84 29.50 -41.89
C GLN F 114 25.49 30.16 -41.69
N TYR F 115 25.38 31.03 -40.69
CA TYR F 115 24.12 31.73 -40.43
C TYR F 115 23.86 32.65 -41.60
N VAL F 116 24.81 33.53 -41.88
CA VAL F 116 24.71 34.50 -42.98
C VAL F 116 24.50 33.86 -44.35
N GLN F 117 25.38 32.93 -44.68
CA GLN F 117 25.33 32.22 -45.93
C GLN F 117 23.92 31.73 -46.05
N ALA F 118 23.38 31.28 -44.95
CA ALA F 118 22.03 30.77 -44.95
C ALA F 118 21.06 31.82 -45.46
N HIS F 119 21.37 33.09 -45.30
CA HIS F 119 20.47 34.13 -45.79
C HIS F 119 20.68 34.48 -47.25
N THR F 120 21.20 33.55 -48.02
CA THR F 120 21.43 33.76 -49.43
C THR F 120 20.98 32.47 -50.07
N LEU F 121 20.11 31.75 -49.36
CA LEU F 121 19.64 30.46 -49.82
C LEU F 121 18.15 30.38 -50.14
N TYR F 122 17.37 31.31 -49.61
CA TYR F 122 15.93 31.29 -49.81
C TYR F 122 15.41 32.70 -50.21
N ASN F 123 14.43 32.79 -51.10
CA ASN F 123 13.97 34.12 -51.50
C ASN F 123 13.08 34.79 -50.50
N SER F 124 12.83 34.17 -49.38
CA SER F 124 11.97 34.76 -48.38
C SER F 124 12.75 35.61 -47.39
N VAL F 125 14.02 35.85 -47.65
CA VAL F 125 14.84 36.69 -46.77
C VAL F 125 15.90 37.37 -47.58
N ARG F 126 16.39 38.47 -47.05
CA ARG F 126 17.42 39.22 -47.74
C ARG F 126 18.73 39.02 -47.06
N PRO F 127 19.82 39.15 -47.80
CA PRO F 127 21.12 38.99 -47.19
C PRO F 127 21.32 40.12 -46.18
N PHE F 128 22.34 39.99 -45.35
CA PHE F 128 22.60 41.00 -44.36
C PHE F 128 23.22 42.24 -44.96
N GLY F 129 22.69 43.40 -44.56
CA GLY F 129 23.24 44.65 -45.05
C GLY F 129 24.41 45.20 -44.26
N VAL F 130 25.41 44.35 -43.97
CA VAL F 130 26.61 44.74 -43.21
C VAL F 130 27.72 43.74 -43.48
N SER F 131 28.95 44.18 -43.25
CA SER F 131 30.14 43.33 -43.35
C SER F 131 30.63 43.48 -41.92
N THR F 132 31.15 42.41 -41.33
CA THR F 132 31.60 42.46 -39.95
C THR F 132 33.04 42.05 -39.77
N ILE F 133 33.72 42.75 -38.87
CA ILE F 133 35.11 42.49 -38.52
C ILE F 133 35.01 42.08 -37.08
N PHE F 134 35.59 40.95 -36.72
CA PHE F 134 35.50 40.48 -35.35
C PHE F 134 36.61 39.50 -35.09
N GLY F 135 36.92 39.32 -33.81
CA GLY F 135 37.97 38.40 -33.45
C GLY F 135 38.19 38.45 -31.95
N GLY F 136 39.30 37.87 -31.50
CA GLY F 136 39.60 37.84 -30.08
C GLY F 136 40.76 36.91 -29.78
N VAL F 137 40.88 36.47 -28.53
CA VAL F 137 41.99 35.61 -28.13
C VAL F 137 41.61 34.22 -27.64
N ASP F 138 42.36 33.21 -28.03
CA ASP F 138 42.06 31.89 -27.57
C ASP F 138 43.26 30.97 -27.22
N LYS F 139 42.93 29.74 -26.85
CA LYS F 139 43.90 28.71 -26.45
C LYS F 139 45.18 28.73 -27.28
N ASN F 140 45.05 29.00 -28.57
CA ASN F 140 46.21 29.06 -29.44
C ASN F 140 46.27 30.26 -30.39
N GLY F 141 46.55 31.40 -29.78
CA GLY F 141 46.73 32.62 -30.54
C GLY F 141 45.62 33.61 -30.63
N ALA F 142 45.89 34.67 -31.38
CA ALA F 142 44.92 35.72 -31.62
C ALA F 142 44.33 35.39 -32.99
N HIS F 143 43.14 35.88 -33.27
CA HIS F 143 42.51 35.61 -34.55
C HIS F 143 41.65 36.80 -34.96
N LEU F 144 41.78 37.22 -36.23
CA LEU F 144 41.00 38.36 -36.75
C LEU F 144 40.28 37.92 -38.00
N TYR F 145 39.00 38.27 -38.15
CA TYR F 145 38.22 37.86 -39.31
C TYR F 145 37.32 38.95 -39.88
N MET F 146 36.90 38.74 -41.14
CA MET F 146 35.96 39.63 -41.83
C MET F 146 34.97 38.79 -42.63
N LEU F 147 33.71 39.14 -42.52
CA LEU F 147 32.64 38.40 -43.17
C LEU F 147 31.77 39.32 -43.99
N GLU F 148 31.62 38.95 -45.25
CA GLU F 148 30.85 39.71 -46.23
C GLU F 148 29.46 39.09 -46.39
N PRO F 149 28.47 39.88 -46.77
CA PRO F 149 27.11 39.43 -46.96
C PRO F 149 26.97 38.10 -47.63
N SER F 150 27.85 37.76 -48.55
CA SER F 150 27.71 36.47 -49.23
C SER F 150 27.98 35.34 -48.27
N GLY F 151 28.44 35.70 -47.08
CA GLY F 151 28.79 34.71 -46.09
C GLY F 151 30.22 34.24 -46.30
N SER F 152 31.02 35.00 -46.99
CA SER F 152 32.40 34.62 -47.16
C SER F 152 33.16 35.30 -46.02
N TYR F 153 34.13 34.59 -45.43
CA TYR F 153 34.95 35.12 -44.33
C TYR F 153 36.35 34.51 -44.38
N TRP F 154 37.36 35.28 -44.06
CA TRP F 154 38.72 34.76 -44.06
C TRP F 154 39.43 35.40 -42.91
N GLY F 155 40.68 35.00 -42.69
CA GLY F 155 41.47 35.58 -41.61
C GLY F 155 42.28 36.78 -42.09
N TYR F 156 42.33 37.86 -41.33
CA TYR F 156 43.04 39.03 -41.79
C TYR F 156 44.17 39.60 -40.94
N LYS F 157 45.31 39.92 -41.56
CA LYS F 157 46.42 40.53 -40.80
C LYS F 157 45.91 41.89 -40.36
N GLY F 158 44.97 42.40 -41.14
CA GLY F 158 44.32 43.68 -40.87
C GLY F 158 43.10 43.72 -41.79
N ALA F 159 42.08 44.51 -41.48
CA ALA F 159 40.90 44.57 -42.35
C ALA F 159 40.18 45.86 -42.21
N ALA F 160 39.50 46.23 -43.29
CA ALA F 160 38.75 47.46 -43.38
C ALA F 160 37.50 47.33 -44.25
N THR F 161 36.51 48.14 -43.93
CA THR F 161 35.27 48.14 -44.67
C THR F 161 34.46 49.39 -44.38
N GLY F 162 33.73 49.83 -45.42
CA GLY F 162 32.91 51.03 -45.36
C GLY F 162 33.39 51.96 -46.46
N LYS F 163 32.87 53.17 -46.51
CA LYS F 163 33.29 54.14 -47.52
C LYS F 163 34.81 54.30 -47.61
N GLY F 164 35.49 54.30 -46.47
CA GLY F 164 36.94 54.46 -46.46
C GLY F 164 37.73 53.19 -46.72
N ARG F 165 37.04 52.14 -47.11
CA ARG F 165 37.68 50.86 -47.38
C ARG F 165 39.06 50.89 -48.06
N GLN F 166 39.17 51.57 -49.19
CA GLN F 166 40.42 51.64 -49.99
C GLN F 166 41.58 52.43 -49.40
N SER F 167 41.29 53.54 -48.75
CA SER F 167 42.34 54.32 -48.11
C SER F 167 42.98 53.42 -47.05
N ALA F 168 42.13 52.83 -46.22
CA ALA F 168 42.58 51.95 -45.15
C ALA F 168 43.43 50.83 -45.68
N LYS F 169 42.85 49.93 -46.45
CA LYS F 169 43.62 48.81 -47.01
C LYS F 169 44.97 49.32 -47.53
N ALA F 170 45.01 50.57 -48.00
CA ALA F 170 46.27 51.14 -48.48
C ALA F 170 47.22 51.26 -47.31
N GLU F 171 46.82 52.03 -46.31
CA GLU F 171 47.65 52.24 -45.12
C GLU F 171 47.98 50.92 -44.43
N LEU F 172 47.05 49.98 -44.48
CA LEU F 172 47.22 48.67 -43.87
C LEU F 172 48.40 47.91 -44.49
N GLU F 173 48.42 47.83 -45.83
CA GLU F 173 49.50 47.11 -46.52
C GLU F 173 50.87 47.71 -46.11
N LYS F 174 50.93 49.03 -45.95
CA LYS F 174 52.16 49.71 -45.51
C LYS F 174 52.61 49.00 -44.23
N LEU F 175 51.75 49.00 -43.23
CA LEU F 175 52.05 48.37 -41.94
C LEU F 175 52.56 46.96 -42.12
N VAL F 176 51.83 46.14 -42.85
CA VAL F 176 52.27 44.77 -43.06
C VAL F 176 53.66 44.69 -43.64
N ASP F 177 53.94 45.52 -44.64
CA ASP F 177 55.25 45.53 -45.29
C ASP F 177 56.35 45.96 -44.30
N HIS F 178 56.06 46.93 -43.44
CA HIS F 178 57.04 47.44 -42.48
C HIS F 178 57.33 46.62 -41.19
N HIS F 179 56.32 45.99 -40.59
CA HIS F 179 56.52 45.22 -39.34
C HIS F 179 56.17 43.73 -39.38
N PRO F 180 56.93 42.93 -40.17
CA PRO F 180 56.64 41.48 -40.25
C PRO F 180 56.77 40.79 -38.89
N GLU F 181 57.55 41.43 -38.02
CA GLU F 181 57.80 40.96 -36.66
C GLU F 181 56.48 40.84 -35.92
N GLY F 182 55.55 41.70 -36.29
CA GLY F 182 54.25 41.76 -35.66
C GLY F 182 54.20 43.11 -34.99
N LEU F 183 53.20 43.35 -34.16
CA LEU F 183 53.09 44.64 -33.47
C LEU F 183 52.54 44.50 -32.05
N SER F 184 53.07 45.29 -31.13
CA SER F 184 52.59 45.24 -29.75
C SER F 184 51.26 45.97 -29.75
N ALA F 185 50.27 45.39 -29.07
CA ALA F 185 48.93 45.98 -28.98
C ALA F 185 48.90 47.49 -28.70
N ARG F 186 49.75 47.94 -27.78
CA ARG F 186 49.83 49.37 -27.44
C ARG F 186 50.08 50.17 -28.73
N GLU F 187 51.08 49.75 -29.50
CA GLU F 187 51.42 50.41 -30.76
C GLU F 187 50.20 50.36 -31.65
N ALA F 188 49.67 49.16 -31.84
CA ALA F 188 48.50 48.93 -32.69
C ALA F 188 47.29 49.83 -32.36
N VAL F 189 46.97 50.00 -31.09
CA VAL F 189 45.86 50.85 -30.72
C VAL F 189 46.08 52.22 -31.35
N LYS F 190 47.28 52.77 -31.19
CA LYS F 190 47.58 54.08 -31.77
C LYS F 190 47.29 54.03 -33.27
N GLN F 191 48.05 53.19 -33.99
CA GLN F 191 47.91 53.05 -35.45
C GLN F 191 46.45 52.98 -35.91
N ALA F 192 45.59 52.35 -35.10
CA ALA F 192 44.17 52.23 -35.42
C ALA F 192 43.51 53.61 -35.47
N ALA F 193 43.75 54.44 -34.47
CA ALA F 193 43.18 55.78 -34.49
C ALA F 193 43.60 56.54 -35.77
N LYS F 194 44.79 56.20 -36.29
CA LYS F 194 45.32 56.81 -37.52
C LYS F 194 44.45 56.42 -38.67
N ILE F 195 44.55 55.15 -39.04
CA ILE F 195 43.81 54.62 -40.16
C ILE F 195 42.38 55.10 -40.23
N ILE F 196 41.77 55.39 -39.10
CA ILE F 196 40.41 55.90 -39.16
C ILE F 196 40.41 57.37 -39.54
N TYR F 197 41.20 58.16 -38.83
CA TYR F 197 41.28 59.59 -39.09
C TYR F 197 41.55 59.83 -40.57
N LEU F 198 42.57 59.16 -41.09
CA LEU F 198 42.96 59.26 -42.49
C LEU F 198 41.75 58.94 -43.34
N ALA F 199 41.23 57.73 -43.16
CA ALA F 199 40.09 57.28 -43.94
C ALA F 199 38.85 58.14 -43.81
N HIS F 200 38.80 59.04 -42.81
CA HIS F 200 37.63 59.92 -42.66
C HIS F 200 37.53 60.95 -43.82
N GLU F 201 38.65 61.24 -44.48
CA GLU F 201 38.69 62.18 -45.59
C GLU F 201 37.68 61.82 -46.70
N ASP F 202 37.50 60.52 -46.95
CA ASP F 202 36.57 60.01 -47.96
C ASP F 202 35.13 60.46 -47.71
N ASN F 203 34.92 61.13 -46.58
CA ASN F 203 33.60 61.61 -46.17
C ASN F 203 33.83 62.85 -45.31
N LYS F 204 34.88 63.60 -45.63
CA LYS F 204 35.29 64.79 -44.90
C LYS F 204 34.25 65.89 -44.61
N GLU F 205 33.03 65.74 -45.15
CA GLU F 205 31.97 66.75 -44.96
C GLU F 205 31.29 66.87 -43.59
N LYS F 206 31.38 65.84 -42.76
CA LYS F 206 30.75 65.83 -41.44
C LYS F 206 31.80 65.55 -40.34
N ASP F 207 31.50 65.93 -39.09
CA ASP F 207 32.43 65.70 -37.98
C ASP F 207 32.18 64.31 -37.41
N PHE F 208 33.19 63.72 -36.77
CA PHE F 208 33.05 62.37 -36.25
C PHE F 208 33.55 62.13 -34.83
N GLU F 209 33.20 60.96 -34.32
CA GLU F 209 33.60 60.54 -33.00
C GLU F 209 34.30 59.21 -33.19
N LEU F 210 35.35 59.02 -32.43
CA LEU F 210 36.12 57.80 -32.54
C LEU F 210 35.78 56.78 -31.46
N GLU F 211 35.97 55.50 -31.77
CA GLU F 211 35.66 54.44 -30.84
C GLU F 211 36.59 53.26 -31.11
N ILE F 212 37.26 52.77 -30.08
CA ILE F 212 38.20 51.66 -30.23
C ILE F 212 37.99 50.63 -29.14
N SER F 213 38.64 49.49 -29.32
CA SER F 213 38.56 48.40 -28.38
C SER F 213 39.67 47.38 -28.64
N TRP F 214 40.06 46.65 -27.61
CA TRP F 214 41.10 45.68 -27.76
C TRP F 214 40.93 44.45 -26.89
N CYS F 215 41.73 43.44 -27.23
CA CYS F 215 41.78 42.17 -26.56
C CYS F 215 43.24 41.76 -26.67
N SER F 216 43.94 41.73 -25.55
CA SER F 216 45.37 41.40 -25.50
C SER F 216 45.74 40.48 -24.32
N LEU F 217 46.44 39.40 -24.67
CA LEU F 217 46.88 38.39 -23.73
C LEU F 217 47.75 39.00 -22.63
N SER F 218 48.25 40.22 -22.84
CA SER F 218 49.08 40.89 -21.84
C SER F 218 48.55 42.25 -21.38
N GLU F 219 47.68 42.86 -22.15
CA GLU F 219 47.15 44.15 -21.75
C GLU F 219 45.75 44.07 -21.16
N THR F 220 45.01 43.01 -21.48
CA THR F 220 43.66 42.83 -20.96
C THR F 220 43.34 41.42 -20.49
N ASN F 221 44.41 40.64 -20.31
CA ASN F 221 44.29 39.28 -19.82
C ASN F 221 43.53 38.35 -20.75
N GLY F 222 43.07 38.86 -21.88
CA GLY F 222 42.35 38.00 -22.79
C GLY F 222 40.90 38.39 -22.96
N LEU F 223 40.38 39.14 -22.01
CA LEU F 223 39.00 39.56 -22.11
C LEU F 223 38.98 40.75 -23.06
N HIS F 224 37.80 41.09 -23.57
CA HIS F 224 37.68 42.19 -24.51
C HIS F 224 37.22 43.41 -23.76
N LYS F 225 37.97 44.49 -23.86
CA LYS F 225 37.57 45.69 -23.17
C LYS F 225 37.68 46.86 -24.11
N PHE F 226 36.91 47.89 -23.81
CA PHE F 226 36.92 49.10 -24.63
C PHE F 226 38.05 49.99 -24.19
N VAL F 227 38.27 51.05 -24.94
CA VAL F 227 39.31 51.97 -24.59
C VAL F 227 38.63 53.18 -23.98
N LYS F 228 39.13 53.61 -22.83
CA LYS F 228 38.56 54.75 -22.14
C LYS F 228 39.66 55.59 -21.50
N GLY F 229 39.29 56.81 -21.12
CA GLY F 229 40.20 57.73 -20.46
C GLY F 229 41.59 57.97 -21.03
N ASP F 230 42.57 57.90 -20.13
CA ASP F 230 43.99 58.13 -20.44
C ASP F 230 44.46 57.52 -21.76
N LEU F 231 44.33 56.21 -21.85
CA LEU F 231 44.75 55.47 -23.02
C LEU F 231 44.13 55.97 -24.32
N LEU F 232 42.87 56.39 -24.28
CA LEU F 232 42.17 56.86 -25.47
C LEU F 232 42.65 58.19 -26.01
N GLN F 233 42.72 59.21 -25.15
CA GLN F 233 43.17 60.53 -25.57
C GLN F 233 44.57 60.44 -26.20
N GLU F 234 45.41 59.57 -25.63
CA GLU F 234 46.77 59.34 -26.12
C GLU F 234 46.72 59.11 -27.65
N ALA F 235 45.89 58.19 -28.10
CA ALA F 235 45.78 57.92 -29.54
C ALA F 235 45.05 58.98 -30.34
N ILE F 236 44.04 59.63 -29.78
CA ILE F 236 43.34 60.67 -30.52
C ILE F 236 44.37 61.68 -30.96
N ASP F 237 45.27 62.01 -30.04
CA ASP F 237 46.30 62.98 -30.33
C ASP F 237 47.38 62.50 -31.28
N PHE F 238 47.87 61.28 -31.09
CA PHE F 238 48.89 60.71 -31.99
C PHE F 238 48.36 60.83 -33.41
N ALA F 239 47.05 60.92 -33.57
CA ALA F 239 46.44 61.05 -34.90
C ALA F 239 46.62 62.44 -35.49
N GLN F 240 45.96 63.44 -34.90
CA GLN F 240 46.03 64.81 -35.38
C GLN F 240 47.46 65.32 -35.65
N LYS F 241 48.44 64.51 -35.26
CA LYS F 241 49.85 64.81 -35.47
C LYS F 241 50.33 64.48 -36.89
N GLU F 242 50.32 63.20 -37.27
CA GLU F 242 50.80 62.75 -38.60
C GLU F 242 49.99 63.10 -39.86
N ILE F 243 48.90 63.85 -39.68
CA ILE F 243 48.03 64.26 -40.80
C ILE F 243 48.64 65.31 -41.76
N ASN F 244 49.40 66.25 -41.20
CA ASN F 244 50.00 67.33 -41.99
C ASN F 244 51.51 67.15 -42.19
N ALA G 1 5.11 31.94 -66.19
CA ALA G 1 5.64 31.28 -67.42
C ALA G 1 7.09 31.69 -67.74
N GLY G 2 7.29 32.93 -68.20
CA GLY G 2 8.62 33.43 -68.53
C GLY G 2 9.59 33.54 -67.35
N TYR G 3 9.14 33.05 -66.19
CA TYR G 3 9.93 33.04 -64.96
C TYR G 3 10.64 31.71 -64.87
N ASP G 4 10.35 30.81 -65.79
CA ASP G 4 10.94 29.48 -65.79
C ASP G 4 12.45 29.44 -65.80
N ARG G 5 13.08 30.60 -65.67
CA ARG G 5 14.52 30.64 -65.64
C ARG G 5 14.98 31.14 -64.28
N HIS G 6 14.04 31.28 -63.35
CA HIS G 6 14.38 31.74 -62.01
C HIS G 6 14.38 30.60 -60.97
N ILE G 7 13.46 29.65 -61.10
CA ILE G 7 13.39 28.56 -60.16
C ILE G 7 13.66 27.21 -60.83
N THR G 8 13.81 26.17 -60.04
CA THR G 8 14.10 24.87 -60.62
C THR G 8 12.92 24.19 -61.24
N ILE G 9 12.41 24.74 -62.33
CA ILE G 9 11.31 24.09 -63.02
C ILE G 9 11.78 23.83 -64.42
N PHE G 10 11.01 23.10 -65.19
CA PHE G 10 11.45 22.79 -66.52
C PHE G 10 11.28 23.88 -67.57
N SER G 11 12.31 24.10 -68.38
CA SER G 11 12.23 25.06 -69.49
C SER G 11 11.58 24.22 -70.59
N PRO G 12 10.84 24.84 -71.52
CA PRO G 12 10.19 24.05 -72.57
C PRO G 12 11.10 23.06 -73.31
N GLU G 13 12.42 23.19 -73.15
CA GLU G 13 13.36 22.30 -73.81
C GLU G 13 13.76 21.10 -72.95
N GLY G 14 13.35 21.14 -71.69
CA GLY G 14 13.65 20.08 -70.73
C GLY G 14 14.95 20.36 -70.02
N ARG G 15 15.19 21.61 -69.66
CA ARG G 15 16.43 21.94 -69.02
C ARG G 15 16.12 22.72 -67.78
N LEU G 16 16.99 22.67 -66.80
CA LEU G 16 16.78 23.38 -65.55
C LEU G 16 17.89 24.37 -65.51
N TYR G 17 17.63 25.51 -66.12
CA TYR G 17 18.64 26.55 -66.21
C TYR G 17 19.29 26.84 -64.90
N GLN G 18 18.51 26.88 -63.83
CA GLN G 18 19.08 27.18 -62.54
C GLN G 18 20.20 26.23 -62.17
N VAL G 19 20.09 24.99 -62.59
CA VAL G 19 21.13 24.05 -62.31
C VAL G 19 22.30 24.46 -63.15
N GLU G 20 22.04 24.67 -64.42
CA GLU G 20 23.11 25.05 -65.34
C GLU G 20 23.89 26.28 -64.93
N TYR G 21 23.20 27.33 -64.52
CA TYR G 21 23.86 28.57 -64.12
C TYR G 21 24.76 28.35 -62.93
N ALA G 22 24.36 27.49 -62.01
CA ALA G 22 25.18 27.22 -60.85
C ALA G 22 26.51 26.64 -61.32
N PHE G 23 26.45 25.67 -62.25
CA PHE G 23 27.66 25.05 -62.80
C PHE G 23 28.67 26.13 -63.23
N LYS G 24 28.16 27.28 -63.65
CA LYS G 24 29.05 28.34 -64.03
C LYS G 24 29.62 29.03 -62.80
N ALA G 25 28.83 29.08 -61.71
CA ALA G 25 29.31 29.71 -60.48
C ALA G 25 30.50 28.99 -59.90
N THR G 26 30.55 27.69 -60.12
CA THR G 26 31.65 26.92 -59.61
C THR G 26 32.99 27.43 -60.10
N ASN G 27 33.00 28.26 -61.13
CA ASN G 27 34.24 28.78 -61.66
C ASN G 27 34.55 30.21 -61.21
N GLN G 28 33.67 30.83 -60.43
CA GLN G 28 33.91 32.22 -60.05
C GLN G 28 35.25 32.53 -59.44
N THR G 29 35.89 31.52 -58.86
CA THR G 29 37.18 31.68 -58.17
C THR G 29 38.42 31.58 -59.02
N ASN G 30 38.30 30.91 -60.16
CA ASN G 30 39.41 30.71 -61.10
C ASN G 30 40.47 29.84 -60.47
N ILE G 31 40.04 28.71 -59.91
CA ILE G 31 40.96 27.75 -59.27
C ILE G 31 40.77 26.35 -59.84
N ASN G 32 41.86 25.69 -60.20
CA ASN G 32 41.77 24.33 -60.71
C ASN G 32 42.22 23.43 -59.59
N SER G 33 42.00 22.14 -59.78
CA SER G 33 42.40 21.17 -58.79
C SER G 33 42.22 19.81 -59.40
N LEU G 34 42.89 18.82 -58.84
CA LEU G 34 42.76 17.49 -59.40
C LEU G 34 43.06 16.48 -58.33
N ALA G 35 42.86 15.21 -58.67
CA ALA G 35 43.13 14.13 -57.74
C ALA G 35 43.52 12.87 -58.45
N VAL G 36 44.31 12.05 -57.75
CA VAL G 36 44.79 10.79 -58.29
C VAL G 36 44.98 9.74 -57.22
N ARG G 37 44.92 8.48 -57.65
CA ARG G 37 45.06 7.33 -56.77
C ARG G 37 46.42 6.61 -56.87
N GLY G 38 46.92 6.16 -55.72
CA GLY G 38 48.19 5.46 -55.63
C GLY G 38 47.98 3.96 -55.47
N LYS G 39 48.94 3.27 -54.84
CA LYS G 39 48.84 1.83 -54.61
C LYS G 39 48.01 1.64 -53.33
N ASP G 40 48.33 2.44 -52.32
CA ASP G 40 47.64 2.42 -51.05
C ASP G 40 47.55 3.83 -50.49
N CYS G 41 46.98 4.72 -51.28
CA CYS G 41 46.75 6.11 -50.90
C CYS G 41 45.94 6.85 -51.97
N THR G 42 45.66 8.13 -51.74
CA THR G 42 44.88 8.92 -52.68
C THR G 42 45.25 10.36 -52.40
N VAL G 43 45.53 11.13 -53.45
CA VAL G 43 45.95 12.51 -53.32
C VAL G 43 45.17 13.54 -54.09
N VAL G 44 45.07 14.75 -53.54
CA VAL G 44 44.39 15.81 -54.22
C VAL G 44 45.21 17.04 -54.09
N ILE G 45 45.11 17.86 -55.13
CA ILE G 45 45.80 19.13 -55.21
C ILE G 45 44.84 20.18 -55.72
N SER G 46 45.06 21.41 -55.28
CA SER G 46 44.25 22.52 -55.68
C SER G 46 45.19 23.72 -55.61
N GLN G 47 44.92 24.72 -56.45
CA GLN G 47 45.73 25.93 -56.49
C GLN G 47 45.32 26.77 -55.32
N LYS G 48 46.29 27.47 -54.75
CA LYS G 48 46.03 28.32 -53.62
C LYS G 48 46.40 29.68 -54.15
N LYS G 49 45.42 30.53 -54.35
CA LYS G 49 45.71 31.86 -54.86
C LYS G 49 45.22 32.83 -53.80
N VAL G 50 46.16 33.62 -53.29
CA VAL G 50 45.86 34.62 -52.28
C VAL G 50 46.22 35.99 -52.84
N PRO G 51 45.27 36.67 -53.48
CA PRO G 51 45.57 37.99 -54.05
C PRO G 51 45.90 39.01 -52.99
N ASP G 52 44.90 39.40 -52.21
CA ASP G 52 45.08 40.39 -51.17
C ASP G 52 46.24 39.97 -50.27
N LYS G 53 47.23 40.84 -50.10
CA LYS G 53 48.39 40.55 -49.25
C LYS G 53 48.00 40.69 -47.78
N LEU G 54 46.73 41.03 -47.55
CA LEU G 54 46.22 41.20 -46.21
C LEU G 54 45.50 40.00 -45.62
N LEU G 55 45.72 38.83 -46.19
CA LEU G 55 45.03 37.66 -45.69
C LEU G 55 45.99 36.73 -44.93
N ASP G 56 45.54 36.19 -43.80
CA ASP G 56 46.34 35.25 -43.04
C ASP G 56 46.21 33.96 -43.85
N PRO G 57 47.17 33.73 -44.75
CA PRO G 57 47.25 32.59 -45.67
C PRO G 57 46.89 31.25 -45.08
N THR G 58 47.24 31.04 -43.82
CA THR G 58 46.94 29.78 -43.19
C THR G 58 45.46 29.50 -43.07
N THR G 59 44.62 30.48 -43.39
CA THR G 59 43.19 30.27 -43.29
C THR G 59 42.48 30.17 -44.65
N VAL G 60 43.25 30.21 -45.74
CA VAL G 60 42.67 30.12 -47.08
C VAL G 60 42.73 28.69 -47.58
N SER G 61 41.59 28.04 -47.61
CA SER G 61 41.55 26.68 -48.09
C SER G 61 40.22 26.28 -48.63
N TYR G 62 40.26 25.38 -49.59
CA TYR G 62 39.06 24.85 -50.18
C TYR G 62 39.21 23.34 -50.03
N ILE G 63 40.00 22.95 -49.02
CA ILE G 63 40.24 21.55 -48.67
C ILE G 63 39.77 21.36 -47.22
N PHE G 64 38.98 20.31 -46.99
CA PHE G 64 38.46 20.07 -45.67
C PHE G 64 38.61 18.66 -45.26
N CYS G 65 38.79 18.48 -43.98
CA CYS G 65 38.92 17.16 -43.42
C CYS G 65 37.53 16.85 -42.91
N ILE G 66 36.95 15.79 -43.41
CA ILE G 66 35.62 15.47 -42.98
C ILE G 66 35.67 14.50 -41.84
N SER G 67 36.35 13.39 -42.04
CA SER G 67 36.41 12.40 -41.00
C SER G 67 37.82 11.91 -40.97
N ARG G 68 38.14 11.15 -39.93
CA ARG G 68 39.46 10.60 -39.78
C ARG G 68 39.89 9.98 -41.11
N THR G 69 38.95 9.55 -41.93
CA THR G 69 39.30 8.93 -43.22
C THR G 69 38.90 9.69 -44.47
N ILE G 70 37.87 10.52 -44.37
CA ILE G 70 37.38 11.23 -45.53
C ILE G 70 37.85 12.67 -45.65
N GLY G 71 38.29 13.00 -46.86
CA GLY G 71 38.75 14.34 -47.18
C GLY G 71 38.01 14.82 -48.41
N MET G 72 37.73 16.10 -48.44
CA MET G 72 36.98 16.65 -49.55
C MET G 72 37.58 17.94 -50.04
N VAL G 73 37.52 18.13 -51.36
CA VAL G 73 38.04 19.33 -51.99
C VAL G 73 36.91 20.00 -52.72
N VAL G 74 36.87 21.33 -52.66
CA VAL G 74 35.79 22.12 -53.25
C VAL G 74 36.12 23.17 -54.30
N ASN G 75 35.39 23.14 -55.41
CA ASN G 75 35.54 24.13 -56.46
C ASN G 75 34.25 24.96 -56.45
N GLY G 76 34.32 26.17 -55.91
CA GLY G 76 33.13 27.00 -55.88
C GLY G 76 33.34 28.12 -54.90
N PRO G 77 32.36 29.00 -54.73
CA PRO G 77 32.50 30.12 -53.80
C PRO G 77 32.79 29.54 -52.44
N ILE G 78 33.27 30.34 -51.52
CA ILE G 78 33.57 29.79 -50.23
C ILE G 78 32.36 29.54 -49.37
N PRO G 79 31.47 30.56 -49.22
CA PRO G 79 30.31 30.29 -48.37
C PRO G 79 29.54 28.99 -48.70
N ASP G 80 29.31 28.70 -49.97
CA ASP G 80 28.62 27.48 -50.31
C ASP G 80 29.47 26.26 -50.04
N ALA G 81 30.77 26.45 -49.97
CA ALA G 81 31.67 25.33 -49.72
C ALA G 81 31.60 24.92 -48.25
N ARG G 82 31.83 25.86 -47.37
CA ARG G 82 31.77 25.54 -45.97
C ARG G 82 30.44 24.91 -45.59
N ASN G 83 29.34 25.40 -46.15
CA ASN G 83 28.03 24.86 -45.87
C ASN G 83 28.13 23.36 -46.09
N ALA G 84 28.40 22.97 -47.32
CA ALA G 84 28.57 21.57 -47.66
C ALA G 84 29.51 20.83 -46.71
N ALA G 85 30.55 21.50 -46.27
CA ALA G 85 31.49 20.89 -45.36
C ALA G 85 30.76 20.44 -44.09
N LEU G 86 30.21 21.41 -43.37
CA LEU G 86 29.48 21.17 -42.15
C LEU G 86 28.57 19.98 -42.32
N ARG G 87 27.71 20.01 -43.32
CA ARG G 87 26.80 18.91 -43.52
C ARG G 87 27.52 17.61 -43.77
N ALA G 88 28.62 17.65 -44.50
CA ALA G 88 29.36 16.43 -44.76
C ALA G 88 29.78 15.84 -43.43
N LYS G 89 30.43 16.66 -42.63
CA LYS G 89 30.86 16.23 -41.32
C LYS G 89 29.67 15.66 -40.51
N ALA G 90 28.60 16.44 -40.38
CA ALA G 90 27.43 16.02 -39.62
C ALA G 90 26.91 14.70 -40.08
N GLU G 91 26.79 14.55 -41.38
CA GLU G 91 26.31 13.32 -41.95
C GLU G 91 27.30 12.23 -41.64
N ALA G 92 28.58 12.58 -41.54
CA ALA G 92 29.61 11.59 -41.27
C ALA G 92 29.57 11.03 -39.86
N ALA G 93 29.24 11.89 -38.91
CA ALA G 93 29.15 11.47 -37.53
C ALA G 93 27.91 10.61 -37.39
N GLU G 94 26.76 11.15 -37.78
CA GLU G 94 25.53 10.41 -37.66
C GLU G 94 25.71 9.02 -38.21
N PHE G 95 26.21 8.90 -39.43
CA PHE G 95 26.43 7.59 -40.02
C PHE G 95 27.16 6.65 -39.07
N ARG G 96 28.24 7.13 -38.47
CA ARG G 96 29.02 6.29 -37.56
C ARG G 96 28.26 5.92 -36.30
N TYR G 97 27.62 6.91 -35.68
CA TYR G 97 26.86 6.68 -34.47
C TYR G 97 25.81 5.67 -34.75
N LYS G 98 24.99 5.94 -35.75
CA LYS G 98 23.92 5.04 -36.09
C LYS G 98 24.32 3.67 -36.63
N TYR G 99 25.31 3.61 -37.49
CA TYR G 99 25.69 2.34 -38.13
C TYR G 99 26.92 1.55 -37.66
N GLY G 100 27.74 2.18 -36.83
CA GLY G 100 28.88 1.49 -36.27
C GLY G 100 30.27 1.59 -36.87
N TYR G 101 30.36 1.76 -38.19
CA TYR G 101 31.63 1.87 -38.87
C TYR G 101 31.75 3.22 -39.49
N ASP G 102 32.93 3.54 -40.01
CA ASP G 102 33.14 4.82 -40.63
C ASP G 102 32.45 4.92 -41.98
N MET G 103 31.93 6.11 -42.26
CA MET G 103 31.21 6.36 -43.48
C MET G 103 32.09 6.26 -44.66
N PRO G 104 31.74 5.39 -45.61
CA PRO G 104 32.51 5.21 -46.82
C PRO G 104 32.39 6.47 -47.64
N CYS G 105 33.42 6.72 -48.42
CA CYS G 105 33.51 7.87 -49.30
C CYS G 105 32.45 7.81 -50.37
N ASP G 106 32.30 6.64 -50.98
CA ASP G 106 31.31 6.51 -52.01
C ASP G 106 29.94 6.74 -51.44
N VAL G 107 29.74 6.33 -50.19
CA VAL G 107 28.47 6.53 -49.57
C VAL G 107 28.27 8.00 -49.25
N LEU G 108 29.23 8.61 -48.58
CA LEU G 108 29.06 10.01 -48.26
C LEU G 108 28.68 10.77 -49.51
N ALA G 109 29.29 10.42 -50.63
CA ALA G 109 28.98 11.11 -51.88
C ALA G 109 27.51 10.97 -52.18
N LYS G 110 27.06 9.74 -52.37
CA LYS G 110 25.67 9.49 -52.68
C LYS G 110 24.76 10.30 -51.78
N ARG G 111 25.00 10.27 -50.48
CA ARG G 111 24.13 11.05 -49.60
C ARG G 111 24.21 12.51 -50.02
N MET G 112 25.40 13.09 -50.15
CA MET G 112 25.47 14.47 -50.57
C MET G 112 24.76 14.71 -51.88
N ALA G 113 24.94 13.81 -52.83
CA ALA G 113 24.28 13.97 -54.11
C ALA G 113 22.79 14.04 -53.90
N ASN G 114 22.24 13.06 -53.20
CA ASN G 114 20.80 13.01 -52.93
C ASN G 114 20.29 14.31 -52.34
N LEU G 115 21.13 14.93 -51.53
CA LEU G 115 20.77 16.18 -50.95
C LEU G 115 20.70 17.22 -52.03
N SER G 116 21.63 17.16 -52.96
CA SER G 116 21.64 18.13 -54.05
C SER G 116 20.46 17.93 -54.95
N GLN G 117 20.21 16.69 -55.33
CA GLN G 117 19.08 16.39 -56.17
C GLN G 117 17.89 17.08 -55.57
N ILE G 118 17.72 17.00 -54.28
CA ILE G 118 16.59 17.65 -53.67
C ILE G 118 16.46 19.11 -54.05
N TYR G 119 17.54 19.86 -54.05
CA TYR G 119 17.48 21.28 -54.39
C TYR G 119 17.11 21.51 -55.87
N THR G 120 17.31 20.47 -56.66
CA THR G 120 17.00 20.45 -58.07
C THR G 120 15.51 20.34 -58.28
N GLN G 121 14.81 19.73 -57.32
CA GLN G 121 13.37 19.47 -57.41
C GLN G 121 12.43 20.25 -56.54
N ARG G 122 12.96 20.95 -55.54
CA ARG G 122 12.11 21.75 -54.68
C ARG G 122 12.43 23.23 -54.91
N ALA G 123 11.39 23.98 -55.27
CA ALA G 123 11.52 25.37 -55.59
C ALA G 123 11.99 26.30 -54.50
N TYR G 124 12.05 25.86 -53.25
CA TYR G 124 12.51 26.78 -52.21
C TYR G 124 14.01 26.81 -52.06
N MET G 125 14.67 25.74 -52.46
CA MET G 125 16.10 25.65 -52.32
C MET G 125 16.82 25.87 -53.66
N ARG G 126 17.95 26.59 -53.60
CA ARG G 126 18.77 26.80 -54.78
C ARG G 126 19.85 25.74 -54.69
N PRO G 127 20.44 25.36 -55.81
CA PRO G 127 21.48 24.36 -55.63
C PRO G 127 22.65 25.16 -55.10
N LEU G 128 23.70 24.47 -54.72
CA LEU G 128 24.86 25.17 -54.23
C LEU G 128 25.78 25.20 -55.41
N GLY G 129 26.51 26.29 -55.54
CA GLY G 129 27.46 26.41 -56.64
C GLY G 129 28.78 25.77 -56.30
N VAL G 130 28.80 24.44 -56.20
CA VAL G 130 30.02 23.74 -55.83
C VAL G 130 30.06 22.34 -56.37
N ILE G 131 31.24 21.89 -56.77
CA ILE G 131 31.44 20.54 -57.24
C ILE G 131 32.28 20.00 -56.11
N LEU G 132 31.91 18.84 -55.58
CA LEU G 132 32.61 18.26 -54.43
C LEU G 132 33.35 16.99 -54.81
N THR G 133 34.62 16.92 -54.43
CA THR G 133 35.42 15.76 -54.72
C THR G 133 35.74 15.14 -53.39
N PHE G 134 35.34 13.89 -53.20
CA PHE G 134 35.59 13.21 -51.94
C PHE G 134 36.62 12.16 -52.15
N VAL G 135 37.53 12.03 -51.19
CA VAL G 135 38.60 11.03 -51.26
C VAL G 135 39.01 10.44 -49.93
N SER G 136 39.48 9.20 -50.00
CA SER G 136 39.91 8.43 -48.85
C SER G 136 40.48 7.14 -49.39
N VAL G 137 40.67 6.16 -48.49
CA VAL G 137 41.16 4.84 -48.86
C VAL G 137 40.21 3.93 -48.11
N ASP G 138 39.15 3.54 -48.79
CA ASP G 138 38.14 2.69 -48.22
C ASP G 138 38.75 1.39 -47.73
N GLU G 139 38.29 0.87 -46.58
CA GLU G 139 38.87 -0.36 -46.09
C GLU G 139 38.43 -1.52 -46.94
N GLU G 140 37.50 -1.28 -47.84
CA GLU G 140 37.00 -2.32 -48.70
C GLU G 140 37.34 -2.18 -50.17
N LEU G 141 37.07 -1.01 -50.73
CA LEU G 141 37.29 -0.77 -52.14
C LEU G 141 38.66 -0.29 -52.54
N GLY G 142 39.40 0.26 -51.58
CA GLY G 142 40.74 0.75 -51.87
C GLY G 142 40.68 2.26 -51.97
N PRO G 143 41.74 2.92 -52.44
CA PRO G 143 41.81 4.38 -52.59
C PRO G 143 40.63 4.76 -53.45
N SER G 144 39.92 5.82 -53.10
CA SER G 144 38.75 6.18 -53.88
C SER G 144 38.66 7.64 -54.12
N ILE G 145 37.86 7.98 -55.12
CA ILE G 145 37.63 9.36 -55.55
C ILE G 145 36.24 9.49 -56.16
N TYR G 146 35.31 10.12 -55.45
CA TYR G 146 33.96 10.29 -55.94
C TYR G 146 33.65 11.76 -55.97
N LYS G 147 32.90 12.16 -57.00
CA LYS G 147 32.51 13.57 -57.20
C LYS G 147 30.99 13.82 -57.39
N THR G 148 30.55 14.98 -56.95
CA THR G 148 29.15 15.31 -57.09
C THR G 148 29.10 16.73 -57.55
N ASP G 149 27.99 17.10 -58.19
CA ASP G 149 27.79 18.44 -58.74
C ASP G 149 26.37 18.89 -58.50
N PRO G 150 26.08 20.17 -58.71
CA PRO G 150 24.72 20.71 -58.50
C PRO G 150 23.61 19.98 -59.21
N ALA G 151 23.91 19.30 -60.30
CA ALA G 151 22.89 18.57 -61.00
C ALA G 151 22.40 17.43 -60.14
N GLY G 152 23.28 16.99 -59.25
CA GLY G 152 22.95 15.91 -58.36
C GLY G 152 23.57 14.63 -58.86
N TYR G 153 24.55 14.77 -59.75
CA TYR G 153 25.25 13.65 -60.37
C TYR G 153 26.43 13.32 -59.51
N TYR G 154 26.73 12.05 -59.41
CA TYR G 154 27.85 11.62 -58.63
C TYR G 154 28.35 10.35 -59.29
N VAL G 155 29.66 10.22 -59.40
CA VAL G 155 30.24 9.04 -59.99
C VAL G 155 31.65 9.00 -59.48
N GLY G 156 32.26 7.82 -59.58
CA GLY G 156 33.61 7.66 -59.10
C GLY G 156 34.58 7.69 -60.25
N TYR G 157 35.73 8.29 -60.03
CA TYR G 157 36.72 8.43 -61.07
C TYR G 157 38.01 7.64 -60.86
N LYS G 158 38.67 7.23 -61.96
CA LYS G 158 39.97 6.55 -61.86
C LYS G 158 40.94 7.70 -61.48
N ALA G 159 40.52 8.95 -61.75
CA ALA G 159 41.23 10.19 -61.44
C ALA G 159 40.39 11.31 -62.08
N THR G 160 40.58 12.57 -61.67
CA THR G 160 39.77 13.66 -62.25
C THR G 160 40.34 15.02 -61.91
N ALA G 161 39.75 16.06 -62.50
CA ALA G 161 40.18 17.44 -62.24
C ALA G 161 39.00 18.36 -62.45
N THR G 162 39.12 19.57 -61.92
CA THR G 162 38.04 20.51 -61.98
C THR G 162 38.49 21.96 -61.94
N GLY G 163 37.71 22.82 -62.62
CA GLY G 163 37.98 24.25 -62.70
C GLY G 163 37.81 24.78 -64.11
N PRO G 164 38.30 25.97 -64.42
CA PRO G 164 38.14 26.50 -65.77
C PRO G 164 38.93 25.67 -66.75
N LYS G 165 40.16 25.32 -66.35
CA LYS G 165 41.06 24.57 -67.19
C LYS G 165 40.94 23.05 -67.09
N GLN G 166 39.75 22.62 -66.72
CA GLN G 166 39.40 21.21 -66.57
C GLN G 166 39.92 20.34 -67.70
N GLN G 167 39.41 20.61 -68.91
CA GLN G 167 39.76 19.83 -70.07
C GLN G 167 41.23 19.69 -70.34
N GLU G 168 41.98 20.77 -70.15
CA GLU G 168 43.42 20.70 -70.40
C GLU G 168 43.96 19.54 -69.61
N ILE G 169 43.75 19.63 -68.31
CA ILE G 169 44.21 18.61 -67.38
C ILE G 169 43.64 17.23 -67.65
N THR G 170 42.34 17.14 -67.84
CA THR G 170 41.72 15.86 -68.11
C THR G 170 42.40 15.20 -69.31
N THR G 171 42.53 15.92 -70.43
CA THR G 171 43.16 15.36 -71.61
C THR G 171 44.59 14.92 -71.30
N ASN G 172 45.34 15.76 -70.61
CA ASN G 172 46.72 15.45 -70.25
C ASN G 172 46.79 14.10 -69.56
N LEU G 173 45.96 13.97 -68.55
CA LEU G 173 45.89 12.73 -67.76
C LEU G 173 45.38 11.56 -68.58
N GLU G 174 44.35 11.81 -69.40
CA GLU G 174 43.76 10.78 -70.26
C GLU G 174 44.90 10.10 -71.02
N ASN G 175 45.84 10.90 -71.51
CA ASN G 175 46.95 10.33 -72.23
C ASN G 175 47.80 9.44 -71.34
N HIS G 176 48.31 9.95 -70.21
CA HIS G 176 49.13 9.12 -69.32
C HIS G 176 48.59 7.71 -69.14
N PHE G 177 47.30 7.60 -68.83
CA PHE G 177 46.71 6.28 -68.62
C PHE G 177 46.58 5.45 -69.90
N LYS G 178 46.30 6.08 -71.03
CA LYS G 178 46.23 5.32 -72.27
C LYS G 178 47.64 4.78 -72.52
N LYS G 179 48.64 5.52 -72.03
CA LYS G 179 50.06 5.18 -72.17
C LYS G 179 50.52 4.00 -71.28
N SER G 180 50.09 4.00 -70.01
CA SER G 180 50.48 2.93 -69.09
C SER G 180 49.54 1.72 -68.92
N LYS G 181 48.25 1.88 -69.26
CA LYS G 181 47.23 0.81 -69.22
C LYS G 181 46.54 0.44 -67.89
N ILE G 182 46.98 1.05 -66.78
CA ILE G 182 46.42 0.75 -65.45
C ILE G 182 45.54 1.85 -64.81
N ASP G 183 44.78 1.47 -63.78
CA ASP G 183 43.90 2.41 -63.08
C ASP G 183 44.48 2.99 -61.77
N HIS G 184 45.69 3.59 -61.81
CA HIS G 184 46.34 4.16 -60.61
C HIS G 184 47.85 4.28 -60.77
N ILE G 185 48.49 5.17 -60.03
CA ILE G 185 49.95 5.29 -60.11
C ILE G 185 50.56 3.99 -59.59
N ASN G 186 51.83 3.72 -59.85
CA ASN G 186 52.46 2.51 -59.36
C ASN G 186 53.68 2.86 -58.53
N GLU G 187 53.45 3.63 -57.47
CA GLU G 187 54.51 4.02 -56.55
C GLU G 187 54.04 3.67 -55.11
N GLU G 188 54.93 3.12 -54.29
CA GLU G 188 54.56 2.70 -52.94
C GLU G 188 54.40 3.82 -51.94
N SER G 189 55.27 4.81 -51.98
CA SER G 189 55.13 5.84 -50.97
C SER G 189 54.23 6.93 -51.47
N TRP G 190 53.45 7.48 -50.56
CA TRP G 190 52.55 8.57 -50.93
C TRP G 190 53.36 9.80 -51.35
N GLU G 191 54.61 9.86 -50.92
CA GLU G 191 55.46 11.00 -51.24
C GLU G 191 55.76 11.18 -52.75
N LYS G 192 55.94 10.07 -53.47
CA LYS G 192 56.19 10.17 -54.92
C LYS G 192 54.88 10.56 -55.58
N VAL G 193 53.78 9.95 -55.16
CA VAL G 193 52.48 10.25 -55.74
C VAL G 193 52.11 11.73 -55.70
N VAL G 194 52.43 12.40 -54.60
CA VAL G 194 52.17 13.83 -54.53
C VAL G 194 52.99 14.45 -55.63
N GLU G 195 54.22 13.96 -55.79
CA GLU G 195 55.11 14.47 -56.81
C GLU G 195 54.46 14.35 -58.21
N PHE G 196 54.16 13.12 -58.63
CA PHE G 196 53.55 12.83 -59.93
C PHE G 196 52.49 13.86 -60.26
N ALA G 197 51.67 14.11 -59.26
CA ALA G 197 50.58 15.06 -59.34
C ALA G 197 51.05 16.42 -59.76
N ILE G 198 51.76 17.12 -58.88
CA ILE G 198 52.21 18.46 -59.23
C ILE G 198 52.86 18.53 -60.60
N THR G 199 53.61 17.47 -60.95
CA THR G 199 54.27 17.38 -62.25
C THR G 199 53.28 17.60 -63.38
N HIS G 200 52.32 16.68 -63.46
CA HIS G 200 51.32 16.75 -64.49
C HIS G 200 50.54 18.03 -64.55
N MET G 201 50.36 18.68 -63.41
CA MET G 201 49.65 19.93 -63.41
C MET G 201 50.48 20.90 -64.23
N ILE G 202 51.77 20.98 -63.93
CA ILE G 202 52.62 21.88 -64.67
C ILE G 202 52.62 21.48 -66.13
N ASP G 203 52.93 20.21 -66.42
CA ASP G 203 52.95 19.72 -67.80
C ASP G 203 51.73 20.01 -68.64
N ALA G 204 50.66 20.52 -68.03
CA ALA G 204 49.46 20.85 -68.76
C ALA G 204 49.14 22.33 -68.62
N LEU G 205 49.13 22.81 -67.38
CA LEU G 205 48.84 24.21 -67.08
C LEU G 205 50.02 25.11 -67.43
N GLY G 206 51.11 24.49 -67.89
CA GLY G 206 52.29 25.22 -68.27
C GLY G 206 52.77 26.29 -67.31
N THR G 207 52.39 26.23 -66.04
CA THR G 207 52.87 27.25 -65.11
C THR G 207 53.71 26.63 -64.01
N GLU G 208 54.69 27.39 -63.54
CA GLU G 208 55.59 26.93 -62.48
C GLU G 208 54.94 27.31 -61.14
N PHE G 209 55.25 26.55 -60.07
CA PHE G 209 54.65 26.80 -58.73
C PHE G 209 55.63 27.02 -57.58
N SER G 210 55.17 27.73 -56.56
CA SER G 210 55.99 27.97 -55.36
C SER G 210 55.16 27.37 -54.25
N LYS G 211 55.69 27.30 -53.03
CA LYS G 211 54.94 26.72 -51.92
C LYS G 211 53.60 27.40 -51.57
N ASN G 212 53.59 28.73 -51.47
CA ASN G 212 52.37 29.47 -51.12
C ASN G 212 51.34 29.51 -52.24
N ASP G 213 51.46 28.61 -53.23
CA ASP G 213 50.56 28.56 -54.38
C ASP G 213 49.77 27.26 -54.49
N LEU G 214 50.29 26.22 -53.87
CA LEU G 214 49.62 24.95 -53.90
C LEU G 214 48.99 24.61 -52.57
N GLU G 215 48.06 23.66 -52.60
CA GLU G 215 47.37 23.19 -51.42
C GLU G 215 47.25 21.73 -51.75
N VAL G 216 47.48 20.86 -50.77
CA VAL G 216 47.44 19.43 -51.02
C VAL G 216 46.85 18.63 -49.89
N GLY G 217 46.36 17.42 -50.20
CA GLY G 217 45.80 16.56 -49.19
C GLY G 217 46.01 15.09 -49.53
N VAL G 218 46.15 14.24 -48.52
CA VAL G 218 46.42 12.82 -48.77
C VAL G 218 45.53 11.85 -48.00
N ALA G 219 45.44 10.62 -48.47
CA ALA G 219 44.65 9.61 -47.81
C ALA G 219 45.43 8.32 -47.63
N THR G 220 45.34 7.71 -46.44
CA THR G 220 46.03 6.45 -46.15
C THR G 220 45.22 5.61 -45.18
N LYS G 221 45.59 4.34 -45.07
CA LYS G 221 44.90 3.42 -44.18
C LYS G 221 44.74 4.13 -42.85
N ASP G 222 43.48 4.33 -42.51
CA ASP G 222 42.99 4.94 -41.29
C ASP G 222 43.25 6.43 -40.98
N LYS G 223 43.77 7.17 -41.94
CA LYS G 223 43.94 8.61 -41.75
C LYS G 223 44.06 9.41 -43.04
N PHE G 224 43.82 10.72 -42.90
CA PHE G 224 43.89 11.71 -43.98
C PHE G 224 44.44 13.00 -43.37
N PHE G 225 45.08 13.82 -44.21
CA PHE G 225 45.67 15.06 -43.74
C PHE G 225 46.11 16.00 -44.85
N THR G 226 46.29 17.27 -44.47
CA THR G 226 46.74 18.31 -45.37
C THR G 226 48.21 18.53 -45.08
N LEU G 227 48.97 18.95 -46.08
CA LEU G 227 50.41 19.22 -45.91
C LEU G 227 50.71 20.66 -45.51
N SER G 228 51.73 20.83 -44.70
CA SER G 228 52.11 22.17 -44.27
C SER G 228 52.85 22.78 -45.44
N ALA G 229 52.90 24.11 -45.47
CA ALA G 229 53.63 24.82 -46.50
C ALA G 229 54.93 24.05 -46.76
N GLU G 230 55.76 23.97 -45.71
CA GLU G 230 57.04 23.30 -45.78
C GLU G 230 57.01 21.87 -46.32
N ASN G 231 56.07 21.05 -45.88
CA ASN G 231 56.01 19.68 -46.37
C ASN G 231 55.98 19.66 -47.88
N ILE G 232 55.30 20.63 -48.46
CA ILE G 232 55.20 20.69 -49.91
C ILE G 232 56.55 21.02 -50.51
N GLU G 233 57.22 22.04 -49.98
CA GLU G 233 58.52 22.45 -50.50
C GLU G 233 59.40 21.22 -50.73
N GLU G 234 59.49 20.33 -49.74
CA GLU G 234 60.29 19.11 -49.89
C GLU G 234 59.92 18.37 -51.19
N ARG G 235 58.68 18.58 -51.64
CA ARG G 235 58.19 18.00 -52.89
C ARG G 235 58.64 18.83 -54.10
N LEU G 236 58.34 20.12 -54.06
CA LEU G 236 58.73 21.00 -55.15
C LEU G 236 60.23 20.86 -55.42
N VAL G 237 61.02 20.75 -54.37
CA VAL G 237 62.46 20.60 -54.52
C VAL G 237 62.79 19.31 -55.24
N ALA G 238 62.27 18.19 -54.75
CA ALA G 238 62.54 16.88 -55.34
C ALA G 238 62.21 16.68 -56.83
N ILE G 239 61.43 17.58 -57.40
CA ILE G 239 61.08 17.47 -58.82
C ILE G 239 62.07 18.14 -59.77
N ALA G 240 62.77 19.18 -59.29
CA ALA G 240 63.74 19.93 -60.09
C ALA G 240 64.97 19.10 -60.40
N GLU G 241 64.76 17.81 -60.65
CA GLU G 241 65.84 16.89 -60.96
C GLU G 241 65.40 15.91 -62.05
N GLN G 242 64.10 15.86 -62.31
CA GLN G 242 63.61 15.03 -63.42
C GLN G 242 63.60 16.01 -64.60
N ASP G 243 63.19 17.24 -64.33
CA ASP G 243 63.14 18.31 -65.34
C ASP G 243 64.08 19.43 -64.84
N THR H 1 13.94 -21.18 -22.27
CA THR H 1 14.70 -20.97 -23.55
C THR H 1 16.20 -21.02 -23.35
N THR H 2 16.89 -21.62 -24.30
CA THR H 2 18.33 -21.75 -24.22
C THR H 2 18.93 -21.37 -25.55
N ILE H 3 19.75 -20.31 -25.57
CA ILE H 3 20.41 -19.90 -26.80
C ILE H 3 21.89 -19.74 -26.51
N VAL H 4 22.72 -20.21 -27.45
CA VAL H 4 24.17 -20.17 -27.31
C VAL H 4 24.83 -19.70 -28.57
N GLY H 5 26.07 -19.25 -28.42
CA GLY H 5 26.88 -18.76 -29.51
C GLY H 5 28.34 -19.05 -29.20
N VAL H 6 29.05 -19.66 -30.15
CA VAL H 6 30.45 -20.04 -29.92
C VAL H 6 31.31 -19.66 -31.12
N LYS H 7 32.39 -18.92 -30.89
CA LYS H 7 33.27 -18.54 -31.98
C LYS H 7 34.29 -19.63 -32.22
N PHE H 8 34.70 -19.81 -33.48
CA PHE H 8 35.72 -20.85 -33.83
C PHE H 8 36.75 -20.25 -34.80
N ASN H 9 37.87 -20.95 -35.01
CA ASN H 9 38.97 -20.43 -35.83
C ASN H 9 38.76 -19.53 -37.08
N ASN H 10 37.74 -19.79 -37.89
CA ASN H 10 37.50 -18.98 -39.10
C ASN H 10 36.01 -18.75 -39.35
N GLY H 11 35.24 -18.57 -38.28
CA GLY H 11 33.80 -18.34 -38.39
C GLY H 11 33.10 -18.23 -37.03
N VAL H 12 31.83 -18.62 -37.01
CA VAL H 12 30.98 -18.59 -35.79
C VAL H 12 29.72 -19.43 -35.94
N VAL H 13 29.18 -19.86 -34.82
CA VAL H 13 27.98 -20.67 -34.87
C VAL H 13 27.08 -20.33 -33.69
N ILE H 14 25.80 -20.60 -33.82
CA ILE H 14 24.88 -20.30 -32.74
C ILE H 14 23.88 -21.43 -32.73
N ALA H 15 23.16 -21.59 -31.63
CA ALA H 15 22.19 -22.66 -31.55
C ALA H 15 21.12 -22.33 -30.54
N ALA H 16 20.01 -23.06 -30.56
CA ALA H 16 18.91 -22.78 -29.64
C ALA H 16 17.89 -23.89 -29.53
N ASP H 17 17.09 -23.95 -28.45
CA ASP H 17 16.09 -25.00 -28.34
C ASP H 17 14.92 -24.73 -29.27
N THR H 18 13.74 -25.29 -29.00
CA THR H 18 12.57 -25.06 -29.86
C THR H 18 11.24 -25.12 -29.14
N ARG H 19 11.30 -24.87 -27.83
CA ARG H 19 10.14 -24.86 -26.94
C ARG H 19 9.75 -23.42 -26.73
N SER H 20 8.48 -23.15 -26.93
CA SER H 20 7.87 -21.84 -26.79
C SER H 20 6.80 -22.11 -25.74
N THR H 21 6.64 -21.26 -24.74
CA THR H 21 5.65 -21.54 -23.73
C THR H 21 4.89 -20.37 -23.17
N GLN H 22 3.62 -20.62 -22.85
CA GLN H 22 2.77 -19.59 -22.23
C GLN H 22 2.72 -20.08 -20.78
N GLY H 23 3.68 -19.63 -19.99
CA GLY H 23 3.67 -20.06 -18.61
C GLY H 23 4.24 -21.46 -18.49
N PRO H 24 3.49 -22.43 -17.92
CA PRO H 24 3.98 -23.79 -17.78
C PRO H 24 3.51 -24.64 -18.90
N ILE H 25 2.82 -24.05 -19.86
CA ILE H 25 2.30 -24.78 -20.99
C ILE H 25 3.04 -24.56 -22.29
N VAL H 26 3.45 -25.64 -22.92
CA VAL H 26 4.15 -25.55 -24.17
C VAL H 26 3.25 -25.08 -25.28
N ALA H 27 3.54 -23.89 -25.78
CA ALA H 27 2.78 -23.27 -26.84
C ALA H 27 3.13 -23.79 -28.23
N ASP H 28 4.41 -23.97 -28.53
CA ASP H 28 4.84 -24.48 -29.84
C ASP H 28 5.95 -25.49 -29.59
N LYS H 29 5.71 -26.74 -29.97
CA LYS H 29 6.70 -27.78 -29.75
C LYS H 29 7.92 -27.74 -30.64
N ASN H 30 8.07 -26.70 -31.47
CA ASN H 30 9.21 -26.60 -32.38
C ASN H 30 9.16 -25.26 -33.04
N CYS H 31 9.26 -24.21 -32.26
CA CYS H 31 9.20 -22.91 -32.86
C CYS H 31 10.62 -22.54 -33.17
N ALA H 32 10.83 -21.68 -34.18
CA ALA H 32 12.16 -21.25 -34.62
C ALA H 32 12.71 -20.03 -33.91
N LYS H 33 13.82 -20.20 -33.19
CA LYS H 33 14.44 -19.11 -32.42
C LYS H 33 15.66 -18.44 -33.04
N LEU H 34 15.95 -18.83 -34.29
CA LEU H 34 17.05 -18.29 -35.08
C LEU H 34 16.43 -17.39 -36.14
N HIS H 35 16.97 -16.20 -36.28
CA HIS H 35 16.43 -15.27 -37.23
C HIS H 35 17.50 -14.78 -38.17
N ARG H 36 17.12 -14.65 -39.43
CA ARG H 36 18.02 -14.17 -40.46
C ARG H 36 17.89 -12.66 -40.47
N ILE H 37 19.01 -11.98 -40.35
CA ILE H 37 18.98 -10.54 -40.40
C ILE H 37 19.36 -10.22 -41.83
N SER H 38 20.44 -10.82 -42.28
CA SER H 38 20.92 -10.64 -43.64
C SER H 38 21.51 -12.01 -43.95
N PRO H 39 21.74 -12.32 -45.22
CA PRO H 39 22.29 -13.62 -45.60
C PRO H 39 23.31 -14.21 -44.67
N LYS H 40 24.23 -13.39 -44.19
CA LYS H 40 25.32 -13.88 -43.38
C LYS H 40 25.40 -13.22 -42.02
N ILE H 41 24.25 -12.88 -41.46
CA ILE H 41 24.20 -12.30 -40.14
C ILE H 41 22.96 -12.87 -39.55
N TRP H 42 23.12 -13.75 -38.59
CA TRP H 42 21.98 -14.35 -37.95
C TRP H 42 22.01 -14.05 -36.47
N CYS H 43 20.82 -14.04 -35.89
CA CYS H 43 20.66 -13.71 -34.50
C CYS H 43 19.69 -14.68 -33.84
N ALA H 44 19.95 -15.04 -32.59
CA ALA H 44 19.12 -15.98 -31.82
C ALA H 44 18.46 -15.23 -30.69
N GLY H 45 17.20 -15.54 -30.41
CA GLY H 45 16.52 -14.81 -29.36
C GLY H 45 15.69 -15.50 -28.28
N ALA H 46 15.72 -14.92 -27.07
CA ALA H 46 14.96 -15.46 -25.97
C ALA H 46 14.30 -14.32 -25.28
N GLY H 47 13.18 -14.59 -24.65
CA GLY H 47 12.46 -13.53 -23.98
C GLY H 47 11.05 -13.63 -24.49
N THR H 48 10.44 -12.48 -24.77
CA THR H 48 9.09 -12.47 -25.26
C THR H 48 9.16 -12.94 -26.71
N ALA H 49 8.58 -14.09 -27.00
CA ALA H 49 8.61 -14.63 -28.35
C ALA H 49 8.40 -13.60 -29.45
N ALA H 50 7.32 -12.85 -29.37
CA ALA H 50 7.01 -11.85 -30.37
C ALA H 50 8.08 -10.76 -30.48
N ASP H 51 8.62 -10.25 -29.39
CA ASP H 51 9.61 -9.22 -29.56
C ASP H 51 10.84 -9.71 -30.26
N THR H 52 11.26 -10.94 -29.97
CA THR H 52 12.44 -11.45 -30.65
C THR H 52 12.24 -11.46 -32.15
N GLU H 53 11.08 -11.88 -32.64
CA GLU H 53 10.84 -11.91 -34.07
C GLU H 53 10.72 -10.51 -34.63
N ALA H 54 10.04 -9.63 -33.92
CA ALA H 54 9.87 -8.26 -34.37
C ALA H 54 11.11 -7.43 -34.45
N VAL H 55 11.85 -7.33 -33.37
CA VAL H 55 13.02 -6.51 -33.44
C VAL H 55 14.00 -7.13 -34.44
N THR H 56 13.87 -8.43 -34.68
CA THR H 56 14.75 -9.10 -35.61
C THR H 56 14.38 -8.78 -37.03
N GLN H 57 13.11 -8.84 -37.38
CA GLN H 57 12.67 -8.52 -38.72
C GLN H 57 12.89 -7.04 -39.01
N LEU H 58 12.32 -6.19 -38.16
CA LEU H 58 12.45 -4.75 -38.32
C LEU H 58 13.86 -4.40 -38.72
N ILE H 59 14.83 -4.78 -37.90
CA ILE H 59 16.20 -4.48 -38.22
C ILE H 59 16.63 -5.23 -39.48
N GLY H 60 16.27 -6.49 -39.62
CA GLY H 60 16.61 -7.21 -40.84
C GLY H 60 16.31 -6.37 -42.05
N SER H 61 15.12 -5.79 -42.03
CA SER H 61 14.64 -4.93 -43.08
C SER H 61 15.55 -3.71 -43.16
N ASN H 62 15.52 -2.86 -42.15
CA ASN H 62 16.35 -1.67 -42.16
C ASN H 62 17.76 -1.97 -42.60
N ILE H 63 18.20 -3.20 -42.41
CA ILE H 63 19.53 -3.60 -42.85
C ILE H 63 19.54 -3.83 -44.33
N GLU H 64 18.64 -4.70 -44.81
CA GLU H 64 18.54 -5.01 -46.22
C GLU H 64 18.60 -3.74 -47.00
N LEU H 65 17.86 -2.73 -46.58
CA LEU H 65 17.88 -1.47 -47.32
C LEU H 65 19.29 -0.93 -47.27
N HIS H 66 19.76 -0.60 -46.09
CA HIS H 66 21.10 -0.04 -45.92
C HIS H 66 22.16 -0.61 -46.85
N SER H 67 22.13 -1.91 -47.09
CA SER H 67 23.09 -2.56 -47.99
C SER H 67 22.87 -2.09 -49.42
N LEU H 68 21.67 -2.27 -49.94
CA LEU H 68 21.37 -1.82 -51.29
C LEU H 68 21.87 -0.39 -51.45
N TYR H 69 21.54 0.46 -50.50
CA TYR H 69 21.97 1.84 -50.56
C TYR H 69 23.49 1.96 -50.54
N THR H 70 24.23 0.96 -50.09
CA THR H 70 25.67 1.09 -50.09
C THR H 70 26.43 0.11 -50.98
N SER H 71 25.71 -0.71 -51.71
CA SER H 71 26.33 -1.69 -52.59
C SER H 71 27.45 -2.46 -51.92
N ARG H 72 27.22 -2.76 -50.63
CA ARG H 72 28.14 -3.47 -49.74
C ARG H 72 27.41 -4.49 -48.91
N GLU H 73 28.07 -5.59 -48.58
CA GLU H 73 27.46 -6.62 -47.74
C GLU H 73 27.36 -5.92 -46.37
N PRO H 74 26.41 -6.31 -45.52
CA PRO H 74 26.21 -5.72 -44.19
C PRO H 74 27.27 -6.11 -43.17
N ARG H 75 27.38 -5.33 -42.10
CA ARG H 75 28.35 -5.59 -41.05
C ARG H 75 27.63 -5.82 -39.73
N VAL H 76 28.12 -6.77 -38.94
CA VAL H 76 27.52 -7.07 -37.65
C VAL H 76 27.48 -5.88 -36.70
N VAL H 77 28.59 -5.17 -36.58
CA VAL H 77 28.61 -4.04 -35.69
C VAL H 77 27.47 -3.11 -36.02
N SER H 78 26.93 -3.19 -37.24
CA SER H 78 25.81 -2.34 -37.61
C SER H 78 24.57 -2.94 -36.97
N ALA H 79 24.19 -4.14 -37.36
CA ALA H 79 23.00 -4.77 -36.80
C ALA H 79 23.02 -4.60 -35.31
N LEU H 80 24.20 -4.71 -34.74
CA LEU H 80 24.37 -4.54 -33.33
C LEU H 80 24.01 -3.13 -32.88
N GLN H 81 24.53 -2.09 -33.50
CA GLN H 81 24.18 -0.75 -33.04
C GLN H 81 22.71 -0.52 -33.29
N MET H 82 22.22 -1.03 -34.40
CA MET H 82 20.82 -0.85 -34.74
C MET H 82 19.91 -1.49 -33.71
N LEU H 83 20.23 -2.72 -33.33
CA LEU H 83 19.46 -3.44 -32.33
C LEU H 83 19.56 -2.75 -30.98
N LYS H 84 20.76 -2.49 -30.51
CA LYS H 84 20.94 -1.88 -29.22
C LYS H 84 20.27 -0.52 -29.01
N GLN H 85 20.44 0.45 -29.90
CA GLN H 85 19.82 1.76 -29.73
C GLN H 85 18.30 1.66 -29.77
N HIS H 86 17.77 0.69 -30.50
CA HIS H 86 16.34 0.52 -30.57
C HIS H 86 15.89 0.05 -29.23
N LEU H 87 16.52 -1.02 -28.75
CA LEU H 87 16.16 -1.58 -27.47
C LEU H 87 16.34 -0.57 -26.37
N PHE H 88 17.46 0.10 -26.30
CA PHE H 88 17.64 1.10 -25.26
C PHE H 88 16.60 2.20 -25.33
N LYS H 89 16.12 2.49 -26.53
CA LYS H 89 15.12 3.54 -26.68
C LYS H 89 13.92 3.15 -25.81
N TYR H 90 13.48 1.90 -25.93
CA TYR H 90 12.33 1.34 -25.20
C TYR H 90 12.51 0.87 -23.77
N GLN H 91 13.37 1.54 -23.02
CA GLN H 91 13.62 1.24 -21.61
C GLN H 91 13.55 -0.18 -21.08
N GLY H 92 13.58 -1.18 -21.94
CA GLY H 92 13.55 -2.55 -21.44
C GLY H 92 12.24 -3.24 -21.63
N HIS H 93 11.28 -2.53 -22.18
CA HIS H 93 9.97 -3.11 -22.37
C HIS H 93 9.83 -4.05 -23.50
N ILE H 94 10.87 -4.19 -24.31
CA ILE H 94 10.86 -5.15 -25.43
C ILE H 94 11.69 -6.28 -24.94
N GLY H 95 11.02 -7.30 -24.47
CA GLY H 95 11.72 -8.42 -23.91
C GLY H 95 12.54 -9.23 -24.84
N ALA H 96 13.52 -8.62 -25.45
CA ALA H 96 14.35 -9.35 -26.36
C ALA H 96 15.78 -9.47 -25.85
N TYR H 97 16.18 -10.71 -25.61
CA TYR H 97 17.51 -11.03 -25.14
C TYR H 97 18.07 -11.75 -26.35
N LEU H 98 19.12 -11.19 -26.95
CA LEU H 98 19.64 -11.75 -28.19
C LEU H 98 21.12 -12.01 -28.28
N ILE H 99 21.46 -12.99 -29.10
CA ILE H 99 22.86 -13.32 -29.39
C ILE H 99 22.90 -13.13 -30.88
N VAL H 100 23.74 -12.20 -31.33
CA VAL H 100 23.83 -11.88 -32.73
C VAL H 100 25.23 -12.09 -33.27
N ALA H 101 25.31 -12.89 -34.32
CA ALA H 101 26.59 -13.19 -34.92
C ALA H 101 26.47 -13.34 -36.43
N GLY H 102 27.62 -13.41 -37.10
CA GLY H 102 27.64 -13.54 -38.53
C GLY H 102 28.98 -13.09 -39.09
N VAL H 103 29.13 -13.14 -40.41
CA VAL H 103 30.37 -12.77 -41.05
C VAL H 103 30.19 -11.60 -41.99
N ASP H 104 31.24 -10.81 -42.13
CA ASP H 104 31.17 -9.69 -43.02
C ASP H 104 32.61 -9.38 -43.41
N PRO H 105 32.83 -8.60 -44.46
CA PRO H 105 34.17 -8.25 -44.92
C PRO H 105 35.21 -7.92 -43.84
N THR H 106 34.80 -7.61 -42.61
CA THR H 106 35.78 -7.29 -41.60
C THR H 106 36.18 -8.46 -40.74
N GLY H 107 35.48 -9.56 -40.87
CA GLY H 107 35.82 -10.73 -40.09
C GLY H 107 34.62 -11.45 -39.53
N SER H 108 34.85 -12.26 -38.50
CA SER H 108 33.79 -12.99 -37.83
C SER H 108 33.49 -12.24 -36.56
N HIS H 109 32.25 -12.31 -36.09
CA HIS H 109 31.83 -11.60 -34.88
C HIS H 109 30.77 -12.32 -34.09
N LEU H 110 30.80 -12.10 -32.78
CA LEU H 110 29.87 -12.71 -31.82
C LEU H 110 29.61 -11.71 -30.72
N PHE H 111 28.34 -11.47 -30.44
CA PHE H 111 27.96 -10.52 -29.40
C PHE H 111 26.67 -10.94 -28.76
N SER H 112 26.29 -10.24 -27.69
CA SER H 112 25.03 -10.51 -27.03
C SER H 112 24.41 -9.18 -26.67
N ILE H 113 23.08 -9.14 -26.69
CA ILE H 113 22.32 -7.95 -26.35
C ILE H 113 21.23 -8.28 -25.36
N HIS H 114 21.15 -7.50 -24.28
CA HIS H 114 20.13 -7.68 -23.24
C HIS H 114 19.04 -6.69 -23.54
N ALA H 115 17.79 -7.02 -23.27
CA ALA H 115 16.70 -6.12 -23.56
C ALA H 115 16.81 -4.69 -23.02
N HIS H 116 17.75 -4.39 -22.15
CA HIS H 116 17.83 -3.03 -21.71
C HIS H 116 18.79 -2.28 -22.59
N GLY H 117 19.39 -3.00 -23.52
CA GLY H 117 20.31 -2.41 -24.47
C GLY H 117 21.78 -2.29 -24.16
N SER H 118 22.32 -3.28 -23.48
CA SER H 118 23.72 -3.31 -23.15
C SER H 118 24.26 -4.44 -23.99
N THR H 119 25.51 -4.33 -24.41
CA THR H 119 26.08 -5.34 -25.28
C THR H 119 27.33 -5.96 -24.71
N ASP H 120 27.64 -7.16 -25.17
CA ASP H 120 28.82 -7.86 -24.72
C ASP H 120 29.41 -8.56 -25.92
N VAL H 121 30.66 -8.95 -25.80
CA VAL H 121 31.39 -9.64 -26.84
C VAL H 121 32.31 -10.66 -26.20
N GLY H 122 32.41 -11.84 -26.81
CA GLY H 122 33.24 -12.89 -26.26
C GLY H 122 33.26 -14.07 -27.20
N TYR H 123 34.00 -15.13 -26.85
CA TYR H 123 34.10 -16.30 -27.73
C TYR H 123 33.01 -17.32 -27.58
N TYR H 124 32.24 -17.23 -26.50
CA TYR H 124 31.13 -18.15 -26.25
C TYR H 124 30.21 -17.42 -25.31
N LEU H 125 28.90 -17.59 -25.49
CA LEU H 125 27.92 -16.92 -24.67
C LEU H 125 26.64 -17.69 -24.74
N SER H 126 25.72 -17.43 -23.80
CA SER H 126 24.42 -18.08 -23.81
C SER H 126 23.44 -17.20 -23.04
N LEU H 127 22.15 -17.43 -23.24
CA LEU H 127 21.10 -16.68 -22.56
C LEU H 127 19.84 -17.51 -22.51
N GLY H 128 18.98 -17.16 -21.57
CA GLY H 128 17.72 -17.86 -21.43
C GLY H 128 17.62 -18.54 -20.10
N SER H 129 16.46 -19.11 -19.82
CA SER H 129 16.24 -19.80 -18.57
C SER H 129 17.12 -21.03 -18.51
N GLY H 130 17.74 -21.34 -19.63
CA GLY H 130 18.65 -22.46 -19.68
C GLY H 130 20.07 -21.97 -19.74
N SER H 131 20.23 -20.66 -19.71
CA SER H 131 21.52 -20.04 -19.75
C SER H 131 22.55 -20.73 -18.85
N LEU H 132 22.23 -20.88 -17.57
CA LEU H 132 23.15 -21.48 -16.63
C LEU H 132 23.63 -22.87 -16.98
N ALA H 133 22.70 -23.77 -17.30
CA ALA H 133 23.10 -25.13 -17.62
C ALA H 133 24.15 -25.21 -18.70
N ALA H 134 23.88 -24.55 -19.81
CA ALA H 134 24.77 -24.53 -20.95
C ALA H 134 26.06 -23.83 -20.61
N MET H 135 25.97 -22.61 -20.10
CA MET H 135 27.16 -21.89 -19.75
C MET H 135 28.05 -22.79 -18.95
N ALA H 136 27.47 -23.68 -18.16
CA ALA H 136 28.30 -24.58 -17.38
C ALA H 136 29.10 -25.39 -18.36
N VAL H 137 28.40 -26.13 -19.21
CA VAL H 137 29.08 -26.95 -20.19
C VAL H 137 30.13 -26.14 -20.89
N LEU H 138 29.74 -24.96 -21.35
CA LEU H 138 30.66 -24.09 -22.02
C LEU H 138 31.87 -23.82 -21.16
N GLU H 139 31.69 -23.61 -19.88
CA GLU H 139 32.88 -23.37 -19.10
C GLU H 139 33.67 -24.68 -18.88
N SER H 140 33.04 -25.80 -19.11
CA SER H 140 33.70 -27.09 -18.92
C SER H 140 34.49 -27.63 -20.10
N HIS H 141 34.08 -27.30 -21.32
CA HIS H 141 34.75 -27.89 -22.47
C HIS H 141 35.32 -27.00 -23.53
N TRP H 142 35.22 -25.70 -23.36
CA TRP H 142 35.76 -24.79 -24.35
C TRP H 142 37.26 -24.69 -24.22
N LYS H 143 37.88 -24.31 -25.32
CA LYS H 143 39.30 -24.09 -25.42
C LYS H 143 39.41 -23.29 -26.71
N GLN H 144 40.43 -22.45 -26.81
CA GLN H 144 40.61 -21.63 -28.00
C GLN H 144 41.02 -22.45 -29.23
N ASP H 145 40.75 -21.91 -30.42
CA ASP H 145 41.10 -22.55 -31.70
C ASP H 145 40.28 -23.79 -32.00
N LEU H 146 38.99 -23.71 -31.78
CA LEU H 146 38.11 -24.84 -32.03
C LEU H 146 37.86 -24.95 -33.53
N THR H 147 37.67 -26.17 -34.02
CA THR H 147 37.40 -26.34 -35.43
C THR H 147 35.90 -26.13 -35.63
N LYS H 148 35.46 -26.29 -36.86
CA LYS H 148 34.03 -26.16 -37.21
C LYS H 148 33.30 -27.32 -36.54
N GLU H 149 33.81 -28.52 -36.71
CA GLU H 149 33.16 -29.67 -36.16
C GLU H 149 33.21 -29.76 -34.63
N GLU H 150 34.31 -29.28 -34.03
CA GLU H 150 34.44 -29.29 -32.58
C GLU H 150 33.44 -28.28 -32.01
N ALA H 151 33.40 -27.09 -32.60
CA ALA H 151 32.46 -26.05 -32.16
C ALA H 151 31.02 -26.56 -32.17
N ILE H 152 30.53 -27.00 -33.31
CA ILE H 152 29.19 -27.53 -33.34
C ILE H 152 28.94 -28.47 -32.14
N LYS H 153 29.68 -29.56 -32.00
CA LYS H 153 29.41 -30.47 -30.86
C LYS H 153 29.27 -29.64 -29.61
N LEU H 154 30.23 -28.76 -29.36
CA LEU H 154 30.19 -27.93 -28.17
C LEU H 154 28.82 -27.32 -28.07
N ALA H 155 28.53 -26.40 -28.98
CA ALA H 155 27.24 -25.74 -28.96
C ALA H 155 26.07 -26.69 -28.90
N SER H 156 26.19 -27.84 -29.54
CA SER H 156 25.09 -28.79 -29.52
C SER H 156 24.95 -29.32 -28.10
N ASP H 157 26.05 -29.75 -27.51
CA ASP H 157 26.06 -30.27 -26.16
C ASP H 157 25.36 -29.25 -25.26
N ALA H 158 25.85 -28.00 -25.25
CA ALA H 158 25.31 -26.93 -24.39
C ALA H 158 23.79 -26.77 -24.41
N ILE H 159 23.20 -26.88 -25.58
CA ILE H 159 21.77 -26.77 -25.67
C ILE H 159 21.20 -27.99 -24.98
N GLN H 160 21.76 -29.15 -25.29
CA GLN H 160 21.29 -30.34 -24.64
C GLN H 160 21.36 -30.14 -23.12
N ALA H 161 22.31 -29.35 -22.67
CA ALA H 161 22.41 -29.08 -21.25
C ALA H 161 21.07 -28.48 -20.90
N GLY H 162 20.76 -27.38 -21.57
CA GLY H 162 19.53 -26.68 -21.28
C GLY H 162 18.29 -27.52 -21.35
N ILE H 163 18.15 -28.24 -22.44
CA ILE H 163 16.97 -29.07 -22.66
C ILE H 163 16.60 -29.96 -21.50
N TRP H 164 17.58 -30.72 -21.06
CA TRP H 164 17.44 -31.71 -20.02
C TRP H 164 17.34 -31.15 -18.62
N ASN H 165 18.06 -30.08 -18.35
CA ASN H 165 18.04 -29.55 -17.00
C ASN H 165 17.26 -28.25 -16.77
N ASP H 166 16.40 -27.87 -17.73
CA ASP H 166 15.59 -26.65 -17.60
C ASP H 166 14.23 -26.85 -18.20
N LEU H 167 13.24 -26.69 -17.36
CA LEU H 167 11.86 -26.85 -17.76
C LEU H 167 11.47 -25.86 -18.84
N GLY H 168 12.13 -24.72 -18.85
CA GLY H 168 11.81 -23.69 -19.83
C GLY H 168 12.35 -23.91 -21.22
N SER H 169 13.00 -25.01 -21.44
CA SER H 169 13.58 -25.26 -22.72
C SER H 169 13.31 -26.69 -23.05
N GLY H 170 13.39 -27.03 -24.34
CA GLY H 170 13.13 -28.41 -24.70
C GLY H 170 13.11 -28.71 -26.18
N SER H 171 12.63 -29.90 -26.50
CA SER H 171 12.52 -30.37 -27.86
C SER H 171 13.78 -30.49 -28.70
N ASN H 172 13.82 -29.81 -29.83
CA ASN H 172 14.95 -29.93 -30.75
C ASN H 172 16.00 -28.88 -30.70
N VAL H 173 17.08 -29.12 -31.43
CA VAL H 173 18.19 -28.19 -31.45
C VAL H 173 18.41 -27.60 -32.81
N ASP H 174 18.34 -26.27 -32.88
CA ASP H 174 18.55 -25.52 -34.12
C ASP H 174 19.94 -24.93 -34.09
N VAL H 175 20.63 -25.07 -35.22
CA VAL H 175 22.00 -24.62 -35.38
C VAL H 175 22.20 -23.91 -36.69
N CYS H 176 23.01 -22.87 -36.64
CA CYS H 176 23.35 -22.14 -37.83
C CYS H 176 24.82 -21.91 -37.77
N VAL H 177 25.47 -22.13 -38.91
CA VAL H 177 26.90 -21.96 -39.03
C VAL H 177 27.20 -20.88 -40.05
N MET H 178 28.23 -20.09 -39.77
CA MET H 178 28.62 -19.02 -40.65
C MET H 178 30.13 -19.03 -40.73
N GLU H 179 30.68 -19.36 -41.91
CA GLU H 179 32.14 -19.44 -42.11
C GLU H 179 32.68 -18.32 -43.07
N ILE H 180 33.89 -17.82 -42.81
CA ILE H 180 34.45 -16.72 -43.60
C ILE H 180 34.35 -16.73 -45.13
N GLY H 181 34.45 -17.88 -45.77
CA GLY H 181 34.39 -17.82 -47.21
C GLY H 181 33.25 -18.54 -47.86
N LYS H 182 32.39 -19.15 -47.07
CA LYS H 182 31.29 -19.91 -47.64
C LYS H 182 29.91 -19.37 -47.32
N ASP H 183 28.92 -19.92 -48.02
CA ASP H 183 27.54 -19.54 -47.80
C ASP H 183 27.21 -20.07 -46.41
N ALA H 184 26.24 -19.46 -45.75
CA ALA H 184 25.85 -19.85 -44.40
C ALA H 184 24.85 -21.00 -44.39
N GLU H 185 24.95 -21.93 -43.44
CA GLU H 185 23.98 -23.03 -43.41
C GLU H 185 23.05 -23.05 -42.22
N TYR H 186 21.77 -23.04 -42.53
CA TYR H 186 20.75 -23.06 -41.52
C TYR H 186 20.36 -24.50 -41.37
N LEU H 187 20.73 -25.04 -40.22
CA LEU H 187 20.43 -26.40 -39.87
C LEU H 187 19.31 -26.33 -38.86
N ARG H 188 18.09 -26.53 -39.33
CA ARG H 188 16.90 -26.54 -38.49
C ARG H 188 16.64 -28.01 -38.18
N ASN H 189 16.59 -28.32 -36.89
CA ASN H 189 16.39 -29.68 -36.39
C ASN H 189 17.62 -30.53 -36.58
N TYR H 190 18.75 -29.98 -36.16
CA TYR H 190 20.03 -30.66 -36.24
C TYR H 190 19.89 -31.91 -35.41
N LEU H 191 19.29 -31.76 -34.22
CA LEU H 191 19.07 -32.87 -33.32
C LEU H 191 17.61 -32.92 -32.90
N THR H 192 17.08 -34.14 -32.91
CA THR H 192 15.70 -34.41 -32.53
C THR H 192 15.63 -35.53 -31.46
N PRO H 193 16.13 -35.26 -30.26
CA PRO H 193 16.11 -36.25 -29.20
C PRO H 193 14.83 -36.36 -28.36
N ASN H 194 13.72 -35.80 -28.81
CA ASN H 194 12.51 -35.87 -27.98
C ASN H 194 11.24 -36.31 -28.68
N VAL H 195 11.33 -37.38 -29.44
CA VAL H 195 10.18 -37.86 -30.18
C VAL H 195 9.22 -38.65 -29.28
N ARG H 196 7.94 -38.50 -29.52
CA ARG H 196 6.91 -39.18 -28.74
C ARG H 196 6.86 -40.65 -29.07
N GLU H 197 6.86 -41.49 -28.05
CA GLU H 197 6.76 -42.91 -28.27
C GLU H 197 5.37 -43.15 -28.85
N GLU H 198 5.22 -44.19 -29.65
CA GLU H 198 3.93 -44.47 -30.25
C GLU H 198 2.91 -44.58 -29.13
N LYS H 199 1.74 -44.01 -29.37
CA LYS H 199 0.71 -44.08 -28.36
C LYS H 199 0.26 -45.54 -28.21
N GLN H 200 -0.21 -45.86 -27.02
CA GLN H 200 -0.64 -47.19 -26.67
C GLN H 200 -1.92 -47.68 -27.35
N LYS H 201 -2.81 -46.76 -27.67
CA LYS H 201 -4.10 -47.10 -28.24
C LYS H 201 -4.45 -46.06 -29.30
N SER H 202 -5.51 -46.31 -30.03
CA SER H 202 -5.98 -45.38 -31.06
C SER H 202 -7.41 -44.98 -30.70
N TYR H 203 -7.70 -43.69 -30.71
CA TYR H 203 -9.03 -43.21 -30.36
C TYR H 203 -9.89 -42.80 -31.53
N LYS H 204 -9.61 -43.40 -32.67
CA LYS H 204 -10.39 -43.17 -33.87
C LYS H 204 -11.82 -43.59 -33.46
N PHE H 205 -12.65 -42.60 -33.18
CA PHE H 205 -14.03 -42.83 -32.75
C PHE H 205 -14.91 -43.38 -33.83
N PRO H 206 -15.73 -44.39 -33.53
CA PRO H 206 -16.59 -44.89 -34.61
C PRO H 206 -17.44 -43.71 -35.06
N ARG H 207 -17.62 -43.56 -36.36
CA ARG H 207 -18.40 -42.45 -36.93
C ARG H 207 -19.84 -42.44 -36.46
N GLY H 208 -20.33 -41.27 -36.10
CA GLY H 208 -21.70 -41.17 -35.65
C GLY H 208 -21.77 -40.93 -34.17
N THR H 209 -20.64 -41.16 -33.52
CA THR H 209 -20.53 -40.96 -32.10
C THR H 209 -21.07 -39.62 -31.69
N THR H 210 -20.78 -38.58 -32.47
CA THR H 210 -21.22 -37.23 -32.11
C THR H 210 -22.62 -36.84 -32.53
N ALA H 211 -23.35 -36.17 -31.63
CA ALA H 211 -24.72 -35.75 -31.91
C ALA H 211 -24.80 -34.40 -32.57
N VAL H 212 -25.26 -34.38 -33.81
CA VAL H 212 -25.41 -33.17 -34.62
C VAL H 212 -26.85 -32.76 -34.71
N LEU H 213 -27.09 -31.47 -34.87
CA LEU H 213 -28.45 -30.97 -34.96
C LEU H 213 -28.85 -30.41 -36.33
N LYS H 214 -28.00 -29.55 -36.86
CA LYS H 214 -28.22 -28.87 -38.13
C LYS H 214 -26.95 -29.03 -38.93
N GLU H 215 -27.07 -29.03 -40.25
CA GLU H 215 -25.91 -29.19 -41.14
C GLU H 215 -26.13 -28.45 -42.48
N SER H 216 -25.15 -27.63 -42.89
CA SER H 216 -25.26 -26.87 -44.13
C SER H 216 -23.93 -26.66 -44.83
N ILE H 217 -23.99 -26.09 -46.02
CA ILE H 217 -22.79 -25.84 -46.80
C ILE H 217 -22.52 -24.34 -46.70
N VAL H 218 -21.31 -23.92 -47.06
CA VAL H 218 -20.96 -22.50 -47.02
C VAL H 218 -20.55 -22.00 -48.40
N ASN H 219 -20.82 -20.72 -48.69
CA ASN H 219 -20.45 -20.17 -49.99
C ASN H 219 -19.16 -19.34 -49.90
N ILE H 220 -18.14 -19.77 -50.64
CA ILE H 220 -16.84 -19.10 -50.65
C ILE H 220 -16.71 -18.08 -51.76
N CYS H 221 -16.60 -18.57 -52.99
CA CYS H 221 -16.44 -17.70 -54.15
C CYS H 221 -17.59 -16.71 -54.31
N ASP H 222 -17.27 -15.58 -54.94
CA ASP H 222 -18.23 -14.52 -55.19
C ASP H 222 -19.01 -14.77 -56.49
N SER I 1 -11.78 -9.17 -14.25
CA SER I 1 -10.47 -8.46 -14.29
C SER I 1 -9.43 -9.05 -15.26
N ASP I 2 -9.56 -10.31 -15.62
CA ASP I 2 -8.64 -10.90 -16.58
C ASP I 2 -9.46 -10.74 -17.84
N PRO I 3 -9.18 -9.69 -18.65
CA PRO I 3 -9.94 -9.47 -19.87
C PRO I 3 -10.13 -10.73 -20.66
N SER I 4 -9.08 -11.54 -20.72
CA SER I 4 -9.19 -12.77 -21.46
C SER I 4 -10.21 -13.73 -20.87
N SER I 5 -10.66 -13.46 -19.64
CA SER I 5 -11.59 -14.34 -18.95
C SER I 5 -13.01 -13.85 -18.62
N ILE I 6 -13.42 -12.71 -19.16
CA ILE I 6 -14.76 -12.19 -18.87
C ILE I 6 -15.84 -12.85 -19.66
N ASN I 7 -15.71 -12.78 -20.97
CA ASN I 7 -16.70 -13.31 -21.86
C ASN I 7 -16.72 -14.81 -22.02
N GLY I 8 -15.55 -15.43 -22.03
CA GLY I 8 -15.45 -16.87 -22.16
C GLY I 8 -15.40 -17.36 -23.60
N GLY I 9 -14.91 -18.58 -23.83
CA GLY I 9 -14.85 -19.11 -25.20
C GLY I 9 -13.66 -19.98 -25.52
N ILE I 10 -13.80 -20.86 -26.49
CA ILE I 10 -12.72 -21.75 -26.89
C ILE I 10 -12.84 -22.05 -28.37
N VAL I 11 -11.70 -22.34 -28.99
CA VAL I 11 -11.63 -22.64 -30.40
C VAL I 11 -10.47 -23.59 -30.55
N VAL I 12 -10.58 -24.46 -31.54
CA VAL I 12 -9.55 -25.44 -31.78
C VAL I 12 -9.62 -25.74 -33.26
N ALA I 13 -8.48 -26.10 -33.85
CA ALA I 13 -8.44 -26.44 -35.23
C ALA I 13 -7.44 -27.56 -35.35
N MET I 14 -7.64 -28.39 -36.35
CA MET I 14 -6.79 -29.54 -36.53
C MET I 14 -6.59 -29.75 -38.00
N THR I 15 -5.45 -30.35 -38.36
CA THR I 15 -5.12 -30.66 -39.75
C THR I 15 -5.43 -32.11 -40.02
N GLY I 16 -5.78 -32.40 -41.25
CA GLY I 16 -6.11 -33.77 -41.62
C GLY I 16 -5.50 -34.12 -42.94
N LYS I 17 -6.08 -35.10 -43.62
CA LYS I 17 -5.56 -35.50 -44.92
C LYS I 17 -6.25 -34.64 -45.97
N ASP I 18 -5.50 -33.69 -46.51
CA ASP I 18 -6.07 -32.80 -47.51
C ASP I 18 -7.32 -32.15 -46.97
N CYS I 19 -7.29 -31.74 -45.70
CA CYS I 19 -8.42 -31.08 -45.06
C CYS I 19 -7.99 -30.48 -43.73
N VAL I 20 -8.74 -29.50 -43.24
CA VAL I 20 -8.47 -28.90 -41.94
C VAL I 20 -9.82 -28.70 -41.34
N ALA I 21 -9.84 -28.51 -40.03
CA ALA I 21 -11.07 -28.30 -39.31
C ALA I 21 -10.81 -27.29 -38.24
N ILE I 22 -11.84 -26.54 -37.90
CA ILE I 22 -11.75 -25.53 -36.88
C ILE I 22 -13.11 -25.45 -36.26
N ALA I 23 -13.14 -25.27 -34.95
CA ALA I 23 -14.40 -25.20 -34.24
C ALA I 23 -14.37 -24.30 -33.03
N CYS I 24 -15.56 -24.04 -32.50
CA CYS I 24 -15.68 -23.18 -31.36
C CYS I 24 -17.01 -23.42 -30.65
N ASP I 25 -17.16 -22.85 -29.47
CA ASP I 25 -18.39 -22.98 -28.70
C ASP I 25 -19.18 -21.69 -28.90
N LEU I 26 -20.46 -21.71 -28.57
CA LEU I 26 -21.28 -20.53 -28.75
C LEU I 26 -21.60 -19.65 -27.54
N ARG I 27 -20.87 -19.75 -26.46
CA ARG I 27 -21.25 -18.93 -25.31
C ARG I 27 -20.71 -17.53 -25.31
N LEU I 28 -21.45 -16.63 -24.70
CA LEU I 28 -21.04 -15.24 -24.50
C LEU I 28 -21.66 -14.91 -23.16
N GLY I 29 -20.84 -14.68 -22.16
CA GLY I 29 -21.39 -14.34 -20.87
C GLY I 29 -20.59 -13.23 -20.26
N SER I 30 -21.04 -12.79 -19.10
CA SER I 30 -20.42 -11.74 -18.32
C SER I 30 -20.17 -12.39 -16.97
N GLN I 31 -18.93 -12.82 -16.73
CA GLN I 31 -18.58 -13.47 -15.49
C GLN I 31 -19.44 -14.73 -15.40
N SER I 32 -20.21 -14.88 -14.34
CA SER I 32 -21.00 -16.07 -14.16
C SER I 32 -22.26 -16.11 -14.97
N LEU I 33 -22.65 -14.95 -15.46
CA LEU I 33 -23.88 -14.81 -16.22
C LEU I 33 -23.82 -15.21 -17.65
N GLY I 34 -24.59 -16.21 -18.02
CA GLY I 34 -24.62 -16.61 -19.41
C GLY I 34 -25.45 -15.53 -20.08
N VAL I 35 -25.09 -15.11 -21.28
CA VAL I 35 -25.87 -14.06 -21.94
C VAL I 35 -26.38 -14.42 -23.32
N SER I 36 -25.49 -14.86 -24.18
CA SER I 36 -25.93 -15.20 -25.49
C SER I 36 -25.40 -16.53 -25.82
N ASN I 37 -26.18 -17.32 -26.51
CA ASN I 37 -25.74 -18.63 -26.89
C ASN I 37 -25.60 -18.73 -28.39
N LYS I 38 -25.36 -17.59 -29.04
CA LYS I 38 -25.21 -17.55 -30.49
C LYS I 38 -24.05 -16.65 -30.87
N PHE I 39 -22.91 -16.81 -30.20
CA PHE I 39 -21.76 -15.99 -30.51
C PHE I 39 -20.74 -16.80 -31.26
N GLU I 40 -20.98 -17.04 -32.53
CA GLU I 40 -20.06 -17.80 -33.35
C GLU I 40 -18.75 -17.08 -33.29
N LYS I 41 -17.67 -17.82 -33.23
CA LYS I 41 -16.40 -17.20 -33.14
C LYS I 41 -15.54 -17.54 -34.31
N ILE I 42 -16.12 -18.11 -35.35
CA ILE I 42 -15.33 -18.42 -36.50
C ILE I 42 -15.81 -17.57 -37.64
N PHE I 43 -14.88 -16.86 -38.25
CA PHE I 43 -15.20 -15.98 -39.37
C PHE I 43 -14.36 -16.43 -40.55
N HIS I 44 -14.74 -16.06 -41.76
CA HIS I 44 -13.97 -16.47 -42.93
C HIS I 44 -13.90 -15.37 -43.95
N TYR I 45 -12.76 -15.26 -44.59
CA TYR I 45 -12.56 -14.26 -45.60
C TYR I 45 -12.20 -15.05 -46.84
N GLY I 46 -13.14 -15.20 -47.75
CA GLY I 46 -12.88 -16.00 -48.92
C GLY I 46 -12.76 -17.43 -48.46
N HIS I 47 -11.60 -18.04 -48.65
CA HIS I 47 -11.39 -19.42 -48.25
C HIS I 47 -10.40 -19.54 -47.11
N VAL I 48 -10.27 -18.48 -46.34
CA VAL I 48 -9.37 -18.52 -45.22
C VAL I 48 -10.18 -18.28 -43.98
N PHE I 49 -10.06 -19.20 -43.03
CA PHE I 49 -10.80 -19.11 -41.81
C PHE I 49 -9.96 -18.67 -40.66
N LEU I 50 -10.62 -17.95 -39.76
CA LEU I 50 -10.00 -17.43 -38.56
C LEU I 50 -11.04 -17.47 -37.47
N GLY I 51 -10.65 -17.96 -36.31
CA GLY I 51 -11.54 -18.01 -35.17
C GLY I 51 -10.83 -17.16 -34.14
N ILE I 52 -11.58 -16.51 -33.24
CA ILE I 52 -10.94 -15.68 -32.23
C ILE I 52 -11.61 -15.84 -30.88
N THR I 53 -10.86 -16.19 -29.86
CA THR I 53 -11.42 -16.31 -28.52
C THR I 53 -10.88 -15.09 -27.79
N GLY I 54 -11.48 -14.78 -26.65
CA GLY I 54 -11.07 -13.64 -25.85
C GLY I 54 -12.17 -12.66 -25.58
N LEU I 55 -11.78 -11.43 -25.30
CA LEU I 55 -12.73 -10.38 -25.02
C LEU I 55 -13.58 -10.13 -26.25
N ALA I 56 -14.89 -10.30 -26.09
CA ALA I 56 -15.84 -10.16 -27.19
C ALA I 56 -15.76 -8.88 -28.01
N THR I 57 -15.61 -7.72 -27.38
CA THR I 57 -15.55 -6.53 -28.20
C THR I 57 -14.34 -6.57 -29.11
N ASP I 58 -13.25 -7.16 -28.65
CA ASP I 58 -12.08 -7.21 -29.48
C ASP I 58 -12.26 -8.24 -30.54
N VAL I 59 -12.80 -9.39 -30.18
CA VAL I 59 -13.08 -10.42 -31.18
C VAL I 59 -13.79 -9.77 -32.35
N THR I 60 -14.90 -9.08 -32.07
CA THR I 60 -15.69 -8.42 -33.08
C THR I 60 -14.84 -7.44 -33.88
N THR I 61 -14.33 -6.41 -33.24
CA THR I 61 -13.47 -5.42 -33.87
C THR I 61 -12.51 -6.05 -34.84
N LEU I 62 -11.67 -6.93 -34.35
CA LEU I 62 -10.70 -7.57 -35.24
C LEU I 62 -11.36 -8.14 -36.44
N ASN I 63 -12.41 -8.92 -36.25
CA ASN I 63 -13.08 -9.47 -37.39
C ASN I 63 -13.38 -8.36 -38.37
N GLU I 64 -14.04 -7.31 -37.92
CA GLU I 64 -14.32 -6.22 -38.82
C GLU I 64 -13.04 -5.73 -39.43
N MET I 65 -11.99 -5.61 -38.65
CA MET I 65 -10.74 -5.15 -39.19
C MET I 65 -10.24 -6.04 -40.32
N PHE I 66 -10.22 -7.33 -40.12
CA PHE I 66 -9.75 -8.21 -41.18
C PHE I 66 -10.61 -8.22 -42.41
N ARG I 67 -11.89 -7.95 -42.28
CA ARG I 67 -12.72 -7.93 -43.47
C ARG I 67 -12.13 -6.82 -44.31
N TYR I 68 -12.18 -5.62 -43.77
CA TYR I 68 -11.65 -4.44 -44.40
C TYR I 68 -10.31 -4.75 -45.03
N LYS I 69 -9.32 -5.11 -44.23
CA LYS I 69 -8.01 -5.40 -44.79
C LYS I 69 -7.99 -6.48 -45.85
N THR I 70 -8.80 -7.50 -45.73
CA THR I 70 -8.79 -8.53 -46.78
C THR I 70 -9.49 -8.11 -48.05
N ASN I 71 -10.47 -7.24 -47.92
CA ASN I 71 -11.20 -6.74 -49.08
C ASN I 71 -10.29 -5.87 -49.91
N LEU I 72 -9.60 -4.92 -49.28
CA LEU I 72 -8.67 -4.07 -50.02
C LEU I 72 -7.58 -4.92 -50.68
N TYR I 73 -7.06 -5.88 -49.97
CA TYR I 73 -6.06 -6.72 -50.57
C TYR I 73 -6.58 -7.25 -51.91
N LYS I 74 -7.76 -7.87 -51.94
CA LYS I 74 -8.34 -8.45 -53.17
C LYS I 74 -8.46 -7.45 -54.30
N LEU I 75 -8.86 -6.23 -53.98
CA LEU I 75 -8.97 -5.27 -55.05
C LEU I 75 -7.57 -4.97 -55.53
N LYS I 76 -6.69 -4.65 -54.61
CA LYS I 76 -5.35 -4.32 -55.01
C LYS I 76 -4.63 -5.46 -55.74
N GLU I 77 -4.81 -6.69 -55.31
CA GLU I 77 -4.10 -7.80 -55.96
C GLU I 77 -4.88 -8.66 -56.93
N GLU I 78 -6.19 -8.45 -56.96
CA GLU I 78 -7.07 -9.20 -57.83
C GLU I 78 -7.02 -10.71 -57.67
N ARG I 79 -6.90 -11.16 -56.44
CA ARG I 79 -6.88 -12.58 -56.11
C ARG I 79 -7.18 -12.66 -54.64
N ALA I 80 -7.77 -13.76 -54.21
CA ALA I 80 -8.11 -13.89 -52.80
C ALA I 80 -6.88 -14.22 -51.97
N ILE I 81 -6.76 -13.60 -50.81
CA ILE I 81 -5.66 -13.81 -49.88
C ILE I 81 -5.46 -15.28 -49.50
N GLU I 82 -4.22 -15.71 -49.32
CA GLU I 82 -3.90 -17.09 -48.94
C GLU I 82 -3.56 -17.16 -47.43
N PRO I 83 -3.76 -18.33 -46.80
CA PRO I 83 -3.48 -18.51 -45.39
C PRO I 83 -2.09 -18.07 -44.94
N GLU I 84 -1.06 -18.75 -45.43
CA GLU I 84 0.32 -18.43 -45.07
C GLU I 84 0.52 -16.95 -44.98
N THR I 85 -0.12 -16.26 -45.91
CA THR I 85 -0.05 -14.82 -46.02
C THR I 85 -0.90 -14.14 -44.98
N PHE I 86 -2.17 -14.52 -44.97
CA PHE I 86 -3.10 -13.92 -44.05
C PHE I 86 -2.55 -13.93 -42.66
N THR I 87 -1.99 -15.07 -42.27
CA THR I 87 -1.43 -15.21 -40.96
C THR I 87 -0.49 -14.06 -40.67
N GLN I 88 0.48 -13.86 -41.56
CA GLN I 88 1.44 -12.78 -41.39
C GLN I 88 0.72 -11.46 -41.23
N LEU I 89 -0.42 -11.32 -41.89
CA LEU I 89 -1.19 -10.12 -41.79
C LEU I 89 -1.70 -9.97 -40.39
N VAL I 90 -2.28 -11.05 -39.86
CA VAL I 90 -2.82 -11.01 -38.50
C VAL I 90 -1.75 -10.67 -37.47
N SER I 91 -0.62 -11.35 -37.59
CA SER I 91 0.50 -11.14 -36.72
C SER I 91 0.93 -9.68 -36.71
N SER I 92 1.23 -9.13 -37.87
CA SER I 92 1.67 -7.74 -37.96
C SER I 92 0.64 -6.77 -37.43
N SER I 93 -0.63 -7.10 -37.66
CA SER I 93 -1.75 -6.27 -37.21
C SER I 93 -1.92 -6.23 -35.69
N LEU I 94 -1.46 -7.27 -35.00
CA LEU I 94 -1.54 -7.35 -33.54
C LEU I 94 -0.33 -6.65 -32.94
N TYR I 95 0.86 -6.98 -33.41
CA TYR I 95 2.04 -6.37 -32.88
C TYR I 95 2.03 -4.84 -33.01
N GLU I 96 1.21 -4.32 -33.92
CA GLU I 96 1.10 -2.88 -34.14
C GLU I 96 0.63 -2.23 -32.87
N ARG I 97 -0.03 -3.02 -32.04
CA ARG I 97 -0.52 -2.52 -30.77
C ARG I 97 0.17 -3.25 -29.61
N ARG I 98 1.44 -3.58 -29.78
CA ARG I 98 2.19 -4.28 -28.78
C ARG I 98 2.04 -3.78 -27.35
N PHE I 99 1.85 -2.48 -27.14
CA PHE I 99 1.74 -1.99 -25.76
C PHE I 99 0.35 -1.58 -25.32
N GLY I 100 -0.66 -2.27 -25.85
CA GLY I 100 -2.04 -1.98 -25.50
C GLY I 100 -2.80 -2.84 -26.49
N PRO I 101 -2.61 -4.15 -26.38
CA PRO I 101 -3.17 -5.22 -27.19
C PRO I 101 -4.62 -5.50 -27.14
N TYR I 102 -5.05 -6.25 -28.14
CA TYR I 102 -6.42 -6.68 -28.27
C TYR I 102 -6.35 -7.99 -27.47
N PHE I 103 -7.19 -8.16 -26.47
CA PHE I 103 -7.13 -9.36 -25.65
C PHE I 103 -7.77 -10.52 -26.31
N VAL I 104 -7.06 -11.12 -27.26
CA VAL I 104 -7.61 -12.25 -27.99
C VAL I 104 -6.60 -13.35 -28.25
N GLY I 105 -7.04 -14.36 -28.97
CA GLY I 105 -6.17 -15.47 -29.29
C GLY I 105 -6.60 -16.11 -30.60
N PRO I 106 -6.39 -15.42 -31.71
CA PRO I 106 -6.76 -15.87 -33.03
C PRO I 106 -6.15 -17.19 -33.38
N VAL I 107 -6.85 -17.89 -34.26
CA VAL I 107 -6.40 -19.16 -34.79
C VAL I 107 -6.80 -19.12 -36.25
N VAL I 108 -5.96 -19.66 -37.10
CA VAL I 108 -6.22 -19.61 -38.52
C VAL I 108 -6.17 -20.99 -39.11
N ALA I 109 -7.05 -21.23 -40.07
CA ALA I 109 -7.12 -22.50 -40.73
C ALA I 109 -7.66 -22.30 -42.14
N GLY I 110 -7.14 -23.08 -43.08
CA GLY I 110 -7.58 -22.96 -44.46
C GLY I 110 -6.61 -23.76 -45.28
N ILE I 111 -6.66 -23.60 -46.60
CA ILE I 111 -5.77 -24.33 -47.52
C ILE I 111 -5.28 -23.47 -48.66
N ASN I 112 -4.06 -23.71 -49.09
CA ASN I 112 -3.50 -22.94 -50.19
C ASN I 112 -4.17 -23.42 -51.46
N SER I 113 -4.78 -22.50 -52.20
CA SER I 113 -5.46 -22.85 -53.43
C SER I 113 -4.43 -23.30 -54.46
N LYS I 114 -3.26 -22.69 -54.40
CA LYS I 114 -2.23 -23.05 -55.34
C LYS I 114 -1.59 -24.36 -54.97
N SER I 115 -1.01 -24.43 -53.77
CA SER I 115 -0.30 -25.62 -53.32
C SER I 115 -1.11 -26.76 -52.74
N GLY I 116 -2.22 -26.47 -52.08
CA GLY I 116 -3.05 -27.53 -51.52
C GLY I 116 -2.74 -28.13 -50.15
N LYS I 117 -1.57 -27.84 -49.58
CA LYS I 117 -1.22 -28.37 -48.27
C LYS I 117 -2.05 -27.62 -47.25
N PRO I 118 -2.72 -28.35 -46.34
CA PRO I 118 -3.56 -27.73 -45.33
C PRO I 118 -2.71 -26.87 -44.43
N PHE I 119 -3.34 -25.87 -43.83
CA PHE I 119 -2.62 -24.96 -42.97
C PHE I 119 -3.43 -24.47 -41.79
N ILE I 120 -2.76 -24.36 -40.65
CA ILE I 120 -3.31 -23.87 -39.40
C ILE I 120 -2.19 -23.19 -38.63
N ALA I 121 -2.56 -22.19 -37.85
CA ALA I 121 -1.61 -21.46 -37.04
C ALA I 121 -2.34 -20.69 -35.94
N GLY I 122 -1.65 -20.39 -34.85
CA GLY I 122 -2.27 -19.64 -33.77
C GLY I 122 -1.34 -18.57 -33.28
N PHE I 123 -1.83 -17.68 -32.42
CA PHE I 123 -1.01 -16.60 -31.89
C PHE I 123 -1.33 -16.22 -30.46
N ASP I 124 -0.39 -15.58 -29.77
CA ASP I 124 -0.66 -15.12 -28.42
C ASP I 124 -1.20 -13.73 -28.62
N LEU I 125 -1.64 -13.05 -27.58
CA LEU I 125 -2.20 -11.73 -27.80
C LEU I 125 -1.33 -10.70 -28.51
N ILE I 126 -0.04 -10.89 -28.65
CA ILE I 126 0.74 -9.87 -29.35
C ILE I 126 1.46 -10.27 -30.60
N GLY I 127 1.00 -11.30 -31.28
CA GLY I 127 1.70 -11.64 -32.50
C GLY I 127 2.53 -12.90 -32.61
N CYS I 128 3.13 -13.42 -31.55
CA CYS I 128 3.94 -14.62 -31.72
C CYS I 128 3.17 -15.68 -32.50
N ILE I 129 3.70 -16.07 -33.64
CA ILE I 129 3.00 -17.06 -34.46
C ILE I 129 3.33 -18.44 -33.98
N ASP I 130 2.30 -19.19 -33.68
CA ASP I 130 2.43 -20.53 -33.18
C ASP I 130 2.20 -21.45 -34.37
N GLU I 131 3.26 -21.87 -35.05
CA GLU I 131 3.12 -22.76 -36.19
C GLU I 131 3.27 -24.19 -35.77
N ALA I 132 2.24 -24.97 -36.05
CA ALA I 132 2.27 -26.36 -35.69
C ALA I 132 1.57 -27.10 -36.80
N LYS I 133 2.05 -28.29 -37.12
CA LYS I 133 1.42 -29.01 -38.18
C LYS I 133 0.29 -29.94 -37.71
N ASP I 134 0.00 -29.98 -36.41
CA ASP I 134 -1.05 -30.86 -35.93
C ASP I 134 -2.33 -30.23 -35.41
N PHE I 135 -2.25 -29.37 -34.40
CA PHE I 135 -3.46 -28.75 -33.87
C PHE I 135 -3.19 -27.46 -33.11
N ILE I 136 -4.21 -26.61 -33.04
CA ILE I 136 -4.11 -25.33 -32.33
C ILE I 136 -5.36 -25.17 -31.49
N VAL I 137 -5.20 -24.54 -30.32
CA VAL I 137 -6.28 -24.32 -29.36
C VAL I 137 -6.18 -22.95 -28.77
N SER I 138 -7.30 -22.48 -28.25
CA SER I 138 -7.34 -21.18 -27.64
C SER I 138 -8.58 -20.99 -26.84
N GLY I 139 -8.52 -20.10 -25.86
CA GLY I 139 -9.69 -19.85 -25.04
C GLY I 139 -9.49 -20.15 -23.57
N THR I 140 -10.57 -20.01 -22.81
CA THR I 140 -10.52 -20.24 -21.39
C THR I 140 -10.20 -21.70 -21.08
N ALA I 141 -10.53 -22.59 -22.01
CA ALA I 141 -10.25 -24.01 -21.82
C ALA I 141 -9.04 -24.48 -22.59
N SER I 142 -8.03 -23.63 -22.66
CA SER I 142 -6.86 -24.01 -23.39
C SER I 142 -6.22 -25.24 -22.80
N ASP I 143 -5.87 -25.19 -21.52
CA ASP I 143 -5.27 -26.33 -20.84
C ASP I 143 -6.05 -27.56 -21.23
N GLN I 144 -7.35 -27.51 -21.03
CA GLN I 144 -8.17 -28.66 -21.35
C GLN I 144 -7.97 -29.10 -22.76
N LEU I 145 -8.27 -28.21 -23.70
CA LEU I 145 -8.14 -28.53 -25.10
C LEU I 145 -6.82 -29.20 -25.44
N PHE I 146 -5.72 -28.63 -24.98
CA PHE I 146 -4.41 -29.22 -25.25
C PHE I 146 -4.45 -30.63 -24.83
N GLY I 147 -4.98 -30.84 -23.64
CA GLY I 147 -5.09 -32.19 -23.15
C GLY I 147 -5.82 -33.08 -24.11
N MET I 148 -7.06 -32.73 -24.43
CA MET I 148 -7.83 -33.56 -25.33
C MET I 148 -7.12 -33.89 -26.63
N CYS I 149 -6.64 -32.84 -27.29
CA CYS I 149 -5.97 -33.00 -28.56
C CYS I 149 -4.75 -33.89 -28.49
N GLU I 150 -3.76 -33.50 -27.71
CA GLU I 150 -2.53 -34.24 -27.62
C GLU I 150 -2.75 -35.72 -27.49
N SER I 151 -3.87 -36.12 -26.89
CA SER I 151 -4.16 -37.53 -26.72
C SER I 151 -4.86 -38.17 -27.90
N LEU I 152 -6.02 -37.63 -28.26
CA LEU I 152 -6.83 -38.14 -29.35
C LEU I 152 -6.29 -38.02 -30.79
N TYR I 153 -5.38 -37.09 -31.02
CA TYR I 153 -4.86 -36.85 -32.35
C TYR I 153 -3.99 -37.92 -32.94
N GLU I 154 -4.12 -38.09 -34.24
CA GLU I 154 -3.30 -39.02 -35.00
C GLU I 154 -3.27 -38.48 -36.42
N PRO I 155 -2.08 -38.46 -37.06
CA PRO I 155 -1.88 -37.95 -38.40
C PRO I 155 -2.73 -38.57 -39.51
N ASN I 156 -2.88 -37.79 -40.58
CA ASN I 156 -3.63 -38.17 -41.77
C ASN I 156 -5.03 -38.71 -41.57
N LEU I 157 -5.88 -37.93 -40.93
CA LEU I 157 -7.26 -38.33 -40.67
C LEU I 157 -8.20 -37.87 -41.78
N GLU I 158 -9.11 -38.73 -42.22
CA GLU I 158 -10.05 -38.36 -43.29
C GLU I 158 -11.20 -37.52 -42.75
N PRO I 159 -11.70 -36.60 -43.55
CA PRO I 159 -12.81 -35.70 -43.22
C PRO I 159 -13.88 -36.27 -42.30
N GLU I 160 -14.39 -37.44 -42.62
CA GLU I 160 -15.46 -38.01 -41.81
C GLU I 160 -14.98 -38.34 -40.40
N ASP I 161 -13.71 -38.69 -40.28
CA ASP I 161 -13.11 -39.04 -39.00
C ASP I 161 -12.71 -37.79 -38.19
N LEU I 162 -11.80 -36.97 -38.73
CA LEU I 162 -11.34 -35.75 -38.07
C LEU I 162 -12.47 -34.96 -37.43
N PHE I 163 -13.65 -35.08 -38.02
CA PHE I 163 -14.79 -34.39 -37.49
C PHE I 163 -14.98 -34.82 -36.06
N GLU I 164 -15.15 -36.13 -35.85
CA GLU I 164 -15.39 -36.68 -34.52
C GLU I 164 -14.41 -36.14 -33.53
N THR I 165 -13.16 -36.41 -33.84
CA THR I 165 -12.04 -35.98 -33.04
C THR I 165 -12.18 -34.56 -32.55
N ILE I 166 -12.19 -33.61 -33.47
CA ILE I 166 -12.27 -32.23 -33.06
C ILE I 166 -13.48 -31.98 -32.19
N SER I 167 -14.61 -32.57 -32.57
CA SER I 167 -15.83 -32.40 -31.80
C SER I 167 -15.70 -32.89 -30.37
N GLN I 168 -15.12 -34.07 -30.20
CA GLN I 168 -14.96 -34.59 -28.86
C GLN I 168 -14.07 -33.65 -28.09
N ALA I 169 -12.93 -33.33 -28.67
CA ALA I 169 -11.97 -32.45 -28.04
C ALA I 169 -12.66 -31.24 -27.50
N LEU I 170 -13.44 -30.61 -28.33
CA LEU I 170 -14.13 -29.45 -27.89
C LEU I 170 -15.12 -29.82 -26.83
N LEU I 171 -16.13 -30.57 -27.23
CA LEU I 171 -17.18 -30.97 -26.30
C LEU I 171 -16.65 -31.32 -24.91
N ASN I 172 -15.75 -32.27 -24.84
CA ASN I 172 -15.23 -32.65 -23.57
C ASN I 172 -14.44 -31.58 -22.85
N ALA I 173 -13.56 -30.87 -23.51
CA ALA I 173 -12.80 -29.84 -22.82
C ALA I 173 -13.70 -28.72 -22.35
N ALA I 174 -14.80 -28.50 -23.04
CA ALA I 174 -15.70 -27.45 -22.65
C ALA I 174 -16.37 -27.79 -21.36
N ASP I 175 -16.86 -29.02 -21.29
CA ASP I 175 -17.56 -29.46 -20.10
C ASP I 175 -16.77 -29.32 -18.82
N ARG I 176 -15.46 -29.16 -18.93
CA ARG I 176 -14.64 -28.97 -17.75
C ARG I 176 -14.31 -27.52 -17.55
N ASP I 177 -14.95 -26.65 -18.29
CA ASP I 177 -14.68 -25.23 -18.19
C ASP I 177 -15.98 -24.53 -17.98
N ALA I 178 -16.08 -23.84 -16.86
CA ALA I 178 -17.28 -23.15 -16.52
C ALA I 178 -17.72 -22.10 -17.51
N LEU I 179 -16.78 -21.23 -17.86
CA LEU I 179 -17.00 -20.12 -18.78
C LEU I 179 -17.24 -20.43 -20.24
N SER I 180 -17.16 -21.69 -20.65
CA SER I 180 -17.34 -22.04 -22.06
C SER I 180 -18.41 -23.09 -22.29
N GLY I 181 -18.85 -23.26 -23.53
CA GLY I 181 -19.88 -24.25 -23.83
C GLY I 181 -21.16 -23.63 -24.33
N TRP I 182 -22.32 -24.10 -23.87
CA TRP I 182 -23.62 -23.55 -24.28
C TRP I 182 -23.91 -23.74 -25.74
N GLY I 183 -23.11 -24.55 -26.41
CA GLY I 183 -23.34 -24.81 -27.83
C GLY I 183 -22.03 -24.91 -28.56
N ALA I 184 -22.04 -25.47 -29.76
CA ALA I 184 -20.81 -25.60 -30.50
C ALA I 184 -21.04 -25.83 -31.96
N VAL I 185 -20.07 -25.39 -32.75
CA VAL I 185 -20.09 -25.47 -34.21
C VAL I 185 -18.77 -25.96 -34.74
N VAL I 186 -18.80 -26.72 -35.81
CA VAL I 186 -17.57 -27.23 -36.35
C VAL I 186 -17.55 -27.11 -37.86
N TYR I 187 -16.45 -26.57 -38.38
CA TYR I 187 -16.28 -26.41 -39.82
C TYR I 187 -15.27 -27.40 -40.34
N ILE I 188 -15.67 -28.21 -41.32
CA ILE I 188 -14.78 -29.18 -41.96
C ILE I 188 -14.43 -28.54 -43.29
N ILE I 189 -13.16 -28.58 -43.66
CA ILE I 189 -12.78 -27.92 -44.87
C ILE I 189 -12.07 -28.75 -45.91
N LYS I 190 -12.42 -28.52 -47.18
CA LYS I 190 -11.85 -29.20 -48.33
C LYS I 190 -11.60 -28.20 -49.46
N LYS I 191 -10.63 -28.50 -50.32
CA LYS I 191 -10.28 -27.62 -51.45
C LYS I 191 -11.44 -26.89 -52.10
N ASP I 192 -12.44 -27.66 -52.49
CA ASP I 192 -13.58 -27.10 -53.15
C ASP I 192 -14.75 -26.88 -52.21
N GLU I 193 -14.94 -27.76 -51.24
CA GLU I 193 -16.07 -27.59 -50.34
C GLU I 193 -15.78 -27.45 -48.84
N VAL I 194 -16.78 -26.91 -48.13
CA VAL I 194 -16.74 -26.64 -46.69
C VAL I 194 -18.10 -26.89 -46.07
N VAL I 195 -18.13 -27.61 -44.96
CA VAL I 195 -19.38 -27.91 -44.28
C VAL I 195 -19.43 -27.36 -42.87
N LYS I 196 -20.61 -26.94 -42.42
CA LYS I 196 -20.78 -26.37 -41.10
C LYS I 196 -21.84 -27.16 -40.34
N ARG I 197 -21.45 -27.85 -39.26
CA ARG I 197 -22.39 -28.63 -38.44
C ARG I 197 -22.42 -28.06 -37.01
N TYR I 198 -23.59 -28.04 -36.38
CA TYR I 198 -23.70 -27.56 -34.99
C TYR I 198 -23.85 -28.81 -34.12
N LEU I 199 -23.30 -28.76 -32.90
CA LEU I 199 -23.32 -29.91 -32.00
C LEU I 199 -24.34 -29.88 -30.86
N LYS I 200 -24.68 -31.06 -30.34
CA LYS I 200 -25.65 -31.18 -29.25
C LYS I 200 -24.91 -31.28 -27.95
N MET I 201 -25.02 -30.29 -27.08
CA MET I 201 -24.27 -30.40 -25.84
C MET I 201 -24.99 -29.88 -24.65
N ARG I 202 -24.46 -30.20 -23.48
CA ARG I 202 -25.08 -29.77 -22.25
C ARG I 202 -25.28 -28.26 -22.31
N GLN I 203 -26.32 -27.77 -21.66
CA GLN I 203 -26.57 -26.36 -21.66
C GLN I 203 -26.51 -25.81 -20.25
N ASP I 204 -25.43 -26.15 -19.56
CA ASP I 204 -25.23 -25.73 -18.19
C ASP I 204 -23.79 -25.28 -18.00
N MET J 1 -27.07 -0.48 -9.71
CA MET J 1 -27.33 0.07 -11.07
C MET J 1 -28.85 0.07 -11.26
N ASP J 2 -29.31 0.75 -12.33
CA ASP J 2 -30.72 0.88 -12.69
C ASP J 2 -31.17 -0.31 -13.52
N ILE J 3 -32.47 -0.40 -13.75
CA ILE J 3 -33.05 -1.51 -14.51
C ILE J 3 -33.41 -1.19 -15.92
N ILE J 4 -32.99 -2.08 -16.81
CA ILE J 4 -33.18 -1.97 -18.25
C ILE J 4 -33.51 -3.34 -18.79
N LEU J 5 -34.66 -3.48 -19.44
CA LEU J 5 -35.08 -4.76 -20.02
C LEU J 5 -35.62 -4.56 -21.42
N GLY J 6 -35.56 -5.62 -22.21
CA GLY J 6 -36.08 -5.54 -23.55
C GLY J 6 -36.56 -6.90 -23.96
N ILE J 7 -37.57 -6.92 -24.80
CA ILE J 7 -38.14 -8.16 -25.27
C ILE J 7 -38.70 -7.96 -26.68
N ARG J 8 -38.34 -8.84 -27.60
CA ARG J 8 -38.78 -8.76 -28.98
C ARG J 8 -39.83 -9.83 -29.20
N VAL J 9 -41.01 -9.44 -29.66
CA VAL J 9 -42.11 -10.38 -29.90
C VAL J 9 -42.20 -10.68 -31.38
N GLN J 10 -43.38 -10.98 -31.93
CA GLN J 10 -43.44 -11.26 -33.35
C GLN J 10 -43.46 -10.02 -34.18
N ASP J 11 -44.27 -9.06 -33.78
CA ASP J 11 -44.40 -7.85 -34.55
C ASP J 11 -43.99 -6.59 -33.83
N SER J 12 -43.05 -6.68 -32.89
CA SER J 12 -42.61 -5.50 -32.15
C SER J 12 -41.54 -5.72 -31.09
N VAL J 13 -41.10 -4.63 -30.48
CA VAL J 13 -40.09 -4.69 -29.44
C VAL J 13 -40.53 -3.86 -28.27
N ILE J 14 -40.40 -4.41 -27.07
CA ILE J 14 -40.80 -3.70 -25.89
C ILE J 14 -39.64 -3.41 -24.98
N LEU J 15 -39.56 -2.19 -24.46
CA LEU J 15 -38.48 -1.82 -23.56
C LEU J 15 -39.07 -1.30 -22.28
N ALA J 16 -38.51 -1.74 -21.18
CA ALA J 16 -38.96 -1.34 -19.86
C ALA J 16 -37.79 -0.68 -19.24
N SER J 17 -38.01 0.29 -18.37
CA SER J 17 -36.91 1.01 -17.74
C SER J 17 -37.29 1.66 -16.43
N SER J 18 -36.55 1.36 -15.38
CA SER J 18 -36.82 1.91 -14.06
C SER J 18 -37.02 3.40 -14.12
N LYS J 19 -37.87 3.93 -13.26
CA LYS J 19 -38.14 5.35 -13.27
C LYS J 19 -37.44 6.14 -12.19
N ALA J 20 -36.33 5.63 -11.66
CA ALA J 20 -35.69 6.35 -10.57
C ALA J 20 -34.27 6.82 -10.74
N VAL J 21 -33.96 7.95 -10.12
CA VAL J 21 -32.62 8.51 -10.15
C VAL J 21 -32.26 8.72 -8.70
N THR J 22 -31.32 7.91 -8.23
CA THR J 22 -30.87 7.93 -6.85
C THR J 22 -29.51 8.50 -6.76
N ARG J 23 -29.22 9.20 -5.69
CA ARG J 23 -27.90 9.75 -5.54
C ARG J 23 -27.43 9.61 -4.12
N GLY J 24 -26.45 8.74 -3.94
CA GLY J 24 -25.94 8.54 -2.61
C GLY J 24 -27.07 8.08 -1.73
N ILE J 25 -27.52 8.98 -0.88
CA ILE J 25 -28.57 8.70 0.09
C ILE J 25 -30.05 8.96 -0.23
N SER J 26 -30.35 9.78 -1.23
CA SER J 26 -31.75 10.06 -1.53
C SER J 26 -32.16 9.65 -2.91
N VAL J 27 -33.46 9.50 -3.11
CA VAL J 27 -34.01 9.19 -4.41
C VAL J 27 -34.45 10.54 -4.97
N LEU J 28 -33.76 11.03 -5.98
CA LEU J 28 -34.09 12.34 -6.52
C LEU J 28 -35.28 12.45 -7.43
N LYS J 29 -35.59 11.43 -8.20
CA LYS J 29 -36.71 11.57 -9.11
C LYS J 29 -37.37 10.24 -9.36
N ASP J 30 -38.70 10.24 -9.30
CA ASP J 30 -39.50 9.04 -9.52
C ASP J 30 -40.14 8.91 -10.92
N SER J 31 -39.68 9.69 -11.87
CA SER J 31 -40.28 9.66 -13.21
C SER J 31 -39.30 9.93 -14.35
N ASP J 32 -38.19 9.20 -14.39
CA ASP J 32 -37.18 9.39 -15.41
C ASP J 32 -37.38 8.52 -16.62
N ASP J 33 -37.18 9.10 -17.79
CA ASP J 33 -37.35 8.40 -19.05
C ASP J 33 -35.95 8.14 -19.53
N LYS J 34 -35.44 6.95 -19.25
CA LYS J 34 -34.08 6.58 -19.63
C LYS J 34 -34.01 6.15 -21.07
N THR J 35 -34.61 6.92 -21.96
CA THR J 35 -34.61 6.52 -23.35
C THR J 35 -34.68 7.69 -24.30
N ARG J 36 -34.21 7.49 -25.53
CA ARG J 36 -34.25 8.51 -26.56
C ARG J 36 -34.69 7.88 -27.87
N GLN J 37 -35.43 8.62 -28.68
CA GLN J 37 -35.88 8.11 -29.97
C GLN J 37 -34.77 8.48 -30.92
N LEU J 38 -34.12 7.47 -31.48
CA LEU J 38 -33.03 7.72 -32.39
C LEU J 38 -33.56 8.13 -33.73
N SER J 39 -34.54 7.41 -34.22
CA SER J 39 -35.13 7.73 -35.49
C SER J 39 -36.52 7.20 -35.32
N PRO J 40 -37.50 7.76 -36.03
CA PRO J 40 -38.89 7.32 -35.92
C PRO J 40 -39.26 5.82 -35.86
N HIS J 41 -38.30 4.92 -35.87
CA HIS J 41 -38.63 3.51 -35.76
C HIS J 41 -37.50 2.81 -35.01
N THR J 42 -36.74 3.59 -34.25
CA THR J 42 -35.61 3.08 -33.50
C THR J 42 -35.49 3.78 -32.16
N LEU J 43 -35.50 2.99 -31.09
CA LEU J 43 -35.42 3.48 -29.72
C LEU J 43 -34.25 2.89 -28.98
N MET J 44 -33.59 3.72 -28.16
CA MET J 44 -32.45 3.25 -27.39
C MET J 44 -32.59 3.62 -25.95
N SER J 45 -32.39 2.64 -25.09
CA SER J 45 -32.46 2.80 -23.65
C SER J 45 -31.06 2.67 -23.11
N PHE J 46 -30.79 3.29 -21.97
CA PHE J 46 -29.44 3.24 -21.44
C PHE J 46 -29.37 3.17 -19.93
N ALA J 47 -28.26 2.69 -19.42
CA ALA J 47 -28.08 2.60 -17.98
C ALA J 47 -26.62 2.73 -17.73
N GLY J 48 -26.22 3.49 -16.72
CA GLY J 48 -24.79 3.64 -16.45
C GLY J 48 -24.40 4.76 -15.50
N GLU J 49 -23.14 5.20 -15.60
CA GLU J 49 -22.63 6.24 -14.72
C GLU J 49 -23.42 7.50 -14.95
N ALA J 50 -23.54 8.27 -13.89
CA ALA J 50 -24.28 9.50 -13.89
C ALA J 50 -24.42 10.31 -15.16
N GLY J 51 -23.42 11.11 -15.48
CA GLY J 51 -23.55 11.96 -16.66
C GLY J 51 -23.42 11.25 -17.99
N ASP J 52 -22.40 10.41 -18.08
CA ASP J 52 -22.08 9.65 -19.28
C ASP J 52 -23.32 9.11 -19.93
N THR J 53 -24.21 8.63 -19.10
CA THR J 53 -25.43 8.06 -19.56
C THR J 53 -26.23 8.93 -20.51
N VAL J 54 -26.71 10.07 -20.07
CA VAL J 54 -27.47 10.95 -20.93
C VAL J 54 -26.56 11.45 -22.03
N GLN J 55 -25.45 12.08 -21.64
CA GLN J 55 -24.50 12.64 -22.60
C GLN J 55 -24.33 11.73 -23.76
N PHE J 56 -24.09 10.48 -23.51
CA PHE J 56 -23.88 9.54 -24.58
C PHE J 56 -25.09 9.35 -25.44
N ALA J 57 -26.22 9.08 -24.85
CA ALA J 57 -27.40 8.87 -25.65
C ALA J 57 -27.76 10.07 -26.51
N GLU J 58 -27.62 11.28 -25.99
CA GLU J 58 -27.97 12.44 -26.78
C GLU J 58 -27.05 12.58 -27.98
N TYR J 59 -25.78 12.24 -27.82
CA TYR J 59 -24.80 12.30 -28.90
C TYR J 59 -25.21 11.36 -30.03
N ILE J 60 -25.54 10.13 -29.71
CA ILE J 60 -25.96 9.18 -30.74
C ILE J 60 -27.19 9.69 -31.44
N GLN J 61 -28.12 10.29 -30.69
CA GLN J 61 -29.34 10.83 -31.27
C GLN J 61 -28.94 11.82 -32.36
N ALA J 62 -28.19 12.85 -32.00
CA ALA J 62 -27.74 13.84 -32.95
C ALA J 62 -27.18 13.16 -34.16
N ASN J 63 -26.08 12.46 -33.97
CA ASN J 63 -25.43 11.78 -35.04
C ASN J 63 -26.34 10.91 -35.87
N ILE J 64 -27.50 10.53 -35.38
CA ILE J 64 -28.40 9.74 -36.22
C ILE J 64 -29.40 10.62 -36.91
N GLN J 65 -30.00 11.53 -36.18
CA GLN J 65 -30.96 12.43 -36.78
C GLN J 65 -30.27 13.10 -37.97
N LEU J 66 -28.99 13.44 -37.82
CA LEU J 66 -28.21 14.07 -38.89
C LEU J 66 -28.16 13.20 -40.14
N TYR J 67 -27.90 11.93 -39.97
CA TYR J 67 -27.84 11.07 -41.12
C TYR J 67 -29.20 11.02 -41.77
N SER J 68 -30.24 10.77 -40.98
CA SER J 68 -31.58 10.70 -41.51
C SER J 68 -31.84 11.88 -42.43
N ILE J 69 -31.37 13.06 -42.06
CA ILE J 69 -31.58 14.21 -42.91
C ILE J 69 -30.72 14.18 -44.16
N ARG J 70 -29.41 14.09 -43.98
CA ARG J 70 -28.49 14.09 -45.10
C ARG J 70 -28.92 13.18 -46.21
N GLU J 71 -29.59 12.10 -45.85
CA GLU J 71 -30.04 11.15 -46.84
C GLU J 71 -31.53 10.97 -47.07
N ASP J 72 -32.37 11.70 -46.35
CA ASP J 72 -33.81 11.51 -46.52
C ASP J 72 -34.10 10.02 -46.43
N TYR J 73 -33.62 9.39 -45.37
CA TYR J 73 -33.82 7.96 -45.22
C TYR J 73 -33.59 7.60 -43.76
N GLU J 74 -34.03 6.40 -43.38
CA GLU J 74 -33.86 5.92 -42.03
C GLU J 74 -33.05 4.63 -41.99
N LEU J 75 -31.93 4.68 -41.28
CA LEU J 75 -31.03 3.53 -41.15
C LEU J 75 -31.71 2.37 -40.50
N SER J 76 -31.34 1.18 -40.92
CA SER J 76 -31.92 -0.02 -40.35
C SER J 76 -31.32 -0.16 -38.98
N PRO J 77 -31.98 -0.87 -38.09
CA PRO J 77 -31.46 -1.05 -36.76
C PRO J 77 -30.09 -1.69 -36.80
N GLN J 78 -29.94 -2.79 -37.52
CA GLN J 78 -28.66 -3.50 -37.60
C GLN J 78 -27.57 -2.52 -37.88
N ALA J 79 -27.92 -1.41 -38.50
CA ALA J 79 -26.98 -0.37 -38.81
C ALA J 79 -26.83 0.58 -37.65
N VAL J 80 -27.91 1.16 -37.18
CA VAL J 80 -27.80 2.06 -36.05
C VAL J 80 -27.03 1.46 -34.89
N SER J 81 -27.30 0.21 -34.60
CA SER J 81 -26.59 -0.40 -33.50
C SER J 81 -25.13 -0.49 -33.85
N SER J 82 -24.81 -1.04 -35.00
CA SER J 82 -23.41 -1.16 -35.36
C SER J 82 -22.67 0.16 -35.19
N PHE J 83 -23.34 1.23 -35.54
CA PHE J 83 -22.74 2.52 -35.39
C PHE J 83 -22.52 2.65 -33.91
N VAL J 84 -23.56 2.49 -33.10
CA VAL J 84 -23.37 2.63 -31.67
C VAL J 84 -22.24 1.76 -31.11
N ARG J 85 -22.14 0.50 -31.53
CA ARG J 85 -21.06 -0.33 -31.03
C ARG J 85 -19.72 0.31 -31.36
N GLN J 86 -19.52 0.74 -32.60
CA GLN J 86 -18.26 1.35 -32.92
C GLN J 86 -17.98 2.55 -32.04
N GLU J 87 -18.97 3.40 -31.79
CA GLU J 87 -18.69 4.54 -30.94
C GLU J 87 -18.28 4.09 -29.58
N LEU J 88 -18.88 3.03 -29.05
CA LEU J 88 -18.49 2.58 -27.72
C LEU J 88 -17.13 1.91 -27.73
N ALA J 89 -16.96 0.95 -28.63
CA ALA J 89 -15.70 0.26 -28.73
C ALA J 89 -14.55 1.22 -28.97
N LYS J 90 -14.84 2.40 -29.52
CA LYS J 90 -13.83 3.43 -29.83
C LYS J 90 -13.33 4.08 -28.55
N SER J 91 -14.23 4.26 -27.61
CA SER J 91 -13.91 4.93 -26.36
C SER J 91 -13.28 4.09 -25.27
N ILE J 92 -13.49 2.78 -25.26
CA ILE J 92 -12.92 1.96 -24.18
C ILE J 92 -11.43 2.14 -23.98
N ARG J 93 -10.72 2.53 -25.02
CA ARG J 93 -9.30 2.75 -24.87
C ARG J 93 -8.99 4.24 -24.92
N SER J 94 -10.02 5.02 -24.63
CA SER J 94 -9.96 6.47 -24.60
C SER J 94 -9.48 6.89 -23.24
N ARG J 95 -9.27 8.19 -23.07
CA ARG J 95 -8.83 8.76 -21.81
C ARG J 95 -9.90 8.56 -20.74
N ARG J 96 -11.17 8.67 -21.11
CA ARG J 96 -12.27 8.50 -20.15
C ARG J 96 -13.45 7.83 -20.85
N PRO J 97 -13.47 6.50 -20.85
CA PRO J 97 -14.50 5.67 -21.47
C PRO J 97 -15.90 6.05 -21.06
N TYR J 98 -16.83 5.95 -21.99
CA TYR J 98 -18.22 6.24 -21.69
C TYR J 98 -18.63 4.99 -20.94
N GLN J 99 -19.11 5.17 -19.73
CA GLN J 99 -19.55 4.05 -18.94
C GLN J 99 -21.04 3.90 -19.11
N VAL J 100 -21.48 3.44 -20.27
CA VAL J 100 -22.90 3.29 -20.53
C VAL J 100 -23.21 1.98 -21.16
N ASN J 101 -24.34 1.40 -20.80
CA ASN J 101 -24.78 0.17 -21.42
C ASN J 101 -26.06 0.63 -22.09
N VAL J 102 -26.37 0.10 -23.27
CA VAL J 102 -27.59 0.49 -23.98
C VAL J 102 -28.31 -0.72 -24.53
N LEU J 103 -29.63 -0.59 -24.70
CA LEU J 103 -30.45 -1.64 -25.28
C LEU J 103 -31.02 -0.88 -26.40
N ILE J 104 -30.95 -1.44 -27.60
CA ILE J 104 -31.50 -0.74 -28.72
C ILE J 104 -32.51 -1.63 -29.37
N GLY J 105 -33.67 -1.07 -29.68
CA GLY J 105 -34.69 -1.85 -30.32
C GLY J 105 -35.38 -1.04 -31.38
N GLY J 106 -35.62 -1.68 -32.52
CA GLY J 106 -36.26 -1.01 -33.61
C GLY J 106 -37.04 -1.99 -34.47
N TYR J 107 -37.76 -1.45 -35.45
CA TYR J 107 -38.56 -2.22 -36.40
C TYR J 107 -37.96 -1.99 -37.77
N ASP J 108 -37.57 -3.06 -38.46
CA ASP J 108 -36.97 -2.92 -39.79
C ASP J 108 -37.97 -2.82 -40.95
N LYS J 109 -38.55 -1.62 -41.13
CA LYS J 109 -39.55 -1.37 -42.18
C LYS J 109 -39.24 -2.08 -43.50
N LYS J 110 -37.97 -2.32 -43.78
CA LYS J 110 -37.61 -2.99 -45.00
C LYS J 110 -37.77 -4.51 -44.89
N LYS J 111 -37.23 -5.12 -43.83
CA LYS J 111 -37.36 -6.57 -43.67
C LYS J 111 -38.69 -6.90 -43.05
N ASN J 112 -39.41 -5.86 -42.63
CA ASN J 112 -40.69 -6.00 -41.97
C ASN J 112 -40.57 -7.05 -40.87
N LYS J 113 -39.61 -6.83 -39.98
CA LYS J 113 -39.31 -7.72 -38.84
C LYS J 113 -38.74 -6.87 -37.71
N PRO J 114 -39.06 -7.18 -36.44
CA PRO J 114 -38.56 -6.41 -35.31
C PRO J 114 -37.19 -6.91 -34.85
N GLU J 115 -36.42 -6.05 -34.20
CA GLU J 115 -35.08 -6.43 -33.77
C GLU J 115 -34.66 -5.72 -32.50
N LEU J 116 -33.91 -6.43 -31.63
CA LEU J 116 -33.43 -5.90 -30.35
C LEU J 116 -31.97 -6.24 -30.17
N TYR J 117 -31.19 -5.23 -29.83
CA TYR J 117 -29.76 -5.37 -29.69
C TYR J 117 -29.31 -4.94 -28.34
N GLN J 118 -28.35 -5.69 -27.80
CA GLN J 118 -27.78 -5.39 -26.51
C GLN J 118 -26.31 -5.12 -26.70
N ILE J 119 -25.84 -4.03 -26.12
CA ILE J 119 -24.45 -3.67 -26.24
C ILE J 119 -24.01 -3.15 -24.90
N ASP J 120 -22.88 -3.60 -24.38
CA ASP J 120 -22.41 -3.09 -23.09
C ASP J 120 -21.37 -2.01 -23.25
N TYR J 121 -20.95 -1.43 -22.15
CA TYR J 121 -19.97 -0.36 -22.22
C TYR J 121 -18.69 -0.66 -22.99
N LEU J 122 -18.39 -1.91 -23.30
CA LEU J 122 -17.16 -2.24 -24.00
C LEU J 122 -17.34 -2.38 -25.48
N GLY J 123 -18.58 -2.32 -25.92
CA GLY J 123 -18.86 -2.50 -27.31
C GLY J 123 -19.16 -3.95 -27.58
N THR J 124 -19.74 -4.66 -26.64
CA THR J 124 -20.07 -6.05 -26.85
C THR J 124 -21.47 -6.01 -27.36
N LYS J 125 -21.67 -6.42 -28.59
CA LYS J 125 -23.01 -6.40 -29.11
C LYS J 125 -23.46 -7.77 -29.39
N VAL J 126 -24.76 -7.98 -29.34
CA VAL J 126 -25.34 -9.27 -29.64
C VAL J 126 -26.84 -9.06 -29.82
N GLU J 127 -27.42 -9.75 -30.79
CA GLU J 127 -28.86 -9.67 -31.09
C GLU J 127 -29.56 -10.73 -30.26
N LEU J 128 -30.70 -10.38 -29.66
CA LEU J 128 -31.42 -11.30 -28.80
C LEU J 128 -32.95 -11.14 -28.74
N PRO J 129 -33.67 -12.19 -28.34
CA PRO J 129 -35.12 -12.17 -28.22
C PRO J 129 -35.44 -11.26 -27.06
N TYR J 130 -34.71 -11.40 -25.97
CA TYR J 130 -34.90 -10.56 -24.79
C TYR J 130 -33.55 -10.32 -24.19
N GLY J 131 -33.42 -9.27 -23.40
CA GLY J 131 -32.12 -9.00 -22.81
C GLY J 131 -32.25 -8.04 -21.66
N ALA J 132 -31.16 -7.75 -20.97
CA ALA J 132 -31.19 -6.85 -19.84
C ALA J 132 -29.77 -6.48 -19.52
N HIS J 133 -29.58 -5.55 -18.62
CA HIS J 133 -28.24 -5.18 -18.29
C HIS J 133 -28.07 -5.19 -16.81
N GLY J 134 -26.83 -5.20 -16.37
CA GLY J 134 -26.59 -5.19 -14.95
C GLY J 134 -27.19 -6.41 -14.30
N TYR J 135 -27.52 -6.24 -13.03
CA TYR J 135 -28.07 -7.30 -12.21
C TYR J 135 -29.46 -7.81 -12.63
N SER J 136 -30.28 -6.94 -13.22
CA SER J 136 -31.64 -7.29 -13.61
C SER J 136 -31.77 -8.64 -14.27
N GLY J 137 -30.96 -8.87 -15.27
CA GLY J 137 -31.00 -10.13 -15.98
C GLY J 137 -30.99 -11.30 -15.04
N PHE J 138 -30.24 -11.17 -13.95
CA PHE J 138 -30.11 -12.22 -12.96
C PHE J 138 -31.44 -12.79 -12.45
N TYR J 139 -32.48 -11.98 -12.38
CA TYR J 139 -33.76 -12.48 -11.88
C TYR J 139 -34.72 -12.81 -12.98
N THR J 140 -34.68 -12.00 -14.02
CA THR J 140 -35.55 -12.10 -15.18
C THR J 140 -35.28 -13.19 -16.21
N PHE J 141 -34.04 -13.39 -16.62
CA PHE J 141 -33.77 -14.39 -17.63
C PHE J 141 -34.46 -15.69 -17.43
N SER J 142 -34.39 -16.24 -16.23
CA SER J 142 -35.03 -17.50 -15.91
C SER J 142 -36.48 -17.46 -16.32
N LEU J 143 -37.14 -16.38 -15.95
CA LEU J 143 -38.53 -16.20 -16.28
C LEU J 143 -38.74 -16.23 -17.76
N LEU J 144 -37.92 -15.48 -18.47
CA LEU J 144 -38.05 -15.42 -19.90
C LEU J 144 -37.71 -16.76 -20.51
N ASP J 145 -36.57 -17.31 -20.15
CA ASP J 145 -36.16 -18.60 -20.67
C ASP J 145 -37.35 -19.52 -20.59
N HIS J 146 -38.07 -19.40 -19.49
CA HIS J 146 -39.24 -20.21 -19.25
C HIS J 146 -40.42 -19.81 -20.12
N HIS J 147 -41.05 -18.68 -19.77
CA HIS J 147 -42.26 -18.22 -20.45
C HIS J 147 -42.18 -17.47 -21.78
N TYR J 148 -41.07 -17.53 -22.51
CA TYR J 148 -41.01 -16.79 -23.76
C TYR J 148 -41.27 -17.68 -24.98
N ARG J 149 -41.83 -17.09 -26.03
CA ARG J 149 -42.13 -17.78 -27.29
C ARG J 149 -42.06 -16.74 -28.42
N PRO J 150 -41.44 -17.08 -29.56
CA PRO J 150 -41.31 -16.16 -30.69
C PRO J 150 -42.60 -15.57 -31.29
N ASP J 151 -43.66 -16.38 -31.44
CA ASP J 151 -44.91 -15.89 -32.01
C ASP J 151 -45.80 -15.19 -31.02
N MET J 152 -45.21 -14.55 -30.03
CA MET J 152 -45.99 -13.88 -29.00
C MET J 152 -46.66 -12.64 -29.49
N THR J 153 -47.89 -12.41 -29.04
CA THR J 153 -48.58 -11.20 -29.46
C THR J 153 -47.97 -10.16 -28.56
N THR J 154 -48.17 -8.90 -28.90
CA THR J 154 -47.65 -7.84 -28.09
C THR J 154 -48.27 -7.94 -26.70
N GLU J 155 -49.58 -8.16 -26.64
CA GLU J 155 -50.23 -8.24 -25.35
C GLU J 155 -49.56 -9.32 -24.51
N GLU J 156 -49.29 -10.46 -25.12
CA GLU J 156 -48.66 -11.55 -24.40
C GLU J 156 -47.31 -11.10 -23.77
N GLY J 157 -46.63 -10.19 -24.46
CA GLY J 157 -45.36 -9.69 -23.97
C GLY J 157 -45.50 -8.77 -22.78
N LEU J 158 -46.42 -7.84 -22.82
CA LEU J 158 -46.58 -6.95 -21.69
C LEU J 158 -46.90 -7.74 -20.44
N ASP J 159 -47.63 -8.84 -20.57
CA ASP J 159 -47.93 -9.63 -19.38
C ASP J 159 -46.66 -10.26 -18.85
N LEU J 160 -45.82 -10.71 -19.76
CA LEU J 160 -44.55 -11.33 -19.40
C LEU J 160 -43.67 -10.35 -18.65
N LEU J 161 -43.57 -9.12 -19.14
CA LEU J 161 -42.76 -8.11 -18.46
C LEU J 161 -43.32 -7.86 -17.09
N LYS J 162 -44.65 -7.76 -17.01
CA LYS J 162 -45.32 -7.52 -15.74
C LYS J 162 -44.84 -8.62 -14.81
N LEU J 163 -44.94 -9.85 -15.26
CA LEU J 163 -44.52 -10.96 -14.43
C LEU J 163 -43.10 -10.72 -13.97
N CYS J 164 -42.25 -10.23 -14.87
CA CYS J 164 -40.85 -9.94 -14.56
C CYS J 164 -40.73 -8.89 -13.47
N VAL J 165 -41.18 -7.69 -13.79
CA VAL J 165 -41.13 -6.59 -12.86
C VAL J 165 -41.61 -7.02 -11.48
N GLN J 166 -42.69 -7.80 -11.45
CA GLN J 166 -43.22 -8.30 -10.20
C GLN J 166 -42.11 -9.02 -9.43
N GLU J 167 -41.42 -9.96 -10.06
CA GLU J 167 -40.35 -10.69 -9.39
C GLU J 167 -39.33 -9.71 -8.88
N LEU J 168 -38.84 -8.84 -9.75
CA LEU J 168 -37.87 -7.85 -9.33
C LEU J 168 -38.37 -7.06 -8.14
N GLU J 169 -39.61 -6.58 -8.19
CA GLU J 169 -40.13 -5.81 -7.06
C GLU J 169 -40.10 -6.68 -5.80
N LYS J 170 -40.29 -7.98 -5.98
CA LYS J 170 -40.30 -8.90 -4.87
C LYS J 170 -38.95 -9.19 -4.26
N ARG J 171 -37.98 -9.51 -5.09
CA ARG J 171 -36.63 -9.86 -4.63
C ARG J 171 -35.42 -8.90 -4.79
N MET J 172 -35.60 -7.66 -5.24
CA MET J 172 -34.47 -6.76 -5.44
C MET J 172 -34.25 -5.70 -4.38
N PRO J 173 -33.08 -5.69 -3.74
CA PRO J 173 -32.72 -4.75 -2.69
C PRO J 173 -33.16 -3.32 -2.89
N MET J 174 -32.84 -2.73 -4.02
CA MET J 174 -33.19 -1.33 -4.27
C MET J 174 -34.55 -1.11 -4.91
N ASP J 175 -35.21 -0.03 -4.48
CA ASP J 175 -36.53 0.38 -4.99
C ASP J 175 -36.29 1.23 -6.22
N PHE J 176 -36.79 0.78 -7.36
CA PHE J 176 -36.60 1.52 -8.58
C PHE J 176 -37.80 2.34 -9.02
N LYS J 177 -38.74 2.50 -8.11
CA LYS J 177 -39.92 3.28 -8.38
C LYS J 177 -40.69 2.92 -9.65
N GLY J 178 -40.73 1.65 -9.99
CA GLY J 178 -41.49 1.24 -11.16
C GLY J 178 -40.78 1.48 -12.45
N VAL J 179 -41.42 1.13 -13.57
CA VAL J 179 -40.82 1.32 -14.88
C VAL J 179 -41.66 2.15 -15.81
N ILE J 180 -41.10 2.40 -17.00
CA ILE J 180 -41.78 3.12 -18.08
C ILE J 180 -41.59 2.17 -19.23
N VAL J 181 -42.66 1.83 -19.91
CA VAL J 181 -42.56 0.89 -21.00
C VAL J 181 -42.84 1.54 -22.32
N LYS J 182 -42.23 1.07 -23.40
CA LYS J 182 -42.47 1.67 -24.69
C LYS J 182 -42.47 0.57 -25.72
N ILE J 183 -43.31 0.70 -26.73
CA ILE J 183 -43.37 -0.32 -27.77
C ILE J 183 -42.96 0.27 -29.10
N VAL J 184 -42.15 -0.47 -29.86
CA VAL J 184 -41.68 -0.02 -31.15
C VAL J 184 -42.25 -0.93 -32.21
N ASP J 185 -43.02 -0.36 -33.15
CA ASP J 185 -43.66 -1.11 -34.24
C ASP J 185 -43.81 -0.28 -35.52
N LYS J 186 -44.36 -0.89 -36.57
CA LYS J 186 -44.53 -0.24 -37.89
C LYS J 186 -45.07 1.15 -37.83
N ASP J 187 -45.96 1.38 -36.90
CA ASP J 187 -46.58 2.68 -36.75
C ASP J 187 -45.72 3.64 -35.93
N GLY J 188 -44.51 3.21 -35.62
CA GLY J 188 -43.62 4.06 -34.86
C GLY J 188 -43.35 3.70 -33.40
N ILE J 189 -43.49 4.68 -32.52
CA ILE J 189 -43.23 4.55 -31.11
C ILE J 189 -44.32 5.12 -30.25
N ARG J 190 -44.76 4.33 -29.27
CA ARG J 190 -45.79 4.77 -28.36
C ARG J 190 -45.48 4.33 -26.95
N GLN J 191 -45.86 5.16 -25.99
CA GLN J 191 -45.61 4.91 -24.59
C GLN J 191 -46.87 4.43 -23.92
N VAL J 192 -46.78 3.29 -23.24
CA VAL J 192 -47.91 2.70 -22.54
C VAL J 192 -48.11 3.45 -21.23
N ASP J 193 -49.09 4.36 -21.18
CA ASP J 193 -49.31 5.13 -19.96
C ASP J 193 -49.89 4.36 -18.77
N ASP J 194 -50.18 3.07 -18.97
CA ASP J 194 -50.75 2.23 -17.91
C ASP J 194 -49.93 0.99 -17.53
N PHE J 195 -49.01 1.14 -16.58
CA PHE J 195 -48.21 0.00 -16.11
C PHE J 195 -48.04 -0.04 -14.60
N GLN J 196 -48.63 0.92 -13.91
CA GLN J 196 -48.57 1.00 -12.45
C GLN J 196 -49.45 -0.14 -11.88
N ALA J 197 -50.25 -0.73 -12.78
CA ALA J 197 -51.17 -1.85 -12.54
C ALA J 197 -51.89 -2.05 -13.88
N GLN J 198 -52.05 -3.30 -14.31
CA GLN J 198 -52.71 -3.61 -15.58
C GLN J 198 -53.65 -4.83 -15.49
N THR K 1 -24.73 22.14 4.49
CA THR K 1 -25.46 23.01 3.54
C THR K 1 -26.77 22.38 3.14
N THR K 2 -27.84 23.16 3.18
CA THR K 2 -29.15 22.66 2.77
C THR K 2 -29.78 23.68 1.85
N THR K 3 -30.16 23.25 0.66
CA THR K 3 -30.77 24.13 -0.31
C THR K 3 -31.98 23.45 -0.86
N LEU K 4 -33.02 24.23 -1.15
CA LEU K 4 -34.21 23.66 -1.70
C LEU K 4 -34.86 24.67 -2.61
N ALA K 5 -35.60 24.12 -3.59
CA ALA K 5 -36.34 24.87 -4.57
C ALA K 5 -37.48 23.98 -5.01
N PHE K 6 -38.68 24.55 -5.12
CA PHE K 6 -39.84 23.77 -5.55
C PHE K 6 -40.88 24.56 -6.35
N ARG K 7 -41.72 23.82 -7.08
CA ARG K 7 -42.74 24.36 -8.00
C ARG K 7 -44.24 24.31 -7.59
N PHE K 8 -44.99 25.34 -7.99
CA PHE K 8 -46.43 25.45 -7.73
C PHE K 8 -47.12 26.63 -8.46
N GLN K 9 -48.40 26.85 -8.11
CA GLN K 9 -49.23 27.92 -8.65
C GLN K 9 -48.54 29.26 -8.94
N GLY K 10 -48.29 30.03 -7.90
CA GLY K 10 -47.70 31.33 -8.11
C GLY K 10 -46.21 31.35 -8.41
N GLY K 11 -45.69 30.32 -9.06
CA GLY K 11 -44.27 30.28 -9.39
C GLY K 11 -43.37 29.18 -8.79
N ILE K 12 -42.16 29.58 -8.41
CA ILE K 12 -41.13 28.72 -7.84
C ILE K 12 -40.64 29.23 -6.50
N ILE K 13 -40.24 28.33 -5.61
CA ILE K 13 -39.70 28.73 -4.31
C ILE K 13 -38.24 28.34 -4.17
N VAL K 14 -37.45 29.20 -3.56
CA VAL K 14 -36.06 28.91 -3.36
C VAL K 14 -35.61 29.43 -2.01
N ALA K 15 -35.05 28.55 -1.19
CA ALA K 15 -34.53 28.89 0.14
C ALA K 15 -33.23 28.13 0.38
N VAL K 16 -32.33 28.70 1.18
CA VAL K 16 -31.05 28.06 1.45
C VAL K 16 -30.47 28.50 2.79
N ASP K 17 -29.54 27.73 3.37
CA ASP K 17 -28.92 28.12 4.64
C ASP K 17 -27.77 29.06 4.29
N SER K 18 -26.86 29.32 5.22
CA SER K 18 -25.77 30.21 4.89
C SER K 18 -24.56 29.92 5.72
N ARG K 19 -24.16 28.67 5.72
CA ARG K 19 -23.03 28.26 6.49
C ARG K 19 -22.09 27.48 5.65
N ALA K 20 -20.81 27.78 5.78
CA ALA K 20 -19.77 27.08 5.04
C ALA K 20 -18.78 26.61 6.08
N THR K 21 -18.26 25.42 5.90
CA THR K 21 -17.35 24.83 6.85
C THR K 21 -16.10 24.27 6.25
N ALA K 22 -15.06 24.26 7.06
CA ALA K 22 -13.78 23.71 6.68
C ALA K 22 -13.60 22.57 7.67
N GLY K 23 -14.37 21.50 7.49
CA GLY K 23 -14.31 20.35 8.38
C GLY K 23 -15.25 20.51 9.55
N ASN K 24 -14.71 20.80 10.73
CA ASN K 24 -15.54 21.02 11.90
C ASN K 24 -15.71 22.52 12.01
N TRP K 25 -14.79 23.25 11.42
CA TRP K 25 -14.78 24.70 11.46
C TRP K 25 -15.89 25.43 10.75
N VAL K 26 -16.57 26.32 11.44
CA VAL K 26 -17.59 27.08 10.79
C VAL K 26 -16.86 28.26 10.17
N ALA K 27 -16.57 28.17 8.88
CA ALA K 27 -15.86 29.22 8.19
C ALA K 27 -16.69 30.46 8.09
N SER K 28 -17.98 30.29 7.85
CA SER K 28 -18.83 31.43 7.75
C SER K 28 -20.30 31.12 7.84
N GLN K 29 -21.00 32.03 8.50
CA GLN K 29 -22.42 31.94 8.73
C GLN K 29 -23.10 32.93 7.80
N THR K 30 -22.32 33.77 7.16
CA THR K 30 -22.89 34.78 6.30
C THR K 30 -22.62 34.55 4.81
N VAL K 31 -22.85 33.33 4.36
CA VAL K 31 -22.58 33.03 2.97
C VAL K 31 -23.81 33.14 2.14
N LYS K 32 -23.66 33.71 0.93
CA LYS K 32 -24.74 33.87 0.00
C LYS K 32 -24.72 32.63 -0.85
N LYS K 33 -25.70 31.74 -0.66
CA LYS K 33 -25.73 30.52 -1.45
C LYS K 33 -26.63 30.57 -2.65
N VAL K 34 -27.08 31.78 -2.98
CA VAL K 34 -27.93 31.93 -4.15
C VAL K 34 -27.33 32.92 -5.12
N ILE K 35 -26.99 32.47 -6.31
CA ILE K 35 -26.41 33.34 -7.30
C ILE K 35 -27.52 34.01 -8.09
N GLU K 36 -27.52 35.35 -8.10
CA GLU K 36 -28.50 36.12 -8.86
C GLU K 36 -27.90 36.15 -10.26
N ILE K 37 -28.29 35.18 -11.08
CA ILE K 37 -27.76 35.05 -12.43
C ILE K 37 -28.04 36.28 -13.29
N ASN K 38 -29.29 36.71 -13.27
CA ASN K 38 -29.73 37.89 -13.99
C ASN K 38 -31.17 38.13 -13.54
N PRO K 39 -31.73 39.29 -13.85
CA PRO K 39 -33.09 39.58 -13.43
C PRO K 39 -34.17 38.51 -13.51
N PHE K 40 -33.93 37.36 -14.12
CA PHE K 40 -34.97 36.35 -14.19
C PHE K 40 -34.50 34.93 -13.91
N LEU K 41 -33.20 34.77 -13.64
CA LEU K 41 -32.66 33.44 -13.39
C LEU K 41 -31.91 33.34 -12.09
N LEU K 42 -32.07 32.19 -11.44
CA LEU K 42 -31.41 31.92 -10.16
C LEU K 42 -30.76 30.56 -10.05
N GLY K 43 -29.63 30.51 -9.35
CA GLY K 43 -28.92 29.26 -9.12
C GLY K 43 -28.66 29.13 -7.64
N THR K 44 -28.45 27.89 -7.17
CA THR K 44 -28.21 27.61 -5.75
C THR K 44 -26.85 26.96 -5.59
N MET K 45 -26.21 27.12 -4.45
CA MET K 45 -24.89 26.51 -4.23
C MET K 45 -24.84 25.38 -3.19
N ALA K 46 -24.17 24.28 -3.53
CA ALA K 46 -24.02 23.15 -2.64
C ALA K 46 -22.83 22.42 -3.18
N GLY K 47 -21.90 22.05 -2.32
CA GLY K 47 -20.70 21.38 -2.76
C GLY K 47 -19.59 22.35 -2.42
N GLY K 48 -18.64 22.56 -3.30
CA GLY K 48 -17.57 23.50 -3.00
C GLY K 48 -18.02 24.93 -3.20
N ALA K 49 -17.71 25.80 -2.27
CA ALA K 49 -18.13 27.17 -2.42
C ALA K 49 -17.61 27.77 -3.69
N ALA K 50 -16.30 27.84 -3.84
CA ALA K 50 -15.74 28.44 -5.03
C ALA K 50 -16.30 27.83 -6.29
N ASP K 51 -16.16 26.52 -6.49
CA ASP K 51 -16.67 25.87 -7.71
C ASP K 51 -18.02 26.37 -8.08
N CYS K 52 -18.87 26.52 -7.09
CA CYS K 52 -20.21 26.99 -7.32
C CYS K 52 -20.25 28.47 -7.65
N GLN K 53 -19.83 29.30 -6.73
CA GLN K 53 -19.83 30.72 -6.96
C GLN K 53 -19.27 31.08 -8.34
N PHE K 54 -18.08 30.58 -8.64
CA PHE K 54 -17.42 30.88 -9.87
C PHE K 54 -18.17 30.48 -11.09
N TRP K 55 -18.45 29.20 -11.21
CA TRP K 55 -19.16 28.72 -12.37
C TRP K 55 -20.57 29.18 -12.55
N GLU K 56 -21.15 29.82 -11.56
CA GLU K 56 -22.49 30.31 -11.74
C GLU K 56 -22.39 31.76 -12.13
N THR K 57 -21.44 32.47 -11.54
CA THR K 57 -21.28 33.84 -11.92
C THR K 57 -21.01 33.74 -13.42
N TRP K 58 -20.13 32.82 -13.79
CA TRP K 58 -19.81 32.58 -15.19
C TRP K 58 -21.05 32.31 -16.01
N LEU K 59 -21.87 31.34 -15.60
CA LEU K 59 -23.07 31.04 -16.36
C LEU K 59 -23.77 32.34 -16.68
N GLY K 60 -23.80 33.24 -15.70
CA GLY K 60 -24.43 34.54 -15.86
C GLY K 60 -23.95 35.24 -17.11
N SER K 61 -22.66 35.15 -17.36
CA SER K 61 -22.10 35.77 -18.54
C SER K 61 -22.54 35.09 -19.81
N GLN K 62 -22.44 33.77 -19.85
CA GLN K 62 -22.82 33.09 -21.08
C GLN K 62 -24.27 33.36 -21.41
N CYS K 63 -25.05 33.73 -20.39
CA CYS K 63 -26.45 34.05 -20.59
C CYS K 63 -26.55 35.40 -21.21
N ARG K 64 -25.93 36.39 -20.59
CA ARG K 64 -25.94 37.74 -21.14
C ARG K 64 -25.52 37.70 -22.58
N LEU K 65 -24.53 36.90 -22.93
CA LEU K 65 -24.13 36.79 -24.33
C LEU K 65 -25.26 36.25 -25.17
N HIS K 66 -25.92 35.21 -24.72
CA HIS K 66 -26.99 34.67 -25.54
C HIS K 66 -28.04 35.73 -25.80
N GLU K 67 -28.37 36.51 -24.79
CA GLU K 67 -29.37 37.55 -24.96
C GLU K 67 -28.96 38.52 -26.08
N LEU K 68 -27.77 39.09 -25.98
CA LEU K 68 -27.32 40.02 -27.01
C LEU K 68 -27.30 39.35 -28.36
N ARG K 69 -27.02 38.05 -28.37
CA ARG K 69 -26.91 37.30 -29.61
C ARG K 69 -28.23 37.01 -30.29
N GLU K 70 -29.32 36.94 -29.55
CA GLU K 70 -30.58 36.64 -30.19
C GLU K 70 -31.79 37.51 -29.81
N LYS K 71 -31.53 38.59 -29.08
CA LYS K 71 -32.58 39.50 -28.68
C LYS K 71 -33.74 38.80 -27.99
N GLU K 72 -33.50 37.60 -27.47
CA GLU K 72 -34.56 36.86 -26.79
C GLU K 72 -34.04 36.25 -25.47
N ARG K 73 -34.84 36.33 -24.42
CA ARG K 73 -34.47 35.77 -23.11
C ARG K 73 -34.17 34.28 -23.18
N ILE K 74 -33.05 33.89 -22.61
CA ILE K 74 -32.62 32.49 -22.62
C ILE K 74 -33.47 31.58 -21.77
N SER K 75 -33.77 30.40 -22.28
CA SER K 75 -34.59 29.45 -21.56
C SER K 75 -33.83 28.81 -20.45
N VAL K 76 -34.56 28.29 -19.48
CA VAL K 76 -33.89 27.65 -18.38
C VAL K 76 -33.27 26.36 -18.89
N ALA K 77 -34.00 25.63 -19.74
CA ALA K 77 -33.46 24.38 -20.25
C ALA K 77 -32.09 24.61 -20.80
N ALA K 78 -31.94 25.71 -21.53
CA ALA K 78 -30.68 26.09 -22.15
C ALA K 78 -29.67 26.58 -21.16
N ALA K 79 -30.08 27.52 -20.33
CA ALA K 79 -29.19 28.08 -19.31
C ALA K 79 -28.58 26.97 -18.44
N SER K 80 -29.36 25.94 -18.15
CA SER K 80 -28.88 24.84 -17.34
C SER K 80 -27.88 24.02 -18.12
N LYS K 81 -28.29 23.55 -19.29
CA LYS K 81 -27.44 22.71 -20.12
C LYS K 81 -26.07 23.33 -20.35
N ILE K 82 -25.99 24.63 -20.36
CA ILE K 82 -24.70 25.26 -20.53
C ILE K 82 -23.84 24.81 -19.38
N LEU K 83 -24.25 25.12 -18.16
CA LEU K 83 -23.50 24.75 -16.99
C LEU K 83 -23.24 23.29 -16.97
N SER K 84 -24.28 22.51 -17.23
CA SER K 84 -24.18 21.06 -17.27
C SER K 84 -23.05 20.62 -18.18
N ASN K 85 -23.20 20.90 -19.47
CA ASN K 85 -22.19 20.54 -20.45
C ASN K 85 -20.83 21.05 -20.06
N LEU K 86 -20.75 22.21 -19.45
CA LEU K 86 -19.47 22.74 -19.02
C LEU K 86 -18.90 21.75 -18.04
N VAL K 87 -19.62 21.57 -16.94
CA VAL K 87 -19.22 20.67 -15.88
C VAL K 87 -18.86 19.28 -16.36
N TYR K 88 -19.55 18.76 -17.36
CA TYR K 88 -19.23 17.43 -17.84
C TYR K 88 -17.86 17.40 -18.52
N GLN K 89 -17.43 18.52 -19.06
CA GLN K 89 -16.13 18.58 -19.72
C GLN K 89 -15.05 18.29 -18.69
N TYR K 90 -15.16 18.90 -17.52
CA TYR K 90 -14.19 18.73 -16.44
C TYR K 90 -14.42 17.42 -15.63
N LYS K 91 -15.29 16.54 -16.10
CA LYS K 91 -15.61 15.34 -15.36
C LYS K 91 -14.44 14.48 -14.95
N GLY K 92 -14.35 14.24 -13.65
CA GLY K 92 -13.27 13.43 -13.11
C GLY K 92 -12.15 14.26 -12.52
N ALA K 93 -12.19 15.57 -12.74
CA ALA K 93 -11.17 16.45 -12.24
C ALA K 93 -11.25 16.85 -10.77
N GLY K 94 -12.36 16.56 -10.12
CA GLY K 94 -12.48 16.92 -8.73
C GLY K 94 -13.42 18.06 -8.40
N LEU K 95 -14.26 18.43 -9.34
CA LEU K 95 -15.23 19.48 -9.08
C LEU K 95 -16.32 18.90 -8.23
N SER K 96 -16.80 19.66 -7.25
CA SER K 96 -17.85 19.17 -6.38
C SER K 96 -18.89 20.21 -6.23
N MET K 97 -20.00 20.00 -6.91
CA MET K 97 -21.11 20.90 -6.83
C MET K 97 -22.41 20.22 -7.19
N GLY K 98 -23.46 20.62 -6.50
CA GLY K 98 -24.79 20.08 -6.72
C GLY K 98 -25.59 21.35 -6.70
N THR K 99 -26.28 21.62 -7.79
CA THR K 99 -27.01 22.85 -7.88
C THR K 99 -28.27 22.79 -8.66
N MET K 100 -29.16 23.74 -8.35
CA MET K 100 -30.44 23.88 -9.00
C MET K 100 -30.52 25.17 -9.78
N ILE K 101 -31.08 25.07 -10.99
CA ILE K 101 -31.25 26.19 -11.89
C ILE K 101 -32.75 26.45 -12.00
N CYS K 102 -33.18 27.62 -11.53
CA CYS K 102 -34.61 27.95 -11.49
C CYS K 102 -35.02 29.20 -12.27
N GLY K 103 -36.10 29.09 -13.05
CA GLY K 103 -36.58 30.21 -13.84
C GLY K 103 -38.00 30.19 -14.40
N TYR K 104 -38.50 31.36 -14.82
CA TYR K 104 -39.85 31.50 -15.37
C TYR K 104 -39.76 32.12 -16.78
N THR K 105 -40.10 31.36 -17.82
CA THR K 105 -40.06 31.92 -19.17
C THR K 105 -41.37 31.66 -19.89
N ARG K 106 -41.80 32.64 -20.65
CA ARG K 106 -43.05 32.55 -21.40
C ARG K 106 -43.25 31.22 -22.10
N LYS K 107 -42.16 30.64 -22.54
CA LYS K 107 -42.18 29.42 -23.30
C LYS K 107 -42.31 28.14 -22.49
N GLU K 108 -41.52 28.03 -21.44
CA GLU K 108 -41.49 26.84 -20.60
C GLU K 108 -42.37 26.83 -19.36
N GLY K 109 -42.72 28.01 -18.90
CA GLY K 109 -43.49 28.11 -17.69
C GLY K 109 -42.41 28.19 -16.65
N PRO K 110 -42.69 27.91 -15.36
CA PRO K 110 -41.67 27.95 -14.32
C PRO K 110 -40.97 26.62 -14.43
N THR K 111 -39.64 26.61 -14.39
CA THR K 111 -38.91 25.37 -14.49
C THR K 111 -37.66 25.38 -13.63
N ILE K 112 -37.31 24.19 -13.12
CA ILE K 112 -36.12 23.97 -12.29
C ILE K 112 -35.33 22.78 -12.78
N TYR K 113 -34.00 22.88 -12.75
CA TYR K 113 -33.16 21.79 -13.20
C TYR K 113 -32.10 21.47 -12.17
N TYR K 114 -31.81 20.19 -12.00
CA TYR K 114 -30.78 19.74 -11.07
C TYR K 114 -29.58 19.51 -11.93
N VAL K 115 -28.46 20.04 -11.47
CA VAL K 115 -27.21 19.93 -12.17
C VAL K 115 -26.12 19.77 -11.15
N ASP K 116 -25.34 18.71 -11.24
CA ASP K 116 -24.25 18.47 -10.31
C ASP K 116 -22.98 18.15 -11.05
N SER K 117 -21.86 18.20 -10.36
CA SER K 117 -20.57 17.92 -10.99
C SER K 117 -20.47 16.52 -11.51
N ASP K 118 -21.41 15.64 -11.20
CA ASP K 118 -21.34 14.31 -11.74
C ASP K 118 -21.78 14.36 -13.21
N GLY K 119 -22.49 15.41 -13.58
CA GLY K 119 -22.96 15.55 -14.95
C GLY K 119 -24.43 15.27 -15.15
N THR K 120 -25.17 15.04 -14.07
CA THR K 120 -26.59 14.76 -14.18
C THR K 120 -27.35 16.07 -14.24
N ARG K 121 -28.33 16.11 -15.11
CA ARG K 121 -29.18 17.26 -15.32
C ARG K 121 -30.58 16.69 -15.26
N LEU K 122 -31.42 17.18 -14.35
CA LEU K 122 -32.77 16.67 -14.21
C LEU K 122 -33.84 17.71 -14.12
N LYS K 123 -34.90 17.51 -14.89
CA LYS K 123 -36.03 18.42 -14.85
C LYS K 123 -36.92 17.87 -13.75
N GLY K 124 -37.33 18.72 -12.82
CA GLY K 124 -38.17 18.25 -11.75
C GLY K 124 -39.03 19.30 -11.08
N ASP K 125 -39.79 18.91 -10.08
CA ASP K 125 -40.69 19.83 -9.38
C ASP K 125 -40.27 20.27 -7.97
N ILE K 126 -39.62 19.39 -7.21
CA ILE K 126 -39.17 19.71 -5.87
C ILE K 126 -37.80 19.09 -5.77
N PHE K 127 -36.84 19.79 -5.20
CA PHE K 127 -35.51 19.22 -5.08
C PHE K 127 -34.84 19.78 -3.88
N CYS K 128 -34.07 18.94 -3.18
CA CYS K 128 -33.30 19.38 -2.03
C CYS K 128 -31.88 18.88 -2.28
N VAL K 129 -30.91 19.70 -1.91
CA VAL K 129 -29.55 19.36 -2.13
C VAL K 129 -28.65 19.89 -1.05
N GLY K 130 -27.78 19.02 -0.56
CA GLY K 130 -26.84 19.38 0.47
C GLY K 130 -26.74 18.32 1.55
N SER K 131 -25.74 18.49 2.41
CA SER K 131 -25.51 17.58 3.51
C SER K 131 -26.78 17.47 4.32
N GLY K 132 -27.56 18.54 4.35
CA GLY K 132 -28.79 18.54 5.10
C GLY K 132 -30.03 18.41 4.26
N GLN K 133 -29.91 17.83 3.07
CA GLN K 133 -31.07 17.69 2.21
C GLN K 133 -32.16 16.83 2.81
N THR K 134 -31.79 15.67 3.30
CA THR K 134 -32.74 14.76 3.87
C THR K 134 -33.69 15.40 4.84
N PHE K 135 -33.16 16.21 5.74
CA PHE K 135 -33.99 16.86 6.72
C PHE K 135 -35.01 17.75 6.07
N ALA K 136 -34.61 18.54 5.08
CA ALA K 136 -35.58 19.41 4.43
C ALA K 136 -36.61 18.60 3.66
N TYR K 137 -36.17 17.62 2.89
CA TYR K 137 -37.09 16.81 2.11
C TYR K 137 -38.22 16.33 2.97
N GLY K 138 -37.90 16.00 4.22
CA GLY K 138 -38.89 15.51 5.16
C GLY K 138 -40.06 16.44 5.28
N VAL K 139 -39.77 17.63 5.78
CA VAL K 139 -40.76 18.65 5.94
C VAL K 139 -41.56 18.85 4.63
N LEU K 140 -40.88 19.15 3.53
CA LEU K 140 -41.57 19.35 2.27
C LEU K 140 -42.61 18.34 1.90
N ASP K 141 -42.17 17.16 1.49
CA ASP K 141 -43.06 16.11 1.05
C ASP K 141 -44.37 16.03 1.80
N SER K 142 -44.33 16.23 3.10
CA SER K 142 -45.55 16.11 3.91
C SER K 142 -46.50 17.28 3.88
N ASN K 143 -45.98 18.46 3.62
CA ASN K 143 -46.84 19.61 3.59
C ASN K 143 -47.05 20.23 2.24
N TYR K 144 -46.44 19.67 1.22
CA TYR K 144 -46.59 20.19 -0.12
C TYR K 144 -47.94 19.79 -0.75
N LYS K 145 -48.54 20.75 -1.45
CA LYS K 145 -49.81 20.63 -2.19
C LYS K 145 -49.72 21.70 -3.31
N TRP K 146 -50.04 21.34 -4.55
CA TRP K 146 -49.94 22.31 -5.64
C TRP K 146 -50.78 23.59 -5.40
N ASP K 147 -51.79 23.49 -4.54
CA ASP K 147 -52.70 24.61 -4.26
C ASP K 147 -52.21 25.63 -3.25
N LEU K 148 -50.93 25.59 -2.89
CA LEU K 148 -50.43 26.50 -1.89
C LEU K 148 -50.45 27.97 -2.25
N SER K 149 -50.58 28.81 -1.24
CA SER K 149 -50.61 30.23 -1.44
C SER K 149 -49.18 30.69 -1.32
N VAL K 150 -48.83 31.74 -2.03
CA VAL K 150 -47.50 32.30 -1.96
C VAL K 150 -47.11 32.54 -0.49
N GLU K 151 -48.03 33.06 0.32
CA GLU K 151 -47.71 33.29 1.71
C GLU K 151 -47.39 31.99 2.40
N ASP K 152 -48.25 31.01 2.22
CA ASP K 152 -48.02 29.73 2.84
C ASP K 152 -46.71 29.15 2.37
N ALA K 153 -46.57 29.02 1.06
CA ALA K 153 -45.38 28.44 0.44
C ALA K 153 -44.07 29.00 1.01
N LEU K 154 -43.88 30.30 0.93
CA LEU K 154 -42.67 30.90 1.46
C LEU K 154 -42.41 30.30 2.84
N TYR K 155 -43.45 30.13 3.64
CA TYR K 155 -43.28 29.57 4.97
C TYR K 155 -42.74 28.15 4.87
N LEU K 156 -43.47 27.29 4.17
CA LEU K 156 -43.06 25.89 4.01
C LEU K 156 -41.56 25.69 3.75
N GLY K 157 -40.98 26.56 2.93
CA GLY K 157 -39.56 26.46 2.66
C GLY K 157 -38.79 26.85 3.93
N LYS K 158 -38.89 28.13 4.30
CA LYS K 158 -38.25 28.69 5.49
C LYS K 158 -38.17 27.63 6.59
N ARG K 159 -39.30 26.97 6.80
CA ARG K 159 -39.38 25.95 7.79
C ARG K 159 -38.50 24.78 7.41
N SER K 160 -38.68 24.26 6.21
CA SER K 160 -37.89 23.12 5.74
C SER K 160 -36.40 23.29 5.89
N ILE K 161 -35.92 24.50 5.69
CA ILE K 161 -34.51 24.70 5.90
C ILE K 161 -34.35 24.54 7.37
N LEU K 162 -35.06 25.38 8.11
CA LEU K 162 -35.02 25.36 9.55
C LEU K 162 -34.91 23.93 10.09
N ALA K 163 -35.75 23.02 9.61
CA ALA K 163 -35.70 21.64 10.05
C ALA K 163 -34.27 21.20 9.91
N ALA K 164 -33.79 21.16 8.67
CA ALA K 164 -32.43 20.76 8.36
C ALA K 164 -31.36 21.45 9.17
N ALA K 165 -31.45 22.76 9.34
CA ALA K 165 -30.42 23.46 10.11
C ALA K 165 -30.27 22.89 11.50
N HIS K 166 -31.40 22.64 12.14
CA HIS K 166 -31.39 22.10 13.49
C HIS K 166 -30.58 20.83 13.62
N ARG K 167 -30.89 19.87 12.78
CA ARG K 167 -30.23 18.59 12.82
C ARG K 167 -28.85 18.55 12.24
N ASP K 168 -28.74 18.90 10.97
CA ASP K 168 -27.47 18.84 10.29
C ASP K 168 -26.54 19.86 10.84
N ALA K 169 -25.47 19.40 11.45
CA ALA K 169 -24.50 20.31 12.02
C ALA K 169 -23.82 21.15 10.95
N TYR K 170 -23.79 20.65 9.73
CA TYR K 170 -23.16 21.38 8.63
C TYR K 170 -23.99 22.48 7.97
N SER K 171 -25.21 22.68 8.43
CA SER K 171 -26.04 23.70 7.85
C SER K 171 -26.39 24.72 8.91
N GLY K 172 -27.10 25.78 8.52
CA GLY K 172 -27.50 26.77 9.49
C GLY K 172 -27.03 28.18 9.24
N GLY K 173 -27.01 28.99 10.28
CA GLY K 173 -26.59 30.38 10.16
C GLY K 173 -27.81 31.27 9.99
N SER K 174 -28.33 31.32 8.76
CA SER K 174 -29.49 32.11 8.45
C SER K 174 -30.12 31.59 7.19
N VAL K 175 -31.34 32.01 6.92
CA VAL K 175 -32.02 31.59 5.72
C VAL K 175 -32.25 32.74 4.76
N ASN K 176 -32.00 32.51 3.48
CA ASN K 176 -32.20 33.49 2.42
C ASN K 176 -33.29 32.93 1.50
N LEU K 177 -34.43 33.62 1.46
CA LEU K 177 -35.58 33.21 0.67
C LEU K 177 -35.72 33.92 -0.68
N TYR K 178 -36.37 33.27 -1.64
CA TYR K 178 -36.57 33.87 -2.97
C TYR K 178 -37.83 33.31 -3.62
N HIS K 179 -38.59 34.16 -4.32
CA HIS K 179 -39.84 33.80 -5.02
C HIS K 179 -39.69 34.10 -6.51
N VAL K 180 -40.08 33.17 -7.38
CA VAL K 180 -39.96 33.39 -8.83
C VAL K 180 -41.23 33.43 -9.71
N THR K 181 -41.44 34.59 -10.37
CA THR K 181 -42.58 34.89 -11.24
C THR K 181 -42.04 35.47 -12.56
N GLU K 182 -42.85 35.48 -13.61
CA GLU K 182 -42.37 35.99 -14.90
C GLU K 182 -41.73 37.37 -14.88
N ASP K 183 -42.15 38.20 -13.94
CA ASP K 183 -41.61 39.52 -13.84
C ASP K 183 -40.26 39.51 -13.09
N GLY K 184 -39.65 38.32 -13.06
CA GLY K 184 -38.37 38.13 -12.41
C GLY K 184 -38.50 37.48 -11.05
N TRP K 185 -37.46 37.62 -10.23
CA TRP K 185 -37.47 37.06 -8.89
C TRP K 185 -37.62 38.12 -7.82
N ILE K 186 -38.10 37.73 -6.64
CA ILE K 186 -38.29 38.67 -5.55
C ILE K 186 -37.75 38.05 -4.29
N TYR K 187 -36.86 38.78 -3.64
CA TYR K 187 -36.20 38.37 -2.40
C TYR K 187 -37.17 38.52 -1.25
N HIS K 188 -37.06 37.64 -0.25
CA HIS K 188 -37.94 37.71 0.91
C HIS K 188 -37.24 37.66 2.29
N GLY K 189 -36.06 38.27 2.34
CA GLY K 189 -35.29 38.38 3.56
C GLY K 189 -34.19 37.38 3.85
N ASN K 190 -33.41 37.73 4.86
CA ASN K 190 -32.30 36.94 5.38
C ASN K 190 -32.68 36.77 6.85
N HIS K 191 -33.27 35.62 7.16
CA HIS K 191 -33.72 35.31 8.53
C HIS K 191 -32.70 34.56 9.40
N ASP K 192 -32.11 35.23 10.38
CA ASP K 192 -31.11 34.62 11.26
C ASP K 192 -31.78 33.48 11.94
N VAL K 193 -31.20 32.29 11.84
CA VAL K 193 -31.79 31.12 12.46
C VAL K 193 -31.70 31.31 13.95
N GLY K 194 -30.77 32.14 14.35
CA GLY K 194 -30.62 32.47 15.75
C GLY K 194 -31.97 32.93 16.22
N GLU K 195 -32.50 34.00 15.65
CA GLU K 195 -33.81 34.49 16.08
C GLU K 195 -35.01 33.68 15.58
N LEU K 196 -34.90 33.06 14.43
CA LEU K 196 -36.03 32.33 13.91
C LEU K 196 -36.49 31.08 14.62
N PHE K 197 -35.58 30.21 15.03
CA PHE K 197 -35.97 28.95 15.69
C PHE K 197 -37.00 29.19 16.77
N TRP K 198 -36.63 29.97 17.76
CA TRP K 198 -37.50 30.29 18.88
C TRP K 198 -38.89 30.73 18.45
N LYS K 199 -38.95 31.74 17.60
CA LYS K 199 -40.21 32.25 17.15
C LYS K 199 -41.06 31.10 16.65
N VAL K 200 -40.52 30.30 15.77
CA VAL K 200 -41.28 29.20 15.24
C VAL K 200 -41.71 28.25 16.33
N LYS K 201 -40.81 27.96 17.24
CA LYS K 201 -41.14 27.03 18.31
C LYS K 201 -42.38 27.49 19.04
N GLU K 202 -42.34 28.72 19.50
CA GLU K 202 -43.43 29.30 20.25
C GLU K 202 -44.74 29.29 19.47
N GLU K 203 -44.76 29.99 18.36
CA GLU K 203 -45.97 30.09 17.55
C GLU K 203 -46.58 28.76 17.07
N GLU K 204 -45.77 27.92 16.44
CA GLU K 204 -46.25 26.65 15.90
C GLU K 204 -46.39 25.59 16.95
N GLY K 205 -45.53 25.72 17.98
CA GLY K 205 -45.53 24.81 19.11
C GLY K 205 -44.66 23.59 18.95
N SER K 206 -43.91 23.53 17.86
CA SER K 206 -43.06 22.38 17.65
C SER K 206 -41.67 22.52 18.27
N PHE K 207 -40.79 21.55 17.98
CA PHE K 207 -39.45 21.47 18.53
C PHE K 207 -39.66 21.49 20.02
N ASN K 208 -40.61 20.68 20.47
CA ASN K 208 -40.94 20.64 21.87
C ASN K 208 -39.83 20.12 22.77
N ASN K 209 -39.08 19.13 22.30
CA ASN K 209 -38.02 18.55 23.11
C ASN K 209 -36.96 19.58 23.45
N VAL K 210 -36.96 20.68 22.73
CA VAL K 210 -35.99 21.70 23.06
C VAL K 210 -36.60 22.33 24.30
N ILE K 211 -35.76 22.91 25.15
CA ILE K 211 -36.26 23.54 26.34
C ILE K 211 -36.04 25.03 26.24
N GLY K 212 -37.07 25.80 26.56
CA GLY K 212 -36.95 27.24 26.49
C GLY K 212 -38.29 27.95 26.63
N GLN L 1 9.16 11.65 -1.37
CA GLN L 1 8.66 12.32 -2.60
C GLN L 1 8.66 13.80 -2.27
N PHE L 2 8.77 14.64 -3.30
CA PHE L 2 8.80 16.09 -3.15
C PHE L 2 7.42 16.63 -2.86
N ASN L 3 7.27 17.31 -1.73
CA ASN L 3 5.99 17.89 -1.38
C ASN L 3 6.16 19.33 -1.67
N PRO L 4 5.42 19.83 -2.66
CA PRO L 4 5.45 21.21 -3.11
C PRO L 4 4.90 22.26 -2.17
N TYR L 5 4.54 21.93 -0.94
CA TYR L 5 3.97 22.94 -0.04
C TYR L 5 4.73 23.11 1.27
N GLY L 6 4.46 24.21 1.96
CA GLY L 6 5.10 24.50 3.23
C GLY L 6 4.03 25.14 4.10
N ASP L 7 4.38 25.59 5.30
CA ASP L 7 3.44 26.25 6.18
C ASP L 7 4.28 27.13 7.04
N ASN L 8 4.22 28.42 6.78
CA ASN L 8 5.00 29.37 7.52
C ASN L 8 4.23 29.94 8.68
N GLY L 9 3.13 29.29 8.99
CA GLY L 9 2.36 29.73 10.12
C GLY L 9 1.84 31.11 9.92
N GLY L 10 2.09 31.99 10.85
CA GLY L 10 1.57 33.33 10.69
C GLY L 10 0.09 33.36 10.89
N THR L 11 -0.42 34.57 11.03
CA THR L 11 -1.82 34.83 11.28
C THR L 11 -2.09 36.29 10.95
N ILE L 12 -3.27 36.57 10.43
CA ILE L 12 -3.63 37.93 10.04
C ILE L 12 -5.06 38.20 10.41
N LEU L 13 -5.47 39.46 10.31
CA LEU L 13 -6.82 39.83 10.71
C LEU L 13 -7.23 41.14 10.11
N GLY L 14 -8.49 41.24 9.73
CA GLY L 14 -9.03 42.44 9.12
C GLY L 14 -10.37 42.85 9.66
N ILE L 15 -10.50 44.13 9.95
CA ILE L 15 -11.73 44.64 10.50
C ILE L 15 -12.03 45.93 9.77
N ALA L 16 -13.31 46.14 9.52
CA ALA L 16 -13.78 47.31 8.83
C ALA L 16 -14.72 48.17 9.62
N GLY L 17 -14.36 49.44 9.77
CA GLY L 17 -15.23 50.36 10.50
C GLY L 17 -16.09 51.17 9.55
N GLU L 18 -16.83 52.15 10.07
CA GLU L 18 -17.67 52.95 9.19
C GLU L 18 -16.84 53.59 8.11
N ASP L 19 -15.67 54.11 8.43
CA ASP L 19 -14.89 54.78 7.39
C ASP L 19 -13.37 54.57 7.39
N PHE L 20 -12.98 53.31 7.55
CA PHE L 20 -11.58 52.95 7.56
C PHE L 20 -11.62 51.46 7.65
N ALA L 21 -10.49 50.83 7.39
CA ALA L 21 -10.41 49.40 7.46
C ALA L 21 -9.00 49.05 7.90
N VAL L 22 -8.85 47.93 8.57
CA VAL L 22 -7.54 47.56 9.01
C VAL L 22 -7.26 46.15 8.64
N LEU L 23 -5.97 45.88 8.55
CA LEU L 23 -5.49 44.58 8.19
C LEU L 23 -4.14 44.41 8.86
N ALA L 24 -4.04 43.41 9.76
CA ALA L 24 -2.80 43.15 10.48
C ALA L 24 -2.39 41.69 10.41
N GLY L 25 -1.12 41.44 10.72
CA GLY L 25 -0.59 40.09 10.70
C GLY L 25 0.67 40.05 11.56
N ASP L 26 0.94 38.91 12.19
CA ASP L 26 2.14 38.82 13.01
C ASP L 26 3.30 38.94 12.06
N THR L 27 4.50 39.13 12.58
CA THR L 27 5.64 39.28 11.72
C THR L 27 6.61 38.19 11.94
N ARG L 28 6.12 37.00 12.22
CA ARG L 28 7.01 35.88 12.45
C ARG L 28 6.86 34.94 11.29
N ASN L 29 7.94 34.25 10.96
CA ASN L 29 7.92 33.31 9.87
C ASN L 29 8.61 32.07 10.36
N ILE L 30 7.91 30.94 10.35
CA ILE L 30 8.43 29.69 10.85
C ILE L 30 8.54 28.55 9.87
N THR L 31 9.17 27.48 10.31
CA THR L 31 9.33 26.27 9.53
C THR L 31 9.37 25.19 10.58
N ASP L 32 8.39 24.32 10.56
CA ASP L 32 8.29 23.26 11.53
C ASP L 32 8.41 23.94 12.89
N TYR L 33 9.54 23.75 13.57
CA TYR L 33 9.70 24.35 14.88
C TYR L 33 10.68 25.49 14.96
N SER L 34 11.43 25.72 13.91
CA SER L 34 12.40 26.79 13.95
C SER L 34 11.77 28.10 13.54
N ILE L 35 12.47 29.19 13.76
CA ILE L 35 11.97 30.49 13.38
C ILE L 35 12.85 30.96 12.28
N ASN L 36 12.24 31.34 11.17
CA ASN L 36 12.98 31.84 10.04
C ASN L 36 13.31 33.31 10.16
N SER L 37 12.30 34.10 10.53
CA SER L 37 12.48 35.54 10.72
C SER L 37 11.47 36.13 11.64
N ARG L 38 11.94 37.02 12.51
CA ARG L 38 11.09 37.71 13.45
C ARG L 38 10.47 38.92 12.80
N TYR L 39 10.94 39.28 11.61
CA TYR L 39 10.36 40.41 10.92
C TYR L 39 10.32 40.22 9.44
N GLU L 40 9.25 39.63 8.93
CA GLU L 40 9.10 39.50 7.51
C GLU L 40 7.67 39.83 7.24
N PRO L 41 7.40 41.09 6.85
CA PRO L 41 6.05 41.59 6.56
C PRO L 41 5.31 40.71 5.60
N LYS L 42 4.01 40.66 5.78
CA LYS L 42 3.20 39.86 4.92
C LYS L 42 1.86 40.54 4.66
N VAL L 43 1.84 41.84 4.94
CA VAL L 43 0.69 42.69 4.70
C VAL L 43 1.28 43.80 3.86
N PHE L 44 0.81 43.92 2.62
CA PHE L 44 1.34 44.92 1.70
C PHE L 44 0.35 45.93 1.15
N ASP L 45 0.92 46.99 0.59
CA ASP L 45 0.21 48.11 -0.02
C ASP L 45 0.35 47.91 -1.53
N CYS L 46 -0.74 47.77 -2.26
CA CYS L 46 -0.62 47.58 -3.71
C CYS L 46 -1.05 48.74 -4.56
N GLY L 47 -1.19 49.91 -3.96
CA GLY L 47 -1.59 51.06 -4.73
C GLY L 47 -3.10 51.10 -4.73
N ASP L 48 -3.64 52.19 -5.25
CA ASP L 48 -5.07 52.38 -5.32
C ASP L 48 -5.79 52.17 -4.01
N ASN L 49 -5.08 52.42 -2.91
CA ASN L 49 -5.65 52.32 -1.57
C ASN L 49 -6.17 50.91 -1.34
N ILE L 50 -5.31 49.92 -1.53
CA ILE L 50 -5.66 48.52 -1.31
C ILE L 50 -4.54 47.78 -0.61
N VAL L 51 -4.87 47.21 0.55
CA VAL L 51 -3.94 46.45 1.35
C VAL L 51 -4.37 45.01 1.19
N MET L 52 -3.40 44.10 1.22
CA MET L 52 -3.72 42.70 1.04
C MET L 52 -2.68 41.79 1.65
N SER L 53 -3.12 40.64 2.17
CA SER L 53 -2.25 39.63 2.75
C SER L 53 -2.71 38.24 2.32
N ALA L 54 -1.72 37.38 2.10
CA ALA L 54 -1.90 36.00 1.68
C ALA L 54 -1.21 35.15 2.71
N ASN L 55 -1.96 34.65 3.66
CA ASN L 55 -1.35 33.87 4.70
C ASN L 55 -1.53 32.40 4.55
N GLY L 56 -0.41 31.71 4.62
CA GLY L 56 -0.37 30.26 4.51
C GLY L 56 1.06 29.89 4.18
N PHE L 57 1.25 29.43 2.97
CA PHE L 57 2.54 29.04 2.46
C PHE L 57 3.18 30.27 1.91
N ALA L 58 4.25 30.72 2.53
CA ALA L 58 4.98 31.91 2.12
C ALA L 58 5.16 32.10 0.63
N ALA L 59 5.86 31.18 -0.04
CA ALA L 59 6.08 31.29 -1.49
C ALA L 59 4.79 31.58 -2.20
N ASP L 60 3.79 30.72 -2.07
CA ASP L 60 2.52 30.96 -2.69
C ASP L 60 1.99 32.29 -2.22
N GLY L 61 2.32 32.69 -1.01
CA GLY L 61 1.87 34.00 -0.56
C GLY L 61 2.47 35.12 -1.41
N ASP L 62 3.79 35.18 -1.44
CA ASP L 62 4.52 36.22 -2.19
C ASP L 62 4.11 36.29 -3.65
N ALA L 63 3.80 35.14 -4.23
CA ALA L 63 3.41 35.10 -5.61
C ALA L 63 2.15 35.87 -5.84
N LEU L 64 1.08 35.45 -5.21
CA LEU L 64 -0.21 36.11 -5.38
C LEU L 64 -0.05 37.58 -5.29
N VAL L 65 0.59 38.03 -4.22
CA VAL L 65 0.80 39.44 -4.05
C VAL L 65 1.41 40.01 -5.32
N LYS L 66 2.53 39.45 -5.78
CA LYS L 66 3.19 39.91 -7.01
C LYS L 66 2.20 39.96 -8.17
N ARG L 67 1.51 38.86 -8.46
CA ARG L 67 0.56 38.83 -9.56
C ARG L 67 -0.48 39.89 -9.43
N PHE L 68 -0.95 40.14 -8.23
CA PHE L 68 -1.96 41.15 -8.10
C PHE L 68 -1.44 42.56 -8.30
N LYS L 69 -0.41 42.94 -7.54
CA LYS L 69 0.16 44.26 -7.64
C LYS L 69 0.28 44.61 -9.10
N ASN L 70 0.86 43.67 -9.83
CA ASN L 70 1.09 43.76 -11.28
C ASN L 70 -0.23 43.93 -12.01
N SER L 71 -1.25 43.17 -11.63
CA SER L 71 -2.53 43.28 -12.28
C SER L 71 -2.95 44.72 -12.21
N VAL L 72 -2.93 45.27 -11.02
CA VAL L 72 -3.27 46.66 -10.83
C VAL L 72 -2.47 47.54 -11.80
N LYS L 73 -1.20 47.23 -12.00
CA LYS L 73 -0.38 48.02 -12.90
C LYS L 73 -0.98 48.00 -14.26
N TRP L 74 -1.26 46.82 -14.76
CA TRP L 74 -1.84 46.70 -16.07
C TRP L 74 -3.25 47.20 -16.18
N TYR L 75 -3.96 47.29 -15.06
CA TYR L 75 -5.32 47.80 -15.13
C TYR L 75 -5.23 49.23 -15.60
N HIS L 76 -4.45 50.03 -14.89
CA HIS L 76 -4.26 51.44 -15.23
C HIS L 76 -3.93 51.60 -16.71
N PHE L 77 -2.89 50.90 -17.16
CA PHE L 77 -2.47 50.94 -18.55
C PHE L 77 -3.68 50.68 -19.44
N ASP L 78 -4.22 49.49 -19.37
CA ASP L 78 -5.35 49.12 -20.18
C ASP L 78 -6.62 49.88 -19.96
N HIS L 79 -6.67 50.86 -19.04
CA HIS L 79 -7.90 51.62 -18.80
C HIS L 79 -7.70 53.07 -18.33
N ASN L 80 -6.86 53.79 -19.06
CA ASN L 80 -6.56 55.20 -18.78
C ASN L 80 -6.52 55.51 -17.29
N ASP L 81 -5.47 55.06 -16.62
CA ASP L 81 -5.27 55.26 -15.20
C ASP L 81 -6.53 55.21 -14.34
N LYS L 82 -7.50 54.39 -14.75
CA LYS L 82 -8.72 54.27 -13.95
C LYS L 82 -8.35 53.65 -12.62
N LYS L 83 -9.04 54.09 -11.57
CA LYS L 83 -8.78 53.58 -10.25
C LYS L 83 -9.57 52.29 -10.06
N LEU L 84 -8.86 51.29 -9.55
CA LEU L 84 -9.39 49.97 -9.29
C LEU L 84 -10.20 49.92 -8.01
N SER L 85 -11.50 49.73 -8.14
CA SER L 85 -12.38 49.66 -6.99
C SER L 85 -12.15 48.34 -6.32
N ILE L 86 -12.34 48.33 -5.02
CA ILE L 86 -12.14 47.14 -4.23
C ILE L 86 -13.04 45.99 -4.63
N ASN L 87 -14.31 46.27 -4.83
CA ASN L 87 -15.25 45.24 -5.20
C ASN L 87 -14.71 44.60 -6.45
N SER L 88 -14.02 45.38 -7.26
CA SER L 88 -13.46 44.86 -8.50
C SER L 88 -12.20 44.10 -8.21
N ALA L 89 -11.30 44.69 -7.43
CA ALA L 89 -10.06 44.01 -7.09
C ALA L 89 -10.41 42.61 -6.59
N ALA L 90 -11.52 42.50 -5.86
CA ALA L 90 -11.98 41.22 -5.37
C ALA L 90 -12.14 40.31 -6.54
N ARG L 91 -13.16 40.54 -7.36
CA ARG L 91 -13.44 39.66 -8.49
C ARG L 91 -12.22 39.27 -9.28
N ASN L 92 -11.26 40.17 -9.34
CA ASN L 92 -10.03 39.89 -10.07
C ASN L 92 -9.35 38.76 -9.35
N ILE L 93 -9.02 38.97 -8.08
CA ILE L 93 -8.36 37.93 -7.28
C ILE L 93 -9.08 36.60 -7.30
N GLN L 94 -10.40 36.62 -7.32
CA GLN L 94 -11.11 35.37 -7.40
C GLN L 94 -10.58 34.68 -8.61
N HIS L 95 -10.44 35.41 -9.70
CA HIS L 95 -9.92 34.79 -10.89
C HIS L 95 -8.49 34.35 -10.76
N LEU L 96 -7.65 35.15 -10.13
CA LEU L 96 -6.26 34.76 -9.96
C LEU L 96 -6.21 33.41 -9.31
N LEU L 97 -6.85 33.33 -8.16
CA LEU L 97 -6.88 32.13 -7.35
C LEU L 97 -7.44 30.97 -8.09
N TYR L 98 -8.69 31.05 -8.49
CA TYR L 98 -9.30 29.93 -9.15
C TYR L 98 -8.55 29.53 -10.37
N GLY L 99 -7.69 30.40 -10.84
CA GLY L 99 -6.90 30.06 -12.01
C GLY L 99 -6.17 28.78 -11.72
N LYS L 100 -5.71 28.64 -10.49
CA LYS L 100 -4.98 27.45 -10.07
C LYS L 100 -5.83 26.45 -9.29
N ARG L 101 -7.10 26.29 -9.65
CA ARG L 101 -7.99 25.38 -8.97
C ARG L 101 -7.48 23.98 -8.80
N PHE L 102 -6.50 23.59 -9.58
CA PHE L 102 -6.02 22.24 -9.42
C PHE L 102 -4.59 22.14 -8.96
N PHE L 103 -4.08 23.23 -8.43
CA PHE L 103 -2.74 23.31 -7.87
C PHE L 103 -2.81 24.63 -7.14
N PRO L 104 -3.76 24.72 -6.20
CA PRO L 104 -4.09 25.84 -5.35
C PRO L 104 -2.97 26.60 -4.75
N TYR L 105 -3.28 27.83 -4.37
CA TYR L 105 -2.34 28.65 -3.69
C TYR L 105 -2.75 28.27 -2.25
N TYR L 106 -1.87 27.63 -1.51
CA TYR L 106 -2.18 27.20 -0.13
C TYR L 106 -2.13 28.48 0.71
N VAL L 107 -3.17 29.30 0.62
CA VAL L 107 -3.20 30.51 1.41
C VAL L 107 -4.63 30.90 1.64
N HIS L 108 -4.83 31.62 2.73
CA HIS L 108 -6.13 32.15 3.04
C HIS L 108 -5.73 33.59 2.90
N THR L 109 -6.41 34.28 1.99
CA THR L 109 -6.10 35.68 1.72
C THR L 109 -7.20 36.68 2.07
N ILE L 110 -6.77 37.87 2.44
CA ILE L 110 -7.68 38.94 2.81
C ILE L 110 -7.10 40.23 2.26
N ILE L 111 -7.99 41.15 1.90
CA ILE L 111 -7.59 42.47 1.42
C ILE L 111 -8.60 43.42 2.00
N ALA L 112 -8.23 44.68 2.12
CA ALA L 112 -9.16 45.66 2.66
C ALA L 112 -8.98 47.09 2.17
N GLY L 113 -9.99 47.91 2.42
CA GLY L 113 -9.96 49.31 2.02
C GLY L 113 -11.30 50.03 2.11
N LEU L 114 -11.63 50.79 1.05
CA LEU L 114 -12.87 51.55 0.97
C LEU L 114 -13.66 51.23 -0.30
N ASP L 115 -14.98 51.16 -0.19
CA ASP L 115 -15.78 50.88 -1.38
C ASP L 115 -16.14 52.19 -2.09
N GLU L 116 -16.88 52.10 -3.18
CA GLU L 116 -17.27 53.28 -3.94
C GLU L 116 -18.02 54.31 -3.13
N ASP L 117 -18.94 53.88 -2.27
CA ASP L 117 -19.69 54.83 -1.47
C ASP L 117 -18.88 55.35 -0.30
N GLY L 118 -17.57 55.04 -0.32
CA GLY L 118 -16.66 55.50 0.73
C GLY L 118 -16.64 54.75 2.06
N LYS L 119 -17.56 53.81 2.25
CA LYS L 119 -17.59 53.08 3.49
C LYS L 119 -16.48 52.11 3.43
N GLY L 120 -15.99 51.67 4.60
CA GLY L 120 -14.88 50.72 4.68
C GLY L 120 -15.30 49.29 4.38
N ALA L 121 -14.34 48.47 3.94
CA ALA L 121 -14.66 47.08 3.63
C ALA L 121 -13.55 46.07 3.65
N VAL L 122 -13.98 44.80 3.75
CA VAL L 122 -13.12 43.63 3.81
C VAL L 122 -13.73 42.41 3.09
N TYR L 123 -12.88 41.69 2.36
CA TYR L 123 -13.24 40.48 1.58
C TYR L 123 -12.24 39.37 1.92
N SER L 124 -12.68 38.12 2.08
CA SER L 124 -11.71 37.09 2.38
C SER L 124 -11.88 35.97 1.40
N PHE L 125 -10.82 35.22 1.13
CA PHE L 125 -10.90 34.14 0.17
C PHE L 125 -10.47 32.74 0.60
N ASP L 126 -11.17 31.78 0.02
CA ASP L 126 -10.93 30.36 0.16
C ASP L 126 -9.59 30.24 -0.55
N PRO L 127 -8.77 29.23 -0.26
CA PRO L 127 -7.54 29.26 -1.04
C PRO L 127 -7.82 28.99 -2.53
N VAL L 128 -9.08 28.78 -2.89
CA VAL L 128 -9.41 28.61 -4.31
C VAL L 128 -10.50 29.53 -4.84
N GLY L 129 -10.60 30.73 -4.30
CA GLY L 129 -11.59 31.64 -4.82
C GLY L 129 -12.94 31.90 -4.19
N SER L 130 -13.41 31.12 -3.23
CA SER L 130 -14.70 31.46 -2.69
C SER L 130 -14.49 32.81 -2.02
N TYR L 131 -15.24 33.81 -2.42
CA TYR L 131 -15.08 35.13 -1.79
C TYR L 131 -16.41 35.70 -1.31
N GLU L 132 -16.33 36.57 -0.30
CA GLU L 132 -17.51 37.21 0.25
C GLU L 132 -17.05 38.46 0.97
N ARG L 133 -17.93 39.45 1.07
CA ARG L 133 -17.53 40.66 1.74
C ARG L 133 -17.96 40.49 3.16
N GLU L 134 -17.05 40.76 4.07
CA GLU L 134 -17.35 40.58 5.48
C GLU L 134 -17.00 41.75 6.37
N GLN L 135 -17.62 41.76 7.54
CA GLN L 135 -17.38 42.82 8.49
C GLN L 135 -15.97 42.73 9.07
N CYS L 136 -15.51 41.51 9.33
CA CYS L 136 -14.19 41.25 9.91
C CYS L 136 -13.86 39.79 9.67
N ARG L 137 -12.58 39.48 9.62
CA ARG L 137 -12.14 38.11 9.41
C ARG L 137 -10.70 37.95 9.82
N ALA L 138 -10.41 36.81 10.41
CA ALA L 138 -9.08 36.45 10.85
C ALA L 138 -8.76 35.22 10.07
N GLY L 139 -7.50 34.99 9.79
CA GLY L 139 -7.16 33.82 9.02
C GLY L 139 -5.75 33.35 9.26
N GLY L 140 -5.53 32.07 9.02
CA GLY L 140 -4.21 31.54 9.23
C GLY L 140 -4.18 30.61 10.41
N ALA L 141 -3.03 30.52 11.07
CA ALA L 141 -2.86 29.63 12.19
C ALA L 141 -3.86 29.88 13.32
N ALA L 142 -3.89 31.09 13.83
CA ALA L 142 -4.77 31.41 14.94
C ALA L 142 -6.16 31.87 14.56
N ALA L 143 -6.58 31.57 13.35
CA ALA L 143 -7.89 31.95 12.90
C ALA L 143 -8.92 31.35 13.84
N SER L 144 -8.78 30.06 14.14
CA SER L 144 -9.72 29.38 15.03
C SER L 144 -9.81 30.06 16.37
N LEU L 145 -8.70 30.60 16.84
CA LEU L 145 -8.70 31.26 18.10
C LEU L 145 -9.41 32.58 18.04
N ILE L 146 -8.92 33.49 17.22
CA ILE L 146 -9.49 34.83 17.12
C ILE L 146 -10.85 35.06 16.51
N MET L 147 -11.20 34.32 15.49
CA MET L 147 -12.49 34.54 14.89
C MET L 147 -13.65 34.68 15.86
N PRO L 148 -13.80 33.75 16.79
CA PRO L 148 -14.89 33.82 17.74
C PRO L 148 -14.95 35.18 18.43
N PHE L 149 -13.85 35.55 19.07
CA PHE L 149 -13.71 36.83 19.75
C PHE L 149 -14.34 37.94 18.90
N LEU L 150 -13.97 38.01 17.63
CA LEU L 150 -14.52 39.03 16.78
C LEU L 150 -16.02 38.91 16.69
N ASP L 151 -16.54 37.72 16.37
CA ASP L 151 -17.99 37.55 16.30
C ASP L 151 -18.64 38.14 17.51
N ASN L 152 -17.88 38.21 18.60
CA ASN L 152 -18.40 38.71 19.84
C ASN L 152 -18.25 40.19 20.00
N GLN L 153 -17.02 40.65 20.02
CA GLN L 153 -16.71 42.06 20.22
C GLN L 153 -16.92 42.98 19.05
N VAL L 154 -17.26 42.41 17.89
CA VAL L 154 -17.46 43.22 16.71
C VAL L 154 -18.85 43.12 16.17
N ASN L 155 -19.30 41.92 15.88
CA ASN L 155 -20.65 41.76 15.38
C ASN L 155 -21.61 41.56 16.54
N PHE L 156 -21.09 41.70 17.76
CA PHE L 156 -21.85 41.56 19.00
C PHE L 156 -22.76 40.38 19.00
N LYS L 157 -22.19 39.20 18.76
CA LYS L 157 -22.99 38.00 18.75
C LYS L 157 -23.22 37.50 20.17
N ASN L 158 -24.38 36.95 20.43
CA ASN L 158 -24.70 36.40 21.73
C ASN L 158 -24.86 37.40 22.84
N GLN L 159 -24.42 38.64 22.64
CA GLN L 159 -24.61 39.65 23.67
C GLN L 159 -26.05 40.08 23.56
N TYR L 160 -26.63 40.58 24.64
CA TYR L 160 -28.01 41.03 24.64
C TYR L 160 -28.11 42.31 25.45
N GLU L 161 -29.27 42.95 25.47
CA GLU L 161 -29.41 44.18 26.28
C GLU L 161 -29.86 43.75 27.68
N PRO L 162 -29.10 44.13 28.71
CA PRO L 162 -29.38 43.81 30.11
C PRO L 162 -30.85 43.97 30.48
N GLY L 163 -31.38 43.03 31.24
CA GLY L 163 -32.76 43.12 31.68
C GLY L 163 -33.88 42.84 30.69
N THR L 164 -33.57 42.65 29.42
CA THR L 164 -34.63 42.40 28.44
C THR L 164 -35.15 40.97 28.30
N ASN L 165 -34.96 40.16 29.34
CA ASN L 165 -35.36 38.75 29.35
C ASN L 165 -34.94 38.03 28.07
N GLY L 166 -33.74 38.37 27.62
CA GLY L 166 -33.20 37.78 26.41
C GLY L 166 -34.06 37.87 25.17
N LYS L 167 -34.66 39.02 24.93
CA LYS L 167 -35.50 39.15 23.75
C LYS L 167 -35.08 40.34 22.89
N VAL L 168 -33.95 40.94 23.23
CA VAL L 168 -33.43 42.09 22.47
C VAL L 168 -31.92 42.08 22.28
N LYS L 169 -31.48 41.97 21.04
CA LYS L 169 -30.06 41.93 20.75
C LYS L 169 -29.43 43.29 20.96
N LYS L 170 -28.17 43.28 21.35
CA LYS L 170 -27.44 44.51 21.54
C LYS L 170 -27.49 45.19 20.17
N PRO L 171 -27.87 46.47 20.15
CA PRO L 171 -27.93 47.18 18.88
C PRO L 171 -26.55 47.16 18.28
N LEU L 172 -26.50 47.04 16.97
CA LEU L 172 -25.25 46.96 16.22
C LEU L 172 -24.45 48.25 16.04
N LYS L 173 -24.06 48.89 17.12
CA LYS L 173 -23.27 50.14 17.03
C LYS L 173 -22.01 49.84 16.23
N TYR L 174 -21.24 50.88 15.89
CA TYR L 174 -20.00 50.65 15.19
C TYR L 174 -18.76 51.17 15.86
N LEU L 175 -17.77 50.29 15.90
CA LEU L 175 -16.49 50.56 16.55
C LEU L 175 -15.73 51.72 16.01
N SER L 176 -15.06 52.44 16.90
CA SER L 176 -14.24 53.56 16.48
C SER L 176 -12.94 52.95 16.06
N VAL L 177 -12.22 53.61 15.19
CA VAL L 177 -10.93 53.12 14.76
C VAL L 177 -10.07 52.82 15.98
N GLU L 178 -9.99 53.78 16.88
CA GLU L 178 -9.20 53.58 18.08
C GLU L 178 -9.63 52.27 18.77
N GLU L 179 -10.93 52.11 19.01
CA GLU L 179 -11.42 50.91 19.66
C GLU L 179 -11.04 49.63 18.84
N VAL L 180 -11.01 49.74 17.51
CA VAL L 180 -10.65 48.59 16.69
C VAL L 180 -9.22 48.17 16.94
N ILE L 181 -8.31 49.11 17.02
CA ILE L 181 -6.96 48.71 17.28
C ILE L 181 -6.86 47.90 18.56
N LYS L 182 -7.53 48.37 19.62
CA LYS L 182 -7.51 47.66 20.91
C LYS L 182 -7.76 46.18 20.65
N LEU L 183 -8.88 45.88 20.02
CA LEU L 183 -9.22 44.51 19.73
C LEU L 183 -8.08 43.79 19.02
N VAL L 184 -7.50 44.41 18.00
CA VAL L 184 -6.43 43.77 17.29
C VAL L 184 -5.33 43.31 18.22
N ARG L 185 -4.76 44.27 18.94
CA ARG L 185 -3.66 43.98 19.87
C ARG L 185 -4.02 42.88 20.82
N ASP L 186 -5.21 42.94 21.38
CA ASP L 186 -5.57 41.89 22.31
C ASP L 186 -5.69 40.56 21.59
N SER L 187 -6.34 40.57 20.44
CA SER L 187 -6.51 39.34 19.68
C SER L 187 -5.16 38.74 19.42
N PHE L 188 -4.16 39.58 19.21
CA PHE L 188 -2.84 39.07 18.97
C PHE L 188 -2.15 38.56 20.21
N THR L 189 -2.12 39.35 21.27
CA THR L 189 -1.50 38.89 22.49
C THR L 189 -2.12 37.54 22.89
N SER L 190 -3.44 37.45 22.85
CA SER L 190 -4.10 36.20 23.17
C SER L 190 -3.60 35.12 22.24
N ALA L 191 -3.51 35.42 20.96
CA ALA L 191 -3.06 34.42 20.02
C ALA L 191 -1.66 33.96 20.33
N THR L 192 -0.80 34.91 20.67
CA THR L 192 0.59 34.62 20.99
C THR L 192 0.72 33.64 22.13
N GLU L 193 -0.13 33.80 23.13
CA GLU L 193 -0.10 32.94 24.31
C GLU L 193 -0.39 31.49 24.03
N ARG L 194 -1.30 31.20 23.11
CA ARG L 194 -1.61 29.81 22.84
C ARG L 194 -1.13 29.26 21.59
N HIS L 195 -0.53 30.06 20.73
CA HIS L 195 -0.05 29.48 19.50
C HIS L 195 1.42 29.66 19.30
N ILE L 196 2.11 28.53 19.23
CA ILE L 196 3.54 28.52 19.05
C ILE L 196 3.99 29.13 17.74
N GLN L 197 3.07 29.29 16.82
CA GLN L 197 3.48 29.82 15.56
C GLN L 197 3.38 31.31 15.55
N VAL L 198 2.54 31.83 16.41
CA VAL L 198 2.33 33.24 16.45
C VAL L 198 3.28 33.89 17.45
N GLY L 199 3.63 35.14 17.20
CA GLY L 199 4.51 35.83 18.10
C GLY L 199 5.37 36.82 17.35
N ASP L 200 6.45 37.21 18.01
CA ASP L 200 7.41 38.14 17.46
C ASP L 200 6.92 39.54 17.28
N GLY L 201 6.04 39.80 16.33
CA GLY L 201 5.57 41.16 16.14
C GLY L 201 4.28 41.36 15.40
N LEU L 202 3.69 42.52 15.58
CA LEU L 202 2.44 42.90 14.96
C LEU L 202 2.58 44.17 14.13
N GLU L 203 2.34 44.04 12.84
CA GLU L 203 2.42 45.18 11.94
C GLU L 203 0.99 45.40 11.49
N ILE L 204 0.50 46.62 11.59
CA ILE L 204 -0.86 46.92 11.20
C ILE L 204 -0.91 47.93 10.09
N LEU L 205 -1.66 47.62 9.04
CA LEU L 205 -1.81 48.58 7.97
C LEU L 205 -3.23 49.11 8.12
N ILE L 206 -3.35 50.45 8.13
CA ILE L 206 -4.64 51.16 8.30
C ILE L 206 -5.01 51.95 7.04
N VAL L 207 -6.28 51.92 6.68
CA VAL L 207 -6.73 52.55 5.46
C VAL L 207 -7.86 53.60 5.56
N THR L 208 -7.59 54.81 5.04
CA THR L 208 -8.58 55.88 5.05
C THR L 208 -8.41 56.71 3.79
N LYS L 209 -9.39 57.58 3.55
CA LYS L 209 -9.38 58.45 2.38
C LYS L 209 -8.10 59.21 2.21
N ASP L 210 -7.33 59.34 3.27
CA ASP L 210 -6.08 60.08 3.21
C ASP L 210 -4.85 59.27 2.82
N GLY L 211 -5.02 57.98 2.57
CA GLY L 211 -3.88 57.19 2.20
C GLY L 211 -3.81 55.87 2.92
N VAL L 212 -2.60 55.51 3.37
CA VAL L 212 -2.34 54.28 4.06
C VAL L 212 -1.28 54.51 5.14
N ARG L 213 -1.65 54.16 6.38
CA ARG L 213 -0.80 54.35 7.57
C ARG L 213 -0.33 53.02 8.18
N LYS L 214 0.90 52.96 8.70
CA LYS L 214 1.43 51.74 9.30
C LYS L 214 1.74 51.92 10.79
N GLU L 215 1.42 50.91 11.59
CA GLU L 215 1.69 50.93 13.03
C GLU L 215 2.33 49.60 13.42
N PHE L 216 3.28 49.63 14.36
CA PHE L 216 3.95 48.40 14.75
C PHE L 216 4.15 48.24 16.22
N TYR L 217 3.77 47.09 16.73
CA TYR L 217 3.89 46.79 18.15
C TYR L 217 4.63 45.48 18.36
N GLU L 218 5.44 45.40 19.41
CA GLU L 218 6.21 44.20 19.71
C GLU L 218 5.40 43.10 20.35
N LEU L 219 5.87 41.87 20.23
CA LEU L 219 5.17 40.74 20.81
C LEU L 219 6.16 39.86 21.55
N LYS L 220 5.66 38.74 22.09
CA LYS L 220 6.46 37.80 22.84
C LYS L 220 7.19 36.97 21.84
N ARG L 221 8.51 36.98 21.93
CA ARG L 221 9.38 36.26 21.02
C ARG L 221 9.69 34.81 21.42
N ASP L 222 8.91 34.25 22.35
CA ASP L 222 9.15 32.89 22.80
C ASP L 222 8.44 31.83 21.95
N THR M 1 10.64 16.04 -9.64
CA THR M 1 10.60 14.82 -8.83
C THR M 1 12.01 14.31 -8.82
N GLN M 2 12.65 14.32 -7.65
CA GLN M 2 14.02 13.87 -7.52
C GLN M 2 14.42 13.73 -6.04
N GLN M 3 15.66 13.31 -5.81
CA GLN M 3 16.18 13.14 -4.47
C GLN M 3 17.60 13.55 -4.62
N PRO M 4 18.06 14.45 -3.78
CA PRO M 4 19.45 14.90 -3.85
C PRO M 4 20.45 13.80 -3.63
N ILE M 5 21.61 13.91 -4.28
CA ILE M 5 22.65 12.91 -4.12
C ILE M 5 23.82 13.52 -3.39
N VAL M 6 24.80 14.05 -4.09
CA VAL M 6 25.94 14.66 -3.42
C VAL M 6 25.46 15.94 -2.79
N THR M 7 25.59 16.07 -1.49
CA THR M 7 25.08 17.24 -0.81
C THR M 7 26.05 18.06 0.02
N GLY M 8 25.69 19.30 0.30
CA GLY M 8 26.51 20.18 1.13
C GLY M 8 25.67 20.66 2.30
N THR M 9 26.20 20.65 3.52
CA THR M 9 25.40 21.03 4.69
C THR M 9 25.25 22.53 4.95
N SER M 10 25.03 22.90 6.20
CA SER M 10 24.80 24.27 6.60
C SER M 10 25.57 25.38 5.93
N VAL M 11 24.96 26.55 5.96
CA VAL M 11 25.52 27.78 5.42
C VAL M 11 25.08 28.77 6.44
N ILE M 12 26.01 29.49 7.02
CA ILE M 12 25.63 30.43 8.04
C ILE M 12 26.02 31.81 7.62
N SER M 13 25.31 32.79 8.14
CA SER M 13 25.61 34.16 7.81
C SER M 13 24.84 35.04 8.74
N MET M 14 25.34 36.25 8.87
CA MET M 14 24.75 37.26 9.73
C MET M 14 25.21 38.57 9.15
N LYS M 15 24.51 39.65 9.47
CA LYS M 15 24.92 40.94 8.94
C LYS M 15 25.42 41.83 10.06
N TYR M 16 26.20 42.84 9.70
CA TYR M 16 26.73 43.75 10.71
C TYR M 16 26.69 45.21 10.24
N ASP M 17 27.15 46.13 11.08
CA ASP M 17 27.11 47.55 10.76
C ASP M 17 27.62 47.99 9.40
N ASN M 18 28.62 47.30 8.85
CA ASN M 18 29.21 47.68 7.57
C ASN M 18 29.17 46.65 6.42
N GLY M 19 28.28 45.67 6.51
CA GLY M 19 28.21 44.67 5.45
C GLY M 19 27.68 43.35 5.95
N VAL M 20 28.19 42.26 5.40
CA VAL M 20 27.74 40.94 5.80
C VAL M 20 28.83 39.87 5.81
N ILE M 21 28.55 38.75 6.47
CA ILE M 21 29.49 37.65 6.53
C ILE M 21 28.70 36.41 6.28
N ILE M 22 29.31 35.47 5.59
CA ILE M 22 28.68 34.21 5.29
C ILE M 22 29.77 33.18 5.21
N ALA M 23 29.44 31.93 5.56
CA ALA M 23 30.39 30.84 5.53
C ALA M 23 29.71 29.49 5.39
N ALA M 24 30.48 28.51 4.94
CA ALA M 24 30.03 27.13 4.73
C ALA M 24 31.24 26.26 4.49
N ASP M 25 31.25 25.05 5.04
CA ASP M 25 32.38 24.14 4.88
C ASP M 25 32.61 23.74 3.43
N ASN M 26 33.56 22.84 3.22
CA ASN M 26 33.92 22.42 1.89
C ASN M 26 33.68 20.96 1.76
N LEU M 27 32.43 20.53 1.87
CA LEU M 27 32.17 19.10 1.77
C LEU M 27 30.99 18.73 0.88
N GLY M 28 31.07 17.55 0.28
CA GLY M 28 30.00 17.04 -0.57
C GLY M 28 29.76 15.60 -0.13
N SER M 29 28.74 15.36 0.67
CA SER M 29 28.46 14.03 1.20
C SER M 29 27.66 13.17 0.23
N TYR M 30 27.99 11.90 0.14
CA TYR M 30 27.24 11.03 -0.74
C TYR M 30 26.55 10.20 0.28
N GLY M 31 25.55 10.79 0.92
CA GLY M 31 24.84 10.04 1.94
C GLY M 31 25.66 10.14 3.20
N SER M 32 25.97 9.03 3.83
CA SER M 32 26.74 9.05 5.06
C SER M 32 28.24 9.14 4.81
N LEU M 33 28.65 8.78 3.60
CA LEU M 33 30.03 8.82 3.21
C LEU M 33 30.42 10.24 2.89
N LEU M 34 31.39 10.80 3.61
CA LEU M 34 31.83 12.17 3.35
C LEU M 34 32.75 12.09 2.17
N ARG M 35 32.17 12.10 0.98
CA ARG M 35 32.92 11.93 -0.24
C ARG M 35 33.92 12.94 -0.74
N PHE M 36 33.50 14.18 -0.96
CA PHE M 36 34.42 15.14 -1.53
C PHE M 36 34.84 16.21 -0.56
N ASN M 37 36.14 16.40 -0.42
CA ASN M 37 36.68 17.36 0.52
C ASN M 37 37.25 18.65 -0.01
N GLY M 38 36.98 18.98 -1.26
CA GLY M 38 37.50 20.22 -1.81
C GLY M 38 36.45 20.95 -2.60
N VAL M 39 35.31 21.13 -1.96
CA VAL M 39 34.19 21.77 -2.58
C VAL M 39 33.98 23.14 -2.08
N GLU M 40 34.00 24.09 -3.00
CA GLU M 40 33.78 25.47 -2.62
C GLU M 40 32.30 25.70 -2.84
N ARG M 41 31.61 26.07 -1.77
CA ARG M 41 30.18 26.30 -1.84
C ARG M 41 29.84 27.75 -1.71
N LEU M 42 30.84 28.60 -1.73
CA LEU M 42 30.64 30.04 -1.69
C LEU M 42 30.94 30.59 -3.09
N ILE M 43 29.92 31.07 -3.77
CA ILE M 43 30.04 31.59 -5.10
C ILE M 43 30.01 33.11 -5.16
N PRO M 44 31.14 33.75 -5.48
CA PRO M 44 31.18 35.21 -5.54
C PRO M 44 30.60 35.65 -6.87
N VAL M 45 29.90 36.77 -6.87
CA VAL M 45 29.35 37.30 -8.10
C VAL M 45 29.70 38.76 -8.26
N GLY M 46 30.87 38.99 -8.82
CA GLY M 46 31.33 40.35 -8.98
C GLY M 46 32.20 40.73 -7.81
N ASP M 47 32.05 41.96 -7.37
CA ASP M 47 32.85 42.45 -6.26
C ASP M 47 31.93 43.05 -5.22
N ASN M 48 30.75 42.48 -5.08
CA ASN M 48 29.82 43.01 -4.11
C ASN M 48 28.72 42.03 -3.70
N THR M 49 28.91 40.76 -4.01
CA THR M 49 27.91 39.73 -3.70
C THR M 49 28.45 38.32 -3.63
N VAL M 50 28.02 37.57 -2.60
CA VAL M 50 28.38 36.16 -2.42
C VAL M 50 27.11 35.36 -2.21
N VAL M 51 27.00 34.26 -2.93
CA VAL M 51 25.86 33.40 -2.83
C VAL M 51 26.36 32.09 -2.29
N GLY M 52 25.81 31.66 -1.16
CA GLY M 52 26.18 30.40 -0.53
C GLY M 52 25.07 29.38 -0.74
N ILE M 53 25.44 28.16 -1.09
CA ILE M 53 24.46 27.13 -1.39
C ILE M 53 24.57 25.80 -0.66
N SER M 54 23.48 25.34 -0.07
CA SER M 54 23.49 24.07 0.61
C SER M 54 22.49 23.25 -0.15
N GLY M 55 22.65 21.95 -0.10
CA GLY M 55 21.74 21.09 -0.81
C GLY M 55 22.51 20.27 -1.80
N ASP M 56 21.82 19.87 -2.85
CA ASP M 56 22.40 19.05 -3.90
C ASP M 56 23.48 19.83 -4.63
N ILE M 57 24.60 19.15 -4.83
CA ILE M 57 25.71 19.77 -5.49
C ILE M 57 25.54 19.92 -6.99
N SER M 58 25.14 18.87 -7.69
CA SER M 58 24.97 18.99 -9.12
C SER M 58 24.20 20.25 -9.43
N ASP M 59 23.09 20.45 -8.74
CA ASP M 59 22.28 21.64 -8.97
C ASP M 59 23.05 22.88 -8.66
N MET M 60 23.91 22.82 -7.66
CA MET M 60 24.71 23.97 -7.32
C MET M 60 25.56 24.33 -8.52
N GLN M 61 26.31 23.35 -9.02
CA GLN M 61 27.17 23.57 -10.15
C GLN M 61 26.37 24.23 -11.29
N HIS M 62 25.09 23.91 -11.40
CA HIS M 62 24.23 24.54 -12.41
C HIS M 62 24.05 26.02 -12.04
N ILE M 63 23.61 26.28 -10.82
CA ILE M 63 23.43 27.64 -10.39
C ILE M 63 24.73 28.41 -10.53
N GLU M 64 25.84 27.71 -10.63
CA GLU M 64 27.10 28.38 -10.84
C GLU M 64 27.03 28.94 -12.26
N ARG M 65 26.87 28.02 -13.21
CA ARG M 65 26.81 28.36 -14.63
C ARG M 65 25.77 29.42 -14.86
N LEU M 66 24.65 29.36 -14.17
CA LEU M 66 23.62 30.35 -14.38
C LEU M 66 24.12 31.73 -14.04
N LEU M 67 24.91 31.81 -12.99
CA LEU M 67 25.46 33.08 -12.55
C LEU M 67 26.46 33.65 -13.54
N LYS M 68 27.48 32.86 -13.89
CA LYS M 68 28.49 33.32 -14.85
C LYS M 68 27.75 33.87 -16.07
N ASP M 69 26.62 33.25 -16.39
CA ASP M 69 25.81 33.71 -17.49
C ASP M 69 25.28 35.08 -17.15
N LEU M 70 24.66 35.20 -15.99
CA LEU M 70 24.08 36.48 -15.61
C LEU M 70 25.10 37.56 -15.75
N VAL M 71 26.32 37.27 -15.33
CA VAL M 71 27.41 38.23 -15.40
C VAL M 71 27.69 38.67 -16.84
N THR M 72 28.03 37.71 -17.71
CA THR M 72 28.32 38.00 -19.10
C THR M 72 27.21 38.83 -19.74
N GLU M 73 26.00 38.29 -19.69
CA GLU M 73 24.85 38.92 -20.31
C GLU M 73 24.56 40.34 -19.83
N ASN M 74 25.13 40.73 -18.71
CA ASN M 74 24.89 42.08 -18.23
C ASN M 74 25.87 43.04 -18.88
N ALA M 75 27.08 42.57 -19.15
CA ALA M 75 28.10 43.40 -19.76
C ALA M 75 27.68 43.77 -21.18
N TYR M 76 26.97 42.88 -21.84
CA TYR M 76 26.49 43.10 -23.19
C TYR M 76 25.79 44.45 -23.37
N ASP M 77 26.24 45.20 -24.39
CA ASP M 77 25.69 46.51 -24.73
C ASP M 77 25.49 47.36 -23.49
N ASN M 78 26.35 47.11 -22.51
CA ASN M 78 26.27 47.84 -21.29
C ASN M 78 27.62 48.46 -21.07
N PRO M 79 27.73 49.75 -21.40
CA PRO M 79 29.01 50.45 -21.22
C PRO M 79 29.24 50.64 -19.72
N LEU M 80 28.17 50.61 -18.94
CA LEU M 80 28.25 50.78 -17.51
C LEU M 80 28.29 49.47 -16.72
N ALA M 81 28.94 48.46 -17.31
CA ALA M 81 29.09 47.16 -16.66
C ALA M 81 29.92 47.30 -15.38
N ASP M 82 31.20 47.70 -15.49
CA ASP M 82 32.00 47.86 -14.28
C ASP M 82 31.75 49.18 -13.55
N ALA M 83 30.47 49.51 -13.37
CA ALA M 83 30.08 50.73 -12.69
C ALA M 83 28.56 50.77 -12.48
N GLU M 84 27.95 51.95 -12.54
CA GLU M 84 26.50 52.16 -12.32
C GLU M 84 25.42 51.15 -12.76
N GLU M 85 25.72 50.26 -13.69
CA GLU M 85 24.75 49.27 -14.13
C GLU M 85 25.24 47.86 -13.86
N ALA M 86 26.12 47.72 -12.87
CA ALA M 86 26.63 46.42 -12.50
C ALA M 86 25.58 45.70 -11.67
N LEU M 87 25.69 44.38 -11.62
CA LEU M 87 24.74 43.55 -10.87
C LEU M 87 24.70 43.88 -9.38
N GLU M 88 23.49 44.05 -8.86
CA GLU M 88 23.29 44.33 -7.44
C GLU M 88 22.74 43.04 -6.83
N PRO M 89 23.06 42.76 -5.54
CA PRO M 89 22.56 41.55 -4.90
C PRO M 89 21.05 41.43 -5.08
N SER M 90 20.30 42.52 -4.90
CA SER M 90 18.86 42.42 -5.05
C SER M 90 18.48 41.84 -6.40
N TYR M 91 19.24 42.16 -7.43
CA TYR M 91 18.97 41.63 -8.76
C TYR M 91 19.24 40.14 -8.75
N ILE M 92 20.45 39.77 -8.40
CA ILE M 92 20.85 38.36 -8.35
C ILE M 92 19.88 37.53 -7.52
N PHE M 93 19.44 38.08 -6.41
CA PHE M 93 18.51 37.37 -5.57
C PHE M 93 17.17 37.20 -6.25
N GLU M 94 16.55 38.31 -6.62
CA GLU M 94 15.24 38.24 -7.24
C GLU M 94 15.23 37.29 -8.41
N TYR M 95 16.34 37.19 -9.14
CA TYR M 95 16.41 36.25 -10.26
C TYR M 95 16.32 34.85 -9.68
N LEU M 96 17.36 34.44 -8.97
CA LEU M 96 17.40 33.14 -8.37
C LEU M 96 16.06 32.80 -7.74
N ALA M 97 15.54 33.71 -6.93
CA ALA M 97 14.27 33.51 -6.28
C ALA M 97 13.25 33.09 -7.31
N THR M 98 13.19 33.88 -8.37
CA THR M 98 12.26 33.66 -9.45
C THR M 98 12.41 32.29 -10.06
N VAL M 99 13.65 31.89 -10.24
CA VAL M 99 13.97 30.61 -10.83
C VAL M 99 13.56 29.45 -9.96
N MET M 100 13.94 29.53 -8.69
CA MET M 100 13.62 28.48 -7.73
C MET M 100 12.14 28.21 -7.73
N TYR M 101 11.36 29.28 -7.57
CA TYR M 101 9.92 29.14 -7.55
C TYR M 101 9.35 28.55 -8.85
N GLN M 102 9.85 29.00 -10.00
CA GLN M 102 9.34 28.46 -11.25
C GLN M 102 9.57 26.96 -11.25
N ARG M 103 10.76 26.55 -10.81
CA ARG M 103 11.08 25.13 -10.76
C ARG M 103 10.26 24.29 -9.76
N ARG M 104 9.77 24.89 -8.69
CA ARG M 104 8.98 24.09 -7.75
C ARG M 104 7.61 23.95 -8.33
N SER M 105 7.15 25.01 -9.01
CA SER M 105 5.84 25.00 -9.62
C SER M 105 5.78 24.07 -10.81
N LYS M 106 6.92 23.69 -11.35
CA LYS M 106 6.96 22.76 -12.47
C LYS M 106 7.26 21.36 -11.95
N MET M 107 7.38 21.24 -10.63
CA MET M 107 7.63 19.94 -10.00
C MET M 107 8.95 19.30 -10.36
N ASN M 108 9.98 20.12 -10.52
CA ASN M 108 11.30 19.64 -10.87
C ASN M 108 12.28 20.65 -10.30
N PRO M 109 12.27 20.80 -8.97
CA PRO M 109 13.03 21.67 -8.10
C PRO M 109 14.53 21.51 -8.15
N LEU M 110 15.20 22.53 -7.65
CA LEU M 110 16.65 22.58 -7.54
C LEU M 110 16.77 22.35 -6.03
N TRP M 111 17.21 21.17 -5.62
CA TRP M 111 17.27 20.86 -4.21
C TRP M 111 18.26 21.71 -3.44
N ASN M 112 17.92 22.95 -3.14
CA ASN M 112 18.87 23.79 -2.45
C ASN M 112 18.28 24.72 -1.48
N ALA M 113 19.18 25.28 -0.70
CA ALA M 113 18.84 26.26 0.26
C ALA M 113 19.97 27.20 -0.07
N ILE M 114 19.65 28.45 -0.40
CA ILE M 114 20.66 29.39 -0.78
C ILE M 114 20.53 30.69 -0.03
N ILE M 115 21.65 31.24 0.38
CA ILE M 115 21.58 32.50 1.06
C ILE M 115 22.39 33.41 0.21
N VAL M 116 21.79 34.53 -0.13
CA VAL M 116 22.45 35.51 -0.96
C VAL M 116 22.84 36.63 -0.06
N ALA M 117 24.13 36.88 0.02
CA ALA M 117 24.60 37.91 0.92
C ALA M 117 25.49 38.91 0.26
N GLY M 118 25.21 40.19 0.51
CA GLY M 118 26.03 41.24 -0.06
C GLY M 118 25.61 42.64 0.32
N VAL M 119 26.11 43.60 -0.46
CA VAL M 119 25.81 45.00 -0.21
C VAL M 119 25.37 45.68 -1.50
N GLN M 120 24.45 46.62 -1.37
CA GLN M 120 23.94 47.34 -2.53
C GLN M 120 24.77 48.60 -2.88
N SER M 121 24.45 49.22 -4.02
CA SER M 121 25.10 50.42 -4.52
C SER M 121 25.11 51.54 -3.50
N ASN M 122 23.95 51.81 -2.91
CA ASN M 122 23.81 52.88 -1.92
C ASN M 122 24.40 52.53 -0.57
N GLY M 123 24.88 51.30 -0.44
CA GLY M 123 25.51 50.89 0.80
C GLY M 123 24.77 49.93 1.71
N ASP M 124 23.44 49.86 1.58
CA ASP M 124 22.63 48.99 2.42
C ASP M 124 23.12 47.54 2.38
N GLN M 125 23.04 46.88 3.53
CA GLN M 125 23.46 45.50 3.65
C GLN M 125 22.34 44.67 3.05
N PHE M 126 22.65 43.49 2.53
CA PHE M 126 21.60 42.65 1.97
C PHE M 126 21.84 41.21 2.34
N LEU M 127 20.79 40.51 2.72
CA LEU M 127 20.88 39.12 3.13
C LEU M 127 19.48 38.56 3.02
N ARG M 128 19.28 37.52 2.23
CA ARG M 128 17.96 36.93 2.09
C ARG M 128 18.10 35.47 1.72
N TYR M 129 17.07 34.69 2.01
CA TYR M 129 17.11 33.27 1.78
C TYR M 129 16.02 32.84 0.89
N VAL M 130 16.31 31.84 0.08
CA VAL M 130 15.32 31.25 -0.80
C VAL M 130 15.70 29.79 -0.86
N ASN M 131 14.72 28.91 -0.85
CA ASN M 131 15.02 27.50 -0.89
C ASN M 131 14.20 26.82 -1.93
N LEU M 132 14.35 25.52 -2.07
CA LEU M 132 13.65 24.77 -3.09
C LEU M 132 12.17 25.06 -3.21
N LEU M 133 11.57 25.71 -2.23
CA LEU M 133 10.15 26.00 -2.31
C LEU M 133 9.84 27.44 -2.74
N GLY M 134 10.86 28.24 -2.94
CA GLY M 134 10.58 29.61 -3.34
C GLY M 134 10.19 30.42 -2.13
N VAL M 135 10.45 29.84 -0.97
CA VAL M 135 10.19 30.49 0.28
C VAL M 135 11.32 31.52 0.42
N THR M 136 10.98 32.78 0.66
CA THR M 136 11.97 33.83 0.79
C THR M 136 11.83 34.55 2.13
N TYR M 137 12.95 34.82 2.78
CA TYR M 137 12.90 35.56 4.02
C TYR M 137 14.20 36.23 4.28
N SER M 138 14.17 37.19 5.17
CA SER M 138 15.34 37.93 5.52
C SER M 138 15.31 38.21 7.03
N SER M 139 16.49 38.24 7.64
CA SER M 139 16.66 38.48 9.08
C SER M 139 18.14 38.72 9.30
N PRO M 140 18.52 39.44 10.37
CA PRO M 140 19.91 39.75 10.69
C PRO M 140 20.82 38.56 10.69
N THR M 141 20.27 37.35 10.72
CA THR M 141 21.10 36.17 10.69
C THR M 141 20.29 35.20 9.89
N LEU M 142 20.97 34.35 9.15
CA LEU M 142 20.30 33.35 8.36
C LEU M 142 21.19 32.13 8.29
N ALA M 143 20.58 30.98 8.05
CA ALA M 143 21.31 29.73 7.98
C ALA M 143 20.46 28.64 7.39
N THR M 144 21.09 27.59 6.90
CA THR M 144 20.37 26.46 6.33
C THR M 144 20.69 25.15 7.07
N GLY M 145 19.91 24.12 6.79
CA GLY M 145 20.15 22.83 7.43
C GLY M 145 20.41 22.90 8.92
N PHE M 146 21.43 22.21 9.42
CA PHE M 146 21.66 22.26 10.86
C PHE M 146 21.87 23.63 11.41
N GLY M 147 22.65 24.44 10.72
CA GLY M 147 22.95 25.77 11.21
C GLY M 147 21.70 26.47 11.65
N ALA M 148 20.62 26.14 10.97
CA ALA M 148 19.33 26.72 11.25
C ALA M 148 19.10 26.63 12.73
N HIS M 149 19.18 25.41 13.21
CA HIS M 149 18.95 25.10 14.61
C HIS M 149 20.02 25.51 15.59
N MET M 150 21.29 25.43 15.21
CA MET M 150 22.33 25.79 16.14
C MET M 150 23.01 27.14 15.94
N ALA M 151 23.35 27.48 14.71
CA ALA M 151 24.00 28.74 14.48
C ALA M 151 23.11 29.91 14.84
N ASN M 152 21.91 29.93 14.30
CA ASN M 152 21.03 31.05 14.57
C ASN M 152 20.97 31.48 15.99
N PRO M 153 20.80 30.51 16.91
CA PRO M 153 20.72 30.81 18.33
C PRO M 153 21.91 31.55 18.87
N LEU M 154 23.09 31.18 18.37
CA LEU M 154 24.31 31.81 18.81
C LEU M 154 24.41 33.19 18.23
N LEU M 155 24.34 33.26 16.91
CA LEU M 155 24.44 34.53 16.21
C LEU M 155 23.40 35.53 16.68
N ARG M 156 22.22 35.04 17.04
CA ARG M 156 21.19 35.93 17.52
C ARG M 156 21.52 36.59 18.86
N LYS M 157 22.46 36.02 19.63
CA LYS M 157 22.87 36.60 20.91
C LYS M 157 23.71 37.85 20.69
N VAL M 158 24.21 38.00 19.46
CA VAL M 158 25.01 39.16 19.09
C VAL M 158 24.10 40.22 18.50
N VAL M 159 23.19 39.80 17.61
CA VAL M 159 22.22 40.68 16.92
C VAL M 159 20.80 40.20 17.13
N ASP M 160 20.27 40.44 18.31
CA ASP M 160 18.92 39.98 18.66
C ASP M 160 17.86 40.59 17.78
N ARG M 161 18.01 41.88 17.48
CA ARG M 161 17.06 42.52 16.63
C ARG M 161 17.78 43.47 15.72
N GLU M 162 17.05 43.99 14.75
CA GLU M 162 17.59 44.90 13.78
C GLU M 162 18.44 46.00 14.43
N SER M 163 17.94 46.61 15.50
CA SER M 163 18.66 47.69 16.17
C SER M 163 20.07 47.36 16.60
N ASP M 164 20.40 46.09 16.71
CA ASP M 164 21.73 45.71 17.16
C ASP M 164 22.71 45.70 16.01
N ILE M 165 22.24 45.92 14.79
CA ILE M 165 23.17 45.87 13.68
C ILE M 165 24.25 46.91 13.71
N PRO M 166 23.88 48.18 13.83
CA PRO M 166 24.92 49.19 13.86
C PRO M 166 25.84 49.15 15.10
N LYS M 167 25.64 48.18 15.99
CA LYS M 167 26.49 48.08 17.18
C LYS M 167 27.54 46.95 17.11
N THR M 168 27.44 46.11 16.09
CA THR M 168 28.33 44.97 15.98
C THR M 168 29.53 45.15 15.06
N THR M 169 30.70 44.75 15.51
CA THR M 169 31.86 44.94 14.67
C THR M 169 32.35 43.68 14.00
N VAL M 170 33.10 43.86 12.95
CA VAL M 170 33.67 42.77 12.18
C VAL M 170 34.31 41.72 13.09
N GLN M 171 35.19 42.15 13.99
CA GLN M 171 35.86 41.20 14.87
C GLN M 171 34.84 40.35 15.60
N VAL M 172 33.89 41.01 16.24
CA VAL M 172 32.81 40.35 16.99
C VAL M 172 32.08 39.35 16.10
N ALA M 173 31.59 39.88 14.99
CA ALA M 173 30.86 39.11 14.02
C ALA M 173 31.67 37.92 13.59
N GLU M 174 32.84 38.17 13.01
CA GLU M 174 33.68 37.08 12.57
C GLU M 174 33.91 36.04 13.66
N GLU M 175 34.11 36.46 14.92
CA GLU M 175 34.33 35.49 15.97
C GLU M 175 33.11 34.59 16.03
N ALA M 176 31.95 35.22 16.13
CA ALA M 176 30.68 34.50 16.20
C ALA M 176 30.55 33.46 15.10
N ILE M 177 30.70 33.91 13.87
CA ILE M 177 30.59 32.99 12.75
C ILE M 177 31.50 31.79 12.91
N VAL M 178 32.79 32.07 13.10
CA VAL M 178 33.76 31.01 13.24
C VAL M 178 33.29 30.00 14.28
N ASN M 179 32.81 30.53 15.39
CA ASN M 179 32.35 29.69 16.48
C ASN M 179 31.26 28.77 15.98
N ALA M 180 30.21 29.36 15.43
CA ALA M 180 29.09 28.61 14.92
C ALA M 180 29.66 27.47 14.13
N MET M 181 30.58 27.79 13.24
CA MET M 181 31.18 26.74 12.44
C MET M 181 31.76 25.66 13.32
N ARG M 182 32.48 26.05 14.36
CA ARG M 182 33.08 25.07 15.28
C ARG M 182 32.01 24.18 15.87
N VAL M 183 31.05 24.79 16.51
CA VAL M 183 29.96 24.05 17.11
C VAL M 183 29.38 23.08 16.09
N LEU M 184 29.07 23.58 14.90
CA LEU M 184 28.52 22.72 13.87
C LEU M 184 29.38 21.51 13.60
N TYR M 185 30.70 21.67 13.78
CA TYR M 185 31.60 20.56 13.56
C TYR M 185 31.43 19.55 14.67
N TYR M 186 31.08 20.05 15.85
CA TYR M 186 30.87 19.21 17.00
C TYR M 186 29.62 18.39 16.80
N ARG M 187 28.55 19.01 16.37
CA ARG M 187 27.33 18.25 16.24
C ARG M 187 26.85 17.72 14.89
N ASP M 188 27.06 18.44 13.78
CA ASP M 188 26.59 17.97 12.48
C ASP M 188 27.43 16.82 12.03
N ALA M 189 26.84 15.66 11.90
CA ALA M 189 27.60 14.48 11.46
C ALA M 189 27.95 14.52 10.03
N ARG M 190 27.41 15.49 9.30
CA ARG M 190 27.69 15.62 7.90
C ARG M 190 28.61 16.80 7.59
N SER M 191 29.26 17.39 8.60
CA SER M 191 30.13 18.54 8.37
C SER M 191 31.56 18.15 8.21
N SER M 192 32.42 19.13 8.01
CA SER M 192 33.83 18.85 7.85
C SER M 192 34.55 19.94 8.58
N ARG M 193 35.83 19.76 8.82
CA ARG M 193 36.59 20.74 9.55
C ARG M 193 37.10 21.89 8.72
N ASN M 194 37.36 21.61 7.46
CA ASN M 194 37.90 22.62 6.59
C ASN M 194 36.74 23.41 6.09
N PHE M 195 36.78 24.72 6.24
CA PHE M 195 35.72 25.57 5.72
C PHE M 195 36.16 26.81 4.96
N SER M 196 35.21 27.65 4.61
CA SER M 196 35.44 28.87 3.83
C SER M 196 34.59 29.98 4.41
N LEU M 197 35.03 31.22 4.25
CA LEU M 197 34.31 32.34 4.82
C LEU M 197 34.61 33.57 4.01
N ALA M 198 33.68 34.51 3.98
CA ALA M 198 33.87 35.72 3.22
C ALA M 198 33.05 36.85 3.77
N ILE M 199 33.61 38.03 3.66
CA ILE M 199 32.97 39.23 4.16
C ILE M 199 32.74 40.16 3.00
N ILE M 200 31.79 41.07 3.14
CA ILE M 200 31.44 42.05 2.11
C ILE M 200 31.17 43.35 2.85
N ASP M 201 32.21 44.19 2.87
CA ASP M 201 32.22 45.47 3.57
C ASP M 201 32.12 46.65 2.62
N LYS M 202 31.27 47.60 2.99
CA LYS M 202 31.06 48.76 2.17
C LYS M 202 32.27 49.67 1.96
N ASN M 203 33.43 49.26 2.46
CA ASN M 203 34.65 50.02 2.27
C ASN M 203 35.69 49.11 1.66
N THR M 204 36.26 48.21 2.46
CA THR M 204 37.28 47.29 1.96
C THR M 204 36.86 46.41 0.78
N GLY M 205 35.57 46.41 0.48
CA GLY M 205 35.08 45.62 -0.63
C GLY M 205 34.92 44.16 -0.27
N LEU M 206 35.34 43.25 -1.15
CA LEU M 206 35.21 41.83 -0.89
C LEU M 206 36.51 41.15 -0.51
N THR M 207 36.46 40.44 0.61
CA THR M 207 37.59 39.70 1.13
C THR M 207 37.09 38.25 1.20
N PHE M 208 37.85 37.35 0.61
CA PHE M 208 37.45 35.97 0.59
C PHE M 208 38.57 35.13 1.18
N LYS M 209 38.26 34.36 2.23
CA LYS M 209 39.22 33.52 2.90
C LYS M 209 38.99 32.04 2.59
N LYS M 210 40.01 31.38 2.05
CA LYS M 210 39.94 29.97 1.71
C LYS M 210 40.82 29.10 2.63
N ASN M 211 40.50 27.82 2.71
CA ASN M 211 41.23 26.87 3.52
C ASN M 211 41.22 27.19 5.00
N LEU M 212 40.06 27.52 5.53
CA LEU M 212 39.97 27.80 6.95
C LEU M 212 39.78 26.47 7.66
N GLN M 213 40.22 26.41 8.91
CA GLN M 213 40.09 25.21 9.74
C GLN M 213 39.61 25.65 11.09
N VAL M 214 39.00 24.73 11.80
CA VAL M 214 38.49 25.01 13.13
C VAL M 214 39.61 24.80 14.12
N GLU M 215 39.73 25.71 15.08
CA GLU M 215 40.79 25.62 16.07
C GLU M 215 40.19 25.97 17.43
N ASN M 216 41.00 25.78 18.48
CA ASN M 216 40.59 26.05 19.85
C ASN M 216 39.46 25.14 20.24
N MET M 217 39.62 23.86 19.91
CA MET M 217 38.63 22.85 20.24
C MET M 217 38.87 22.26 21.61
N LYS M 218 37.79 22.05 22.35
CA LYS M 218 37.88 21.45 23.67
C LYS M 218 37.47 19.99 23.58
N TRP M 219 38.45 19.10 23.73
CA TRP M 219 38.21 17.67 23.67
C TRP M 219 38.86 16.92 24.85
N ASP M 220 39.69 17.62 25.62
CA ASP M 220 40.38 16.99 26.73
C ASP M 220 39.49 16.22 27.73
N PHE M 221 38.34 16.78 28.06
CA PHE M 221 37.43 16.14 29.02
C PHE M 221 37.07 14.69 28.74
N ALA M 222 37.07 14.29 27.48
CA ALA M 222 36.72 12.93 27.12
C ALA M 222 37.50 11.82 27.82
N LYS M 223 38.51 12.16 28.60
CA LYS M 223 39.29 11.16 29.31
C LYS M 223 38.68 10.72 30.63
N ASP M 224 37.84 11.57 31.23
CA ASP M 224 37.19 11.29 32.53
C ASP M 224 35.89 10.57 32.34
N ILE M 225 35.62 10.13 31.13
CA ILE M 225 34.37 9.46 30.88
C ILE M 225 34.58 8.05 30.50
N LYS M 226 33.93 7.14 31.20
CA LYS M 226 34.11 5.74 30.91
C LYS M 226 32.79 5.04 31.13
N GLY M 227 32.56 3.96 30.37
CA GLY M 227 31.33 3.17 30.46
C GLY M 227 30.08 4.01 30.31
N TYR M 228 28.90 3.41 30.35
CA TYR M 228 27.68 4.24 30.22
C TYR M 228 26.83 4.39 31.48
N GLY M 229 27.48 4.43 32.66
CA GLY M 229 26.74 4.58 33.90
C GLY M 229 27.37 4.03 35.16
N THR M 230 27.45 2.72 35.24
CA THR M 230 27.99 2.02 36.40
C THR M 230 29.45 1.63 36.33
N GLN M 231 30.04 1.77 35.16
CA GLN M 231 31.42 1.39 35.00
C GLN M 231 32.31 2.34 35.76
N LYS M 232 33.35 1.80 36.38
CA LYS M 232 34.25 2.62 37.17
C LYS M 232 35.63 2.78 36.54
N ILE M 233 36.01 1.83 35.70
CA ILE M 233 37.32 1.88 35.07
C ILE M 233 37.24 1.95 33.55
N THR N 1 31.34 -3.75 -9.46
CA THR N 1 32.29 -3.05 -10.38
C THR N 1 33.27 -2.26 -9.55
N SER N 2 34.52 -2.24 -9.90
CA SER N 2 35.53 -1.53 -9.15
C SER N 2 36.39 -0.82 -10.21
N ILE N 3 36.44 0.53 -10.10
CA ILE N 3 37.19 1.29 -11.10
C ILE N 3 37.84 2.48 -10.44
N MET N 4 38.93 2.93 -11.04
CA MET N 4 39.61 4.07 -10.52
C MET N 4 40.51 4.60 -11.62
N ALA N 5 40.87 5.87 -11.51
CA ALA N 5 41.73 6.51 -12.47
C ALA N 5 42.76 7.26 -11.65
N VAL N 6 44.00 7.19 -12.08
CA VAL N 6 45.04 7.86 -11.35
C VAL N 6 45.95 8.64 -12.27
N THR N 7 46.23 9.87 -11.85
CA THR N 7 47.09 10.77 -12.60
C THR N 7 48.51 10.66 -12.08
N PHE N 8 49.49 10.62 -12.98
CA PHE N 8 50.90 10.55 -12.60
C PHE N 8 51.80 11.38 -13.50
N LYS N 9 53.09 11.36 -13.20
CA LYS N 9 54.07 12.14 -13.94
C LYS N 9 53.93 12.08 -15.46
N ASP N 10 54.04 10.87 -16.01
CA ASP N 10 53.95 10.67 -17.44
C ASP N 10 52.57 10.91 -18.02
N GLY N 11 51.54 10.80 -17.20
CA GLY N 11 50.20 10.99 -17.73
C GLY N 11 49.07 10.49 -16.86
N VAL N 12 48.44 9.38 -17.22
CA VAL N 12 47.34 8.84 -16.43
C VAL N 12 47.05 7.37 -16.68
N ILE N 13 46.47 6.71 -15.67
CA ILE N 13 46.11 5.31 -15.81
C ILE N 13 44.74 4.98 -15.25
N LEU N 14 43.98 4.28 -16.07
CA LEU N 14 42.64 3.88 -15.72
C LEU N 14 42.70 2.39 -15.53
N GLY N 15 41.94 1.88 -14.57
CA GLY N 15 41.93 0.46 -14.35
C GLY N 15 40.56 0.09 -13.91
N ALA N 16 40.17 -1.15 -14.08
CA ALA N 16 38.85 -1.60 -13.69
C ALA N 16 38.85 -3.10 -13.65
N ASP N 17 37.79 -3.69 -13.13
CA ASP N 17 37.73 -5.14 -13.11
C ASP N 17 37.01 -5.60 -14.37
N SER N 18 36.38 -6.76 -14.33
CA SER N 18 35.72 -7.21 -15.53
C SER N 18 34.52 -8.05 -15.23
N ARG N 19 33.67 -7.57 -14.31
CA ARG N 19 32.51 -8.32 -13.91
C ARG N 19 31.22 -7.55 -14.06
N THR N 20 30.24 -8.16 -14.73
CA THR N 20 28.95 -7.52 -14.83
C THR N 20 28.03 -8.58 -14.35
N THR N 21 27.18 -8.18 -13.43
CA THR N 21 26.27 -9.08 -12.84
C THR N 21 24.89 -8.61 -13.04
N THR N 22 24.00 -9.56 -12.92
CA THR N 22 22.59 -9.30 -12.97
C THR N 22 22.19 -10.02 -11.70
N GLY N 23 22.27 -9.30 -10.59
CA GLY N 23 21.94 -9.88 -9.33
C GLY N 23 23.20 -10.50 -8.81
N ALA N 24 23.17 -11.78 -8.52
CA ALA N 24 24.37 -12.40 -8.02
C ALA N 24 24.96 -13.35 -9.03
N TYR N 25 24.45 -13.31 -10.26
CA TYR N 25 24.97 -14.18 -11.31
C TYR N 25 25.95 -13.38 -12.12
N ILE N 26 27.01 -14.02 -12.59
CA ILE N 26 27.99 -13.33 -13.39
C ILE N 26 27.68 -13.49 -14.87
N ALA N 27 27.20 -12.39 -15.46
CA ALA N 27 26.83 -12.37 -16.85
C ALA N 27 28.03 -12.39 -17.72
N ASN N 28 28.95 -11.52 -17.41
CA ASN N 28 30.16 -11.44 -18.18
C ASN N 28 31.31 -11.26 -17.24
N ARG N 29 32.26 -12.20 -17.30
CA ARG N 29 33.44 -12.12 -16.47
C ARG N 29 34.63 -11.43 -17.14
N VAL N 30 34.52 -11.14 -18.43
CA VAL N 30 35.61 -10.50 -19.15
C VAL N 30 35.33 -9.09 -19.67
N THR N 31 34.26 -8.49 -19.15
CA THR N 31 33.85 -7.15 -19.56
C THR N 31 35.00 -6.13 -19.61
N ASP N 32 34.93 -5.20 -20.56
CA ASP N 32 35.92 -4.15 -20.70
C ASP N 32 35.20 -2.90 -20.26
N LYS N 33 35.50 -2.42 -19.08
CA LYS N 33 34.80 -1.26 -18.60
C LYS N 33 35.56 0.02 -18.86
N LEU N 34 36.59 -0.09 -19.67
CA LEU N 34 37.42 1.05 -20.04
C LEU N 34 37.11 1.31 -21.51
N THR N 35 36.32 2.36 -21.74
CA THR N 35 35.87 2.74 -23.08
C THR N 35 36.49 4.02 -23.64
N ARG N 36 36.78 3.97 -24.93
CA ARG N 36 37.39 5.08 -25.62
C ARG N 36 36.38 6.02 -26.16
N VAL N 37 36.60 7.30 -25.94
CA VAL N 37 35.71 8.28 -26.49
C VAL N 37 36.53 9.14 -27.43
N HIS N 38 37.84 8.90 -27.46
CA HIS N 38 38.74 9.66 -28.32
C HIS N 38 40.13 9.05 -28.28
N ASP N 39 40.98 9.42 -29.23
CA ASP N 39 42.33 8.86 -29.26
C ASP N 39 42.98 8.89 -27.89
N LYS N 40 42.85 10.01 -27.18
CA LYS N 40 43.47 10.12 -25.86
C LYS N 40 42.58 10.62 -24.74
N ILE N 41 41.36 10.11 -24.70
CA ILE N 41 40.40 10.42 -23.65
C ILE N 41 39.56 9.20 -23.51
N TRP N 42 39.62 8.57 -22.35
CA TRP N 42 38.85 7.38 -22.11
C TRP N 42 37.99 7.55 -20.85
N CYS N 43 37.19 6.55 -20.55
CA CYS N 43 36.33 6.62 -19.38
C CYS N 43 36.15 5.23 -18.79
N CYS N 44 35.82 5.19 -17.50
CA CYS N 44 35.58 3.94 -16.80
C CYS N 44 34.09 3.93 -16.54
N ARG N 45 33.44 2.80 -16.79
CA ARG N 45 32.01 2.69 -16.61
C ARG N 45 31.49 1.93 -15.38
N SER N 46 30.64 2.55 -14.57
CA SER N 46 30.07 1.91 -13.39
C SER N 46 28.61 2.24 -13.27
N GLY N 47 27.80 1.21 -13.06
CA GLY N 47 26.39 1.43 -12.93
C GLY N 47 25.72 0.50 -13.89
N SER N 48 24.58 0.92 -14.41
CA SER N 48 23.85 0.09 -15.34
C SER N 48 24.68 -0.03 -16.58
N ALA N 49 24.79 -1.23 -17.12
CA ALA N 49 25.58 -1.40 -18.33
C ALA N 49 24.96 -0.54 -19.41
N ALA N 50 23.73 -0.85 -19.75
CA ALA N 50 23.05 -0.11 -20.79
C ALA N 50 23.20 1.38 -20.66
N ASP N 51 22.87 1.93 -19.50
CA ASP N 51 22.95 3.36 -19.32
C ASP N 51 24.32 3.86 -19.66
N THR N 52 25.33 3.13 -19.23
CA THR N 52 26.67 3.57 -19.50
C THR N 52 27.03 3.46 -20.98
N GLN N 53 26.91 2.29 -21.57
CA GLN N 53 27.25 2.14 -22.96
C GLN N 53 26.62 3.27 -23.78
N ALA N 54 25.32 3.42 -23.64
CA ALA N 54 24.60 4.44 -24.35
C ALA N 54 25.21 5.81 -24.12
N ILE N 55 25.46 6.16 -22.89
CA ILE N 55 26.01 7.47 -22.67
C ILE N 55 27.32 7.60 -23.36
N ALA N 56 28.14 6.58 -23.30
CA ALA N 56 29.42 6.65 -23.93
C ALA N 56 29.30 6.84 -25.42
N ASP N 57 28.56 5.97 -26.10
CA ASP N 57 28.40 6.09 -27.54
C ASP N 57 28.02 7.51 -27.90
N ILE N 58 27.05 8.07 -27.21
CA ILE N 58 26.67 9.43 -27.52
C ILE N 58 27.80 10.44 -27.31
N VAL N 59 28.79 10.12 -26.48
CA VAL N 59 29.87 11.08 -26.33
C VAL N 59 30.92 10.91 -27.38
N GLN N 60 31.12 9.69 -27.84
CA GLN N 60 32.08 9.46 -28.88
C GLN N 60 31.63 10.26 -30.08
N TYR N 61 30.33 10.22 -30.39
CA TYR N 61 29.77 11.00 -31.50
C TYR N 61 30.09 12.47 -31.24
N HIS N 62 29.51 13.04 -30.19
CA HIS N 62 29.71 14.45 -29.90
C HIS N 62 31.15 14.92 -29.96
N LEU N 63 32.09 14.03 -29.69
CA LEU N 63 33.50 14.40 -29.75
C LEU N 63 34.04 14.25 -31.16
N GLU N 64 33.68 13.17 -31.84
CA GLU N 64 34.12 12.94 -33.20
C GLU N 64 33.72 14.13 -34.04
N LEU N 65 32.53 14.64 -33.81
CA LEU N 65 32.03 15.78 -34.55
C LEU N 65 32.75 17.03 -34.08
N TYR N 66 33.08 17.10 -32.80
CA TYR N 66 33.78 18.25 -32.29
C TYR N 66 35.07 18.33 -33.06
N THR N 67 35.82 17.24 -33.03
CA THR N 67 37.09 17.12 -33.72
C THR N 67 37.03 17.70 -35.12
N SER N 68 36.37 17.01 -36.04
CA SER N 68 36.22 17.44 -37.42
C SER N 68 36.12 18.95 -37.51
N GLN N 69 35.26 19.54 -36.71
CA GLN N 69 35.07 20.97 -36.76
C GLN N 69 36.09 21.81 -36.03
N TYR N 70 36.63 21.34 -34.92
CA TYR N 70 37.55 22.21 -34.21
C TYR N 70 38.85 21.63 -33.68
N GLY N 71 39.22 20.48 -34.22
CA GLY N 71 40.45 19.85 -33.82
C GLY N 71 40.29 18.99 -32.61
N THR N 72 41.41 18.62 -32.05
CA THR N 72 41.49 17.80 -30.87
C THR N 72 40.85 18.49 -29.66
N PRO N 73 39.90 17.81 -28.96
CA PRO N 73 39.16 18.26 -27.79
C PRO N 73 39.90 18.10 -26.47
N SER N 74 39.67 19.05 -25.56
CA SER N 74 40.29 19.02 -24.25
C SER N 74 39.53 18.02 -23.43
N THR N 75 40.10 17.60 -22.31
CA THR N 75 39.41 16.68 -21.43
C THR N 75 38.26 17.39 -20.70
N GLU N 76 38.52 18.59 -20.19
CA GLU N 76 37.50 19.36 -19.49
C GLU N 76 36.23 19.28 -20.31
N THR N 77 36.38 19.29 -21.62
CA THR N 77 35.25 19.20 -22.51
C THR N 77 34.65 17.79 -22.50
N ALA N 78 35.47 16.76 -22.70
CA ALA N 78 34.97 15.39 -22.70
C ALA N 78 34.11 15.22 -21.48
N ALA N 79 34.53 15.82 -20.38
CA ALA N 79 33.77 15.75 -19.16
C ALA N 79 32.48 16.49 -19.31
N SER N 80 32.56 17.74 -19.76
CA SER N 80 31.37 18.53 -19.91
C SER N 80 30.29 17.78 -20.66
N VAL N 81 30.64 17.09 -21.72
CA VAL N 81 29.63 16.35 -22.44
C VAL N 81 28.98 15.37 -21.52
N PHE N 82 29.78 14.54 -20.86
CA PHE N 82 29.24 13.56 -19.94
C PHE N 82 28.37 14.20 -18.92
N LYS N 83 28.88 15.22 -18.25
CA LYS N 83 28.11 15.87 -17.23
C LYS N 83 26.75 16.21 -17.78
N GLU N 84 26.75 16.90 -18.91
CA GLU N 84 25.53 17.33 -19.59
C GLU N 84 24.53 16.19 -19.75
N LEU N 85 24.97 15.09 -20.31
CA LEU N 85 24.09 13.95 -20.48
C LEU N 85 23.57 13.42 -19.17
N CYS N 86 24.47 13.19 -18.21
CA CYS N 86 24.10 12.65 -16.90
C CYS N 86 23.26 13.57 -16.06
N TYR N 87 23.63 14.83 -16.02
CA TYR N 87 22.91 15.80 -15.23
C TYR N 87 21.56 16.07 -15.82
N GLU N 88 21.52 16.28 -17.13
CA GLU N 88 20.26 16.59 -17.80
C GLU N 88 19.25 15.44 -17.79
N ASN N 89 19.71 14.21 -17.82
CA ASN N 89 18.79 13.07 -17.80
C ASN N 89 18.87 12.27 -16.50
N LYS N 90 19.02 12.95 -15.37
CA LYS N 90 19.16 12.25 -14.09
C LYS N 90 18.12 11.25 -13.67
N ASP N 91 16.86 11.58 -13.92
CA ASP N 91 15.78 10.70 -13.52
C ASP N 91 15.77 9.36 -14.20
N ASN N 92 16.43 9.24 -15.33
CA ASN N 92 16.40 7.98 -16.04
C ASN N 92 17.73 7.28 -16.13
N LEU N 93 18.74 7.77 -15.40
CA LEU N 93 20.08 7.17 -15.46
C LEU N 93 20.72 6.77 -14.13
N THR N 94 21.47 5.69 -14.18
CA THR N 94 22.20 5.20 -13.02
C THR N 94 23.52 4.79 -13.60
N ALA N 95 24.40 5.75 -13.68
CA ALA N 95 25.73 5.54 -14.19
C ALA N 95 26.65 6.51 -13.50
N GLY N 96 27.78 6.05 -13.01
CA GLY N 96 28.73 6.93 -12.36
C GLY N 96 29.91 6.76 -13.26
N ILE N 97 30.44 7.85 -13.77
CA ILE N 97 31.54 7.75 -14.70
C ILE N 97 32.78 8.55 -14.35
N ILE N 98 33.92 7.97 -14.69
CA ILE N 98 35.21 8.60 -14.44
C ILE N 98 35.87 8.79 -15.78
N VAL N 99 36.27 10.03 -16.05
CA VAL N 99 36.88 10.38 -17.31
C VAL N 99 38.32 10.66 -17.07
N ALA N 100 39.15 10.14 -17.95
CA ALA N 100 40.57 10.35 -17.83
C ALA N 100 41.10 10.60 -19.23
N GLY N 101 42.08 11.48 -19.36
CA GLY N 101 42.65 11.75 -20.68
C GLY N 101 44.06 12.31 -20.61
N TYR N 102 44.66 12.58 -21.78
CA TYR N 102 46.03 13.16 -21.83
C TYR N 102 46.22 14.26 -22.88
N ASP N 103 46.64 15.42 -22.40
CA ASP N 103 46.85 16.57 -23.26
C ASP N 103 48.30 16.92 -23.19
N ASP N 104 48.79 17.64 -24.21
CA ASP N 104 50.19 18.03 -24.27
C ASP N 104 50.45 19.23 -23.39
N LYS N 105 49.42 20.05 -23.21
CA LYS N 105 49.56 21.23 -22.40
C LYS N 105 49.22 20.94 -20.93
N ASN N 106 48.21 20.10 -20.71
CA ASN N 106 47.75 19.79 -19.34
C ASN N 106 48.21 18.48 -18.70
N LYS N 107 49.02 17.71 -19.40
CA LYS N 107 49.53 16.43 -18.91
C LYS N 107 48.33 15.55 -18.68
N GLY N 108 48.16 15.00 -17.47
CA GLY N 108 47.03 14.14 -17.15
C GLY N 108 45.97 14.80 -16.26
N GLU N 109 44.70 14.48 -16.50
CA GLU N 109 43.60 15.04 -15.70
C GLU N 109 42.48 14.03 -15.50
N VAL N 110 41.92 14.01 -14.29
CA VAL N 110 40.83 13.13 -13.98
C VAL N 110 39.62 13.85 -13.43
N TYR N 111 38.49 13.53 -14.02
CA TYR N 111 37.20 14.08 -13.66
C TYR N 111 36.31 12.91 -13.39
N THR N 112 35.46 13.06 -12.38
CA THR N 112 34.54 12.03 -11.97
C THR N 112 33.16 12.62 -11.86
N ILE N 113 32.20 11.92 -12.47
CA ILE N 113 30.81 12.33 -12.46
C ILE N 113 30.03 11.23 -11.78
N PRO N 114 29.63 11.48 -10.55
CA PRO N 114 28.86 10.59 -9.69
C PRO N 114 27.38 10.71 -9.98
N LEU N 115 26.62 9.68 -9.62
CA LEU N 115 25.18 9.62 -9.84
C LEU N 115 24.44 10.93 -9.94
N GLY N 116 24.79 11.89 -9.12
CA GLY N 116 24.05 13.14 -9.21
C GLY N 116 24.16 13.90 -10.53
N GLY N 117 25.33 13.84 -11.16
CA GLY N 117 25.54 14.58 -12.38
C GLY N 117 26.50 15.73 -12.11
N SER N 118 27.24 15.64 -11.03
CA SER N 118 28.22 16.64 -10.68
C SER N 118 29.53 16.23 -11.31
N VAL N 119 30.41 17.18 -11.54
CA VAL N 119 31.68 16.84 -12.11
C VAL N 119 32.72 17.29 -11.16
N HIS N 120 33.68 16.41 -10.93
CA HIS N 120 34.74 16.71 -10.00
C HIS N 120 36.09 16.37 -10.60
N LYS N 121 37.04 17.29 -10.49
CA LYS N 121 38.36 17.05 -11.01
C LYS N 121 39.18 16.78 -9.78
N LEU N 122 40.08 15.81 -9.88
CA LEU N 122 40.88 15.42 -8.73
C LEU N 122 42.08 14.60 -9.14
N PRO N 123 43.08 14.49 -8.26
CA PRO N 123 44.27 13.72 -8.51
C PRO N 123 43.93 12.31 -8.87
N TYR N 124 42.90 11.75 -8.27
CA TYR N 124 42.49 10.39 -8.61
C TYR N 124 41.06 10.16 -8.20
N ALA N 125 40.48 9.09 -8.69
CA ALA N 125 39.12 8.83 -8.34
C ALA N 125 38.85 7.38 -8.47
N ILE N 126 37.88 6.92 -7.68
CA ILE N 126 37.48 5.53 -7.66
C ILE N 126 35.98 5.52 -7.62
N ALA N 127 35.39 4.43 -8.05
CA ALA N 127 33.96 4.33 -8.04
C ALA N 127 33.60 2.90 -8.28
N GLY N 128 32.31 2.61 -8.21
CA GLY N 128 31.89 1.24 -8.39
C GLY N 128 31.64 0.73 -7.01
N SER N 129 30.72 -0.21 -6.88
CA SER N 129 30.38 -0.74 -5.59
C SER N 129 31.62 -1.14 -4.82
N GLY N 130 32.57 -1.79 -5.48
CA GLY N 130 33.77 -2.22 -4.82
C GLY N 130 34.62 -1.11 -4.24
N SER N 131 34.33 0.14 -4.56
CA SER N 131 35.17 1.21 -4.03
C SER N 131 34.96 1.56 -2.58
N THR N 132 33.84 1.15 -2.01
CA THR N 132 33.60 1.47 -0.60
C THR N 132 34.77 0.95 0.20
N PHE N 133 35.25 -0.23 -0.16
CA PHE N 133 36.34 -0.85 0.58
C PHE N 133 37.74 -0.33 0.46
N ILE N 134 37.99 0.70 -0.33
CA ILE N 134 39.36 1.13 -0.43
C ILE N 134 39.59 2.60 -0.22
N TYR N 135 38.60 3.34 0.28
CA TYR N 135 38.83 4.76 0.51
C TYR N 135 39.98 4.89 1.49
N GLY N 136 40.15 3.86 2.30
CA GLY N 136 41.22 3.85 3.26
C GLY N 136 42.56 3.70 2.60
N TYR N 137 42.83 2.50 2.09
CA TYR N 137 44.09 2.21 1.45
C TYR N 137 44.46 3.36 0.57
N CYS N 138 43.67 3.62 -0.45
CA CYS N 138 43.97 4.70 -1.39
C CYS N 138 44.37 6.04 -0.75
N ASP N 139 43.55 6.62 0.11
CA ASP N 139 43.96 7.89 0.69
C ASP N 139 45.28 7.78 1.40
N LYS N 140 45.61 6.57 1.83
CA LYS N 140 46.84 6.29 2.55
C LYS N 140 48.09 6.04 1.72
N ASN N 141 47.96 5.32 0.62
CA ASN N 141 49.10 5.02 -0.24
C ASN N 141 49.34 5.99 -1.38
N PHE N 142 48.34 6.78 -1.75
CA PHE N 142 48.51 7.70 -2.87
C PHE N 142 49.39 8.93 -2.63
N ARG N 143 50.43 9.05 -3.47
CA ARG N 143 51.41 10.16 -3.47
C ARG N 143 51.33 10.82 -4.84
N GLU N 144 51.45 12.14 -4.90
CA GLU N 144 51.41 12.81 -6.20
C GLU N 144 52.72 12.60 -6.96
N ASN N 145 52.64 12.59 -8.29
CA ASN N 145 53.80 12.43 -9.18
C ASN N 145 54.58 11.12 -9.13
N MET N 146 53.87 10.02 -9.13
CA MET N 146 54.49 8.70 -9.09
C MET N 146 54.93 8.28 -10.48
N SER N 147 55.65 7.17 -10.55
CA SER N 147 56.15 6.65 -11.82
C SER N 147 55.16 5.64 -12.37
N LYS N 148 55.23 5.37 -13.66
CA LYS N 148 54.34 4.38 -14.27
C LYS N 148 54.38 3.10 -13.45
N GLU N 149 55.54 2.51 -13.33
CA GLU N 149 55.69 1.28 -12.55
C GLU N 149 55.03 1.40 -11.17
N GLU N 150 55.24 2.54 -10.50
CA GLU N 150 54.68 2.73 -9.16
C GLU N 150 53.17 2.76 -9.16
N THR N 151 52.62 3.45 -10.15
CA THR N 151 51.19 3.61 -10.29
C THR N 151 50.47 2.32 -10.67
N VAL N 152 51.04 1.58 -11.59
CA VAL N 152 50.42 0.33 -11.95
C VAL N 152 50.31 -0.49 -10.69
N ASP N 153 51.31 -0.41 -9.82
CA ASP N 153 51.25 -1.19 -8.57
C ASP N 153 50.09 -0.74 -7.71
N PHE N 154 50.10 0.53 -7.34
CA PHE N 154 49.08 1.15 -6.53
C PHE N 154 47.70 0.76 -6.98
N ILE N 155 47.50 0.83 -8.28
CA ILE N 155 46.24 0.45 -8.86
C ILE N 155 46.08 -1.04 -8.71
N LYS N 156 47.08 -1.81 -9.09
CA LYS N 156 46.97 -3.25 -9.00
C LYS N 156 46.58 -3.69 -7.61
N HIS N 157 47.13 -3.04 -6.60
CA HIS N 157 46.79 -3.41 -5.23
C HIS N 157 45.40 -2.93 -4.85
N SER N 158 45.18 -1.62 -4.87
CA SER N 158 43.89 -1.10 -4.50
C SER N 158 42.75 -1.95 -5.02
N LEU N 159 42.72 -2.18 -6.30
CA LEU N 159 41.64 -2.96 -6.85
C LEU N 159 41.62 -4.40 -6.41
N SER N 160 42.78 -5.04 -6.28
CA SER N 160 42.79 -6.44 -5.88
C SER N 160 42.06 -6.58 -4.57
N GLN N 161 42.20 -5.59 -3.72
CA GLN N 161 41.50 -5.60 -2.45
C GLN N 161 40.02 -5.51 -2.77
N ALA N 162 39.64 -4.47 -3.50
CA ALA N 162 38.25 -4.26 -3.85
C ALA N 162 37.66 -5.52 -4.39
N ILE N 163 38.39 -6.23 -5.21
CA ILE N 163 37.88 -7.47 -5.76
C ILE N 163 37.72 -8.55 -4.70
N LYS N 164 38.63 -8.52 -3.74
CA LYS N 164 38.66 -9.45 -2.64
C LYS N 164 37.36 -9.40 -1.89
N TRP N 165 36.99 -8.19 -1.51
CA TRP N 165 35.79 -8.00 -0.72
C TRP N 165 34.43 -7.90 -1.39
N ASP N 166 34.33 -7.13 -2.47
CA ASP N 166 33.05 -6.97 -3.16
C ASP N 166 32.79 -8.05 -4.17
N GLY N 167 31.68 -8.72 -4.00
CA GLY N 167 31.31 -9.80 -4.89
C GLY N 167 30.80 -9.30 -6.21
N SER N 168 30.50 -8.02 -6.28
CA SER N 168 30.03 -7.46 -7.53
C SER N 168 31.24 -7.22 -8.42
N SER N 169 32.43 -7.61 -7.97
CA SER N 169 33.65 -7.41 -8.72
C SER N 169 34.51 -8.65 -8.77
N GLY N 170 35.29 -8.74 -9.82
CA GLY N 170 36.17 -9.88 -9.94
C GLY N 170 36.66 -9.92 -11.36
N GLY N 171 37.02 -11.11 -11.81
CA GLY N 171 37.49 -11.33 -13.16
C GLY N 171 38.95 -11.01 -13.21
N VAL N 172 39.32 -10.06 -14.06
CA VAL N 172 40.71 -9.65 -14.23
C VAL N 172 40.83 -8.16 -14.11
N ILE N 173 42.03 -7.66 -13.89
CA ILE N 173 42.20 -6.24 -13.79
C ILE N 173 42.61 -5.77 -15.16
N ARG N 174 42.04 -4.66 -15.60
CA ARG N 174 42.38 -4.07 -16.87
C ARG N 174 42.85 -2.68 -16.57
N MET N 175 43.82 -2.22 -17.33
CA MET N 175 44.36 -0.88 -17.18
C MET N 175 44.62 -0.39 -18.59
N VAL N 176 44.72 0.93 -18.71
CA VAL N 176 44.96 1.55 -19.99
C VAL N 176 45.85 2.71 -19.67
N VAL N 177 46.94 2.88 -20.42
CA VAL N 177 47.88 3.95 -20.12
C VAL N 177 47.87 5.04 -21.13
N LEU N 178 47.72 6.26 -20.67
CA LEU N 178 47.66 7.36 -21.59
C LEU N 178 48.82 8.29 -21.42
N THR N 179 49.71 8.33 -22.42
CA THR N 179 50.89 9.21 -22.41
C THR N 179 51.27 9.73 -23.82
N ALA N 180 52.24 10.63 -23.89
CA ALA N 180 52.68 11.19 -25.14
C ALA N 180 52.99 10.07 -26.08
N ALA N 181 53.86 9.19 -25.64
CA ALA N 181 54.27 8.05 -26.44
C ALA N 181 53.14 7.17 -26.94
N GLY N 182 51.93 7.39 -26.45
CA GLY N 182 50.87 6.55 -26.91
C GLY N 182 49.82 6.04 -25.92
N VAL N 183 49.34 4.84 -26.23
CA VAL N 183 48.28 4.15 -25.51
C VAL N 183 48.65 2.69 -25.28
N GLU N 184 48.61 2.26 -24.03
CA GLU N 184 48.98 0.88 -23.71
C GLU N 184 47.90 0.12 -23.02
N ARG N 185 47.72 -1.13 -23.43
CA ARG N 185 46.74 -2.03 -22.86
C ARG N 185 47.42 -3.01 -21.93
N LEU N 186 47.08 -2.90 -20.64
CA LEU N 186 47.63 -3.76 -19.62
C LEU N 186 46.55 -4.64 -19.04
N ILE N 187 46.89 -5.86 -18.72
CA ILE N 187 45.90 -6.77 -18.16
C ILE N 187 46.58 -7.57 -17.04
N PHE N 188 45.82 -8.01 -16.04
CA PHE N 188 46.37 -8.79 -14.91
C PHE N 188 45.41 -9.86 -14.47
N TYR N 189 45.90 -11.09 -14.45
CA TYR N 189 45.07 -12.20 -14.11
C TYR N 189 44.93 -12.48 -12.62
N PRO N 190 43.95 -13.31 -12.26
CA PRO N 190 43.71 -13.66 -10.86
C PRO N 190 44.97 -14.17 -10.16
N ASP N 191 45.51 -15.27 -10.68
CA ASP N 191 46.69 -15.90 -10.12
C ASP N 191 47.80 -14.96 -9.73
N GLU N 192 47.73 -13.72 -10.19
CA GLU N 192 48.74 -12.79 -9.80
C GLU N 192 48.23 -11.88 -8.72
N TYR N 193 47.16 -11.15 -9.01
CA TYR N 193 46.63 -10.19 -8.06
C TYR N 193 46.10 -10.69 -6.72
N GLU N 194 45.62 -11.92 -6.68
CA GLU N 194 45.07 -12.44 -5.43
C GLU N 194 46.03 -12.52 -4.26
N GLN N 195 47.23 -13.04 -4.48
CA GLN N 195 48.18 -13.14 -3.39
C GLN N 195 49.19 -12.01 -3.41
N LEU N 196 48.83 -10.94 -2.73
CA LEU N 196 49.66 -9.76 -2.63
C LEU N 196 49.58 -9.12 -1.24
N THR O 1 10.21 21.45 24.04
CA THR O 1 10.78 21.27 25.41
C THR O 1 12.27 21.39 25.30
N THR O 2 12.87 22.01 26.30
CA THR O 2 14.30 22.20 26.36
C THR O 2 14.75 21.91 27.78
N ILE O 3 15.55 20.87 27.98
CA ILE O 3 16.05 20.55 29.31
C ILE O 3 17.54 20.36 29.22
N VAL O 4 18.24 20.71 30.28
CA VAL O 4 19.67 20.57 30.31
C VAL O 4 20.16 20.17 31.69
N GLY O 5 21.43 19.83 31.74
CA GLY O 5 22.10 19.44 32.97
C GLY O 5 23.56 19.83 32.89
N VAL O 6 24.12 20.39 33.94
CA VAL O 6 25.52 20.77 33.91
C VAL O 6 26.16 20.41 35.25
N LYS O 7 27.28 19.70 35.18
CA LYS O 7 27.98 19.28 36.38
C LYS O 7 28.94 20.40 36.76
N PHE O 8 29.16 20.60 38.06
CA PHE O 8 30.09 21.62 38.52
C PHE O 8 30.99 21.09 39.62
N ASN O 9 32.08 21.79 39.91
CA ASN O 9 33.07 21.33 40.88
C ASN O 9 32.71 20.47 42.10
N ASN O 10 31.59 20.75 42.76
CA ASN O 10 31.24 19.95 43.94
C ASN O 10 29.73 19.66 43.96
N GLY O 11 29.17 19.42 42.78
CA GLY O 11 27.74 19.13 42.66
C GLY O 11 27.24 19.08 41.23
N VAL O 12 25.92 19.22 41.04
CA VAL O 12 25.31 19.18 39.72
C VAL O 12 24.05 20.01 39.70
N VAL O 13 23.66 20.47 38.51
CA VAL O 13 22.46 21.27 38.36
C VAL O 13 21.71 20.93 37.09
N ILE O 14 20.40 21.08 37.11
CA ILE O 14 19.61 20.79 35.94
C ILE O 14 18.59 21.89 35.76
N ALA O 15 18.06 22.05 34.55
CA ALA O 15 17.08 23.09 34.24
C ALA O 15 16.17 22.76 33.06
N ALA O 16 15.07 23.50 32.92
CA ALA O 16 14.14 23.27 31.83
C ALA O 16 13.14 24.41 31.63
N ASP O 17 12.49 24.47 30.48
CA ASP O 17 11.51 25.51 30.24
C ASP O 17 10.21 25.11 30.93
N THR O 18 9.07 25.65 30.53
CA THR O 18 7.81 25.30 31.17
C THR O 18 6.57 25.22 30.30
N ARG O 19 6.77 25.07 29.00
CA ARG O 19 5.68 25.02 28.05
C ARG O 19 5.31 23.60 27.79
N SER O 20 4.03 23.31 27.88
CA SER O 20 3.51 21.97 27.63
C SER O 20 2.68 22.23 26.38
N THR O 21 2.66 21.33 25.40
CA THR O 21 1.88 21.62 24.20
C THR O 21 1.20 20.47 23.51
N GLN O 22 -0.04 20.66 23.14
CA GLN O 22 -0.75 19.63 22.39
C GLN O 22 -0.62 20.12 20.97
N GLY O 23 0.32 19.57 20.23
CA GLY O 23 0.47 20.01 18.87
C GLY O 23 1.01 21.40 18.92
N PRO O 24 0.38 22.37 18.25
CA PRO O 24 0.84 23.77 18.24
C PRO O 24 0.14 24.69 19.22
N ILE O 25 -0.68 24.13 20.08
CA ILE O 25 -1.39 24.93 21.05
C ILE O 25 -0.87 24.69 22.45
N VAL O 26 -0.42 25.76 23.09
CA VAL O 26 0.12 25.65 24.43
C VAL O 26 -0.96 25.12 25.35
N ALA O 27 -0.68 24.02 26.03
CA ALA O 27 -1.65 23.45 26.95
C ALA O 27 -1.48 23.92 28.39
N ASP O 28 -0.24 24.13 28.84
CA ASP O 28 0.01 24.60 30.20
C ASP O 28 1.12 25.60 30.11
N LYS O 29 0.81 26.84 30.42
CA LYS O 29 1.79 27.88 30.30
C LYS O 29 2.93 27.83 31.30
N ASN O 30 2.88 26.91 32.25
CA ASN O 30 3.93 26.86 33.27
C ASN O 30 3.87 25.52 33.95
N CYS O 31 4.03 24.45 33.17
CA CYS O 31 3.98 23.12 33.74
C CYS O 31 5.38 22.74 34.19
N ALA O 32 5.44 21.89 35.22
CA ALA O 32 6.68 21.43 35.82
C ALA O 32 7.38 20.28 35.14
N LYS O 33 8.62 20.49 34.73
CA LYS O 33 9.38 19.45 34.05
C LYS O 33 10.51 18.85 34.87
N LEU O 34 10.60 19.23 36.13
CA LEU O 34 11.61 18.72 37.04
C LEU O 34 10.93 17.77 37.99
N HIS O 35 11.50 16.61 38.19
CA HIS O 35 10.88 15.64 39.05
C HIS O 35 11.78 15.14 40.13
N ARG O 36 11.22 15.05 41.34
CA ARG O 36 11.94 14.58 42.51
C ARG O 36 11.83 13.09 42.54
N ILE O 37 12.97 12.41 42.51
CA ILE O 37 12.96 10.97 42.59
C ILE O 37 13.15 10.65 44.05
N SER O 38 14.18 11.18 44.65
CA SER O 38 14.44 10.98 46.05
C SER O 38 14.95 12.34 46.42
N PRO O 39 14.92 12.68 47.69
CA PRO O 39 15.37 13.97 48.17
C PRO O 39 16.54 14.61 47.43
N LYS O 40 17.54 13.81 47.05
CA LYS O 40 18.69 14.41 46.39
C LYS O 40 19.00 13.86 45.02
N ILE O 41 17.99 13.26 44.39
CA ILE O 41 18.14 12.72 43.04
C ILE O 41 17.01 13.33 42.26
N TRP O 42 17.30 14.34 41.44
CA TRP O 42 16.26 14.97 40.66
C TRP O 42 16.45 14.64 39.20
N CYS O 43 15.32 14.53 38.52
CA CYS O 43 15.30 14.16 37.13
C CYS O 43 14.46 15.16 36.33
N ALA O 44 14.86 15.44 35.10
CA ALA O 44 14.15 16.36 34.22
C ALA O 44 13.75 15.61 32.95
N GLY O 45 12.56 15.87 32.42
CA GLY O 45 12.15 15.11 31.23
C GLY O 45 11.38 15.77 30.10
N ALA O 46 11.55 15.22 28.90
CA ALA O 46 10.87 15.74 27.74
C ALA O 46 10.23 14.59 27.01
N GLY O 47 9.26 14.87 26.16
CA GLY O 47 8.61 13.81 25.43
C GLY O 47 7.15 13.91 25.80
N THR O 48 6.49 12.78 25.87
CA THR O 48 5.08 12.78 26.21
C THR O 48 5.00 13.23 27.64
N ALA O 49 4.24 14.28 27.92
CA ALA O 49 4.12 14.78 29.29
C ALA O 49 3.81 13.72 30.32
N ALA O 50 2.77 12.93 30.08
CA ALA O 50 2.34 11.85 30.98
C ALA O 50 3.46 10.90 31.39
N ASP O 51 4.18 10.37 30.41
CA ASP O 51 5.26 9.44 30.64
C ASP O 51 6.42 10.02 31.42
N THR O 52 6.80 11.27 31.16
CA THR O 52 7.87 11.81 31.97
C THR O 52 7.48 11.82 33.44
N GLU O 53 6.25 12.16 33.74
CA GLU O 53 5.81 12.19 35.12
C GLU O 53 5.68 10.79 35.68
N ALA O 54 4.96 9.93 34.97
CA ALA O 54 4.74 8.57 35.42
C ALA O 54 5.99 7.79 35.72
N VAL O 55 6.86 7.65 34.74
CA VAL O 55 8.06 6.87 34.94
C VAL O 55 8.88 7.49 36.04
N THR O 56 8.73 8.79 36.26
CA THR O 56 9.47 9.42 37.32
C THR O 56 8.90 9.04 38.68
N GLN O 57 7.59 9.08 38.84
CA GLN O 57 7.01 8.72 40.11
C GLN O 57 7.23 7.24 40.40
N LEU O 58 6.79 6.39 39.50
CA LEU O 58 6.94 4.95 39.67
C LEU O 58 8.31 4.60 40.19
N ILE O 59 9.34 5.20 39.63
CA ILE O 59 10.67 4.90 40.10
C ILE O 59 10.93 5.59 41.43
N GLY O 60 10.53 6.86 41.56
CA GLY O 60 10.75 7.55 42.82
C GLY O 60 10.22 6.70 43.97
N SER O 61 9.12 6.00 43.71
CA SER O 61 8.46 5.11 44.65
C SER O 61 9.34 3.90 44.89
N ASN O 62 9.56 3.11 43.85
CA ASN O 62 10.38 1.94 43.98
C ASN O 62 11.71 2.23 44.63
N ILE O 63 12.19 3.44 44.46
CA ILE O 63 13.44 3.84 45.07
C ILE O 63 13.25 4.11 46.54
N GLU O 64 12.30 4.99 46.87
CA GLU O 64 12.03 5.31 48.26
C GLU O 64 11.99 4.03 49.03
N LEU O 65 11.18 3.07 48.60
CA LEU O 65 11.09 1.80 49.31
C LEU O 65 12.49 1.22 49.49
N HIS O 66 13.15 0.99 48.35
CA HIS O 66 14.48 0.45 48.33
C HIS O 66 15.36 1.06 49.40
N SER O 67 15.35 2.38 49.52
CA SER O 67 16.15 3.02 50.55
C SER O 67 15.77 2.55 51.95
N LEU O 68 14.50 2.66 52.28
CA LEU O 68 14.05 2.25 53.59
C LEU O 68 14.54 0.83 53.90
N TYR O 69 14.42 -0.05 52.94
CA TYR O 69 14.86 -1.43 53.11
C TYR O 69 16.35 -1.55 53.23
N THR O 70 17.09 -0.51 52.93
CA THR O 70 18.54 -0.59 53.05
C THR O 70 19.13 0.44 53.98
N SER O 71 18.28 1.20 54.66
CA SER O 71 18.72 2.21 55.59
C SER O 71 19.86 3.02 55.05
N ARG O 72 19.82 3.30 53.75
CA ARG O 72 20.85 4.07 53.07
C ARG O 72 20.27 5.16 52.20
N GLU O 73 21.06 6.18 51.86
CA GLU O 73 20.59 7.24 50.97
C GLU O 73 20.70 6.57 49.59
N PRO O 74 19.74 6.82 48.69
CA PRO O 74 19.70 6.24 47.34
C PRO O 74 20.87 6.66 46.49
N ARG O 75 21.09 5.92 45.42
CA ARG O 75 22.17 6.19 44.50
C ARG O 75 21.63 6.45 43.12
N VAL O 76 22.25 7.39 42.42
CA VAL O 76 21.83 7.73 41.09
C VAL O 76 21.89 6.56 40.14
N VAL O 77 23.01 5.87 40.12
CA VAL O 77 23.10 4.76 39.22
C VAL O 77 21.93 3.81 39.41
N SER O 78 21.31 3.82 40.58
CA SER O 78 20.17 2.96 40.82
C SER O 78 19.00 3.52 40.07
N ALA O 79 18.66 4.77 40.34
CA ALA O 79 17.55 5.38 39.62
C ALA O 79 17.77 5.14 38.13
N LEU O 80 19.01 5.37 37.70
CA LEU O 80 19.38 5.18 36.31
C LEU O 80 19.02 3.81 35.84
N GLN O 81 19.66 2.78 36.36
CA GLN O 81 19.38 1.44 35.91
C GLN O 81 17.91 1.18 35.98
N MET O 82 17.28 1.69 37.03
CA MET O 82 15.87 1.45 37.22
C MET O 82 15.09 2.03 36.07
N LEU O 83 15.42 3.26 35.73
CA LEU O 83 14.76 3.93 34.62
C LEU O 83 15.03 3.23 33.30
N LYS O 84 16.30 3.04 32.97
CA LYS O 84 16.61 2.42 31.71
C LYS O 84 15.99 1.05 31.45
N GLN O 85 16.11 0.11 32.38
CA GLN O 85 15.55 -1.22 32.17
C GLN O 85 14.04 -1.16 31.94
N HIS O 86 13.40 -0.20 32.58
CA HIS O 86 11.96 -0.05 32.42
C HIS O 86 11.69 0.44 31.00
N LEU O 87 12.35 1.53 30.62
CA LEU O 87 12.15 2.10 29.29
C LEU O 87 12.47 1.07 28.22
N PHE O 88 13.65 0.47 28.31
CA PHE O 88 14.01 -0.52 27.32
C PHE O 88 12.94 -1.61 27.26
N LYS O 89 12.38 -1.98 28.40
CA LYS O 89 11.37 -3.03 28.43
C LYS O 89 10.27 -2.69 27.44
N TYR O 90 9.88 -1.43 27.46
CA TYR O 90 8.81 -0.89 26.62
C TYR O 90 9.15 -0.47 25.19
N GLN O 91 10.13 -1.13 24.59
CA GLN O 91 10.56 -0.86 23.24
C GLN O 91 10.48 0.58 22.72
N GLY O 92 10.50 1.55 23.61
CA GLY O 92 10.46 2.93 23.16
C GLY O 92 9.10 3.60 23.11
N HIS O 93 8.06 2.86 23.43
CA HIS O 93 6.74 3.44 23.41
C HIS O 93 6.50 4.40 24.55
N ILE O 94 7.36 4.40 25.56
CA ILE O 94 7.17 5.34 26.64
C ILE O 94 7.97 6.54 26.26
N GLY O 95 7.32 7.54 25.72
CA GLY O 95 8.07 8.68 25.28
C GLY O 95 8.81 9.48 26.33
N ALA O 96 9.71 8.86 27.07
CA ALA O 96 10.42 9.60 28.08
C ALA O 96 11.86 9.77 27.72
N TYR O 97 12.29 11.02 27.64
CA TYR O 97 13.67 11.35 27.33
C TYR O 97 14.01 12.07 28.61
N LEU O 98 14.90 11.50 29.39
CA LEU O 98 15.21 12.05 30.70
C LEU O 98 16.65 12.41 30.98
N ILE O 99 16.85 13.46 31.77
CA ILE O 99 18.18 13.85 32.19
C ILE O 99 18.11 13.64 33.68
N VAL O 100 18.88 12.70 34.21
CA VAL O 100 18.79 12.39 35.62
C VAL O 100 20.08 12.63 36.33
N ALA O 101 20.01 13.32 37.47
CA ALA O 101 21.21 13.61 38.25
C ALA O 101 20.92 13.62 39.73
N GLY O 102 21.94 13.90 40.52
CA GLY O 102 21.76 13.94 41.96
C GLY O 102 23.02 13.65 42.71
N VAL O 103 22.98 13.72 44.03
CA VAL O 103 24.16 13.44 44.84
C VAL O 103 23.88 12.31 45.80
N ASP O 104 24.88 11.48 46.02
CA ASP O 104 24.69 10.38 46.91
C ASP O 104 26.04 10.05 47.46
N PRO O 105 26.08 9.22 48.48
CA PRO O 105 27.30 8.80 49.12
C PRO O 105 28.53 8.64 48.23
N THR O 106 28.34 8.31 46.96
CA THR O 106 29.50 8.10 46.12
C THR O 106 30.08 9.29 45.40
N GLY O 107 29.36 10.39 45.39
CA GLY O 107 29.84 11.57 44.71
C GLY O 107 28.68 12.20 43.97
N SER O 108 28.97 13.02 42.96
CA SER O 108 27.95 13.68 42.14
C SER O 108 27.76 12.92 40.83
N HIS O 109 26.61 13.08 40.19
CA HIS O 109 26.35 12.35 38.97
C HIS O 109 25.42 13.02 37.99
N LEU O 110 25.63 12.74 36.71
CA LEU O 110 24.84 13.30 35.62
C LEU O 110 24.73 12.28 34.52
N PHE O 111 23.53 12.02 34.05
CA PHE O 111 23.33 11.06 32.96
C PHE O 111 22.16 11.49 32.10
N SER O 112 21.96 10.77 31.01
CA SER O 112 20.82 11.06 30.16
C SER O 112 20.23 9.73 29.78
N ILE O 113 18.94 9.72 29.51
CA ILE O 113 18.27 8.50 29.12
C ILE O 113 17.33 8.74 27.95
N HIS O 114 17.44 7.95 26.90
CA HIS O 114 16.55 8.11 25.77
C HIS O 114 15.47 7.06 25.94
N ALA O 115 14.26 7.37 25.48
CA ALA O 115 13.13 6.47 25.61
C ALA O 115 13.29 5.06 25.10
N HIS O 116 14.37 4.76 24.39
CA HIS O 116 14.55 3.40 23.93
C HIS O 116 15.35 2.65 24.96
N GLY O 117 15.85 3.40 25.93
CA GLY O 117 16.59 2.82 27.01
C GLY O 117 18.08 2.85 26.91
N SER O 118 18.66 3.88 26.31
CA SER O 118 20.10 3.97 26.21
C SER O 118 20.50 5.11 27.11
N THR O 119 21.64 4.99 27.76
CA THR O 119 22.07 6.01 28.69
C THR O 119 23.36 6.63 28.25
N ASP O 120 23.63 7.85 28.71
CA ASP O 120 24.87 8.53 28.36
C ASP O 120 25.25 9.29 29.60
N VAL O 121 26.52 9.65 29.71
CA VAL O 121 27.00 10.41 30.84
C VAL O 121 27.89 11.48 30.29
N GLY O 122 28.02 12.59 30.99
CA GLY O 122 28.87 13.67 30.51
C GLY O 122 28.79 14.81 31.49
N TYR O 123 29.51 15.89 31.26
CA TYR O 123 29.48 17.04 32.17
C TYR O 123 28.38 18.06 31.85
N TYR O 124 27.76 17.91 30.69
CA TYR O 124 26.70 18.80 30.26
C TYR O 124 25.94 18.05 29.22
N LEU O 125 24.62 18.17 29.26
CA LEU O 125 23.73 17.49 28.32
C LEU O 125 22.46 18.30 28.16
N SER O 126 21.71 18.03 27.12
CA SER O 126 20.44 18.71 26.92
C SER O 126 19.61 17.81 26.03
N LEU O 127 18.30 17.95 26.08
CA LEU O 127 17.43 17.13 25.26
C LEU O 127 16.14 17.86 25.03
N GLY O 128 15.45 17.51 23.95
CA GLY O 128 14.18 18.16 23.64
C GLY O 128 14.27 18.88 22.32
N SER O 129 13.14 19.42 21.88
CA SER O 129 13.11 20.14 20.62
C SER O 129 14.01 21.34 20.66
N GLY O 130 14.35 21.78 21.87
CA GLY O 130 15.23 22.93 22.02
C GLY O 130 16.65 22.48 22.23
N SER O 131 16.85 21.18 22.12
CA SER O 131 18.13 20.57 22.32
C SER O 131 19.23 21.31 21.60
N LEU O 132 19.09 21.44 20.30
CA LEU O 132 20.11 22.08 19.50
C LEU O 132 20.47 23.49 19.90
N ALA O 133 19.50 24.30 20.30
CA ALA O 133 19.77 25.66 20.67
C ALA O 133 20.69 25.73 21.86
N ALA O 134 20.24 25.14 22.96
CA ALA O 134 21.03 25.14 24.18
C ALA O 134 22.38 24.56 23.92
N MET O 135 22.39 23.31 23.49
CA MET O 135 23.64 22.62 23.23
C MET O 135 24.63 23.50 22.52
N ALA O 136 24.12 24.41 21.72
CA ALA O 136 24.97 25.34 21.01
C ALA O 136 25.65 26.15 22.06
N VAL O 137 24.83 26.77 22.90
CA VAL O 137 25.34 27.58 23.98
C VAL O 137 26.33 26.82 24.86
N LEU O 138 25.97 25.61 25.25
CA LEU O 138 26.84 24.81 26.07
C LEU O 138 28.18 24.63 25.39
N GLU O 139 28.18 24.14 24.16
CA GLU O 139 29.43 23.96 23.48
C GLU O 139 30.15 25.30 23.33
N SER O 140 29.44 26.41 23.42
CA SER O 140 30.09 27.72 23.26
C SER O 140 30.69 28.34 24.53
N HIS O 141 30.12 28.02 25.69
CA HIS O 141 30.58 28.64 26.92
C HIS O 141 31.04 27.78 28.07
N TRP O 142 31.00 26.47 27.91
CA TRP O 142 31.41 25.57 28.96
C TRP O 142 32.93 25.48 29.07
N LYS O 143 33.38 25.02 30.24
CA LYS O 143 34.79 24.81 30.60
C LYS O 143 34.74 23.96 31.86
N GLN O 144 35.84 23.30 32.20
CA GLN O 144 35.85 22.48 33.40
C GLN O 144 36.03 23.38 34.62
N ASP O 145 35.66 22.89 35.81
CA ASP O 145 35.80 23.65 37.06
C ASP O 145 34.87 24.86 37.20
N LEU O 146 33.60 24.66 36.88
CA LEU O 146 32.61 25.71 36.98
C LEU O 146 32.15 25.78 38.43
N THR O 147 31.90 26.98 38.95
CA THR O 147 31.45 27.11 40.32
C THR O 147 29.97 26.97 40.27
N LYS O 148 29.35 27.06 41.42
CA LYS O 148 27.90 26.97 41.52
C LYS O 148 27.22 28.09 40.78
N GLU O 149 27.75 29.31 40.88
CA GLU O 149 27.12 30.44 40.24
C GLU O 149 27.37 30.56 38.76
N GLU O 150 28.55 30.13 38.31
CA GLU O 150 28.90 30.18 36.88
C GLU O 150 28.06 29.13 36.19
N ALA O 151 27.97 27.96 36.80
CA ALA O 151 27.16 26.89 36.24
C ALA O 151 25.71 27.31 36.14
N ILE O 152 25.11 27.80 37.21
CA ILE O 152 23.73 28.22 37.11
C ILE O 152 23.49 29.16 35.94
N LYS O 153 24.36 30.14 35.74
CA LYS O 153 24.18 31.03 34.60
C LYS O 153 24.20 30.14 33.36
N LEU O 154 25.23 29.31 33.24
CA LEU O 154 25.35 28.45 32.08
C LEU O 154 24.10 27.69 31.77
N ALA O 155 23.60 26.92 32.73
CA ALA O 155 22.39 26.16 32.50
C ALA O 155 21.25 27.08 32.14
N SER O 156 21.16 28.23 32.80
CA SER O 156 20.11 29.19 32.52
C SER O 156 20.19 29.68 31.09
N ASP O 157 21.31 30.30 30.74
CA ASP O 157 21.56 30.79 29.39
C ASP O 157 21.05 29.77 28.38
N ALA O 158 21.46 28.52 28.54
CA ALA O 158 21.07 27.44 27.66
C ALA O 158 19.57 27.25 27.47
N ILE O 159 18.81 27.37 28.55
CA ILE O 159 17.38 27.24 28.40
C ILE O 159 16.89 28.42 27.62
N GLN O 160 17.30 29.62 28.01
CA GLN O 160 16.86 30.79 27.29
C GLN O 160 17.04 30.56 25.81
N ALA O 161 18.16 29.94 25.43
CA ALA O 161 18.43 29.66 24.03
C ALA O 161 17.23 28.92 23.46
N GLY O 162 16.81 27.86 24.14
CA GLY O 162 15.68 27.08 23.66
C GLY O 162 14.41 27.88 23.51
N ILE O 163 14.05 28.61 24.55
CA ILE O 163 12.84 29.42 24.56
C ILE O 163 12.72 30.31 23.36
N TRP O 164 13.71 31.17 23.22
CA TRP O 164 13.75 32.14 22.18
C TRP O 164 13.77 31.61 20.77
N ASN O 165 14.56 30.57 20.56
CA ASN O 165 14.72 30.01 19.23
C ASN O 165 14.00 28.71 18.92
N ASP O 166 13.11 28.29 19.80
CA ASP O 166 12.36 27.06 19.58
C ASP O 166 10.93 27.18 20.02
N LEU O 167 10.05 27.10 19.04
CA LEU O 167 8.63 27.19 19.25
C LEU O 167 8.10 26.21 20.25
N GLY O 168 8.72 25.05 20.35
CA GLY O 168 8.24 24.05 21.26
C GLY O 168 8.59 24.31 22.71
N SER O 169 9.27 25.39 22.98
CA SER O 169 9.70 25.67 24.31
C SER O 169 9.35 27.09 24.61
N GLY O 170 9.18 27.41 25.89
CA GLY O 170 8.84 28.77 26.21
C GLY O 170 8.51 29.03 27.67
N SER O 171 8.13 30.28 27.94
CA SER O 171 7.76 30.74 29.26
C SER O 171 8.88 30.87 30.30
N ASN O 172 8.80 30.11 31.38
CA ASN O 172 9.75 30.22 32.47
C ASN O 172 10.87 29.21 32.52
N VAL O 173 11.81 29.48 33.41
CA VAL O 173 12.97 28.61 33.59
C VAL O 173 13.03 27.99 34.99
N ASP O 174 13.04 26.66 35.06
CA ASP O 174 13.14 25.94 36.33
C ASP O 174 14.54 25.45 36.52
N VAL O 175 15.03 25.51 37.75
CA VAL O 175 16.38 25.10 38.05
C VAL O 175 16.42 24.35 39.35
N CYS O 176 17.31 23.38 39.44
CA CYS O 176 17.46 22.62 40.65
C CYS O 176 18.92 22.44 40.87
N VAL O 177 19.34 22.62 42.11
CA VAL O 177 20.74 22.49 42.43
C VAL O 177 21.02 21.42 43.47
N MET O 178 21.95 20.53 43.18
CA MET O 178 22.29 19.46 44.09
C MET O 178 23.78 19.53 44.42
N GLU O 179 24.11 19.89 45.66
CA GLU O 179 25.50 20.01 46.09
C GLU O 179 25.83 18.87 47.05
N ILE O 180 27.09 18.46 47.10
CA ILE O 180 27.49 17.34 47.92
C ILE O 180 27.10 17.28 49.39
N GLY O 181 27.24 18.37 50.11
CA GLY O 181 26.91 18.30 51.51
C GLY O 181 25.69 19.04 51.99
N LYS O 182 25.03 19.77 51.09
CA LYS O 182 23.84 20.52 51.49
C LYS O 182 22.53 19.85 51.03
N ASP O 183 21.39 20.41 51.44
CA ASP O 183 20.07 19.89 51.04
C ASP O 183 19.95 20.37 49.59
N ALA O 184 19.09 19.74 48.80
CA ALA O 184 18.94 20.15 47.40
C ALA O 184 17.96 21.30 47.29
N GLU O 185 18.19 22.28 46.40
CA GLU O 185 17.23 23.38 46.24
C GLU O 185 16.51 23.41 44.92
N TYR O 186 15.19 23.43 45.00
CA TYR O 186 14.30 23.46 43.85
C TYR O 186 13.80 24.86 43.65
N LEU O 187 14.37 25.51 42.65
CA LEU O 187 14.05 26.87 42.31
C LEU O 187 13.08 26.86 41.15
N ARG O 188 11.80 26.92 41.47
CA ARG O 188 10.76 26.93 40.47
C ARG O 188 10.59 28.36 40.04
N ASN O 189 10.64 28.60 38.74
CA ASN O 189 10.50 29.93 38.17
C ASN O 189 11.65 30.83 38.58
N TYR O 190 12.85 30.37 38.29
CA TYR O 190 14.07 31.12 38.59
C TYR O 190 14.00 32.36 37.74
N LEU O 191 13.48 32.19 36.53
CA LEU O 191 13.34 33.28 35.58
C LEU O 191 11.96 33.26 34.98
N THR O 192 11.38 34.44 34.88
CA THR O 192 10.05 34.62 34.31
C THR O 192 10.14 35.77 33.30
N PRO O 193 10.81 35.55 32.17
CA PRO O 193 10.93 36.61 31.20
C PRO O 193 9.84 36.71 30.16
N ASN O 194 8.70 36.04 30.36
CA ASN O 194 7.63 36.12 29.39
C ASN O 194 6.28 36.50 29.96
N VAL O 195 6.24 37.62 30.69
CA VAL O 195 5.01 38.07 31.32
C VAL O 195 4.14 38.80 30.31
N ARG O 196 2.83 38.63 30.43
CA ARG O 196 1.84 39.26 29.55
C ARG O 196 1.69 40.75 29.79
N GLU O 197 1.91 41.58 28.78
CA GLU O 197 1.73 43.02 28.95
C GLU O 197 0.27 43.23 29.28
N GLU O 198 -0.03 44.26 30.07
CA GLU O 198 -1.42 44.47 30.45
C GLU O 198 -2.27 44.58 29.23
N LYS O 199 -3.42 43.91 29.26
CA LYS O 199 -4.31 43.94 28.15
C LYS O 199 -4.79 45.37 27.94
N GLN O 200 -5.16 45.70 26.72
CA GLN O 200 -5.59 47.03 26.30
C GLN O 200 -6.97 47.47 26.75
N LYS O 201 -7.88 46.52 26.93
CA LYS O 201 -9.25 46.83 27.30
C LYS O 201 -9.68 45.79 28.33
N SER O 202 -10.77 46.02 29.04
CA SER O 202 -11.24 45.05 30.01
C SER O 202 -12.56 44.63 29.46
N TYR O 203 -12.83 43.34 29.37
CA TYR O 203 -14.09 42.92 28.79
C TYR O 203 -15.18 42.63 29.78
N LYS O 204 -15.08 43.26 30.94
CA LYS O 204 -16.06 43.09 32.00
C LYS O 204 -17.45 43.39 31.46
N PHE O 205 -18.16 42.33 31.08
CA PHE O 205 -19.48 42.49 30.51
C PHE O 205 -20.50 43.04 31.47
N PRO O 206 -21.30 44.01 31.01
CA PRO O 206 -22.31 44.53 31.92
C PRO O 206 -23.16 43.30 32.24
N ARG O 207 -23.54 43.14 33.50
CA ARG O 207 -24.32 41.99 33.92
C ARG O 207 -25.68 41.98 33.27
N GLY O 208 -26.15 40.80 32.91
CA GLY O 208 -27.45 40.69 32.28
C GLY O 208 -27.31 40.44 30.79
N THR O 209 -26.09 40.64 30.29
CA THR O 209 -25.74 40.43 28.90
C THR O 209 -26.16 39.06 28.38
N THR O 210 -26.05 38.04 29.21
CA THR O 210 -26.40 36.68 28.81
C THR O 210 -27.82 36.23 29.08
N ALA O 211 -28.42 35.57 28.12
CA ALA O 211 -29.78 35.12 28.28
C ALA O 211 -29.85 33.77 28.91
N VAL O 212 -30.60 33.72 30.00
CA VAL O 212 -30.82 32.50 30.78
C VAL O 212 -32.25 31.99 30.59
N LEU O 213 -32.42 30.68 30.67
CA LEU O 213 -33.75 30.10 30.50
C LEU O 213 -34.36 29.50 31.76
N LYS O 214 -33.53 28.80 32.52
CA LYS O 214 -33.93 28.13 33.75
C LYS O 214 -32.79 28.32 34.75
N GLU O 215 -33.10 28.41 36.05
CA GLU O 215 -32.10 28.62 37.09
C GLU O 215 -32.42 27.78 38.31
N SER O 216 -31.43 27.03 38.82
CA SER O 216 -31.64 26.22 40.03
C SER O 216 -30.41 26.08 40.94
N ILE O 217 -30.60 25.52 42.13
CA ILE O 217 -29.49 25.32 43.07
C ILE O 217 -29.21 23.80 43.12
N VAL O 218 -28.02 23.42 43.57
CA VAL O 218 -27.66 22.01 43.63
C VAL O 218 -27.42 21.47 45.05
N ASN O 219 -27.78 20.19 45.28
CA ASN O 219 -27.61 19.55 46.59
C ASN O 219 -26.28 18.75 46.69
N ILE O 220 -25.38 19.18 47.59
CA ILE O 220 -24.06 18.55 47.80
C ILE O 220 -24.03 17.50 48.93
N CYS O 221 -24.08 17.98 50.17
CA CYS O 221 -24.05 17.12 51.34
C CYS O 221 -25.23 16.16 51.39
N ASP O 222 -25.02 15.04 52.08
CA ASP O 222 -26.02 14.00 52.21
C ASP O 222 -26.89 14.20 53.47
N SER P 1 -13.97 8.84 12.48
CA SER P 1 -12.65 8.18 12.68
C SER P 1 -11.74 8.78 13.75
N ASP P 2 -11.99 10.03 14.13
CA ASP P 2 -11.20 10.63 15.20
C ASP P 2 -12.22 10.47 16.29
N PRO P 3 -12.07 9.46 17.16
CA PRO P 3 -13.00 9.21 18.25
C PRO P 3 -13.32 10.46 19.02
N SER P 4 -12.30 11.24 19.28
CA SER P 4 -12.49 12.47 20.01
C SER P 4 -13.45 13.44 19.31
N SER P 5 -13.83 13.14 18.07
CA SER P 5 -14.71 14.02 17.31
C SER P 5 -16.00 13.46 16.76
N ILE P 6 -16.35 12.21 17.05
CA ILE P 6 -17.59 11.71 16.50
C ILE P 6 -18.79 12.39 17.12
N ASN P 7 -18.79 12.45 18.45
CA ASN P 7 -19.91 13.00 19.19
C ASN P 7 -19.98 14.48 19.35
N GLY P 8 -18.82 15.09 19.49
CA GLY P 8 -18.76 16.53 19.63
C GLY P 8 -18.96 16.94 21.05
N GLY P 9 -18.62 18.18 21.37
CA GLY P 9 -18.79 18.65 22.73
C GLY P 9 -17.70 19.58 23.20
N ILE P 10 -18.03 20.44 24.15
CA ILE P 10 -17.07 21.37 24.72
C ILE P 10 -17.36 21.57 26.16
N VAL P 11 -16.32 21.88 26.91
CA VAL P 11 -16.41 22.13 28.33
C VAL P 11 -15.32 23.15 28.66
N VAL P 12 -15.59 24.00 29.64
CA VAL P 12 -14.63 25.01 30.03
C VAL P 12 -14.92 25.31 31.48
N ALA P 13 -13.90 25.76 32.19
CA ALA P 13 -14.03 26.09 33.59
C ALA P 13 -13.08 27.24 33.87
N MET P 14 -13.46 28.12 34.78
CA MET P 14 -12.66 29.30 35.11
C MET P 14 -12.68 29.60 36.59
N THR P 15 -11.60 30.21 37.08
CA THR P 15 -11.48 30.57 38.49
C THR P 15 -11.84 32.01 38.72
N GLY P 16 -12.42 32.27 39.88
CA GLY P 16 -12.85 33.62 40.25
C GLY P 16 -12.35 33.98 41.64
N LYS P 17 -12.97 34.98 42.26
CA LYS P 17 -12.58 35.39 43.60
C LYS P 17 -13.40 34.55 44.58
N ASP P 18 -12.77 33.59 45.22
CA ASP P 18 -13.45 32.70 46.15
C ASP P 18 -14.62 32.03 45.43
N CYS P 19 -14.38 31.59 44.19
CA CYS P 19 -15.40 30.92 43.37
C CYS P 19 -14.77 30.36 42.11
N VAL P 20 -15.42 29.38 41.49
CA VAL P 20 -14.97 28.80 40.23
C VAL P 20 -16.24 28.50 39.46
N ALA P 21 -16.08 28.30 38.15
CA ALA P 21 -17.21 27.99 37.30
C ALA P 21 -16.76 27.01 36.25
N ILE P 22 -17.69 26.19 35.79
CA ILE P 22 -17.44 25.17 34.79
C ILE P 22 -18.73 25.11 34.01
N ALA P 23 -18.64 24.86 32.70
CA ALA P 23 -19.83 24.80 31.87
C ALA P 23 -19.62 23.91 30.70
N CYS P 24 -20.70 23.65 29.99
CA CYS P 24 -20.62 22.79 28.84
C CYS P 24 -21.84 22.91 27.96
N ASP P 25 -21.78 22.36 26.76
CA ASP P 25 -22.91 22.42 25.87
C ASP P 25 -23.66 21.12 25.93
N LEU P 26 -24.89 21.10 25.46
CA LEU P 26 -25.66 19.88 25.52
C LEU P 26 -25.75 19.04 24.27
N ARG P 27 -24.89 19.24 23.29
CA ARG P 27 -25.04 18.46 22.07
C ARG P 27 -24.52 17.07 22.13
N LEU P 28 -25.17 16.16 21.42
CA LEU P 28 -24.72 14.80 21.31
C LEU P 28 -25.17 14.38 19.94
N GLY P 29 -24.20 14.18 19.06
CA GLY P 29 -24.53 13.77 17.73
C GLY P 29 -23.60 12.68 17.26
N SER P 30 -23.80 12.29 16.01
CA SER P 30 -23.00 11.29 15.36
C SER P 30 -22.62 11.94 14.04
N GLN P 31 -21.37 12.38 13.94
CA GLN P 31 -20.88 13.02 12.73
C GLN P 31 -21.70 14.28 12.52
N SER P 32 -22.42 14.36 11.42
CA SER P 32 -23.20 15.54 11.10
C SER P 32 -24.57 15.57 11.74
N LEU P 33 -25.06 14.42 12.16
CA LEU P 33 -26.38 14.30 12.73
C LEU P 33 -26.50 14.63 14.17
N GLY P 34 -27.33 15.59 14.51
CA GLY P 34 -27.55 15.93 15.89
C GLY P 34 -28.52 14.89 16.44
N VAL P 35 -28.29 14.39 17.64
CA VAL P 35 -29.17 13.37 18.18
C VAL P 35 -29.81 13.73 19.50
N SER P 36 -29.03 14.21 20.42
CA SER P 36 -29.64 14.59 21.66
C SER P 36 -29.13 15.92 22.08
N ASN P 37 -30.01 16.66 22.71
CA ASN P 37 -29.67 17.97 23.14
C ASN P 37 -29.72 18.06 24.64
N LYS P 38 -29.69 16.91 25.30
CA LYS P 38 -29.76 16.88 26.75
C LYS P 38 -28.59 16.13 27.35
N PHE P 39 -27.48 16.12 26.64
CA PHE P 39 -26.34 15.38 27.11
C PHE P 39 -25.47 16.25 27.98
N GLU P 40 -25.81 16.29 29.26
CA GLU P 40 -25.05 17.08 30.20
C GLU P 40 -23.69 16.42 30.30
N LYS P 41 -22.66 17.22 30.46
CA LYS P 41 -21.33 16.68 30.52
C LYS P 41 -20.65 17.06 31.77
N ILE P 42 -21.40 17.60 32.71
CA ILE P 42 -20.81 17.95 33.97
C ILE P 42 -21.43 17.09 35.05
N PHE P 43 -20.58 16.37 35.76
CA PHE P 43 -21.00 15.50 36.82
C PHE P 43 -20.37 15.98 38.11
N HIS P 44 -20.97 15.58 39.23
CA HIS P 44 -20.45 15.98 40.51
C HIS P 44 -20.46 14.82 41.45
N TYR P 45 -19.45 14.80 42.30
CA TYR P 45 -19.31 13.76 43.30
C TYR P 45 -19.11 14.58 44.56
N GLY P 46 -20.14 14.71 45.38
CA GLY P 46 -19.96 15.51 46.56
C GLY P 46 -19.76 16.96 46.19
N HIS P 47 -18.71 17.59 46.65
CA HIS P 47 -18.51 18.98 46.30
C HIS P 47 -17.45 19.18 45.24
N VAL P 48 -17.17 18.13 44.48
CA VAL P 48 -16.16 18.22 43.43
C VAL P 48 -16.84 17.97 42.09
N PHE P 49 -16.55 18.85 41.14
CA PHE P 49 -17.12 18.77 39.81
C PHE P 49 -16.13 18.33 38.79
N LEU P 50 -16.63 17.55 37.85
CA LEU P 50 -15.83 17.03 36.75
C LEU P 50 -16.70 17.01 35.50
N GLY P 51 -16.19 17.62 34.43
CA GLY P 51 -16.88 17.66 33.15
C GLY P 51 -16.04 16.81 32.21
N ILE P 52 -16.65 16.13 31.25
CA ILE P 52 -15.85 15.30 30.35
C ILE P 52 -16.25 15.44 28.89
N THR P 53 -15.34 15.90 28.03
CA THR P 53 -15.62 16.02 26.59
C THR P 53 -15.04 14.79 25.94
N GLY P 54 -15.37 14.54 24.69
CA GLY P 54 -14.82 13.37 24.07
C GLY P 54 -15.88 12.38 23.69
N LEU P 55 -15.49 11.13 23.51
CA LEU P 55 -16.43 10.09 23.12
C LEU P 55 -17.47 9.90 24.19
N ALA P 56 -18.74 9.93 23.80
CA ALA P 56 -19.85 9.79 24.73
C ALA P 56 -19.84 8.55 25.60
N THR P 57 -19.56 7.39 25.01
CA THR P 57 -19.56 6.19 25.82
C THR P 57 -18.51 6.29 26.90
N ASP P 58 -17.34 6.85 26.58
CA ASP P 58 -16.30 6.98 27.58
C ASP P 58 -16.70 8.00 28.61
N VAL P 59 -17.22 9.13 28.19
CA VAL P 59 -17.69 10.11 29.14
C VAL P 59 -18.56 9.34 30.16
N THR P 60 -19.61 8.70 29.66
CA THR P 60 -20.52 7.93 30.51
C THR P 60 -19.77 6.99 31.46
N THR P 61 -19.00 6.08 30.88
CA THR P 61 -18.23 5.12 31.66
C THR P 61 -17.43 5.79 32.74
N LEU P 62 -16.53 6.68 32.39
CA LEU P 62 -15.72 7.32 33.38
C LEU P 62 -16.54 7.92 34.47
N ASN P 63 -17.64 8.54 34.11
CA ASN P 63 -18.50 9.12 35.13
C ASN P 63 -18.93 8.05 36.08
N GLU P 64 -19.48 6.97 35.56
CA GLU P 64 -19.90 5.88 36.41
C GLU P 64 -18.73 5.43 37.25
N MET P 65 -17.58 5.22 36.62
CA MET P 65 -16.39 4.77 37.33
C MET P 65 -16.05 5.63 38.53
N PHE P 66 -15.89 6.93 38.35
CA PHE P 66 -15.59 7.76 39.49
C PHE P 66 -16.66 7.83 40.57
N ARG P 67 -17.92 7.54 40.25
CA ARG P 67 -18.94 7.55 41.28
C ARG P 67 -18.50 6.46 42.22
N TYR P 68 -18.38 5.27 41.66
CA TYR P 68 -17.92 4.07 42.37
C TYR P 68 -16.69 4.44 43.20
N LYS P 69 -15.56 4.70 42.55
CA LYS P 69 -14.36 5.05 43.28
C LYS P 69 -14.54 6.13 44.33
N THR P 70 -15.24 7.22 44.03
CA THR P 70 -15.41 8.27 45.04
C THR P 70 -16.25 7.81 46.22
N ASN P 71 -17.21 6.94 45.94
CA ASN P 71 -18.07 6.43 46.98
C ASN P 71 -17.24 5.64 47.96
N LEU P 72 -16.50 4.65 47.50
CA LEU P 72 -15.69 3.86 48.40
C LEU P 72 -14.76 4.76 49.21
N TYR P 73 -14.16 5.72 48.54
CA TYR P 73 -13.25 6.63 49.22
C TYR P 73 -13.87 7.23 50.47
N LYS P 74 -15.08 7.77 50.33
CA LYS P 74 -15.79 8.39 51.44
C LYS P 74 -16.05 7.38 52.53
N LEU P 75 -16.44 6.16 52.16
CA LEU P 75 -16.69 5.16 53.17
C LEU P 75 -15.41 4.85 53.91
N LYS P 76 -14.38 4.48 53.16
CA LYS P 76 -13.10 4.15 53.74
C LYS P 76 -12.47 5.29 54.51
N GLU P 77 -12.72 6.52 54.14
CA GLU P 77 -12.11 7.63 54.85
C GLU P 77 -13.06 8.48 55.64
N GLU P 78 -14.33 8.14 55.57
CA GLU P 78 -15.34 8.86 56.30
C GLU P 78 -15.14 10.34 56.15
N ARG P 79 -15.05 10.78 54.90
CA ARG P 79 -14.91 12.19 54.61
C ARG P 79 -15.03 12.32 53.11
N ALA P 80 -15.54 13.46 52.66
CA ALA P 80 -15.74 13.68 51.25
C ALA P 80 -14.44 14.10 50.60
N ILE P 81 -14.17 13.50 49.46
CA ILE P 81 -12.95 13.74 48.69
C ILE P 81 -12.74 15.18 48.24
N GLU P 82 -11.49 15.62 48.28
CA GLU P 82 -11.12 16.98 47.87
C GLU P 82 -10.62 17.05 46.43
N PRO P 83 -10.73 18.23 45.80
CA PRO P 83 -10.29 18.37 44.42
C PRO P 83 -8.87 17.92 44.19
N GLU P 84 -7.92 18.69 44.72
CA GLU P 84 -6.50 18.39 44.55
C GLU P 84 -6.29 16.88 44.51
N THR P 85 -7.01 16.20 45.38
CA THR P 85 -6.91 14.78 45.50
C THR P 85 -7.60 14.10 44.34
N PHE P 86 -8.88 14.38 44.18
CA PHE P 86 -9.65 13.76 43.12
C PHE P 86 -8.94 13.79 41.81
N THR P 87 -8.30 14.91 41.51
CA THR P 87 -7.55 15.06 40.28
C THR P 87 -6.56 13.91 40.14
N GLN P 88 -5.71 13.75 41.14
CA GLN P 88 -4.72 12.70 41.14
C GLN P 88 -5.37 11.37 40.90
N LEU P 89 -6.57 11.17 41.41
CA LEU P 89 -7.28 9.91 41.18
C LEU P 89 -7.61 9.83 39.72
N VAL P 90 -8.04 10.92 39.13
CA VAL P 90 -8.37 10.91 37.73
C VAL P 90 -7.14 10.60 36.94
N SER P 91 -6.05 11.32 37.18
CA SER P 91 -4.83 11.09 36.44
C SER P 91 -4.40 9.63 36.45
N SER P 92 -4.31 9.05 37.63
CA SER P 92 -3.89 7.67 37.73
C SER P 92 -4.87 6.73 37.05
N SER P 93 -6.16 7.02 37.20
CA SER P 93 -7.16 6.17 36.61
C SER P 93 -7.09 6.08 35.12
N LEU P 94 -6.62 7.16 34.49
CA LEU P 94 -6.49 7.24 33.03
C LEU P 94 -5.20 6.56 32.53
N TYR P 95 -4.08 6.97 33.11
CA TYR P 95 -2.79 6.41 32.75
C TYR P 95 -2.79 4.89 32.94
N GLU P 96 -3.72 4.39 33.74
CA GLU P 96 -3.84 2.97 34.01
C GLU P 96 -4.12 2.28 32.71
N ARG P 97 -4.66 3.02 31.75
CA ARG P 97 -4.94 2.46 30.45
C ARG P 97 -4.11 3.21 29.41
N ARG P 98 -2.87 3.52 29.73
CA ARG P 98 -1.98 4.25 28.84
C ARG P 98 -1.88 3.72 27.43
N PHE P 99 -2.10 2.44 27.23
CA PHE P 99 -1.97 1.97 25.86
C PHE P 99 -3.26 1.69 25.14
N GLY P 100 -4.35 2.25 25.64
CA GLY P 100 -5.66 2.04 25.03
C GLY P 100 -6.54 2.93 25.83
N PRO P 101 -6.29 4.24 25.76
CA PRO P 101 -7.03 5.24 26.49
C PRO P 101 -8.48 5.40 26.23
N TYR P 102 -9.09 6.09 27.16
CA TYR P 102 -10.49 6.43 27.09
C TYR P 102 -10.26 7.74 26.33
N PHE P 103 -10.97 7.95 25.24
CA PHE P 103 -10.79 9.15 24.46
C PHE P 103 -11.60 10.27 25.03
N VAL P 104 -11.06 10.98 26.01
CA VAL P 104 -11.80 12.05 26.62
C VAL P 104 -10.84 13.11 27.00
N GLY P 105 -11.34 14.10 27.72
CA GLY P 105 -10.49 15.20 28.16
C GLY P 105 -11.16 15.85 29.34
N PRO P 106 -11.09 15.20 30.52
CA PRO P 106 -11.66 15.64 31.77
C PRO P 106 -11.18 16.99 32.22
N VAL P 107 -12.05 17.65 32.95
CA VAL P 107 -11.74 18.95 33.50
C VAL P 107 -12.34 18.89 34.88
N VAL P 108 -11.62 19.45 35.83
CA VAL P 108 -12.03 19.42 37.21
C VAL P 108 -12.00 20.77 37.84
N ALA P 109 -13.00 21.00 38.66
CA ALA P 109 -13.14 22.25 39.38
C ALA P 109 -13.95 22.04 40.65
N GLY P 110 -13.59 22.83 41.66
CA GLY P 110 -14.25 22.81 42.95
C GLY P 110 -13.44 23.63 43.94
N ILE P 111 -13.74 23.47 45.22
CA ILE P 111 -13.03 24.19 46.27
C ILE P 111 -12.69 23.31 47.46
N ASN P 112 -11.54 23.57 48.04
CA ASN P 112 -11.11 22.82 49.19
C ASN P 112 -11.96 23.25 50.38
N SER P 113 -12.71 22.32 50.97
CA SER P 113 -13.53 22.67 52.11
C SER P 113 -12.65 23.15 53.26
N LYS P 114 -11.45 22.62 53.37
CA LYS P 114 -10.55 22.97 54.45
C LYS P 114 -9.78 24.27 54.24
N SER P 115 -9.15 24.44 53.09
CA SER P 115 -8.37 25.65 52.81
C SER P 115 -9.08 26.79 52.09
N GLY P 116 -10.12 26.45 51.34
CA GLY P 116 -10.86 27.47 50.63
C GLY P 116 -10.37 27.94 49.25
N LYS P 117 -9.11 27.72 48.91
CA LYS P 117 -8.62 28.17 47.61
C LYS P 117 -9.34 27.43 46.48
N PRO P 118 -9.79 28.16 45.45
CA PRO P 118 -10.49 27.51 44.33
C PRO P 118 -9.50 26.68 43.58
N PHE P 119 -10.00 25.66 42.90
CA PHE P 119 -9.13 24.77 42.17
C PHE P 119 -9.77 24.21 40.93
N ILE P 120 -8.97 24.18 39.86
CA ILE P 120 -9.39 23.67 38.57
C ILE P 120 -8.18 23.00 37.91
N ALA P 121 -8.45 22.00 37.07
CA ALA P 121 -7.39 21.29 36.37
C ALA P 121 -7.91 20.46 35.21
N GLY P 122 -7.08 20.23 34.21
CA GLY P 122 -7.52 19.43 33.08
C GLY P 122 -6.46 18.42 32.70
N PHE P 123 -6.78 17.52 31.77
CA PHE P 123 -5.83 16.49 31.34
C PHE P 123 -5.98 16.13 29.89
N ASP P 124 -4.96 15.55 29.30
CA ASP P 124 -5.08 15.10 27.92
C ASP P 124 -5.65 13.71 28.06
N LEU P 125 -5.85 12.96 26.99
CA LEU P 125 -6.43 11.62 27.15
C LEU P 125 -5.62 10.64 28.00
N ILE P 126 -4.37 10.94 28.34
CA ILE P 126 -3.64 9.96 29.14
C ILE P 126 -3.15 10.40 30.50
N GLY P 127 -3.78 11.40 31.07
CA GLY P 127 -3.40 11.82 32.39
C GLY P 127 -2.48 12.98 32.62
N CYS P 128 -1.86 13.55 31.60
CA CYS P 128 -0.99 14.66 31.90
C CYS P 128 -1.91 15.69 32.52
N ILE P 129 -1.59 16.11 33.73
CA ILE P 129 -2.43 17.06 34.43
C ILE P 129 -2.03 18.45 33.99
N ASP P 130 -3.01 19.26 33.66
CA ASP P 130 -2.76 20.62 33.22
C ASP P 130 -3.29 21.44 34.36
N GLU P 131 -2.36 22.00 35.13
CA GLU P 131 -2.70 22.84 36.27
C GLU P 131 -2.50 24.28 35.83
N ALA P 132 -3.55 25.07 35.95
CA ALA P 132 -3.47 26.47 35.59
C ALA P 132 -4.38 27.20 36.55
N LYS P 133 -3.94 28.32 37.07
CA LYS P 133 -4.78 29.01 38.02
C LYS P 133 -5.81 29.93 37.37
N ASP P 134 -5.95 29.86 36.05
CA ASP P 134 -6.90 30.70 35.35
C ASP P 134 -8.06 30.02 34.62
N PHE P 135 -7.81 29.26 33.58
CA PHE P 135 -8.94 28.61 32.91
C PHE P 135 -8.55 27.32 32.24
N ILE P 136 -9.52 26.46 32.00
CA ILE P 136 -9.22 25.21 31.34
C ILE P 136 -10.35 24.96 30.36
N VAL P 137 -10.02 24.35 29.24
CA VAL P 137 -10.97 24.07 28.18
C VAL P 137 -10.79 22.69 27.63
N SER P 138 -11.79 22.24 26.92
CA SER P 138 -11.72 20.94 26.34
C SER P 138 -12.87 20.74 25.40
N GLY P 139 -12.67 19.93 24.37
CA GLY P 139 -13.74 19.70 23.44
C GLY P 139 -13.32 20.02 22.03
N THR P 140 -14.26 19.82 21.12
CA THR P 140 -14.02 20.05 19.72
C THR P 140 -13.72 21.50 19.46
N ALA P 141 -14.18 22.38 20.31
CA ALA P 141 -13.87 23.76 20.09
C ALA P 141 -12.83 24.19 21.08
N SER P 142 -11.83 23.35 21.28
CA SER P 142 -10.78 23.71 22.21
C SER P 142 -10.08 24.97 21.75
N ASP P 143 -9.62 24.98 20.49
CA ASP P 143 -8.95 26.14 19.92
C ASP P 143 -9.76 27.39 20.12
N GLN P 144 -11.04 27.33 19.79
CA GLN P 144 -11.90 28.46 19.96
C GLN P 144 -11.92 28.88 21.41
N LEU P 145 -12.37 27.99 22.28
CA LEU P 145 -12.45 28.28 23.72
C LEU P 145 -11.22 28.95 24.24
N PHE P 146 -10.05 28.40 23.94
CA PHE P 146 -8.82 29.01 24.39
C PHE P 146 -8.81 30.45 23.94
N GLY P 147 -9.13 30.65 22.67
CA GLY P 147 -9.16 31.98 22.11
C GLY P 147 -10.03 32.89 22.92
N MET P 148 -11.26 32.48 23.13
CA MET P 148 -12.17 33.31 23.89
C MET P 148 -11.58 33.67 25.24
N CYS P 149 -11.28 32.64 26.00
CA CYS P 149 -10.76 32.79 27.33
C CYS P 149 -9.60 33.72 27.42
N GLU P 150 -8.49 33.33 26.81
CA GLU P 150 -7.28 34.11 26.89
C GLU P 150 -7.52 35.60 26.68
N SER P 151 -8.58 35.95 25.95
CA SER P 151 -8.87 37.36 25.73
C SER P 151 -9.79 37.94 26.77
N LEU P 152 -10.93 37.32 26.95
CA LEU P 152 -11.93 37.77 27.91
C LEU P 152 -11.54 37.79 29.39
N TYR P 153 -10.77 36.81 29.83
CA TYR P 153 -10.39 36.68 31.23
C TYR P 153 -9.53 37.74 31.92
N GLU P 154 -9.84 38.00 33.19
CA GLU P 154 -9.08 38.88 34.07
C GLU P 154 -9.20 38.21 35.46
N PRO P 155 -8.19 38.37 36.33
CA PRO P 155 -8.17 37.78 37.65
C PRO P 155 -9.15 38.38 38.64
N ASN P 156 -9.53 37.58 39.61
CA ASN P 156 -10.43 37.95 40.69
C ASN P 156 -11.80 38.51 40.32
N LEU P 157 -12.56 37.74 39.57
CA LEU P 157 -13.90 38.17 39.15
C LEU P 157 -14.94 37.66 40.14
N GLU P 158 -16.00 38.43 40.39
CA GLU P 158 -17.07 38.00 41.31
C GLU P 158 -18.10 37.08 40.63
N PRO P 159 -18.71 36.15 41.37
CA PRO P 159 -19.70 35.19 40.88
C PRO P 159 -20.65 35.70 39.81
N GLU P 160 -21.18 36.89 40.02
CA GLU P 160 -22.10 37.49 39.08
C GLU P 160 -21.38 37.88 37.78
N ASP P 161 -20.15 38.36 37.90
CA ASP P 161 -19.40 38.73 36.73
C ASP P 161 -18.85 37.50 35.99
N LEU P 162 -18.08 36.65 36.67
CA LEU P 162 -17.49 35.45 36.06
C LEU P 162 -18.48 34.69 35.23
N PHE P 163 -19.72 34.66 35.69
CA PHE P 163 -20.75 33.99 34.95
C PHE P 163 -20.87 34.52 33.54
N GLU P 164 -20.90 35.85 33.41
CA GLU P 164 -21.01 36.42 32.09
C GLU P 164 -19.85 35.88 31.29
N THR P 165 -18.65 36.12 31.79
CA THR P 165 -17.47 35.68 31.10
C THR P 165 -17.48 34.27 30.57
N ILE P 166 -17.65 33.29 31.44
CA ILE P 166 -17.63 31.93 30.96
C ILE P 166 -18.72 31.68 29.94
N SER P 167 -19.91 32.18 30.19
CA SER P 167 -21.00 31.95 29.26
C SER P 167 -20.68 32.41 27.85
N GLN P 168 -20.14 33.61 27.73
CA GLN P 168 -19.80 34.09 26.42
C GLN P 168 -18.79 33.14 25.78
N ALA P 169 -17.69 32.89 26.47
CA ALA P 169 -16.65 32.03 25.93
C ALA P 169 -17.24 30.76 25.42
N LEU P 170 -18.14 30.17 26.17
CA LEU P 170 -18.74 28.95 25.70
C LEU P 170 -19.53 29.28 24.48
N LEU P 171 -20.59 30.02 24.68
CA LEU P 171 -21.48 30.39 23.61
C LEU P 171 -20.78 30.73 22.32
N ASN P 172 -19.92 31.73 22.37
CA ASN P 172 -19.24 32.16 21.19
C ASN P 172 -18.40 31.11 20.58
N ALA P 173 -17.60 30.44 21.39
CA ALA P 173 -16.75 29.38 20.86
C ALA P 173 -17.56 28.28 20.24
N ALA P 174 -18.70 27.99 20.80
CA ALA P 174 -19.55 26.95 20.26
C ALA P 174 -20.03 27.28 18.88
N ASP P 175 -20.49 28.50 18.72
CA ASP P 175 -21.01 28.94 17.44
C ASP P 175 -20.07 28.85 16.22
N ARG P 176 -18.77 28.71 16.44
CA ARG P 176 -17.78 28.56 15.38
C ARG P 176 -17.34 27.11 15.24
N ASP P 177 -18.03 26.21 15.90
CA ASP P 177 -17.71 24.78 15.86
C ASP P 177 -18.94 24.01 15.44
N ALA P 178 -18.85 23.35 14.30
CA ALA P 178 -19.96 22.61 13.79
C ALA P 178 -20.47 21.51 14.69
N LEU P 179 -19.57 20.84 15.40
CA LEU P 179 -19.96 19.73 16.26
C LEU P 179 -20.42 20.04 17.68
N SER P 180 -20.41 21.31 18.06
CA SER P 180 -20.81 21.71 19.40
C SER P 180 -21.96 22.71 19.44
N GLY P 181 -22.68 22.68 20.56
CA GLY P 181 -23.79 23.58 20.76
C GLY P 181 -25.10 22.88 21.09
N TRP P 182 -26.17 23.38 20.53
CA TRP P 182 -27.49 22.81 20.76
C TRP P 182 -27.92 23.00 22.20
N GLY P 183 -27.28 23.91 22.92
CA GLY P 183 -27.66 24.15 24.30
C GLY P 183 -26.43 24.36 25.12
N ALA P 184 -26.60 24.79 26.36
CA ALA P 184 -25.44 25.00 27.21
C ALA P 184 -25.85 25.24 28.64
N VAL P 185 -25.08 24.71 29.58
CA VAL P 185 -25.35 24.82 31.02
C VAL P 185 -24.15 25.41 31.74
N VAL P 186 -24.39 26.19 32.77
CA VAL P 186 -23.29 26.80 33.50
C VAL P 186 -23.44 26.64 34.99
N TYR P 187 -22.39 26.11 35.62
CA TYR P 187 -22.36 25.88 37.06
C TYR P 187 -21.49 26.91 37.75
N ILE P 188 -22.06 27.65 38.71
CA ILE P 188 -21.29 28.64 39.47
C ILE P 188 -21.15 28.04 40.85
N ILE P 189 -19.91 28.04 41.34
CA ILE P 189 -19.61 27.43 42.62
C ILE P 189 -19.07 28.32 43.74
N LYS P 190 -19.59 28.11 44.97
CA LYS P 190 -19.19 28.86 46.16
C LYS P 190 -19.10 27.86 47.33
N LYS P 191 -18.22 28.12 48.30
CA LYS P 191 -18.06 27.24 49.47
C LYS P 191 -19.31 26.51 49.91
N ASP P 192 -20.37 27.28 50.12
CA ASP P 192 -21.64 26.73 50.58
C ASP P 192 -22.70 26.43 49.53
N GLU P 193 -22.85 27.30 48.54
CA GLU P 193 -23.89 27.08 47.54
C GLU P 193 -23.38 26.89 46.12
N VAL P 194 -24.28 26.34 45.31
CA VAL P 194 -24.03 26.07 43.90
C VAL P 194 -25.31 26.25 43.10
N VAL P 195 -25.21 27.05 42.04
CA VAL P 195 -26.35 27.34 41.19
C VAL P 195 -26.08 26.82 39.80
N LYS P 196 -27.10 26.27 39.15
CA LYS P 196 -27.02 25.70 37.80
C LYS P 196 -27.96 26.48 36.86
N ARG P 197 -27.43 27.18 35.87
CA ARG P 197 -28.28 27.96 34.94
C ARG P 197 -28.17 27.48 33.50
N TYR P 198 -29.27 27.42 32.76
CA TYR P 198 -29.21 26.99 31.35
C TYR P 198 -29.23 28.21 30.43
N LEU P 199 -28.49 28.20 29.33
CA LEU P 199 -28.42 29.34 28.44
C LEU P 199 -29.24 29.24 27.17
N LYS P 200 -29.56 30.39 26.58
CA LYS P 200 -30.32 30.46 25.33
C LYS P 200 -29.34 30.58 24.20
N MET P 201 -29.39 29.68 23.24
CA MET P 201 -28.44 29.78 22.15
C MET P 201 -28.99 29.17 20.90
N ARG P 202 -28.29 29.41 19.80
CA ARG P 202 -28.70 28.91 18.50
C ARG P 202 -28.96 27.44 18.59
N GLN P 203 -29.76 26.92 17.69
CA GLN P 203 -30.02 25.49 17.68
C GLN P 203 -29.69 24.92 16.30
N ASP P 204 -28.62 25.44 15.71
CA ASP P 204 -28.18 25.04 14.39
C ASP P 204 -26.71 24.64 14.45
N MET Q 1 -28.22 -0.11 5.95
CA MET Q 1 -28.70 -0.60 7.26
C MET Q 1 -30.23 -0.65 7.24
N ASP Q 2 -30.79 -1.40 8.19
CA ASP Q 2 -32.23 -1.58 8.33
C ASP Q 2 -32.83 -0.35 9.02
N ILE Q 3 -34.14 -0.37 9.22
CA ILE Q 3 -34.86 0.74 9.84
C ILE Q 3 -35.41 0.44 11.20
N ILE Q 4 -35.05 1.29 12.14
CA ILE Q 4 -35.43 1.16 13.53
C ILE Q 4 -35.87 2.50 14.04
N LEU Q 5 -37.13 2.56 14.41
CA LEU Q 5 -37.73 3.79 14.89
C LEU Q 5 -38.42 3.59 16.18
N GLY Q 6 -38.52 4.68 16.93
CA GLY Q 6 -39.20 4.65 18.21
C GLY Q 6 -39.70 6.03 18.54
N ILE Q 7 -40.81 6.07 19.26
CA ILE Q 7 -41.47 7.31 19.67
C ILE Q 7 -42.24 7.05 20.97
N ARG Q 8 -42.05 7.89 21.99
CA ARG Q 8 -42.74 7.74 23.29
C ARG Q 8 -43.85 8.79 23.40
N VAL Q 9 -45.08 8.33 23.54
CA VAL Q 9 -46.22 9.24 23.64
C VAL Q 9 -46.43 9.58 25.12
N GLN Q 10 -47.66 9.79 25.56
CA GLN Q 10 -47.91 10.09 26.97
C GLN Q 10 -48.12 8.85 27.82
N ASP Q 11 -48.83 7.89 27.27
CA ASP Q 11 -49.11 6.68 28.01
C ASP Q 11 -48.51 5.44 27.38
N SER Q 12 -47.45 5.60 26.61
CA SER Q 12 -46.83 4.43 25.97
C SER Q 12 -45.62 4.71 25.09
N VAL Q 13 -45.11 3.64 24.47
CA VAL Q 13 -43.96 3.71 23.59
C VAL Q 13 -44.16 2.79 22.38
N ILE Q 14 -44.00 3.36 21.19
CA ILE Q 14 -44.20 2.60 19.99
C ILE Q 14 -42.90 2.36 19.23
N LEU Q 15 -42.71 1.13 18.77
CA LEU Q 15 -41.51 0.76 18.05
C LEU Q 15 -41.84 0.23 16.67
N ALA Q 16 -41.11 0.77 15.68
CA ALA Q 16 -41.32 0.40 14.30
C ALA Q 16 -40.01 -0.13 13.80
N SER Q 17 -40.07 -1.22 13.05
CA SER Q 17 -38.86 -1.85 12.53
C SER Q 17 -39.11 -2.56 11.22
N SER Q 18 -38.30 -2.26 10.20
CA SER Q 18 -38.45 -2.88 8.89
C SER Q 18 -38.54 -4.40 8.92
N LYS Q 19 -39.24 -4.99 7.96
CA LYS Q 19 -39.46 -6.45 7.88
C LYS Q 19 -38.61 -7.22 6.85
N ALA Q 20 -37.44 -6.70 6.52
CA ALA Q 20 -36.64 -7.34 5.51
C ALA Q 20 -35.21 -7.66 5.88
N VAL Q 21 -34.76 -8.81 5.40
CA VAL Q 21 -33.40 -9.26 5.60
C VAL Q 21 -32.90 -9.41 4.20
N THR Q 22 -31.89 -8.62 3.86
CA THR Q 22 -31.31 -8.62 2.54
C THR Q 22 -29.93 -9.22 2.62
N ARG Q 23 -29.54 -10.03 1.66
CA ARG Q 23 -28.22 -10.62 1.70
C ARG Q 23 -27.54 -10.52 0.36
N GLY Q 24 -26.58 -9.61 0.30
CA GLY Q 24 -25.88 -9.39 -0.94
C GLY Q 24 -26.86 -8.94 -1.98
N ILE Q 25 -27.17 -9.84 -2.90
CA ILE Q 25 -28.03 -9.51 -4.01
C ILE Q 25 -29.55 -9.77 -3.87
N SER Q 26 -29.97 -10.56 -2.90
CA SER Q 26 -31.38 -10.87 -2.76
C SER Q 26 -31.98 -10.44 -1.46
N VAL Q 27 -33.31 -10.44 -1.42
CA VAL Q 27 -34.07 -10.10 -0.22
C VAL Q 27 -34.58 -11.45 0.24
N LEU Q 28 -34.00 -11.96 1.31
CA LEU Q 28 -34.39 -13.28 1.80
C LEU Q 28 -35.70 -13.41 2.52
N LYS Q 29 -36.10 -12.41 3.29
CA LYS Q 29 -37.33 -12.53 4.01
C LYS Q 29 -38.07 -11.24 4.14
N ASP Q 30 -39.37 -11.29 3.91
CA ASP Q 30 -40.21 -10.11 4.00
C ASP Q 30 -41.06 -10.10 5.24
N SER Q 31 -40.62 -10.76 6.31
CA SER Q 31 -41.44 -10.82 7.51
C SER Q 31 -40.68 -11.01 8.80
N ASP Q 32 -39.59 -10.28 8.95
CA ASP Q 32 -38.76 -10.38 10.13
C ASP Q 32 -39.25 -9.54 11.30
N ASP Q 33 -39.13 -10.07 12.51
CA ASP Q 33 -39.52 -9.37 13.70
C ASP Q 33 -38.21 -9.07 14.37
N LYS Q 34 -37.68 -7.88 14.16
CA LYS Q 34 -36.38 -7.51 14.75
C LYS Q 34 -36.48 -7.08 16.20
N THR Q 35 -37.17 -7.90 16.99
CA THR Q 35 -37.33 -7.52 18.36
C THR Q 35 -37.63 -8.67 19.30
N ARG Q 36 -37.26 -8.47 20.56
CA ARG Q 36 -37.44 -9.46 21.62
C ARG Q 36 -37.99 -8.79 22.84
N GLN Q 37 -38.85 -9.51 23.56
CA GLN Q 37 -39.46 -9.02 24.79
C GLN Q 37 -38.46 -9.36 25.89
N LEU Q 38 -37.84 -8.37 26.48
CA LEU Q 38 -36.91 -8.65 27.54
C LEU Q 38 -37.74 -9.08 28.74
N SER Q 39 -38.69 -8.24 29.13
CA SER Q 39 -39.55 -8.57 30.26
C SER Q 39 -40.98 -8.13 29.92
N PRO Q 40 -41.98 -8.68 30.61
CA PRO Q 40 -43.37 -8.31 30.31
C PRO Q 40 -43.74 -6.85 30.14
N HIS Q 41 -42.83 -5.93 30.43
CA HIS Q 41 -43.13 -4.52 30.26
C HIS Q 41 -41.97 -3.82 29.63
N THR Q 42 -41.17 -4.56 28.87
CA THR Q 42 -39.98 -4.01 28.20
C THR Q 42 -39.60 -4.75 26.94
N LEU Q 43 -39.40 -3.95 25.89
CA LEU Q 43 -39.07 -4.44 24.55
C LEU Q 43 -37.82 -3.81 24.00
N MET Q 44 -37.09 -4.58 23.20
CA MET Q 44 -35.89 -4.08 22.59
C MET Q 44 -35.85 -4.49 21.17
N SER Q 45 -35.59 -3.52 20.31
CA SER Q 45 -35.48 -3.74 18.88
C SER Q 45 -34.02 -3.52 18.55
N PHE Q 46 -33.57 -4.14 17.47
CA PHE Q 46 -32.16 -4.06 17.12
C PHE Q 46 -31.82 -4.06 15.64
N ALA Q 47 -30.70 -3.44 15.30
CA ALA Q 47 -30.26 -3.40 13.91
C ALA Q 47 -28.76 -3.37 13.87
N GLY Q 48 -28.18 -4.09 12.92
CA GLY Q 48 -26.75 -4.11 12.82
C GLY Q 48 -26.27 -5.25 11.96
N GLU Q 49 -25.07 -5.75 12.24
CA GLU Q 49 -24.45 -6.84 11.48
C GLU Q 49 -25.17 -8.20 11.50
N ALA Q 50 -25.10 -8.90 10.40
CA ALA Q 50 -25.72 -10.18 10.20
C ALA Q 50 -26.05 -11.03 11.42
N GLY Q 51 -25.04 -11.58 12.06
CA GLY Q 51 -25.30 -12.43 13.20
C GLY Q 51 -25.35 -11.80 14.58
N ASP Q 52 -24.44 -10.87 14.85
CA ASP Q 52 -24.37 -10.18 16.15
C ASP Q 52 -25.68 -9.70 16.60
N THR Q 53 -26.48 -9.32 15.63
CA THR Q 53 -27.78 -8.80 15.89
C THR Q 53 -28.66 -9.73 16.74
N VAL Q 54 -29.01 -10.91 16.25
CA VAL Q 54 -29.85 -11.79 17.04
C VAL Q 54 -29.12 -12.25 18.28
N GLN Q 55 -27.89 -12.74 18.11
CA GLN Q 55 -27.11 -13.26 19.23
C GLN Q 55 -27.18 -12.32 20.41
N PHE Q 56 -26.85 -11.07 20.17
CA PHE Q 56 -26.87 -10.13 21.25
C PHE Q 56 -28.19 -9.93 21.88
N ALA Q 57 -29.26 -9.90 21.09
CA ALA Q 57 -30.59 -9.72 21.64
C ALA Q 57 -30.96 -10.89 22.53
N GLU Q 58 -30.83 -12.09 22.01
CA GLU Q 58 -31.18 -13.25 22.79
C GLU Q 58 -30.38 -13.34 24.08
N TYR Q 59 -29.11 -12.95 24.06
CA TYR Q 59 -28.29 -12.99 25.27
C TYR Q 59 -28.91 -12.07 26.30
N ILE Q 60 -29.27 -10.85 25.88
CA ILE Q 60 -29.87 -9.86 26.78
C ILE Q 60 -31.19 -10.35 27.31
N GLN Q 61 -31.95 -11.00 26.44
CA GLN Q 61 -33.21 -11.57 26.86
C GLN Q 61 -32.91 -12.52 28.02
N ALA Q 62 -32.08 -13.52 27.79
CA ALA Q 62 -31.68 -14.49 28.79
C ALA Q 62 -31.26 -13.83 30.08
N ASN Q 63 -30.21 -13.03 30.03
CA ASN Q 63 -29.74 -12.39 31.26
C ASN Q 63 -30.78 -11.57 32.01
N ILE Q 64 -31.83 -11.15 31.32
CA ILE Q 64 -32.91 -10.39 31.96
C ILE Q 64 -34.00 -11.31 32.50
N GLN Q 65 -34.40 -12.32 31.73
CA GLN Q 65 -35.39 -13.26 32.22
C GLN Q 65 -34.84 -13.87 33.51
N LEU Q 66 -33.56 -14.23 33.49
CA LEU Q 66 -32.89 -14.81 34.66
C LEU Q 66 -33.07 -13.93 35.86
N TYR Q 67 -32.83 -12.64 35.72
CA TYR Q 67 -33.01 -11.76 36.84
C TYR Q 67 -34.45 -11.81 37.26
N SER Q 68 -35.34 -11.67 36.30
CA SER Q 68 -36.75 -11.70 36.61
C SER Q 68 -37.10 -12.86 37.53
N ILE Q 69 -36.51 -14.02 37.35
CA ILE Q 69 -36.80 -15.15 38.21
C ILE Q 69 -36.11 -15.14 39.57
N ARG Q 70 -34.81 -14.89 39.57
CA ARG Q 70 -34.06 -14.88 40.79
C ARG Q 70 -34.65 -13.97 41.85
N GLU Q 71 -35.40 -12.95 41.43
CA GLU Q 71 -35.99 -12.04 42.39
C GLU Q 71 -37.51 -11.83 42.44
N ASP Q 72 -38.28 -12.56 41.63
CA ASP Q 72 -39.75 -12.35 41.60
C ASP Q 72 -40.02 -10.83 41.50
N TYR Q 73 -39.48 -10.18 40.47
CA TYR Q 73 -39.63 -8.73 40.28
C TYR Q 73 -39.18 -8.37 38.88
N GLU Q 74 -39.58 -7.21 38.40
CA GLU Q 74 -39.20 -6.76 37.08
C GLU Q 74 -38.41 -5.48 37.17
N LEU Q 75 -37.22 -5.47 36.58
CA LEU Q 75 -36.32 -4.33 36.59
C LEU Q 75 -36.89 -3.16 35.83
N SER Q 76 -36.60 -1.97 36.30
CA SER Q 76 -37.12 -0.80 35.66
C SER Q 76 -36.39 -0.62 34.36
N PRO Q 77 -36.98 0.09 33.40
CA PRO Q 77 -36.31 0.28 32.13
C PRO Q 77 -34.96 0.92 32.33
N GLN Q 78 -34.92 2.04 33.05
CA GLN Q 78 -33.68 2.75 33.28
C GLN Q 78 -32.57 1.82 33.68
N ALA Q 79 -32.94 0.68 34.25
CA ALA Q 79 -31.98 -0.34 34.66
C ALA Q 79 -31.71 -1.30 33.50
N VAL Q 80 -32.74 -1.93 32.97
CA VAL Q 80 -32.52 -2.82 31.85
C VAL Q 80 -31.63 -2.14 30.82
N SER Q 81 -31.90 -0.88 30.51
CA SER Q 81 -31.07 -0.19 29.54
C SER Q 81 -29.65 -0.07 30.06
N SER Q 82 -29.46 0.45 31.27
CA SER Q 82 -28.12 0.61 31.83
C SER Q 82 -27.36 -0.68 31.77
N PHE Q 83 -28.10 -1.77 31.90
CA PHE Q 83 -27.49 -3.07 31.83
C PHE Q 83 -27.00 -3.25 30.43
N VAL Q 84 -27.88 -3.02 29.47
CA VAL Q 84 -27.48 -3.15 28.09
C VAL Q 84 -26.34 -2.26 27.72
N ARG Q 85 -26.33 -1.02 28.18
CA ARG Q 85 -25.21 -0.17 27.85
C ARG Q 85 -23.91 -0.80 28.28
N GLN Q 86 -23.83 -1.21 29.54
CA GLN Q 86 -22.61 -1.83 30.02
C GLN Q 86 -22.21 -3.02 29.17
N GLU Q 87 -23.13 -3.93 28.86
CA GLU Q 87 -22.75 -5.07 28.04
C GLU Q 87 -22.10 -4.58 26.76
N LEU Q 88 -22.67 -3.55 26.13
CA LEU Q 88 -22.09 -3.02 24.91
C LEU Q 88 -20.75 -2.35 25.19
N ALA Q 89 -20.73 -1.39 26.09
CA ALA Q 89 -19.48 -0.72 26.41
C ALA Q 89 -18.36 -1.65 26.79
N LYS Q 90 -18.71 -2.84 27.25
CA LYS Q 90 -17.73 -3.84 27.65
C LYS Q 90 -17.05 -4.36 26.41
N SER Q 91 -17.86 -4.71 25.43
CA SER Q 91 -17.39 -5.29 24.20
C SER Q 91 -16.64 -4.41 23.22
N ILE Q 92 -16.89 -3.12 23.21
CA ILE Q 92 -16.21 -2.27 22.23
C ILE Q 92 -14.70 -2.43 22.18
N ARG Q 93 -14.10 -2.76 23.30
CA ARG Q 93 -12.65 -2.94 23.31
C ARG Q 93 -12.24 -4.41 23.40
N SER Q 94 -13.18 -5.28 23.02
CA SER Q 94 -12.99 -6.72 23.02
C SER Q 94 -12.39 -7.18 21.70
N ARG Q 95 -12.14 -8.46 21.59
CA ARG Q 95 -11.57 -9.04 20.37
C ARG Q 95 -12.51 -8.85 19.18
N ARG Q 96 -13.82 -8.93 19.43
CA ARG Q 96 -14.78 -8.75 18.34
C ARG Q 96 -16.07 -8.12 18.88
N PRO Q 97 -16.11 -6.78 18.95
CA PRO Q 97 -17.22 -5.97 19.43
C PRO Q 97 -18.53 -6.33 18.77
N TYR Q 98 -19.60 -6.35 19.56
CA TYR Q 98 -20.91 -6.66 19.02
C TYR Q 98 -21.21 -5.40 18.23
N GLN Q 99 -21.56 -5.58 16.96
CA GLN Q 99 -21.86 -4.45 16.09
C GLN Q 99 -23.38 -4.36 15.95
N VAL Q 100 -24.03 -3.93 17.03
CA VAL Q 100 -25.47 -3.84 17.06
C VAL Q 100 -25.92 -2.55 17.71
N ASN Q 101 -27.01 -2.01 17.20
CA ASN Q 101 -27.58 -0.80 17.74
C ASN Q 101 -28.94 -1.23 18.18
N VAL Q 102 -29.36 -0.76 19.33
CA VAL Q 102 -30.64 -1.17 19.85
C VAL Q 102 -31.47 0.00 20.30
N LEU Q 103 -32.78 -0.21 20.31
CA LEU Q 103 -33.76 0.75 20.79
C LEU Q 103 -34.47 0.00 21.88
N ILE Q 104 -34.63 0.62 23.02
CA ILE Q 104 -35.29 -0.04 24.10
C ILE Q 104 -36.40 0.81 24.64
N GLY Q 105 -37.60 0.25 24.66
CA GLY Q 105 -38.73 1.00 25.15
C GLY Q 105 -39.53 0.17 26.11
N GLY Q 106 -39.86 0.75 27.26
CA GLY Q 106 -40.60 0.04 28.26
C GLY Q 106 -41.43 0.99 29.09
N TYR Q 107 -42.32 0.42 29.90
CA TYR Q 107 -43.22 1.19 30.74
C TYR Q 107 -42.82 0.96 32.18
N ASP Q 108 -42.65 2.02 32.95
CA ASP Q 108 -42.23 1.88 34.33
C ASP Q 108 -43.38 1.76 35.33
N LYS Q 109 -43.96 0.57 35.46
CA LYS Q 109 -45.07 0.34 36.39
C LYS Q 109 -44.94 0.99 37.79
N LYS Q 110 -43.75 1.39 38.18
CA LYS Q 110 -43.54 2.02 39.47
C LYS Q 110 -43.72 3.54 39.43
N LYS Q 111 -43.18 4.19 38.40
CA LYS Q 111 -43.30 5.65 38.24
C LYS Q 111 -44.56 5.97 37.43
N ASN Q 112 -45.15 4.92 36.84
CA ASN Q 112 -46.32 5.04 35.97
C ASN Q 112 -46.07 6.12 34.92
N LYS Q 113 -45.06 5.85 34.09
CA LYS Q 113 -44.61 6.73 32.99
C LYS Q 113 -43.84 5.85 31.98
N PRO Q 114 -43.90 6.17 30.66
CA PRO Q 114 -43.21 5.39 29.62
C PRO Q 114 -41.82 5.96 29.30
N GLU Q 115 -40.92 5.11 28.79
CA GLU Q 115 -39.55 5.52 28.46
C GLU Q 115 -38.94 4.81 27.25
N LEU Q 116 -38.08 5.54 26.54
CA LEU Q 116 -37.40 5.06 25.32
C LEU Q 116 -35.92 5.40 25.41
N TYR Q 117 -35.08 4.39 25.23
CA TYR Q 117 -33.64 4.54 25.32
C TYR Q 117 -32.99 4.15 24.00
N GLN Q 118 -32.02 4.97 23.58
CA GLN Q 118 -31.32 4.67 22.35
C GLN Q 118 -29.91 4.45 22.75
N ILE Q 119 -29.33 3.37 22.28
CA ILE Q 119 -27.94 3.04 22.61
C ILE Q 119 -27.29 2.50 21.34
N ASP Q 120 -26.12 3.04 20.96
CA ASP Q 120 -25.45 2.58 19.76
C ASP Q 120 -24.38 1.58 20.10
N TYR Q 121 -23.83 0.91 19.10
CA TYR Q 121 -22.81 -0.11 19.31
C TYR Q 121 -21.64 0.23 20.24
N LEU Q 122 -21.45 1.49 20.57
CA LEU Q 122 -20.34 1.84 21.44
C LEU Q 122 -20.79 2.02 22.86
N GLY Q 123 -22.07 1.80 23.10
CA GLY Q 123 -22.62 1.98 24.41
C GLY Q 123 -22.85 3.45 24.64
N THR Q 124 -23.49 4.14 23.70
CA THR Q 124 -23.79 5.56 23.85
C THR Q 124 -25.25 5.53 24.13
N LYS Q 125 -25.63 5.90 25.34
CA LYS Q 125 -27.03 5.88 25.71
C LYS Q 125 -27.57 7.25 25.96
N VAL Q 126 -28.84 7.40 25.67
CA VAL Q 126 -29.50 8.66 25.88
C VAL Q 126 -30.99 8.43 25.84
N GLU Q 127 -31.70 9.16 26.69
CA GLU Q 127 -33.15 9.08 26.79
C GLU Q 127 -33.76 10.08 25.81
N LEU Q 128 -34.75 9.64 25.05
CA LEU Q 128 -35.34 10.50 24.05
C LEU Q 128 -36.82 10.31 23.79
N PRO Q 129 -37.51 11.36 23.32
CA PRO Q 129 -38.93 11.35 23.00
C PRO Q 129 -39.14 10.42 21.83
N TYR Q 130 -38.23 10.50 20.87
CA TYR Q 130 -38.29 9.66 19.69
C TYR Q 130 -36.86 9.53 19.24
N GLY Q 131 -36.52 8.42 18.63
CA GLY Q 131 -35.16 8.21 18.18
C GLY Q 131 -35.19 7.25 17.03
N ALA Q 132 -34.03 7.04 16.42
CA ALA Q 132 -33.89 6.14 15.30
C ALA Q 132 -32.43 5.78 15.19
N HIS Q 133 -32.11 4.81 14.35
CA HIS Q 133 -30.72 4.42 14.21
C HIS Q 133 -30.30 4.40 12.75
N GLY Q 134 -29.02 4.64 12.53
CA GLY Q 134 -28.49 4.64 11.20
C GLY Q 134 -28.93 5.85 10.42
N TYR Q 135 -29.33 5.62 9.17
CA TYR Q 135 -29.75 6.68 8.29
C TYR Q 135 -31.23 7.07 8.45
N SER Q 136 -32.06 6.16 8.96
CA SER Q 136 -33.49 6.44 9.12
C SER Q 136 -33.75 7.75 9.79
N GLY Q 137 -32.96 8.04 10.80
CA GLY Q 137 -33.12 9.29 11.50
C GLY Q 137 -33.00 10.47 10.58
N PHE Q 138 -32.12 10.37 9.61
CA PHE Q 138 -31.91 11.45 8.67
C PHE Q 138 -33.19 11.97 8.05
N TYR Q 139 -34.14 11.08 7.76
CA TYR Q 139 -35.39 11.51 7.13
C TYR Q 139 -36.50 11.84 8.12
N THR Q 140 -36.62 11.00 9.14
CA THR Q 140 -37.67 11.14 10.12
C THR Q 140 -37.56 12.26 11.13
N PHE Q 141 -36.38 12.49 11.69
CA PHE Q 141 -36.27 13.52 12.69
C PHE Q 141 -36.93 14.82 12.39
N SER Q 142 -36.73 15.34 11.20
CA SER Q 142 -37.34 16.59 10.80
C SER Q 142 -38.84 16.51 11.03
N LEU Q 143 -39.43 15.40 10.63
CA LEU Q 143 -40.86 15.25 10.81
C LEU Q 143 -41.21 15.25 12.26
N LEU Q 144 -40.56 14.39 13.02
CA LEU Q 144 -40.82 14.32 14.44
C LEU Q 144 -40.56 15.67 15.10
N ASP Q 145 -39.42 16.28 14.85
CA ASP Q 145 -39.11 17.56 15.42
C ASP Q 145 -40.31 18.48 15.24
N HIS Q 146 -40.93 18.36 14.07
CA HIS Q 146 -42.10 19.16 13.68
C HIS Q 146 -43.45 18.78 14.27
N HIS Q 147 -43.93 17.61 13.89
CA HIS Q 147 -45.23 17.10 14.32
C HIS Q 147 -45.29 16.38 15.67
N TYR Q 148 -44.31 16.56 16.56
CA TYR Q 148 -44.31 15.87 17.85
C TYR Q 148 -44.85 16.67 19.02
N ARG Q 149 -45.56 15.99 19.92
CA ARG Q 149 -46.12 16.60 21.12
C ARG Q 149 -46.18 15.61 22.33
N PRO Q 150 -45.68 16.02 23.51
CA PRO Q 150 -45.68 15.17 24.69
C PRO Q 150 -47.02 14.60 25.03
N ASP Q 151 -48.08 15.39 24.97
CA ASP Q 151 -49.39 14.86 25.34
C ASP Q 151 -50.11 14.16 24.22
N MET Q 152 -49.41 13.33 23.47
CA MET Q 152 -50.05 12.66 22.34
C MET Q 152 -50.71 11.38 22.74
N THR Q 153 -51.90 11.16 22.20
CA THR Q 153 -52.61 9.91 22.50
C THR Q 153 -51.81 8.85 21.76
N THR Q 154 -52.16 7.59 21.95
CA THR Q 154 -51.46 6.55 21.25
C THR Q 154 -51.81 6.65 19.78
N GLU Q 155 -53.09 6.80 19.47
CA GLU Q 155 -53.56 6.90 18.08
C GLU Q 155 -52.81 7.98 17.31
N GLU Q 156 -52.55 9.10 17.97
CA GLU Q 156 -51.83 10.22 17.36
C GLU Q 156 -50.42 9.78 16.95
N GLY Q 157 -49.80 8.94 17.75
CA GLY Q 157 -48.47 8.44 17.45
C GLY Q 157 -48.43 7.54 16.21
N LEU Q 158 -49.25 6.52 16.17
CA LEU Q 158 -49.30 5.65 15.02
C LEU Q 158 -49.47 6.44 13.74
N ASP Q 159 -50.27 7.49 13.74
CA ASP Q 159 -50.42 8.27 12.51
C ASP Q 159 -49.08 8.91 12.21
N LEU Q 160 -48.44 9.42 13.24
CA LEU Q 160 -47.16 10.09 13.09
C LEU Q 160 -46.17 9.14 12.49
N LEU Q 161 -46.12 7.93 12.98
CA LEU Q 161 -45.21 7.00 12.39
C LEU Q 161 -45.59 6.78 10.95
N LYS Q 162 -46.87 6.55 10.71
CA LYS Q 162 -47.35 6.32 9.36
C LYS Q 162 -46.78 7.41 8.47
N LEU Q 163 -46.92 8.66 8.88
CA LEU Q 163 -46.41 9.75 8.08
C LEU Q 163 -44.93 9.59 7.85
N CYS Q 164 -44.24 9.03 8.84
CA CYS Q 164 -42.80 8.77 8.76
C CYS Q 164 -42.50 7.70 7.74
N VAL Q 165 -43.00 6.49 8.01
CA VAL Q 165 -42.83 5.38 7.09
C VAL Q 165 -43.04 5.89 5.66
N GLN Q 166 -44.10 6.67 5.50
CA GLN Q 166 -44.42 7.23 4.22
C GLN Q 166 -43.20 7.94 3.69
N GLU Q 167 -42.64 8.89 4.43
CA GLU Q 167 -41.47 9.59 3.92
C GLU Q 167 -40.41 8.65 3.50
N LEU Q 168 -40.15 7.66 4.32
CA LEU Q 168 -39.12 6.69 3.98
C LEU Q 168 -39.45 5.92 2.73
N GLU Q 169 -40.64 5.34 2.63
CA GLU Q 169 -40.95 4.60 1.44
C GLU Q 169 -40.79 5.46 0.18
N LYS Q 170 -40.92 6.76 0.32
CA LYS Q 170 -40.79 7.60 -0.83
C LYS Q 170 -39.35 7.90 -1.16
N ARG Q 171 -38.62 8.43 -0.20
CA ARG Q 171 -37.24 8.84 -0.43
C ARG Q 171 -36.05 7.95 -0.13
N MET Q 172 -36.27 6.70 0.26
CA MET Q 172 -35.11 5.88 0.58
C MET Q 172 -34.77 4.86 -0.46
N PRO Q 173 -33.50 4.82 -0.88
CA PRO Q 173 -32.98 3.90 -1.88
C PRO Q 173 -33.38 2.44 -1.79
N MET Q 174 -33.21 1.83 -0.62
CA MET Q 174 -33.51 0.42 -0.43
C MET Q 174 -34.92 0.16 0.05
N ASP Q 175 -35.53 -0.90 -0.46
CA ASP Q 175 -36.89 -1.30 -0.11
C ASP Q 175 -36.84 -2.18 1.13
N PHE Q 176 -37.45 -1.72 2.20
CA PHE Q 176 -37.42 -2.48 3.42
C PHE Q 176 -38.67 -3.29 3.66
N LYS Q 177 -39.43 -3.54 2.61
CA LYS Q 177 -40.62 -4.34 2.76
C LYS Q 177 -41.63 -4.03 3.88
N GLY Q 178 -41.69 -2.78 4.28
CA GLY Q 178 -42.66 -2.42 5.31
C GLY Q 178 -42.15 -2.55 6.72
N VAL Q 179 -42.99 -2.30 7.70
CA VAL Q 179 -42.58 -2.41 9.07
C VAL Q 179 -43.50 -3.22 9.93
N ILE Q 180 -43.04 -3.50 11.14
CA ILE Q 180 -43.82 -4.19 12.13
C ILE Q 180 -43.79 -3.23 13.30
N VAL Q 181 -44.97 -2.93 13.82
CA VAL Q 181 -45.08 -1.99 14.90
C VAL Q 181 -45.53 -2.71 16.11
N LYS Q 182 -45.08 -2.27 17.26
CA LYS Q 182 -45.49 -2.88 18.49
C LYS Q 182 -45.61 -1.75 19.48
N ILE Q 183 -46.57 -1.86 20.39
CA ILE Q 183 -46.78 -0.83 21.40
C ILE Q 183 -46.59 -1.44 22.77
N VAL Q 184 -45.96 -0.69 23.66
CA VAL Q 184 -45.73 -1.16 25.00
C VAL Q 184 -46.49 -0.26 25.96
N ASP Q 185 -47.37 -0.82 26.81
CA ASP Q 185 -48.16 -0.04 27.77
C ASP Q 185 -48.48 -0.82 29.05
N LYS Q 186 -49.19 -0.19 29.99
CA LYS Q 186 -49.54 -0.83 31.25
C LYS Q 186 -50.02 -2.28 31.15
N ASP Q 187 -50.81 -2.61 30.13
CA ASP Q 187 -51.33 -3.96 30.01
C ASP Q 187 -50.38 -4.92 29.31
N GLY Q 188 -49.17 -4.45 29.03
CA GLY Q 188 -48.19 -5.29 28.35
C GLY Q 188 -47.68 -4.84 26.99
N ILE Q 189 -47.45 -5.81 26.13
CA ILE Q 189 -46.92 -5.53 24.81
C ILE Q 189 -47.85 -6.17 23.82
N ARG Q 190 -48.18 -5.43 22.77
CA ARG Q 190 -49.04 -5.95 21.73
C ARG Q 190 -48.54 -5.48 20.37
N GLN Q 191 -48.83 -6.30 19.36
CA GLN Q 191 -48.42 -6.04 17.99
C GLN Q 191 -49.62 -5.59 17.16
N VAL Q 192 -49.46 -4.44 16.51
CA VAL Q 192 -50.50 -3.86 15.69
C VAL Q 192 -50.55 -4.64 14.39
N ASP Q 193 -51.49 -5.56 14.25
CA ASP Q 193 -51.55 -6.34 13.02
C ASP Q 193 -51.98 -5.57 11.77
N ASP Q 194 -52.32 -4.29 11.91
CA ASP Q 194 -52.75 -3.48 10.77
C ASP Q 194 -51.89 -2.25 10.49
N PHE Q 195 -50.92 -2.38 9.60
CA PHE Q 195 -50.09 -1.23 9.25
C PHE Q 195 -49.75 -1.15 7.77
N GLN Q 196 -50.10 -2.20 7.02
CA GLN Q 196 -49.83 -2.24 5.58
C GLN Q 196 -50.71 -1.18 4.91
N ALA Q 197 -51.63 -0.64 5.70
CA ALA Q 197 -52.59 0.42 5.31
C ALA Q 197 -53.46 0.72 6.54
N GLN Q 198 -53.59 2.00 6.90
CA GLN Q 198 -54.39 2.44 8.06
C GLN Q 198 -55.24 3.67 7.73
N THR R 1 -23.24 -22.73 -7.75
CA THR R 1 -24.08 -23.56 -6.85
C THR R 1 -25.43 -22.96 -6.68
N THR R 2 -26.44 -23.78 -6.86
CA THR R 2 -27.82 -23.40 -6.71
C THR R 2 -28.53 -24.49 -5.88
N THR R 3 -29.20 -24.04 -4.82
CA THR R 3 -29.90 -24.93 -3.93
C THR R 3 -31.16 -24.23 -3.53
N LEU R 4 -32.24 -24.99 -3.40
CA LEU R 4 -33.52 -24.44 -2.99
C LEU R 4 -34.31 -25.45 -2.22
N ALA R 5 -35.04 -24.95 -1.24
CA ALA R 5 -35.91 -25.75 -0.40
C ALA R 5 -37.12 -24.89 -0.16
N PHE R 6 -38.29 -25.51 -0.21
CA PHE R 6 -39.52 -24.76 0.01
C PHE R 6 -40.60 -25.59 0.67
N ARG R 7 -41.55 -24.88 1.26
CA ARG R 7 -42.62 -25.48 2.05
C ARG R 7 -44.03 -25.53 1.43
N PHE R 8 -44.78 -26.61 1.74
CA PHE R 8 -46.16 -26.75 1.24
C PHE R 8 -46.96 -27.92 1.85
N GLN R 9 -48.13 -28.17 1.24
CA GLN R 9 -49.06 -29.23 1.64
C GLN R 9 -48.41 -30.54 2.07
N GLY R 10 -47.96 -31.34 1.12
CA GLY R 10 -47.37 -32.63 1.47
C GLY R 10 -45.92 -32.65 1.90
N GLY R 11 -45.48 -31.62 2.63
CA GLY R 11 -44.10 -31.62 3.09
C GLY R 11 -43.21 -30.46 2.63
N ILE R 12 -41.92 -30.76 2.53
CA ILE R 12 -40.90 -29.78 2.12
C ILE R 12 -40.20 -30.31 0.88
N ILE R 13 -39.75 -29.40 0.04
CA ILE R 13 -39.02 -29.77 -1.16
C ILE R 13 -37.62 -29.24 -1.05
N VAL R 14 -36.67 -30.06 -1.47
CA VAL R 14 -35.28 -29.69 -1.45
C VAL R 14 -34.65 -30.30 -2.69
N ALA R 15 -34.00 -29.47 -3.49
CA ALA R 15 -33.32 -29.89 -4.71
C ALA R 15 -32.07 -29.03 -4.81
N VAL R 16 -31.02 -29.57 -5.44
CA VAL R 16 -29.75 -28.85 -5.55
C VAL R 16 -29.03 -29.27 -6.82
N ASP R 17 -28.06 -28.48 -7.28
CA ASP R 17 -27.32 -28.88 -8.47
C ASP R 17 -26.18 -29.76 -7.98
N SER R 18 -25.16 -30.02 -8.80
CA SER R 18 -24.09 -30.87 -8.35
C SER R 18 -22.72 -30.54 -8.95
N ARG R 19 -22.40 -29.25 -8.99
CA ARG R 19 -21.15 -28.78 -9.56
C ARG R 19 -20.29 -27.99 -8.60
N ALA R 20 -19.00 -28.28 -8.54
CA ALA R 20 -18.08 -27.55 -7.68
C ALA R 20 -17.00 -27.02 -8.58
N THR R 21 -16.51 -25.82 -8.31
CA THR R 21 -15.50 -25.21 -9.14
C THR R 21 -14.33 -24.68 -8.37
N ALA R 22 -13.21 -24.55 -9.06
CA ALA R 22 -12.00 -24.01 -8.50
C ALA R 22 -11.75 -22.86 -9.45
N GLY R 23 -12.56 -21.82 -9.32
CA GLY R 23 -12.44 -20.65 -10.18
C GLY R 23 -13.20 -20.97 -11.45
N ASN R 24 -12.51 -21.02 -12.59
CA ASN R 24 -13.17 -21.33 -13.85
C ASN R 24 -13.23 -22.85 -13.96
N TRP R 25 -12.33 -23.51 -13.25
CA TRP R 25 -12.23 -24.96 -13.29
C TRP R 25 -13.43 -25.69 -12.78
N VAL R 26 -13.89 -26.65 -13.54
CA VAL R 26 -14.99 -27.44 -13.07
C VAL R 26 -14.36 -28.60 -12.35
N ALA R 27 -14.34 -28.52 -11.02
CA ALA R 27 -13.76 -29.55 -10.21
C ALA R 27 -14.59 -30.79 -10.29
N SER R 28 -15.90 -30.67 -10.22
CA SER R 28 -16.68 -31.86 -10.31
C SER R 28 -18.09 -31.59 -10.69
N GLN R 29 -18.70 -32.58 -11.30
CA GLN R 29 -20.07 -32.49 -11.72
C GLN R 29 -20.84 -33.51 -10.91
N THR R 30 -20.14 -34.28 -10.07
CA THR R 30 -20.80 -35.31 -9.30
C THR R 30 -20.68 -35.09 -7.81
N VAL R 31 -21.13 -33.93 -7.35
CA VAL R 31 -21.06 -33.60 -5.94
C VAL R 31 -22.41 -33.68 -5.30
N LYS R 32 -22.43 -34.29 -4.10
CA LYS R 32 -23.63 -34.46 -3.32
C LYS R 32 -23.66 -33.22 -2.42
N LYS R 33 -24.60 -32.32 -2.75
CA LYS R 33 -24.75 -31.13 -1.96
C LYS R 33 -25.74 -31.27 -0.86
N VAL R 34 -26.27 -32.49 -0.69
CA VAL R 34 -27.24 -32.68 0.34
C VAL R 34 -26.79 -33.69 1.38
N ILE R 35 -26.55 -33.24 2.61
CA ILE R 35 -26.09 -34.11 3.68
C ILE R 35 -27.30 -34.72 4.34
N GLU R 36 -27.37 -36.05 4.33
CA GLU R 36 -28.46 -36.76 4.96
C GLU R 36 -28.00 -36.75 6.41
N ILE R 37 -28.61 -35.86 7.20
CA ILE R 37 -28.26 -35.68 8.61
C ILE R 37 -28.60 -36.92 9.41
N ASN R 38 -29.82 -37.38 9.20
CA ASN R 38 -30.29 -38.57 9.83
C ASN R 38 -31.63 -38.82 9.19
N PRO R 39 -32.13 -40.05 9.26
CA PRO R 39 -33.42 -40.41 8.67
C PRO R 39 -34.52 -39.35 8.61
N PHE R 40 -34.41 -38.25 9.36
CA PHE R 40 -35.45 -37.21 9.34
C PHE R 40 -34.96 -35.78 9.10
N LEU R 41 -33.65 -35.57 9.05
CA LEU R 41 -33.14 -34.22 8.84
C LEU R 41 -32.22 -34.11 7.66
N LEU R 42 -32.34 -33.01 6.93
CA LEU R 42 -31.53 -32.73 5.76
C LEU R 42 -30.88 -31.36 5.82
N GLY R 43 -29.63 -31.27 5.43
CA GLY R 43 -28.92 -30.00 5.40
C GLY R 43 -28.39 -29.85 3.99
N THR R 44 -28.39 -28.63 3.44
CA THR R 44 -27.94 -28.36 2.07
C THR R 44 -26.58 -27.65 2.03
N MET R 45 -25.89 -27.73 0.90
CA MET R 45 -24.56 -27.12 0.77
C MET R 45 -24.36 -25.98 -0.26
N ALA R 46 -23.80 -24.88 0.19
CA ALA R 46 -23.54 -23.75 -0.67
C ALA R 46 -22.43 -22.99 0.02
N GLY R 47 -21.37 -22.67 -0.70
CA GLY R 47 -20.28 -21.95 -0.09
C GLY R 47 -19.13 -22.90 -0.26
N GLY R 48 -18.25 -23.00 0.73
CA GLY R 48 -17.15 -23.92 0.60
C GLY R 48 -17.57 -25.39 0.68
N ALA R 49 -17.02 -26.25 -0.16
CA ALA R 49 -17.41 -27.67 -0.13
C ALA R 49 -17.09 -28.34 1.19
N ALA R 50 -15.83 -28.20 1.60
CA ALA R 50 -15.37 -28.75 2.85
C ALA R 50 -16.22 -28.19 3.96
N ASP R 51 -16.11 -26.88 4.22
CA ASP R 51 -16.86 -26.22 5.29
C ASP R 51 -18.28 -26.71 5.51
N CYS R 52 -18.99 -26.94 4.43
CA CYS R 52 -20.35 -27.42 4.53
C CYS R 52 -20.40 -28.91 4.84
N GLN R 53 -19.74 -29.72 4.03
CA GLN R 53 -19.72 -31.16 4.24
C GLN R 53 -19.38 -31.55 5.68
N PHE R 54 -18.21 -31.10 6.13
CA PHE R 54 -17.72 -31.36 7.47
C PHE R 54 -18.71 -30.93 8.54
N TRP R 55 -18.96 -29.64 8.64
CA TRP R 55 -19.86 -29.15 9.65
C TRP R 55 -21.28 -29.63 9.58
N GLU R 56 -21.67 -30.29 8.50
CA GLU R 56 -23.02 -30.82 8.50
C GLU R 56 -22.97 -32.26 8.95
N THR R 57 -21.92 -32.97 8.55
CA THR R 57 -21.74 -34.34 8.98
C THR R 57 -21.67 -34.23 10.49
N TRP R 58 -20.88 -33.29 10.97
CA TRP R 58 -20.75 -33.06 12.40
C TRP R 58 -22.10 -32.91 13.03
N LEU R 59 -22.90 -32.00 12.51
CA LEU R 59 -24.24 -31.77 13.06
C LEU R 59 -24.87 -33.13 13.24
N GLY R 60 -24.76 -33.96 12.21
CA GLY R 60 -25.32 -35.30 12.25
C GLY R 60 -24.99 -35.98 13.55
N SER R 61 -23.83 -35.71 14.08
CA SER R 61 -23.45 -36.30 15.33
C SER R 61 -24.12 -35.65 16.52
N GLN R 62 -23.97 -34.35 16.68
CA GLN R 62 -24.55 -33.69 17.84
C GLN R 62 -26.03 -33.99 17.97
N CYS R 63 -26.68 -34.31 16.87
CA CYS R 63 -28.07 -34.69 16.92
C CYS R 63 -28.19 -36.06 17.55
N ARG R 64 -27.50 -37.05 16.99
CA ARG R 64 -27.53 -38.38 17.58
C ARG R 64 -27.37 -38.26 19.10
N LEU R 65 -26.33 -37.57 19.55
CA LEU R 65 -26.12 -37.41 20.98
C LEU R 65 -27.37 -36.87 21.63
N HIS R 66 -27.91 -35.80 21.11
CA HIS R 66 -29.10 -35.27 21.71
C HIS R 66 -30.18 -36.35 21.81
N GLU R 67 -30.27 -37.23 20.83
CA GLU R 67 -31.27 -38.29 20.87
C GLU R 67 -31.02 -39.30 21.98
N LEU R 68 -29.82 -39.80 22.07
CA LEU R 68 -29.51 -40.76 23.12
C LEU R 68 -29.80 -40.10 24.46
N ARG R 69 -29.50 -38.80 24.55
CA ARG R 69 -29.66 -38.05 25.77
C ARG R 69 -31.09 -37.83 26.24
N GLU R 70 -32.05 -37.62 25.35
CA GLU R 70 -33.39 -37.40 25.85
C GLU R 70 -34.47 -38.31 25.29
N LYS R 71 -34.06 -39.37 24.62
CA LYS R 71 -35.02 -40.33 24.08
C LYS R 71 -36.11 -39.70 23.21
N GLU R 72 -35.86 -38.49 22.72
CA GLU R 72 -36.85 -37.78 21.90
C GLU R 72 -36.18 -37.12 20.71
N ARG R 73 -36.80 -37.24 19.54
CA ARG R 73 -36.28 -36.64 18.31
C ARG R 73 -36.03 -35.15 18.40
N ILE R 74 -34.87 -34.73 17.93
CA ILE R 74 -34.44 -33.34 17.94
C ILE R 74 -35.23 -32.46 16.97
N SER R 75 -35.63 -31.28 17.43
CA SER R 75 -36.37 -30.37 16.60
C SER R 75 -35.45 -29.65 15.64
N VAL R 76 -35.99 -29.20 14.52
CA VAL R 76 -35.20 -28.51 13.52
C VAL R 76 -34.68 -27.22 14.08
N ALA R 77 -35.49 -26.54 14.85
CA ALA R 77 -35.05 -25.29 15.45
C ALA R 77 -33.77 -25.59 16.23
N ALA R 78 -33.80 -26.62 17.06
CA ALA R 78 -32.66 -27.00 17.87
C ALA R 78 -31.49 -27.44 17.03
N ALA R 79 -31.74 -28.33 16.09
CA ALA R 79 -30.66 -28.82 15.24
C ALA R 79 -30.01 -27.66 14.52
N SER R 80 -30.80 -26.76 13.98
CA SER R 80 -30.26 -25.62 13.26
C SER R 80 -29.43 -24.73 14.17
N LYS R 81 -30.02 -24.36 15.29
CA LYS R 81 -29.33 -23.48 16.20
C LYS R 81 -28.00 -24.05 16.60
N ILE R 82 -27.84 -25.36 16.54
CA ILE R 82 -26.54 -25.86 16.90
C ILE R 82 -25.54 -25.38 15.87
N LEU R 83 -25.81 -25.70 14.62
CA LEU R 83 -24.93 -25.32 13.54
C LEU R 83 -24.66 -23.86 13.63
N SER R 84 -25.74 -23.10 13.68
CA SER R 84 -25.68 -21.66 13.75
C SER R 84 -24.72 -21.20 14.82
N ASN R 85 -25.07 -21.48 16.06
CA ASN R 85 -24.22 -21.06 17.16
C ASN R 85 -22.80 -21.51 16.99
N LEU R 86 -22.62 -22.65 16.37
CA LEU R 86 -21.28 -23.15 16.15
C LEU R 86 -20.57 -22.13 15.31
N VAL R 87 -21.12 -21.93 14.11
CA VAL R 87 -20.59 -21.00 13.14
C VAL R 87 -20.31 -19.63 13.70
N TYR R 88 -21.19 -19.15 14.57
CA TYR R 88 -20.99 -17.84 15.17
C TYR R 88 -19.74 -17.84 16.04
N GLN R 89 -19.31 -18.98 16.55
CA GLN R 89 -18.11 -19.00 17.36
C GLN R 89 -16.91 -18.68 16.47
N TYR R 90 -16.90 -19.27 15.28
CA TYR R 90 -15.83 -19.08 14.32
C TYR R 90 -16.04 -17.84 13.46
N LYS R 91 -16.89 -16.91 13.87
CA LYS R 91 -17.11 -15.75 13.03
C LYS R 91 -15.90 -14.87 12.87
N GLY R 92 -15.58 -14.55 11.63
CA GLY R 92 -14.44 -13.71 11.35
C GLY R 92 -13.25 -14.49 10.88
N ALA R 93 -13.34 -15.80 11.00
CA ALA R 93 -12.26 -16.66 10.61
C ALA R 93 -12.14 -17.03 9.13
N GLY R 94 -13.17 -16.81 8.34
CA GLY R 94 -13.07 -17.15 6.93
C GLY R 94 -13.89 -18.32 6.45
N LEU R 95 -14.80 -18.79 7.29
CA LEU R 95 -15.63 -19.89 6.91
C LEU R 95 -16.60 -19.33 5.93
N SER R 96 -16.99 -20.10 4.94
CA SER R 96 -17.96 -19.62 3.98
C SER R 96 -18.93 -20.71 3.65
N MET R 97 -20.16 -20.55 4.11
CA MET R 97 -21.21 -21.49 3.84
C MET R 97 -22.56 -20.85 4.04
N GLY R 98 -23.52 -21.27 3.24
CA GLY R 98 -24.86 -20.77 3.34
C GLY R 98 -25.67 -22.02 3.17
N THR R 99 -26.48 -22.35 4.15
CA THR R 99 -27.24 -23.57 4.07
C THR R 99 -28.61 -23.54 4.73
N MET R 100 -29.47 -24.44 4.27
CA MET R 100 -30.82 -24.59 4.78
C MET R 100 -30.87 -25.85 5.61
N ILE R 101 -31.59 -25.78 6.73
CA ILE R 101 -31.77 -26.92 7.60
C ILE R 101 -33.25 -27.23 7.49
N CYS R 102 -33.59 -28.42 7.01
CA CYS R 102 -34.98 -28.74 6.80
C CYS R 102 -35.44 -30.05 7.43
N GLY R 103 -36.65 -30.05 8.00
CA GLY R 103 -37.19 -31.27 8.62
C GLY R 103 -38.69 -31.28 8.96
N TYR R 104 -39.20 -32.42 9.45
CA TYR R 104 -40.62 -32.56 9.85
C TYR R 104 -40.70 -33.19 11.26
N THR R 105 -41.18 -32.43 12.24
CA THR R 105 -41.29 -32.96 13.58
C THR R 105 -42.69 -32.80 14.10
N ARG R 106 -43.18 -33.80 14.81
CA ARG R 106 -44.51 -33.80 15.37
C ARG R 106 -44.85 -32.46 16.00
N LYS R 107 -43.87 -31.86 16.65
CA LYS R 107 -44.05 -30.61 17.35
C LYS R 107 -44.07 -29.36 16.48
N GLU R 108 -43.10 -29.25 15.58
CA GLU R 108 -42.93 -28.10 14.69
C GLU R 108 -43.62 -28.14 13.34
N GLY R 109 -43.92 -29.35 12.89
CA GLY R 109 -44.53 -29.49 11.59
C GLY R 109 -43.34 -29.32 10.69
N PRO R 110 -43.54 -29.15 9.38
CA PRO R 110 -42.44 -28.98 8.44
C PRO R 110 -41.78 -27.65 8.70
N THR R 111 -40.45 -27.62 8.76
CA THR R 111 -39.74 -26.37 9.02
C THR R 111 -38.41 -26.29 8.29
N ILE R 112 -38.04 -25.08 7.85
CA ILE R 112 -36.79 -24.82 7.14
C ILE R 112 -36.10 -23.59 7.74
N TYR R 113 -34.80 -23.67 7.92
CA TYR R 113 -34.08 -22.55 8.48
C TYR R 113 -32.89 -22.28 7.60
N TYR R 114 -32.60 -21.01 7.40
CA TYR R 114 -31.44 -20.65 6.62
C TYR R 114 -30.40 -20.34 7.67
N VAL R 115 -29.19 -20.81 7.43
CA VAL R 115 -28.11 -20.59 8.36
C VAL R 115 -26.84 -20.39 7.56
N ASP R 116 -26.18 -19.27 7.75
CA ASP R 116 -24.96 -19.02 6.99
C ASP R 116 -23.80 -18.68 7.87
N SER R 117 -22.61 -18.76 7.32
CA SER R 117 -21.40 -18.47 8.06
C SER R 117 -21.30 -17.07 8.60
N ASP R 118 -22.23 -16.20 8.22
CA ASP R 118 -22.22 -14.82 8.71
C ASP R 118 -22.89 -14.79 10.08
N GLY R 119 -23.63 -15.86 10.39
CA GLY R 119 -24.33 -15.94 11.66
C GLY R 119 -25.86 -15.92 11.62
N THR R 120 -26.43 -15.53 10.48
CA THR R 120 -27.86 -15.42 10.33
C THR R 120 -28.57 -16.76 10.37
N ARG R 121 -29.69 -16.78 11.11
CA ARG R 121 -30.55 -17.95 11.27
C ARG R 121 -31.95 -17.44 11.02
N LEU R 122 -32.61 -17.94 9.98
CA LEU R 122 -33.95 -17.46 9.65
C LEU R 122 -34.93 -18.56 9.40
N LYS R 123 -36.12 -18.38 9.95
CA LYS R 123 -37.18 -19.35 9.75
C LYS R 123 -37.91 -18.88 8.52
N GLY R 124 -38.09 -19.77 7.55
CA GLY R 124 -38.80 -19.36 6.35
C GLY R 124 -39.49 -20.45 5.57
N ASP R 125 -40.28 -20.08 4.57
CA ASP R 125 -41.01 -21.04 3.77
C ASP R 125 -40.32 -21.43 2.46
N ILE R 126 -39.74 -20.45 1.76
CA ILE R 126 -39.04 -20.67 0.49
C ILE R 126 -37.69 -19.99 0.56
N PHE R 127 -36.64 -20.71 0.20
CA PHE R 127 -35.30 -20.15 0.22
C PHE R 127 -34.49 -20.75 -0.86
N CYS R 128 -33.64 -19.95 -1.48
CA CYS R 128 -32.73 -20.38 -2.53
C CYS R 128 -31.41 -19.78 -2.13
N VAL R 129 -30.34 -20.55 -2.31
CA VAL R 129 -29.04 -20.08 -1.91
C VAL R 129 -27.96 -20.56 -2.85
N GLY R 130 -27.03 -19.67 -3.12
CA GLY R 130 -25.93 -20.02 -3.99
C GLY R 130 -25.74 -18.98 -5.07
N SER R 131 -24.70 -19.17 -5.89
CA SER R 131 -24.39 -18.25 -6.95
C SER R 131 -25.56 -18.20 -7.88
N GLY R 132 -26.18 -19.34 -8.11
CA GLY R 132 -27.31 -19.39 -9.02
C GLY R 132 -28.66 -19.25 -8.38
N GLN R 133 -28.72 -18.57 -7.24
CA GLN R 133 -30.00 -18.43 -6.54
C GLN R 133 -31.04 -17.61 -7.24
N THR R 134 -30.67 -16.39 -7.62
CA THR R 134 -31.60 -15.48 -8.28
C THR R 134 -32.34 -16.16 -9.37
N PHE R 135 -31.65 -16.96 -10.15
CA PHE R 135 -32.28 -17.63 -11.24
C PHE R 135 -33.38 -18.57 -10.78
N ALA R 136 -33.12 -19.39 -9.77
CA ALA R 136 -34.13 -20.31 -9.25
C ALA R 136 -35.28 -19.57 -8.59
N TYR R 137 -34.97 -18.54 -7.83
CA TYR R 137 -36.00 -17.77 -7.18
C TYR R 137 -37.02 -17.37 -8.19
N GLY R 138 -36.53 -16.93 -9.35
CA GLY R 138 -37.41 -16.52 -10.41
C GLY R 138 -38.52 -17.52 -10.63
N VAL R 139 -38.12 -18.67 -11.16
CA VAL R 139 -39.02 -19.77 -11.46
C VAL R 139 -39.96 -20.11 -10.31
N LEU R 140 -39.44 -20.14 -9.09
CA LEU R 140 -40.27 -20.45 -7.96
C LEU R 140 -41.39 -19.47 -7.76
N ASP R 141 -41.05 -18.28 -7.32
CA ASP R 141 -42.05 -17.26 -7.03
C ASP R 141 -43.29 -17.28 -7.93
N SER R 142 -43.06 -17.43 -9.23
CA SER R 142 -44.15 -17.41 -10.20
C SER R 142 -45.06 -18.60 -10.26
N ASN R 143 -44.56 -19.75 -9.86
CA ASN R 143 -45.38 -20.92 -9.93
C ASN R 143 -45.79 -21.43 -8.57
N TYR R 144 -45.20 -20.90 -7.51
CA TYR R 144 -45.54 -21.38 -6.18
C TYR R 144 -46.95 -21.07 -5.70
N LYS R 145 -47.60 -22.09 -5.16
CA LYS R 145 -48.93 -21.97 -4.61
C LYS R 145 -48.93 -23.04 -3.52
N TRP R 146 -49.44 -22.72 -2.33
CA TRP R 146 -49.46 -23.68 -1.22
C TRP R 146 -50.15 -24.98 -1.59
N ASP R 147 -51.11 -24.89 -2.50
CA ASP R 147 -51.91 -26.03 -2.96
C ASP R 147 -51.23 -26.98 -3.96
N LEU R 148 -49.92 -26.91 -4.11
CA LEU R 148 -49.25 -27.75 -5.09
C LEU R 148 -49.26 -29.26 -4.80
N SER R 149 -49.36 -30.07 -5.85
CA SER R 149 -49.39 -31.53 -5.68
C SER R 149 -47.97 -32.05 -5.66
N VAL R 150 -47.70 -33.00 -4.78
CA VAL R 150 -46.36 -33.56 -4.65
C VAL R 150 -45.70 -33.76 -6.03
N GLU R 151 -46.35 -34.50 -6.92
CA GLU R 151 -45.78 -34.72 -8.24
C GLU R 151 -45.46 -33.39 -8.91
N ASP R 152 -46.38 -32.44 -8.86
CA ASP R 152 -46.15 -31.15 -9.47
C ASP R 152 -44.98 -30.50 -8.77
N ALA R 153 -45.11 -30.32 -7.46
CA ALA R 153 -44.08 -29.70 -6.66
C ALA R 153 -42.66 -30.17 -7.04
N LEU R 154 -42.42 -31.47 -6.99
CA LEU R 154 -41.10 -32.00 -7.35
C LEU R 154 -40.64 -31.39 -8.66
N TYR R 155 -41.52 -31.34 -9.64
CA TYR R 155 -41.18 -30.78 -10.92
C TYR R 155 -40.68 -29.37 -10.70
N LEU R 156 -41.50 -28.54 -10.06
CA LEU R 156 -41.15 -27.12 -9.82
C LEU R 156 -39.73 -26.95 -9.32
N GLY R 157 -39.33 -27.78 -8.36
CA GLY R 157 -38.00 -27.71 -7.86
C GLY R 157 -37.12 -27.96 -9.03
N LYS R 158 -37.10 -29.21 -9.46
CA LYS R 158 -36.32 -29.69 -10.60
C LYS R 158 -36.17 -28.57 -11.61
N ARG R 159 -37.28 -27.99 -12.00
CA ARG R 159 -37.22 -26.93 -12.96
C ARG R 159 -36.39 -25.77 -12.46
N SER R 160 -36.79 -25.20 -11.33
CA SER R 160 -36.07 -24.05 -10.80
C SER R 160 -34.56 -24.22 -10.79
N ILE R 161 -34.08 -25.43 -10.57
CA ILE R 161 -32.65 -25.62 -10.60
C ILE R 161 -32.27 -25.56 -12.05
N LEU R 162 -32.92 -26.36 -12.87
CA LEU R 162 -32.64 -26.38 -14.30
C LEU R 162 -32.42 -24.98 -14.77
N ALA R 163 -33.35 -24.10 -14.43
CA ALA R 163 -33.24 -22.71 -14.80
C ALA R 163 -31.85 -22.21 -14.47
N ALA R 164 -31.53 -22.12 -13.17
CA ALA R 164 -30.24 -21.64 -12.72
C ALA R 164 -29.07 -22.36 -13.34
N ALA R 165 -29.20 -23.65 -13.60
CA ALA R 165 -28.08 -24.38 -14.19
C ALA R 165 -27.78 -23.87 -15.59
N HIS R 166 -28.83 -23.51 -16.31
CA HIS R 166 -28.67 -23.01 -17.66
C HIS R 166 -27.88 -21.73 -17.71
N ARG R 167 -28.25 -20.78 -16.88
CA ARG R 167 -27.60 -19.50 -16.87
C ARG R 167 -26.32 -19.35 -16.10
N ASP R 168 -26.37 -19.70 -14.83
CA ASP R 168 -25.22 -19.58 -13.97
C ASP R 168 -24.14 -20.54 -14.36
N ALA R 169 -23.06 -20.01 -14.87
CA ALA R 169 -21.96 -20.86 -15.25
C ALA R 169 -21.50 -21.75 -14.08
N TYR R 170 -21.45 -21.19 -12.89
CA TYR R 170 -21.01 -21.95 -11.73
C TYR R 170 -21.96 -23.05 -11.25
N SER R 171 -23.11 -23.21 -11.88
CA SER R 171 -24.05 -24.23 -11.44
C SER R 171 -24.29 -25.24 -12.50
N GLY R 172 -24.91 -26.34 -12.12
CA GLY R 172 -25.22 -27.36 -13.09
C GLY R 172 -24.79 -28.74 -12.72
N GLY R 173 -24.52 -29.54 -13.73
CA GLY R 173 -24.09 -30.90 -13.53
C GLY R 173 -25.28 -31.83 -13.60
N SER R 174 -25.97 -31.93 -12.47
CA SER R 174 -27.12 -32.79 -12.38
C SER R 174 -27.92 -32.36 -11.17
N VAL R 175 -29.20 -32.69 -11.15
CA VAL R 175 -30.08 -32.32 -10.07
C VAL R 175 -30.45 -33.47 -9.14
N ASN R 176 -30.35 -33.22 -7.84
CA ASN R 176 -30.69 -34.23 -6.84
C ASN R 176 -31.93 -33.73 -6.13
N LEU R 177 -32.97 -34.56 -6.14
CA LEU R 177 -34.25 -34.23 -5.52
C LEU R 177 -34.51 -34.94 -4.19
N TYR R 178 -35.26 -34.27 -3.31
CA TYR R 178 -35.61 -34.83 -2.00
C TYR R 178 -36.96 -34.28 -1.51
N HIS R 179 -37.81 -35.19 -1.02
CA HIS R 179 -39.15 -34.89 -0.52
C HIS R 179 -39.23 -35.25 0.98
N VAL R 180 -39.67 -34.30 1.79
CA VAL R 180 -39.78 -34.50 3.24
C VAL R 180 -41.17 -34.62 3.78
N THR R 181 -41.40 -35.70 4.53
CA THR R 181 -42.68 -36.02 5.18
C THR R 181 -42.31 -36.47 6.60
N GLU R 182 -43.29 -36.70 7.48
CA GLU R 182 -42.90 -37.13 8.83
C GLU R 182 -42.19 -38.50 8.90
N ASP R 183 -42.51 -39.39 7.95
CA ASP R 183 -41.90 -40.71 7.91
C ASP R 183 -40.49 -40.72 7.29
N GLY R 184 -39.85 -39.56 7.39
CA GLY R 184 -38.51 -39.39 6.84
C GLY R 184 -38.50 -38.64 5.51
N TRP R 185 -37.33 -38.58 4.90
CA TRP R 185 -37.19 -37.91 3.63
C TRP R 185 -37.20 -38.97 2.57
N ILE R 186 -37.50 -38.58 1.34
CA ILE R 186 -37.52 -39.56 0.28
C ILE R 186 -36.82 -38.97 -0.92
N TYR R 187 -35.77 -39.64 -1.36
CA TYR R 187 -34.97 -39.19 -2.49
C TYR R 187 -35.72 -39.45 -3.78
N HIS R 188 -35.61 -38.52 -4.72
CA HIS R 188 -36.31 -38.65 -5.99
C HIS R 188 -35.46 -38.61 -7.25
N GLY R 189 -34.23 -39.11 -7.14
CA GLY R 189 -33.33 -39.18 -8.28
C GLY R 189 -32.24 -38.16 -8.45
N ASN R 190 -31.31 -38.51 -9.33
CA ASN R 190 -30.20 -37.68 -9.70
C ASN R 190 -30.36 -37.61 -11.20
N HIS R 191 -30.87 -36.48 -11.65
CA HIS R 191 -31.10 -36.26 -13.08
C HIS R 191 -29.98 -35.44 -13.72
N ASP R 192 -29.25 -36.03 -14.67
CA ASP R 192 -28.16 -35.34 -15.33
C ASP R 192 -28.76 -34.22 -16.13
N VAL R 193 -28.25 -33.01 -15.98
CA VAL R 193 -28.79 -31.87 -16.71
C VAL R 193 -28.59 -32.11 -18.19
N GLY R 194 -27.51 -32.80 -18.50
CA GLY R 194 -27.21 -33.12 -19.88
C GLY R 194 -28.49 -33.59 -20.55
N GLU R 195 -29.08 -34.66 -20.03
CA GLU R 195 -30.29 -35.21 -20.61
C GLU R 195 -31.57 -34.42 -20.31
N LEU R 196 -31.68 -33.94 -19.08
CA LEU R 196 -32.88 -33.23 -18.66
C LEU R 196 -33.26 -32.01 -19.44
N PHE R 197 -32.32 -31.12 -19.70
CA PHE R 197 -32.61 -29.90 -20.43
C PHE R 197 -33.40 -30.17 -21.69
N TRP R 198 -32.85 -30.97 -22.58
CA TRP R 198 -33.52 -31.31 -23.83
C TRP R 198 -34.95 -31.79 -23.64
N LYS R 199 -35.13 -32.75 -22.75
CA LYS R 199 -36.44 -33.30 -22.48
C LYS R 199 -37.39 -32.18 -22.09
N VAL R 200 -36.99 -31.35 -21.11
CA VAL R 200 -37.87 -30.27 -20.69
C VAL R 200 -38.16 -29.32 -21.86
N LYS R 201 -37.13 -28.97 -22.62
CA LYS R 201 -37.32 -28.06 -23.73
C LYS R 201 -38.43 -28.60 -24.58
N GLU R 202 -38.26 -29.82 -25.05
CA GLU R 202 -39.25 -30.42 -25.90
C GLU R 202 -40.62 -30.43 -25.25
N GLU R 203 -40.78 -31.20 -24.20
CA GLU R 203 -42.08 -31.31 -23.55
C GLU R 203 -42.77 -30.02 -23.15
N GLU R 204 -42.04 -29.12 -22.50
CA GLU R 204 -42.64 -27.87 -22.05
C GLU R 204 -42.67 -26.86 -23.17
N GLY R 205 -41.74 -27.00 -24.09
CA GLY R 205 -41.66 -26.09 -25.22
C GLY R 205 -40.83 -24.86 -24.97
N SER R 206 -40.28 -24.72 -23.76
CA SER R 206 -39.50 -23.54 -23.44
C SER R 206 -38.06 -23.57 -23.87
N PHE R 207 -37.27 -22.60 -23.38
CA PHE R 207 -35.85 -22.44 -23.76
C PHE R 207 -35.88 -22.41 -25.28
N ASN R 208 -36.84 -21.69 -25.84
CA ASN R 208 -36.97 -21.64 -27.28
C ASN R 208 -35.79 -21.08 -28.00
N ASN R 209 -35.15 -20.09 -27.37
CA ASN R 209 -33.98 -19.44 -27.96
C ASN R 209 -32.86 -20.43 -28.17
N VAL R 210 -32.93 -21.54 -27.48
CA VAL R 210 -31.91 -22.54 -27.66
C VAL R 210 -32.31 -23.29 -28.93
N ILE R 211 -31.33 -23.73 -29.70
CA ILE R 211 -31.61 -24.44 -30.92
C ILE R 211 -31.38 -25.91 -30.71
N GLY R 212 -32.28 -26.73 -31.20
CA GLY R 212 -32.15 -28.16 -31.06
C GLY R 212 -33.44 -28.85 -31.40
N GLN S 1 9.32 -11.38 2.63
CA GLN S 1 8.60 -12.05 3.76
C GLN S 1 8.64 -13.56 3.51
N PHE S 2 8.54 -14.36 4.57
CA PHE S 2 8.62 -15.82 4.43
C PHE S 2 7.33 -16.37 3.89
N ASN S 3 7.42 -17.12 2.79
CA ASN S 3 6.26 -17.74 2.15
C ASN S 3 6.42 -19.21 2.35
N PRO S 4 5.74 -19.75 3.36
CA PRO S 4 5.74 -21.14 3.78
C PRO S 4 5.33 -22.18 2.77
N TYR S 5 5.08 -21.79 1.52
CA TYR S 5 4.66 -22.80 0.56
C TYR S 5 5.56 -22.85 -0.67
N GLY S 6 5.42 -23.91 -1.47
CA GLY S 6 6.19 -24.08 -2.67
C GLY S 6 5.30 -24.84 -3.64
N ASP S 7 5.84 -25.33 -4.74
CA ASP S 7 5.05 -26.08 -5.70
C ASP S 7 6.05 -26.97 -6.31
N ASN S 8 5.89 -28.26 -6.13
CA ASN S 8 6.81 -29.21 -6.70
C ASN S 8 6.17 -29.81 -7.90
N GLY S 9 5.12 -29.16 -8.35
CA GLY S 9 4.43 -29.60 -9.54
C GLY S 9 3.98 -31.02 -9.42
N GLY S 10 4.35 -31.84 -10.38
CA GLY S 10 3.91 -33.21 -10.32
C GLY S 10 2.45 -33.27 -10.73
N THR S 11 1.98 -34.48 -10.91
CA THR S 11 0.63 -34.73 -11.34
C THR S 11 0.37 -36.19 -10.99
N ILE S 12 -0.87 -36.54 -10.69
CA ILE S 12 -1.23 -37.90 -10.34
C ILE S 12 -2.58 -38.23 -10.96
N LEU S 13 -2.93 -39.50 -10.91
CA LEU S 13 -4.17 -39.90 -11.53
C LEU S 13 -4.65 -41.22 -10.96
N GLY S 14 -5.95 -41.30 -10.69
CA GLY S 14 -6.52 -42.50 -10.13
C GLY S 14 -7.76 -42.95 -10.87
N ILE S 15 -7.83 -44.24 -11.12
CA ILE S 15 -8.95 -44.81 -11.84
C ILE S 15 -9.31 -46.16 -11.23
N ALA S 16 -10.59 -46.43 -11.17
CA ALA S 16 -11.09 -47.63 -10.58
C ALA S 16 -11.82 -48.52 -11.55
N GLY S 17 -11.47 -49.80 -11.55
CA GLY S 17 -12.12 -50.77 -12.42
C GLY S 17 -13.07 -51.63 -11.62
N GLU S 18 -13.73 -52.60 -12.26
CA GLU S 18 -14.69 -53.47 -11.56
C GLU S 18 -14.18 -54.13 -10.30
N ASP S 19 -12.93 -54.55 -10.29
CA ASP S 19 -12.37 -55.19 -9.10
C ASP S 19 -10.87 -54.95 -8.98
N PHE S 20 -10.51 -53.66 -9.00
CA PHE S 20 -9.13 -53.18 -8.90
C PHE S 20 -9.23 -51.69 -9.05
N ALA S 21 -8.12 -51.00 -8.80
CA ALA S 21 -8.06 -49.55 -8.91
C ALA S 21 -6.60 -49.20 -9.10
N VAL S 22 -6.32 -48.02 -9.60
CA VAL S 22 -4.93 -47.67 -9.80
C VAL S 22 -4.71 -46.26 -9.36
N LEU S 23 -3.45 -45.91 -9.18
CA LEU S 23 -3.13 -44.57 -8.76
C LEU S 23 -1.72 -44.37 -9.25
N ALA S 24 -1.53 -43.40 -10.14
CA ALA S 24 -0.22 -43.12 -10.69
C ALA S 24 0.15 -41.65 -10.59
N GLY S 25 1.43 -41.36 -10.75
CA GLY S 25 1.88 -39.99 -10.71
C GLY S 25 3.24 -39.96 -11.35
N ASP S 26 3.63 -38.82 -11.88
CA ASP S 26 4.95 -38.74 -12.47
C ASP S 26 5.96 -38.79 -11.35
N THR S 27 7.21 -38.98 -11.73
CA THR S 27 8.27 -39.12 -10.77
C THR S 27 9.24 -37.96 -10.84
N ARG S 28 8.72 -36.79 -11.15
CA ARG S 28 9.56 -35.62 -11.27
C ARG S 28 9.24 -34.70 -10.13
N ASN S 29 10.24 -33.94 -9.73
CA ASN S 29 10.08 -33.01 -8.63
C ASN S 29 10.84 -31.75 -8.98
N ILE S 30 10.12 -30.66 -9.18
CA ILE S 30 10.73 -29.38 -9.56
C ILE S 30 10.65 -28.25 -8.57
N THR S 31 11.30 -27.15 -8.93
CA THR S 31 11.30 -25.94 -8.14
C THR S 31 11.54 -24.89 -9.17
N ASP S 32 10.55 -24.04 -9.34
CA ASP S 32 10.64 -22.99 -10.31
C ASP S 32 10.92 -23.64 -11.64
N TYR S 33 12.09 -23.41 -12.20
CA TYR S 33 12.40 -23.99 -13.47
C TYR S 33 13.33 -25.15 -13.37
N SER S 34 13.95 -25.32 -12.22
CA SER S 34 14.90 -26.40 -12.03
C SER S 34 14.23 -27.70 -11.70
N ILE S 35 14.96 -28.78 -11.87
CA ILE S 35 14.46 -30.10 -11.56
C ILE S 35 15.22 -30.52 -10.35
N ASN S 36 14.49 -31.03 -9.38
CA ASN S 36 15.08 -31.49 -8.17
C ASN S 36 15.40 -32.94 -8.28
N SER S 37 14.45 -33.69 -8.79
CA SER S 37 14.69 -35.10 -8.89
C SER S 37 13.94 -35.74 -10.01
N ARG S 38 14.59 -36.65 -10.74
CA ARG S 38 13.92 -37.36 -11.80
C ARG S 38 13.24 -38.59 -11.23
N TYR S 39 13.50 -38.92 -9.99
CA TYR S 39 12.85 -40.08 -9.39
C TYR S 39 12.58 -40.00 -7.90
N GLU S 40 11.47 -39.38 -7.50
CA GLU S 40 11.09 -39.30 -6.10
C GLU S 40 9.63 -39.62 -6.05
N PRO S 41 9.30 -40.87 -5.74
CA PRO S 41 7.96 -41.40 -5.65
C PRO S 41 7.06 -40.58 -4.74
N LYS S 42 5.78 -40.60 -5.04
CA LYS S 42 4.82 -39.86 -4.26
C LYS S 42 3.48 -40.57 -4.25
N VAL S 43 3.51 -41.85 -4.56
CA VAL S 43 2.30 -42.64 -4.50
C VAL S 43 2.82 -43.73 -3.61
N PHE S 44 2.25 -43.85 -2.40
CA PHE S 44 2.73 -44.82 -1.45
C PHE S 44 1.77 -45.93 -1.05
N ASP S 45 2.32 -46.98 -0.42
CA ASP S 45 1.54 -48.11 0.09
C ASP S 45 1.51 -47.92 1.60
N CYS S 46 0.33 -47.81 2.19
CA CYS S 46 0.25 -47.60 3.62
C CYS S 46 -0.24 -48.77 4.43
N GLY S 47 -0.36 -49.92 3.78
CA GLY S 47 -0.85 -51.07 4.50
C GLY S 47 -2.33 -51.17 4.30
N ASP S 48 -2.91 -52.26 4.77
CA ASP S 48 -4.34 -52.50 4.65
C ASP S 48 -4.88 -52.34 3.26
N ASN S 49 -4.02 -52.51 2.27
CA ASN S 49 -4.47 -52.41 0.89
C ASN S 49 -4.94 -51.00 0.56
N ILE S 50 -4.11 -50.00 0.83
CA ILE S 50 -4.46 -48.60 0.56
C ILE S 50 -3.28 -47.83 -0.02
N VAL S 51 -3.49 -47.25 -1.20
CA VAL S 51 -2.48 -46.47 -1.92
C VAL S 51 -2.93 -45.02 -1.85
N MET S 52 -1.98 -44.11 -1.78
CA MET S 52 -2.36 -42.72 -1.64
C MET S 52 -1.26 -41.82 -2.07
N SER S 53 -1.65 -40.64 -2.53
CA SER S 53 -0.72 -39.62 -2.95
C SER S 53 -1.24 -38.25 -2.58
N ALA S 54 -0.31 -37.37 -2.23
CA ALA S 54 -0.60 -36.00 -1.87
C ALA S 54 0.18 -35.10 -2.80
N ASN S 55 -0.46 -34.63 -3.87
CA ASN S 55 0.25 -33.82 -4.82
C ASN S 55 0.08 -32.34 -4.70
N GLY S 56 1.19 -31.66 -4.68
CA GLY S 56 1.17 -30.22 -4.60
C GLY S 56 2.49 -29.78 -4.07
N PHE S 57 2.50 -29.41 -2.81
CA PHE S 57 3.67 -28.96 -2.08
C PHE S 57 4.28 -30.18 -1.44
N ALA S 58 5.47 -30.58 -1.90
CA ALA S 58 6.17 -31.74 -1.38
C ALA S 58 6.13 -31.88 0.12
N ALA S 59 6.71 -30.94 0.85
CA ALA S 59 6.71 -31.04 2.32
C ALA S 59 5.33 -31.45 2.82
N ASP S 60 4.33 -30.62 2.56
CA ASP S 60 2.99 -30.93 3.01
C ASP S 60 2.54 -32.26 2.53
N GLY S 61 3.03 -32.70 1.39
CA GLY S 61 2.61 -33.99 0.91
C GLY S 61 3.16 -35.10 1.80
N ASP S 62 4.47 -35.06 2.04
CA ASP S 62 5.15 -36.05 2.87
C ASP S 62 4.56 -36.13 4.25
N ALA S 63 4.32 -34.99 4.88
CA ALA S 63 3.76 -34.98 6.21
C ALA S 63 2.44 -35.70 6.23
N LEU S 64 1.46 -35.22 5.46
CA LEU S 64 0.16 -35.84 5.43
C LEU S 64 0.28 -37.34 5.28
N VAL S 65 1.13 -37.79 4.36
CA VAL S 65 1.33 -39.21 4.19
C VAL S 65 1.74 -39.82 5.53
N LYS S 66 2.83 -39.34 6.12
CA LYS S 66 3.29 -39.83 7.41
C LYS S 66 2.10 -39.92 8.36
N ARG S 67 1.49 -38.78 8.68
CA ARG S 67 0.38 -38.76 9.60
C ARG S 67 -0.63 -39.83 9.31
N PHE S 68 -0.85 -40.13 8.05
CA PHE S 68 -1.83 -41.16 7.73
C PHE S 68 -1.37 -42.57 8.07
N LYS S 69 -0.29 -43.01 7.43
CA LYS S 69 0.25 -44.34 7.65
C LYS S 69 0.17 -44.59 9.13
N ASN S 70 0.69 -43.64 9.90
CA ASN S 70 0.72 -43.73 11.34
C ASN S 70 -0.68 -43.85 11.94
N SER S 71 -1.66 -43.20 11.36
CA SER S 71 -3.01 -43.29 11.89
C SER S 71 -3.42 -44.72 11.76
N VAL S 72 -3.12 -45.27 10.61
CA VAL S 72 -3.41 -46.66 10.34
C VAL S 72 -2.75 -47.60 11.35
N LYS S 73 -1.53 -47.28 11.73
CA LYS S 73 -0.80 -48.08 12.70
C LYS S 73 -1.61 -48.10 13.99
N TRP S 74 -2.00 -46.93 14.47
CA TRP S 74 -2.78 -46.82 15.69
C TRP S 74 -4.19 -47.39 15.63
N TYR S 75 -4.78 -47.39 14.45
CA TYR S 75 -6.11 -47.96 14.30
C TYR S 75 -6.03 -49.40 14.80
N HIS S 76 -5.11 -50.15 14.21
CA HIS S 76 -4.86 -51.54 14.57
C HIS S 76 -4.70 -51.67 16.07
N PHE S 77 -3.80 -50.86 16.60
CA PHE S 77 -3.52 -50.86 18.02
C PHE S 77 -4.79 -50.70 18.78
N ASP S 78 -5.42 -49.56 18.63
CA ASP S 78 -6.64 -49.27 19.35
C ASP S 78 -7.87 -50.04 18.91
N HIS S 79 -7.74 -51.03 18.03
CA HIS S 79 -8.91 -51.80 17.58
C HIS S 79 -8.63 -53.25 17.19
N ASN S 80 -7.84 -53.96 18.01
CA ASN S 80 -7.48 -55.36 17.78
C ASN S 80 -7.26 -55.72 16.31
N ASP S 81 -6.19 -55.19 15.73
CA ASP S 81 -5.85 -55.44 14.35
C ASP S 81 -6.96 -55.41 13.33
N LYS S 82 -8.05 -54.70 13.61
CA LYS S 82 -9.14 -54.62 12.66
C LYS S 82 -8.62 -53.96 11.39
N LYS S 83 -9.06 -54.44 10.25
CA LYS S 83 -8.61 -53.87 9.00
C LYS S 83 -9.36 -52.59 8.68
N LEU S 84 -8.63 -51.62 8.17
CA LEU S 84 -9.13 -50.28 7.83
C LEU S 84 -9.86 -50.19 6.49
N SER S 85 -11.18 -50.07 6.56
CA SER S 85 -11.95 -50.00 5.34
C SER S 85 -11.68 -48.68 4.69
N ILE S 86 -11.53 -48.69 3.38
CA ILE S 86 -11.25 -47.48 2.63
C ILE S 86 -12.19 -46.32 2.92
N ASN S 87 -13.48 -46.58 2.94
CA ASN S 87 -14.43 -45.51 3.22
C ASN S 87 -14.04 -44.91 4.56
N SER S 88 -13.55 -45.74 5.46
CA SER S 88 -13.17 -45.25 6.75
C SER S 88 -11.92 -44.41 6.62
N ALA S 89 -10.94 -44.91 5.90
CA ALA S 89 -9.70 -44.17 5.71
C ALA S 89 -10.01 -42.81 5.14
N ALA S 90 -10.98 -42.74 4.24
CA ALA S 90 -11.35 -41.46 3.67
C ALA S 90 -11.78 -40.51 4.76
N ARG S 91 -12.82 -40.88 5.49
CA ARG S 91 -13.32 -40.02 6.54
C ARG S 91 -12.19 -39.63 7.46
N ASN S 92 -11.26 -40.54 7.67
CA ASN S 92 -10.14 -40.23 8.54
C ASN S 92 -9.40 -39.07 7.90
N ILE S 93 -8.93 -39.28 6.69
CA ILE S 93 -8.21 -38.24 5.99
C ILE S 93 -8.96 -36.92 5.94
N GLN S 94 -10.28 -36.97 5.84
CA GLN S 94 -11.03 -35.73 5.82
C GLN S 94 -10.64 -34.98 7.06
N HIS S 95 -10.61 -35.67 8.19
CA HIS S 95 -10.25 -35.01 9.44
C HIS S 95 -8.83 -34.51 9.50
N LEU S 96 -7.90 -35.31 8.98
CA LEU S 96 -6.50 -34.93 9.00
C LEU S 96 -6.39 -33.61 8.32
N LEU S 97 -7.02 -33.52 7.16
CA LEU S 97 -6.98 -32.30 6.39
C LEU S 97 -7.67 -31.14 7.04
N TYR S 98 -8.95 -31.29 7.32
CA TYR S 98 -9.69 -30.19 7.89
C TYR S 98 -9.13 -29.69 9.18
N GLY S 99 -8.26 -30.46 9.81
CA GLY S 99 -7.68 -30.01 11.07
C GLY S 99 -6.83 -28.79 10.85
N LYS S 100 -6.36 -28.60 9.62
CA LYS S 100 -5.54 -27.47 9.23
C LYS S 100 -6.31 -26.50 8.35
N ARG S 101 -7.60 -26.36 8.58
CA ARG S 101 -8.41 -25.47 7.78
C ARG S 101 -7.95 -24.03 7.75
N PHE S 102 -7.06 -23.62 8.63
CA PHE S 102 -6.63 -22.25 8.54
C PHE S 102 -5.16 -22.16 8.29
N PHE S 103 -4.60 -23.24 7.78
CA PHE S 103 -3.18 -23.35 7.42
C PHE S 103 -3.13 -24.68 6.72
N PRO S 104 -3.90 -24.81 5.66
CA PRO S 104 -4.06 -25.99 4.84
C PRO S 104 -2.80 -26.67 4.34
N TYR S 105 -3.00 -27.90 3.90
CA TYR S 105 -1.96 -28.69 3.35
C TYR S 105 -2.13 -28.33 1.88
N TYR S 106 -1.19 -27.64 1.25
CA TYR S 106 -1.32 -27.26 -0.17
C TYR S 106 -1.17 -28.52 -1.00
N VAL S 107 -2.19 -29.36 -1.01
CA VAL S 107 -2.10 -30.59 -1.76
C VAL S 107 -3.47 -31.02 -2.23
N HIS S 108 -3.50 -31.70 -3.35
CA HIS S 108 -4.74 -32.27 -3.88
C HIS S 108 -4.37 -33.72 -3.69
N THR S 109 -5.09 -34.40 -2.80
CA THR S 109 -4.78 -35.78 -2.53
C THR S 109 -5.80 -36.78 -3.01
N ILE S 110 -5.33 -37.97 -3.30
CA ILE S 110 -6.21 -39.02 -3.75
C ILE S 110 -5.67 -40.27 -3.11
N ILE S 111 -6.54 -41.24 -2.95
CA ILE S 111 -6.18 -42.54 -2.41
C ILE S 111 -7.09 -43.53 -3.09
N ALA S 112 -6.69 -44.78 -3.17
CA ALA S 112 -7.53 -45.78 -3.81
C ALA S 112 -7.28 -47.18 -3.26
N GLY S 113 -8.17 -48.10 -3.63
CA GLY S 113 -8.11 -49.49 -3.20
C GLY S 113 -9.42 -50.22 -3.48
N LEU S 114 -9.88 -51.04 -2.53
CA LEU S 114 -11.12 -51.81 -2.69
C LEU S 114 -12.07 -51.56 -1.55
N ASP S 115 -13.37 -51.64 -1.81
CA ASP S 115 -14.33 -51.42 -0.74
C ASP S 115 -14.77 -52.72 -0.07
N GLU S 116 -15.65 -52.60 0.92
CA GLU S 116 -16.13 -53.76 1.64
C GLU S 116 -16.80 -54.81 0.74
N ASP S 117 -17.59 -54.37 -0.25
CA ASP S 117 -18.23 -55.34 -1.11
C ASP S 117 -17.26 -55.82 -2.16
N GLY S 118 -15.99 -55.52 -1.94
CA GLY S 118 -14.97 -55.97 -2.88
C GLY S 118 -14.80 -55.17 -4.16
N LYS S 119 -15.68 -54.24 -4.44
CA LYS S 119 -15.55 -53.44 -5.65
C LYS S 119 -14.45 -52.40 -5.53
N GLY S 120 -13.89 -51.97 -6.65
CA GLY S 120 -12.80 -51.00 -6.63
C GLY S 120 -13.28 -49.58 -6.38
N ALA S 121 -12.40 -48.74 -5.81
CA ALA S 121 -12.79 -47.38 -5.54
C ALA S 121 -11.69 -46.35 -5.40
N VAL S 122 -12.08 -45.09 -5.59
CA VAL S 122 -11.21 -43.93 -5.52
C VAL S 122 -11.91 -42.74 -4.85
N TYR S 123 -11.17 -42.04 -4.00
CA TYR S 123 -11.68 -40.87 -3.27
C TYR S 123 -10.67 -39.73 -3.51
N SER S 124 -11.14 -38.49 -3.65
CA SER S 124 -10.22 -37.37 -3.85
C SER S 124 -10.56 -36.22 -2.91
N PHE S 125 -9.56 -35.41 -2.58
CA PHE S 125 -9.74 -34.31 -1.62
C PHE S 125 -9.34 -32.86 -1.95
N ASP S 126 -10.17 -31.94 -1.51
CA ASP S 126 -9.96 -30.50 -1.62
C ASP S 126 -8.71 -30.38 -0.77
N PRO S 127 -8.02 -29.24 -0.79
CA PRO S 127 -6.86 -29.26 0.10
C PRO S 127 -7.35 -29.11 1.52
N VAL S 128 -8.66 -29.01 1.70
CA VAL S 128 -9.16 -28.92 3.07
C VAL S 128 -10.26 -29.91 3.38
N GLY S 129 -10.14 -31.11 2.86
CA GLY S 129 -11.11 -32.10 3.19
C GLY S 129 -12.38 -32.28 2.42
N SER S 130 -12.67 -31.54 1.36
CA SER S 130 -13.92 -31.85 0.69
C SER S 130 -13.59 -33.19 0.03
N TYR S 131 -14.32 -34.24 0.37
CA TYR S 131 -14.02 -35.54 -0.22
C TYR S 131 -15.27 -36.13 -0.84
N GLU S 132 -15.12 -37.01 -1.81
CA GLU S 132 -16.24 -37.66 -2.45
C GLU S 132 -15.70 -38.89 -3.08
N ARG S 133 -16.56 -39.84 -3.42
CA ARG S 133 -16.07 -41.04 -4.06
C ARG S 133 -16.28 -40.90 -5.54
N GLU S 134 -15.22 -41.08 -6.31
CA GLU S 134 -15.30 -40.90 -7.75
C GLU S 134 -14.79 -42.09 -8.57
N GLN S 135 -15.19 -42.12 -9.83
CA GLN S 135 -14.81 -43.15 -10.75
C GLN S 135 -13.36 -43.02 -11.21
N CYS S 136 -12.89 -41.79 -11.35
CA CYS S 136 -11.53 -41.52 -11.80
C CYS S 136 -11.31 -40.06 -11.50
N ARG S 137 -10.06 -39.70 -11.27
CA ARG S 137 -9.69 -38.32 -10.98
C ARG S 137 -8.20 -38.19 -11.15
N ALA S 138 -7.78 -37.06 -11.69
CA ALA S 138 -6.38 -36.75 -11.87
C ALA S 138 -6.21 -35.49 -11.07
N GLY S 139 -4.99 -35.19 -10.66
CA GLY S 139 -4.81 -34.00 -9.86
C GLY S 139 -3.42 -33.50 -9.98
N GLY S 140 -3.21 -32.20 -9.78
CA GLY S 140 -1.86 -31.68 -9.90
C GLY S 140 -1.74 -30.71 -11.05
N ALA S 141 -0.49 -30.43 -11.41
CA ALA S 141 -0.22 -29.48 -12.46
C ALA S 141 -1.04 -29.76 -13.72
N ALA S 142 -1.03 -30.99 -14.18
CA ALA S 142 -1.78 -31.30 -15.37
C ALA S 142 -3.19 -31.78 -15.09
N ALA S 143 -3.74 -31.46 -13.94
CA ALA S 143 -5.10 -31.89 -13.61
C ALA S 143 -6.01 -31.53 -14.74
N SER S 144 -5.94 -30.25 -15.08
CA SER S 144 -6.74 -29.64 -16.13
C SER S 144 -6.63 -30.33 -17.46
N LEU S 145 -5.44 -30.77 -17.82
CA LEU S 145 -5.26 -31.45 -19.10
C LEU S 145 -5.89 -32.81 -19.16
N ILE S 146 -5.54 -33.68 -18.22
CA ILE S 146 -6.05 -35.04 -18.23
C ILE S 146 -7.49 -35.29 -17.81
N MET S 147 -7.98 -34.54 -16.83
CA MET S 147 -9.34 -34.75 -16.40
C MET S 147 -10.36 -34.89 -17.51
N PRO S 148 -10.34 -33.99 -18.50
CA PRO S 148 -11.32 -34.11 -19.57
C PRO S 148 -11.26 -35.46 -20.22
N PHE S 149 -10.07 -35.84 -20.66
CA PHE S 149 -9.79 -37.12 -21.29
C PHE S 149 -10.46 -38.24 -20.52
N LEU S 150 -10.27 -38.28 -19.19
CA LEU S 150 -10.93 -39.31 -18.39
C LEU S 150 -12.43 -39.22 -18.54
N ASP S 151 -12.99 -38.01 -18.43
CA ASP S 151 -14.43 -37.84 -18.57
C ASP S 151 -14.92 -38.47 -19.88
N ASN S 152 -14.02 -38.55 -20.85
CA ASN S 152 -14.38 -39.07 -22.16
C ASN S 152 -14.19 -40.55 -22.32
N GLN S 153 -12.99 -41.01 -22.02
CA GLN S 153 -12.64 -42.41 -22.15
C GLN S 153 -13.05 -43.34 -21.02
N VAL S 154 -13.31 -42.78 -19.84
CA VAL S 154 -13.68 -43.58 -18.69
C VAL S 154 -15.17 -43.52 -18.40
N ASN S 155 -15.74 -42.33 -18.27
CA ASN S 155 -17.16 -42.22 -17.99
C ASN S 155 -18.01 -42.07 -19.25
N PHE S 156 -17.35 -42.16 -20.39
CA PHE S 156 -17.96 -42.07 -21.73
C PHE S 156 -18.84 -40.87 -21.97
N LYS S 157 -18.37 -39.72 -21.54
CA LYS S 157 -19.12 -38.49 -21.69
C LYS S 157 -19.12 -37.99 -23.13
N ASN S 158 -20.27 -37.46 -23.54
CA ASN S 158 -20.42 -36.93 -24.87
C ASN S 158 -20.41 -37.98 -25.98
N GLN S 159 -20.02 -39.21 -25.67
CA GLN S 159 -20.07 -40.24 -26.70
C GLN S 159 -21.52 -40.68 -26.80
N TYR S 160 -21.95 -41.17 -27.96
CA TYR S 160 -23.31 -41.65 -28.15
C TYR S 160 -23.28 -42.90 -29.02
N GLU S 161 -24.39 -43.64 -29.11
CA GLU S 161 -24.41 -44.84 -29.96
C GLU S 161 -24.67 -44.45 -31.42
N PRO S 162 -23.75 -44.83 -32.32
CA PRO S 162 -23.86 -44.54 -33.75
C PRO S 162 -25.23 -44.86 -34.31
N GLY S 163 -25.73 -43.96 -35.13
CA GLY S 163 -27.02 -44.16 -35.74
C GLY S 163 -28.23 -43.84 -34.90
N THR S 164 -28.05 -43.51 -33.63
CA THR S 164 -29.21 -43.22 -32.81
C THR S 164 -29.71 -41.77 -32.78
N ASN S 165 -29.37 -40.97 -33.80
CA ASN S 165 -29.79 -39.56 -33.84
C ASN S 165 -29.55 -38.91 -32.48
N GLY S 166 -28.43 -39.29 -31.87
CA GLY S 166 -28.04 -38.75 -30.58
C GLY S 166 -29.06 -38.80 -29.48
N LYS S 167 -29.82 -39.90 -29.39
CA LYS S 167 -30.83 -40.02 -28.33
C LYS S 167 -30.53 -41.15 -27.36
N VAL S 168 -29.37 -41.79 -27.54
CA VAL S 168 -28.94 -42.90 -26.70
C VAL S 168 -27.45 -42.83 -26.33
N LYS S 169 -27.16 -42.65 -25.03
CA LYS S 169 -25.79 -42.54 -24.54
C LYS S 169 -25.03 -43.85 -24.70
N LYS S 170 -23.71 -43.76 -24.87
CA LYS S 170 -22.93 -44.97 -25.00
C LYS S 170 -23.18 -45.72 -23.70
N PRO S 171 -23.56 -47.00 -23.80
CA PRO S 171 -23.81 -47.78 -22.58
C PRO S 171 -22.56 -47.78 -21.70
N LEU S 172 -22.77 -47.78 -20.38
CA LEU S 172 -21.68 -47.76 -19.46
C LEU S 172 -21.03 -49.09 -19.12
N LYS S 173 -20.22 -49.62 -20.04
CA LYS S 173 -19.49 -50.87 -19.81
C LYS S 173 -18.35 -50.52 -18.86
N TYR S 174 -17.53 -51.49 -18.48
CA TYR S 174 -16.42 -51.17 -17.63
C TYR S 174 -15.06 -51.65 -18.05
N LEU S 175 -14.10 -50.73 -17.97
CA LEU S 175 -12.73 -50.99 -18.38
C LEU S 175 -12.00 -52.11 -17.69
N SER S 176 -11.18 -52.79 -18.49
CA SER S 176 -10.35 -53.90 -18.02
C SER S 176 -9.07 -53.25 -17.57
N VAL S 177 -8.40 -53.87 -16.62
CA VAL S 177 -7.16 -53.32 -16.10
C VAL S 177 -6.18 -52.97 -17.21
N GLU S 178 -5.96 -53.91 -18.12
CA GLU S 178 -5.04 -53.67 -19.22
C GLU S 178 -5.45 -52.38 -19.95
N GLU S 179 -6.70 -52.29 -20.34
CA GLU S 179 -7.17 -51.12 -21.05
C GLU S 179 -6.94 -49.87 -20.19
N VAL S 180 -7.05 -50.01 -18.89
CA VAL S 180 -6.82 -48.84 -18.04
C VAL S 180 -5.42 -48.34 -18.11
N ILE S 181 -4.47 -49.23 -17.96
CA ILE S 181 -3.10 -48.78 -18.02
C ILE S 181 -2.87 -47.97 -19.29
N LYS S 182 -3.45 -48.43 -20.40
CA LYS S 182 -3.31 -47.72 -21.68
C LYS S 182 -3.68 -46.26 -21.47
N LEU S 183 -4.85 -46.02 -20.88
CA LEU S 183 -5.28 -44.65 -20.62
C LEU S 183 -4.26 -43.92 -19.77
N VAL S 184 -3.68 -44.60 -18.79
CA VAL S 184 -2.70 -43.96 -17.94
C VAL S 184 -1.48 -43.44 -18.68
N ARG S 185 -0.79 -44.34 -19.35
CA ARG S 185 0.41 -43.95 -20.08
C ARG S 185 0.12 -42.85 -21.04
N ASP S 186 -0.91 -42.99 -21.84
CA ASP S 186 -1.18 -41.92 -22.78
C ASP S 186 -1.40 -40.63 -22.03
N SER S 187 -2.26 -40.67 -21.01
CA SER S 187 -2.56 -39.47 -20.23
C SER S 187 -1.30 -38.76 -19.78
N PHE S 188 -0.25 -39.52 -19.50
CA PHE S 188 0.99 -38.92 -19.10
C PHE S 188 1.82 -38.42 -20.23
N THR S 189 2.04 -39.24 -21.25
CA THR S 189 2.83 -38.79 -22.38
C THR S 189 2.25 -37.45 -22.82
N SER S 190 0.93 -37.42 -23.03
CA SER S 190 0.27 -36.20 -23.45
C SER S 190 0.63 -35.08 -22.52
N ALA S 191 0.34 -35.25 -21.24
CA ALA S 191 0.64 -34.22 -20.27
C ALA S 191 2.11 -33.78 -20.34
N THR S 192 2.98 -34.74 -20.62
CA THR S 192 4.40 -34.48 -20.72
C THR S 192 4.71 -33.56 -21.86
N GLU S 193 3.99 -33.72 -22.94
CA GLU S 193 4.22 -32.89 -24.12
C GLU S 193 3.86 -31.45 -23.88
N ARG S 194 2.86 -31.20 -23.05
CA ARG S 194 2.42 -29.84 -22.81
C ARG S 194 2.72 -29.21 -21.49
N HIS S 195 3.11 -29.98 -20.49
CA HIS S 195 3.37 -29.35 -19.22
C HIS S 195 4.81 -29.51 -18.79
N ILE S 196 5.51 -28.40 -18.75
CA ILE S 196 6.91 -28.40 -18.35
C ILE S 196 7.16 -29.01 -16.99
N GLN S 197 6.13 -29.16 -16.19
CA GLN S 197 6.34 -29.72 -14.88
C GLN S 197 6.22 -31.19 -14.87
N VAL S 198 5.60 -31.74 -15.88
CA VAL S 198 5.42 -33.15 -15.92
C VAL S 198 6.46 -33.77 -16.80
N GLY S 199 6.87 -34.98 -16.46
CA GLY S 199 7.84 -35.69 -17.26
C GLY S 199 8.67 -36.63 -16.41
N ASP S 200 9.79 -37.09 -16.93
CA ASP S 200 10.70 -37.96 -16.22
C ASP S 200 10.38 -39.41 -15.93
N GLY S 201 9.30 -39.67 -15.20
CA GLY S 201 8.97 -41.04 -14.91
C GLY S 201 7.54 -41.21 -14.49
N LEU S 202 6.97 -42.37 -14.79
CA LEU S 202 5.61 -42.66 -14.42
C LEU S 202 5.68 -43.94 -13.61
N GLU S 203 5.27 -43.88 -12.36
CA GLU S 203 5.27 -45.06 -11.49
C GLU S 203 3.79 -45.28 -11.19
N ILE S 204 3.31 -46.49 -11.39
CA ILE S 204 1.91 -46.79 -11.15
C ILE S 204 1.75 -47.84 -10.07
N LEU S 205 0.79 -47.63 -9.17
CA LEU S 205 0.51 -48.60 -8.13
C LEU S 205 -0.89 -49.16 -8.45
N ILE S 206 -0.98 -50.49 -8.50
CA ILE S 206 -2.20 -51.22 -8.83
C ILE S 206 -2.64 -52.04 -7.64
N VAL S 207 -3.93 -52.05 -7.38
CA VAL S 207 -4.45 -52.77 -6.23
C VAL S 207 -5.49 -53.83 -6.55
N THR S 208 -5.31 -55.02 -6.00
CA THR S 208 -6.27 -56.11 -6.20
C THR S 208 -6.30 -56.92 -4.92
N LYS S 209 -7.27 -57.82 -4.80
CA LYS S 209 -7.38 -58.63 -3.61
C LYS S 209 -6.07 -59.35 -3.23
N ASP S 210 -5.17 -59.51 -4.19
CA ASP S 210 -3.91 -60.21 -3.96
C ASP S 210 -2.78 -59.33 -3.43
N GLY S 211 -3.06 -58.05 -3.21
CA GLY S 211 -2.02 -57.18 -2.69
C GLY S 211 -1.82 -55.88 -3.46
N VAL S 212 -0.57 -55.46 -3.57
CA VAL S 212 -0.19 -54.23 -4.25
C VAL S 212 0.96 -54.46 -5.24
N ARG S 213 0.72 -54.14 -6.50
CA ARG S 213 1.71 -54.32 -7.56
C ARG S 213 2.29 -52.99 -8.06
N LYS S 214 3.56 -52.94 -8.46
CA LYS S 214 4.13 -51.69 -8.97
C LYS S 214 4.67 -51.86 -10.38
N GLU S 215 4.45 -50.88 -11.25
CA GLU S 215 4.94 -50.89 -12.64
C GLU S 215 5.59 -49.51 -12.92
N PHE S 216 6.65 -49.47 -13.73
CA PHE S 216 7.34 -48.20 -14.01
C PHE S 216 7.83 -48.01 -15.44
N TYR S 217 7.40 -46.92 -16.06
CA TYR S 217 7.75 -46.60 -17.43
C TYR S 217 8.45 -45.26 -17.45
N GLU S 218 9.44 -45.11 -18.31
CA GLU S 218 10.16 -43.84 -18.42
C GLU S 218 9.31 -42.81 -19.15
N LEU S 219 9.72 -41.54 -19.09
CA LEU S 219 9.00 -40.47 -19.76
C LEU S 219 10.03 -39.47 -20.31
N LYS S 220 9.61 -38.55 -21.16
CA LYS S 220 10.56 -37.61 -21.72
C LYS S 220 11.17 -36.74 -20.65
N ARG S 221 12.49 -36.65 -20.63
CA ARG S 221 13.18 -35.88 -19.61
C ARG S 221 13.50 -34.44 -19.98
N ASP S 222 12.69 -33.83 -20.83
CA ASP S 222 12.93 -32.43 -21.23
C ASP S 222 11.99 -31.48 -20.50
N THR T 1 9.72 -15.69 11.00
CA THR T 1 9.77 -14.43 10.24
C THR T 1 11.16 -13.83 10.37
N GLN T 2 12.01 -13.99 9.36
CA GLN T 2 13.34 -13.47 9.47
C GLN T 2 13.94 -13.29 8.09
N GLN T 3 15.19 -12.86 8.08
CA GLN T 3 15.89 -12.67 6.83
C GLN T 3 17.32 -13.01 7.06
N PRO T 4 17.83 -13.97 6.32
CA PRO T 4 19.21 -14.37 6.46
C PRO T 4 20.13 -13.21 6.32
N ILE T 5 21.14 -13.16 7.17
CA ILE T 5 22.15 -12.13 7.11
C ILE T 5 23.44 -12.79 6.55
N VAL T 6 24.33 -13.25 7.41
CA VAL T 6 25.56 -13.88 6.95
C VAL T 6 25.20 -15.16 6.26
N THR T 7 25.56 -15.30 5.01
CA THR T 7 25.19 -16.48 4.29
C THR T 7 26.28 -17.19 3.54
N GLY T 8 26.00 -18.45 3.20
CA GLY T 8 26.95 -19.26 2.47
C GLY T 8 26.19 -19.84 1.30
N THR T 9 26.88 -19.93 0.16
CA THR T 9 26.27 -20.41 -1.06
C THR T 9 26.15 -21.91 -1.33
N SER T 10 26.27 -22.29 -2.60
CA SER T 10 26.10 -23.67 -3.01
C SER T 10 26.84 -24.74 -2.25
N VAL T 11 26.32 -25.96 -2.38
CA VAL T 11 26.86 -27.17 -1.79
C VAL T 11 26.60 -28.18 -2.86
N ILE T 12 27.63 -28.81 -3.37
CA ILE T 12 27.40 -29.75 -4.42
C ILE T 12 27.60 -31.15 -3.94
N SER T 13 26.97 -32.09 -4.59
CA SER T 13 27.13 -33.45 -4.14
C SER T 13 26.57 -34.37 -5.18
N MET T 14 27.16 -35.55 -5.27
CA MET T 14 26.77 -36.58 -6.21
C MET T 14 27.15 -37.87 -5.56
N LYS T 15 26.53 -38.96 -5.98
CA LYS T 15 26.84 -40.26 -5.42
C LYS T 15 27.46 -41.21 -6.45
N TYR T 16 28.34 -42.11 -6.02
CA TYR T 16 28.99 -43.07 -6.91
C TYR T 16 28.97 -44.52 -6.41
N ASP T 17 29.59 -45.43 -7.16
CA ASP T 17 29.59 -46.87 -6.84
C ASP T 17 29.95 -47.33 -5.43
N ASN T 18 30.82 -46.60 -4.75
CA ASN T 18 31.22 -47.00 -3.40
C ASN T 18 31.03 -45.93 -2.33
N GLY T 19 30.22 -44.92 -2.60
CA GLY T 19 30.03 -43.88 -1.61
C GLY T 19 29.60 -42.53 -2.16
N VAL T 20 29.92 -41.45 -1.46
CA VAL T 20 29.51 -40.14 -1.90
C VAL T 20 30.55 -39.06 -1.75
N ILE T 21 30.35 -37.98 -2.49
CA ILE T 21 31.25 -36.84 -2.45
C ILE T 21 30.37 -35.63 -2.27
N ILE T 22 30.84 -34.67 -1.49
CA ILE T 22 30.07 -33.46 -1.29
C ILE T 22 31.07 -32.36 -1.04
N ALA T 23 30.71 -31.14 -1.39
CA ALA T 23 31.63 -30.05 -1.18
C ALA T 23 30.94 -28.73 -1.14
N ALA T 24 31.66 -27.72 -0.65
CA ALA T 24 31.14 -26.37 -0.54
C ALA T 24 32.26 -25.46 -0.15
N ASP T 25 32.26 -24.25 -0.67
CA ASP T 25 33.33 -23.33 -0.38
C ASP T 25 33.39 -22.93 1.06
N ASN T 26 34.29 -22.00 1.37
CA ASN T 26 34.48 -21.53 2.72
C ASN T 26 34.23 -20.04 2.79
N LEU T 27 32.99 -19.62 2.53
CA LEU T 27 32.67 -18.20 2.57
C LEU T 27 31.40 -17.90 3.33
N GLY T 28 31.39 -16.72 3.96
CA GLY T 28 30.23 -16.24 4.71
C GLY T 28 30.01 -14.81 4.25
N SER T 29 28.96 -14.60 3.47
CA SER T 29 28.69 -13.31 2.88
C SER T 29 27.74 -12.46 3.67
N TYR T 30 28.00 -11.16 3.71
CA TYR T 30 27.14 -10.22 4.41
C TYR T 30 26.57 -9.43 3.27
N GLY T 31 25.67 -10.05 2.53
CA GLY T 31 25.09 -9.38 1.41
C GLY T 31 26.07 -9.50 0.28
N SER T 32 26.50 -8.37 -0.24
CA SER T 32 27.46 -8.33 -1.35
C SER T 32 28.90 -8.36 -0.87
N LEU T 33 29.12 -8.02 0.39
CA LEU T 33 30.47 -8.03 0.96
C LEU T 33 30.85 -9.46 1.33
N LEU T 34 31.85 -10.03 0.67
CA LEU T 34 32.29 -11.39 0.99
C LEU T 34 33.05 -11.23 2.29
N ARG T 35 32.34 -11.40 3.39
CA ARG T 35 32.89 -11.17 4.74
C ARG T 35 33.88 -12.10 5.41
N PHE T 36 33.50 -13.37 5.56
CA PHE T 36 34.39 -14.31 6.24
C PHE T 36 34.94 -15.37 5.33
N ASN T 37 36.25 -15.52 5.33
CA ASN T 37 36.92 -16.47 4.46
C ASN T 37 37.37 -17.78 5.06
N GLY T 38 36.94 -18.09 6.26
CA GLY T 38 37.37 -19.33 6.87
C GLY T 38 36.21 -20.03 7.50
N VAL T 39 35.13 -20.17 6.77
CA VAL T 39 33.94 -20.80 7.30
C VAL T 39 33.77 -22.19 6.79
N GLU T 40 33.81 -23.17 7.67
CA GLU T 40 33.66 -24.52 7.23
C GLU T 40 32.21 -24.86 7.27
N ARG T 41 31.66 -25.22 6.13
CA ARG T 41 30.24 -25.53 6.08
C ARG T 41 30.01 -27.01 5.93
N LEU T 42 31.07 -27.78 6.09
CA LEU T 42 30.95 -29.23 6.00
C LEU T 42 31.08 -29.78 7.42
N ILE T 43 29.98 -30.35 7.90
CA ILE T 43 29.95 -30.88 9.25
C ILE T 43 29.92 -32.39 9.29
N PRO T 44 31.01 -33.00 9.74
CA PRO T 44 31.14 -34.44 9.83
C PRO T 44 30.44 -34.90 11.07
N VAL T 45 29.66 -35.95 10.96
CA VAL T 45 28.96 -36.47 12.10
C VAL T 45 29.34 -37.91 12.28
N GLY T 46 30.40 -38.13 13.02
CA GLY T 46 30.84 -39.48 13.23
C GLY T 46 31.85 -39.84 12.16
N ASP T 47 31.83 -41.09 11.75
CA ASP T 47 32.77 -41.55 10.74
C ASP T 47 31.99 -42.17 9.60
N ASN T 48 30.85 -41.62 9.28
CA ASN T 48 30.06 -42.19 8.17
C ASN T 48 28.95 -41.28 7.65
N THR T 49 29.06 -39.99 7.92
CA THR T 49 28.05 -39.04 7.51
C THR T 49 28.56 -37.62 7.56
N VAL T 50 28.31 -36.87 6.49
CA VAL T 50 28.70 -35.47 6.41
C VAL T 50 27.52 -34.70 5.96
N VAL T 51 27.29 -33.58 6.61
CA VAL T 51 26.18 -32.72 6.29
C VAL T 51 26.79 -31.41 5.91
N GLY T 52 26.37 -30.93 4.75
CA GLY T 52 26.86 -29.66 4.24
C GLY T 52 25.66 -28.78 4.27
N ILE T 53 25.85 -27.50 4.54
CA ILE T 53 24.75 -26.57 4.71
C ILE T 53 24.89 -25.22 4.01
N SER T 54 23.85 -24.75 3.31
CA SER T 54 23.92 -23.44 2.66
C SER T 54 22.85 -22.62 3.27
N GLY T 55 22.96 -21.31 3.11
CA GLY T 55 21.97 -20.44 3.68
C GLY T 55 22.54 -19.57 4.75
N ASP T 56 21.76 -19.36 5.80
CA ASP T 56 22.17 -18.52 6.90
C ASP T 56 23.09 -19.28 7.83
N ILE T 57 24.17 -18.60 8.17
CA ILE T 57 25.20 -19.16 9.01
C ILE T 57 24.84 -19.33 10.46
N SER T 58 24.38 -18.26 11.12
CA SER T 58 24.02 -18.33 12.52
C SER T 58 23.17 -19.55 12.71
N ASP T 59 22.24 -19.80 11.80
CA ASP T 59 21.40 -20.99 11.89
C ASP T 59 22.22 -22.25 11.68
N MET T 60 23.20 -22.20 10.80
CA MET T 60 24.04 -23.37 10.57
C MET T 60 24.73 -23.72 11.88
N GLN T 61 25.38 -22.72 12.49
CA GLN T 61 26.06 -22.90 13.75
C GLN T 61 25.11 -23.59 14.74
N HIS T 62 23.85 -23.21 14.73
CA HIS T 62 22.87 -23.85 15.61
C HIS T 62 22.85 -25.32 15.25
N ILE T 63 22.68 -25.63 13.98
CA ILE T 63 22.63 -27.03 13.58
C ILE T 63 23.88 -27.80 13.94
N GLU T 64 25.01 -27.09 14.07
CA GLU T 64 26.24 -27.74 14.50
C GLU T 64 25.95 -28.21 15.92
N ARG T 65 25.61 -27.26 16.78
CA ARG T 65 25.31 -27.55 18.16
C ARG T 65 24.30 -28.67 18.27
N LEU T 66 23.27 -28.65 17.46
CA LEU T 66 22.27 -29.70 17.54
C LEU T 66 22.82 -31.06 17.20
N LEU T 67 23.80 -31.11 16.32
CA LEU T 67 24.38 -32.39 15.95
C LEU T 67 25.24 -32.96 17.06
N LYS T 68 26.20 -32.19 17.55
CA LYS T 68 27.03 -32.67 18.63
C LYS T 68 26.12 -33.24 19.71
N ASP T 69 25.03 -32.56 20.03
CA ASP T 69 24.10 -33.06 21.04
C ASP T 69 23.57 -34.42 20.65
N LEU T 70 23.20 -34.56 19.38
CA LEU T 70 22.66 -35.81 18.92
C LEU T 70 23.68 -36.91 19.10
N VAL T 71 24.95 -36.57 18.89
CA VAL T 71 26.01 -37.54 19.07
C VAL T 71 26.10 -37.93 20.53
N THR T 72 26.33 -36.94 21.38
CA THR T 72 26.42 -37.18 22.81
C THR T 72 25.28 -38.04 23.34
N GLU T 73 24.06 -37.55 23.19
CA GLU T 73 22.86 -38.21 23.68
C GLU T 73 22.70 -39.65 23.19
N ASN T 74 23.36 -40.03 22.10
CA ASN T 74 23.24 -41.38 21.55
C ASN T 74 24.12 -42.35 22.30
N ALA T 75 25.28 -41.85 22.71
CA ALA T 75 26.26 -42.64 23.44
C ALA T 75 25.64 -43.08 24.78
N TYR T 76 24.86 -42.18 25.39
CA TYR T 76 24.19 -42.45 26.65
C TYR T 76 23.49 -43.80 26.73
N ASP T 77 23.78 -44.54 27.80
CA ASP T 77 23.17 -45.84 28.04
C ASP T 77 23.13 -46.65 26.76
N ASN T 78 24.21 -46.50 26.00
CA ASN T 78 24.38 -47.20 24.75
C ASN T 78 25.78 -47.80 24.71
N PRO T 79 25.88 -49.10 25.03
CA PRO T 79 27.16 -49.79 25.03
C PRO T 79 27.62 -50.03 23.59
N LEU T 80 26.71 -49.85 22.65
CA LEU T 80 26.99 -50.05 21.24
C LEU T 80 27.15 -48.72 20.45
N ALA T 81 27.51 -47.67 21.18
CA ALA T 81 27.72 -46.37 20.57
C ALA T 81 28.69 -46.47 19.42
N ASP T 82 29.94 -46.84 19.68
CA ASP T 82 30.91 -46.95 18.59
C ASP T 82 30.77 -48.24 17.80
N ALA T 83 29.52 -48.64 17.55
CA ALA T 83 29.26 -49.87 16.80
C ALA T 83 27.81 -49.99 16.35
N GLU T 84 27.26 -51.20 16.37
CA GLU T 84 25.87 -51.48 15.95
C GLU T 84 24.73 -50.48 16.18
N GLU T 85 24.83 -49.62 17.19
CA GLU T 85 23.76 -48.66 17.41
C GLU T 85 24.31 -47.27 17.22
N ALA T 86 25.28 -47.15 16.33
CA ALA T 86 25.88 -45.86 16.02
C ALA T 86 24.91 -45.08 15.12
N LEU T 87 25.11 -43.77 15.06
CA LEU T 87 24.25 -42.92 14.24
C LEU T 87 24.39 -43.22 12.77
N GLU T 88 23.27 -43.49 12.12
CA GLU T 88 23.25 -43.77 10.70
C GLU T 88 22.81 -42.50 10.00
N PRO T 89 23.24 -42.30 8.75
CA PRO T 89 22.83 -41.11 8.04
C PRO T 89 21.32 -41.00 8.02
N SER T 90 20.61 -42.10 7.74
CA SER T 90 19.16 -41.99 7.69
C SER T 90 18.59 -41.36 8.94
N TYR T 91 19.17 -41.72 10.09
CA TYR T 91 18.71 -41.17 11.36
C TYR T 91 18.98 -39.69 11.41
N ILE T 92 20.21 -39.29 11.12
CA ILE T 92 20.53 -37.87 11.13
C ILE T 92 19.64 -37.09 10.20
N PHE T 93 19.40 -37.62 9.02
CA PHE T 93 18.57 -36.90 8.11
C PHE T 93 17.17 -36.73 8.60
N GLU T 94 16.50 -37.84 8.87
CA GLU T 94 15.12 -37.76 9.30
C GLU T 94 14.96 -36.86 10.49
N TYR T 95 16.00 -36.74 11.31
CA TYR T 95 15.90 -35.86 12.46
C TYR T 95 15.76 -34.48 11.88
N LEU T 96 16.84 -33.99 11.28
CA LEU T 96 16.88 -32.67 10.69
C LEU T 96 15.64 -32.36 9.88
N ALA T 97 15.25 -33.30 9.03
CA ALA T 97 14.07 -33.13 8.21
C ALA T 97 12.91 -32.79 9.08
N THR T 98 12.78 -33.51 10.17
CA THR T 98 11.69 -33.30 11.08
C THR T 98 11.75 -31.93 11.72
N VAL T 99 12.94 -31.48 12.03
CA VAL T 99 13.14 -30.21 12.68
C VAL T 99 12.82 -29.04 11.78
N MET T 100 13.33 -29.09 10.56
CA MET T 100 13.09 -28.02 9.60
C MET T 100 11.60 -27.79 9.49
N TYR T 101 10.89 -28.84 9.12
CA TYR T 101 9.46 -28.76 8.93
C TYR T 101 8.73 -28.21 10.15
N GLN T 102 9.12 -28.63 11.34
CA GLN T 102 8.45 -28.11 12.51
C GLN T 102 8.71 -26.63 12.51
N ARG T 103 9.96 -26.22 12.29
CA ARG T 103 10.24 -24.81 12.32
C ARG T 103 9.50 -23.95 11.26
N ARG T 104 9.16 -24.54 10.12
CA ARG T 104 8.46 -23.75 9.13
C ARG T 104 7.03 -23.70 9.55
N SER T 105 6.51 -24.81 10.03
CA SER T 105 5.13 -24.82 10.46
C SER T 105 4.91 -23.88 11.63
N LYS T 106 5.97 -23.43 12.27
CA LYS T 106 5.79 -22.51 13.38
C LYS T 106 6.20 -21.11 12.93
N MET T 107 6.34 -20.96 11.61
CA MET T 107 6.70 -19.66 10.99
C MET T 107 7.99 -19.02 11.47
N ASN T 108 8.93 -19.83 11.91
CA ASN T 108 10.19 -19.34 12.37
C ASN T 108 11.21 -20.34 11.90
N PRO T 109 11.40 -20.40 10.58
CA PRO T 109 12.29 -21.27 9.83
C PRO T 109 13.76 -21.07 10.07
N LEU T 110 14.53 -22.09 9.69
CA LEU T 110 15.97 -22.07 9.75
C LEU T 110 16.22 -21.81 8.28
N TRP T 111 16.91 -20.73 7.93
CA TRP T 111 17.13 -20.36 6.53
C TRP T 111 18.25 -21.13 5.90
N ASN T 112 18.01 -22.40 5.63
CA ASN T 112 19.03 -23.24 5.06
C ASN T 112 18.52 -24.26 4.07
N ALA T 113 19.47 -24.76 3.32
CA ALA T 113 19.24 -25.81 2.37
C ALA T 113 20.41 -26.64 2.84
N ILE T 114 20.14 -27.87 3.21
CA ILE T 114 21.10 -28.80 3.74
C ILE T 114 21.10 -30.04 2.92
N ILE T 115 22.29 -30.56 2.65
CA ILE T 115 22.41 -31.80 1.93
C ILE T 115 23.08 -32.71 2.91
N VAL T 116 22.49 -33.86 3.13
CA VAL T 116 23.03 -34.81 4.06
C VAL T 116 23.54 -35.95 3.24
N ALA T 117 24.80 -36.32 3.43
CA ALA T 117 25.33 -37.38 2.62
C ALA T 117 26.23 -38.29 3.37
N GLY T 118 26.11 -39.58 3.05
CA GLY T 118 26.92 -40.60 3.67
C GLY T 118 26.55 -42.02 3.20
N VAL T 119 26.89 -43.01 4.01
CA VAL T 119 26.62 -44.41 3.70
C VAL T 119 26.08 -45.08 4.96
N GLN T 120 25.22 -46.07 4.75
CA GLN T 120 24.59 -46.79 5.85
C GLN T 120 25.33 -48.06 6.29
N SER T 121 24.88 -48.63 7.41
CA SER T 121 25.45 -49.83 8.00
C SER T 121 25.64 -50.93 7.00
N ASN T 122 24.60 -51.20 6.22
CA ASN T 122 24.65 -52.27 5.24
C ASN T 122 25.38 -51.85 3.99
N GLY T 123 25.80 -50.59 3.93
CA GLY T 123 26.54 -50.11 2.79
C GLY T 123 25.87 -49.19 1.77
N ASP T 124 24.54 -49.16 1.74
CA ASP T 124 23.85 -48.31 0.78
C ASP T 124 24.36 -46.88 0.87
N GLN T 125 24.39 -46.19 -0.25
CA GLN T 125 24.82 -44.81 -0.24
C GLN T 125 23.59 -44.06 0.21
N PHE T 126 23.79 -42.81 0.61
CA PHE T 126 22.67 -41.97 1.01
C PHE T 126 22.97 -40.51 0.71
N LEU T 127 22.02 -39.85 0.08
CA LEU T 127 22.15 -38.47 -0.30
C LEU T 127 20.73 -37.96 -0.35
N ARG T 128 20.39 -36.95 0.43
CA ARG T 128 19.05 -36.41 0.39
C ARG T 128 19.12 -34.96 0.79
N TYR T 129 18.11 -34.20 0.38
CA TYR T 129 18.05 -32.76 0.59
C TYR T 129 16.84 -32.32 1.39
N VAL T 130 17.06 -31.34 2.24
CA VAL T 130 15.98 -30.77 2.99
C VAL T 130 16.33 -29.31 3.13
N ASN T 131 15.35 -28.43 2.89
CA ASN T 131 15.58 -26.99 3.00
C ASN T 131 14.58 -26.32 3.93
N LEU T 132 14.63 -25.00 4.02
CA LEU T 132 13.74 -24.26 4.94
C LEU T 132 12.26 -24.59 4.93
N LEU T 133 11.77 -25.28 3.94
CA LEU T 133 10.33 -25.60 3.92
C LEU T 133 10.07 -27.05 4.32
N GLY T 134 11.11 -27.88 4.41
CA GLY T 134 10.89 -29.25 4.77
C GLY T 134 10.61 -30.11 3.57
N VAL T 135 10.99 -29.60 2.43
CA VAL T 135 10.85 -30.33 1.18
C VAL T 135 12.00 -31.29 1.20
N THR T 136 11.77 -32.53 0.81
CA THR T 136 12.83 -33.48 0.83
C THR T 136 12.86 -34.28 -0.43
N TYR T 137 14.05 -34.42 -1.00
CA TYR T 137 14.16 -35.20 -2.20
C TYR T 137 15.56 -35.78 -2.32
N SER T 138 15.68 -36.83 -3.09
CA SER T 138 16.96 -37.46 -3.22
C SER T 138 17.18 -37.78 -4.70
N SER T 139 18.45 -37.75 -5.12
CA SER T 139 18.83 -38.01 -6.51
C SER T 139 20.33 -38.24 -6.61
N PRO T 140 20.78 -38.94 -7.66
CA PRO T 140 22.18 -39.25 -7.89
C PRO T 140 23.09 -38.04 -7.75
N THR T 141 22.50 -36.85 -7.79
CA THR T 141 23.23 -35.59 -7.65
C THR T 141 22.29 -34.65 -6.99
N LEU T 142 22.82 -33.73 -6.21
CA LEU T 142 22.02 -32.73 -5.56
C LEU T 142 22.92 -31.55 -5.33
N ALA T 143 22.31 -30.40 -5.17
CA ALA T 143 23.02 -29.18 -4.97
C ALA T 143 22.02 -28.10 -4.62
N THR T 144 22.53 -27.03 -4.02
CA THR T 144 21.71 -25.91 -3.60
C THR T 144 22.18 -24.63 -4.26
N GLY T 145 21.39 -23.58 -4.10
CA GLY T 145 21.74 -22.28 -4.67
C GLY T 145 22.13 -22.37 -6.12
N PHE T 146 23.15 -21.61 -6.51
CA PHE T 146 23.59 -21.65 -7.89
C PHE T 146 23.90 -23.04 -8.37
N GLY T 147 24.42 -23.86 -7.46
CA GLY T 147 24.79 -25.20 -7.78
C GLY T 147 23.62 -25.90 -8.38
N ALA T 148 22.44 -25.57 -7.91
CA ALA T 148 21.25 -26.21 -8.41
C ALA T 148 21.23 -26.12 -9.89
N HIS T 149 21.47 -24.90 -10.36
CA HIS T 149 21.44 -24.57 -11.76
C HIS T 149 22.63 -24.99 -12.58
N MET T 150 23.82 -24.77 -12.07
CA MET T 150 25.00 -25.14 -12.82
C MET T 150 25.59 -26.54 -12.55
N ALA T 151 25.90 -26.83 -11.30
CA ALA T 151 26.46 -28.11 -10.98
C ALA T 151 25.64 -29.27 -11.49
N ASN T 152 24.41 -29.42 -11.06
CA ASN T 152 23.64 -30.57 -11.51
C ASN T 152 23.79 -30.90 -12.97
N PRO T 153 23.70 -29.91 -13.84
CA PRO T 153 23.83 -30.18 -15.28
C PRO T 153 25.11 -30.89 -15.66
N LEU T 154 26.21 -30.50 -15.05
CA LEU T 154 27.48 -31.13 -15.33
C LEU T 154 27.51 -32.53 -14.77
N LEU T 155 27.41 -32.64 -13.46
CA LEU T 155 27.44 -33.94 -12.83
C LEU T 155 26.42 -34.91 -13.43
N ARG T 156 25.29 -34.43 -13.91
CA ARG T 156 24.33 -35.35 -14.48
C ARG T 156 24.84 -36.00 -15.77
N LYS T 157 25.87 -35.42 -16.39
CA LYS T 157 26.44 -35.97 -17.61
C LYS T 157 27.21 -37.24 -17.29
N VAL T 158 27.67 -37.31 -16.04
CA VAL T 158 28.42 -38.44 -15.54
C VAL T 158 27.45 -39.54 -15.11
N VAL T 159 26.51 -39.15 -14.27
CA VAL T 159 25.46 -40.05 -13.75
C VAL T 159 24.08 -39.52 -14.12
N ASP T 160 23.63 -39.87 -15.30
CA ASP T 160 22.36 -39.39 -15.77
C ASP T 160 21.25 -40.08 -15.03
N ARG T 161 21.36 -41.38 -14.80
CA ARG T 161 20.30 -42.05 -14.09
C ARG T 161 20.86 -42.96 -13.05
N GLU T 162 19.97 -43.59 -12.29
CA GLU T 162 20.40 -44.50 -11.23
C GLU T 162 21.37 -45.57 -11.75
N SER T 163 21.03 -46.23 -12.85
CA SER T 163 21.90 -47.27 -13.39
C SER T 163 23.35 -46.85 -13.61
N ASP T 164 23.62 -45.56 -13.72
CA ASP T 164 24.98 -45.10 -13.98
C ASP T 164 25.84 -45.04 -12.73
N ILE T 165 25.23 -45.21 -11.57
CA ILE T 165 26.03 -45.11 -10.37
C ILE T 165 27.12 -46.16 -10.33
N PRO T 166 26.77 -47.44 -10.49
CA PRO T 166 27.81 -48.46 -10.44
C PRO T 166 28.91 -48.39 -11.50
N LYS T 167 28.81 -47.45 -12.43
CA LYS T 167 29.84 -47.30 -13.48
C LYS T 167 30.78 -46.13 -13.22
N THR T 168 30.51 -45.32 -12.20
CA THR T 168 31.32 -44.14 -11.94
C THR T 168 32.40 -44.24 -10.86
N THR T 169 33.64 -43.90 -11.16
CA THR T 169 34.70 -43.99 -10.14
C THR T 169 35.03 -42.70 -9.40
N VAL T 170 35.60 -42.89 -8.22
CA VAL T 170 35.98 -41.77 -7.40
C VAL T 170 36.78 -40.74 -8.15
N GLN T 171 37.75 -41.18 -8.93
CA GLN T 171 38.57 -40.23 -9.65
C GLN T 171 37.67 -39.41 -10.56
N VAL T 172 36.83 -40.11 -11.32
CA VAL T 172 35.90 -39.51 -12.28
C VAL T 172 35.10 -38.47 -11.53
N ALA T 173 34.37 -38.98 -10.54
CA ALA T 173 33.53 -38.19 -9.68
C ALA T 173 34.25 -37.01 -9.12
N GLU T 174 35.28 -37.26 -8.34
CA GLU T 174 36.03 -36.16 -7.78
C GLU T 174 36.47 -35.13 -8.83
N GLU T 175 36.78 -35.57 -10.06
CA GLU T 175 37.20 -34.62 -11.11
C GLU T 175 36.01 -33.72 -11.38
N ALA T 176 34.87 -34.37 -11.62
CA ALA T 176 33.62 -33.66 -11.88
C ALA T 176 33.37 -32.61 -10.82
N ILE T 177 33.30 -33.06 -9.58
CA ILE T 177 33.06 -32.14 -8.47
C ILE T 177 33.99 -30.95 -8.49
N VAL T 178 35.29 -31.21 -8.48
CA VAL T 178 36.25 -30.12 -8.49
C VAL T 178 36.01 -29.14 -9.64
N ASN T 179 35.50 -29.69 -10.73
CA ASN T 179 35.23 -28.88 -11.90
C ASN T 179 34.02 -28.00 -11.60
N ALA T 180 32.92 -28.63 -11.22
CA ALA T 180 31.72 -27.88 -10.92
C ALA T 180 32.11 -26.71 -10.06
N MET T 181 32.84 -26.99 -9.00
CA MET T 181 33.25 -25.93 -8.15
C MET T 181 33.97 -24.87 -8.93
N ARG T 182 34.83 -25.26 -9.85
CA ARG T 182 35.57 -24.27 -10.62
C ARG T 182 34.55 -23.42 -11.34
N VAL T 183 33.67 -24.08 -12.08
CA VAL T 183 32.63 -23.38 -12.81
C VAL T 183 31.96 -22.33 -11.93
N LEU T 184 31.40 -22.77 -10.83
CA LEU T 184 30.72 -21.88 -9.90
C LEU T 184 31.60 -20.73 -9.42
N TYR T 185 32.92 -20.86 -9.47
CA TYR T 185 33.74 -19.76 -9.03
C TYR T 185 33.70 -18.71 -10.12
N TYR T 186 33.53 -19.20 -11.35
CA TYR T 186 33.47 -18.34 -12.51
C TYR T 186 32.15 -17.58 -12.56
N ARG T 187 31.04 -18.29 -12.40
CA ARG T 187 29.75 -17.62 -12.50
C ARG T 187 29.06 -17.03 -11.30
N ASP T 188 29.17 -17.64 -10.13
CA ASP T 188 28.51 -17.13 -8.93
C ASP T 188 29.29 -15.99 -8.28
N ALA T 189 28.68 -14.82 -8.18
CA ALA T 189 29.32 -13.64 -7.58
C ALA T 189 29.59 -13.79 -6.12
N ARG T 190 28.83 -14.65 -5.46
CA ARG T 190 28.95 -14.86 -4.02
C ARG T 190 29.84 -16.05 -3.58
N SER T 191 30.58 -16.65 -4.50
CA SER T 191 31.43 -17.78 -4.15
C SER T 191 32.83 -17.32 -3.85
N SER T 192 33.65 -18.26 -3.42
CA SER T 192 35.02 -17.98 -3.12
C SER T 192 35.85 -19.04 -3.76
N ARG T 193 37.15 -18.79 -3.82
CA ARG T 193 38.04 -19.74 -4.45
C ARG T 193 38.41 -20.90 -3.55
N ASN T 194 38.53 -20.62 -2.25
CA ASN T 194 38.94 -21.65 -1.30
C ASN T 194 37.78 -22.51 -0.89
N PHE T 195 37.85 -23.81 -1.09
CA PHE T 195 36.74 -24.65 -0.70
C PHE T 195 37.06 -25.86 0.19
N SER T 196 36.11 -26.78 0.32
CA SER T 196 36.31 -27.97 1.13
C SER T 196 35.54 -29.10 0.50
N LEU T 197 36.10 -30.30 0.54
CA LEU T 197 35.51 -31.48 -0.07
C LEU T 197 35.62 -32.68 0.84
N ALA T 198 34.71 -33.63 0.66
CA ALA T 198 34.71 -34.82 1.45
C ALA T 198 34.07 -36.00 0.74
N ILE T 199 34.68 -37.16 0.91
CA ILE T 199 34.20 -38.39 0.31
C ILE T 199 33.93 -39.30 1.47
N ILE T 200 33.00 -40.22 1.28
CA ILE T 200 32.60 -41.17 2.29
C ILE T 200 32.49 -42.47 1.53
N ASP T 201 33.51 -43.33 1.68
CA ASP T 201 33.64 -44.61 0.99
C ASP T 201 33.36 -45.80 1.89
N LYS T 202 32.61 -46.76 1.37
CA LYS T 202 32.29 -47.95 2.14
C LYS T 202 33.47 -48.84 2.52
N ASN T 203 34.67 -48.38 2.22
CA ASN T 203 35.88 -49.10 2.57
C ASN T 203 36.80 -48.14 3.27
N THR T 204 37.46 -47.25 2.53
CA THR T 204 38.38 -46.29 3.13
C THR T 204 37.77 -45.37 4.21
N GLY T 205 36.46 -45.48 4.40
CA GLY T 205 35.76 -44.71 5.41
C GLY T 205 35.60 -43.26 5.04
N LEU T 206 35.88 -42.37 5.99
CA LEU T 206 35.77 -40.93 5.72
C LEU T 206 37.11 -40.24 5.58
N THR T 207 37.24 -39.55 4.45
CA THR T 207 38.44 -38.79 4.11
C THR T 207 37.91 -37.37 4.09
N PHE T 208 38.64 -36.43 4.66
CA PHE T 208 38.14 -35.06 4.67
C PHE T 208 39.25 -34.07 4.25
N LYS T 209 39.07 -33.44 3.09
CA LYS T 209 40.07 -32.52 2.56
C LYS T 209 39.73 -31.06 2.83
N LYS T 210 40.65 -30.36 3.49
CA LYS T 210 40.45 -28.96 3.81
C LYS T 210 41.46 -28.13 3.01
N ASN T 211 41.18 -26.84 2.84
CA ASN T 211 42.08 -25.94 2.13
C ASN T 211 42.32 -26.21 0.65
N LEU T 212 41.28 -26.60 -0.07
CA LEU T 212 41.42 -26.82 -1.49
C LEU T 212 41.27 -25.49 -2.24
N GLN T 213 41.85 -25.38 -3.42
CA GLN T 213 41.74 -24.16 -4.21
C GLN T 213 41.42 -24.66 -5.58
N VAL T 214 40.87 -23.80 -6.42
CA VAL T 214 40.55 -24.21 -7.78
C VAL T 214 41.78 -23.92 -8.60
N GLU T 215 42.13 -24.85 -9.49
CA GLU T 215 43.30 -24.68 -10.34
C GLU T 215 42.93 -24.99 -11.79
N ASN T 216 43.90 -24.81 -12.70
CA ASN T 216 43.70 -25.08 -14.12
C ASN T 216 42.64 -24.17 -14.70
N MET T 217 42.71 -22.88 -14.35
CA MET T 217 41.74 -21.91 -14.82
C MET T 217 42.11 -21.38 -16.19
N LYS T 218 41.09 -20.98 -16.94
CA LYS T 218 41.29 -20.43 -18.24
C LYS T 218 40.83 -19.00 -18.19
N TRP T 219 41.77 -18.08 -18.19
CA TRP T 219 41.46 -16.64 -18.17
C TRP T 219 42.24 -15.90 -19.23
N ASP T 220 43.16 -16.58 -19.92
CA ASP T 220 44.00 -15.95 -20.95
C ASP T 220 43.28 -15.18 -22.06
N PHE T 221 42.19 -15.74 -22.59
CA PHE T 221 41.44 -15.08 -23.67
C PHE T 221 40.99 -13.63 -23.40
N ALA T 222 40.90 -13.26 -22.14
CA ALA T 222 40.49 -11.91 -21.77
C ALA T 222 41.29 -10.84 -22.46
N LYS T 223 42.43 -11.19 -23.02
CA LYS T 223 43.29 -10.21 -23.68
C LYS T 223 42.86 -9.79 -25.08
N ASP T 224 42.08 -10.65 -25.74
CA ASP T 224 41.64 -10.34 -27.08
C ASP T 224 40.30 -9.64 -27.07
N ILE T 225 39.86 -9.20 -25.88
CA ILE T 225 38.58 -8.51 -25.76
C ILE T 225 38.71 -7.08 -25.36
N LYS T 226 38.16 -6.21 -26.18
CA LYS T 226 38.25 -4.80 -25.88
C LYS T 226 36.95 -4.16 -26.32
N GLY T 227 36.55 -3.11 -25.62
CA GLY T 227 35.31 -2.44 -25.96
C GLY T 227 34.09 -3.33 -25.93
N TYR T 228 32.94 -2.77 -26.25
CA TYR T 228 31.72 -3.53 -26.25
C TYR T 228 31.06 -3.62 -27.61
N GLY T 229 31.87 -3.78 -28.65
CA GLY T 229 31.29 -3.90 -29.97
C GLY T 229 32.08 -3.28 -31.09
N THR T 230 32.08 -1.96 -31.20
CA THR T 230 32.77 -1.28 -32.29
C THR T 230 34.17 -0.81 -31.98
N GLN T 231 34.60 -0.99 -30.75
CA GLN T 231 35.93 -0.55 -30.40
C GLN T 231 36.93 -1.48 -31.05
N LYS T 232 38.08 -0.95 -31.44
CA LYS T 232 39.09 -1.75 -32.11
C LYS T 232 40.36 -1.92 -31.30
N ILE T 233 40.69 -0.91 -30.51
CA ILE T 233 41.89 -0.97 -29.72
C ILE T 233 41.57 -1.05 -28.23
N THR U 1 29.66 4.35 13.55
CA THR U 1 30.51 3.72 14.58
C THR U 1 31.52 2.83 13.90
N SER U 2 32.77 2.96 14.36
CA SER U 2 33.88 2.21 13.82
C SER U 2 34.57 1.63 15.05
N ILE U 3 34.74 0.33 15.03
CA ILE U 3 35.34 -0.40 16.12
C ILE U 3 36.08 -1.55 15.51
N MET U 4 37.05 -2.05 16.24
CA MET U 4 37.83 -3.18 15.80
C MET U 4 38.56 -3.72 17.00
N ALA U 5 39.04 -4.96 16.89
CA ALA U 5 39.77 -5.59 17.96
C ALA U 5 40.93 -6.27 17.31
N VAL U 6 42.09 -6.17 17.92
CA VAL U 6 43.27 -6.77 17.33
C VAL U 6 44.09 -7.51 18.37
N THR U 7 44.44 -8.75 18.04
CA THR U 7 45.21 -9.56 18.95
C THR U 7 46.66 -9.46 18.62
N PHE U 8 47.52 -9.51 19.63
CA PHE U 8 48.95 -9.43 19.39
C PHE U 8 49.74 -10.22 20.40
N LYS U 9 51.06 -10.09 20.32
CA LYS U 9 51.94 -10.82 21.23
C LYS U 9 51.52 -10.75 22.71
N ASP U 10 51.63 -9.55 23.29
CA ASP U 10 51.32 -9.33 24.70
C ASP U 10 49.87 -9.61 25.08
N GLY U 11 48.94 -9.53 24.12
CA GLY U 11 47.55 -9.74 24.45
C GLY U 11 46.54 -9.31 23.39
N VAL U 12 45.74 -8.28 23.67
CA VAL U 12 44.76 -7.78 22.71
C VAL U 12 44.40 -6.32 22.93
N ILE U 13 43.94 -5.66 21.88
CA ILE U 13 43.55 -4.28 22.03
C ILE U 13 42.24 -3.97 21.35
N LEU U 14 41.40 -3.25 22.08
CA LEU U 14 40.10 -2.86 21.63
C LEU U 14 40.12 -1.38 21.36
N GLY U 15 39.51 -0.97 20.25
CA GLY U 15 39.49 0.45 19.92
C GLY U 15 38.20 0.85 19.26
N ALA U 16 37.77 2.08 19.47
CA ALA U 16 36.51 2.58 18.92
C ALA U 16 36.52 4.08 18.81
N ASP U 17 35.55 4.63 18.08
CA ASP U 17 35.48 6.07 17.96
C ASP U 17 34.60 6.51 19.12
N SER U 18 33.95 7.65 19.04
CA SER U 18 33.11 8.08 20.15
C SER U 18 31.90 8.89 19.72
N ARG U 19 31.17 8.39 18.73
CA ARG U 19 30.04 9.13 18.22
C ARG U 19 28.77 8.32 18.10
N THR U 20 27.72 8.75 18.79
CA THR U 20 26.41 8.10 18.67
C THR U 20 25.60 9.15 18.01
N THR U 21 24.85 8.75 16.99
CA THR U 21 24.05 9.69 16.27
C THR U 21 22.62 9.26 16.22
N THR U 22 21.74 10.23 16.07
CA THR U 22 20.32 10.00 15.86
C THR U 22 20.12 10.65 14.50
N GLY U 23 20.05 9.81 13.48
CA GLY U 23 19.87 10.38 12.16
C GLY U 23 21.16 11.08 11.84
N ALA U 24 21.11 12.37 11.60
CA ALA U 24 22.34 13.06 11.25
C ALA U 24 22.85 13.94 12.34
N TYR U 25 22.26 13.85 13.52
CA TYR U 25 22.68 14.66 14.65
C TYR U 25 23.64 13.88 15.56
N ILE U 26 24.65 14.55 16.10
CA ILE U 26 25.58 13.90 16.99
C ILE U 26 25.05 14.04 18.41
N ALA U 27 24.46 12.96 18.93
CA ALA U 27 23.88 12.98 20.25
C ALA U 27 24.95 13.10 21.28
N ASN U 28 25.91 12.19 21.19
CA ASN U 28 27.01 12.14 22.12
C ASN U 28 28.33 12.04 21.37
N ARG U 29 29.25 12.98 21.66
CA ARG U 29 30.56 12.97 21.01
C ARG U 29 31.69 12.36 21.80
N VAL U 30 31.39 11.91 23.02
CA VAL U 30 32.40 11.30 23.84
C VAL U 30 31.97 9.95 24.38
N THR U 31 31.06 9.30 23.68
CA THR U 31 30.57 7.99 24.09
C THR U 31 31.71 6.98 24.33
N ASP U 32 31.49 5.95 25.13
CA ASP U 32 32.51 4.91 25.34
C ASP U 32 31.86 3.69 24.72
N LYS U 33 32.44 3.15 23.67
CA LYS U 33 31.85 1.99 23.02
C LYS U 33 32.53 0.72 23.43
N LEU U 34 33.48 0.87 24.34
CA LEU U 34 34.24 -0.25 24.90
C LEU U 34 33.67 -0.50 26.28
N THR U 35 32.95 -1.61 26.42
CA THR U 35 32.31 -1.94 27.66
C THR U 35 32.91 -3.19 28.30
N ARG U 36 33.02 -3.16 29.62
CA ARG U 36 33.56 -4.26 30.37
C ARG U 36 32.50 -5.25 30.68
N VAL U 37 32.86 -6.51 30.66
CA VAL U 37 31.92 -7.53 31.05
C VAL U 37 32.65 -8.39 32.08
N HIS U 38 33.93 -8.08 32.32
CA HIS U 38 34.72 -8.82 33.30
C HIS U 38 36.10 -8.24 33.37
N ASP U 39 36.77 -8.44 34.50
CA ASP U 39 38.11 -7.92 34.71
C ASP U 39 38.96 -7.90 33.44
N LYS U 40 38.99 -9.03 32.74
CA LYS U 40 39.78 -9.14 31.54
C LYS U 40 39.02 -9.64 30.34
N ILE U 41 37.78 -9.18 30.19
CA ILE U 41 36.96 -9.50 29.03
C ILE U 41 36.13 -8.26 28.72
N TRP U 42 36.35 -7.66 27.57
CA TRP U 42 35.62 -6.48 27.17
C TRP U 42 35.03 -6.68 25.80
N CYS U 43 34.22 -5.73 25.37
CA CYS U 43 33.58 -5.79 24.06
C CYS U 43 33.45 -4.41 23.46
N CYS U 44 33.23 -4.40 22.15
CA CYS U 44 33.03 -3.16 21.40
C CYS U 44 31.57 -3.20 20.95
N ARG U 45 30.89 -2.07 21.12
CA ARG U 45 29.49 -1.97 20.77
C ARG U 45 29.18 -1.14 19.54
N SER U 46 28.39 -1.69 18.62
CA SER U 46 27.98 -1.00 17.41
C SER U 46 26.55 -1.41 17.11
N GLY U 47 25.76 -0.45 16.68
CA GLY U 47 24.37 -0.70 16.33
C GLY U 47 23.54 0.17 17.23
N SER U 48 22.37 -0.33 17.61
CA SER U 48 21.46 0.38 18.49
C SER U 48 22.14 0.61 19.79
N ALA U 49 22.07 1.80 20.32
CA ALA U 49 22.70 2.01 21.62
C ALA U 49 21.89 1.21 22.65
N ALA U 50 20.58 1.34 22.62
CA ALA U 50 19.74 0.62 23.56
C ALA U 50 20.05 -0.86 23.56
N ASP U 51 19.93 -1.48 22.40
CA ASP U 51 20.17 -2.90 22.31
C ASP U 51 21.52 -3.35 22.82
N THR U 52 22.55 -2.58 22.56
CA THR U 52 23.84 -3.02 23.03
C THR U 52 24.02 -2.86 24.51
N GLN U 53 23.78 -1.67 25.04
CA GLN U 53 23.91 -1.46 26.47
C GLN U 53 23.21 -2.57 27.18
N ALA U 54 21.98 -2.84 26.79
CA ALA U 54 21.21 -3.90 27.40
C ALA U 54 21.90 -5.22 27.34
N ILE U 55 22.30 -5.62 26.16
CA ILE U 55 22.93 -6.90 26.02
C ILE U 55 24.16 -7.05 26.88
N ALA U 56 24.95 -5.99 27.01
CA ALA U 56 26.14 -6.07 27.83
C ALA U 56 25.76 -6.26 29.29
N ASP U 57 24.92 -5.36 29.80
CA ASP U 57 24.47 -5.41 31.17
C ASP U 57 24.04 -6.84 31.50
N ILE U 58 23.27 -7.46 30.63
CA ILE U 58 22.85 -8.82 30.92
C ILE U 58 24.01 -9.77 30.94
N VAL U 59 25.06 -9.49 30.18
CA VAL U 59 26.19 -10.40 30.20
C VAL U 59 26.98 -10.26 31.47
N GLN U 60 27.32 -9.03 31.81
CA GLN U 60 28.07 -8.79 33.01
C GLN U 60 27.45 -9.62 34.12
N TYR U 61 26.15 -9.55 34.28
CA TYR U 61 25.47 -10.34 35.30
C TYR U 61 25.85 -11.78 35.08
N HIS U 62 25.45 -12.31 33.95
CA HIS U 62 25.70 -13.71 33.63
C HIS U 62 27.11 -14.17 33.91
N LEU U 63 28.08 -13.30 33.74
CA LEU U 63 29.43 -13.73 33.99
C LEU U 63 29.78 -13.55 35.46
N GLU U 64 29.29 -12.48 36.07
CA GLU U 64 29.54 -12.23 37.48
C GLU U 64 28.99 -13.36 38.30
N LEU U 65 27.86 -13.90 37.87
CA LEU U 65 27.24 -15.00 38.58
C LEU U 65 28.01 -16.25 38.25
N TYR U 66 28.60 -16.27 37.08
CA TYR U 66 29.39 -17.41 36.66
C TYR U 66 30.59 -17.46 37.58
N THR U 67 31.33 -16.36 37.66
CA THR U 67 32.49 -16.25 38.52
C THR U 67 32.18 -16.85 39.90
N SER U 68 31.38 -16.14 40.70
CA SER U 68 30.97 -16.58 42.03
C SER U 68 30.89 -18.09 42.11
N GLN U 69 30.22 -18.69 41.17
CA GLN U 69 30.10 -20.12 41.21
C GLN U 69 31.27 -20.92 40.69
N TYR U 70 31.89 -20.49 39.61
CA TYR U 70 32.95 -21.31 39.04
C TYR U 70 34.27 -20.67 38.71
N GLY U 71 34.55 -19.51 39.24
CA GLY U 71 35.83 -18.87 38.95
C GLY U 71 35.94 -18.14 37.63
N THR U 72 37.07 -17.47 37.42
CA THR U 72 37.33 -16.69 36.22
C THR U 72 36.94 -17.43 34.94
N PRO U 73 36.04 -16.84 34.12
CA PRO U 73 35.51 -17.34 32.84
C PRO U 73 36.40 -17.15 31.67
N SER U 74 36.33 -18.08 30.73
CA SER U 74 37.14 -18.00 29.54
C SER U 74 36.42 -17.06 28.61
N THR U 75 37.11 -16.58 27.59
CA THR U 75 36.47 -15.70 26.65
C THR U 75 35.45 -16.45 25.79
N GLU U 76 35.81 -17.63 25.29
CA GLU U 76 34.91 -18.42 24.47
C GLU U 76 33.56 -18.44 25.12
N THR U 77 33.55 -18.35 26.44
CA THR U 77 32.33 -18.30 27.23
C THR U 77 31.69 -16.92 27.16
N ALA U 78 32.41 -15.87 27.52
CA ALA U 78 31.86 -14.54 27.44
C ALA U 78 31.12 -14.40 26.09
N ALA U 79 31.72 -14.95 25.04
CA ALA U 79 31.11 -14.90 23.72
C ALA U 79 29.84 -15.71 23.65
N SER U 80 29.92 -16.99 23.99
CA SER U 80 28.74 -17.80 23.91
C SER U 80 27.55 -17.13 24.54
N VAL U 81 27.78 -16.37 25.60
CA VAL U 81 26.69 -15.67 26.24
C VAL U 81 26.11 -14.73 25.21
N PHE U 82 26.90 -13.75 24.78
CA PHE U 82 26.43 -12.82 23.76
C PHE U 82 25.73 -13.51 22.63
N LYS U 83 26.33 -14.57 22.11
CA LYS U 83 25.72 -15.27 21.01
C LYS U 83 24.33 -15.64 21.40
N GLU U 84 24.20 -16.38 22.49
CA GLU U 84 22.93 -16.83 22.99
C GLU U 84 21.91 -15.71 22.99
N LEU U 85 22.29 -14.55 23.52
CA LEU U 85 21.35 -13.45 23.53
C LEU U 85 21.05 -12.99 22.10
N CYS U 86 22.07 -12.52 21.39
CA CYS U 86 21.94 -12.05 20.01
C CYS U 86 21.23 -13.00 19.08
N TYR U 87 21.54 -14.27 19.13
CA TYR U 87 20.88 -15.19 18.22
C TYR U 87 19.46 -15.52 18.61
N GLU U 88 19.24 -15.72 19.91
CA GLU U 88 17.94 -16.12 20.40
C GLU U 88 16.91 -15.03 20.22
N ASN U 89 17.33 -13.79 20.36
CA ASN U 89 16.42 -12.64 20.21
C ASN U 89 16.67 -11.87 18.92
N LYS U 90 17.02 -12.53 17.83
CA LYS U 90 17.35 -11.84 16.57
C LYS U 90 16.34 -10.88 16.00
N ASP U 91 15.07 -11.20 16.07
CA ASP U 91 14.08 -10.32 15.49
C ASP U 91 13.97 -8.96 16.19
N ASN U 92 14.35 -8.89 17.44
CA ASN U 92 14.22 -7.66 18.18
C ASN U 92 15.52 -6.92 18.40
N LEU U 93 16.59 -7.33 17.76
CA LEU U 93 17.84 -6.64 18.00
C LEU U 93 18.66 -6.20 16.79
N THR U 94 19.39 -5.12 16.98
CA THR U 94 20.25 -4.59 15.95
C THR U 94 21.48 -4.11 16.68
N ALA U 95 22.34 -5.08 16.97
CA ALA U 95 23.58 -4.88 17.67
C ALA U 95 24.61 -5.87 17.16
N GLY U 96 25.78 -5.36 16.80
CA GLY U 96 26.86 -6.21 16.32
C GLY U 96 27.93 -5.96 17.34
N ILE U 97 28.47 -7.02 17.90
CA ILE U 97 29.44 -6.85 18.94
C ILE U 97 30.68 -7.66 18.73
N ILE U 98 31.78 -7.08 19.19
CA ILE U 98 33.09 -7.72 19.11
C ILE U 98 33.53 -7.96 20.53
N VAL U 99 33.97 -9.18 20.83
CA VAL U 99 34.39 -9.49 22.18
C VAL U 99 35.86 -9.78 22.25
N ALA U 100 36.54 -9.14 23.18
CA ALA U 100 37.95 -9.30 23.30
C ALA U 100 38.32 -9.56 24.74
N GLY U 101 39.17 -10.56 25.00
CA GLY U 101 39.56 -10.87 26.36
C GLY U 101 40.97 -11.42 26.48
N TYR U 102 41.49 -11.54 27.71
CA TYR U 102 42.84 -12.05 27.97
C TYR U 102 42.91 -13.14 29.03
N ASP U 103 43.47 -14.29 28.65
CA ASP U 103 43.61 -15.44 29.54
C ASP U 103 45.08 -15.76 29.66
N ASP U 104 45.46 -16.48 30.71
CA ASP U 104 46.86 -16.81 30.88
C ASP U 104 47.27 -18.01 30.07
N LYS U 105 46.29 -18.83 29.72
CA LYS U 105 46.54 -20.03 28.94
C LYS U 105 46.36 -19.79 27.44
N ASN U 106 45.38 -18.97 27.06
CA ASN U 106 45.10 -18.71 25.65
C ASN U 106 45.59 -17.40 25.08
N LYS U 107 46.25 -16.59 25.91
CA LYS U 107 46.76 -15.30 25.45
C LYS U 107 45.62 -14.38 25.08
N GLY U 108 45.63 -13.81 23.88
CA GLY U 108 44.56 -12.92 23.46
C GLY U 108 43.63 -13.62 22.47
N GLU U 109 42.35 -13.31 22.51
CA GLU U 109 41.42 -13.93 21.59
C GLU U 109 40.35 -12.95 21.22
N VAL U 110 39.92 -12.99 19.95
CA VAL U 110 38.87 -12.11 19.46
C VAL U 110 37.76 -12.86 18.74
N TYR U 111 36.52 -12.57 19.14
CA TYR U 111 35.32 -13.14 18.54
C TYR U 111 34.45 -11.99 18.08
N THR U 112 33.67 -12.23 17.04
CA THR U 112 32.81 -11.20 16.51
C THR U 112 31.42 -11.79 16.27
N ILE U 113 30.40 -11.09 16.76
CA ILE U 113 29.03 -11.50 16.59
C ILE U 113 28.29 -10.41 15.84
N PRO U 114 28.06 -10.65 14.55
CA PRO U 114 27.40 -9.83 13.56
C PRO U 114 25.91 -9.96 13.65
N LEU U 115 25.22 -8.95 13.14
CA LEU U 115 23.77 -8.86 13.15
C LEU U 115 23.06 -10.17 13.18
N GLY U 116 23.53 -11.19 12.51
CA GLY U 116 22.77 -12.42 12.58
C GLY U 116 22.78 -13.19 13.91
N GLY U 117 23.89 -13.13 14.62
CA GLY U 117 23.99 -13.87 15.86
C GLY U 117 24.98 -15.01 15.72
N SER U 118 25.72 -15.07 14.62
CA SER U 118 26.72 -16.10 14.43
C SER U 118 27.94 -15.64 15.21
N VAL U 119 28.81 -16.54 15.60
CA VAL U 119 30.00 -16.10 16.31
C VAL U 119 31.16 -16.49 15.48
N HIS U 120 32.13 -15.57 15.37
CA HIS U 120 33.33 -15.78 14.58
C HIS U 120 34.59 -15.40 15.36
N LYS U 121 35.55 -16.34 15.41
CA LYS U 121 36.82 -16.14 16.12
C LYS U 121 37.86 -15.82 15.08
N LEU U 122 38.64 -14.79 15.30
CA LEU U 122 39.65 -14.43 14.31
C LEU U 122 40.77 -13.57 14.90
N PRO U 123 41.86 -13.38 14.15
CA PRO U 123 42.99 -12.57 14.60
C PRO U 123 42.55 -11.17 14.95
N TYR U 124 41.66 -10.61 14.15
CA TYR U 124 41.14 -9.28 14.42
C TYR U 124 39.80 -9.15 13.70
N ALA U 125 39.00 -8.19 14.12
CA ALA U 125 37.72 -7.99 13.51
C ALA U 125 37.39 -6.55 13.64
N ILE U 126 36.63 -6.07 12.67
CA ILE U 126 36.20 -4.67 12.64
C ILE U 126 34.71 -4.65 12.40
N ALA U 127 34.04 -3.57 12.77
CA ALA U 127 32.62 -3.49 12.54
C ALA U 127 32.11 -2.09 12.69
N GLY U 128 30.84 -1.93 12.41
CA GLY U 128 30.21 -0.63 12.49
C GLY U 128 30.21 -0.03 11.12
N SER U 129 29.34 0.95 10.92
CA SER U 129 29.21 1.64 9.66
C SER U 129 30.54 1.99 9.01
N GLY U 130 31.42 2.63 9.78
CA GLY U 130 32.71 3.04 9.25
C GLY U 130 33.67 1.92 8.87
N SER U 131 33.35 0.68 9.17
CA SER U 131 34.25 -0.40 8.84
C SER U 131 34.32 -0.64 7.36
N THR U 132 33.23 -0.37 6.65
CA THR U 132 33.19 -0.61 5.22
C THR U 132 34.43 -0.06 4.56
N PHE U 133 34.88 1.09 5.01
CA PHE U 133 36.03 1.72 4.40
C PHE U 133 37.42 1.23 4.73
N ILE U 134 37.57 0.13 5.47
CA ILE U 134 38.93 -0.26 5.75
C ILE U 134 39.23 -1.71 5.59
N TYR U 135 38.31 -2.46 5.03
CA TYR U 135 38.57 -3.87 4.83
C TYR U 135 39.84 -3.97 4.02
N GLY U 136 40.10 -2.93 3.25
CA GLY U 136 41.28 -2.89 2.43
C GLY U 136 42.53 -2.71 3.24
N TYR U 137 42.70 -1.49 3.75
CA TYR U 137 43.85 -1.12 4.54
C TYR U 137 44.17 -2.22 5.48
N CYS U 138 43.24 -2.52 6.37
CA CYS U 138 43.47 -3.57 7.34
C CYS U 138 43.96 -4.87 6.73
N ASP U 139 43.25 -5.45 5.79
CA ASP U 139 43.70 -6.71 5.22
C ASP U 139 45.10 -6.58 4.67
N LYS U 140 45.50 -5.36 4.36
CA LYS U 140 46.83 -5.09 3.82
C LYS U 140 47.90 -4.76 4.83
N ASN U 141 47.53 -4.22 5.98
CA ASN U 141 48.52 -3.88 6.96
C ASN U 141 48.60 -4.73 8.23
N PHE U 142 47.70 -5.67 8.41
CA PHE U 142 47.78 -6.49 9.62
C PHE U 142 48.76 -7.63 9.46
N ARG U 143 49.62 -7.76 10.47
CA ARG U 143 50.66 -8.81 10.56
C ARG U 143 50.43 -9.43 11.93
N GLU U 144 50.50 -10.75 12.00
CA GLU U 144 50.29 -11.47 13.27
C GLU U 144 51.48 -11.36 14.24
N ASN U 145 51.19 -11.24 15.52
CA ASN U 145 52.22 -11.15 16.56
C ASN U 145 52.98 -9.85 16.60
N MET U 146 52.27 -8.74 16.49
CA MET U 146 52.86 -7.42 16.51
C MET U 146 53.11 -7.03 17.95
N SER U 147 53.83 -5.94 18.14
CA SER U 147 54.12 -5.45 19.48
C SER U 147 53.02 -4.46 19.88
N LYS U 148 52.98 -4.10 21.14
CA LYS U 148 51.98 -3.14 21.59
C LYS U 148 52.13 -1.87 20.75
N GLU U 149 53.26 -1.19 20.86
CA GLU U 149 53.51 0.04 20.09
C GLU U 149 53.08 -0.06 18.61
N GLU U 150 53.33 -1.21 17.99
CA GLU U 150 52.96 -1.40 16.59
C GLU U 150 51.44 -1.48 16.46
N THR U 151 50.80 -2.25 17.33
CA THR U 151 49.36 -2.39 17.26
C THR U 151 48.59 -1.11 17.51
N VAL U 152 48.94 -0.38 18.54
CA VAL U 152 48.25 0.85 18.78
C VAL U 152 48.26 1.65 17.49
N ASP U 153 49.37 1.61 16.77
CA ASP U 153 49.46 2.34 15.52
C ASP U 153 48.53 1.82 14.48
N PHE U 154 48.66 0.56 14.14
CA PHE U 154 47.80 -0.06 13.16
C PHE U 154 46.36 0.33 13.43
N ILE U 155 45.97 0.27 14.69
CA ILE U 155 44.63 0.60 15.11
C ILE U 155 44.36 2.08 14.96
N LYS U 156 45.28 2.90 15.39
CA LYS U 156 45.10 4.34 15.27
C LYS U 156 44.84 4.73 13.82
N HIS U 157 45.63 4.19 12.89
CA HIS U 157 45.45 4.52 11.49
C HIS U 157 44.12 4.00 10.97
N SER U 158 43.92 2.69 10.99
CA SER U 158 42.67 2.14 10.45
C SER U 158 41.42 2.93 10.83
N LEU U 159 41.30 3.32 12.09
CA LEU U 159 40.14 4.05 12.51
C LEU U 159 40.19 5.47 12.12
N SER U 160 41.37 6.06 12.15
CA SER U 160 41.45 7.45 11.77
C SER U 160 40.84 7.57 10.39
N GLN U 161 41.14 6.60 9.53
CA GLN U 161 40.60 6.60 8.20
C GLN U 161 39.11 6.48 8.31
N ALA U 162 38.62 5.41 8.93
CA ALA U 162 37.18 5.24 9.03
C ALA U 162 36.48 6.51 9.50
N ILE U 163 37.06 7.22 10.45
CA ILE U 163 36.45 8.43 10.91
C ILE U 163 36.38 9.48 9.81
N LYS U 164 37.37 9.47 8.94
CA LYS U 164 37.46 10.40 7.80
C LYS U 164 36.33 10.22 6.78
N TRP U 165 36.14 9.00 6.34
CA TRP U 165 35.11 8.75 5.35
C TRP U 165 33.70 8.58 5.86
N ASP U 166 33.51 7.93 7.01
CA ASP U 166 32.18 7.75 7.55
C ASP U 166 31.82 8.85 8.54
N GLY U 167 30.69 9.48 8.30
CA GLY U 167 30.20 10.55 9.16
C GLY U 167 29.48 10.04 10.37
N SER U 168 29.18 8.74 10.40
CA SER U 168 28.51 8.15 11.56
C SER U 168 29.57 7.90 12.62
N SER U 169 30.79 8.33 12.36
CA SER U 169 31.91 8.13 13.25
C SER U 169 32.75 9.38 13.37
N GLY U 170 33.43 9.53 14.49
CA GLY U 170 34.28 10.68 14.70
C GLY U 170 34.61 10.79 16.16
N GLY U 171 34.82 12.01 16.63
CA GLY U 171 35.13 12.24 18.01
C GLY U 171 36.59 11.93 18.27
N VAL U 172 36.81 11.08 19.26
CA VAL U 172 38.15 10.69 19.66
C VAL U 172 38.27 9.21 19.51
N ILE U 173 39.49 8.72 19.58
CA ILE U 173 39.69 7.30 19.48
C ILE U 173 39.96 6.81 20.86
N ARG U 174 39.37 5.69 21.22
CA ARG U 174 39.58 5.12 22.53
C ARG U 174 40.09 3.75 22.28
N MET U 175 41.01 3.32 23.13
CA MET U 175 41.56 1.99 23.03
C MET U 175 41.66 1.49 24.44
N VAL U 176 41.65 0.17 24.57
CA VAL U 176 41.77 -0.51 25.84
C VAL U 176 42.75 -1.66 25.62
N VAL U 177 43.71 -1.79 26.52
CA VAL U 177 44.70 -2.85 26.38
C VAL U 177 44.56 -3.93 27.45
N LEU U 178 44.53 -5.19 27.01
CA LEU U 178 44.38 -6.32 27.91
C LEU U 178 45.60 -7.26 27.91
N THR U 179 46.43 -7.23 28.96
CA THR U 179 47.63 -8.08 29.04
C THR U 179 47.76 -8.67 30.44
N ALA U 180 48.81 -9.44 30.67
CA ALA U 180 49.02 -9.99 31.98
C ALA U 180 49.24 -8.84 32.94
N ALA U 181 49.99 -7.85 32.50
CA ALA U 181 50.30 -6.72 33.38
C ALA U 181 49.13 -5.87 33.84
N GLY U 182 47.96 -6.06 33.27
CA GLY U 182 46.85 -5.27 33.70
C GLY U 182 45.85 -4.85 32.65
N VAL U 183 45.38 -3.62 32.78
CA VAL U 183 44.40 -3.01 31.90
C VAL U 183 44.77 -1.55 31.76
N GLU U 184 44.95 -1.12 30.52
CA GLU U 184 45.33 0.27 30.27
C GLU U 184 44.31 1.01 29.42
N ARG U 185 44.01 2.25 29.83
CA ARG U 185 43.06 3.10 29.14
C ARG U 185 43.75 4.15 28.26
N LEU U 186 43.71 3.92 26.96
CA LEU U 186 44.32 4.80 25.97
C LEU U 186 43.27 5.65 25.28
N ILE U 187 43.63 6.88 24.98
CA ILE U 187 42.70 7.78 24.32
C ILE U 187 43.50 8.59 23.30
N PHE U 188 42.86 8.96 22.19
CA PHE U 188 43.53 9.73 21.15
C PHE U 188 42.62 10.81 20.56
N TYR U 189 43.09 12.05 20.56
CA TYR U 189 42.33 13.19 20.08
C TYR U 189 42.42 13.49 18.58
N PRO U 190 41.55 14.39 18.07
CA PRO U 190 41.53 14.76 16.65
C PRO U 190 42.82 15.36 16.13
N ASP U 191 43.26 16.44 16.74
CA ASP U 191 44.49 17.13 16.33
C ASP U 191 45.64 16.20 16.09
N GLU U 192 45.53 14.95 16.47
CA GLU U 192 46.59 14.02 16.21
C GLU U 192 46.21 13.04 15.11
N TYR U 193 45.11 12.32 15.28
CA TYR U 193 44.76 11.32 14.27
C TYR U 193 44.38 11.80 12.90
N GLU U 194 43.92 13.03 12.79
CA GLU U 194 43.51 13.51 11.48
C GLU U 194 44.59 13.61 10.42
N GLN U 195 45.78 14.09 10.78
CA GLN U 195 46.84 14.19 9.78
C GLN U 195 47.95 13.15 9.91
N LEU U 196 47.71 12.01 9.29
CA LEU U 196 48.63 10.90 9.30
C LEU U 196 48.76 10.33 7.90
N MET V 1 6.88 -31.85 44.87
CA MET V 1 7.30 -30.45 45.21
C MET V 1 6.01 -29.64 45.26
N THR V 2 6.15 -28.33 45.48
CA THR V 2 5.04 -27.40 45.52
C THR V 2 4.28 -27.39 46.84
N ASP V 3 3.73 -26.22 47.19
CA ASP V 3 2.95 -26.04 48.41
C ASP V 3 1.56 -26.67 48.25
N ARG V 4 1.42 -27.88 48.79
CA ARG V 4 0.16 -28.58 48.72
C ARG V 4 -0.61 -28.33 50.02
N TYR V 5 0.00 -27.56 50.91
CA TYR V 5 -0.61 -27.19 52.19
C TYR V 5 -1.62 -26.06 51.93
N SER V 6 -2.73 -26.43 51.32
CA SER V 6 -3.77 -25.47 50.98
C SER V 6 -4.92 -25.31 51.97
N PHE V 7 -4.89 -26.00 53.10
CA PHE V 7 -5.97 -25.91 54.09
C PHE V 7 -5.56 -24.99 55.20
N SER V 8 -6.50 -24.66 56.08
CA SER V 8 -6.19 -23.79 57.20
C SER V 8 -5.47 -24.52 58.31
N LEU V 9 -4.59 -23.80 59.00
CA LEU V 9 -3.84 -24.29 60.12
C LEU V 9 -4.32 -23.61 61.39
N THR V 10 -5.44 -22.91 61.26
CA THR V 10 -6.08 -22.23 62.38
C THR V 10 -7.55 -22.54 62.21
N THR V 11 -8.05 -23.50 62.98
CA THR V 11 -9.43 -23.90 62.88
C THR V 11 -10.11 -23.53 64.18
N PHE V 12 -11.35 -23.94 64.38
CA PHE V 12 -12.05 -23.60 65.62
C PHE V 12 -12.15 -24.74 66.66
N SER V 13 -11.58 -24.58 67.85
CA SER V 13 -11.67 -25.63 68.87
C SER V 13 -13.12 -25.60 69.34
N PRO V 14 -13.65 -26.72 69.87
CA PRO V 14 -15.05 -26.74 70.33
C PRO V 14 -15.41 -25.69 71.34
N SER V 15 -14.41 -25.16 72.03
CA SER V 15 -14.68 -24.12 73.00
C SER V 15 -15.03 -22.84 72.28
N GLY V 16 -14.72 -22.80 70.98
CA GLY V 16 -14.97 -21.65 70.14
C GLY V 16 -13.73 -20.80 70.13
N LYS V 17 -12.59 -21.43 70.41
CA LYS V 17 -11.36 -20.70 70.44
C LYS V 17 -10.55 -20.99 69.21
N LEU V 18 -9.85 -19.98 68.74
CA LEU V 18 -8.97 -20.12 67.60
C LEU V 18 -7.61 -20.47 68.19
N GLY V 19 -7.31 -21.76 68.15
CA GLY V 19 -6.06 -22.24 68.70
C GLY V 19 -4.89 -21.33 68.49
N GLN V 20 -4.42 -21.30 67.25
CA GLN V 20 -3.24 -20.53 66.89
C GLN V 20 -3.19 -19.07 67.23
N ILE V 21 -4.32 -18.41 67.37
CA ILE V 21 -4.28 -16.98 67.71
C ILE V 21 -3.93 -16.80 69.18
N ASP V 22 -4.62 -17.54 70.05
CA ASP V 22 -4.38 -17.46 71.47
C ASP V 22 -2.92 -17.73 71.70
N TYR V 23 -2.45 -18.83 71.12
CA TYR V 23 -1.07 -19.25 71.23
C TYR V 23 -0.19 -18.09 70.77
N ALA V 24 -0.53 -17.51 69.62
CA ALA V 24 0.23 -16.38 69.11
C ALA V 24 0.29 -15.26 70.17
N LEU V 25 -0.85 -14.94 70.78
CA LEU V 25 -0.88 -13.91 71.81
C LEU V 25 0.13 -14.25 72.90
N THR V 26 0.23 -15.52 73.25
CA THR V 26 1.18 -15.96 74.27
C THR V 26 2.59 -15.58 73.90
N ALA V 27 2.97 -15.91 72.67
CA ALA V 27 4.31 -15.62 72.17
C ALA V 27 4.60 -14.17 72.33
N VAL V 28 3.57 -13.38 72.12
CA VAL V 28 3.72 -11.96 72.26
C VAL V 28 4.09 -11.66 73.69
N LYS V 29 3.31 -12.20 74.63
CA LYS V 29 3.54 -12.01 76.06
C LYS V 29 4.98 -12.28 76.46
N GLN V 30 5.53 -13.38 75.99
CA GLN V 30 6.91 -13.72 76.33
C GLN V 30 7.87 -12.71 75.72
N GLY V 31 7.35 -11.90 74.79
CA GLY V 31 8.16 -10.92 74.09
C GLY V 31 8.44 -9.72 74.93
N VAL V 32 9.52 -9.02 74.64
CA VAL V 32 9.91 -7.83 75.40
C VAL V 32 8.85 -6.74 75.40
N THR V 33 8.85 -5.88 76.42
CA THR V 33 7.85 -4.81 76.56
C THR V 33 8.03 -3.59 75.67
N SER V 34 6.91 -3.02 75.22
CA SER V 34 6.87 -1.82 74.36
C SER V 34 5.58 -1.05 74.64
N LEU V 35 5.59 0.25 74.36
CA LEU V 35 4.42 1.06 74.63
C LEU V 35 4.33 2.30 73.78
N GLY V 36 3.28 3.06 74.02
CA GLY V 36 3.03 4.30 73.30
C GLY V 36 2.03 5.18 74.04
N ILE V 37 2.13 6.48 73.85
CA ILE V 37 1.25 7.45 74.51
C ILE V 37 0.87 8.58 73.54
N LYS V 38 -0.40 8.97 73.52
CA LYS V 38 -0.83 10.02 72.62
C LYS V 38 -0.93 11.31 73.39
N ALA V 39 -0.43 12.40 72.83
CA ALA V 39 -0.50 13.70 73.48
C ALA V 39 -1.39 14.61 72.63
N THR V 40 -1.46 15.89 73.00
CA THR V 40 -2.27 16.84 72.24
C THR V 40 -1.54 17.17 70.97
N ASN V 41 -0.29 17.57 71.12
CA ASN V 41 0.51 17.95 69.99
C ASN V 41 1.58 16.96 69.53
N GLY V 42 1.27 15.67 69.63
CA GLY V 42 2.22 14.65 69.21
C GLY V 42 1.92 13.28 69.80
N VAL V 43 2.75 12.29 69.46
CA VAL V 43 2.62 10.92 69.99
C VAL V 43 4.00 10.30 70.16
N VAL V 44 4.11 9.35 71.09
CA VAL V 44 5.38 8.70 71.36
C VAL V 44 5.30 7.19 71.49
N ILE V 45 6.30 6.52 70.95
CA ILE V 45 6.40 5.07 71.03
C ILE V 45 7.80 4.77 71.47
N ALA V 46 7.96 3.65 72.16
CA ALA V 46 9.26 3.26 72.69
C ALA V 46 9.34 1.81 73.08
N THR V 47 10.57 1.34 73.28
CA THR V 47 10.82 -0.04 73.69
C THR V 47 12.24 -0.22 74.27
N GLU V 48 12.62 -1.48 74.58
CA GLU V 48 13.93 -1.83 75.15
C GLU V 48 14.78 -2.63 74.14
N LYS V 49 16.07 -2.35 74.04
CA LYS V 49 16.91 -3.11 73.11
C LYS V 49 17.53 -4.32 73.78
N LYS V 50 16.75 -5.41 73.89
CA LYS V 50 17.19 -6.65 74.53
C LYS V 50 18.38 -7.25 73.81
N SER V 51 19.53 -6.62 74.03
CA SER V 51 20.76 -7.06 73.45
C SER V 51 20.93 -8.50 73.92
N SER V 52 20.75 -9.46 73.02
CA SER V 52 20.87 -10.87 73.37
C SER V 52 22.33 -11.27 73.71
N SER V 53 23.21 -10.27 73.73
CA SER V 53 24.63 -10.41 74.04
C SER V 53 25.26 -9.01 73.99
N PRO V 54 26.28 -8.73 74.80
CA PRO V 54 26.89 -7.40 74.77
C PRO V 54 27.77 -7.22 73.56
N LEU V 55 27.88 -8.25 72.73
CA LEU V 55 28.72 -8.15 71.54
C LEU V 55 28.01 -7.59 70.32
N ALA V 56 26.69 -7.63 70.34
CA ALA V 56 25.92 -7.10 69.24
C ALA V 56 26.01 -5.59 69.28
N MET V 57 25.61 -4.94 68.18
CA MET V 57 25.61 -3.47 68.07
C MET V 57 24.15 -3.06 68.07
N SER V 58 23.75 -2.26 69.03
CA SER V 58 22.37 -1.84 69.17
C SER V 58 21.70 -1.13 68.00
N GLU V 59 22.36 -0.10 67.46
CA GLU V 59 21.78 0.68 66.37
C GLU V 59 21.33 -0.12 65.17
N THR V 60 22.09 -1.14 64.80
CA THR V 60 21.69 -1.91 63.64
C THR V 60 20.46 -2.74 63.90
N LEU V 61 19.80 -2.52 65.03
CA LEU V 61 18.61 -3.27 65.32
C LEU V 61 17.49 -2.28 65.59
N SER V 62 17.07 -1.62 64.54
CA SER V 62 15.99 -0.67 64.71
C SER V 62 14.76 -1.52 65.01
N LYS V 63 14.23 -1.36 66.22
CA LYS V 63 13.01 -2.05 66.58
C LYS V 63 11.85 -1.13 66.27
N VAL V 64 12.13 0.16 66.15
CA VAL V 64 11.11 1.16 65.81
C VAL V 64 11.22 1.54 64.32
N SER V 65 10.15 1.40 63.57
CA SER V 65 10.25 1.70 62.18
C SER V 65 9.39 2.83 61.68
N LEU V 66 9.86 3.47 60.62
CA LEU V 66 9.15 4.55 59.97
C LEU V 66 8.37 3.88 58.84
N LEU V 67 7.11 4.22 58.69
CA LEU V 67 6.36 3.64 57.59
C LEU V 67 6.21 4.71 56.51
N THR V 68 5.71 5.89 56.90
CA THR V 68 5.54 7.01 56.00
C THR V 68 6.09 8.16 56.81
N PRO V 69 6.46 9.26 56.15
CA PRO V 69 6.99 10.37 56.95
C PRO V 69 6.09 10.89 58.06
N ASP V 70 4.93 10.26 58.23
CA ASP V 70 4.00 10.67 59.26
C ASP V 70 3.51 9.51 60.10
N ILE V 71 4.17 8.37 59.99
CA ILE V 71 3.75 7.20 60.75
C ILE V 71 4.92 6.34 61.14
N GLY V 72 4.84 5.75 62.34
CA GLY V 72 5.87 4.87 62.85
C GLY V 72 5.18 3.68 63.49
N ALA V 73 5.90 2.58 63.65
CA ALA V 73 5.33 1.39 64.27
C ALA V 73 6.36 0.62 65.05
N VAL V 74 5.91 -0.09 66.08
CA VAL V 74 6.76 -0.89 66.94
C VAL V 74 6.00 -2.15 67.30
N TYR V 75 6.66 -3.07 67.99
CA TYR V 75 6.03 -4.35 68.31
C TYR V 75 6.46 -4.92 69.63
N SER V 76 6.08 -6.18 69.80
CA SER V 76 6.41 -7.01 70.93
C SER V 76 6.10 -8.41 70.50
N GLY V 77 7.13 -9.26 70.55
CA GLY V 77 6.95 -10.63 70.12
C GLY V 77 8.11 -11.06 69.28
N MET V 78 7.80 -11.66 68.14
CA MET V 78 8.81 -12.19 67.24
C MET V 78 9.33 -11.19 66.20
N GLY V 79 10.47 -10.56 66.51
CA GLY V 79 11.12 -9.58 65.64
C GLY V 79 11.07 -9.86 64.16
N PRO V 80 11.48 -11.04 63.69
CA PRO V 80 11.41 -11.28 62.27
C PRO V 80 10.02 -11.00 61.73
N ASP V 81 9.02 -11.70 62.24
CA ASP V 81 7.65 -11.51 61.80
C ASP V 81 7.30 -10.05 61.64
N TYR V 82 7.88 -9.22 62.48
CA TYR V 82 7.64 -7.78 62.42
C TYR V 82 8.32 -7.19 61.20
N ARG V 83 9.58 -7.52 61.00
CA ARG V 83 10.34 -6.99 59.88
C ARG V 83 9.59 -7.17 58.59
N VAL V 84 9.19 -8.39 58.25
CA VAL V 84 8.50 -8.57 56.99
C VAL V 84 7.19 -7.81 56.99
N LEU V 85 6.62 -7.56 58.15
CA LEU V 85 5.36 -6.83 58.18
C LEU V 85 5.59 -5.37 57.94
N VAL V 86 6.78 -4.91 58.22
CA VAL V 86 7.05 -3.52 57.96
C VAL V 86 7.26 -3.38 56.46
N ASP V 87 8.03 -4.28 55.87
CA ASP V 87 8.28 -4.23 54.45
C ASP V 87 6.92 -4.15 53.78
N LYS V 88 6.09 -5.16 54.01
CA LYS V 88 4.78 -5.17 53.40
C LYS V 88 4.01 -3.89 53.66
N SER V 89 4.07 -3.34 54.86
CA SER V 89 3.33 -2.10 55.14
C SER V 89 3.86 -0.91 54.38
N ARG V 90 5.15 -0.79 54.27
CA ARG V 90 5.70 0.34 53.58
C ARG V 90 5.33 0.23 52.13
N LYS V 91 5.30 -0.99 51.62
CA LYS V 91 4.97 -1.22 50.21
C LYS V 91 3.53 -0.93 49.94
N VAL V 92 2.62 -1.59 50.63
CA VAL V 92 1.20 -1.37 50.41
C VAL V 92 0.84 0.10 50.60
N ALA V 93 1.62 0.81 51.39
CA ALA V 93 1.34 2.22 51.58
C ALA V 93 1.45 2.94 50.23
N HIS V 94 2.22 2.38 49.31
CA HIS V 94 2.41 2.97 48.00
C HIS V 94 1.41 2.37 47.01
N THR V 95 1.48 1.07 46.80
CA THR V 95 0.58 0.43 45.86
C THR V 95 -0.90 0.65 46.05
N SER V 96 -1.37 0.89 47.27
CA SER V 96 -2.80 1.09 47.47
C SER V 96 -3.19 2.50 47.85
N TYR V 97 -2.24 3.43 47.75
CA TYR V 97 -2.49 4.81 48.10
C TYR V 97 -1.64 5.91 47.45
N LYS V 98 -0.39 6.14 47.86
CA LYS V 98 0.38 7.20 47.21
C LYS V 98 0.44 7.09 45.70
N ARG V 99 0.51 5.86 45.20
CA ARG V 99 0.56 5.64 43.77
C ARG V 99 -0.78 5.84 43.09
N ILE V 100 -1.82 6.13 43.87
CA ILE V 100 -3.14 6.38 43.31
C ILE V 100 -3.63 7.79 43.61
N TYR V 101 -3.32 8.30 44.79
CA TYR V 101 -3.75 9.62 45.18
C TYR V 101 -2.60 10.60 45.39
N GLY V 102 -1.38 10.21 45.14
CA GLY V 102 -0.29 11.16 45.29
C GLY V 102 0.00 11.72 46.67
N GLU V 103 -0.64 11.15 47.68
CA GLU V 103 -0.37 11.57 49.04
C GLU V 103 -0.42 10.31 49.89
N TYR V 104 0.29 10.35 51.01
CA TYR V 104 0.36 9.21 51.90
C TYR V 104 -0.97 8.95 52.59
N PRO V 105 -1.26 7.66 52.89
CA PRO V 105 -2.48 7.19 53.54
C PRO V 105 -2.60 7.63 54.96
N PRO V 106 -3.84 7.74 55.43
CA PRO V 106 -4.08 8.15 56.80
C PRO V 106 -3.94 6.91 57.68
N THR V 107 -3.58 7.14 58.93
CA THR V 107 -3.37 6.08 59.88
C THR V 107 -4.41 4.96 59.91
N LYS V 108 -5.66 5.27 60.21
CA LYS V 108 -6.68 4.23 60.30
C LYS V 108 -6.70 3.32 59.10
N LEU V 109 -6.38 3.87 57.93
CA LEU V 109 -6.41 3.07 56.74
C LEU V 109 -5.21 2.23 56.57
N LEU V 110 -4.05 2.80 56.82
CA LEU V 110 -2.83 2.00 56.71
C LEU V 110 -2.95 0.84 57.64
N VAL V 111 -3.26 1.16 58.89
CA VAL V 111 -3.42 0.16 59.90
C VAL V 111 -4.43 -0.81 59.39
N SER V 112 -5.50 -0.31 58.82
CA SER V 112 -6.54 -1.19 58.32
C SER V 112 -5.93 -2.19 57.38
N GLU V 113 -5.14 -1.70 56.43
CA GLU V 113 -4.50 -2.58 55.48
C GLU V 113 -3.65 -3.60 56.20
N VAL V 114 -2.83 -3.14 57.15
CA VAL V 114 -1.96 -4.03 57.92
C VAL V 114 -2.79 -5.15 58.51
N ALA V 115 -3.82 -4.76 59.23
CA ALA V 115 -4.73 -5.71 59.83
C ALA V 115 -5.08 -6.74 58.80
N LYS V 116 -5.49 -6.31 57.62
CA LYS V 116 -5.88 -7.23 56.56
C LYS V 116 -4.80 -8.25 56.31
N ILE V 117 -3.54 -7.84 56.38
CA ILE V 117 -2.45 -8.80 56.16
C ILE V 117 -2.38 -9.83 57.24
N MET V 118 -2.37 -9.36 58.49
CA MET V 118 -2.32 -10.25 59.63
C MET V 118 -3.49 -11.22 59.63
N GLN V 119 -4.67 -10.72 59.31
CA GLN V 119 -5.84 -11.57 59.27
C GLN V 119 -5.69 -12.64 58.26
N GLU V 120 -5.25 -12.27 57.07
CA GLU V 120 -5.12 -13.27 56.04
C GLU V 120 -4.31 -14.46 56.50
N ALA V 121 -3.39 -14.21 57.43
CA ALA V 121 -2.53 -15.27 57.99
C ALA V 121 -3.27 -16.11 59.02
N THR V 122 -4.47 -15.67 59.36
CA THR V 122 -5.30 -16.32 60.33
C THR V 122 -6.31 -17.15 59.60
N GLN V 123 -6.20 -17.18 58.28
CA GLN V 123 -7.15 -17.93 57.49
C GLN V 123 -6.59 -18.57 56.24
N SER V 124 -5.72 -17.86 55.54
CA SER V 124 -5.11 -18.39 54.34
C SER V 124 -4.54 -19.75 54.63
N GLY V 125 -4.67 -20.68 53.68
CA GLY V 125 -4.16 -22.02 53.90
C GLY V 125 -2.65 -22.00 54.04
N GLY V 126 -2.11 -23.06 54.64
CA GLY V 126 -0.68 -23.16 54.79
C GLY V 126 0.15 -22.25 55.66
N VAL V 127 -0.42 -21.35 56.45
CA VAL V 127 0.43 -20.52 57.30
C VAL V 127 0.03 -20.56 58.78
N ARG V 128 0.78 -19.81 59.60
CA ARG V 128 0.57 -19.69 61.04
C ARG V 128 0.41 -18.20 61.33
N PRO V 129 -0.44 -17.81 62.29
CA PRO V 129 -0.55 -16.38 62.53
C PRO V 129 0.76 -15.71 62.81
N PHE V 130 0.83 -14.41 62.70
CA PHE V 130 2.07 -13.74 63.01
C PHE V 130 2.17 -13.78 64.51
N GLY V 131 3.38 -13.75 65.03
CA GLY V 131 3.53 -13.76 66.47
C GLY V 131 3.99 -12.41 66.96
N VAL V 132 3.15 -11.41 66.76
CA VAL V 132 3.46 -10.04 67.18
C VAL V 132 2.22 -9.15 67.36
N SER V 133 2.39 -8.11 68.16
CA SER V 133 1.36 -7.12 68.38
C SER V 133 2.11 -5.87 67.98
N LEU V 134 1.43 -4.93 67.35
CA LEU V 134 2.09 -3.72 66.91
C LEU V 134 1.32 -2.53 67.37
N LEU V 135 2.04 -1.44 67.59
CA LEU V 135 1.45 -0.20 68.00
C LEU V 135 1.95 0.67 66.90
N ILE V 136 1.02 1.33 66.20
CA ILE V 136 1.36 2.21 65.10
C ILE V 136 0.91 3.61 65.46
N ALA V 137 1.75 4.58 65.19
CA ALA V 137 1.43 5.92 65.56
C ALA V 137 1.63 6.83 64.34
N GLY V 138 0.70 7.74 64.13
CA GLY V 138 0.83 8.59 62.97
C GLY V 138 -0.06 9.80 63.04
N HIS V 139 -0.17 10.49 61.92
CA HIS V 139 -0.96 11.70 61.83
C HIS V 139 -1.44 11.98 60.43
N ASP V 140 -2.51 12.74 60.32
CA ASP V 140 -3.00 13.12 59.01
C ASP V 140 -3.91 14.31 59.11
N GLU V 141 -3.67 15.28 58.22
CA GLU V 141 -4.42 16.52 58.16
C GLU V 141 -5.88 16.47 58.64
N PHE V 142 -6.58 15.35 58.41
CA PHE V 142 -7.99 15.25 58.77
C PHE V 142 -8.45 14.47 59.99
N ASN V 143 -7.57 13.73 60.64
CA ASN V 143 -7.98 13.00 61.83
C ASN V 143 -7.18 13.47 63.01
N GLY V 144 -6.08 14.13 62.73
CA GLY V 144 -5.25 14.57 63.80
C GLY V 144 -4.27 13.48 64.10
N PHE V 145 -3.89 13.36 65.37
CA PHE V 145 -2.91 12.38 65.78
C PHE V 145 -3.63 11.16 66.30
N SER V 146 -3.11 9.99 65.97
CA SER V 146 -3.73 8.76 66.44
C SER V 146 -2.74 7.68 66.88
N LEU V 147 -3.26 6.64 67.50
CA LEU V 147 -2.45 5.53 67.99
C LEU V 147 -3.30 4.27 67.95
N TYR V 148 -2.74 3.19 67.43
CA TYR V 148 -3.49 1.98 67.30
C TYR V 148 -2.66 0.78 67.72
N GLN V 149 -3.34 -0.33 68.01
CA GLN V 149 -2.70 -1.58 68.41
C GLN V 149 -3.33 -2.62 67.50
N VAL V 150 -2.50 -3.51 66.96
CA VAL V 150 -2.98 -4.57 66.08
C VAL V 150 -2.53 -5.91 66.61
N ASP V 151 -3.49 -6.78 66.90
CA ASP V 151 -3.17 -8.08 67.44
C ASP V 151 -3.12 -9.04 66.31
N PRO V 152 -2.55 -10.22 66.55
CA PRO V 152 -2.43 -11.25 65.52
C PRO V 152 -3.78 -11.74 65.06
N SER V 153 -4.81 -11.56 65.86
CA SER V 153 -6.11 -12.03 65.42
C SER V 153 -6.43 -11.18 64.24
N GLY V 154 -5.83 -9.98 64.24
CA GLY V 154 -6.06 -9.02 63.18
C GLY V 154 -6.74 -7.78 63.74
N SER V 155 -7.55 -7.94 64.78
CA SER V 155 -8.26 -6.82 65.38
C SER V 155 -7.32 -5.69 65.66
N TYR V 156 -7.83 -4.48 65.59
CA TYR V 156 -7.04 -3.29 65.87
C TYR V 156 -7.94 -2.34 66.63
N PHE V 157 -7.37 -1.57 67.54
CA PHE V 157 -8.15 -0.61 68.30
C PHE V 157 -7.30 0.60 68.50
N PRO V 158 -7.87 1.76 68.83
CA PRO V 158 -7.24 3.06 69.03
C PRO V 158 -7.15 3.37 70.54
N TRP V 159 -5.95 3.63 71.03
CA TRP V 159 -5.75 3.88 72.45
C TRP V 159 -5.25 5.27 72.74
N LYS V 160 -5.54 5.79 73.94
CA LYS V 160 -5.04 7.12 74.34
C LYS V 160 -3.61 6.82 74.73
N ALA V 161 -3.42 5.59 75.22
CA ALA V 161 -2.12 5.06 75.64
C ALA V 161 -2.30 3.58 75.94
N THR V 162 -1.21 2.83 75.93
CA THR V 162 -1.22 1.40 76.23
C THR V 162 0.17 0.88 76.11
N ALA V 163 0.35 -0.39 76.42
CA ALA V 163 1.64 -1.07 76.33
C ALA V 163 1.35 -2.54 76.12
N ILE V 164 2.36 -3.28 75.67
CA ILE V 164 2.21 -4.71 75.43
C ILE V 164 3.49 -5.45 75.68
N GLY V 165 3.37 -6.76 75.86
CA GLY V 165 4.51 -7.60 76.13
C GLY V 165 4.62 -7.85 77.63
N LYS V 166 5.79 -8.36 78.05
CA LYS V 166 6.09 -8.66 79.44
C LYS V 166 5.25 -7.90 80.50
N GLY V 167 5.68 -6.69 80.83
CA GLY V 167 4.96 -5.95 81.83
C GLY V 167 3.76 -5.18 81.39
N SER V 168 2.99 -5.67 80.43
CA SER V 168 1.83 -4.93 79.99
C SER V 168 0.92 -4.53 81.13
N VAL V 169 0.29 -5.50 81.78
CA VAL V 169 -0.64 -5.17 82.84
C VAL V 169 -0.07 -4.15 83.81
N ALA V 170 1.16 -4.38 84.23
CA ALA V 170 1.78 -3.46 85.16
C ALA V 170 1.77 -2.07 84.59
N ALA V 171 2.45 -1.92 83.47
CA ALA V 171 2.55 -0.63 82.81
C ALA V 171 1.18 -0.02 82.55
N LYS V 172 0.28 -0.78 81.96
CA LYS V 172 -1.07 -0.29 81.72
C LYS V 172 -1.54 0.38 83.01
N THR V 173 -1.42 -0.32 84.14
CA THR V 173 -1.86 0.25 85.41
C THR V 173 -1.12 1.54 85.69
N PHE V 174 0.17 1.57 85.45
CA PHE V 174 0.87 2.79 85.72
C PHE V 174 0.33 3.89 84.84
N LEU V 175 -0.02 3.55 83.61
CA LEU V 175 -0.55 4.56 82.70
C LEU V 175 -1.92 5.10 83.09
N GLU V 176 -2.90 4.21 83.33
CA GLU V 176 -4.27 4.63 83.71
C GLU V 176 -4.22 5.70 84.79
N LYS V 177 -3.13 5.73 85.55
CA LYS V 177 -2.93 6.69 86.63
C LYS V 177 -2.35 8.02 86.17
N ARG V 178 -1.26 8.01 85.43
CA ARG V 178 -0.61 9.25 84.98
C ARG V 178 -1.12 9.98 83.70
N TRP V 179 -1.96 9.34 82.87
CA TRP V 179 -2.48 9.98 81.66
C TRP V 179 -3.69 10.90 81.86
N ASN V 180 -3.82 11.91 81.02
CA ASN V 180 -4.94 12.84 81.07
C ASN V 180 -4.98 13.52 79.71
N ASP V 181 -6.03 14.27 79.38
CA ASP V 181 -6.10 14.92 78.05
C ASP V 181 -5.63 16.37 77.89
N GLU V 182 -4.53 16.74 78.55
CA GLU V 182 -3.97 18.09 78.47
C GLU V 182 -2.43 18.07 78.53
N LEU V 183 -1.84 17.01 78.00
CA LEU V 183 -0.39 16.83 78.02
C LEU V 183 0.41 17.33 76.81
N GLU V 184 1.40 18.18 77.05
CA GLU V 184 2.23 18.67 75.97
C GLU V 184 3.19 17.51 75.76
N LEU V 185 3.64 17.31 74.52
CA LEU V 185 4.57 16.23 74.18
C LEU V 185 5.72 15.94 75.18
N GLU V 186 6.55 16.94 75.50
CA GLU V 186 7.66 16.76 76.46
C GLU V 186 7.27 15.95 77.69
N ASP V 187 6.09 16.26 78.24
CA ASP V 187 5.59 15.58 79.43
C ASP V 187 5.23 14.11 79.16
N ALA V 188 4.83 13.79 77.93
CA ALA V 188 4.49 12.41 77.57
C ALA V 188 5.73 11.56 77.37
N ILE V 189 6.82 12.22 77.06
CA ILE V 189 8.08 11.49 76.90
C ILE V 189 8.48 11.06 78.31
N HIS V 190 8.34 12.01 79.24
CA HIS V 190 8.66 11.79 80.64
C HIS V 190 8.01 10.47 81.03
N ILE V 191 6.68 10.43 81.01
CA ILE V 191 5.94 9.23 81.39
C ILE V 191 6.48 7.98 80.73
N ALA V 192 6.59 8.03 79.41
CA ALA V 192 7.09 6.90 78.65
C ALA V 192 8.35 6.36 79.30
N LEU V 193 9.27 7.25 79.62
CA LEU V 193 10.50 6.85 80.26
C LEU V 193 10.30 6.16 81.59
N LEU V 194 9.42 6.70 82.44
CA LEU V 194 9.15 6.10 83.74
C LEU V 194 8.60 4.70 83.50
N THR V 195 7.52 4.66 82.74
CA THR V 195 6.86 3.42 82.43
C THR V 195 7.84 2.37 81.95
N LEU V 196 8.84 2.83 81.25
CA LEU V 196 9.82 1.91 80.73
C LEU V 196 10.73 1.41 81.82
N LYS V 197 11.12 2.30 82.73
CA LYS V 197 12.01 1.94 83.81
C LYS V 197 11.57 0.70 84.62
N GLU V 198 10.30 0.66 85.01
CA GLU V 198 9.80 -0.47 85.81
C GLU V 198 9.80 -1.84 85.14
N SER V 199 9.98 -1.89 83.83
CA SER V 199 10.03 -3.16 83.12
C SER V 199 11.45 -3.60 82.86
N VAL V 200 12.29 -2.62 82.58
CA VAL V 200 13.68 -2.90 82.30
C VAL V 200 14.42 -3.50 83.49
N GLU V 201 15.08 -4.61 83.20
CA GLU V 201 15.85 -5.38 84.18
C GLU V 201 17.24 -4.83 84.53
N GLY V 202 18.09 -4.64 83.52
CA GLY V 202 19.44 -4.15 83.79
C GLY V 202 19.78 -2.68 83.60
N GLU V 203 20.89 -2.42 82.92
CA GLU V 203 21.30 -1.05 82.66
C GLU V 203 20.17 -0.41 81.89
N PHE V 204 19.97 0.87 82.09
CA PHE V 204 18.87 1.59 81.45
C PHE V 204 19.36 2.95 80.96
N ASN V 205 19.65 3.06 79.67
CA ASN V 205 20.13 4.32 79.10
C ASN V 205 19.82 4.44 77.60
N GLY V 206 20.27 5.54 77.02
CA GLY V 206 20.04 5.76 75.61
C GLY V 206 20.55 4.69 74.65
N ASP V 207 21.53 3.91 75.07
CA ASP V 207 22.06 2.88 74.20
C ASP V 207 21.33 1.56 74.36
N THR V 208 20.38 1.52 75.28
CA THR V 208 19.59 0.31 75.56
C THR V 208 18.11 0.52 75.33
N ILE V 209 17.75 1.77 75.04
CA ILE V 209 16.36 2.17 74.81
C ILE V 209 16.22 2.72 73.36
N GLU V 210 14.99 2.78 72.85
CA GLU V 210 14.75 3.30 71.50
C GLU V 210 13.43 4.05 71.56
N LEU V 211 13.48 5.33 71.23
CA LEU V 211 12.31 6.17 71.26
C LEU V 211 12.00 6.89 69.98
N ALA V 212 10.72 7.04 69.70
CA ALA V 212 10.27 7.70 68.48
C ALA V 212 9.03 8.52 68.73
N ILE V 213 8.90 9.62 68.02
CA ILE V 213 7.74 10.48 68.18
C ILE V 213 7.11 10.77 66.85
N ILE V 214 6.00 11.49 66.88
CA ILE V 214 5.28 11.89 65.68
C ILE V 214 4.78 13.28 66.02
N GLY V 215 5.39 14.33 65.48
CA GLY V 215 4.91 15.67 65.80
C GLY V 215 5.03 16.78 64.78
N ASP V 216 5.63 17.89 65.20
CA ASP V 216 5.82 19.04 64.34
C ASP V 216 6.57 18.65 63.07
N GLU V 217 6.34 19.39 62.00
CA GLU V 217 6.99 19.12 60.72
C GLU V 217 8.49 19.43 60.79
N ASN V 218 9.30 18.51 60.28
CA ASN V 218 10.74 18.63 60.30
C ASN V 218 11.43 19.01 59.00
N PRO V 219 11.45 20.30 58.67
CA PRO V 219 12.12 20.67 57.42
C PRO V 219 13.61 20.28 57.38
N ASP V 220 14.30 20.38 58.50
CA ASP V 220 15.72 20.03 58.50
C ASP V 220 16.01 18.59 58.11
N LEU V 221 14.97 17.78 58.06
CA LEU V 221 15.12 16.38 57.71
C LEU V 221 14.45 16.04 56.40
N LEU V 222 14.09 17.06 55.64
CA LEU V 222 13.45 16.86 54.35
C LEU V 222 14.42 16.44 53.30
N GLY V 223 15.54 17.14 53.24
CA GLY V 223 16.55 16.81 52.25
C GLY V 223 16.56 17.80 51.10
N TYR V 224 15.45 18.53 50.94
CA TYR V 224 15.29 19.52 49.88
C TYR V 224 14.37 20.67 50.26
N THR V 225 14.48 21.79 49.55
CA THR V 225 13.66 22.97 49.79
C THR V 225 13.07 23.48 48.47
N GLY V 226 11.89 24.07 48.51
CA GLY V 226 11.29 24.57 47.29
C GLY V 226 9.80 24.36 47.37
N ILE V 227 9.37 23.11 47.30
CA ILE V 227 7.96 22.81 47.37
C ILE V 227 7.47 23.17 48.76
N PRO V 228 6.44 24.01 48.87
CA PRO V 228 5.97 24.39 50.19
C PRO V 228 4.80 23.53 50.73
N THR V 229 4.07 22.85 49.86
CA THR V 229 2.94 22.05 50.31
C THR V 229 3.39 20.95 51.27
N ASP V 230 4.52 20.36 50.94
CA ASP V 230 5.11 19.31 51.76
C ASP V 230 6.16 20.01 52.60
N LYS V 231 5.83 20.21 53.88
CA LYS V 231 6.70 20.91 54.82
C LYS V 231 7.71 20.08 55.59
N GLY V 232 7.66 18.76 55.46
CA GLY V 232 8.62 17.91 56.17
C GLY V 232 7.97 16.75 56.89
N PRO V 233 8.73 15.68 57.18
CA PRO V 233 8.19 14.49 57.86
C PRO V 233 7.96 14.82 59.33
N ARG V 234 6.93 14.25 59.91
CA ARG V 234 6.62 14.50 61.31
C ARG V 234 7.25 13.47 62.26
N PHE V 235 7.75 12.37 61.72
CA PHE V 235 8.37 11.27 62.47
C PHE V 235 9.86 11.43 62.69
N ARG V 236 10.27 11.46 63.95
CA ARG V 236 11.67 11.57 64.29
C ARG V 236 12.05 10.52 65.31
N LYS V 237 13.15 9.83 65.06
CA LYS V 237 13.66 8.82 65.95
C LYS V 237 14.64 9.62 66.83
N LEU V 238 14.63 9.41 68.14
CA LEU V 238 15.54 10.17 69.00
C LEU V 238 16.95 9.58 69.11
N THR V 239 17.97 10.44 69.09
CA THR V 239 19.34 9.96 69.15
C THR V 239 19.74 9.56 70.55
N SER V 240 20.79 8.76 70.65
CA SER V 240 21.29 8.31 71.94
C SER V 240 21.41 9.54 72.81
N GLN V 241 22.16 10.51 72.33
CA GLN V 241 22.37 11.73 73.06
C GLN V 241 21.06 12.41 73.41
N GLU V 242 20.10 12.40 72.48
CA GLU V 242 18.81 13.05 72.74
C GLU V 242 18.00 12.43 73.89
N ILE V 243 18.38 11.21 74.28
CA ILE V 243 17.71 10.51 75.37
C ILE V 243 18.28 10.81 76.77
N ASN V 244 19.57 10.58 76.97
CA ASN V 244 20.20 10.82 78.28
C ASN V 244 19.88 12.17 78.88
N ASP V 245 20.00 13.22 78.07
CA ASP V 245 19.72 14.59 78.53
C ASP V 245 18.37 14.72 79.24
N ARG V 246 17.41 13.90 78.85
CA ARG V 246 16.10 13.97 79.46
C ARG V 246 16.07 13.11 80.72
N LEU V 247 16.75 11.97 80.71
CA LEU V 247 16.76 11.08 81.86
C LEU V 247 17.18 11.80 83.13
N GLU V 248 18.16 12.67 82.99
CA GLU V 248 18.70 13.45 84.11
C GLU V 248 17.74 14.47 84.74
N ALA V 249 16.47 14.40 84.35
CA ALA V 249 15.44 15.29 84.90
C ALA V 249 14.33 14.41 85.46
N LEU V 250 14.74 13.34 86.13
CA LEU V 250 13.84 12.37 86.74
C LEU V 250 13.12 12.90 87.99
N GLY W 1 3.54 -37.30 54.24
CA GLY W 1 2.51 -36.63 53.39
C GLY W 1 2.04 -35.35 54.06
N SER W 2 0.86 -34.86 53.68
CA SER W 2 0.32 -33.65 54.28
C SER W 2 -1.05 -33.83 54.94
N ARG W 3 -1.85 -34.77 54.45
CA ARG W 3 -3.16 -35.07 55.02
C ARG W 3 -3.08 -35.14 56.55
N ARG W 4 -1.97 -35.69 57.04
CA ARG W 4 -1.72 -35.87 58.46
C ARG W 4 -2.09 -34.62 59.23
N TYR W 5 -1.82 -33.47 58.64
CA TYR W 5 -2.09 -32.21 59.29
C TYR W 5 -3.40 -31.53 58.88
N ASP W 6 -4.16 -32.15 58.00
CA ASP W 6 -5.39 -31.53 57.55
C ASP W 6 -6.58 -31.69 58.47
N SER W 7 -7.00 -30.57 59.04
CA SER W 7 -8.14 -30.56 59.95
C SER W 7 -9.51 -30.75 59.32
N ARG W 8 -9.55 -31.14 58.04
CA ARG W 8 -10.81 -31.37 57.31
C ARG W 8 -11.96 -30.46 57.76
N THR W 9 -11.87 -29.18 57.44
CA THR W 9 -12.86 -28.22 57.91
C THR W 9 -14.23 -28.26 57.33
N THR W 10 -14.43 -28.90 56.20
CA THR W 10 -15.77 -28.92 55.64
C THR W 10 -16.36 -30.30 55.66
N ILE W 11 -16.19 -31.01 56.76
CA ILE W 11 -16.74 -32.35 56.87
C ILE W 11 -18.03 -32.38 57.65
N PHE W 12 -18.74 -33.49 57.57
CA PHE W 12 -20.00 -33.64 58.27
C PHE W 12 -19.86 -34.49 59.52
N SER W 13 -20.51 -34.11 60.62
CA SER W 13 -20.45 -34.92 61.84
C SER W 13 -21.35 -36.13 61.59
N PRO W 14 -21.13 -37.24 62.29
CA PRO W 14 -22.02 -38.38 62.02
C PRO W 14 -23.47 -38.01 62.24
N GLU W 15 -23.69 -36.90 62.94
CA GLU W 15 -25.01 -36.41 63.27
C GLU W 15 -25.58 -35.38 62.27
N GLY W 16 -24.89 -35.16 61.16
CA GLY W 16 -25.36 -34.23 60.14
C GLY W 16 -25.14 -32.74 60.34
N ARG W 17 -24.26 -32.35 61.25
CA ARG W 17 -24.01 -30.94 61.48
C ARG W 17 -22.60 -30.69 60.99
N LEU W 18 -22.27 -29.42 60.79
CA LEU W 18 -20.96 -29.03 60.31
C LEU W 18 -20.12 -28.58 61.49
N TYR W 19 -19.21 -29.43 61.92
CA TYR W 19 -18.35 -29.16 63.05
C TYR W 19 -18.03 -27.69 63.11
N GLN W 20 -17.18 -27.25 62.19
CA GLN W 20 -16.73 -25.87 62.19
C GLN W 20 -17.77 -24.78 62.27
N VAL W 21 -18.88 -24.93 61.57
CA VAL W 21 -19.89 -23.90 61.66
C VAL W 21 -20.35 -23.82 63.13
N GLU W 22 -20.72 -24.98 63.67
CA GLU W 22 -21.18 -25.05 65.04
C GLU W 22 -20.15 -24.45 65.97
N TYR W 23 -18.91 -24.88 65.85
CA TYR W 23 -17.86 -24.36 66.72
C TYR W 23 -17.67 -22.84 66.60
N ALA W 24 -18.03 -22.28 65.46
CA ALA W 24 -17.87 -20.84 65.25
C ALA W 24 -18.89 -20.04 66.04
N LEU W 25 -20.14 -20.48 65.97
CA LEU W 25 -21.23 -19.85 66.68
C LEU W 25 -20.83 -19.70 68.13
N GLU W 26 -20.18 -20.72 68.65
CA GLU W 26 -19.72 -20.70 70.03
C GLU W 26 -18.76 -19.52 70.20
N SER W 27 -17.82 -19.37 69.26
CA SER W 27 -16.87 -18.27 69.35
C SER W 27 -17.66 -17.00 69.37
N ILE W 28 -18.70 -16.99 68.56
CA ILE W 28 -19.52 -15.81 68.48
C ILE W 28 -20.26 -15.48 69.74
N SER W 29 -20.79 -16.49 70.42
CA SER W 29 -21.52 -16.25 71.65
C SER W 29 -20.70 -15.54 72.72
N HIS W 30 -19.39 -15.44 72.55
CA HIS W 30 -18.58 -14.75 73.53
C HIS W 30 -18.39 -13.30 73.13
N ALA W 31 -18.88 -12.94 71.96
CA ALA W 31 -18.71 -11.60 71.48
C ALA W 31 -19.80 -10.71 71.93
N GLY W 32 -19.43 -9.44 72.13
CA GLY W 32 -20.33 -8.39 72.58
C GLY W 32 -21.70 -8.56 72.00
N THR W 33 -22.71 -8.10 72.71
CA THR W 33 -24.06 -8.25 72.22
C THR W 33 -24.46 -7.15 71.26
N ALA W 34 -25.13 -7.52 70.17
CA ALA W 34 -25.60 -6.53 69.20
C ALA W 34 -27.06 -6.76 68.90
N ILE W 35 -27.77 -5.66 68.71
CA ILE W 35 -29.19 -5.76 68.46
C ILE W 35 -29.71 -4.85 67.38
N GLY W 36 -30.78 -5.30 66.75
CA GLY W 36 -31.44 -4.54 65.71
C GLY W 36 -32.94 -4.62 65.92
N ILE W 37 -33.62 -3.48 65.81
CA ILE W 37 -35.06 -3.40 66.02
C ILE W 37 -35.71 -2.59 64.90
N MET W 38 -36.72 -3.16 64.27
CA MET W 38 -37.40 -2.51 63.15
C MET W 38 -38.70 -1.80 63.49
N ALA W 39 -38.76 -0.52 63.16
CA ALA W 39 -39.97 0.25 63.44
C ALA W 39 -40.79 0.49 62.18
N SER W 40 -41.86 1.27 62.34
CA SER W 40 -42.71 1.60 61.22
C SER W 40 -42.09 2.74 60.44
N ASP W 41 -41.11 3.40 61.04
CA ASP W 41 -40.47 4.53 60.40
C ASP W 41 -38.99 4.62 60.67
N GLY W 42 -38.35 3.48 60.78
CA GLY W 42 -36.92 3.48 61.03
C GLY W 42 -36.40 2.13 61.50
N ILE W 43 -35.09 2.06 61.73
CA ILE W 43 -34.42 0.87 62.21
C ILE W 43 -33.29 1.23 63.16
N VAL W 44 -33.17 0.47 64.24
CA VAL W 44 -32.15 0.72 65.25
C VAL W 44 -31.14 -0.38 65.32
N LEU W 45 -29.89 -0.01 65.50
CA LEU W 45 -28.84 -0.97 65.63
C LEU W 45 -28.08 -0.50 66.83
N ALA W 46 -27.78 -1.42 67.73
CA ALA W 46 -27.03 -1.12 68.94
C ALA W 46 -26.06 -2.22 69.30
N ALA W 47 -24.94 -1.85 69.94
CA ALA W 47 -23.95 -2.85 70.31
C ALA W 47 -23.08 -2.60 71.55
N GLU W 48 -22.72 -3.71 72.21
CA GLU W 48 -21.92 -3.71 73.42
C GLU W 48 -20.47 -4.05 73.05
N ARG W 49 -19.53 -3.24 73.53
CA ARG W 49 -18.10 -3.45 73.26
C ARG W 49 -17.37 -4.47 74.15
N LYS W 50 -16.65 -5.42 73.53
CA LYS W 50 -15.91 -6.48 74.22
C LYS W 50 -14.49 -5.97 74.52
N VAL W 51 -13.84 -6.58 75.53
CA VAL W 51 -12.47 -6.21 75.95
C VAL W 51 -12.25 -4.68 75.86
N THR W 52 -12.52 -3.98 76.95
CA THR W 52 -12.38 -2.53 76.99
C THR W 52 -11.44 -2.06 78.09
N SER W 53 -11.31 -0.75 78.24
CA SER W 53 -10.45 -0.17 79.25
C SER W 53 -10.76 1.31 79.41
N THR W 54 -10.10 1.91 80.38
CA THR W 54 -10.23 3.32 80.70
C THR W 54 -9.53 4.14 79.64
N LEU W 55 -8.56 3.51 79.00
CA LEU W 55 -7.76 4.18 77.99
C LEU W 55 -8.14 4.06 76.52
N LEU W 56 -9.07 3.18 76.18
CA LEU W 56 -9.49 3.02 74.81
C LEU W 56 -9.99 4.38 74.32
N GLU W 57 -10.01 4.60 73.01
CA GLU W 57 -10.48 5.86 72.42
C GLU W 57 -11.83 5.62 71.76
N GLN W 58 -12.82 6.42 72.10
CA GLN W 58 -14.11 6.22 71.47
C GLN W 58 -14.33 7.15 70.28
N ASP W 59 -13.98 8.41 70.46
CA ASP W 59 -14.12 9.44 69.42
C ASP W 59 -13.95 8.92 67.99
N THR W 60 -12.78 8.37 67.70
CA THR W 60 -12.50 7.88 66.36
C THR W 60 -12.53 6.37 66.22
N SER W 61 -13.48 5.73 66.90
CA SER W 61 -13.60 4.28 66.82
C SER W 61 -14.88 3.85 66.09
N THR W 62 -14.89 2.57 65.72
CA THR W 62 -15.98 1.93 64.99
C THR W 62 -15.58 0.44 64.96
N GLU W 63 -15.97 -0.30 65.99
CA GLU W 63 -15.59 -1.71 66.04
C GLU W 63 -16.76 -2.68 65.89
N LYS W 64 -17.97 -2.16 65.79
CA LYS W 64 -19.14 -3.00 65.63
C LYS W 64 -20.20 -2.46 64.66
N LEU W 65 -20.11 -1.18 64.30
CA LEU W 65 -21.07 -0.57 63.39
C LEU W 65 -20.44 -0.03 62.14
N TYR W 66 -20.81 -0.60 61.01
CA TYR W 66 -20.22 -0.14 59.79
C TYR W 66 -21.25 0.20 58.77
N LYS W 67 -20.91 1.16 57.94
CA LYS W 67 -21.74 1.65 56.85
C LYS W 67 -21.31 0.83 55.63
N LEU W 68 -22.28 0.32 54.89
CA LEU W 68 -21.99 -0.46 53.68
C LEU W 68 -22.37 0.33 52.45
N ASN W 69 -23.31 1.27 52.63
CA ASN W 69 -23.88 2.05 51.54
C ASN W 69 -24.49 3.28 52.21
N ASP W 70 -25.07 4.19 51.44
CA ASP W 70 -25.71 5.35 52.06
C ASP W 70 -27.10 4.92 52.52
N LYS W 71 -27.44 3.67 52.25
CA LYS W 71 -28.71 3.11 52.62
C LYS W 71 -28.66 1.84 53.44
N ILE W 72 -27.47 1.30 53.67
CA ILE W 72 -27.34 0.05 54.42
C ILE W 72 -26.17 0.08 55.37
N ALA W 73 -26.36 -0.50 56.56
CA ALA W 73 -25.30 -0.56 57.57
C ALA W 73 -25.45 -1.87 58.31
N VAL W 74 -24.39 -2.34 58.93
CA VAL W 74 -24.43 -3.62 59.64
C VAL W 74 -23.82 -3.52 61.02
N ALA W 75 -24.17 -4.50 61.85
CA ALA W 75 -23.67 -4.63 63.21
C ALA W 75 -22.93 -5.94 63.24
N VAL W 76 -21.74 -5.90 63.83
CA VAL W 76 -20.86 -7.05 63.89
C VAL W 76 -20.68 -7.72 65.22
N ALA W 77 -20.73 -9.05 65.25
CA ALA W 77 -20.47 -9.78 66.47
C ALA W 77 -19.62 -10.95 66.06
N GLY W 78 -18.34 -10.91 66.40
CA GLY W 78 -17.43 -11.96 66.06
C GLY W 78 -16.06 -11.35 65.96
N LEU W 79 -15.16 -11.96 65.20
CA LEU W 79 -13.81 -11.40 65.05
C LEU W 79 -13.93 -10.20 64.13
N THR W 80 -13.51 -9.04 64.61
CA THR W 80 -13.59 -7.81 63.84
C THR W 80 -12.90 -7.90 62.51
N ALA W 81 -11.68 -8.39 62.54
CA ALA W 81 -10.91 -8.51 61.31
C ALA W 81 -11.65 -9.29 60.25
N ASP W 82 -12.24 -10.43 60.59
CA ASP W 82 -12.97 -11.24 59.63
C ASP W 82 -14.04 -10.36 59.05
N ALA W 83 -14.72 -9.68 59.95
CA ALA W 83 -15.77 -8.81 59.55
C ALA W 83 -15.32 -7.86 58.45
N GLU W 84 -14.23 -7.15 58.65
CA GLU W 84 -13.80 -6.22 57.64
C GLU W 84 -13.64 -6.82 56.28
N ILE W 85 -12.98 -7.96 56.18
CA ILE W 85 -12.79 -8.57 54.89
C ILE W 85 -14.10 -8.75 54.18
N LEU W 86 -15.12 -9.17 54.90
CA LEU W 86 -16.43 -9.37 54.33
C LEU W 86 -17.09 -8.07 53.97
N ILE W 87 -16.89 -7.06 54.80
CA ILE W 87 -17.46 -5.75 54.53
C ILE W 87 -16.88 -5.19 53.25
N ASN W 88 -15.57 -5.11 53.14
CA ASN W 88 -15.02 -4.55 51.93
C ASN W 88 -15.56 -5.22 50.70
N THR W 89 -15.75 -6.52 50.71
CA THR W 89 -16.29 -7.09 49.50
C THR W 89 -17.72 -6.70 49.35
N ALA W 90 -18.41 -6.60 50.47
CA ALA W 90 -19.81 -6.22 50.44
C ALA W 90 -19.99 -4.82 49.91
N ARG W 91 -19.13 -3.91 50.32
CA ARG W 91 -19.20 -2.55 49.85
C ARG W 91 -18.98 -2.52 48.33
N ILE W 92 -18.05 -3.35 47.86
CA ILE W 92 -17.76 -3.46 46.43
C ILE W 92 -18.99 -3.98 45.68
N HIS W 93 -19.48 -5.14 46.06
CA HIS W 93 -20.63 -5.67 45.35
C HIS W 93 -21.76 -4.69 45.26
N ALA W 94 -21.83 -3.72 46.17
CA ALA W 94 -22.89 -2.73 46.13
C ALA W 94 -22.68 -1.82 44.94
N GLN W 95 -21.49 -1.27 44.83
CA GLN W 95 -21.21 -0.40 43.73
C GLN W 95 -21.26 -1.16 42.38
N ASN W 96 -20.85 -2.42 42.35
CA ASN W 96 -20.93 -3.16 41.09
C ASN W 96 -22.38 -3.30 40.65
N TYR W 97 -23.31 -2.98 41.54
CA TYR W 97 -24.71 -3.05 41.16
C TYR W 97 -25.12 -1.68 40.70
N LEU W 98 -24.69 -0.66 41.42
CA LEU W 98 -25.01 0.70 41.05
C LEU W 98 -24.45 0.98 39.64
N LYS W 99 -23.19 0.66 39.39
CA LYS W 99 -22.63 0.91 38.07
C LYS W 99 -23.38 0.12 37.04
N THR W 100 -23.67 -1.14 37.33
CA THR W 100 -24.39 -1.93 36.34
C THR W 100 -25.83 -1.50 36.09
N TYR W 101 -26.55 -1.07 37.13
CA TYR W 101 -27.95 -0.70 36.94
C TYR W 101 -28.39 0.69 37.37
N ASN W 102 -27.46 1.58 37.65
CA ASN W 102 -27.81 2.93 38.08
C ASN W 102 -28.97 3.02 39.06
N GLU W 103 -28.97 2.14 40.04
CA GLU W 103 -30.00 2.11 41.06
C GLU W 103 -29.27 1.58 42.25
N ASP W 104 -29.67 1.93 43.45
CA ASP W 104 -28.96 1.41 44.60
C ASP W 104 -29.41 -0.04 44.71
N ILE W 105 -28.59 -0.82 45.40
CA ILE W 105 -28.83 -2.26 45.59
C ILE W 105 -29.86 -2.68 46.62
N PRO W 106 -30.77 -3.57 46.24
CA PRO W 106 -31.80 -4.04 47.16
C PRO W 106 -31.11 -4.73 48.29
N VAL W 107 -31.50 -4.40 49.50
CA VAL W 107 -30.89 -4.97 50.67
C VAL W 107 -30.78 -6.48 50.61
N GLU W 108 -31.87 -7.18 50.29
CA GLU W 108 -31.78 -8.63 50.26
C GLU W 108 -30.72 -9.12 49.33
N ILE W 109 -30.59 -8.50 48.17
CA ILE W 109 -29.59 -8.95 47.20
C ILE W 109 -28.20 -8.89 47.77
N LEU W 110 -27.87 -7.77 48.36
CA LEU W 110 -26.57 -7.62 48.95
C LEU W 110 -26.40 -8.74 49.94
N VAL W 111 -27.32 -8.83 50.88
CA VAL W 111 -27.28 -9.87 51.89
C VAL W 111 -27.06 -11.25 51.32
N ARG W 112 -27.87 -11.62 50.35
CA ARG W 112 -27.74 -12.95 49.77
C ARG W 112 -26.36 -13.19 49.21
N ARG W 113 -25.76 -12.17 48.63
CA ARG W 113 -24.46 -12.36 48.09
C ARG W 113 -23.55 -12.61 49.27
N LEU W 114 -23.58 -11.77 50.29
CA LEU W 114 -22.70 -12.01 51.43
C LEU W 114 -22.87 -13.39 52.01
N SER W 115 -24.11 -13.82 52.20
CA SER W 115 -24.32 -15.15 52.73
C SER W 115 -23.65 -16.15 51.82
N ASP W 116 -23.95 -16.06 50.52
CA ASP W 116 -23.37 -16.95 49.53
C ASP W 116 -21.86 -17.05 49.62
N ILE W 117 -21.20 -15.97 49.97
CA ILE W 117 -19.76 -16.02 50.12
C ILE W 117 -19.49 -16.99 51.26
N LYS W 118 -20.12 -16.75 52.42
CA LYS W 118 -19.95 -17.59 53.60
C LYS W 118 -20.23 -19.05 53.32
N GLN W 119 -21.41 -19.36 52.81
CA GLN W 119 -21.76 -20.74 52.49
C GLN W 119 -20.66 -21.36 51.68
N GLY W 120 -19.93 -20.54 50.95
CA GLY W 120 -18.84 -21.06 50.15
C GLY W 120 -17.84 -21.77 51.01
N TYR W 121 -17.34 -21.02 51.96
CA TYR W 121 -16.38 -21.52 52.91
C TYR W 121 -16.95 -22.70 53.70
N THR W 122 -18.25 -22.96 53.55
CA THR W 122 -18.91 -24.06 54.23
C THR W 122 -18.89 -25.34 53.41
N GLN W 123 -18.77 -25.22 52.09
CA GLN W 123 -18.83 -26.41 51.28
C GLN W 123 -17.61 -26.83 50.54
N HIS W 124 -16.70 -25.90 50.33
CA HIS W 124 -15.48 -26.23 49.61
C HIS W 124 -14.43 -25.23 49.95
N GLY W 125 -13.19 -25.63 49.76
CA GLY W 125 -12.10 -24.73 50.01
C GLY W 125 -11.07 -25.21 51.01
N GLY W 126 -11.54 -25.77 52.13
CA GLY W 126 -10.64 -26.25 53.15
C GLY W 126 -10.08 -25.16 54.04
N LEU W 127 -10.90 -24.14 54.30
CA LEU W 127 -10.48 -23.02 55.12
C LEU W 127 -11.47 -22.82 56.25
N ARG W 128 -11.04 -22.17 57.32
CA ARG W 128 -11.92 -21.93 58.46
C ARG W 128 -12.96 -20.92 58.09
N PRO W 129 -14.19 -21.10 58.57
CA PRO W 129 -15.25 -20.15 58.28
C PRO W 129 -14.98 -18.81 58.89
N PHE W 130 -15.85 -17.86 58.61
CA PHE W 130 -15.70 -16.54 59.16
C PHE W 130 -16.39 -16.51 60.49
N GLY W 131 -15.65 -16.23 61.55
CA GLY W 131 -16.25 -16.17 62.85
C GLY W 131 -17.04 -14.89 63.01
N VAL W 132 -18.08 -14.73 62.20
CA VAL W 132 -18.88 -13.52 62.26
C VAL W 132 -20.35 -13.71 61.99
N SER W 133 -21.15 -12.97 62.72
CA SER W 133 -22.58 -13.00 62.52
C SER W 133 -22.91 -11.55 62.29
N PHE W 134 -23.79 -11.35 61.32
CA PHE W 134 -24.18 -10.03 60.91
C PHE W 134 -25.63 -9.81 61.07
N ILE W 135 -25.97 -8.57 61.35
CA ILE W 135 -27.34 -8.11 61.41
C ILE W 135 -27.24 -6.93 60.44
N TYR W 136 -28.03 -6.94 59.38
CA TYR W 136 -28.00 -5.86 58.40
C TYR W 136 -29.24 -5.03 58.55
N ALA W 137 -29.11 -3.73 58.35
CA ALA W 137 -30.26 -2.86 58.43
C ALA W 137 -30.15 -1.90 57.25
N GLY W 138 -31.24 -1.72 56.52
CA GLY W 138 -31.21 -0.83 55.37
C GLY W 138 -32.55 -0.61 54.72
N TYR W 139 -32.59 0.23 53.68
CA TYR W 139 -33.83 0.56 53.00
C TYR W 139 -33.82 0.38 51.48
N ASP W 140 -35.00 0.29 50.90
CA ASP W 140 -35.11 0.22 49.46
C ASP W 140 -36.55 0.37 49.04
N ASP W 141 -36.78 0.55 47.75
CA ASP W 141 -38.14 0.76 47.26
C ASP W 141 -39.03 -0.45 47.09
N ARG W 142 -38.52 -1.66 47.20
CA ARG W 142 -39.40 -2.80 46.99
C ARG W 142 -40.04 -3.35 48.25
N TYR W 143 -39.34 -3.26 49.37
CA TYR W 143 -39.89 -3.78 50.61
C TYR W 143 -39.74 -2.78 51.74
N GLY W 144 -39.11 -1.64 51.45
CA GLY W 144 -38.94 -0.62 52.48
C GLY W 144 -37.87 -0.94 53.53
N TYR W 145 -38.23 -0.82 54.80
CA TYR W 145 -37.32 -1.10 55.89
C TYR W 145 -37.24 -2.60 56.08
N GLN W 146 -36.03 -3.11 56.26
CA GLN W 146 -35.80 -4.53 56.46
C GLN W 146 -34.65 -4.77 57.42
N LEU W 147 -34.67 -5.94 58.04
CA LEU W 147 -33.65 -6.33 59.00
C LEU W 147 -33.30 -7.76 58.71
N TYR W 148 -32.02 -8.03 58.55
CA TYR W 148 -31.61 -9.39 58.26
C TYR W 148 -30.52 -9.83 59.17
N THR W 149 -30.30 -11.12 59.17
CA THR W 149 -29.26 -11.65 59.97
C THR W 149 -28.58 -12.80 59.24
N SER W 150 -27.26 -12.85 59.28
CA SER W 150 -26.53 -13.93 58.60
C SER W 150 -25.53 -14.40 59.59
N ASN W 151 -25.29 -15.70 59.58
CA ASN W 151 -24.39 -16.35 60.51
C ASN W 151 -23.48 -17.28 59.71
N PRO W 152 -22.34 -17.70 60.28
CA PRO W 152 -21.36 -18.58 59.64
C PRO W 152 -21.78 -19.71 58.73
N SER W 153 -22.98 -20.25 58.89
CA SER W 153 -23.44 -21.35 58.03
C SER W 153 -23.79 -20.84 56.66
N GLY W 154 -24.06 -19.54 56.59
CA GLY W 154 -24.41 -18.91 55.35
C GLY W 154 -25.89 -18.66 55.31
N ASN W 155 -26.60 -19.09 56.33
CA ASN W 155 -28.04 -18.87 56.37
C ASN W 155 -28.37 -17.44 56.75
N TYR W 156 -29.52 -16.97 56.28
CA TYR W 156 -29.96 -15.63 56.59
C TYR W 156 -31.47 -15.67 56.64
N THR W 157 -32.02 -14.85 57.51
CA THR W 157 -33.46 -14.77 57.71
C THR W 157 -33.81 -13.33 58.01
N GLY W 158 -35.09 -13.00 57.89
CA GLY W 158 -35.57 -11.65 58.13
C GLY W 158 -36.30 -11.50 59.44
N TRP W 159 -35.91 -10.48 60.20
CA TRP W 159 -36.50 -10.29 61.50
C TRP W 159 -37.12 -8.94 61.80
N LYS W 160 -38.04 -8.91 62.77
CA LYS W 160 -38.68 -7.65 63.22
C LYS W 160 -37.80 -7.06 64.31
N ALA W 161 -37.10 -7.93 65.03
CA ALA W 161 -36.17 -7.56 66.09
C ALA W 161 -35.30 -8.79 66.31
N ILE W 162 -34.00 -8.61 66.39
CA ILE W 162 -33.14 -9.76 66.57
C ILE W 162 -31.85 -9.30 67.20
N SER W 163 -31.07 -10.26 67.65
CA SER W 163 -29.82 -9.95 68.32
C SER W 163 -28.84 -11.07 68.07
N VAL W 164 -27.56 -10.75 68.22
CA VAL W 164 -26.55 -11.77 68.00
C VAL W 164 -25.39 -11.61 68.95
N GLY W 165 -24.75 -12.73 69.22
CA GLY W 165 -23.61 -12.75 70.11
C GLY W 165 -23.95 -13.27 71.49
N ALA W 166 -23.39 -12.61 72.49
CA ALA W 166 -23.59 -12.98 73.87
C ALA W 166 -24.99 -12.80 74.37
N ASN W 167 -25.51 -13.84 74.99
CA ASN W 167 -26.82 -13.76 75.61
C ASN W 167 -28.02 -13.69 74.70
N THR W 168 -27.97 -14.40 73.58
CA THR W 168 -29.12 -14.37 72.70
C THR W 168 -30.44 -14.74 73.38
N SER W 169 -30.61 -15.99 73.80
CA SER W 169 -31.87 -16.40 74.43
C SER W 169 -32.33 -15.44 75.50
N ALA W 170 -31.41 -14.85 76.22
CA ALA W 170 -31.80 -13.90 77.24
C ALA W 170 -32.46 -12.70 76.59
N ALA W 171 -31.72 -12.03 75.72
CA ALA W 171 -32.26 -10.84 75.05
C ALA W 171 -33.47 -11.16 74.17
N GLN W 172 -33.39 -12.21 73.36
CA GLN W 172 -34.51 -12.58 72.51
C GLN W 172 -35.79 -12.75 73.31
N THR W 173 -35.70 -13.36 74.48
CA THR W 173 -36.88 -13.54 75.31
C THR W 173 -37.43 -12.17 75.72
N LEU W 174 -36.55 -11.24 76.10
CA LEU W 174 -36.96 -9.90 76.49
C LEU W 174 -37.69 -9.14 75.39
N LEU W 175 -37.17 -9.24 74.18
CA LEU W 175 -37.75 -8.56 73.02
C LEU W 175 -39.13 -9.16 72.77
N GLN W 176 -39.21 -10.48 72.69
CA GLN W 176 -40.46 -11.19 72.46
C GLN W 176 -41.52 -10.72 73.49
N MET W 177 -41.05 -10.01 74.50
CA MET W 177 -41.91 -9.49 75.55
C MET W 177 -42.34 -8.05 75.36
N ASP W 178 -41.37 -7.15 75.20
CA ASP W 178 -41.68 -5.73 75.04
C ASP W 178 -41.93 -5.13 73.65
N TYR W 179 -41.70 -5.89 72.58
CA TYR W 179 -41.90 -5.38 71.24
C TYR W 179 -43.39 -5.37 70.85
N LYS W 180 -43.76 -4.56 69.86
CA LYS W 180 -45.14 -4.51 69.36
C LYS W 180 -45.23 -3.88 67.95
N ASP W 181 -45.79 -4.64 67.00
CA ASP W 181 -45.96 -4.26 65.58
C ASP W 181 -45.93 -2.80 65.19
N ASP W 182 -46.67 -1.96 65.89
CA ASP W 182 -46.75 -0.56 65.55
C ASP W 182 -45.80 0.36 66.29
N MET W 183 -44.63 -0.14 66.66
CA MET W 183 -43.67 0.70 67.37
C MET W 183 -43.23 1.94 66.61
N LYS W 184 -42.55 2.82 67.30
CA LYS W 184 -42.07 4.05 66.70
C LYS W 184 -40.59 4.11 67.01
N VAL W 185 -39.84 4.81 66.18
CA VAL W 185 -38.40 4.94 66.37
C VAL W 185 -37.98 5.35 67.77
N ASP W 186 -38.29 6.57 68.18
CA ASP W 186 -37.91 7.04 69.51
C ASP W 186 -38.11 5.96 70.59
N ASP W 187 -39.16 5.16 70.44
CA ASP W 187 -39.43 4.12 71.40
C ASP W 187 -38.50 2.92 71.26
N ALA W 188 -38.23 2.49 70.03
CA ALA W 188 -37.34 1.35 69.81
C ALA W 188 -36.02 1.48 70.53
N ILE W 189 -35.39 2.65 70.42
CA ILE W 189 -34.14 2.94 71.11
C ILE W 189 -34.20 2.53 72.58
N GLU W 190 -35.25 2.99 73.30
CA GLU W 190 -35.43 2.68 74.72
C GLU W 190 -35.39 1.16 74.89
N LEU W 191 -36.16 0.45 74.09
CA LEU W 191 -36.20 -1.01 74.21
C LEU W 191 -34.80 -1.55 74.10
N ALA W 192 -34.11 -1.17 73.04
CA ALA W 192 -32.74 -1.63 72.83
C ALA W 192 -31.91 -1.53 74.09
N LEU W 193 -31.68 -0.32 74.57
CA LEU W 193 -30.88 -0.12 75.78
C LEU W 193 -31.29 -0.96 76.97
N LYS W 194 -32.59 -1.01 77.25
CA LYS W 194 -33.10 -1.79 78.37
C LYS W 194 -32.57 -3.20 78.24
N THR W 195 -32.81 -3.79 77.07
CA THR W 195 -32.40 -5.16 76.82
C THR W 195 -30.94 -5.39 77.12
N LEU W 196 -30.11 -4.56 76.53
CA LEU W 196 -28.71 -4.70 76.74
C LEU W 196 -28.46 -4.58 78.21
N SER W 197 -29.03 -3.56 78.83
CA SER W 197 -28.84 -3.32 80.26
C SER W 197 -29.09 -4.54 81.13
N LYS W 198 -29.94 -5.45 80.64
CA LYS W 198 -30.27 -6.65 81.36
C LYS W 198 -29.41 -7.82 80.89
N THR W 199 -28.77 -7.67 79.75
CA THR W 199 -27.91 -8.73 79.22
C THR W 199 -26.42 -8.46 79.33
N THR W 200 -26.05 -7.35 79.90
CA THR W 200 -24.64 -7.03 80.05
C THR W 200 -23.97 -8.03 80.96
N ASP W 201 -22.73 -8.37 80.64
CA ASP W 201 -21.95 -9.28 81.45
C ASP W 201 -21.18 -8.43 82.44
N SER W 202 -21.24 -7.11 82.28
CA SER W 202 -20.50 -6.20 83.14
C SER W 202 -21.33 -5.31 84.03
N SER W 203 -20.63 -4.60 84.91
CA SER W 203 -21.17 -3.69 85.91
C SER W 203 -22.46 -2.98 85.54
N ALA W 204 -22.32 -1.74 85.09
CA ALA W 204 -23.47 -0.92 84.70
C ALA W 204 -23.20 -0.38 83.31
N LEU W 205 -24.26 -0.25 82.52
CA LEU W 205 -24.14 0.22 81.15
C LEU W 205 -23.70 1.67 81.06
N THR W 206 -22.47 1.88 80.62
CA THR W 206 -21.93 3.23 80.49
C THR W 206 -21.75 3.49 79.00
N TYR W 207 -21.86 4.75 78.58
CA TYR W 207 -21.73 5.16 77.17
C TYR W 207 -20.48 4.64 76.47
N ASP W 208 -19.34 4.79 77.12
CA ASP W 208 -18.11 4.32 76.54
C ASP W 208 -18.22 2.88 76.06
N ARG W 209 -19.07 2.07 76.69
CA ARG W 209 -19.24 0.66 76.29
C ARG W 209 -20.24 0.43 75.14
N LEU W 210 -20.59 1.49 74.42
CA LEU W 210 -21.55 1.34 73.35
C LEU W 210 -21.29 2.03 72.00
N GLU W 211 -21.95 1.47 71.00
CA GLU W 211 -21.91 1.97 69.65
C GLU W 211 -23.39 1.94 69.37
N PHE W 212 -23.89 2.94 68.66
CA PHE W 212 -25.31 3.04 68.39
C PHE W 212 -25.55 3.71 67.04
N ALA W 213 -26.52 3.21 66.28
CA ALA W 213 -26.83 3.80 64.96
C ALA W 213 -28.29 3.64 64.50
N THR W 214 -28.74 4.57 63.65
CA THR W 214 -30.11 4.58 63.14
C THR W 214 -30.26 4.96 61.67
N ILE W 215 -31.37 4.55 61.09
CA ILE W 215 -31.70 4.83 59.70
C ILE W 215 -33.12 5.38 59.61
N ARG W 216 -33.29 6.67 59.31
CA ARG W 216 -34.64 7.25 59.22
C ARG W 216 -34.92 7.96 57.90
N LYS W 217 -36.20 8.12 57.59
CA LYS W 217 -36.62 8.82 56.38
C LYS W 217 -37.37 10.06 56.83
N GLY W 218 -36.64 10.97 57.47
CA GLY W 218 -37.22 12.21 57.98
C GLY W 218 -38.13 12.86 56.96
N ALA W 219 -39.42 12.93 57.27
CA ALA W 219 -40.44 13.51 56.39
C ALA W 219 -40.06 14.84 55.73
N ASN W 220 -39.10 15.55 56.32
CA ASN W 220 -38.62 16.85 55.81
C ASN W 220 -37.35 16.67 54.95
N ASP W 221 -37.49 15.94 53.84
CA ASP W 221 -36.35 15.68 52.95
C ASP W 221 -36.83 14.78 51.80
N GLY W 222 -36.11 13.67 51.57
CA GLY W 222 -36.45 12.73 50.52
C GLY W 222 -35.44 11.58 50.52
N GLU W 223 -34.17 11.94 50.74
CA GLU W 223 -33.07 10.98 50.80
C GLU W 223 -33.11 10.36 52.22
N VAL W 224 -32.94 9.05 52.33
CA VAL W 224 -32.93 8.37 53.62
C VAL W 224 -31.63 8.75 54.32
N TYR W 225 -31.69 9.18 55.57
CA TYR W 225 -30.47 9.58 56.26
C TYR W 225 -29.96 8.58 57.28
N GLN W 226 -28.69 8.20 57.14
CA GLN W 226 -28.03 7.30 58.08
C GLN W 226 -27.31 8.21 59.05
N LYS W 227 -27.29 7.81 60.30
CA LYS W 227 -26.63 8.63 61.30
C LYS W 227 -25.87 7.72 62.24
N ILE W 228 -24.54 7.81 62.24
CA ILE W 228 -23.75 7.01 63.17
C ILE W 228 -23.62 7.90 64.39
N PHE W 229 -24.21 7.46 65.49
CA PHE W 229 -24.21 8.20 66.74
C PHE W 229 -22.85 8.49 67.26
N LYS W 230 -22.52 9.78 67.27
CA LYS W 230 -21.23 10.25 67.76
C LYS W 230 -21.26 10.07 69.28
N PRO W 231 -20.08 9.88 69.89
CA PRO W 231 -19.97 9.70 71.33
C PRO W 231 -20.94 10.45 72.25
N GLN W 232 -20.79 11.77 72.38
CA GLN W 232 -21.66 12.56 73.26
C GLN W 232 -23.14 12.31 72.99
N GLU W 233 -23.47 11.93 71.76
CA GLU W 233 -24.87 11.66 71.41
C GLU W 233 -25.43 10.40 72.07
N ILE W 234 -24.55 9.47 72.44
CA ILE W 234 -24.99 8.25 73.11
C ILE W 234 -25.27 8.58 74.57
N LYS W 235 -24.33 9.24 75.22
CA LYS W 235 -24.48 9.61 76.61
C LYS W 235 -25.81 10.33 76.78
N ASP W 236 -26.08 11.29 75.92
CA ASP W 236 -27.32 12.06 75.97
C ASP W 236 -28.54 11.16 75.98
N ILE W 237 -28.73 10.44 74.88
CA ILE W 237 -29.85 9.55 74.74
C ILE W 237 -29.98 8.67 76.00
N LEU W 238 -28.86 8.35 76.64
CA LEU W 238 -28.86 7.51 77.83
C LEU W 238 -29.57 8.04 79.10
N VAL W 239 -29.42 9.32 79.40
CA VAL W 239 -30.05 9.87 80.60
C VAL W 239 -31.56 9.79 80.54
N LYS W 240 -32.09 10.24 79.41
CA LYS W 240 -33.52 10.26 79.16
C LYS W 240 -34.23 8.99 79.62
N THR W 241 -33.82 7.86 79.06
CA THR W 241 -34.42 6.56 79.38
C THR W 241 -34.38 6.17 80.85
N GLY W 242 -33.57 6.88 81.61
CA GLY W 242 -33.50 6.62 83.03
C GLY W 242 -32.50 5.59 83.47
N ILE W 243 -31.39 5.51 82.74
CA ILE W 243 -30.35 4.59 83.13
C ILE W 243 -29.41 5.45 83.96
N THR W 244 -29.35 6.73 83.57
CA THR W 244 -28.53 7.74 84.23
C THR W 244 -27.04 7.44 84.08
N GLY X 1 -6.03 -25.06 44.87
CA GLY X 1 -5.06 -26.07 45.35
C GLY X 1 -5.69 -27.12 46.23
N TYR X 2 -6.65 -26.73 47.06
CA TYR X 2 -7.29 -27.69 47.94
C TYR X 2 -8.14 -28.70 47.19
N ASP X 3 -7.74 -29.96 47.25
CA ASP X 3 -8.47 -31.00 46.57
C ASP X 3 -8.45 -32.35 47.30
N ARG X 4 -8.40 -32.33 48.63
CA ARG X 4 -8.38 -33.58 49.40
C ARG X 4 -9.66 -34.35 49.06
N ALA X 5 -9.55 -35.66 48.93
CA ALA X 5 -10.71 -36.48 48.64
C ALA X 5 -11.48 -36.61 49.95
N LEU X 6 -12.63 -35.96 50.06
CA LEU X 6 -13.36 -36.07 51.29
C LEU X 6 -14.39 -37.16 51.22
N SER X 7 -14.97 -37.37 50.04
CA SER X 7 -15.96 -38.44 49.90
C SER X 7 -15.22 -39.69 49.47
N ILE X 8 -14.89 -40.55 50.43
CA ILE X 8 -14.16 -41.78 50.16
C ILE X 8 -14.95 -42.97 50.61
N PHE X 9 -14.50 -44.16 50.22
CA PHE X 9 -15.17 -45.39 50.61
C PHE X 9 -14.55 -45.88 51.92
N SER X 10 -15.33 -46.58 52.74
CA SER X 10 -14.84 -47.12 54.01
C SER X 10 -14.96 -48.63 53.92
N PRO X 11 -14.33 -49.37 54.85
CA PRO X 11 -14.38 -50.82 54.84
C PRO X 11 -15.68 -51.49 54.42
N ASP X 12 -16.82 -50.92 54.78
CA ASP X 12 -18.09 -51.56 54.44
C ASP X 12 -18.81 -51.16 53.16
N GLY X 13 -18.15 -50.36 52.32
CA GLY X 13 -18.73 -49.95 51.05
C GLY X 13 -19.76 -48.82 51.03
N HIS X 14 -19.70 -47.93 52.01
CA HIS X 14 -20.64 -46.82 52.08
C HIS X 14 -19.79 -45.57 51.92
N ILE X 15 -20.40 -44.43 51.64
CA ILE X 15 -19.62 -43.21 51.52
C ILE X 15 -20.11 -42.36 52.66
N PHE X 16 -19.33 -42.34 53.72
CA PHE X 16 -19.69 -41.62 54.92
C PHE X 16 -20.25 -40.24 54.67
N GLN X 17 -19.41 -39.29 54.26
CA GLN X 17 -19.88 -37.92 54.01
C GLN X 17 -21.21 -37.84 53.29
N VAL X 18 -21.47 -38.78 52.40
CA VAL X 18 -22.74 -38.75 51.69
C VAL X 18 -23.81 -39.14 52.66
N GLU X 19 -23.68 -40.36 53.19
CA GLU X 19 -24.67 -40.89 54.12
C GLU X 19 -24.93 -39.84 55.21
N TYR X 20 -23.87 -39.20 55.69
CA TYR X 20 -24.02 -38.17 56.71
C TYR X 20 -24.89 -37.03 56.21
N ALA X 21 -24.77 -36.69 54.94
CA ALA X 21 -25.59 -35.64 54.40
C ALA X 21 -27.06 -36.01 54.59
N LEU X 22 -27.39 -37.27 54.31
CA LEU X 22 -28.77 -37.72 54.47
C LEU X 22 -29.29 -37.37 55.85
N GLU X 23 -28.44 -37.47 56.88
CA GLU X 23 -28.89 -37.15 58.23
C GLU X 23 -29.22 -35.68 58.36
N ALA X 24 -28.41 -34.83 57.74
CA ALA X 24 -28.68 -33.41 57.82
C ALA X 24 -30.03 -33.09 57.20
N VAL X 25 -30.44 -33.92 56.26
CA VAL X 25 -31.74 -33.75 55.62
C VAL X 25 -32.79 -34.04 56.66
N LYS X 26 -32.62 -35.18 57.33
CA LYS X 26 -33.54 -35.64 58.38
C LYS X 26 -33.75 -34.53 59.40
N ARG X 27 -32.71 -33.78 59.69
CA ARG X 27 -32.82 -32.71 60.67
C ARG X 27 -33.59 -31.49 60.20
N GLY X 28 -33.69 -31.32 58.88
CA GLY X 28 -34.39 -30.15 58.35
C GLY X 28 -35.89 -30.35 58.34
N THR X 29 -36.64 -29.25 58.24
CA THR X 29 -38.09 -29.33 58.24
C THR X 29 -38.57 -30.27 57.17
N CYS X 30 -39.76 -30.80 57.34
CA CYS X 30 -40.26 -31.70 56.33
C CYS X 30 -40.69 -30.85 55.16
N ALA X 31 -41.11 -31.55 54.12
CA ALA X 31 -41.61 -30.93 52.91
C ALA X 31 -42.22 -32.08 52.16
N VAL X 32 -43.30 -31.83 51.44
CA VAL X 32 -44.01 -32.87 50.73
C VAL X 32 -44.56 -32.38 49.43
N GLY X 33 -44.93 -33.33 48.58
CA GLY X 33 -45.50 -33.01 47.32
C GLY X 33 -46.21 -34.26 46.88
N VAL X 34 -47.36 -34.09 46.22
CA VAL X 34 -48.20 -35.18 45.70
C VAL X 34 -48.90 -34.67 44.44
N LYS X 35 -49.17 -35.55 43.50
CA LYS X 35 -49.77 -35.11 42.25
C LYS X 35 -51.18 -35.56 41.94
N GLY X 36 -51.99 -34.60 41.48
CA GLY X 36 -53.37 -34.88 41.12
C GLY X 36 -53.48 -35.40 39.71
N LYS X 37 -54.59 -35.09 39.06
CA LYS X 37 -54.82 -35.51 37.69
C LYS X 37 -54.63 -34.33 36.72
N ASN X 38 -54.58 -33.12 37.27
CA ASN X 38 -54.38 -31.92 36.46
C ASN X 38 -53.71 -30.85 37.29
N CYS X 39 -52.85 -31.27 38.21
CA CYS X 39 -52.10 -30.37 39.08
C CYS X 39 -51.17 -31.10 40.07
N VAL X 40 -50.35 -30.34 40.78
CA VAL X 40 -49.41 -30.88 41.75
C VAL X 40 -49.29 -29.89 42.89
N VAL X 41 -49.02 -30.38 44.09
CA VAL X 41 -48.93 -29.49 45.25
C VAL X 41 -47.72 -29.78 46.09
N LEU X 42 -47.23 -28.79 46.82
CA LEU X 42 -46.08 -28.99 47.67
C LEU X 42 -46.30 -28.30 49.02
N GLY X 43 -46.01 -29.00 50.10
CA GLY X 43 -46.19 -28.43 51.43
C GLY X 43 -44.90 -28.37 52.22
N CYS X 44 -44.86 -27.52 53.25
CA CYS X 44 -43.66 -27.39 54.05
C CYS X 44 -43.97 -26.94 55.46
N GLU X 45 -43.22 -27.45 56.44
CA GLU X 45 -43.43 -27.05 57.82
C GLU X 45 -42.38 -25.98 58.16
N ARG X 46 -42.75 -25.01 58.99
CA ARG X 46 -41.86 -23.92 59.34
C ARG X 46 -41.09 -24.09 60.65
N ARG X 47 -39.77 -23.91 60.57
CA ARG X 47 -38.85 -24.02 61.71
C ARG X 47 -39.36 -23.19 62.90
N SER X 48 -39.61 -23.84 64.04
CA SER X 48 -40.08 -23.11 65.21
C SER X 48 -39.10 -23.05 66.40
N THR X 49 -37.81 -23.26 66.14
CA THR X 49 -36.80 -23.20 67.20
C THR X 49 -36.63 -21.75 67.70
N LEU X 50 -36.78 -20.79 66.78
CA LEU X 50 -36.71 -19.35 67.07
C LEU X 50 -37.89 -18.72 66.28
N LYS X 51 -38.77 -17.98 66.95
CA LYS X 51 -39.94 -17.34 66.31
C LYS X 51 -40.08 -15.85 66.63
N LEU X 52 -40.43 -15.07 65.60
CA LEU X 52 -40.62 -13.61 65.62
C LEU X 52 -40.14 -13.03 64.28
N GLN X 53 -40.15 -13.90 63.26
CA GLN X 53 -39.69 -13.59 61.92
C GLN X 53 -40.61 -12.64 61.18
N ASP X 54 -40.28 -12.40 59.91
CA ASP X 54 -41.05 -11.56 59.02
C ASP X 54 -41.30 -12.35 57.71
N THR X 55 -42.45 -13.00 57.62
CA THR X 55 -42.83 -13.83 56.46
C THR X 55 -42.64 -13.27 55.03
N ARG X 56 -42.92 -11.97 54.88
CA ARG X 56 -42.86 -11.27 53.60
C ARG X 56 -41.61 -11.48 52.72
N ILE X 57 -40.45 -11.41 53.36
CA ILE X 57 -39.16 -11.52 52.67
C ILE X 57 -38.45 -12.87 52.74
N THR X 58 -38.19 -13.33 53.96
CA THR X 58 -37.48 -14.58 54.23
C THR X 58 -37.64 -15.62 53.14
N PRO X 59 -36.51 -16.21 52.71
CA PRO X 59 -36.52 -17.25 51.66
C PRO X 59 -37.64 -18.27 51.84
N SER X 60 -38.73 -18.09 51.07
CA SER X 60 -39.85 -19.02 51.14
C SER X 60 -39.28 -20.37 50.76
N LYS X 61 -39.85 -21.42 51.31
CA LYS X 61 -39.37 -22.77 51.06
C LYS X 61 -39.53 -23.23 49.63
N VAL X 62 -40.49 -22.68 48.92
CA VAL X 62 -40.68 -23.10 47.56
C VAL X 62 -40.19 -22.02 46.61
N SER X 63 -39.19 -22.35 45.82
CA SER X 63 -38.67 -21.39 44.87
C SER X 63 -39.05 -21.79 43.47
N LYS X 64 -39.23 -20.80 42.62
CA LYS X 64 -39.58 -21.01 41.21
C LYS X 64 -38.24 -21.12 40.46
N ILE X 65 -38.13 -22.09 39.57
CA ILE X 65 -36.91 -22.25 38.79
C ILE X 65 -37.15 -21.65 37.41
N ASP X 66 -38.41 -21.70 36.97
CA ASP X 66 -38.85 -21.13 35.70
C ASP X 66 -40.36 -21.00 35.84
N SER X 67 -40.99 -20.07 35.12
CA SER X 67 -42.44 -19.86 35.19
C SER X 67 -43.32 -21.11 35.31
N HIS X 68 -42.77 -22.29 35.01
CA HIS X 68 -43.54 -23.53 35.05
C HIS X 68 -42.95 -24.65 35.92
N VAL X 69 -41.96 -24.34 36.73
CA VAL X 69 -41.34 -25.38 37.52
C VAL X 69 -40.86 -24.86 38.83
N VAL X 70 -41.18 -25.58 39.90
CA VAL X 70 -40.75 -25.19 41.23
C VAL X 70 -39.98 -26.31 41.92
N LEU X 71 -39.24 -25.91 42.93
CA LEU X 71 -38.42 -26.82 43.68
C LEU X 71 -38.46 -26.45 45.13
N SER X 72 -38.48 -27.50 45.95
CA SER X 72 -38.54 -27.39 47.39
C SER X 72 -37.51 -28.38 47.90
N PHE X 73 -37.03 -28.14 49.11
CA PHE X 73 -36.01 -28.98 49.68
C PHE X 73 -36.12 -29.14 51.18
N SER X 74 -35.27 -29.99 51.71
CA SER X 74 -35.18 -30.22 53.13
C SER X 74 -33.70 -30.36 53.33
N GLY X 75 -33.14 -29.58 54.24
CA GLY X 75 -31.72 -29.70 54.47
C GLY X 75 -31.14 -28.38 54.85
N LEU X 76 -29.84 -28.24 54.69
CA LEU X 76 -29.20 -27.00 55.03
C LEU X 76 -29.84 -25.97 54.14
N ASN X 77 -30.42 -24.94 54.74
CA ASN X 77 -31.03 -23.93 53.91
C ASN X 77 -29.99 -23.42 52.95
N ALA X 78 -28.83 -23.03 53.46
CA ALA X 78 -27.79 -22.49 52.62
C ALA X 78 -27.53 -23.27 51.34
N ASP X 79 -27.15 -24.53 51.47
CA ASP X 79 -26.86 -25.33 50.28
C ASP X 79 -27.92 -25.23 49.19
N SER X 80 -29.19 -25.25 49.57
CA SER X 80 -30.24 -25.19 48.59
C SER X 80 -30.12 -24.00 47.67
N ARG X 81 -29.71 -22.85 48.17
CA ARG X 81 -29.59 -21.69 47.30
C ARG X 81 -28.66 -21.96 46.14
N ILE X 82 -27.50 -22.54 46.40
CA ILE X 82 -26.54 -22.82 45.35
C ILE X 82 -27.19 -23.70 44.29
N LEU X 83 -27.88 -24.73 44.72
CA LEU X 83 -28.53 -25.63 43.81
C LEU X 83 -29.61 -24.93 43.03
N ILE X 84 -30.31 -24.01 43.66
CA ILE X 84 -31.35 -23.30 42.97
C ILE X 84 -30.82 -22.49 41.80
N GLU X 85 -29.85 -21.62 42.09
CA GLU X 85 -29.25 -20.80 41.07
C GLU X 85 -28.69 -21.65 39.94
N LYS X 86 -27.80 -22.60 40.27
CA LYS X 86 -27.23 -23.42 39.22
C LYS X 86 -28.31 -24.01 38.33
N ALA X 87 -29.49 -24.23 38.88
CA ALA X 87 -30.57 -24.76 38.07
C ALA X 87 -31.18 -23.65 37.28
N ARG X 88 -31.49 -22.54 37.94
CA ARG X 88 -32.10 -21.42 37.25
C ARG X 88 -31.32 -21.00 36.02
N VAL X 89 -30.00 -20.96 36.15
CA VAL X 89 -29.17 -20.60 35.01
C VAL X 89 -29.40 -21.59 33.91
N GLU X 90 -29.24 -22.88 34.20
CA GLU X 90 -29.45 -23.88 33.18
C GLU X 90 -30.83 -23.74 32.57
N ALA X 91 -31.75 -23.13 33.31
CA ALA X 91 -33.09 -22.93 32.80
C ALA X 91 -33.05 -21.98 31.62
N GLN X 92 -32.29 -20.90 31.74
CA GLN X 92 -32.19 -19.97 30.63
C GLN X 92 -31.26 -20.49 29.56
N SER X 93 -30.10 -20.96 29.97
CA SER X 93 -29.15 -21.48 29.03
C SER X 93 -29.81 -22.54 28.19
N HIS X 94 -30.99 -23.01 28.59
CA HIS X 94 -31.64 -24.04 27.80
C HIS X 94 -32.70 -23.46 26.90
N ARG X 95 -33.38 -22.43 27.35
CA ARG X 95 -34.38 -21.83 26.50
C ARG X 95 -33.57 -21.26 25.37
N LEU X 96 -32.52 -20.54 25.75
CA LEU X 96 -31.60 -19.87 24.87
C LEU X 96 -31.04 -20.72 23.77
N THR X 97 -30.74 -21.98 24.05
CA THR X 97 -30.16 -22.80 23.02
C THR X 97 -31.02 -23.87 22.39
N LEU X 98 -32.23 -24.08 22.89
CA LEU X 98 -33.09 -25.10 22.29
C LEU X 98 -34.42 -24.48 21.89
N GLU X 99 -34.65 -23.26 22.35
CA GLU X 99 -35.88 -22.55 22.07
C GLU X 99 -37.05 -23.38 22.51
N ASP X 100 -37.09 -23.64 23.82
CA ASP X 100 -38.14 -24.41 24.49
C ASP X 100 -37.73 -24.59 25.94
N PRO X 101 -38.63 -24.28 26.88
CA PRO X 101 -38.33 -24.43 28.31
C PRO X 101 -38.08 -25.88 28.69
N VAL X 102 -37.31 -26.06 29.76
CA VAL X 102 -36.95 -27.39 30.20
C VAL X 102 -38.08 -28.28 30.67
N THR X 103 -37.95 -29.57 30.44
CA THR X 103 -38.94 -30.52 30.92
C THR X 103 -38.47 -30.77 32.33
N VAL X 104 -39.38 -31.12 33.21
CA VAL X 104 -39.01 -31.36 34.59
C VAL X 104 -37.91 -32.43 34.71
N GLU X 105 -38.07 -33.53 33.98
CA GLU X 105 -37.09 -34.59 34.03
C GLU X 105 -35.70 -34.01 33.81
N TYR X 106 -35.54 -33.24 32.73
CA TYR X 106 -34.25 -32.65 32.43
C TYR X 106 -33.73 -31.81 33.55
N LEU X 107 -34.52 -30.84 33.98
CA LEU X 107 -34.13 -29.94 35.05
C LEU X 107 -33.72 -30.75 36.26
N THR X 108 -34.43 -31.83 36.50
CA THR X 108 -34.14 -32.70 37.60
C THR X 108 -32.79 -33.32 37.36
N ARG X 109 -32.66 -34.00 36.24
CA ARG X 109 -31.42 -34.66 35.89
C ARG X 109 -30.27 -33.71 35.95
N TYR X 110 -30.52 -32.42 35.67
CA TYR X 110 -29.45 -31.45 35.74
C TYR X 110 -29.07 -31.30 37.19
N VAL X 111 -30.01 -30.85 38.01
CA VAL X 111 -29.75 -30.64 39.43
C VAL X 111 -29.09 -31.84 40.06
N ALA X 112 -29.66 -33.01 39.81
CA ALA X 112 -29.11 -34.24 40.37
C ALA X 112 -27.65 -34.44 40.03
N GLY X 113 -27.32 -34.48 38.74
CA GLY X 113 -25.94 -34.67 38.33
C GLY X 113 -25.05 -33.65 39.02
N VAL X 114 -25.59 -32.46 39.24
CA VAL X 114 -24.86 -31.42 39.91
C VAL X 114 -24.50 -32.00 41.23
N GLN X 115 -25.48 -32.58 41.88
CA GLN X 115 -25.24 -33.19 43.17
C GLN X 115 -24.26 -34.32 43.09
N GLN X 116 -24.45 -35.23 42.15
CA GLN X 116 -23.54 -36.36 42.00
C GLN X 116 -22.11 -35.90 41.90
N ARG X 117 -21.87 -34.89 41.07
CA ARG X 117 -20.54 -34.34 40.86
C ARG X 117 -19.87 -34.02 42.20
N TYR X 118 -20.59 -33.36 43.10
CA TYR X 118 -20.04 -33.03 44.40
C TYR X 118 -19.75 -34.24 45.29
N THR X 119 -20.19 -35.43 44.90
CA THR X 119 -19.91 -36.60 45.72
C THR X 119 -18.66 -37.28 45.27
N GLN X 120 -18.00 -36.74 44.25
CA GLN X 120 -16.75 -37.33 43.78
C GLN X 120 -15.77 -36.34 43.18
N SER X 121 -15.73 -35.15 43.77
CA SER X 121 -14.84 -34.09 43.33
C SER X 121 -13.99 -33.76 44.55
N GLY X 122 -12.74 -33.37 44.35
CA GLY X 122 -11.92 -33.07 45.51
C GLY X 122 -12.28 -31.78 46.22
N GLY X 123 -11.90 -31.67 47.49
CA GLY X 123 -12.14 -30.46 48.25
C GLY X 123 -13.54 -29.87 48.34
N VAL X 124 -14.56 -30.71 48.24
CA VAL X 124 -15.95 -30.23 48.33
C VAL X 124 -16.82 -31.30 48.97
N ARG X 125 -17.63 -30.89 49.94
CA ARG X 125 -18.50 -31.82 50.64
C ARG X 125 -19.79 -31.90 49.91
N PRO X 126 -20.48 -33.05 50.00
CA PRO X 126 -21.75 -33.21 49.30
C PRO X 126 -22.76 -32.19 49.77
N PHE X 127 -23.81 -32.02 48.98
CA PHE X 127 -24.83 -31.09 49.33
C PHE X 127 -25.69 -31.68 50.40
N GLY X 128 -25.98 -30.89 51.42
CA GLY X 128 -26.83 -31.38 52.47
C GLY X 128 -28.27 -31.05 52.10
N VAL X 129 -28.76 -31.59 51.00
CA VAL X 129 -30.10 -31.28 50.57
C VAL X 129 -30.72 -32.41 49.79
N SER X 130 -32.04 -32.39 49.69
CA SER X 130 -32.80 -33.34 48.90
C SER X 130 -33.89 -32.46 48.40
N THR X 131 -34.36 -32.72 47.20
CA THR X 131 -35.34 -31.85 46.62
C THR X 131 -36.52 -32.52 46.03
N LEU X 132 -37.58 -31.73 45.91
CA LEU X 132 -38.83 -32.15 45.30
C LEU X 132 -38.98 -31.07 44.27
N ILE X 133 -39.05 -31.48 43.02
CA ILE X 133 -39.18 -30.57 41.93
C ILE X 133 -40.42 -31.03 41.22
N ALA X 134 -41.23 -30.09 40.75
CA ALA X 134 -42.43 -30.47 40.05
C ALA X 134 -42.94 -29.35 39.20
N GLY X 135 -43.70 -29.71 38.18
CA GLY X 135 -44.23 -28.72 37.28
C GLY X 135 -44.77 -29.44 36.07
N PHE X 136 -44.80 -28.78 34.93
CA PHE X 136 -45.32 -29.43 33.73
C PHE X 136 -44.48 -29.23 32.47
N ASP X 137 -44.29 -30.31 31.70
CA ASP X 137 -43.55 -30.23 30.45
C ASP X 137 -44.29 -29.21 29.61
N PRO X 138 -43.59 -28.55 28.68
CA PRO X 138 -44.32 -27.56 27.89
C PRO X 138 -45.38 -28.12 26.97
N ARG X 139 -46.50 -27.40 26.89
CA ARG X 139 -47.62 -27.76 26.04
C ARG X 139 -48.19 -29.15 26.30
N ASP X 140 -47.85 -29.73 27.44
CA ASP X 140 -48.35 -31.05 27.82
C ASP X 140 -49.00 -30.95 29.19
N ASP X 141 -50.04 -31.75 29.42
CA ASP X 141 -50.76 -31.71 30.68
C ASP X 141 -50.38 -32.73 31.76
N GLU X 142 -49.77 -33.86 31.39
CA GLU X 142 -49.37 -34.85 32.38
C GLU X 142 -48.44 -34.12 33.37
N PRO X 143 -48.70 -34.23 34.68
CA PRO X 143 -47.93 -33.60 35.76
C PRO X 143 -46.70 -34.39 36.16
N LYS X 144 -45.67 -33.71 36.65
CA LYS X 144 -44.45 -34.39 37.02
C LYS X 144 -43.96 -34.03 38.41
N LEU X 145 -43.43 -35.01 39.11
CA LEU X 145 -42.90 -34.80 40.45
C LEU X 145 -41.69 -35.70 40.52
N TYR X 146 -40.58 -35.18 41.00
CA TYR X 146 -39.37 -35.96 41.07
C TYR X 146 -38.69 -35.64 42.38
N GLN X 147 -37.75 -36.50 42.76
CA GLN X 147 -36.98 -36.32 43.97
C GLN X 147 -35.54 -36.63 43.68
N THR X 148 -34.64 -35.88 44.32
CA THR X 148 -33.20 -36.06 44.18
C THR X 148 -32.65 -36.07 45.61
N GLU X 149 -31.76 -37.02 45.90
CA GLU X 149 -31.16 -37.10 47.21
C GLU X 149 -29.65 -36.82 47.05
N PRO X 150 -28.94 -36.43 48.12
CA PRO X 150 -27.51 -36.14 48.01
C PRO X 150 -26.67 -37.12 47.20
N SER X 151 -27.08 -38.38 47.17
CA SER X 151 -26.30 -39.36 46.43
C SER X 151 -26.21 -38.99 44.97
N GLY X 152 -27.23 -38.30 44.49
CA GLY X 152 -27.27 -37.94 43.09
C GLY X 152 -28.38 -38.76 42.45
N ILE X 153 -28.81 -39.78 43.16
CA ILE X 153 -29.86 -40.62 42.67
C ILE X 153 -31.11 -39.75 42.53
N TYR X 154 -31.95 -40.04 41.56
CA TYR X 154 -33.18 -39.27 41.36
C TYR X 154 -34.18 -40.19 40.71
N SER X 155 -35.45 -39.85 40.85
CA SER X 155 -36.53 -40.65 40.28
C SER X 155 -37.84 -39.94 40.54
N SER X 156 -38.92 -40.39 39.91
CA SER X 156 -40.22 -39.73 40.10
C SER X 156 -41.16 -40.45 41.08
N TRP X 157 -42.11 -39.70 41.64
CA TRP X 157 -43.05 -40.22 42.62
C TRP X 157 -44.46 -39.69 42.41
N SER X 158 -45.48 -40.48 42.72
CA SER X 158 -46.85 -39.99 42.59
C SER X 158 -47.05 -39.03 43.75
N ALA X 159 -46.32 -39.29 44.84
CA ALA X 159 -46.34 -38.47 46.06
C ALA X 159 -45.08 -38.84 46.84
N GLN X 160 -44.52 -37.93 47.59
CA GLN X 160 -43.31 -38.25 48.32
C GLN X 160 -42.96 -37.15 49.29
N THR X 161 -42.06 -37.44 50.23
CA THR X 161 -41.64 -36.48 51.25
C THR X 161 -40.19 -36.67 51.69
N ILE X 162 -39.68 -35.66 52.39
CA ILE X 162 -38.33 -35.63 52.92
C ILE X 162 -38.34 -34.69 54.11
N GLY X 163 -37.47 -34.94 55.08
CA GLY X 163 -37.42 -34.08 56.25
C GLY X 163 -37.69 -34.83 57.54
N ARG X 164 -37.49 -34.15 58.67
CA ARG X 164 -37.72 -34.79 59.95
C ARG X 164 -39.10 -35.42 59.95
N ASN X 165 -39.17 -36.66 60.40
CA ASN X 165 -40.42 -37.40 60.48
C ASN X 165 -40.98 -37.69 59.10
N SER X 166 -40.12 -37.75 58.10
CA SER X 166 -40.55 -38.08 56.76
C SER X 166 -41.00 -39.54 56.77
N LYS X 167 -40.18 -40.41 57.38
CA LYS X 167 -40.44 -41.85 57.47
C LYS X 167 -41.89 -42.11 57.88
N THR X 168 -42.29 -41.38 58.90
CA THR X 168 -43.61 -41.46 59.47
C THR X 168 -44.67 -41.18 58.40
N VAL X 169 -44.76 -39.92 57.99
CA VAL X 169 -45.75 -39.47 57.00
C VAL X 169 -45.71 -40.23 55.67
N ARG X 170 -44.52 -40.67 55.29
CA ARG X 170 -44.36 -41.43 54.07
C ARG X 170 -45.34 -42.61 54.20
N GLU X 171 -45.37 -43.22 55.38
CA GLU X 171 -46.26 -44.34 55.63
C GLU X 171 -47.70 -43.87 55.39
N PHE X 172 -48.04 -42.70 55.92
CA PHE X 172 -49.39 -42.15 55.78
C PHE X 172 -49.89 -42.19 54.34
N LEU X 173 -49.05 -41.69 53.44
CA LEU X 173 -49.42 -41.67 52.04
C LEU X 173 -49.48 -43.07 51.48
N GLU X 174 -48.59 -43.94 51.96
CA GLU X 174 -48.52 -45.32 51.48
C GLU X 174 -49.85 -46.06 51.53
N LYS X 175 -50.75 -45.60 52.40
CA LYS X 175 -52.07 -46.22 52.51
C LYS X 175 -53.24 -45.26 52.24
N ASN X 176 -52.92 -44.01 51.87
CA ASN X 176 -53.94 -42.99 51.56
C ASN X 176 -53.98 -42.49 50.09
N TYR X 177 -52.97 -42.83 49.29
CA TYR X 177 -52.93 -42.41 47.90
C TYR X 177 -53.14 -43.61 47.00
N ASP X 178 -54.23 -43.60 46.25
CA ASP X 178 -54.51 -44.70 45.34
C ASP X 178 -54.32 -44.23 43.92
N ARG X 179 -53.45 -44.93 43.19
CA ARG X 179 -53.19 -44.58 41.79
C ARG X 179 -54.36 -44.89 40.86
N LYS X 180 -55.50 -45.23 41.44
CA LYS X 180 -56.69 -45.54 40.67
C LYS X 180 -57.64 -44.30 40.58
N GLU X 181 -57.66 -43.50 41.65
CA GLU X 181 -58.48 -42.28 41.68
C GLU X 181 -57.71 -41.17 42.41
N PRO X 182 -56.57 -40.73 41.83
CA PRO X 182 -55.75 -39.67 42.41
C PRO X 182 -56.48 -38.34 42.37
N PRO X 183 -56.35 -37.54 43.43
CA PRO X 183 -56.95 -36.22 43.64
C PRO X 183 -57.40 -35.46 42.39
N ALA X 184 -58.52 -35.88 41.81
CA ALA X 184 -59.05 -35.27 40.61
C ALA X 184 -59.56 -33.83 40.78
N THR X 185 -59.12 -33.13 41.81
CA THR X 185 -59.55 -31.77 42.00
C THR X 185 -58.53 -31.03 42.80
N VAL X 186 -58.41 -29.75 42.52
CA VAL X 186 -57.49 -28.88 43.25
C VAL X 186 -57.88 -28.97 44.72
N GLU X 187 -59.11 -28.58 45.05
CA GLU X 187 -59.60 -28.60 46.43
C GLU X 187 -59.36 -29.90 47.20
N GLU X 188 -59.74 -31.03 46.61
CA GLU X 188 -59.57 -32.32 47.28
C GLU X 188 -58.11 -32.76 47.34
N CYS X 189 -57.30 -32.29 46.40
CA CYS X 189 -55.90 -32.64 46.41
C CYS X 189 -55.21 -31.90 47.55
N VAL X 190 -55.50 -30.60 47.65
CA VAL X 190 -54.92 -29.80 48.70
C VAL X 190 -55.18 -30.46 50.07
N LYS X 191 -56.41 -30.89 50.29
CA LYS X 191 -56.81 -31.56 51.54
C LYS X 191 -55.84 -32.70 51.88
N LEU X 192 -55.77 -33.70 51.01
CA LEU X 192 -54.92 -34.86 51.23
C LEU X 192 -53.52 -34.49 51.69
N THR X 193 -52.95 -33.46 51.08
CA THR X 193 -51.63 -33.01 51.46
C THR X 193 -51.63 -32.50 52.90
N VAL X 194 -52.62 -31.70 53.24
CA VAL X 194 -52.68 -31.13 54.57
C VAL X 194 -52.81 -32.23 55.59
N ARG X 195 -53.67 -33.21 55.28
CA ARG X 195 -53.88 -34.33 56.19
C ARG X 195 -52.52 -34.85 56.69
N SER X 196 -51.65 -35.22 55.77
CA SER X 196 -50.34 -35.71 56.15
C SER X 196 -49.64 -34.77 57.14
N LEU X 197 -49.32 -33.55 56.67
CA LEU X 197 -48.62 -32.55 57.51
C LEU X 197 -49.07 -32.43 58.97
N LEU X 198 -50.38 -32.57 59.20
CA LEU X 198 -50.89 -32.50 60.54
C LEU X 198 -50.29 -33.61 61.35
N GLU X 199 -50.20 -34.79 60.73
CA GLU X 199 -49.62 -35.95 61.39
C GLU X 199 -48.22 -35.69 61.94
N VAL X 200 -47.63 -34.53 61.67
CA VAL X 200 -46.31 -34.23 62.21
C VAL X 200 -46.12 -32.83 62.75
N VAL X 201 -46.77 -31.86 62.14
CA VAL X 201 -46.64 -30.47 62.55
C VAL X 201 -47.03 -30.20 64.01
N GLN X 202 -48.05 -30.90 64.49
CA GLN X 202 -48.58 -30.72 65.85
C GLN X 202 -49.36 -29.43 65.92
N THR X 203 -50.61 -29.52 65.46
CA THR X 203 -51.58 -28.43 65.42
C THR X 203 -50.98 -27.02 65.34
N GLY X 204 -50.88 -26.50 64.11
CA GLY X 204 -50.32 -25.18 63.91
C GLY X 204 -50.58 -24.63 62.52
N ALA X 205 -51.41 -23.59 62.44
CA ALA X 205 -51.74 -22.98 61.16
C ALA X 205 -50.47 -22.43 60.53
N LYS X 206 -49.99 -21.30 61.05
CA LYS X 206 -48.80 -20.61 60.55
C LYS X 206 -47.62 -21.54 60.28
N ASN X 207 -47.59 -22.66 60.98
CA ASN X 207 -46.50 -23.64 60.84
C ASN X 207 -46.41 -24.28 59.44
N ILE X 208 -47.44 -24.11 58.62
CA ILE X 208 -47.45 -24.70 57.29
C ILE X 208 -47.55 -23.70 56.15
N GLU X 209 -46.88 -24.01 55.04
CA GLU X 209 -46.98 -23.20 53.83
C GLU X 209 -47.19 -24.17 52.68
N ILE X 210 -48.09 -23.79 51.78
CA ILE X 210 -48.42 -24.61 50.61
C ILE X 210 -48.21 -23.85 49.32
N THR X 211 -48.04 -24.60 48.23
CA THR X 211 -47.90 -24.01 46.90
C THR X 211 -48.61 -24.91 45.90
N VAL X 212 -49.25 -24.29 44.91
CA VAL X 212 -49.97 -25.05 43.91
C VAL X 212 -49.53 -24.67 42.51
N VAL X 213 -49.47 -25.69 41.64
CA VAL X 213 -49.04 -25.53 40.26
C VAL X 213 -49.94 -26.19 39.21
N LYS X 214 -50.49 -25.36 38.31
CA LYS X 214 -51.38 -25.80 37.23
C LYS X 214 -50.65 -25.64 35.87
N PRO X 215 -51.12 -26.33 34.81
CA PRO X 215 -50.52 -26.25 33.47
C PRO X 215 -50.41 -24.83 32.94
N ASP X 216 -49.41 -24.62 32.09
CA ASP X 216 -49.14 -23.32 31.49
C ASP X 216 -48.87 -22.22 32.51
N SER X 217 -47.69 -22.28 33.12
CA SER X 217 -47.20 -21.29 34.08
C SER X 217 -48.13 -20.69 35.13
N ASP X 218 -49.11 -21.45 35.62
CA ASP X 218 -50.01 -20.93 36.66
C ASP X 218 -49.56 -21.43 38.04
N ILE X 219 -48.95 -20.54 38.81
CA ILE X 219 -48.45 -20.89 40.13
C ILE X 219 -48.94 -19.91 41.16
N VAL X 220 -49.49 -20.44 42.23
CA VAL X 220 -50.03 -19.61 43.29
C VAL X 220 -49.71 -20.17 44.67
N ALA X 221 -49.13 -19.31 45.50
CA ALA X 221 -48.77 -19.66 46.87
C ALA X 221 -49.92 -19.17 47.75
N LEU X 222 -50.72 -20.12 48.23
CA LEU X 222 -51.88 -19.81 49.07
C LEU X 222 -51.51 -18.98 50.29
N SER X 223 -52.45 -18.13 50.69
CA SER X 223 -52.27 -17.26 51.86
C SER X 223 -52.49 -18.03 53.16
N SER X 224 -51.85 -17.54 54.22
CA SER X 224 -51.96 -18.16 55.54
C SER X 224 -53.42 -18.50 55.85
N GLU X 225 -54.29 -17.57 55.51
CA GLU X 225 -55.73 -17.69 55.72
C GLU X 225 -56.38 -18.83 54.92
N GLU X 226 -56.20 -18.84 53.59
CA GLU X 226 -56.79 -19.85 52.71
C GLU X 226 -56.48 -21.27 53.20
N ILE X 227 -55.31 -21.44 53.81
CA ILE X 227 -54.88 -22.72 54.33
C ILE X 227 -55.64 -23.03 55.62
N ASN X 228 -55.71 -22.05 56.51
CA ASN X 228 -56.40 -22.22 57.79
C ASN X 228 -57.81 -22.77 57.56
N GLN X 229 -58.47 -22.34 56.49
CA GLN X 229 -59.81 -22.80 56.13
C GLN X 229 -59.82 -24.32 55.97
N TYR X 230 -58.77 -24.85 55.34
CA TYR X 230 -58.63 -26.28 55.10
C TYR X 230 -58.50 -27.03 56.43
N VAL X 231 -57.64 -26.52 57.31
CA VAL X 231 -57.42 -27.14 58.63
C VAL X 231 -58.74 -27.46 59.33
N THR X 232 -59.59 -26.45 59.47
CA THR X 232 -60.89 -26.60 60.14
C THR X 232 -61.74 -27.74 59.57
N GLN X 233 -61.99 -27.71 58.27
CA GLN X 233 -62.79 -28.74 57.60
C GLN X 233 -62.21 -30.13 57.91
N ILE X 234 -60.88 -30.18 58.09
CA ILE X 234 -60.18 -31.43 58.38
C ILE X 234 -60.47 -32.02 59.75
N GLU X 235 -60.35 -31.23 60.81
CA GLU X 235 -60.62 -31.75 62.15
C GLU X 235 -62.07 -32.25 62.23
N GLN X 236 -62.91 -31.84 61.28
CA GLN X 236 -64.31 -32.30 61.23
C GLN X 236 -64.39 -33.78 60.85
N GLU X 237 -63.74 -34.18 59.75
CA GLU X 237 -63.73 -35.59 59.31
C GLU X 237 -62.84 -36.44 60.24
N LYS X 238 -62.72 -36.03 61.51
CA LYS X 238 -61.95 -36.71 62.53
C LYS X 238 -62.88 -36.73 63.76
N GLN X 239 -63.43 -35.57 64.08
CA GLN X 239 -64.37 -35.41 65.20
C GLN X 239 -65.74 -36.02 64.92
N GLU X 240 -66.25 -35.83 63.69
CA GLU X 240 -67.57 -36.35 63.30
C GLU X 240 -67.73 -37.86 63.50
N GLN X 241 -66.66 -38.51 63.95
CA GLN X 241 -66.64 -39.93 64.21
C GLN X 241 -66.30 -40.15 65.67
N ASP Y 1 -4.36 -39.57 58.26
CA ASP Y 1 -5.15 -40.83 58.14
C ASP Y 1 -4.34 -41.76 57.23
N ARG Y 2 -4.96 -42.19 56.14
CA ARG Y 2 -4.30 -43.10 55.20
C ARG Y 2 -4.90 -42.81 53.81
N GLY Y 3 -4.01 -42.63 52.83
CA GLY Y 3 -4.37 -42.30 51.45
C GLY Y 3 -5.41 -43.08 50.66
N VAL Y 4 -5.74 -42.57 49.47
CA VAL Y 4 -6.75 -43.19 48.59
C VAL Y 4 -6.21 -44.12 47.51
N SER Y 5 -5.02 -43.83 47.02
CA SER Y 5 -4.42 -44.70 46.01
C SER Y 5 -3.37 -45.54 46.73
N THR Y 6 -3.71 -46.03 47.92
CA THR Y 6 -2.79 -46.82 48.72
C THR Y 6 -3.03 -48.31 48.53
N PHE Y 7 -1.94 -49.07 48.57
CA PHE Y 7 -2.00 -50.53 48.42
C PHE Y 7 -2.04 -51.24 49.78
N SER Y 8 -2.79 -52.35 49.85
CA SER Y 8 -2.91 -53.17 51.06
C SER Y 8 -1.73 -54.11 51.11
N PRO Y 9 -1.45 -54.74 52.27
CA PRO Y 9 -0.30 -55.66 52.31
C PRO Y 9 -0.50 -56.82 51.36
N GLU Y 10 -1.77 -57.08 51.03
CA GLU Y 10 -2.13 -58.16 50.15
C GLU Y 10 -1.90 -57.83 48.69
N GLY Y 11 -1.58 -56.57 48.41
CA GLY Y 11 -1.34 -56.13 47.04
C GLY Y 11 -2.58 -55.69 46.26
N ARG Y 12 -3.63 -55.26 46.94
CA ARG Y 12 -4.84 -54.81 46.28
C ARG Y 12 -5.09 -53.36 46.63
N LEU Y 13 -5.84 -52.67 45.80
CA LEU Y 13 -6.15 -51.26 46.05
C LEU Y 13 -7.34 -51.16 46.96
N PHE Y 14 -7.13 -50.57 48.12
CA PHE Y 14 -8.22 -50.45 49.06
C PHE Y 14 -9.48 -49.95 48.40
N GLN Y 15 -9.51 -48.65 48.12
CA GLN Y 15 -10.65 -48.01 47.51
C GLN Y 15 -11.33 -48.84 46.46
N VAL Y 16 -10.55 -49.53 45.65
CA VAL Y 16 -11.14 -50.37 44.62
C VAL Y 16 -11.90 -51.51 45.29
N GLU Y 17 -11.20 -52.30 46.09
CA GLU Y 17 -11.82 -53.44 46.77
C GLU Y 17 -13.02 -52.96 47.56
N TYR Y 18 -12.82 -51.91 48.33
CA TYR Y 18 -13.90 -51.35 49.13
C TYR Y 18 -15.09 -51.06 48.22
N SER Y 19 -14.81 -50.44 47.09
CA SER Y 19 -15.87 -50.11 46.15
C SER Y 19 -16.67 -51.36 45.75
N LEU Y 20 -15.97 -52.42 45.37
CA LEU Y 20 -16.62 -53.66 44.96
C LEU Y 20 -17.71 -54.08 45.96
N GLU Y 21 -17.45 -53.86 47.25
CA GLU Y 21 -18.42 -54.24 48.25
C GLU Y 21 -19.71 -53.44 48.09
N ALA Y 22 -19.58 -52.12 47.93
CA ALA Y 22 -20.74 -51.25 47.77
C ALA Y 22 -21.58 -51.77 46.61
N ILE Y 23 -20.91 -52.40 45.67
CA ILE Y 23 -21.61 -52.97 44.54
C ILE Y 23 -22.45 -54.14 45.00
N LYS Y 24 -21.89 -55.01 45.83
CA LYS Y 24 -22.63 -56.16 46.33
C LYS Y 24 -23.97 -55.79 46.98
N LEU Y 25 -24.14 -54.52 47.34
CA LEU Y 25 -25.40 -54.06 47.96
C LEU Y 25 -26.48 -53.69 46.96
N GLY Y 26 -26.07 -53.39 45.74
CA GLY Y 26 -27.01 -52.96 44.70
C GLY Y 26 -27.89 -54.01 44.05
N SER Y 27 -28.88 -53.50 43.32
CA SER Y 27 -29.86 -54.32 42.63
C SER Y 27 -29.14 -55.18 41.64
N THR Y 28 -29.62 -56.41 41.50
CA THR Y 28 -29.04 -57.38 40.59
C THR Y 28 -29.12 -56.95 39.14
N ALA Y 29 -28.17 -57.43 38.34
CA ALA Y 29 -28.08 -57.16 36.90
C ALA Y 29 -27.59 -58.41 36.22
N ILE Y 30 -28.25 -58.81 35.14
CA ILE Y 30 -27.86 -60.05 34.49
C ILE Y 30 -27.91 -59.96 32.98
N GLY Y 31 -27.01 -60.70 32.34
CA GLY Y 31 -26.98 -60.73 30.91
C GLY Y 31 -26.37 -62.01 30.37
N ILE Y 32 -26.72 -62.36 29.13
CA ILE Y 32 -26.16 -63.55 28.51
C ILE Y 32 -25.88 -63.31 27.02
N ALA Y 33 -24.86 -63.97 26.48
CA ALA Y 33 -24.45 -63.77 25.09
C ALA Y 33 -24.61 -65.00 24.20
N THR Y 34 -25.61 -64.97 23.34
CA THR Y 34 -25.88 -66.09 22.43
C THR Y 34 -25.30 -65.89 21.03
N LYS Y 35 -25.93 -66.51 20.04
CA LYS Y 35 -25.54 -66.37 18.65
C LYS Y 35 -26.75 -65.79 17.93
N GLU Y 36 -27.72 -65.36 18.71
CA GLU Y 36 -28.92 -64.74 18.20
C GLU Y 36 -29.12 -63.44 18.94
N GLY Y 37 -28.16 -63.04 19.76
CA GLY Y 37 -28.29 -61.79 20.51
C GLY Y 37 -27.77 -61.81 21.94
N VAL Y 38 -27.92 -60.71 22.65
CA VAL Y 38 -27.48 -60.63 24.03
C VAL Y 38 -28.64 -60.05 24.81
N VAL Y 39 -28.84 -60.52 26.04
CA VAL Y 39 -29.95 -60.06 26.86
C VAL Y 39 -29.51 -59.47 28.17
N LEU Y 40 -30.23 -58.45 28.63
CA LEU Y 40 -29.94 -57.78 29.87
C LEU Y 40 -31.23 -57.60 30.65
N GLY Y 41 -31.17 -57.85 31.96
CA GLY Y 41 -32.33 -57.69 32.80
C GLY Y 41 -31.83 -57.11 34.08
N VAL Y 42 -32.68 -56.40 34.80
CA VAL Y 42 -32.29 -55.77 36.06
C VAL Y 42 -33.42 -55.72 37.04
N GLU Y 43 -33.10 -55.69 38.32
CA GLU Y 43 -34.10 -55.61 39.36
C GLU Y 43 -34.33 -54.14 39.59
N LYS Y 44 -35.57 -53.70 39.60
CA LYS Y 44 -35.81 -52.29 39.84
C LYS Y 44 -35.49 -51.98 41.29
N ARG Y 45 -36.10 -52.72 42.21
CA ARG Y 45 -35.87 -52.49 43.62
C ARG Y 45 -36.31 -51.08 44.09
N ALA Y 46 -37.62 -50.85 44.05
CA ALA Y 46 -38.18 -49.58 44.48
C ALA Y 46 -38.11 -49.51 46.01
N THR Y 47 -37.54 -48.46 46.57
CA THR Y 47 -37.44 -48.35 48.02
C THR Y 47 -38.79 -48.21 48.69
N SER Y 48 -39.84 -48.21 47.89
CA SER Y 48 -41.20 -48.05 48.39
C SER Y 48 -42.12 -48.31 47.23
N PRO Y 49 -43.44 -48.47 47.48
CA PRO Y 49 -44.36 -48.72 46.38
C PRO Y 49 -45.04 -47.46 45.82
N LEU Y 50 -44.51 -46.28 46.17
CA LEU Y 50 -45.03 -44.98 45.68
C LEU Y 50 -44.30 -44.45 44.44
N LEU Y 51 -43.06 -44.92 44.28
CA LEU Y 51 -42.17 -44.59 43.19
C LEU Y 51 -42.78 -45.16 41.89
N GLU Y 52 -42.47 -44.54 40.76
CA GLU Y 52 -43.01 -45.01 39.50
C GLU Y 52 -41.96 -45.81 38.74
N SER Y 53 -41.97 -47.11 38.96
CA SER Y 53 -41.05 -48.05 38.34
C SER Y 53 -40.44 -47.72 36.97
N ASP Y 54 -41.26 -47.37 36.00
CA ASP Y 54 -40.74 -47.07 34.67
C ASP Y 54 -39.68 -45.98 34.67
N SER Y 55 -39.67 -45.15 35.70
CA SER Y 55 -38.68 -44.08 35.80
C SER Y 55 -37.37 -44.55 36.37
N ILE Y 56 -37.18 -45.87 36.41
CA ILE Y 56 -35.95 -46.41 36.94
C ILE Y 56 -35.13 -46.85 35.76
N GLU Y 57 -34.11 -46.05 35.46
CA GLU Y 57 -33.21 -46.29 34.35
C GLU Y 57 -32.01 -47.12 34.75
N LYS Y 58 -32.12 -48.44 34.65
CA LYS Y 58 -30.97 -49.25 35.00
C LYS Y 58 -30.35 -49.96 33.81
N ILE Y 59 -30.86 -49.65 32.63
CA ILE Y 59 -30.39 -50.20 31.36
C ILE Y 59 -30.38 -49.01 30.42
N VAL Y 60 -29.33 -48.80 29.66
CA VAL Y 60 -29.34 -47.68 28.74
C VAL Y 60 -28.75 -48.00 27.41
N GLU Y 61 -29.18 -47.27 26.40
CA GLU Y 61 -28.67 -47.43 25.06
C GLU Y 61 -27.44 -46.57 24.96
N ILE Y 62 -26.39 -47.16 24.44
CA ILE Y 62 -25.14 -46.47 24.25
C ILE Y 62 -25.09 -46.14 22.76
N ASP Y 63 -25.65 -47.00 21.94
CA ASP Y 63 -25.72 -46.77 20.52
C ASP Y 63 -26.69 -47.82 19.98
N ARG Y 64 -27.17 -47.63 18.77
CA ARG Y 64 -28.10 -48.60 18.21
C ARG Y 64 -27.56 -50.02 18.33
N HIS Y 65 -26.24 -50.19 18.42
CA HIS Y 65 -25.68 -51.54 18.50
C HIS Y 65 -24.99 -51.82 19.84
N ILE Y 66 -25.33 -51.04 20.86
CA ILE Y 66 -24.71 -51.24 22.16
C ILE Y 66 -25.59 -50.67 23.22
N GLY Y 67 -25.83 -51.44 24.26
CA GLY Y 67 -26.67 -50.98 25.35
C GLY Y 67 -25.92 -51.45 26.55
N CYS Y 68 -26.35 -51.04 27.74
CA CYS Y 68 -25.65 -51.49 28.91
C CYS Y 68 -26.55 -51.54 30.11
N ALA Y 69 -26.05 -52.20 31.16
CA ALA Y 69 -26.76 -52.38 32.41
C ALA Y 69 -25.87 -51.99 33.56
N MET Y 70 -26.45 -51.32 34.53
CA MET Y 70 -25.69 -50.85 35.68
C MET Y 70 -26.07 -51.54 36.98
N SER Y 71 -25.17 -51.50 37.95
CA SER Y 71 -25.44 -52.13 39.22
C SER Y 71 -24.60 -51.49 40.31
N GLY Y 72 -25.27 -51.03 41.37
CA GLY Y 72 -24.57 -50.38 42.46
C GLY Y 72 -25.11 -48.99 42.66
N LEU Y 73 -24.22 -48.02 42.89
CA LEU Y 73 -24.60 -46.62 43.06
C LEU Y 73 -24.90 -45.99 41.67
N THR Y 74 -26.07 -46.30 41.12
CA THR Y 74 -26.46 -45.84 39.80
C THR Y 74 -26.15 -44.40 39.35
N ALA Y 75 -26.17 -43.43 40.25
CA ALA Y 75 -25.90 -42.08 39.79
C ALA Y 75 -24.51 -41.92 39.22
N ASP Y 76 -23.55 -42.62 39.80
CA ASP Y 76 -22.16 -42.55 39.36
C ASP Y 76 -22.04 -42.86 37.87
N ALA Y 77 -22.93 -43.71 37.37
CA ALA Y 77 -22.87 -44.12 35.99
C ALA Y 77 -23.25 -43.08 34.97
N ARG Y 78 -23.89 -42.00 35.40
CA ARG Y 78 -24.28 -40.98 34.43
C ARG Y 78 -23.07 -40.49 33.63
N SER Y 79 -22.01 -40.07 34.31
CA SER Y 79 -20.87 -39.56 33.58
C SER Y 79 -20.33 -40.67 32.70
N MET Y 80 -20.32 -41.89 33.21
CA MET Y 80 -19.81 -42.99 32.40
C MET Y 80 -20.62 -43.16 31.12
N ILE Y 81 -21.93 -43.08 31.22
CA ILE Y 81 -22.73 -43.22 30.03
C ILE Y 81 -22.39 -42.12 29.05
N GLU Y 82 -22.29 -40.90 29.56
CA GLU Y 82 -21.97 -39.77 28.73
C GLU Y 82 -20.73 -40.10 27.97
N HIS Y 83 -19.64 -40.38 28.66
CA HIS Y 83 -18.42 -40.72 27.97
C HIS Y 83 -18.61 -41.92 27.07
N ALA Y 84 -19.52 -42.79 27.42
CA ALA Y 84 -19.74 -43.97 26.60
C ALA Y 84 -20.30 -43.60 25.26
N ARG Y 85 -21.38 -42.83 25.29
CA ARG Y 85 -22.06 -42.38 24.09
C ARG Y 85 -21.17 -41.49 23.25
N THR Y 86 -20.67 -40.43 23.86
CA THR Y 86 -19.79 -39.50 23.17
C THR Y 86 -18.71 -40.27 22.42
N ALA Y 87 -18.14 -41.28 23.05
CA ALA Y 87 -17.10 -42.06 22.42
C ALA Y 87 -17.58 -42.81 21.19
N ALA Y 88 -18.83 -43.25 21.21
CA ALA Y 88 -19.41 -43.99 20.07
C ALA Y 88 -19.70 -43.08 18.88
N VAL Y 89 -20.33 -41.97 19.14
CA VAL Y 89 -20.62 -41.05 18.09
C VAL Y 89 -19.33 -40.52 17.53
N THR Y 90 -18.46 -40.01 18.40
CA THR Y 90 -17.19 -39.48 17.92
C THR Y 90 -16.56 -40.49 17.00
N HIS Y 91 -16.52 -41.74 17.42
CA HIS Y 91 -15.91 -42.75 16.57
C HIS Y 91 -16.61 -42.90 15.26
N ASN Y 92 -17.93 -42.79 15.25
CA ASN Y 92 -18.69 -42.92 14.01
C ASN Y 92 -18.39 -41.73 13.15
N LEU Y 93 -18.08 -40.61 13.77
CA LEU Y 93 -17.75 -39.42 13.02
C LEU Y 93 -16.37 -39.50 12.46
N TYR Y 94 -15.38 -39.78 13.30
CA TYR Y 94 -14.04 -39.84 12.79
C TYR Y 94 -13.83 -40.95 11.79
N TYR Y 95 -14.63 -42.02 11.81
CA TYR Y 95 -14.37 -43.13 10.86
C TYR Y 95 -15.50 -43.70 9.97
N ASP Y 96 -16.72 -43.17 10.06
CA ASP Y 96 -17.82 -43.69 9.25
C ASP Y 96 -18.07 -45.20 9.40
N GLU Y 97 -18.26 -45.63 10.63
CA GLU Y 97 -18.52 -47.03 10.94
C GLU Y 97 -18.89 -47.14 12.42
N ASP Y 98 -19.49 -48.26 12.79
CA ASP Y 98 -19.87 -48.55 14.17
C ASP Y 98 -18.62 -48.88 15.00
N ILE Y 99 -18.62 -48.52 16.27
CA ILE Y 99 -17.47 -48.80 17.13
C ILE Y 99 -17.45 -50.25 17.68
N ASN Y 100 -16.27 -50.85 17.70
CA ASN Y 100 -16.14 -52.20 18.21
C ASN Y 100 -16.54 -52.20 19.65
N VAL Y 101 -17.19 -53.27 20.07
CA VAL Y 101 -17.63 -53.33 21.44
C VAL Y 101 -16.45 -53.31 22.41
N GLU Y 102 -15.40 -54.07 22.14
CA GLU Y 102 -14.24 -54.10 23.03
C GLU Y 102 -13.80 -52.66 23.18
N SER Y 103 -13.60 -52.01 22.03
CA SER Y 103 -13.15 -50.63 21.96
C SER Y 103 -14.03 -49.72 22.77
N LEU Y 104 -15.33 -49.83 22.59
CA LEU Y 104 -16.19 -48.98 23.36
C LEU Y 104 -15.90 -49.22 24.81
N THR Y 105 -15.75 -50.49 25.19
CA THR Y 105 -15.50 -50.86 26.57
C THR Y 105 -14.16 -50.33 27.09
N GLN Y 106 -13.08 -50.76 26.46
CA GLN Y 106 -11.74 -50.34 26.81
C GLN Y 106 -11.68 -48.83 27.04
N SER Y 107 -12.44 -48.10 26.26
CA SER Y 107 -12.45 -46.66 26.39
C SER Y 107 -13.04 -46.25 27.73
N VAL Y 108 -14.14 -46.88 28.12
CA VAL Y 108 -14.79 -46.58 29.40
C VAL Y 108 -13.88 -46.89 30.60
N CYS Y 109 -13.27 -48.07 30.60
CA CYS Y 109 -12.38 -48.45 31.67
C CYS Y 109 -11.18 -47.54 31.72
N ASP Y 110 -10.77 -47.00 30.59
CA ASP Y 110 -9.67 -46.08 30.55
C ASP Y 110 -10.04 -44.93 31.47
N LEU Y 111 -11.32 -44.64 31.62
CA LEU Y 111 -11.76 -43.57 32.50
C LEU Y 111 -11.73 -44.01 33.96
N ALA Y 112 -11.99 -45.29 34.19
CA ALA Y 112 -12.01 -45.86 35.53
C ALA Y 112 -10.93 -45.43 36.50
N LEU Y 113 -9.75 -46.04 36.46
CA LEU Y 113 -8.68 -45.70 37.41
C LEU Y 113 -8.22 -44.23 37.44
N ARG Y 114 -8.87 -43.35 36.68
CA ARG Y 114 -8.48 -41.95 36.70
C ARG Y 114 -8.97 -41.27 37.99
N PHE Y 115 -8.49 -41.72 39.15
CA PHE Y 115 -8.89 -41.12 40.43
C PHE Y 115 -7.69 -40.93 41.35
N GLY Y 116 -7.74 -39.90 42.19
CA GLY Y 116 -6.62 -39.67 43.10
C GLY Y 116 -6.47 -38.28 43.70
N GLU Y 117 -5.28 -37.99 44.23
CA GLU Y 117 -4.94 -36.71 44.84
C GLU Y 117 -3.63 -36.13 44.30
N GLY Y 118 -3.53 -35.97 42.98
CA GLY Y 118 -2.30 -35.46 42.38
C GLY Y 118 -1.29 -36.55 42.10
N ALA Y 119 -1.75 -37.65 41.53
CA ALA Y 119 -0.93 -38.81 41.18
C ALA Y 119 -0.02 -38.58 39.96
N SER Y 120 1.29 -38.46 40.20
CA SER Y 120 2.26 -38.23 39.13
C SER Y 120 2.34 -39.33 38.04
N GLY Y 121 1.84 -38.98 36.84
CA GLY Y 121 1.81 -39.86 35.68
C GLY Y 121 1.18 -39.10 34.53
N GLU Y 122 0.09 -38.41 34.83
CA GLU Y 122 -0.70 -37.57 33.91
C GLU Y 122 -1.71 -36.81 34.80
N GLU Y 123 -2.74 -36.18 34.22
CA GLU Y 123 -3.71 -35.49 35.06
C GLU Y 123 -5.02 -36.28 35.23
N ARG Y 124 -5.22 -36.83 36.44
CA ARG Y 124 -6.41 -37.61 36.79
C ARG Y 124 -7.12 -37.02 38.02
N LEU Y 125 -8.18 -36.25 37.77
CA LEU Y 125 -8.96 -35.60 38.81
C LEU Y 125 -10.36 -36.19 39.02
N MET Y 126 -10.47 -37.10 39.98
CA MET Y 126 -11.73 -37.75 40.34
C MET Y 126 -11.42 -38.29 41.73
N SER Y 127 -12.12 -37.77 42.74
CA SER Y 127 -11.82 -38.16 44.11
C SER Y 127 -12.00 -39.58 44.58
N ARG Y 128 -12.67 -40.42 43.81
CA ARG Y 128 -12.90 -41.77 44.27
C ARG Y 128 -13.37 -42.58 43.11
N PRO Y 129 -13.14 -43.90 43.14
CA PRO Y 129 -13.57 -44.78 42.07
C PRO Y 129 -15.06 -44.73 41.97
N PHE Y 130 -15.59 -45.24 40.87
CA PHE Y 130 -17.02 -45.26 40.70
C PHE Y 130 -17.54 -46.38 41.56
N GLY Y 131 -18.66 -46.13 42.23
CA GLY Y 131 -19.26 -47.17 43.04
C GLY Y 131 -20.32 -47.86 42.20
N VAL Y 132 -19.91 -48.42 41.07
CA VAL Y 132 -20.83 -49.10 40.18
C VAL Y 132 -20.07 -49.88 39.15
N ALA Y 133 -20.67 -50.96 38.67
CA ALA Y 133 -20.05 -51.80 37.65
C ALA Y 133 -21.07 -51.83 36.55
N LEU Y 134 -20.64 -52.19 35.36
CA LEU Y 134 -21.55 -52.21 34.23
C LEU Y 134 -21.45 -53.44 33.41
N LEU Y 135 -22.58 -53.79 32.84
CA LEU Y 135 -22.64 -54.92 31.95
C LEU Y 135 -22.82 -54.22 30.66
N ILE Y 136 -21.95 -54.52 29.71
CA ILE Y 136 -21.97 -53.90 28.39
C ILE Y 136 -22.06 -54.99 27.34
N ALA Y 137 -23.02 -54.88 26.44
CA ALA Y 137 -23.14 -55.89 25.41
C ALA Y 137 -23.52 -55.29 24.09
N GLY Y 138 -23.00 -55.89 23.02
CA GLY Y 138 -23.30 -55.38 21.70
C GLY Y 138 -22.82 -56.30 20.62
N HIS Y 139 -22.90 -55.87 19.36
CA HIS Y 139 -22.48 -56.69 18.25
C HIS Y 139 -21.68 -55.91 17.26
N ASP Y 140 -20.79 -56.60 16.57
CA ASP Y 140 -20.01 -55.99 15.52
C ASP Y 140 -19.55 -57.07 14.58
N ALA Y 141 -19.15 -56.65 13.40
CA ALA Y 141 -18.72 -57.57 12.37
C ALA Y 141 -17.57 -58.52 12.65
N ASP Y 142 -16.59 -58.12 13.46
CA ASP Y 142 -15.42 -58.98 13.70
C ASP Y 142 -15.44 -60.01 14.81
N ASP Y 143 -16.03 -59.63 15.94
CA ASP Y 143 -16.11 -60.53 17.07
C ASP Y 143 -17.55 -60.84 17.46
N GLY Y 144 -18.47 -60.66 16.50
CA GLY Y 144 -19.87 -60.97 16.76
C GLY Y 144 -20.44 -60.48 18.07
N TYR Y 145 -21.55 -61.09 18.47
CA TYR Y 145 -22.27 -60.73 19.70
C TYR Y 145 -21.32 -60.83 20.90
N GLN Y 146 -21.22 -59.76 21.69
CA GLN Y 146 -20.31 -59.77 22.83
C GLN Y 146 -20.90 -59.14 24.06
N LEU Y 147 -20.28 -59.50 25.18
CA LEU Y 147 -20.67 -59.05 26.49
C LEU Y 147 -19.44 -58.86 27.34
N PHE Y 148 -19.45 -57.80 28.13
CA PHE Y 148 -18.32 -57.48 28.96
C PHE Y 148 -18.81 -57.01 30.32
N HIS Y 149 -17.93 -57.10 31.29
CA HIS Y 149 -18.21 -56.65 32.63
C HIS Y 149 -17.11 -55.64 32.88
N ALA Y 150 -17.48 -54.44 33.32
CA ALA Y 150 -16.51 -53.40 33.60
C ALA Y 150 -16.52 -53.04 35.08
N GLU Y 151 -15.45 -53.37 35.79
CA GLU Y 151 -15.34 -53.08 37.22
C GLU Y 151 -14.56 -51.81 37.36
N PRO Y 152 -14.75 -51.09 38.46
CA PRO Y 152 -14.00 -49.85 38.64
C PRO Y 152 -12.50 -50.10 38.71
N SER Y 153 -12.10 -51.37 38.89
CA SER Y 153 -10.68 -51.70 38.95
C SER Y 153 -9.99 -51.23 37.70
N GLY Y 154 -10.78 -51.10 36.65
CA GLY Y 154 -10.24 -50.69 35.38
C GLY Y 154 -10.31 -51.92 34.50
N THR Y 155 -10.18 -53.07 35.10
CA THR Y 155 -10.23 -54.31 34.35
C THR Y 155 -11.62 -54.55 33.81
N PHE Y 156 -11.68 -55.29 32.72
CA PHE Y 156 -12.96 -55.65 32.11
C PHE Y 156 -12.74 -57.02 31.51
N TYR Y 157 -13.73 -57.88 31.69
CA TYR Y 157 -13.66 -59.26 31.23
C TYR Y 157 -14.85 -59.47 30.31
N ARG Y 158 -14.72 -60.37 29.33
CA ARG Y 158 -15.82 -60.71 28.43
C ARG Y 158 -16.32 -62.02 29.01
N TYR Y 159 -17.62 -62.17 29.19
CA TYR Y 159 -18.19 -63.38 29.76
C TYR Y 159 -19.24 -63.92 28.78
N ASN Y 160 -19.61 -65.19 28.89
CA ASN Y 160 -20.66 -65.79 28.04
C ASN Y 160 -22.02 -65.52 28.70
N ALA Y 161 -21.95 -65.08 29.95
CA ALA Y 161 -23.09 -64.72 30.77
C ALA Y 161 -22.47 -64.27 32.09
N LYS Y 162 -23.14 -63.38 32.83
CA LYS Y 162 -22.58 -62.90 34.08
C LYS Y 162 -23.61 -62.18 34.88
N ALA Y 163 -23.41 -62.21 36.19
CA ALA Y 163 -24.29 -61.56 37.14
C ALA Y 163 -23.50 -60.68 38.05
N ILE Y 164 -24.16 -59.66 38.57
CA ILE Y 164 -23.52 -58.74 39.48
C ILE Y 164 -24.61 -58.13 40.34
N GLY Y 165 -24.26 -57.71 41.56
CA GLY Y 165 -25.24 -57.13 42.46
C GLY Y 165 -25.50 -58.03 43.65
N SER Y 166 -26.48 -57.67 44.48
CA SER Y 166 -26.82 -58.42 45.68
C SER Y 166 -26.74 -59.94 45.51
N GLY Y 167 -27.60 -60.49 44.67
CA GLY Y 167 -27.59 -61.93 44.50
C GLY Y 167 -26.59 -62.54 43.52
N SER Y 168 -25.44 -61.91 43.31
CA SER Y 168 -24.46 -62.42 42.36
C SER Y 168 -23.87 -63.81 42.62
N GLU Y 169 -23.22 -64.00 43.77
CA GLU Y 169 -22.57 -65.27 44.13
C GLU Y 169 -23.49 -66.44 43.81
N GLY Y 170 -24.74 -66.32 44.27
CA GLY Y 170 -25.72 -67.35 44.04
C GLY Y 170 -25.99 -67.45 42.57
N ALA Y 171 -26.48 -66.36 41.98
CA ALA Y 171 -26.82 -66.27 40.56
C ALA Y 171 -25.77 -66.89 39.63
N GLN Y 172 -24.53 -66.50 39.84
CA GLN Y 172 -23.41 -66.98 39.06
C GLN Y 172 -23.44 -68.50 39.03
N ALA Y 173 -23.50 -69.11 40.21
CA ALA Y 173 -23.54 -70.55 40.33
C ALA Y 173 -24.62 -71.16 39.42
N GLU Y 174 -25.84 -70.61 39.44
CA GLU Y 174 -26.91 -71.16 38.61
C GLU Y 174 -26.57 -71.01 37.13
N LEU Y 175 -25.96 -69.89 36.78
CA LEU Y 175 -25.57 -69.63 35.40
C LEU Y 175 -24.67 -70.72 34.89
N LEU Y 176 -23.54 -70.87 35.57
CA LEU Y 176 -22.56 -71.88 35.22
C LEU Y 176 -23.25 -73.20 34.82
N ASN Y 177 -24.23 -73.61 35.60
CA ASN Y 177 -24.93 -74.87 35.34
C ASN Y 177 -25.87 -74.80 34.13
N GLU Y 178 -26.55 -73.68 33.94
CA GLU Y 178 -27.53 -73.54 32.85
C GLU Y 178 -27.08 -73.05 31.46
N TRP Y 179 -25.85 -72.57 31.30
CA TRP Y 179 -25.36 -72.07 29.99
C TRP Y 179 -24.79 -73.08 29.00
N HIS Y 180 -25.04 -72.85 27.72
CA HIS Y 180 -24.50 -73.70 26.66
C HIS Y 180 -24.40 -72.97 25.32
N SER Y 181 -23.40 -73.35 24.53
CA SER Y 181 -23.16 -72.71 23.23
C SER Y 181 -24.15 -73.05 22.12
N SER Y 182 -25.44 -72.92 22.41
CA SER Y 182 -26.50 -73.19 21.43
C SER Y 182 -27.84 -72.73 21.99
N LEU Y 183 -27.82 -71.76 22.88
CA LEU Y 183 -29.03 -71.22 23.50
C LEU Y 183 -29.76 -70.34 22.50
N THR Y 184 -31.05 -70.12 22.70
CA THR Y 184 -31.81 -69.28 21.79
C THR Y 184 -32.23 -68.02 22.52
N LEU Y 185 -32.52 -66.95 21.78
CA LEU Y 185 -32.92 -65.68 22.39
C LEU Y 185 -34.00 -65.93 23.44
N LYS Y 186 -35.16 -66.41 23.01
CA LYS Y 186 -36.24 -66.65 23.94
C LYS Y 186 -35.79 -67.47 25.16
N GLU Y 187 -34.99 -68.51 24.95
CA GLU Y 187 -34.50 -69.34 26.06
C GLU Y 187 -33.83 -68.44 27.11
N ALA Y 188 -32.83 -67.71 26.67
CA ALA Y 188 -32.07 -66.83 27.55
C ALA Y 188 -32.94 -65.84 28.26
N GLU Y 189 -33.90 -65.27 27.54
CA GLU Y 189 -34.82 -64.31 28.14
C GLU Y 189 -35.39 -65.01 29.37
N LEU Y 190 -35.77 -66.26 29.21
CA LEU Y 190 -36.32 -67.02 30.33
C LEU Y 190 -35.35 -67.12 31.50
N LEU Y 191 -34.17 -67.69 31.27
CA LEU Y 191 -33.20 -67.85 32.35
C LEU Y 191 -32.96 -66.59 33.10
N VAL Y 192 -32.75 -65.50 32.39
CA VAL Y 192 -32.52 -64.23 33.07
C VAL Y 192 -33.67 -63.95 33.97
N LEU Y 193 -34.85 -64.19 33.46
CA LEU Y 193 -36.04 -63.96 34.23
C LEU Y 193 -36.12 -64.93 35.41
N LYS Y 194 -35.77 -66.20 35.18
CA LYS Y 194 -35.81 -67.21 36.23
C LYS Y 194 -34.92 -66.80 37.39
N ILE Y 195 -33.64 -66.64 37.08
CA ILE Y 195 -32.67 -66.26 38.08
C ILE Y 195 -33.06 -65.06 38.91
N LEU Y 196 -33.50 -64.00 38.25
CA LEU Y 196 -33.90 -62.81 38.96
C LEU Y 196 -34.88 -63.15 40.07
N LYS Y 197 -35.86 -63.98 39.71
CA LYS Y 197 -36.90 -64.42 40.63
C LYS Y 197 -36.23 -65.07 41.82
N GLN Y 198 -35.23 -65.91 41.55
CA GLN Y 198 -34.49 -66.61 42.59
C GLN Y 198 -33.80 -65.72 43.58
N VAL Y 199 -33.18 -64.65 43.09
CA VAL Y 199 -32.44 -63.76 43.99
C VAL Y 199 -33.13 -62.45 44.38
N MET Y 200 -34.40 -62.34 44.04
CA MET Y 200 -35.17 -61.14 44.38
C MET Y 200 -35.98 -61.17 45.67
N GLU Y 201 -35.70 -60.24 46.58
CA GLU Y 201 -36.44 -60.18 47.84
C GLU Y 201 -37.95 -60.09 47.58
N GLU Y 202 -38.34 -59.20 46.68
CA GLU Y 202 -39.75 -59.01 46.35
C GLU Y 202 -40.15 -60.00 45.27
N LYS Y 203 -41.43 -60.34 45.21
CA LYS Y 203 -41.92 -61.29 44.22
C LYS Y 203 -41.81 -60.63 42.86
N LEU Y 204 -41.06 -61.24 41.95
CA LEU Y 204 -40.87 -60.70 40.61
C LEU Y 204 -42.17 -60.51 39.81
N ASP Y 205 -42.43 -59.28 39.34
CA ASP Y 205 -43.61 -58.95 38.55
C ASP Y 205 -43.14 -58.09 37.36
N GLU Y 206 -44.03 -57.68 36.46
CA GLU Y 206 -43.61 -56.88 35.29
C GLU Y 206 -43.32 -55.40 35.54
N ASN Y 207 -43.43 -54.97 36.78
CA ASN Y 207 -43.17 -53.57 37.14
C ASN Y 207 -41.97 -53.39 38.03
N ASN Y 208 -41.35 -54.48 38.47
CA ASN Y 208 -40.20 -54.35 39.35
C ASN Y 208 -38.98 -55.00 38.72
N ALA Y 209 -39.08 -55.31 37.43
CA ALA Y 209 -38.02 -55.92 36.65
C ALA Y 209 -38.09 -55.36 35.22
N GLN Y 210 -36.96 -55.35 34.52
CA GLN Y 210 -36.92 -54.84 33.15
C GLN Y 210 -35.92 -55.64 32.36
N LEU Y 211 -36.30 -55.98 31.13
CA LEU Y 211 -35.49 -56.78 30.20
C LEU Y 211 -35.11 -55.97 28.96
N SER Y 212 -34.16 -56.50 28.19
CA SER Y 212 -33.74 -55.82 26.98
C SER Y 212 -32.82 -56.73 26.22
N CYS Y 213 -32.64 -56.48 24.93
CA CYS Y 213 -31.78 -57.31 24.09
C CYS Y 213 -31.22 -56.45 22.98
N ILE Y 214 -30.16 -56.94 22.33
CA ILE Y 214 -29.56 -56.25 21.19
C ILE Y 214 -29.37 -57.27 20.07
N THR Y 215 -29.90 -56.95 18.88
CA THR Y 215 -29.83 -57.83 17.72
C THR Y 215 -29.37 -57.15 16.43
N LYS Y 216 -28.56 -57.85 15.65
CA LYS Y 216 -28.03 -57.34 14.38
C LYS Y 216 -29.13 -56.62 13.62
N GLN Y 217 -30.22 -57.33 13.40
CA GLN Y 217 -31.34 -56.80 12.65
C GLN Y 217 -32.03 -55.57 13.21
N ASP Y 218 -32.31 -55.51 14.50
CA ASP Y 218 -33.03 -54.35 15.01
C ASP Y 218 -32.38 -53.53 16.06
N GLY Y 219 -31.13 -53.83 16.34
CA GLY Y 219 -30.40 -53.06 17.34
C GLY Y 219 -30.91 -53.21 18.75
N PHE Y 220 -30.48 -52.30 19.62
CA PHE Y 220 -30.86 -52.32 21.03
C PHE Y 220 -32.26 -51.83 21.33
N LYS Y 221 -33.05 -52.75 21.86
CA LYS Y 221 -34.42 -52.47 22.23
C LYS Y 221 -34.66 -52.86 23.69
N ILE Y 222 -35.10 -51.89 24.47
CA ILE Y 222 -35.45 -52.10 25.86
C ILE Y 222 -36.89 -52.58 25.77
N TYR Y 223 -37.23 -53.63 26.51
CA TYR Y 223 -38.57 -54.23 26.45
C TYR Y 223 -39.74 -53.51 27.09
N ASP Y 224 -40.77 -53.24 26.30
CA ASP Y 224 -41.98 -52.59 26.79
C ASP Y 224 -42.65 -53.52 27.81
N ASN Y 225 -43.00 -52.97 28.98
CA ASN Y 225 -43.65 -53.73 30.07
C ASN Y 225 -44.54 -54.83 29.51
N GLU Y 226 -45.51 -54.44 28.69
CA GLU Y 226 -46.43 -55.39 28.07
C GLU Y 226 -45.69 -56.63 27.56
N LYS Y 227 -44.66 -56.42 26.75
CA LYS Y 227 -43.91 -57.53 26.19
C LYS Y 227 -43.37 -58.43 27.28
N THR Y 228 -42.82 -57.82 28.32
CA THR Y 228 -42.22 -58.54 29.44
C THR Y 228 -43.21 -59.42 30.20
N ALA Y 229 -44.33 -58.84 30.61
CA ALA Y 229 -45.34 -59.57 31.34
C ALA Y 229 -45.69 -60.87 30.61
N GLU Y 230 -45.80 -60.81 29.28
CA GLU Y 230 -46.11 -61.99 28.48
C GLU Y 230 -45.06 -63.07 28.74
N LEU Y 231 -43.84 -62.66 29.03
CA LEU Y 231 -42.75 -63.60 29.31
C LEU Y 231 -42.82 -64.18 30.71
N ILE Y 232 -43.14 -63.32 31.67
CA ILE Y 232 -43.26 -63.72 33.06
C ILE Y 232 -44.26 -64.86 33.10
N LYS Y 233 -45.44 -64.64 32.52
CA LYS Y 233 -46.47 -65.66 32.46
C LYS Y 233 -45.90 -66.94 31.85
N GLU Y 234 -45.26 -66.84 30.69
CA GLU Y 234 -44.68 -68.00 30.04
C GLU Y 234 -43.77 -68.82 30.97
N LEU Y 235 -43.27 -68.20 32.02
CA LEU Y 235 -42.39 -68.91 32.94
C LEU Y 235 -43.08 -69.75 34.03
N LYS Y 236 -43.96 -69.14 34.83
CA LYS Y 236 -44.69 -69.84 35.91
C LYS Y 236 -45.11 -71.21 35.42
N GLU Y 237 -45.56 -71.21 34.17
CA GLU Y 237 -46.00 -72.40 33.52
C GLU Y 237 -44.81 -73.31 33.27
N LYS Y 238 -43.76 -72.80 32.63
CA LYS Y 238 -42.60 -73.66 32.36
C LYS Y 238 -41.91 -74.25 33.59
N GLU Y 239 -42.06 -73.62 34.74
CA GLU Y 239 -41.46 -74.16 35.94
C GLU Y 239 -42.39 -75.19 36.60
N ALA Y 240 -43.70 -74.94 36.54
CA ALA Y 240 -44.69 -75.86 37.11
C ALA Y 240 -44.91 -77.12 36.27
N ALA Y 241 -43.82 -77.82 35.96
CA ALA Y 241 -43.84 -79.05 35.16
C ALA Y 241 -43.03 -80.16 35.83
N GLU Y 242 -41.70 -80.03 35.80
CA GLU Y 242 -40.77 -80.98 36.41
C GLU Y 242 -39.35 -80.39 36.34
N PHE Z 1 4.37 -49.87 64.11
CA PHE Z 1 5.39 -50.29 63.11
C PHE Z 1 4.81 -50.05 61.70
N ARG Z 2 4.39 -51.10 61.02
CA ARG Z 2 3.89 -50.96 59.65
C ARG Z 2 2.85 -49.88 59.31
N ASN Z 3 1.70 -49.83 59.97
CA ASN Z 3 0.72 -48.77 59.62
C ASN Z 3 1.26 -47.38 59.93
N ASN Z 4 2.53 -47.32 60.34
CA ASN Z 4 3.19 -46.06 60.64
C ASN Z 4 4.20 -45.80 59.55
N TYR Z 5 4.60 -46.85 58.84
CA TYR Z 5 5.55 -46.71 57.76
C TYR Z 5 5.08 -47.30 56.44
N ASP Z 6 3.82 -47.70 56.31
CA ASP Z 6 3.37 -48.27 55.05
C ASP Z 6 2.27 -47.46 54.37
N GLY Z 7 2.10 -46.22 54.82
CA GLY Z 7 1.06 -45.38 54.25
C GLY Z 7 1.24 -44.91 52.81
N ASP Z 8 2.43 -44.44 52.46
CA ASP Z 8 2.72 -43.93 51.13
C ASP Z 8 4.09 -44.30 50.65
N THR Z 9 4.28 -44.27 49.34
CA THR Z 9 5.55 -44.62 48.71
C THR Z 9 6.62 -43.60 48.97
N VAL Z 10 6.27 -42.54 49.68
CA VAL Z 10 7.25 -41.53 49.94
C VAL Z 10 7.84 -41.69 51.34
N THR Z 11 7.53 -42.81 52.00
CA THR Z 11 8.05 -43.02 53.34
C THR Z 11 9.01 -44.20 53.41
N PHE Z 12 10.17 -43.96 53.99
CA PHE Z 12 11.16 -45.01 54.11
C PHE Z 12 11.04 -45.69 55.44
N SER Z 13 11.09 -47.02 55.49
CA SER Z 13 11.00 -47.68 56.78
C SER Z 13 12.31 -47.39 57.50
N PRO Z 14 12.46 -47.87 58.73
CA PRO Z 14 13.73 -47.58 59.38
C PRO Z 14 14.81 -48.56 58.92
N THR Z 15 14.39 -49.67 58.34
CA THR Z 15 15.37 -50.64 57.85
C THR Z 15 15.87 -50.20 56.48
N GLY Z 16 15.05 -49.41 55.80
CA GLY Z 16 15.39 -48.90 54.49
C GLY Z 16 14.56 -49.51 53.37
N ARG Z 17 13.41 -50.05 53.71
CA ARG Z 17 12.54 -50.66 52.71
C ARG Z 17 11.50 -49.64 52.29
N LEU Z 18 10.75 -49.99 51.26
CA LEU Z 18 9.70 -49.16 50.71
C LEU Z 18 8.53 -50.08 50.60
N PHE Z 19 7.68 -50.06 51.61
CA PHE Z 19 6.55 -50.96 51.62
C PHE Z 19 5.60 -50.92 50.46
N GLN Z 20 5.12 -49.74 50.08
CA GLN Z 20 4.17 -49.63 48.95
C GLN Z 20 4.68 -50.32 47.69
N VAL Z 21 5.93 -50.05 47.34
CA VAL Z 21 6.50 -50.69 46.19
C VAL Z 21 6.45 -52.17 46.45
N GLU Z 22 6.91 -52.58 47.63
CA GLU Z 22 6.91 -53.99 48.00
C GLU Z 22 5.53 -54.60 47.91
N TYR Z 23 4.53 -53.84 48.36
CA TYR Z 23 3.15 -54.30 48.34
C TYR Z 23 2.73 -54.44 46.89
N ALA Z 24 3.34 -53.62 46.04
CA ALA Z 24 3.07 -53.67 44.62
C ALA Z 24 3.61 -54.99 44.10
N LEU Z 25 4.91 -55.22 44.27
CA LEU Z 25 5.49 -56.48 43.80
C LEU Z 25 4.62 -57.71 44.09
N GLU Z 26 3.84 -57.65 45.16
CA GLU Z 26 3.01 -58.79 45.50
C GLU Z 26 1.80 -58.97 44.59
N ALA Z 27 1.23 -57.89 44.08
CA ALA Z 27 0.06 -58.02 43.19
C ALA Z 27 0.44 -58.82 41.97
N ILE Z 28 1.73 -58.77 41.66
CA ILE Z 28 2.31 -59.49 40.56
C ILE Z 28 2.27 -60.94 40.98
N LYS Z 29 2.82 -61.20 42.17
CA LYS Z 29 2.88 -62.54 42.73
C LYS Z 29 1.53 -63.25 42.80
N GLN Z 30 0.41 -62.51 42.79
CA GLN Z 30 -0.90 -63.16 42.81
C GLN Z 30 -1.48 -63.22 41.41
N GLY Z 31 -0.80 -62.59 40.46
CA GLY Z 31 -1.30 -62.60 39.10
C GLY Z 31 -1.03 -63.97 38.48
N SER Z 32 -1.55 -64.18 37.27
CA SER Z 32 -1.35 -65.42 36.56
C SER Z 32 0.12 -65.55 36.18
N VAL Z 33 0.45 -66.49 35.30
CA VAL Z 33 1.83 -66.68 34.94
C VAL Z 33 2.11 -66.54 33.45
N THR Z 34 3.35 -66.14 33.14
CA THR Z 34 3.82 -65.98 31.77
C THR Z 34 5.33 -66.17 31.76
N VAL Z 35 5.87 -66.56 30.61
CA VAL Z 35 7.30 -66.82 30.47
C VAL Z 35 7.93 -66.19 29.23
N GLY Z 36 9.23 -65.90 29.34
CA GLY Z 36 9.98 -65.33 28.25
C GLY Z 36 11.31 -66.04 28.21
N LEU Z 37 11.86 -66.19 26.99
CA LEU Z 37 13.14 -66.88 26.73
C LEU Z 37 13.63 -66.51 25.31
N ARG Z 38 14.92 -66.38 25.10
CA ARG Z 38 15.41 -65.99 23.80
C ARG Z 38 16.56 -66.79 23.28
N SER Z 39 16.55 -67.10 21.99
CA SER Z 39 17.68 -67.80 21.39
C SER Z 39 18.58 -66.67 20.88
N ASN Z 40 19.36 -66.92 19.84
CA ASN Z 40 20.20 -65.85 19.30
C ASN Z 40 19.48 -65.27 18.10
N THR Z 41 18.31 -65.84 17.75
CA THR Z 41 17.55 -65.35 16.59
C THR Z 41 16.03 -65.17 16.78
N HIS Z 42 15.47 -65.68 17.87
CA HIS Z 42 14.04 -65.53 18.14
C HIS Z 42 13.76 -65.40 19.63
N ALA Z 43 12.70 -64.67 19.97
CA ALA Z 43 12.29 -64.44 21.35
C ALA Z 43 10.83 -64.76 21.42
N VAL Z 44 10.43 -65.47 22.48
CA VAL Z 44 9.03 -65.85 22.56
C VAL Z 44 8.35 -65.42 23.83
N LEU Z 45 7.03 -65.36 23.77
CA LEU Z 45 6.28 -65.01 24.93
C LEU Z 45 5.16 -65.99 25.03
N VAL Z 46 5.11 -66.65 26.17
CA VAL Z 46 4.06 -67.62 26.45
C VAL Z 46 3.40 -67.08 27.71
N ALA Z 47 2.08 -66.97 27.68
CA ALA Z 47 1.37 -66.46 28.83
C ALA Z 47 0.02 -67.13 29.06
N LEU Z 48 -0.15 -67.59 30.30
CA LEU Z 48 -1.36 -68.26 30.71
C LEU Z 48 -2.34 -67.17 31.10
N LYS Z 49 -3.56 -67.25 30.58
CA LYS Z 49 -4.58 -66.25 30.92
C LYS Z 49 -5.51 -66.73 32.04
N ARG Z 50 -5.85 -65.84 32.99
CA ARG Z 50 -6.72 -66.21 34.11
C ARG Z 50 -8.17 -65.81 33.97
N ASN Z 51 -9.04 -66.78 34.24
CA ASN Z 51 -10.49 -66.56 34.22
C ASN Z 51 -11.01 -66.41 35.68
N ALA Z 52 -12.08 -65.64 35.87
CA ALA Z 52 -12.65 -65.46 37.21
C ALA Z 52 -13.67 -66.57 37.45
N ASP Z 53 -14.09 -67.20 36.34
CA ASP Z 53 -15.05 -68.30 36.31
C ASP Z 53 -14.85 -69.04 34.97
N GLU Z 54 -15.47 -70.20 34.82
CA GLU Z 54 -15.35 -70.99 33.59
C GLU Z 54 -16.24 -70.45 32.49
N LEU Z 55 -16.77 -69.26 32.71
CA LEU Z 55 -17.65 -68.62 31.76
C LEU Z 55 -17.12 -67.29 31.21
N SER Z 56 -15.86 -66.97 31.48
CA SER Z 56 -15.29 -65.72 31.01
C SER Z 56 -14.16 -65.88 30.01
N SER Z 57 -13.72 -64.75 29.48
CA SER Z 57 -12.62 -64.69 28.54
C SER Z 57 -11.41 -64.80 29.44
N TYR Z 58 -10.32 -65.29 28.88
CA TYR Z 58 -9.07 -65.42 29.62
C TYR Z 58 -8.26 -64.17 29.27
N GLN Z 59 -8.42 -63.15 30.12
CA GLN Z 59 -7.78 -61.85 29.95
C GLN Z 59 -6.45 -61.82 29.20
N LYS Z 60 -6.46 -61.10 28.08
CA LYS Z 60 -5.30 -60.93 27.21
C LYS Z 60 -4.10 -60.41 27.99
N LYS Z 61 -2.97 -61.10 27.88
CA LYS Z 61 -1.81 -60.67 28.62
C LYS Z 61 -0.62 -60.25 27.78
N ILE Z 62 -0.80 -60.21 26.47
CA ILE Z 62 0.30 -59.82 25.58
C ILE Z 62 -0.08 -58.61 24.73
N ILE Z 63 0.87 -57.69 24.55
CA ILE Z 63 0.56 -56.50 23.78
C ILE Z 63 1.66 -56.16 22.81
N LYS Z 64 1.29 -55.92 21.56
CA LYS Z 64 2.23 -55.55 20.52
C LYS Z 64 2.55 -54.09 20.75
N CYS Z 65 3.83 -53.75 20.79
CA CYS Z 65 4.22 -52.37 21.00
C CYS Z 65 4.70 -51.69 19.72
N ASP Z 66 5.05 -52.51 18.73
CA ASP Z 66 5.53 -52.05 17.42
C ASP Z 66 5.70 -53.32 16.58
N GLU Z 67 5.95 -53.16 15.29
CA GLU Z 67 6.16 -54.33 14.45
C GLU Z 67 7.38 -55.10 14.92
N HIS Z 68 8.18 -54.53 15.82
CA HIS Z 68 9.38 -55.22 16.29
C HIS Z 68 9.57 -55.43 17.79
N MET Z 69 8.53 -55.23 18.59
CA MET Z 69 8.67 -55.37 20.03
C MET Z 69 7.31 -55.57 20.68
N GLY Z 70 7.31 -56.12 21.88
CA GLY Z 70 6.06 -56.33 22.60
C GLY Z 70 6.31 -56.87 23.98
N LEU Z 71 5.23 -57.03 24.74
CA LEU Z 71 5.35 -57.51 26.12
C LEU Z 71 4.18 -58.33 26.66
N SER Z 72 4.43 -58.97 27.81
CA SER Z 72 3.45 -59.77 28.51
C SER Z 72 3.20 -59.08 29.82
N LEU Z 73 1.94 -59.06 30.25
CA LEU Z 73 1.56 -58.39 31.48
C LEU Z 73 1.24 -59.39 32.60
N ALA Z 74 1.68 -59.08 33.82
CA ALA Z 74 1.44 -59.94 34.97
C ALA Z 74 0.90 -59.14 36.15
N GLY Z 75 -0.40 -59.25 36.40
CA GLY Z 75 -0.94 -58.52 37.52
C GLY Z 75 -2.04 -57.57 37.14
N LEU Z 76 -1.94 -56.34 37.63
CA LEU Z 76 -2.94 -55.33 37.34
C LEU Z 76 -2.94 -54.95 35.86
N ALA Z 77 -4.03 -55.31 35.17
CA ALA Z 77 -4.14 -55.04 33.75
C ALA Z 77 -4.07 -53.56 33.36
N PRO Z 78 -4.94 -52.70 33.92
CA PRO Z 78 -4.92 -51.27 33.57
C PRO Z 78 -3.51 -50.75 33.45
N ASP Z 79 -2.72 -50.94 34.50
CA ASP Z 79 -1.39 -50.43 34.48
C ASP Z 79 -0.59 -50.95 33.30
N ALA Z 80 -0.84 -52.18 32.91
CA ALA Z 80 -0.12 -52.72 31.79
C ALA Z 80 -0.48 -51.89 30.58
N ARG Z 81 -1.77 -51.61 30.42
CA ARG Z 81 -2.20 -50.82 29.29
C ARG Z 81 -1.46 -49.52 29.35
N VAL Z 82 -1.56 -48.81 30.46
CA VAL Z 82 -0.88 -47.54 30.60
C VAL Z 82 0.57 -47.62 30.17
N LEU Z 83 1.34 -48.52 30.76
CA LEU Z 83 2.74 -48.61 30.38
C LEU Z 83 3.00 -49.02 28.94
N SER Z 84 2.26 -50.01 28.44
CA SER Z 84 2.46 -50.44 27.07
C SER Z 84 2.22 -49.25 26.15
N ASN Z 85 1.18 -48.48 26.46
CA ASN Z 85 0.85 -47.30 25.69
C ASN Z 85 2.09 -46.47 25.56
N TYR Z 86 2.66 -46.09 26.70
CA TYR Z 86 3.87 -45.27 26.73
C TYR Z 86 4.94 -45.87 25.86
N LEU Z 87 5.05 -47.19 25.88
CA LEU Z 87 6.05 -47.84 25.05
C LEU Z 87 5.69 -47.61 23.58
N ARG Z 88 4.43 -47.85 23.22
CA ARG Z 88 4.00 -47.65 21.85
C ARG Z 88 4.39 -46.22 21.43
N GLN Z 89 4.11 -45.24 22.28
CA GLN Z 89 4.47 -43.88 21.98
C GLN Z 89 5.95 -43.78 21.75
N GLN Z 90 6.75 -44.03 22.76
CA GLN Z 90 8.19 -43.89 22.56
C GLN Z 90 8.72 -44.66 21.36
N CYS Z 91 8.01 -45.70 20.95
CA CYS Z 91 8.43 -46.47 19.78
C CYS Z 91 8.16 -45.63 18.57
N ASN Z 92 6.94 -45.12 18.50
CA ASN Z 92 6.46 -44.29 17.41
C ASN Z 92 7.43 -43.16 17.21
N TYR Z 93 7.68 -42.44 18.29
CA TYR Z 93 8.56 -41.30 18.22
C TYR Z 93 9.86 -41.63 17.56
N SER Z 94 10.40 -42.80 17.80
CA SER Z 94 11.66 -43.15 17.15
C SER Z 94 11.51 -43.35 15.65
N SER Z 95 10.47 -44.07 15.22
CA SER Z 95 10.27 -44.29 13.80
C SER Z 95 10.06 -42.96 13.10
N LEU Z 96 9.09 -42.19 13.57
CA LEU Z 96 8.78 -40.92 12.97
C LEU Z 96 9.97 -40.00 12.94
N VAL Z 97 10.42 -39.61 14.11
CA VAL Z 97 11.50 -38.67 14.21
C VAL Z 97 12.89 -39.11 13.81
N PHE Z 98 13.20 -40.38 13.90
CA PHE Z 98 14.56 -40.82 13.53
C PHE Z 98 14.58 -41.97 12.50
N ASN Z 99 13.41 -42.42 12.08
CA ASN Z 99 13.28 -43.53 11.15
C ASN Z 99 14.16 -44.66 11.61
N ARG Z 100 14.19 -44.80 12.94
CA ARG Z 100 15.01 -45.78 13.63
C ARG Z 100 14.18 -46.62 14.57
N LYS Z 101 14.30 -47.92 14.44
CA LYS Z 101 13.56 -48.81 15.29
C LYS Z 101 14.19 -48.75 16.66
N LEU Z 102 13.37 -48.47 17.66
CA LEU Z 102 13.82 -48.32 19.03
C LEU Z 102 14.49 -49.54 19.62
N ALA Z 103 15.51 -49.27 20.40
CA ALA Z 103 16.31 -50.28 21.04
C ALA Z 103 15.67 -50.82 22.31
N VAL Z 104 15.57 -52.15 22.40
CA VAL Z 104 14.99 -52.78 23.58
C VAL Z 104 15.62 -52.26 24.86
N GLU Z 105 16.94 -52.29 24.88
CA GLU Z 105 17.69 -51.83 26.02
C GLU Z 105 17.28 -50.42 26.39
N ARG Z 106 16.84 -49.65 25.41
CA ARG Z 106 16.41 -48.29 25.68
C ARG Z 106 14.96 -48.29 26.08
N ALA Z 107 14.20 -49.25 25.57
CA ALA Z 107 12.80 -49.34 25.96
C ALA Z 107 12.82 -49.57 27.48
N GLY Z 108 13.72 -50.45 27.93
CA GLY Z 108 13.84 -50.72 29.34
C GLY Z 108 14.13 -49.43 30.06
N HIS Z 109 15.25 -48.81 29.71
CA HIS Z 109 15.68 -47.55 30.34
C HIS Z 109 14.52 -46.58 30.53
N LEU Z 110 13.55 -46.60 29.62
CA LEU Z 110 12.44 -45.70 29.76
C LEU Z 110 11.46 -46.22 30.78
N LEU Z 111 11.00 -47.46 30.60
CA LEU Z 111 10.05 -48.03 31.55
C LEU Z 111 10.54 -47.92 32.98
N CYS Z 112 11.82 -48.15 33.19
CA CYS Z 112 12.36 -48.02 34.52
C CYS Z 112 12.10 -46.59 34.95
N ASP Z 113 12.68 -45.64 34.22
CA ASP Z 113 12.53 -44.24 34.55
C ASP Z 113 11.11 -43.79 34.74
N LYS Z 114 10.17 -44.40 34.05
CA LYS Z 114 8.79 -43.98 34.22
C LYS Z 114 8.29 -44.45 35.57
N ALA Z 115 8.49 -45.72 35.87
CA ALA Z 115 8.06 -46.33 37.13
C ALA Z 115 8.67 -45.61 38.30
N GLN Z 116 9.94 -45.27 38.19
CA GLN Z 116 10.62 -44.57 39.23
C GLN Z 116 9.89 -43.31 39.62
N LYS Z 117 9.58 -42.44 38.68
CA LYS Z 117 8.87 -41.20 39.00
C LYS Z 117 7.70 -41.43 39.95
N ASN Z 118 7.06 -42.60 39.82
CA ASN Z 118 5.91 -42.97 40.64
C ASN Z 118 6.25 -43.61 41.98
N THR Z 119 7.49 -43.50 42.42
CA THR Z 119 7.88 -44.12 43.68
C THR Z 119 8.74 -43.14 44.44
N GLN Z 120 8.59 -41.87 44.13
CA GLN Z 120 9.36 -40.86 44.82
C GLN Z 120 8.46 -39.65 45.02
N SER Z 121 7.20 -39.77 44.60
CA SER Z 121 6.28 -38.66 44.73
C SER Z 121 5.01 -38.92 45.51
N TYR Z 122 4.66 -37.98 46.39
CA TYR Z 122 3.47 -38.02 47.22
C TYR Z 122 2.25 -38.09 46.33
N GLY Z 123 1.20 -38.76 46.81
CA GLY Z 123 -0.02 -38.87 46.01
C GLY Z 123 0.01 -39.99 44.99
N GLY Z 124 1.18 -40.37 44.49
CA GLY Z 124 1.27 -41.44 43.49
C GLY Z 124 0.97 -42.84 43.99
N ARG Z 125 1.34 -43.85 43.19
CA ARG Z 125 1.16 -45.26 43.55
C ARG Z 125 1.88 -46.07 42.50
N PRO Z 126 2.83 -46.92 42.93
CA PRO Z 126 3.59 -47.74 42.00
C PRO Z 126 2.68 -48.45 41.04
N TYR Z 127 3.23 -48.78 39.87
CA TYR Z 127 2.42 -49.48 38.92
C TYR Z 127 2.45 -50.87 39.48
N GLY Z 128 1.31 -51.53 39.47
CA GLY Z 128 1.22 -52.88 40.01
C GLY Z 128 1.07 -53.94 38.96
N VAL Z 129 2.13 -54.20 38.25
CA VAL Z 129 2.06 -55.21 37.23
C VAL Z 129 3.48 -55.45 36.84
N GLY Z 130 3.78 -56.70 36.56
CA GLY Z 130 5.13 -57.08 36.15
C GLY Z 130 5.08 -57.22 34.66
N LEU Z 131 6.22 -57.07 34.00
CA LEU Z 131 6.25 -57.17 32.55
C LEU Z 131 7.50 -57.80 32.00
N LEU Z 132 7.33 -58.51 30.89
CA LEU Z 132 8.45 -59.15 30.20
C LEU Z 132 8.38 -58.63 28.78
N ILE Z 133 9.50 -58.10 28.29
CA ILE Z 133 9.48 -57.53 26.97
C ILE Z 133 10.45 -58.22 26.09
N ILE Z 134 10.08 -58.37 24.82
CA ILE Z 134 10.91 -59.05 23.86
C ILE Z 134 10.95 -58.24 22.56
N GLY Z 135 11.93 -58.52 21.70
CA GLY Z 135 12.00 -57.79 20.44
C GLY Z 135 13.33 -57.96 19.72
N TYR Z 136 13.27 -57.96 18.39
CA TYR Z 136 14.48 -58.13 17.59
C TYR Z 136 14.96 -56.75 17.15
N ASP Z 137 16.24 -56.47 17.28
CA ASP Z 137 16.72 -55.18 16.86
C ASP Z 137 18.00 -55.26 16.04
N LYS Z 138 18.79 -54.21 16.08
CA LYS Z 138 20.02 -54.20 15.33
C LYS Z 138 21.09 -55.09 15.98
N SER Z 139 21.07 -55.19 17.29
CA SER Z 139 22.07 -56.02 17.97
C SER Z 139 21.62 -57.43 18.25
N GLY Z 140 20.47 -57.83 17.72
CA GLY Z 140 20.03 -59.19 17.95
C GLY Z 140 18.69 -59.36 18.62
N ALA Z 141 18.48 -60.50 19.25
CA ALA Z 141 17.21 -60.78 19.92
C ALA Z 141 17.31 -60.33 21.35
N HIS Z 142 16.18 -60.12 22.00
CA HIS Z 142 16.20 -59.64 23.38
C HIS Z 142 14.97 -59.94 24.21
N LEU Z 143 15.18 -59.91 25.52
CA LEU Z 143 14.17 -60.13 26.53
C LEU Z 143 14.52 -59.37 27.81
N LEU Z 144 13.54 -58.62 28.30
CA LEU Z 144 13.70 -57.80 29.48
C LEU Z 144 12.64 -58.11 30.51
N GLU Z 145 12.99 -58.00 31.79
CA GLU Z 145 12.04 -58.21 32.88
C GLU Z 145 11.89 -56.85 33.56
N PHE Z 146 10.65 -56.39 33.70
CA PHE Z 146 10.31 -55.13 34.33
C PHE Z 146 9.53 -55.31 35.64
N GLN Z 147 10.09 -54.80 36.73
CA GLN Z 147 9.45 -54.88 38.04
C GLN Z 147 9.14 -53.47 38.48
N PRO Z 148 7.90 -53.22 38.95
CA PRO Z 148 7.41 -51.93 39.41
C PRO Z 148 8.36 -51.14 40.28
N SER Z 149 9.23 -51.82 41.01
CA SER Z 149 10.19 -51.11 41.84
C SER Z 149 10.92 -50.17 40.92
N GLY Z 150 10.95 -50.57 39.66
CA GLY Z 150 11.61 -49.84 38.60
C GLY Z 150 12.83 -50.59 38.08
N ASN Z 151 13.07 -51.77 38.62
CA ASN Z 151 14.21 -52.56 38.21
C ASN Z 151 13.93 -53.31 36.94
N VAL Z 152 14.83 -53.15 35.99
CA VAL Z 152 14.73 -53.81 34.71
C VAL Z 152 16.02 -54.55 34.48
N THR Z 153 15.85 -55.81 34.14
CA THR Z 153 16.95 -56.71 33.92
C THR Z 153 16.72 -57.52 32.65
N GLU Z 154 17.73 -57.49 31.78
CA GLU Z 154 17.73 -58.20 30.51
C GLU Z 154 18.22 -59.58 30.89
N LEU Z 155 17.45 -60.58 30.52
CA LEU Z 155 17.78 -61.96 30.88
C LEU Z 155 17.83 -62.78 29.62
N TYR Z 156 18.18 -64.08 29.74
CA TYR Z 156 18.18 -65.01 28.59
C TYR Z 156 16.74 -65.57 28.48
N GLY Z 157 16.04 -65.55 29.62
CA GLY Z 157 14.67 -66.02 29.71
C GLY Z 157 14.26 -65.78 31.17
N THR Z 158 13.03 -66.13 31.53
CA THR Z 158 12.54 -65.96 32.90
C THR Z 158 11.04 -66.09 32.87
N ALA Z 159 10.42 -65.82 34.01
CA ALA Z 159 8.98 -65.88 34.15
C ALA Z 159 8.57 -65.14 35.42
N ILE Z 160 7.29 -64.77 35.49
CA ILE Z 160 6.78 -64.05 36.64
C ILE Z 160 5.33 -64.41 36.90
N GLY Z 161 4.89 -64.23 38.14
CA GLY Z 161 3.53 -64.56 38.51
C GLY Z 161 3.51 -65.65 39.58
N ALA Z 162 2.32 -66.13 39.91
CA ALA Z 162 2.18 -67.15 40.93
C ALA Z 162 2.90 -68.43 40.51
N ARG Z 163 3.80 -68.91 41.40
CA ARG Z 163 4.56 -70.13 41.17
C ARG Z 163 5.68 -70.00 40.16
N SER Z 164 5.93 -68.79 39.72
CA SER Z 164 6.99 -68.54 38.77
C SER Z 164 8.28 -69.31 39.09
N GLN Z 165 8.73 -69.22 40.36
CA GLN Z 165 9.98 -69.85 40.81
C GLN Z 165 10.17 -71.26 40.28
N GLY Z 166 9.07 -71.90 39.90
CA GLY Z 166 9.14 -73.24 39.35
C GLY Z 166 9.86 -73.18 38.03
N ALA Z 167 9.20 -72.59 37.03
CA ALA Z 167 9.75 -72.44 35.70
C ALA Z 167 11.08 -71.71 35.72
N LYS Z 168 11.21 -70.74 36.61
CA LYS Z 168 12.47 -70.01 36.70
C LYS Z 168 13.66 -70.99 36.86
N THR Z 169 13.43 -72.15 37.51
CA THR Z 169 14.51 -73.15 37.66
C THR Z 169 14.68 -73.98 36.39
N TYR Z 170 13.58 -74.44 35.81
CA TYR Z 170 13.64 -75.25 34.59
C TYR Z 170 14.59 -74.60 33.59
N LEU Z 171 14.32 -73.34 33.28
CA LEU Z 171 15.18 -72.61 32.36
C LEU Z 171 16.59 -72.56 32.93
N GLU Z 172 16.71 -72.20 34.21
CA GLU Z 172 18.01 -72.11 34.88
C GLU Z 172 18.84 -73.34 34.54
N ARG Z 173 18.15 -74.42 34.18
CA ARG Z 173 18.79 -75.67 33.80
C ARG Z 173 18.88 -75.75 32.28
N THR Z 174 17.76 -75.50 31.60
CA THR Z 174 17.64 -75.58 30.14
C THR Z 174 18.41 -74.56 29.28
N LEU Z 175 19.11 -73.63 29.91
CA LEU Z 175 19.90 -72.60 29.22
C LEU Z 175 20.76 -73.13 28.06
N ASP Z 176 21.81 -73.87 28.40
CA ASP Z 176 22.72 -74.41 27.38
C ASP Z 176 21.96 -75.05 26.22
N THR Z 177 20.74 -75.51 26.45
CA THR Z 177 19.95 -76.13 25.41
C THR Z 177 19.31 -75.17 24.42
N PHE Z 178 18.55 -74.19 24.90
CA PHE Z 178 17.87 -73.27 23.99
C PHE Z 178 18.67 -72.16 23.32
N ILE Z 179 19.70 -71.67 23.99
CA ILE Z 179 20.54 -70.59 23.44
C ILE Z 179 21.14 -71.01 22.10
N LYS Z 180 20.82 -72.22 21.66
CA LYS Z 180 21.31 -72.75 20.40
C LYS Z 180 20.17 -73.16 19.45
N ILE Z 181 18.96 -72.64 19.68
CA ILE Z 181 17.84 -72.96 18.80
C ILE Z 181 17.66 -71.86 17.73
N ASP Z 182 18.64 -71.73 16.87
CA ASP Z 182 18.62 -70.73 15.82
C ASP Z 182 18.01 -71.30 14.53
N GLY Z 183 17.24 -70.48 13.83
CA GLY Z 183 16.66 -70.96 12.59
C GLY Z 183 15.41 -71.81 12.77
N ASN Z 184 15.23 -72.37 13.96
CA ASN Z 184 14.04 -73.16 14.20
C ASN Z 184 13.10 -72.40 15.13
N PRO Z 185 11.95 -71.96 14.60
CA PRO Z 185 10.95 -71.21 15.36
C PRO Z 185 10.11 -72.10 16.27
N ASP Z 186 9.34 -73.01 15.69
CA ASP Z 186 8.48 -73.91 16.46
C ASP Z 186 9.14 -74.54 17.70
N GLU Z 187 10.44 -74.85 17.61
CA GLU Z 187 11.16 -75.44 18.76
C GLU Z 187 11.13 -74.49 19.97
N LEU Z 188 11.49 -73.22 19.75
CA LEU Z 188 11.50 -72.21 20.83
C LEU Z 188 10.16 -72.12 21.55
N ILE Z 189 9.08 -72.01 20.79
CA ILE Z 189 7.75 -71.96 21.39
C ILE Z 189 7.50 -73.19 22.25
N LYS Z 190 7.78 -74.37 21.69
CA LYS Z 190 7.59 -75.64 22.42
C LYS Z 190 8.34 -75.50 23.74
N ALA Z 191 9.62 -75.15 23.62
CA ALA Z 191 10.49 -74.95 24.78
C ALA Z 191 9.79 -73.99 25.71
N GLY Z 192 9.14 -72.99 25.14
CA GLY Z 192 8.42 -72.04 25.94
C GLY Z 192 7.47 -72.77 26.85
N VAL Z 193 6.55 -73.51 26.25
CA VAL Z 193 5.55 -74.24 27.02
C VAL Z 193 6.11 -75.16 28.15
N GLU Z 194 7.09 -75.99 27.83
CA GLU Z 194 7.67 -76.92 28.81
C GLU Z 194 7.89 -76.15 30.12
N ALA Z 195 8.61 -75.05 30.03
CA ALA Z 195 8.90 -74.22 31.21
C ALA Z 195 7.63 -73.71 31.87
N ILE Z 196 6.64 -73.33 31.10
CA ILE Z 196 5.43 -72.86 31.72
C ILE Z 196 4.79 -73.98 32.49
N SER Z 197 4.85 -75.19 31.94
CA SER Z 197 4.25 -76.33 32.62
C SER Z 197 4.92 -76.71 33.95
N GLN Z 198 6.13 -76.21 34.21
CA GLN Z 198 6.80 -76.50 35.47
C GLN Z 198 6.46 -75.42 36.52
N SER Z 199 5.25 -74.88 36.40
CA SER Z 199 4.71 -73.88 37.33
C SER Z 199 3.18 -73.94 37.32
N LEU Z 200 2.65 -75.08 36.89
CA LEU Z 200 1.21 -75.32 36.85
C LEU Z 200 0.78 -75.99 38.17
N ARG Z 201 -0.50 -76.38 38.28
CA ARG Z 201 -0.99 -77.01 39.51
C ARG Z 201 -2.49 -77.27 39.38
N ASP Z 202 -3.26 -76.18 39.19
CA ASP Z 202 -4.73 -76.18 39.08
C ASP Z 202 -5.34 -77.13 38.04
N GLU Z 203 -4.81 -77.10 36.83
CA GLU Z 203 -5.29 -77.93 35.74
C GLU Z 203 -4.15 -78.04 34.74
N SER Z 204 -4.47 -78.47 33.52
CA SER Z 204 -3.48 -78.59 32.46
C SER Z 204 -3.87 -77.49 31.46
N LEU Z 205 -2.89 -76.95 30.73
CA LEU Z 205 -3.15 -75.86 29.76
C LEU Z 205 -4.04 -76.20 28.56
N THR Z 206 -4.90 -75.26 28.19
CA THR Z 206 -5.83 -75.47 27.07
C THR Z 206 -5.81 -74.40 25.95
N VAL Z 207 -6.68 -74.59 24.96
CA VAL Z 207 -6.79 -73.70 23.79
C VAL Z 207 -7.39 -72.32 24.07
N ASP Z 208 -8.01 -72.12 25.23
CA ASP Z 208 -8.56 -70.80 25.54
C ASP Z 208 -7.67 -70.14 26.58
N ASN Z 209 -6.90 -70.98 27.26
CA ASN Z 209 -5.97 -70.58 28.31
C ASN Z 209 -4.74 -69.86 27.74
N LEU Z 210 -4.13 -70.52 26.76
CA LEU Z 210 -2.90 -70.04 26.14
C LEU Z 210 -2.96 -68.84 25.22
N SER Z 211 -1.82 -68.17 25.11
CA SER Z 211 -1.63 -66.99 24.28
C SER Z 211 -0.12 -66.94 24.02
N ILE Z 212 0.28 -66.72 22.76
CA ILE Z 212 1.71 -66.66 22.39
C ILE Z 212 2.07 -65.60 21.37
N ALA Z 213 3.23 -64.99 21.58
CA ALA Z 213 3.75 -63.96 20.71
C ALA Z 213 5.21 -64.28 20.43
N ILE Z 214 5.63 -64.02 19.19
CA ILE Z 214 6.98 -64.30 18.76
C ILE Z 214 7.51 -63.20 17.84
N VAL Z 215 8.83 -63.01 17.83
CA VAL Z 215 9.47 -61.97 17.02
C VAL Z 215 10.90 -62.37 16.61
N GLY Z 216 11.44 -61.81 15.51
CA GLY Z 216 12.80 -62.14 15.13
C GLY Z 216 13.13 -62.02 13.65
N LYS Z 217 14.43 -62.13 13.34
CA LYS Z 217 14.98 -62.04 11.99
C LYS Z 217 13.99 -61.81 10.85
N ASP Z 218 13.22 -62.84 10.51
CA ASP Z 218 12.27 -62.69 9.42
C ASP Z 218 10.88 -62.99 9.92
N THR Z 219 10.55 -62.36 11.03
CA THR Z 219 9.26 -62.55 11.63
C THR Z 219 8.85 -61.35 12.47
N PRO Z 220 7.73 -60.73 12.10
CA PRO Z 220 7.21 -59.58 12.82
C PRO Z 220 6.43 -60.06 14.03
N PHE Z 221 6.66 -59.42 15.18
CA PHE Z 221 5.97 -59.75 16.41
C PHE Z 221 4.51 -60.00 16.07
N THR Z 222 4.04 -61.21 16.31
CA THR Z 222 2.65 -61.56 16.00
C THR Z 222 1.97 -62.35 17.13
N ILE Z 223 0.72 -62.00 17.39
CA ILE Z 223 -0.05 -62.63 18.45
C ILE Z 223 -0.98 -63.72 17.99
N TYR Z 224 -0.56 -64.94 18.28
CA TYR Z 224 -1.30 -66.14 17.94
C TYR Z 224 -2.16 -66.47 19.16
N ASP Z 225 -3.47 -66.35 18.99
CA ASP Z 225 -4.45 -66.60 20.05
C ASP Z 225 -5.29 -67.81 19.68
N GLY Z 226 -5.65 -68.57 20.70
CA GLY Z 226 -6.49 -69.74 20.56
C GLY Z 226 -6.30 -70.71 19.41
N GLU Z 227 -7.33 -70.77 18.57
CA GLU Z 227 -7.37 -71.66 17.41
C GLU Z 227 -6.02 -72.12 16.91
N ALA Z 228 -5.15 -71.16 16.63
CA ALA Z 228 -3.83 -71.44 16.09
C ALA Z 228 -2.79 -72.12 16.97
N VAL Z 229 -2.93 -72.09 18.29
CA VAL Z 229 -1.91 -72.70 19.15
C VAL Z 229 -2.04 -74.20 19.38
N ALA Z 230 -3.21 -74.73 19.01
CA ALA Z 230 -3.51 -76.14 19.19
C ALA Z 230 -2.29 -77.06 19.03
N LYS Z 231 -1.52 -76.83 17.96
CA LYS Z 231 -0.35 -77.64 17.65
C LYS Z 231 0.82 -77.62 18.65
N TYR Z 232 0.59 -77.18 19.89
CA TYR Z 232 1.68 -77.12 20.87
C TYR Z 232 1.56 -77.80 22.27
N ILE Z 233 0.49 -78.52 22.55
CA ILE Z 233 0.31 -79.16 23.87
C ILE Z 233 1.01 -80.51 24.12
N GLY AA 1 6.53 -36.32 72.48
CA GLY AA 1 5.90 -37.36 71.62
C GLY AA 1 6.97 -37.92 70.70
N THR AA 2 6.56 -38.63 69.66
CA THR AA 2 7.51 -39.21 68.70
C THR AA 2 7.06 -38.83 67.29
N GLY AA 3 7.02 -39.78 66.37
CA GLY AA 3 6.57 -39.50 65.01
C GLY AA 3 7.53 -38.68 64.17
N TYR AA 4 8.56 -38.13 64.80
CA TYR AA 4 9.54 -37.33 64.10
C TYR AA 4 10.21 -38.04 62.95
N ASP AA 5 9.79 -39.27 62.64
CA ASP AA 5 10.42 -39.98 61.55
C ASP AA 5 9.41 -40.47 60.55
N LEU AA 6 8.27 -39.83 60.49
CA LEU AA 6 7.27 -40.24 59.54
C LEU AA 6 7.21 -39.29 58.38
N SER AA 7 7.76 -38.11 58.54
CA SER AA 7 7.74 -37.13 57.47
C SER AA 7 9.10 -36.58 57.20
N ASN AA 8 9.42 -36.48 55.92
CA ASN AA 8 10.69 -36.04 55.47
C ASN AA 8 11.32 -34.80 56.06
N SER AA 9 10.86 -33.62 55.71
CA SER AA 9 11.55 -32.44 56.20
C SER AA 9 11.57 -32.18 57.69
N VAL AA 10 10.98 -33.04 58.50
CA VAL AA 10 10.90 -32.77 59.93
C VAL AA 10 12.16 -33.00 60.75
N PHE AA 11 12.52 -32.02 61.55
CA PHE AA 11 13.68 -32.14 62.40
C PHE AA 11 13.30 -32.91 63.64
N SER AA 12 14.22 -33.77 64.10
CA SER AA 12 14.04 -34.57 65.31
C SER AA 12 14.42 -33.62 66.44
N PRO AA 13 14.15 -33.98 67.70
CA PRO AA 13 14.56 -32.98 68.68
C PRO AA 13 16.07 -32.84 68.80
N ASP AA 14 16.81 -33.59 68.00
CA ASP AA 14 18.26 -33.51 68.05
C ASP AA 14 18.90 -33.02 66.76
N GLY AA 15 18.13 -32.27 65.98
CA GLY AA 15 18.63 -31.71 64.73
C GLY AA 15 18.89 -32.62 63.54
N ARG AA 16 18.57 -33.89 63.68
CA ARG AA 16 18.80 -34.83 62.60
C ARG AA 16 17.51 -34.94 61.83
N ASN AA 17 17.61 -35.44 60.61
CA ASN AA 17 16.45 -35.63 59.75
C ASN AA 17 16.33 -37.13 59.60
N PHE AA 18 15.38 -37.73 60.29
CA PHE AA 18 15.27 -39.17 60.25
C PHE AA 18 15.07 -39.85 58.91
N GLN AA 19 14.11 -39.42 58.13
CA GLN AA 19 13.88 -40.07 56.84
C GLN AA 19 15.10 -40.19 55.94
N VAL AA 20 16.02 -39.24 56.04
CA VAL AA 20 17.25 -39.28 55.26
C VAL AA 20 18.13 -40.43 55.71
N GLU AA 21 18.30 -40.56 57.03
CA GLU AA 21 19.12 -41.61 57.61
C GLU AA 21 18.53 -42.94 57.26
N TYR AA 22 17.22 -43.02 57.22
CA TYR AA 22 16.59 -44.27 56.86
C TYR AA 22 17.00 -44.61 55.47
N ALA AA 23 17.09 -43.57 54.64
CA ALA AA 23 17.49 -43.75 53.25
C ALA AA 23 18.85 -44.39 53.15
N VAL AA 24 19.81 -43.84 53.89
CA VAL AA 24 21.15 -44.40 53.89
C VAL AA 24 21.04 -45.89 54.11
N LYS AA 25 20.12 -46.32 54.95
CA LYS AA 25 20.00 -47.74 55.15
C LYS AA 25 19.74 -48.46 53.80
N ALA AA 26 18.79 -47.98 53.01
CA ALA AA 26 18.47 -48.63 51.72
C ALA AA 26 19.72 -48.76 50.86
N VAL AA 27 20.67 -47.86 51.09
CA VAL AA 27 21.92 -47.90 50.38
C VAL AA 27 22.74 -49.06 50.92
N GLU AA 28 22.97 -49.04 52.22
CA GLU AA 28 23.75 -50.08 52.87
C GLU AA 28 23.29 -51.47 52.47
N ASN AA 29 21.99 -51.72 52.37
CA ASN AA 29 21.51 -53.06 51.98
C ASN AA 29 21.74 -53.26 50.49
N GLY AA 30 22.71 -52.56 49.92
CA GLY AA 30 22.96 -52.68 48.50
C GLY AA 30 24.40 -52.88 48.06
N THR AA 31 24.50 -53.31 46.81
CA THR AA 31 25.75 -53.61 46.11
C THR AA 31 26.80 -52.55 46.34
N THR AA 32 28.05 -52.94 46.23
CA THR AA 32 29.10 -51.96 46.44
C THR AA 32 29.64 -51.42 45.13
N SER AA 33 30.42 -50.36 45.24
CA SER AA 33 31.03 -49.70 44.11
C SER AA 33 31.99 -48.69 44.67
N ILE AA 34 32.97 -48.28 43.89
CA ILE AA 34 33.96 -47.35 44.40
C ILE AA 34 34.55 -46.51 43.31
N GLY AA 35 35.51 -45.68 43.70
CA GLY AA 35 36.18 -44.81 42.75
C GLY AA 35 37.55 -44.40 43.26
N ILE AA 36 38.49 -44.22 42.35
CA ILE AA 36 39.87 -43.86 42.70
C ILE AA 36 40.43 -42.75 41.80
N LYS AA 37 40.86 -41.65 42.38
CA LYS AA 37 41.41 -40.55 41.56
C LYS AA 37 42.88 -40.85 41.32
N CYS AA 38 43.39 -40.52 40.13
CA CYS AA 38 44.80 -40.76 39.79
C CYS AA 38 45.56 -39.49 39.38
N ASN AA 39 46.78 -39.62 38.87
CA ASN AA 39 47.59 -38.45 38.50
C ASN AA 39 47.08 -37.64 37.31
N ASP AA 40 46.15 -38.21 36.55
CA ASP AA 40 45.57 -37.55 35.39
C ASP AA 40 44.23 -38.18 34.98
N GLY AA 41 43.47 -38.66 35.95
CA GLY AA 41 42.19 -39.27 35.65
C GLY AA 41 41.54 -39.89 36.86
N VAL AA 42 40.50 -40.68 36.63
CA VAL AA 42 39.78 -41.38 37.68
C VAL AA 42 39.26 -42.68 37.10
N VAL AA 43 38.92 -43.62 37.99
CA VAL AA 43 38.40 -44.92 37.59
C VAL AA 43 37.24 -45.30 38.47
N PHE AA 44 36.25 -45.93 37.88
CA PHE AA 44 35.06 -46.33 38.57
C PHE AA 44 34.83 -47.79 38.37
N ALA AA 45 34.20 -48.41 39.36
CA ALA AA 45 33.89 -49.83 39.30
C ALA AA 45 32.76 -50.16 40.26
N VAL AA 46 32.05 -51.25 39.99
CA VAL AA 46 30.95 -51.67 40.83
C VAL AA 46 30.67 -53.17 40.73
N GLU AA 47 30.06 -53.72 41.77
CA GLU AA 47 29.72 -55.12 41.81
C GLU AA 47 28.33 -55.36 41.18
N LYS AA 48 28.15 -56.44 40.44
CA LYS AA 48 26.84 -56.72 39.86
C LYS AA 48 26.40 -58.10 40.33
N LEU AA 49 25.46 -58.16 41.25
CA LEU AA 49 25.01 -59.47 41.73
C LEU AA 49 24.26 -60.30 40.71
N ILE AA 50 24.85 -61.45 40.41
CA ILE AA 50 24.29 -62.39 39.48
C ILE AA 50 23.17 -63.11 40.19
N THR AA 51 22.03 -62.44 40.32
CA THR AA 51 20.85 -63.02 41.00
C THR AA 51 20.60 -64.49 40.63
N SER AA 52 21.01 -64.86 39.41
CA SER AA 52 20.84 -66.21 38.87
C SER AA 52 21.68 -66.32 37.59
N LYS AA 53 21.79 -67.54 37.04
CA LYS AA 53 22.57 -67.78 35.83
C LYS AA 53 21.89 -67.30 34.55
N LEU AA 54 20.67 -66.78 34.68
CA LEU AA 54 19.90 -66.29 33.53
C LEU AA 54 20.26 -64.89 33.04
N LEU AA 55 21.01 -64.16 33.85
CA LEU AA 55 21.42 -62.84 33.47
C LEU AA 55 22.35 -63.05 32.30
N VAL AA 56 22.26 -62.18 31.31
CA VAL AA 56 23.15 -62.30 30.18
C VAL AA 56 24.41 -61.56 30.54
N PRO AA 57 25.54 -62.25 30.45
CA PRO AA 57 26.87 -61.71 30.77
C PRO AA 57 27.16 -60.36 30.09
N GLN AA 58 27.77 -59.44 30.84
CA GLN AA 58 28.15 -58.12 30.33
C GLN AA 58 27.05 -57.22 29.73
N LYS AA 59 25.78 -57.46 30.05
CA LYS AA 59 24.73 -56.65 29.48
C LYS AA 59 24.00 -55.59 30.33
N ASN AA 60 23.49 -55.95 31.48
CA ASN AA 60 22.76 -55.00 32.32
C ASN AA 60 23.71 -54.02 32.91
N VAL AA 61 24.34 -53.20 32.08
CA VAL AA 61 25.30 -52.25 32.56
C VAL AA 61 24.69 -51.39 33.62
N LYS AA 62 25.53 -50.83 34.47
CA LYS AA 62 25.02 -50.03 35.55
C LYS AA 62 25.73 -48.70 35.68
N ILE AA 63 26.97 -48.63 35.23
CA ILE AA 63 27.71 -47.37 35.34
C ILE AA 63 27.14 -46.46 34.27
N GLN AA 64 27.20 -45.16 34.47
CA GLN AA 64 26.67 -44.28 33.46
C GLN AA 64 27.56 -43.12 33.17
N VAL AA 65 27.30 -42.47 32.05
CA VAL AA 65 28.09 -41.33 31.67
C VAL AA 65 27.22 -40.11 31.53
N VAL AA 66 27.87 -38.96 31.62
CA VAL AA 66 27.22 -37.68 31.52
C VAL AA 66 28.04 -36.90 30.51
N ASP AA 67 27.37 -36.24 29.56
CA ASP AA 67 28.09 -35.45 28.58
C ASP AA 67 28.96 -36.51 27.89
N ARG AA 68 30.26 -36.30 27.88
CA ARG AA 68 31.14 -37.27 27.28
C ARG AA 68 32.40 -37.45 28.16
N HIS AA 69 32.50 -36.66 29.22
CA HIS AA 69 33.66 -36.71 30.10
C HIS AA 69 33.34 -36.95 31.56
N ILE AA 70 32.24 -37.61 31.86
CA ILE AA 70 31.86 -37.87 33.25
C ILE AA 70 31.27 -39.24 33.41
N GLY AA 71 31.71 -39.93 34.45
CA GLY AA 71 31.22 -41.27 34.74
C GLY AA 71 30.52 -41.21 36.06
N CYS AA 72 29.46 -42.00 36.22
CA CYS AA 72 28.69 -41.99 37.44
C CYS AA 72 28.33 -43.40 37.83
N VAL AA 73 28.47 -43.68 39.11
CA VAL AA 73 28.12 -44.97 39.63
C VAL AA 73 27.53 -44.76 41.02
N TYR AA 74 26.53 -45.55 41.35
CA TYR AA 74 25.85 -45.40 42.61
C TYR AA 74 25.45 -46.75 43.18
N SER AA 75 25.24 -46.78 44.48
CA SER AA 75 24.83 -48.00 45.17
C SER AA 75 23.47 -47.84 45.78
N GLY AA 76 22.68 -48.90 45.74
CA GLY AA 76 21.38 -48.82 46.36
C GLY AA 76 20.22 -49.12 45.48
N LEU AA 77 19.27 -48.20 45.50
CA LEU AA 77 18.09 -48.28 44.70
C LEU AA 77 18.51 -47.84 43.34
N ILE AA 78 18.81 -48.83 42.50
CA ILE AA 78 19.25 -48.56 41.15
C ILE AA 78 18.46 -47.46 40.44
N PRO AA 79 17.15 -47.63 40.25
CA PRO AA 79 16.39 -46.59 39.58
C PRO AA 79 16.73 -45.18 40.05
N ASP AA 80 16.60 -44.90 41.34
CA ASP AA 80 16.89 -43.55 41.84
C ASP AA 80 18.20 -43.00 41.31
N GLY AA 81 19.10 -43.89 40.96
CA GLY AA 81 20.36 -43.45 40.42
C GLY AA 81 20.09 -42.96 39.03
N ARG AA 82 19.38 -43.77 38.25
CA ARG AA 82 19.05 -43.41 36.88
C ARG AA 82 18.43 -42.02 36.83
N HIS AA 83 17.39 -41.82 37.64
CA HIS AA 83 16.72 -40.56 37.71
C HIS AA 83 17.74 -39.49 37.99
N LEU AA 84 18.63 -39.73 38.91
CA LEU AA 84 19.64 -38.75 39.24
C LEU AA 84 20.48 -38.40 38.01
N VAL AA 85 20.88 -39.44 37.28
CA VAL AA 85 21.69 -39.21 36.10
C VAL AA 85 20.93 -38.36 35.09
N ASN AA 86 19.67 -38.69 34.81
CA ASN AA 86 18.90 -37.90 33.88
C ASN AA 86 19.01 -36.43 34.17
N ARG AA 87 18.67 -36.02 35.38
CA ARG AA 87 18.78 -34.61 35.72
C ARG AA 87 20.19 -34.11 35.46
N GLY AA 88 21.16 -34.92 35.83
CA GLY AA 88 22.54 -34.52 35.60
C GLY AA 88 22.73 -34.17 34.15
N ARG AA 89 22.29 -35.07 33.28
CA ARG AA 89 22.40 -34.87 31.86
C ARG AA 89 21.75 -33.54 31.47
N GLU AA 90 20.51 -33.33 31.90
CA GLU AA 90 19.78 -32.10 31.61
C GLU AA 90 20.59 -30.92 32.09
N GLU AA 91 21.06 -31.04 33.32
CA GLU AA 91 21.81 -29.99 33.92
C GLU AA 91 23.14 -29.83 33.22
N ALA AA 92 23.64 -30.88 32.61
CA ALA AA 92 24.92 -30.79 31.92
C ALA AA 92 24.78 -30.05 30.58
N ALA AA 93 23.78 -30.47 29.81
CA ALA AA 93 23.48 -29.83 28.54
C ALA AA 93 23.26 -28.35 28.83
N SER AA 94 22.32 -28.02 29.70
CA SER AA 94 22.06 -26.64 30.03
C SER AA 94 23.32 -25.85 30.28
N PHE AA 95 24.43 -26.51 30.56
CA PHE AA 95 25.67 -25.78 30.81
C PHE AA 95 26.50 -25.51 29.57
N LYS AA 96 26.64 -26.51 28.73
CA LYS AA 96 27.38 -26.36 27.49
C LYS AA 96 26.64 -25.35 26.60
N LYS AA 97 25.36 -25.58 26.33
CA LYS AA 97 24.54 -24.70 25.51
C LYS AA 97 24.77 -23.22 25.85
N LEU AA 98 24.85 -22.87 27.11
CA LEU AA 98 25.05 -21.48 27.44
C LEU AA 98 26.49 -21.09 27.65
N TYR AA 99 27.41 -22.05 27.71
CA TYR AA 99 28.81 -21.71 27.92
C TYR AA 99 29.86 -22.35 27.01
N LYS AA 100 29.40 -23.19 26.10
CA LYS AA 100 30.21 -23.93 25.12
C LYS AA 100 31.13 -25.02 25.67
N THR AA 101 31.89 -24.69 26.70
CA THR AA 101 32.81 -25.63 27.28
C THR AA 101 32.06 -26.66 28.07
N PRO AA 102 32.39 -27.95 27.92
CA PRO AA 102 31.68 -28.97 28.69
C PRO AA 102 31.91 -28.67 30.17
N ILE AA 103 30.87 -28.90 30.95
CA ILE AA 103 30.84 -28.59 32.37
C ILE AA 103 31.92 -29.12 33.29
N PRO AA 104 32.50 -28.24 34.12
CA PRO AA 104 33.55 -28.49 35.09
C PRO AA 104 32.99 -29.37 36.18
N ILE AA 105 33.79 -30.31 36.65
CA ILE AA 105 33.31 -31.23 37.66
C ILE AA 105 32.78 -30.56 38.89
N PRO AA 106 33.60 -29.80 39.60
CA PRO AA 106 33.08 -29.16 40.80
C PRO AA 106 31.68 -28.61 40.55
N ALA AA 107 31.49 -28.01 39.39
CA ALA AA 107 30.19 -27.46 39.01
C ALA AA 107 29.18 -28.59 38.94
N PHE AA 108 29.46 -29.58 38.13
CA PHE AA 108 28.53 -30.70 38.00
C PHE AA 108 28.12 -31.27 39.31
N ALA AA 109 29.06 -31.35 40.23
CA ALA AA 109 28.79 -31.90 41.52
C ALA AA 109 27.73 -31.09 42.20
N ASP AA 110 28.05 -29.82 42.47
CA ASP AA 110 27.11 -28.94 43.14
C ASP AA 110 25.75 -29.00 42.50
N ARG AA 111 25.75 -29.07 41.18
CA ARG AA 111 24.51 -29.16 40.45
C ARG AA 111 23.76 -30.39 40.95
N LEU AA 112 24.47 -31.51 41.09
CA LEU AA 112 23.86 -32.72 41.60
C LEU AA 112 23.55 -32.55 43.08
N GLY AA 113 24.37 -31.79 43.77
CA GLY AA 113 24.15 -31.58 45.17
C GLY AA 113 22.80 -30.96 45.38
N GLN AA 114 22.69 -29.70 44.99
CA GLN AA 114 21.49 -28.92 45.14
C GLN AA 114 20.21 -29.65 44.76
N TYR AA 115 20.23 -30.42 43.69
CA TYR AA 115 19.03 -31.12 43.30
C TYR AA 115 18.64 -32.09 44.40
N VAL AA 116 19.63 -32.84 44.85
CA VAL AA 116 19.41 -33.85 45.87
C VAL AA 116 18.98 -33.22 47.15
N GLN AA 117 19.74 -32.23 47.59
CA GLN AA 117 19.48 -31.51 48.82
C GLN AA 117 18.05 -31.03 48.81
N ALA AA 118 17.58 -30.67 47.63
CA ALA AA 118 16.23 -30.19 47.45
C ALA AA 118 15.20 -31.24 47.83
N HIS AA 119 15.58 -32.50 47.79
CA HIS AA 119 14.66 -33.57 48.16
C HIS AA 119 14.66 -33.91 49.66
N THR AA 120 15.11 -32.99 50.51
CA THR AA 120 15.10 -33.21 51.94
C THR AA 120 14.52 -31.94 52.51
N LEU AA 121 13.81 -31.20 51.66
CA LEU AA 121 13.22 -29.91 52.01
C LEU AA 121 11.70 -29.84 52.10
N TYR AA 122 10.99 -30.83 51.58
CA TYR AA 122 9.53 -30.81 51.58
C TYR AA 122 9.04 -32.22 51.90
N ASN AA 123 7.93 -32.36 52.61
CA ASN AA 123 7.48 -33.70 52.95
C ASN AA 123 6.81 -34.43 51.84
N SER AA 124 6.70 -33.82 50.68
CA SER AA 124 6.03 -34.48 49.59
C SER AA 124 6.92 -35.34 48.74
N VAL AA 125 8.18 -35.51 49.14
CA VAL AA 125 9.11 -36.30 48.36
C VAL AA 125 10.10 -37.03 49.27
N ARG AA 126 10.64 -38.16 48.83
CA ARG AA 126 11.59 -38.87 49.67
C ARG AA 126 12.99 -38.64 49.18
N PRO AA 127 13.98 -38.76 50.05
CA PRO AA 127 15.33 -38.55 49.58
C PRO AA 127 15.73 -39.67 48.65
N PHE AA 128 16.88 -39.54 48.02
CA PHE AA 128 17.36 -40.55 47.10
C PHE AA 128 17.97 -41.76 47.79
N GLY AA 129 17.48 -42.94 47.39
CA GLY AA 129 17.96 -44.18 47.95
C GLY AA 129 19.26 -44.70 47.35
N VAL AA 130 20.23 -43.81 47.13
CA VAL AA 130 21.53 -44.20 46.58
C VAL AA 130 22.54 -43.14 46.96
N SER AA 131 23.81 -43.52 46.94
CA SER AA 131 24.93 -42.61 47.19
C SER AA 131 25.63 -42.69 45.85
N THR AA 132 26.23 -41.61 45.38
CA THR AA 132 26.86 -41.69 44.08
C THR AA 132 28.28 -41.21 44.01
N ILE AA 133 29.04 -41.98 43.23
CA ILE AA 133 30.46 -41.78 43.00
C ILE AA 133 30.56 -41.37 41.53
N PHE AA 134 31.11 -40.19 41.28
CA PHE AA 134 31.20 -39.70 39.92
C PHE AA 134 32.41 -38.79 39.81
N GLY AA 135 32.87 -38.56 38.59
CA GLY AA 135 34.03 -37.72 38.38
C GLY AA 135 34.50 -37.79 36.94
N GLY AA 136 35.61 -37.10 36.63
CA GLY AA 136 36.14 -37.09 35.28
C GLY AA 136 37.25 -36.07 35.12
N VAL AA 137 37.45 -35.58 33.89
CA VAL AA 137 38.54 -34.63 33.63
C VAL AA 137 38.15 -33.23 33.13
N ASP AA 138 38.86 -32.20 33.59
CA ASP AA 138 38.59 -30.85 33.15
C ASP AA 138 39.79 -29.94 33.07
N LYS AA 139 39.54 -28.74 32.54
CA LYS AA 139 40.55 -27.71 32.34
C LYS AA 139 41.69 -27.72 33.33
N ASN AA 140 41.41 -27.97 34.60
CA ASN AA 140 42.49 -27.98 35.56
C ASN AA 140 42.47 -29.12 36.54
N GLY AA 141 42.79 -30.31 36.03
CA GLY AA 141 42.86 -31.48 36.89
C GLY AA 141 41.77 -32.51 36.71
N ALA AA 142 41.86 -33.56 37.51
CA ALA AA 142 40.88 -34.64 37.54
C ALA AA 142 40.12 -34.40 38.82
N HIS AA 143 38.92 -34.92 38.92
CA HIS AA 143 38.14 -34.70 40.12
C HIS AA 143 37.27 -35.92 40.39
N LEU AA 144 37.18 -36.31 41.66
CA LEU AA 144 36.38 -37.46 42.10
C LEU AA 144 35.48 -37.01 43.25
N TYR AA 145 34.20 -37.35 43.20
CA TYR AA 145 33.24 -36.93 44.22
C TYR AA 145 32.30 -38.08 44.61
N MET AA 146 31.74 -37.96 45.82
CA MET AA 146 30.76 -38.90 46.37
C MET AA 146 29.68 -38.08 47.04
N LEU AA 147 28.43 -38.45 46.80
CA LEU AA 147 27.30 -37.73 47.35
C LEU AA 147 26.35 -38.65 48.10
N GLU AA 148 26.03 -38.28 49.34
CA GLU AA 148 25.15 -39.08 50.19
C GLU AA 148 23.75 -38.49 50.12
N PRO AA 149 22.69 -39.32 50.26
CA PRO AA 149 21.32 -38.82 50.20
C PRO AA 149 21.04 -37.48 50.84
N SER AA 150 21.77 -37.14 51.89
CA SER AA 150 21.55 -35.85 52.55
C SER AA 150 21.95 -34.72 51.61
N GLY AA 151 22.47 -35.10 50.45
CA GLY AA 151 22.93 -34.09 49.52
C GLY AA 151 24.30 -33.60 49.96
N SER AA 152 24.98 -34.32 50.82
CA SER AA 152 26.32 -33.94 51.22
C SER AA 152 27.25 -34.59 50.21
N TYR AA 153 28.27 -33.85 49.79
CA TYR AA 153 29.25 -34.35 48.82
C TYR AA 153 30.58 -33.69 49.13
N TRP AA 154 31.66 -34.39 48.82
CA TRP AA 154 33.01 -33.86 49.03
C TRP AA 154 33.90 -34.53 47.98
N GLY AA 155 35.15 -34.07 47.89
CA GLY AA 155 36.09 -34.65 46.95
C GLY AA 155 36.91 -35.74 47.61
N TYR AA 156 37.11 -36.85 46.92
CA TYR AA 156 37.84 -37.97 47.50
C TYR AA 156 39.10 -38.37 46.79
N LYS AA 157 40.02 -38.99 47.53
CA LYS AA 157 41.27 -39.51 46.98
C LYS AA 157 40.86 -40.89 46.51
N GLY AA 158 39.84 -41.44 47.16
CA GLY AA 158 39.32 -42.72 46.77
C GLY AA 158 37.94 -42.71 47.39
N ALA AA 159 37.04 -43.56 46.95
CA ALA AA 159 35.71 -43.56 47.55
C ALA AA 159 35.00 -44.87 47.32
N ALA AA 160 34.17 -45.23 48.27
CA ALA AA 160 33.44 -46.48 48.21
C ALA AA 160 32.16 -46.41 48.98
N THR AA 161 31.25 -47.31 48.63
CA THR AA 161 29.97 -47.37 49.28
C THR AA 161 29.28 -48.65 48.89
N GLY AA 162 28.34 -49.08 49.72
CA GLY AA 162 27.60 -50.31 49.52
C GLY AA 162 28.00 -51.24 50.66
N LYS AA 163 27.42 -52.43 50.70
CA LYS AA 163 27.75 -53.37 51.76
C LYS AA 163 29.25 -53.46 52.05
N GLY AA 164 30.08 -53.47 51.01
CA GLY AA 164 31.52 -53.59 51.19
C GLY AA 164 32.26 -52.31 51.55
N ARG AA 165 31.48 -51.29 51.83
CA ARG AA 165 31.99 -49.99 52.17
C ARG AA 165 33.26 -50.00 53.04
N GLN AA 166 33.19 -50.66 54.20
CA GLN AA 166 34.30 -50.72 55.17
C GLN AA 166 35.55 -51.41 54.62
N SER AA 167 35.37 -52.61 54.10
CA SER AA 167 36.45 -53.39 53.53
C SER AA 167 37.21 -52.50 52.58
N ALA AA 168 36.46 -51.92 51.66
CA ALA AA 168 37.01 -51.03 50.66
C ALA AA 168 37.79 -49.87 51.26
N LYS AA 169 37.11 -49.01 52.03
CA LYS AA 169 37.79 -47.88 52.63
C LYS AA 169 39.07 -48.34 53.30
N ALA AA 170 39.07 -49.58 53.79
CA ALA AA 170 40.26 -50.13 54.43
C ALA AA 170 41.39 -50.20 53.39
N GLU AA 171 41.19 -51.04 52.38
CA GLU AA 171 42.21 -51.20 51.34
C GLU AA 171 42.67 -49.87 50.79
N LEU AA 172 41.73 -48.95 50.69
CA LEU AA 172 42.00 -47.62 50.17
C LEU AA 172 43.04 -46.82 50.97
N GLU AA 173 42.84 -46.68 52.29
CA GLU AA 173 43.77 -45.92 53.13
C GLU AA 173 45.19 -46.48 52.94
N LYS AA 174 45.29 -47.80 52.74
CA LYS AA 174 46.57 -48.46 52.51
C LYS AA 174 47.19 -47.72 51.32
N LEU AA 175 46.49 -47.81 50.19
CA LEU AA 175 46.89 -47.20 48.94
C LEU AA 175 47.39 -45.80 49.15
N VAL AA 176 46.55 -45.00 49.79
CA VAL AA 176 46.88 -43.62 50.08
C VAL AA 176 48.20 -43.48 50.82
N ASP AA 177 48.38 -44.29 51.86
CA ASP AA 177 49.59 -44.23 52.67
C ASP AA 177 50.82 -44.66 51.87
N HIS AA 178 50.65 -45.60 50.95
CA HIS AA 178 51.76 -46.12 50.14
C HIS AA 178 52.18 -45.32 48.91
N HIS AA 179 51.22 -44.71 48.21
CA HIS AA 179 51.55 -43.96 46.99
C HIS AA 179 51.19 -42.47 46.96
N PRO AA 180 51.80 -41.65 47.83
CA PRO AA 180 51.48 -40.23 47.82
C PRO AA 180 51.81 -39.57 46.48
N GLU AA 181 52.69 -40.24 45.73
CA GLU AA 181 53.17 -39.80 44.41
C GLU AA 181 52.02 -39.70 43.40
N GLY AA 182 51.04 -40.56 43.60
CA GLY AA 182 49.92 -40.60 42.70
C GLY AA 182 49.97 -41.98 42.08
N LEU AA 183 49.07 -42.22 41.16
CA LEU AA 183 49.00 -43.50 40.50
C LEU AA 183 48.63 -43.33 39.03
N SER AA 184 49.25 -44.12 38.16
CA SER AA 184 48.95 -44.04 36.74
C SER AA 184 47.63 -44.78 36.59
N ALA AA 185 46.72 -44.21 35.81
CA ALA AA 185 45.41 -44.82 35.62
C ALA AA 185 45.48 -46.30 35.28
N ARG AA 186 46.53 -46.70 34.56
CA ARG AA 186 46.73 -48.09 34.18
C ARG AA 186 46.84 -48.92 35.46
N GLU AA 187 47.75 -48.50 36.34
CA GLU AA 187 47.95 -49.18 37.62
C GLU AA 187 46.61 -49.22 38.36
N ALA AA 188 46.02 -48.04 38.53
CA ALA AA 188 44.76 -47.88 39.22
C ALA AA 188 43.61 -48.76 38.71
N VAL AA 189 43.54 -49.00 37.42
CA VAL AA 189 42.47 -49.85 36.89
C VAL AA 189 42.53 -51.19 37.62
N LYS AA 190 43.75 -51.69 37.76
CA LYS AA 190 44.02 -52.96 38.43
C LYS AA 190 43.49 -52.98 39.86
N GLN AA 191 44.08 -52.12 40.68
CA GLN AA 191 43.72 -52.00 42.09
C GLN AA 191 42.21 -51.99 42.29
N ALA AA 192 41.49 -51.36 41.37
CA ALA AA 192 40.04 -51.29 41.46
C ALA AA 192 39.44 -52.68 41.36
N ALA AA 193 39.97 -53.49 40.47
CA ALA AA 193 39.49 -54.86 40.28
C ALA AA 193 39.67 -55.64 41.58
N LYS AA 194 40.72 -55.27 42.33
CA LYS AA 194 41.06 -55.88 43.62
C LYS AA 194 40.01 -55.52 44.64
N ILE AA 195 40.01 -54.25 45.01
CA ILE AA 195 39.12 -53.73 46.01
C ILE AA 195 37.71 -54.26 45.91
N ILE AA 196 37.22 -54.41 44.70
CA ILE AA 196 35.88 -54.96 44.55
C ILE AA 196 35.93 -56.40 44.95
N TYR AA 197 36.88 -57.12 44.36
CA TYR AA 197 37.05 -58.52 44.64
C TYR AA 197 37.09 -58.78 46.14
N LEU AA 198 38.00 -58.10 46.81
CA LEU AA 198 38.12 -58.23 48.23
C LEU AA 198 36.78 -57.89 48.83
N ALA AA 199 36.29 -56.69 48.57
CA ALA AA 199 35.02 -56.28 49.14
C ALA AA 199 33.84 -57.17 48.80
N HIS AA 200 34.00 -58.09 47.84
CA HIS AA 200 32.86 -58.97 47.54
C HIS AA 200 32.60 -59.93 48.69
N GLU AA 201 33.64 -60.19 49.47
CA GLU AA 201 33.58 -61.10 50.61
C GLU AA 201 32.44 -60.77 51.57
N ASP AA 202 32.20 -59.47 51.81
CA ASP AA 202 31.12 -59.06 52.71
C ASP AA 202 29.73 -59.49 52.23
N ASN AA 203 29.69 -60.19 51.10
CA ASN AA 203 28.45 -60.69 50.49
C ASN AA 203 28.82 -61.92 49.65
N LYS AA 204 29.83 -62.64 50.11
CA LYS AA 204 30.34 -63.82 49.40
C LYS AA 204 29.34 -64.93 49.04
N GLU AA 205 28.07 -64.78 49.43
CA GLU AA 205 27.09 -65.82 49.13
C GLU AA 205 26.61 -65.94 47.68
N LYS AA 206 26.76 -64.87 46.89
CA LYS AA 206 26.32 -64.87 45.49
C LYS AA 206 27.47 -64.58 44.54
N ASP AA 207 27.38 -65.09 43.30
CA ASP AA 207 28.42 -64.86 42.32
C ASP AA 207 28.19 -63.47 41.71
N PHE AA 208 29.25 -62.86 41.20
CA PHE AA 208 29.14 -61.53 40.66
C PHE AA 208 29.81 -61.32 39.33
N GLU AA 209 29.53 -60.15 38.76
CA GLU AA 209 30.13 -59.76 37.50
C GLU AA 209 30.81 -58.44 37.76
N LEU AA 210 31.98 -58.25 37.18
CA LEU AA 210 32.71 -57.00 37.38
C LEU AA 210 32.46 -56.00 36.26
N GLU AA 211 32.61 -54.72 36.61
CA GLU AA 211 32.40 -53.60 35.71
C GLU AA 211 33.30 -52.42 36.12
N ILE AA 212 34.00 -51.85 35.16
CA ILE AA 212 34.88 -50.73 35.43
C ILE AA 212 34.79 -49.73 34.28
N SER AA 213 35.35 -48.55 34.49
CA SER AA 213 35.33 -47.50 33.49
C SER AA 213 36.33 -46.48 33.93
N TRP AA 214 36.91 -45.76 32.98
CA TRP AA 214 37.93 -44.79 33.31
C TRP AA 214 37.89 -43.51 32.49
N CYS AA 215 38.67 -42.52 32.93
CA CYS AA 215 38.73 -41.25 32.25
C CYS AA 215 40.13 -40.74 32.52
N SER AA 216 40.97 -40.67 31.48
CA SER AA 216 42.36 -40.21 31.59
C SER AA 216 42.83 -39.30 30.44
N LEU AA 217 43.57 -38.26 30.82
CA LEU AA 217 44.11 -37.28 29.88
C LEU AA 217 45.14 -37.90 28.95
N SER AA 218 45.64 -39.08 29.29
CA SER AA 218 46.65 -39.71 28.44
C SER AA 218 46.22 -41.06 27.88
N GLU AA 219 45.23 -41.68 28.50
CA GLU AA 219 44.77 -42.95 28.00
C GLU AA 219 43.45 -42.94 27.19
N THR AA 220 42.57 -41.96 27.45
CA THR AA 220 41.28 -41.82 26.73
C THR AA 220 41.05 -40.39 26.23
N ASN AA 221 42.10 -39.58 26.27
CA ASN AA 221 42.07 -38.20 25.80
C ASN AA 221 41.11 -37.29 26.58
N GLY AA 222 40.55 -37.84 27.65
CA GLY AA 222 39.65 -37.07 28.47
C GLY AA 222 38.23 -37.56 28.43
N LEU AA 223 37.84 -38.19 27.34
CA LEU AA 223 36.48 -38.66 27.25
C LEU AA 223 36.42 -39.82 28.20
N HIS AA 224 35.21 -40.27 28.50
CA HIS AA 224 35.00 -41.39 29.42
C HIS AA 224 34.60 -42.60 28.65
N LYS AA 225 35.35 -43.67 28.83
CA LYS AA 225 35.04 -44.89 28.13
C LYS AA 225 35.08 -46.07 29.11
N PHE AA 226 34.35 -47.10 28.75
CA PHE AA 226 34.31 -48.30 29.56
C PHE AA 226 35.55 -49.14 29.27
N VAL AA 227 35.74 -50.19 30.05
CA VAL AA 227 36.88 -51.07 29.85
C VAL AA 227 36.33 -52.31 29.19
N LYS AA 228 36.94 -52.70 28.08
CA LYS AA 228 36.49 -53.86 27.36
C LYS AA 228 37.69 -54.66 26.85
N GLY AA 229 37.42 -55.91 26.46
CA GLY AA 229 38.44 -56.79 25.92
C GLY AA 229 39.77 -56.99 26.63
N ASP AA 230 40.85 -56.90 25.85
CA ASP AA 230 42.21 -57.10 26.33
C ASP AA 230 42.45 -56.51 27.71
N LEU AA 231 42.23 -55.21 27.80
CA LEU AA 231 42.41 -54.47 29.03
C LEU AA 231 41.62 -54.96 30.24
N LEU AA 232 40.40 -55.42 30.03
CA LEU AA 232 39.58 -55.88 31.16
C LEU AA 232 40.12 -57.14 31.79
N GLN AA 233 40.30 -58.18 30.98
CA GLN AA 233 40.78 -59.47 31.48
C GLN AA 233 42.05 -59.36 32.30
N GLU AA 234 42.99 -58.54 31.83
CA GLU AA 234 44.26 -58.34 32.52
C GLU AA 234 43.95 -58.13 34.00
N ALA AA 235 43.04 -57.23 34.31
CA ALA AA 235 42.68 -56.97 35.70
C ALA AA 235 41.90 -58.08 36.41
N ILE AA 236 40.85 -58.63 35.79
CA ILE AA 236 40.10 -59.70 36.46
C ILE AA 236 41.14 -60.67 37.01
N ASP AA 237 42.15 -60.95 36.19
CA ASP AA 237 43.19 -61.85 36.60
C ASP AA 237 44.07 -61.31 37.72
N PHE AA 238 44.58 -60.08 37.60
CA PHE AA 238 45.40 -59.48 38.67
C PHE AA 238 44.70 -59.61 40.02
N ALA AA 239 43.39 -59.83 40.00
CA ALA AA 239 42.62 -60.00 41.23
C ALA AA 239 42.78 -61.37 41.89
N GLN AA 240 42.24 -62.41 41.24
CA GLN AA 240 42.29 -63.77 41.77
C GLN AA 240 43.67 -64.22 42.22
N LYS AA 241 44.68 -63.41 41.94
CA LYS AA 241 46.05 -63.67 42.33
C LYS AA 241 46.29 -63.30 43.80
N GLU AA 242 46.15 -62.01 44.10
CA GLU AA 242 46.41 -61.51 45.45
C GLU AA 242 45.42 -61.87 46.55
N ILE AA 243 44.42 -62.67 46.22
CA ILE AA 243 43.42 -63.09 47.21
C ILE AA 243 43.97 -64.12 48.21
N ASN AA 244 44.85 -65.00 47.73
CA ASN AA 244 45.42 -66.06 48.55
C ASN AA 244 46.91 -65.81 48.83
N ALA BA 1 -3.60 -31.86 66.15
CA ALA BA 1 -3.27 -31.13 67.42
C ALA BA 1 -1.88 -31.52 67.93
N GLY BA 2 -1.70 -32.78 68.36
CA GLY BA 2 -0.41 -33.24 68.87
C GLY BA 2 0.74 -33.29 67.87
N TYR BA 3 0.44 -32.79 66.66
CA TYR BA 3 1.37 -32.72 65.53
C TYR BA 3 2.07 -31.37 65.55
N ASP BA 4 1.68 -30.52 66.48
CA ASP BA 4 2.27 -29.19 66.58
C ASP BA 4 3.78 -29.16 66.79
N ARG BA 5 4.44 -30.31 66.69
CA ARG BA 5 5.88 -30.35 66.86
C ARG BA 5 6.59 -30.82 65.59
N HIS BA 6 5.86 -30.99 64.51
CA HIS BA 6 6.50 -31.42 63.28
C HIS BA 6 6.68 -30.27 62.31
N ILE BA 7 5.66 -29.41 62.24
CA ILE BA 7 5.65 -28.29 61.32
C ILE BA 7 5.78 -26.98 62.04
N THR BA 8 5.94 -25.89 61.31
CA THR BA 8 6.12 -24.62 61.97
C THR BA 8 4.85 -23.94 62.44
N ILE BA 9 4.10 -24.56 63.35
CA ILE BA 9 2.93 -23.89 63.87
C ILE BA 9 3.25 -23.55 65.30
N PHE BA 10 2.30 -23.05 66.05
CA PHE BA 10 2.63 -22.71 67.41
C PHE BA 10 2.35 -23.79 68.44
N SER BA 11 3.27 -23.97 69.38
CA SER BA 11 3.07 -24.93 70.46
C SER BA 11 2.25 -24.13 71.47
N PRO BA 12 1.39 -24.78 72.26
CA PRO BA 12 0.60 -24.00 73.22
C PRO BA 12 1.35 -23.05 74.13
N GLU BA 13 2.66 -23.05 74.11
CA GLU BA 13 3.39 -22.13 74.98
C GLU BA 13 3.95 -20.97 74.19
N GLY BA 14 3.67 -20.97 72.88
CA GLY BA 14 4.13 -19.90 72.00
C GLY BA 14 5.52 -20.13 71.43
N ARG BA 15 5.81 -21.38 71.09
CA ARG BA 15 7.12 -21.71 70.57
C ARG BA 15 7.00 -22.47 69.28
N LEU BA 16 8.04 -22.38 68.45
CA LEU BA 16 8.06 -23.07 67.19
C LEU BA 16 9.15 -24.08 67.33
N TYR BA 17 8.82 -25.24 67.87
CA TYR BA 17 9.81 -26.28 68.10
C TYR BA 17 10.68 -26.55 66.88
N GLN BA 18 10.07 -26.53 65.70
CA GLN BA 18 10.81 -26.77 64.49
C GLN BA 18 12.00 -25.86 64.33
N VAL BA 19 11.81 -24.61 64.65
CA VAL BA 19 12.90 -23.67 64.54
C VAL BA 19 13.96 -24.05 65.55
N GLU BA 20 13.51 -24.32 66.78
CA GLU BA 20 14.41 -24.67 67.87
C GLU BA 20 15.32 -25.81 67.49
N TYR BA 21 14.72 -26.91 67.07
CA TYR BA 21 15.47 -28.09 66.71
C TYR BA 21 16.54 -27.76 65.68
N ALA BA 22 16.20 -26.93 64.70
CA ALA BA 22 17.14 -26.53 63.67
C ALA BA 22 18.36 -25.92 64.31
N PHE BA 23 18.17 -25.05 65.28
CA PHE BA 23 19.29 -24.45 65.95
C PHE BA 23 20.22 -25.53 66.50
N LYS BA 24 19.68 -26.66 66.92
CA LYS BA 24 20.52 -27.71 67.43
C LYS BA 24 21.28 -28.35 66.29
N ALA BA 25 20.63 -28.53 65.16
CA ALA BA 25 21.29 -29.13 64.01
C ALA BA 25 22.53 -28.35 63.59
N THR BA 26 22.49 -27.04 63.77
CA THR BA 26 23.63 -26.21 63.39
C THR BA 26 24.88 -26.68 64.08
N ASN BA 27 24.74 -27.59 65.03
CA ASN BA 27 25.88 -28.12 65.74
C ASN BA 27 26.29 -29.52 65.32
N GLN BA 28 25.47 -30.21 64.55
CA GLN BA 28 25.77 -31.58 64.15
C GLN BA 28 27.20 -31.85 63.73
N THR BA 29 27.86 -30.83 63.24
CA THR BA 29 29.20 -30.97 62.76
C THR BA 29 30.30 -30.86 63.81
N ASN BA 30 29.98 -30.21 64.92
CA ASN BA 30 30.94 -30.01 66.01
C ASN BA 30 32.07 -29.08 65.59
N ILE BA 31 31.72 -28.02 64.87
CA ILE BA 31 32.72 -27.05 64.42
C ILE BA 31 32.45 -25.69 65.01
N ASN BA 32 33.48 -25.04 65.53
CA ASN BA 32 33.33 -23.70 66.08
C ASN BA 32 33.87 -22.77 65.02
N SER BA 33 33.60 -21.49 65.16
CA SER BA 33 34.07 -20.46 64.24
C SER BA 33 33.82 -19.08 64.81
N LEU BA 34 34.58 -18.09 64.37
CA LEU BA 34 34.40 -16.76 64.91
C LEU BA 34 34.86 -15.73 63.92
N ALA BA 35 34.57 -14.46 64.19
CA ALA BA 35 34.98 -13.38 63.31
C ALA BA 35 35.24 -12.07 64.05
N VAL BA 36 36.09 -11.24 63.47
CA VAL BA 36 36.41 -9.94 64.05
C VAL BA 36 36.78 -8.90 62.99
N ARG BA 37 36.66 -7.63 63.37
CA ARG BA 37 36.92 -6.52 62.48
C ARG BA 37 38.23 -5.81 62.77
N GLY BA 38 38.93 -5.43 61.71
CA GLY BA 38 40.19 -4.74 61.82
C GLY BA 38 40.01 -3.24 61.67
N LYS BA 39 41.07 -2.53 61.30
CA LYS BA 39 40.96 -1.09 61.13
C LYS BA 39 40.30 -0.89 59.78
N ASP BA 40 40.75 -1.64 58.78
CA ASP BA 40 40.20 -1.59 57.42
C ASP BA 40 40.18 -2.98 56.81
N CYS BA 41 39.51 -3.90 57.48
CA CYS BA 41 39.37 -5.28 57.02
C CYS BA 41 38.50 -6.10 57.98
N THR BA 42 38.21 -7.36 57.63
CA THR BA 42 37.37 -8.24 58.46
C THR BA 42 37.80 -9.70 58.26
N VAL BA 43 37.82 -10.49 59.33
CA VAL BA 43 38.25 -11.89 59.29
C VAL BA 43 37.33 -12.95 59.89
N VAL BA 44 37.41 -14.18 59.39
CA VAL BA 44 36.65 -15.27 59.95
C VAL BA 44 37.48 -16.52 60.01
N ILE BA 45 37.33 -17.27 61.10
CA ILE BA 45 38.06 -18.51 61.28
C ILE BA 45 37.07 -19.59 61.55
N SER BA 46 37.42 -20.79 61.15
CA SER BA 46 36.55 -21.89 61.37
C SER BA 46 37.45 -23.11 61.52
N GLN BA 47 37.09 -24.01 62.42
CA GLN BA 47 37.88 -25.21 62.60
C GLN BA 47 37.62 -26.05 61.36
N LYS BA 48 38.63 -26.71 60.86
CA LYS BA 48 38.50 -27.56 59.69
C LYS BA 48 38.80 -28.92 60.24
N LYS BA 49 37.80 -29.76 60.31
CA LYS BA 49 38.00 -31.07 60.84
C LYS BA 49 37.75 -32.08 59.78
N VAL BA 50 38.82 -32.72 59.34
CA VAL BA 50 38.73 -33.74 58.31
C VAL BA 50 39.04 -35.05 58.99
N PRO BA 51 38.00 -35.84 59.28
CA PRO BA 51 38.28 -37.12 59.93
C PRO BA 51 38.87 -38.13 58.95
N ASP BA 52 38.00 -38.66 58.09
CA ASP BA 52 38.40 -39.65 57.09
C ASP BA 52 39.65 -39.19 56.36
N LYS BA 53 40.66 -40.05 56.28
CA LYS BA 53 41.91 -39.70 55.58
C LYS BA 53 41.75 -39.81 54.05
N LEU BA 54 40.58 -40.28 53.62
CA LEU BA 54 40.24 -40.47 52.21
C LEU BA 54 39.61 -39.27 51.52
N LEU BA 55 39.66 -38.10 52.14
CA LEU BA 55 39.04 -36.94 51.55
C LEU BA 55 40.08 -36.01 51.01
N ASP BA 56 39.75 -35.39 49.89
CA ASP BA 56 40.62 -34.43 49.25
C ASP BA 56 40.42 -33.16 50.06
N PRO BA 57 41.22 -33.00 51.10
CA PRO BA 57 41.15 -31.84 51.98
C PRO BA 57 40.83 -30.50 51.34
N THR BA 58 41.37 -30.23 50.15
CA THR BA 58 41.10 -28.93 49.53
C THR BA 58 39.64 -28.58 49.26
N THR BA 59 38.78 -29.61 49.20
CA THR BA 59 37.38 -29.41 48.90
C THR BA 59 36.52 -29.32 50.14
N VAL BA 60 37.13 -29.33 51.30
CA VAL BA 60 36.37 -29.24 52.53
C VAL BA 60 36.40 -27.83 53.05
N SER BA 61 35.24 -27.20 53.03
CA SER BA 61 35.17 -25.86 53.53
C SER BA 61 33.76 -25.46 53.79
N TYR BA 62 33.57 -24.71 54.86
CA TYR BA 62 32.25 -24.22 55.22
C TYR BA 62 32.33 -22.70 55.11
N ILE BA 63 33.24 -22.21 54.27
CA ILE BA 63 33.37 -20.79 54.02
C ILE BA 63 33.14 -20.59 52.53
N PHE BA 64 32.39 -19.57 52.16
CA PHE BA 64 32.13 -19.36 50.76
C PHE BA 64 32.37 -17.92 50.33
N CYS BA 65 32.70 -17.77 49.04
CA CYS BA 65 32.92 -16.46 48.41
C CYS BA 65 31.62 -16.16 47.71
N ILE BA 66 30.92 -15.13 48.18
CA ILE BA 66 29.66 -14.79 47.58
C ILE BA 66 29.90 -13.85 46.45
N SER BA 67 30.48 -12.70 46.74
CA SER BA 67 30.72 -11.77 45.68
C SER BA 67 32.14 -11.29 45.79
N ARG BA 68 32.56 -10.49 44.84
CA ARG BA 68 33.89 -9.98 44.87
C ARG BA 68 34.11 -9.34 46.23
N THR BA 69 33.04 -8.84 46.85
CA THR BA 69 33.14 -8.17 48.16
C THR BA 69 32.60 -8.89 49.41
N ILE BA 70 31.67 -9.80 49.23
CA ILE BA 70 31.06 -10.48 50.35
C ILE BA 70 31.47 -11.93 50.51
N GLY BA 71 31.78 -12.27 51.77
CA GLY BA 71 32.18 -13.62 52.13
C GLY BA 71 31.25 -14.10 53.20
N MET BA 72 31.03 -15.41 53.24
CA MET BA 72 30.13 -15.98 54.20
C MET BA 72 30.71 -17.25 54.80
N VAL BA 73 30.42 -17.51 56.08
CA VAL BA 73 30.86 -18.74 56.76
C VAL BA 73 29.64 -19.40 57.37
N VAL BA 74 29.58 -20.72 57.34
CA VAL BA 74 28.42 -21.44 57.83
C VAL BA 74 28.71 -22.49 58.89
N ASN BA 75 27.80 -22.59 59.86
CA ASN BA 75 27.86 -23.57 60.95
C ASN BA 75 26.64 -24.41 60.75
N GLY BA 76 26.78 -25.59 60.17
CA GLY BA 76 25.61 -26.40 59.99
C GLY BA 76 25.92 -27.48 58.99
N PRO BA 77 24.99 -28.40 58.73
CA PRO BA 77 25.20 -29.48 57.78
C PRO BA 77 25.66 -28.81 56.53
N ILE BA 78 26.32 -29.55 55.66
CA ILE BA 78 26.78 -28.94 54.46
C ILE BA 78 25.73 -28.74 53.40
N PRO BA 79 24.90 -29.76 53.14
CA PRO BA 79 23.90 -29.51 52.10
C PRO BA 79 23.12 -28.26 52.36
N ASP BA 80 22.64 -28.04 53.57
CA ASP BA 80 21.91 -26.81 53.80
C ASP BA 80 22.76 -25.61 53.61
N ALA BA 81 24.02 -25.72 53.93
CA ALA BA 81 24.90 -24.59 53.78
C ALA BA 81 25.07 -24.22 52.34
N ARG BA 82 25.33 -25.22 51.49
CA ARG BA 82 25.53 -24.93 50.09
C ARG BA 82 24.27 -24.39 49.43
N ASN BA 83 23.12 -24.74 49.97
CA ASN BA 83 21.87 -24.24 49.47
C ASN BA 83 21.90 -22.74 49.68
N ALA BA 84 22.07 -22.34 50.93
CA ALA BA 84 22.13 -20.94 51.27
C ALA BA 84 23.20 -20.19 50.50
N ALA BA 85 24.27 -20.88 50.13
CA ALA BA 85 25.35 -20.24 49.38
C ALA BA 85 24.85 -19.80 47.99
N LEU BA 86 24.39 -20.76 47.21
CA LEU BA 86 23.89 -20.51 45.89
C LEU BA 86 22.95 -19.34 45.90
N ARG BA 87 21.92 -19.42 46.71
CA ARG BA 87 20.92 -18.35 46.76
C ARG BA 87 21.54 -17.03 47.14
N ALA BA 88 22.49 -17.05 48.04
CA ALA BA 88 23.10 -15.79 48.41
C ALA BA 88 23.74 -15.23 47.19
N LYS BA 89 24.49 -16.04 46.49
CA LYS BA 89 25.14 -15.60 45.28
C LYS BA 89 24.09 -15.11 44.25
N ALA BA 90 23.11 -15.93 43.95
CA ALA BA 90 22.07 -15.55 43.01
C ALA BA 90 21.57 -14.17 43.38
N GLU BA 91 21.30 -13.97 44.66
CA GLU BA 91 20.80 -12.70 45.11
C GLU BA 91 21.82 -11.59 44.99
N ALA BA 92 23.09 -11.89 45.16
CA ALA BA 92 24.05 -10.80 45.06
C ALA BA 92 24.20 -10.28 43.63
N ALA BA 93 23.91 -11.15 42.68
CA ALA BA 93 24.00 -10.81 41.28
C ALA BA 93 22.79 -9.99 40.90
N GLU BA 94 21.60 -10.55 41.11
CA GLU BA 94 20.38 -9.84 40.80
C GLU BA 94 20.50 -8.43 41.37
N PHE BA 95 20.77 -8.29 42.66
CA PHE BA 95 20.89 -6.96 43.26
C PHE BA 95 21.79 -6.00 42.50
N ARG BA 96 22.91 -6.51 42.01
CA ARG BA 96 23.84 -5.66 41.26
C ARG BA 96 23.24 -5.29 39.91
N TYR BA 97 22.74 -6.29 39.19
CA TYR BA 97 22.13 -6.08 37.89
C TYR BA 97 21.04 -5.04 37.99
N LYS BA 98 20.03 -5.33 38.81
CA LYS BA 98 18.91 -4.44 39.00
C LYS BA 98 19.22 -3.10 39.65
N TYR BA 99 20.13 -3.04 40.61
CA TYR BA 99 20.33 -1.75 41.26
C TYR BA 99 21.61 -1.01 40.96
N GLY BA 100 22.52 -1.63 40.24
CA GLY BA 100 23.73 -0.93 39.87
C GLY BA 100 24.98 -0.84 40.70
N TYR BA 101 24.92 -1.11 41.99
CA TYR BA 101 26.13 -1.07 42.81
C TYR BA 101 26.20 -2.43 43.45
N ASP BA 102 27.25 -2.72 44.21
CA ASP BA 102 27.36 -4.04 44.85
C ASP BA 102 26.48 -4.14 46.07
N MET BA 103 25.87 -5.31 46.25
CA MET BA 103 24.99 -5.55 47.40
C MET BA 103 25.78 -5.49 48.69
N PRO BA 104 25.31 -4.66 49.62
CA PRO BA 104 26.00 -4.55 50.88
C PRO BA 104 25.79 -5.80 51.69
N CYS BA 105 26.63 -5.94 52.68
CA CYS BA 105 26.60 -7.08 53.58
C CYS BA 105 25.33 -7.05 54.42
N ASP BA 106 25.04 -5.89 55.00
CA ASP BA 106 23.90 -5.79 55.86
C ASP BA 106 22.64 -6.03 55.12
N VAL BA 107 22.65 -5.74 53.84
CA VAL BA 107 21.46 -5.94 53.03
C VAL BA 107 21.31 -7.39 52.68
N LEU BA 108 22.40 -8.00 52.25
CA LEU BA 108 22.37 -9.40 51.91
C LEU BA 108 21.95 -10.22 53.12
N ALA BA 109 22.32 -9.75 54.30
CA ALA BA 109 21.93 -10.45 55.51
C ALA BA 109 20.43 -10.39 55.63
N LYS BA 110 19.87 -9.19 55.53
CA LYS BA 110 18.44 -9.00 55.65
C LYS BA 110 17.59 -9.82 54.70
N ARG BA 111 17.97 -9.88 53.43
CA ARG BA 111 17.21 -10.66 52.47
C ARG BA 111 17.25 -12.12 52.85
N MET BA 112 18.42 -12.60 53.31
CA MET BA 112 18.55 -14.00 53.72
C MET BA 112 17.72 -14.26 54.95
N ALA BA 113 17.76 -13.33 55.89
CA ALA BA 113 16.96 -13.47 57.09
C ALA BA 113 15.50 -13.60 56.67
N ASN BA 114 15.04 -12.64 55.86
CA ASN BA 114 13.67 -12.56 55.33
C ASN BA 114 13.28 -13.86 54.68
N LEU BA 115 14.21 -14.46 53.96
CA LEU BA 115 13.92 -15.73 53.32
C LEU BA 115 13.72 -16.78 54.38
N SER BA 116 14.51 -16.74 55.45
CA SER BA 116 14.38 -17.72 56.50
C SER BA 116 13.06 -17.57 57.22
N GLN BA 117 12.72 -16.33 57.55
CA GLN BA 117 11.47 -16.05 58.23
C GLN BA 117 10.36 -16.80 57.55
N ILE BA 118 10.29 -16.69 56.23
CA ILE BA 118 9.24 -17.38 55.51
C ILE BA 118 9.12 -18.86 55.83
N TYR BA 119 10.23 -19.57 55.91
CA TYR BA 119 10.18 -21.00 56.21
C TYR BA 119 9.59 -21.18 57.60
N THR BA 120 9.83 -20.18 58.45
CA THR BA 120 9.34 -20.11 59.80
C THR BA 120 7.82 -20.05 59.82
N GLN BA 121 7.24 -19.49 58.76
CA GLN BA 121 5.79 -19.29 58.66
C GLN BA 121 4.96 -20.12 57.71
N ARG BA 122 5.57 -20.67 56.65
CA ARG BA 122 4.82 -21.51 55.72
C ARG BA 122 5.17 -22.96 56.02
N ALA BA 123 4.15 -23.78 56.20
CA ALA BA 123 4.35 -25.17 56.58
C ALA BA 123 5.11 -26.06 55.64
N TYR BA 124 5.14 -25.71 54.36
CA TYR BA 124 5.82 -26.53 53.36
C TYR BA 124 7.33 -26.50 53.35
N MET BA 125 7.93 -25.43 53.84
CA MET BA 125 9.37 -25.33 53.85
C MET BA 125 9.90 -25.62 55.25
N ARG BA 126 10.97 -26.40 55.35
CA ARG BA 126 11.56 -26.65 56.65
C ARG BA 126 12.62 -25.58 56.75
N PRO BA 127 12.98 -25.16 57.95
CA PRO BA 127 14.01 -24.13 57.98
C PRO BA 127 15.31 -24.82 57.62
N LEU BA 128 16.36 -24.04 57.45
CA LEU BA 128 17.66 -24.60 57.13
C LEU BA 128 18.48 -24.53 58.40
N GLY BA 129 19.06 -25.67 58.75
CA GLY BA 129 19.84 -25.74 59.95
C GLY BA 129 21.18 -25.08 59.77
N VAL BA 130 21.19 -23.78 59.64
CA VAL BA 130 22.45 -23.13 59.47
C VAL BA 130 22.37 -21.76 60.04
N ILE BA 131 23.49 -21.27 60.52
CA ILE BA 131 23.60 -19.94 61.05
C ILE BA 131 24.59 -19.39 60.05
N LEU BA 132 24.31 -18.25 59.44
CA LEU BA 132 25.17 -17.65 58.43
C LEU BA 132 25.82 -16.40 58.93
N THR BA 133 27.11 -16.30 58.74
CA THR BA 133 27.83 -15.13 59.19
C THR BA 133 28.37 -14.50 57.93
N PHE BA 134 27.92 -13.28 57.63
CA PHE BA 134 28.35 -12.58 56.44
C PHE BA 134 29.34 -11.49 56.84
N VAL BA 135 30.38 -11.32 56.04
CA VAL BA 135 31.40 -10.32 56.30
C VAL BA 135 31.93 -9.66 55.06
N SER BA 136 32.44 -8.44 55.23
CA SER BA 136 32.97 -7.65 54.15
C SER BA 136 33.44 -6.29 54.67
N VAL BA 137 33.78 -5.39 53.75
CA VAL BA 137 34.20 -4.04 54.08
C VAL BA 137 33.39 -3.10 53.18
N ASP BA 138 32.22 -2.69 53.66
CA ASP BA 138 31.28 -1.82 52.94
C ASP BA 138 31.91 -0.47 52.65
N GLU BA 139 31.66 0.07 51.46
CA GLU BA 139 32.25 1.34 51.11
C GLU BA 139 31.62 2.44 51.92
N GLU BA 140 30.53 2.12 52.59
CA GLU BA 140 29.88 3.13 53.40
C GLU BA 140 30.04 2.97 54.87
N LEU BA 141 29.77 1.77 55.36
CA LEU BA 141 29.84 1.46 56.78
C LEU BA 141 31.19 1.05 57.33
N GLY BA 142 31.98 0.35 56.52
CA GLY BA 142 33.27 -0.11 56.99
C GLY BA 142 33.23 -1.61 57.18
N PRO BA 143 34.23 -2.22 57.82
CA PRO BA 143 34.28 -3.67 58.05
C PRO BA 143 32.98 -4.03 58.66
N SER BA 144 32.35 -5.10 58.20
CA SER BA 144 31.05 -5.49 58.74
C SER BA 144 30.90 -6.98 58.96
N ILE BA 145 30.04 -7.35 59.91
CA ILE BA 145 29.80 -8.75 60.24
C ILE BA 145 28.35 -8.84 60.62
N TYR BA 146 27.56 -9.54 59.83
CA TYR BA 146 26.15 -9.69 60.11
C TYR BA 146 25.92 -11.18 60.15
N LYS BA 147 24.95 -11.66 60.93
CA LYS BA 147 24.69 -13.11 61.02
C LYS BA 147 23.21 -13.45 61.11
N THR BA 148 22.83 -14.59 60.58
CA THR BA 148 21.42 -14.96 60.60
C THR BA 148 21.23 -16.35 61.10
N ASP BA 149 20.03 -16.65 61.54
CA ASP BA 149 19.73 -17.97 62.06
C ASP BA 149 18.41 -18.44 61.53
N PRO BA 150 18.06 -19.70 61.72
CA PRO BA 150 16.79 -20.20 61.24
C PRO BA 150 15.56 -19.52 61.82
N ALA BA 151 15.74 -18.79 62.90
CA ALA BA 151 14.63 -18.11 63.50
C ALA BA 151 14.19 -17.04 62.55
N GLY BA 152 15.17 -16.49 61.85
CA GLY BA 152 14.92 -15.42 60.92
C GLY BA 152 15.45 -14.15 61.52
N TYR BA 153 16.24 -14.30 62.56
CA TYR BA 153 16.78 -13.16 63.26
C TYR BA 153 18.02 -12.80 62.48
N TYR BA 154 18.44 -11.55 62.58
CA TYR BA 154 19.63 -11.11 61.91
C TYR BA 154 20.04 -9.87 62.64
N VAL BA 155 21.34 -9.68 62.81
CA VAL BA 155 21.82 -8.50 63.49
C VAL BA 155 23.29 -8.46 63.22
N GLY BA 156 23.89 -7.29 63.41
CA GLY BA 156 25.31 -7.13 63.17
C GLY BA 156 26.11 -7.06 64.46
N TYR BA 157 27.25 -7.71 64.48
CA TYR BA 157 28.05 -7.77 65.69
C TYR BA 157 29.35 -7.00 65.71
N LYS BA 158 29.78 -6.58 66.89
CA LYS BA 158 31.07 -5.91 67.03
C LYS BA 158 32.08 -7.03 66.71
N ALA BA 159 31.66 -8.28 66.95
CA ALA BA 159 32.42 -9.52 66.69
C ALA BA 159 31.53 -10.69 67.17
N THR BA 160 31.86 -11.93 66.83
CA THR BA 160 31.04 -13.04 67.30
C THR BA 160 31.66 -14.42 67.09
N ALA BA 161 30.97 -15.45 67.54
CA ALA BA 161 31.46 -16.80 67.36
C ALA BA 161 30.27 -17.70 67.37
N THR BA 162 30.43 -18.88 66.83
CA THR BA 162 29.33 -19.79 66.77
C THR BA 162 29.77 -21.21 66.78
N GLY BA 163 28.97 -22.07 67.39
CA GLY BA 163 29.34 -23.48 67.45
C GLY BA 163 29.00 -23.98 68.82
N PRO BA 164 29.44 -25.19 69.17
CA PRO BA 164 29.14 -25.73 70.50
C PRO BA 164 29.77 -24.89 71.57
N LYS BA 165 31.02 -24.55 71.34
CA LYS BA 165 31.79 -23.79 72.28
C LYS BA 165 31.63 -22.29 72.10
N GLN BA 166 30.46 -21.92 71.60
CA GLN BA 166 30.10 -20.52 71.36
C GLN BA 166 30.39 -19.68 72.59
N GLN BA 167 29.73 -20.04 73.70
CA GLN BA 167 29.85 -19.29 74.93
C GLN BA 167 31.25 -19.07 75.42
N GLU BA 168 32.09 -20.10 75.38
CA GLU BA 168 33.45 -19.94 75.86
C GLU BA 168 34.12 -18.78 75.13
N ILE BA 169 34.01 -18.84 73.82
CA ILE BA 169 34.61 -17.84 72.94
C ILE BA 169 34.05 -16.44 73.09
N THR BA 170 32.74 -16.36 73.03
CA THR BA 170 32.10 -15.08 73.16
C THR BA 170 32.62 -14.45 74.46
N THR BA 171 32.58 -15.20 75.58
CA THR BA 171 33.02 -14.67 76.86
C THR BA 171 34.48 -14.23 76.81
N ASN BA 172 35.30 -15.08 76.22
CA ASN BA 172 36.71 -14.75 76.07
C ASN BA 172 36.82 -13.38 75.39
N LEU BA 173 36.09 -13.24 74.30
CA LEU BA 173 36.08 -12.00 73.53
C LEU BA 173 35.49 -10.81 74.26
N GLU BA 174 34.30 -10.99 74.85
CA GLU BA 174 33.64 -9.91 75.60
C GLU BA 174 34.71 -9.28 76.46
N ASN BA 175 35.48 -10.12 77.13
CA ASN BA 175 36.53 -9.64 78.01
C ASN BA 175 37.51 -8.75 77.31
N HIS BA 176 38.17 -9.25 76.28
CA HIS BA 176 39.15 -8.43 75.55
C HIS BA 176 38.69 -7.01 75.29
N PHE BA 177 37.44 -6.87 74.86
CA PHE BA 177 36.92 -5.54 74.57
C PHE BA 177 36.64 -4.74 75.82
N LYS BA 178 36.12 -5.37 76.87
CA LYS BA 178 35.87 -4.62 78.10
C LYS BA 178 37.24 -4.08 78.55
N LYS BA 179 38.28 -4.84 78.26
CA LYS BA 179 39.65 -4.49 78.61
C LYS BA 179 40.18 -3.30 77.82
N SER BA 180 39.96 -3.27 76.50
CA SER BA 180 40.43 -2.18 75.64
C SER BA 180 39.48 -0.99 75.38
N LYS BA 181 38.17 -1.22 75.54
CA LYS BA 181 37.09 -0.23 75.38
C LYS BA 181 36.56 0.07 73.98
N ILE BA 182 37.22 -0.46 72.94
CA ILE BA 182 36.82 -0.18 71.56
C ILE BA 182 36.09 -1.25 70.76
N ASP BA 183 35.56 -0.82 69.62
CA ASP BA 183 34.83 -1.73 68.74
C ASP BA 183 35.62 -2.19 67.52
N HIS BA 184 36.81 -2.80 67.73
CA HIS BA 184 37.69 -3.32 66.63
C HIS BA 184 39.20 -3.45 66.98
N ILE BA 185 39.92 -4.37 66.34
CA ILE BA 185 41.36 -4.52 66.58
C ILE BA 185 42.01 -3.23 66.07
N ASN BA 186 43.12 -2.77 66.65
CA ASN BA 186 43.77 -1.52 66.20
C ASN BA 186 45.09 -1.77 65.48
N GLU BA 187 45.11 -2.72 64.55
CA GLU BA 187 46.33 -3.03 63.81
C GLU BA 187 46.11 -2.75 62.31
N GLU BA 188 47.12 -2.19 61.65
CA GLU BA 188 46.97 -1.83 60.23
C GLU BA 188 47.03 -2.97 59.23
N SER BA 189 47.87 -3.96 59.47
CA SER BA 189 47.95 -5.04 58.49
C SER BA 189 47.00 -6.18 58.79
N TRP BA 190 46.30 -6.64 57.76
CA TRP BA 190 45.35 -7.75 57.93
C TRP BA 190 46.05 -8.98 58.43
N GLU BA 191 47.37 -8.98 58.30
CA GLU BA 191 48.19 -10.11 58.71
C GLU BA 191 48.21 -10.30 60.24
N LYS BA 192 48.30 -9.21 61.00
CA LYS BA 192 48.28 -9.29 62.47
C LYS BA 192 46.90 -9.66 62.98
N VAL BA 193 45.86 -9.09 62.39
CA VAL BA 193 44.48 -9.38 62.80
C VAL BA 193 44.18 -10.87 62.65
N VAL BA 194 44.62 -11.47 61.58
CA VAL BA 194 44.41 -12.89 61.44
C VAL BA 194 45.03 -13.57 62.66
N GLU BA 195 46.25 -13.15 63.01
CA GLU BA 195 46.95 -13.70 64.16
C GLU BA 195 46.12 -13.58 65.43
N PHE BA 196 45.69 -12.36 65.76
CA PHE BA 196 44.88 -12.11 66.96
C PHE BA 196 43.76 -13.13 67.09
N ALA BA 197 43.09 -13.38 65.99
CA ALA BA 197 41.99 -14.33 65.99
C ALA BA 197 42.43 -15.70 66.46
N ILE BA 198 43.34 -16.32 65.74
CA ILE BA 198 43.78 -17.65 66.12
C ILE BA 198 44.20 -17.69 67.58
N THR BA 199 45.02 -16.73 67.98
CA THR BA 199 45.47 -16.66 69.35
C THR BA 199 44.29 -16.87 70.25
N HIS BA 200 43.35 -15.95 70.22
CA HIS BA 200 42.20 -16.06 71.11
C HIS BA 200 41.35 -17.30 70.98
N MET BA 201 41.43 -18.01 69.88
CA MET BA 201 40.63 -19.22 69.80
C MET BA 201 41.30 -20.25 70.70
N ILE BA 202 42.61 -20.33 70.60
CA ILE BA 202 43.33 -21.26 71.41
C ILE BA 202 43.08 -20.82 72.85
N ASP BA 203 43.36 -19.56 73.14
CA ASP BA 203 43.17 -19.00 74.47
C ASP BA 203 41.81 -19.26 75.08
N ALA BA 204 40.89 -19.83 74.30
CA ALA BA 204 39.56 -20.12 74.81
C ALA BA 204 39.13 -21.55 74.58
N LEU BA 205 39.76 -22.22 73.63
CA LEU BA 205 39.46 -23.61 73.37
C LEU BA 205 40.50 -24.55 73.97
N GLY BA 206 41.54 -23.96 74.55
CA GLY BA 206 42.60 -24.72 75.17
C GLY BA 206 43.18 -25.79 74.28
N THR BA 207 43.14 -25.60 72.96
CA THR BA 207 43.70 -26.59 72.04
C THR BA 207 44.68 -25.96 71.07
N GLU BA 208 45.73 -26.68 70.73
CA GLU BA 208 46.74 -26.18 69.80
C GLU BA 208 46.31 -26.61 68.39
N PHE BA 209 46.73 -25.84 67.39
CA PHE BA 209 46.37 -26.10 65.99
C PHE BA 209 47.51 -26.31 65.03
N SER BA 210 47.25 -27.07 63.97
CA SER BA 210 48.25 -27.31 62.95
C SER BA 210 47.56 -26.80 61.68
N LYS BA 211 48.32 -26.49 60.63
CA LYS BA 211 47.75 -25.97 59.40
C LYS BA 211 46.49 -26.61 58.86
N ASN BA 212 46.48 -27.90 58.60
CA ASN BA 212 45.29 -28.51 58.05
C ASN BA 212 44.14 -28.60 59.05
N ASP BA 213 44.18 -27.78 60.10
CA ASP BA 213 43.13 -27.77 61.14
C ASP BA 213 42.22 -26.55 61.10
N LEU BA 214 42.74 -25.45 60.58
CA LEU BA 214 42.00 -24.19 60.47
C LEU BA 214 41.56 -23.81 59.06
N GLU BA 215 40.62 -22.87 59.01
CA GLU BA 215 40.06 -22.34 57.77
C GLU BA 215 39.91 -20.85 58.06
N VAL BA 216 40.37 -20.00 57.14
CA VAL BA 216 40.32 -18.55 57.36
C VAL BA 216 39.88 -17.79 56.11
N GLY BA 217 39.24 -16.64 56.29
CA GLY BA 217 38.81 -15.83 55.17
C GLY BA 217 39.03 -14.37 55.49
N VAL BA 218 39.32 -13.52 54.52
CA VAL BA 218 39.55 -12.11 54.83
C VAL BA 218 38.79 -11.21 53.91
N ALA BA 219 38.61 -9.97 54.33
CA ALA BA 219 37.90 -8.97 53.56
C ALA BA 219 38.59 -7.61 53.55
N THR BA 220 38.68 -6.96 52.38
CA THR BA 220 39.32 -5.66 52.17
C THR BA 220 38.66 -4.81 51.11
N LYS BA 221 39.08 -3.55 51.03
CA LYS BA 221 38.57 -2.63 50.03
C LYS BA 221 38.59 -3.36 48.70
N ASP BA 222 37.39 -3.55 48.17
CA ASP BA 222 37.14 -4.17 46.88
C ASP BA 222 37.48 -5.64 46.65
N LYS BA 223 37.79 -6.39 47.71
CA LYS BA 223 38.03 -7.83 47.56
C LYS BA 223 37.92 -8.64 48.84
N PHE BA 224 37.70 -9.94 48.67
CA PHE BA 224 37.59 -10.91 49.76
C PHE BA 224 38.31 -12.19 49.33
N PHE BA 225 38.85 -12.98 50.26
CA PHE BA 225 39.58 -14.20 49.89
C PHE BA 225 39.89 -15.16 51.04
N THR BA 226 40.01 -16.45 50.71
CA THR BA 226 40.30 -17.48 51.67
C THR BA 226 41.79 -17.76 51.56
N LEU BA 227 42.46 -18.00 52.69
CA LEU BA 227 43.91 -18.25 52.69
C LEU BA 227 44.29 -19.68 52.32
N SER BA 228 45.48 -19.81 51.73
CA SER BA 228 45.97 -21.11 51.34
C SER BA 228 46.58 -21.74 52.57
N ALA BA 229 46.53 -23.06 52.64
CA ALA BA 229 47.10 -23.77 53.78
C ALA BA 229 48.42 -23.10 54.18
N GLU BA 230 49.35 -22.99 53.25
CA GLU BA 230 50.64 -22.37 53.52
C GLU BA 230 50.50 -20.93 54.03
N ASN BA 231 49.57 -20.15 53.48
CA ASN BA 231 49.37 -18.76 53.93
C ASN BA 231 49.15 -18.71 55.44
N ILE BA 232 48.49 -19.74 55.96
CA ILE BA 232 48.19 -19.88 57.39
C ILE BA 232 49.42 -20.19 58.25
N GLU BA 233 50.20 -21.18 57.80
CA GLU BA 233 51.41 -21.60 58.48
C GLU BA 233 52.25 -20.37 58.83
N GLU BA 234 52.41 -19.46 57.88
CA GLU BA 234 53.17 -18.23 58.11
C GLU BA 234 52.63 -17.57 59.39
N ARG BA 235 51.32 -17.67 59.60
CA ARG BA 235 50.66 -17.11 60.79
C ARG BA 235 51.00 -17.94 62.03
N LEU BA 236 50.63 -19.23 61.96
CA LEU BA 236 50.88 -20.14 63.06
C LEU BA 236 52.31 -19.95 63.56
N VAL BA 237 53.27 -19.99 62.65
CA VAL BA 237 54.66 -19.82 63.02
C VAL BA 237 54.83 -18.52 63.81
N ALA BA 238 54.41 -17.40 63.23
CA ALA BA 238 54.57 -16.11 63.89
C ALA BA 238 54.01 -15.93 65.30
N ILE BA 239 53.06 -16.76 65.70
CA ILE BA 239 52.49 -16.61 67.05
C ILE BA 239 53.34 -17.26 68.14
N ALA BA 240 54.12 -18.26 67.74
CA ALA BA 240 54.98 -19.00 68.65
C ALA BA 240 56.19 -18.16 69.04
N GLU BA 241 55.95 -16.88 69.28
CA GLU BA 241 56.98 -15.93 69.67
C GLU BA 241 56.43 -14.97 70.73
N GLN BA 242 55.11 -14.85 70.80
CA GLN BA 242 54.52 -14.00 71.83
C GLN BA 242 54.39 -15.00 72.99
N ASP BA 243 54.00 -16.22 72.64
CA ASP BA 243 53.84 -17.33 73.58
C ASP BA 243 54.80 -18.41 73.09
C42 1QQ CA 1 0.34 -14.18 -22.63
C44 1QQ CA 1 -0.32 -13.68 -21.41
C46 1QQ CA 1 -1.51 -14.30 -20.81
C48 1QQ CA 1 -1.24 -14.53 -19.30
C47 1QQ CA 1 -2.67 -13.30 -21.04
C49 1QQ CA 1 -3.95 -13.85 -20.42
O45 1QQ CA 1 0.15 -12.71 -20.86
O43 1QQ CA 1 -0.12 -15.20 -23.22
N TYR CA 2 1.45 -13.46 -23.03
CA TYR CA 2 2.26 -13.78 -24.18
C TYR CA 2 3.04 -15.09 -24.01
N ASN CA 3 3.80 -15.61 -25.08
CA ASN CA 3 4.58 -16.84 -24.99
C ASN CA 3 5.98 -16.42 -24.67
C50 R4K CA 4 8.19 -15.97 -21.20
C51 R4K CA 4 9.46 -15.33 -21.01
C52 R4K CA 4 9.52 -13.94 -21.05
C53 R4K CA 4 8.32 -13.25 -21.23
C54 R4K CA 4 7.11 -13.90 -21.39
C55 R4K CA 4 7.06 -15.31 -21.36
N31 R4K CA 4 6.00 -16.20 -21.48
C32 R4K CA 4 6.43 -17.40 -21.40
O33 R4K CA 4 5.81 -18.47 -21.46
N R4K CA 4 6.77 -17.37 -24.07
CA R4K CA 4 8.20 -17.21 -23.75
C R4K CA 4 9.04 -17.70 -24.84
O R4K CA 4 8.57 -18.69 -25.47
CB R4K CA 4 8.68 -17.93 -22.45
O34 R4K CA 4 10.12 -17.80 -22.21
C29 R4K CA 4 7.92 -17.36 -21.22
O30 R4K CA 4 8.40 -18.02 -20.04
CA AKK CA 5 10.51 -18.93 -27.39
CB AKK CA 5 11.53 -17.91 -26.97
CC AKK CA 5 11.34 -17.09 -25.92
ND AKK CA 5 10.27 -17.02 -25.05
C42 1QQ DA 1 -3.30 14.09 22.57
C44 1QQ DA 1 -3.81 13.52 21.26
C46 1QQ DA 1 -4.94 14.08 20.47
C48 1QQ DA 1 -4.44 14.45 19.01
C47 1QQ DA 1 -6.00 12.98 20.49
C49 1QQ DA 1 -7.20 13.41 19.68
O45 1QQ DA 1 -3.25 12.54 20.84
O43 1QQ DA 1 -3.84 15.12 23.12
N TYR DA 2 -2.24 13.40 23.09
CA TYR DA 2 -1.55 13.75 24.34
C TYR DA 2 -0.82 15.10 24.22
N ASN DA 3 -0.17 15.62 25.36
CA ASN DA 3 0.55 16.91 25.35
C ASN DA 3 2.02 16.57 25.27
C50 R4K DA 4 4.80 16.05 22.09
C51 R4K DA 4 6.10 15.47 22.16
C52 R4K DA 4 6.12 14.10 22.22
C53 R4K DA 4 4.89 13.43 22.23
C54 R4K DA 4 3.67 14.05 22.17
C55 R4K DA 4 3.64 15.47 22.09
N31 R4K DA 4 2.65 16.32 22.01
C32 R4K DA 4 3.09 17.47 21.92
O33 R4K DA 4 2.37 18.52 21.84
N R4K DA 4 2.87 17.49 24.67
CA R4K DA 4 4.32 17.41 24.58
C R4K DA 4 4.90 17.98 25.79
O R4K DA 4 4.22 18.77 26.40
CB R4K DA 4 5.04 18.10 23.32
O34 R4K DA 4 6.49 18.04 23.39
C29 R4K DA 4 4.54 17.49 22.01
O30 R4K DA 4 5.18 18.06 20.88
CA AKK DA 5 5.74 19.18 28.61
CB AKK DA 5 6.97 18.37 28.27
CC AKK DA 5 7.05 17.61 27.15
ND AKK DA 5 6.16 17.46 26.14
MG MG EA . -14.24 49.63 -10.96
MG MG FA . 36.62 42.25 -52.24
MG MG GA . 13.48 30.66 -55.03
MG MG HA . 15.47 24.17 -56.12
MG MG IA . 13.63 -28.76 -20.34
MG MG JA . -5.09 -19.55 -21.75
MG MG KA . -18.06 -25.74 -19.57
MG MG LA . 3.07 32.42 20.60
MG MG MA . 35.44 -10.78 -5.70
MG MG NA . -26.85 22.96 12.31
#